data_8HSR
#
_entry.id   8HSR
#
_cell.length_a   1.00
_cell.length_b   1.00
_cell.length_c   1.00
_cell.angle_alpha   90.00
_cell.angle_beta   90.00
_cell.angle_gamma   90.00
#
_symmetry.space_group_name_H-M   'P 1'
#
loop_
_entity.id
_entity.type
_entity.pdbx_description
1 polymer 'Transcription termination factor Rho'
2 polymer 'DNA-directed RNA polymerase subunit alpha'
3 polymer 'DNA-directed RNA polymerase subunit beta'
4 polymer "DNA-directed RNA polymerase subunit beta'"
5 polymer 'DNA-directed RNA polymerase subunit omega'
6 polymer 'DNA (41-MER)'
7 polymer 'RNA (29-MER)'
8 polymer 'DNA (31-MER)'
9 non-polymer "ADENOSINE-5'-DIPHOSPHATE"
10 non-polymer 'MAGNESIUM ION'
11 non-polymer 'BERYLLIUM TRIFLUORIDE ION'
12 non-polymer 'ZINC ION'
#
loop_
_entity_poly.entity_id
_entity_poly.type
_entity_poly.pdbx_seq_one_letter_code
_entity_poly.pdbx_strand_id
1 'polypeptide(L)'
;GPMRRKETLQETPLTYQELASKILPELHLLAQEAGIEGYKRMKKDQLIMALLERQTQGEGLRLVKGYLEISQDGYGFLTE
NLHNLESRVAIVSAGLIKQYALRAGDYVVGQARPPRENERYATLLKVEAVNNLDPEAAKNRPRFDELTPQFPDRQIRLET
TPDELSTRVIDLLAPIGRGQRGLIVAPPKAGKTTLLKKIANAVLKNEPDIKVIVLLIDERPEEVTDFRESVQGAEVIAST
FDEPPQNHIRVAEFVHERAKRIVEEGGHVMILLDSITRLARANNLVTPPTGRTLSGGLDSAALYFPKRFLGAARNIRGGG
SLTILATALVETGSRMDDVIFEEFKGTGNMELHLSRRLEERRIFPAIDILKSGTRREELLLGEEVTHKMWLLRKVLADMD
PAEAMEMLLARLARTKNNKEFLASLAAR
;
A,B,C,D,E,F
2 'polypeptide(L)'
;MLDSKLKAPVFTVRTQGREYGEFVLEPLERGFGVTLGNPLRRILLSSIPGTAVTSVYIEDVLHEFSTIPGVKEDVVEIIL
NLKELVVRFLNPSLQTVTLLLKAEGPKEVKARDFLPVADVEIMNPDLHIATLEEGGRLNMEVRVDRGVGYVPAEKHGIKD
RINAIPVDAVFSPVRRVAFQVEDTRLGQRTDLDKLTLRIWTDGSVTPLEALNQAVEILREHLTYFSNPQAAAVAAPEEAK
EPEAPPEQEEELDLPLEELGLSTRVLHSLKEEGIESVRALLALNLKDLKNIPGIGERSLEEIKEALEKKGFTLKE
;
G,H
3 'polypeptide(L)'
;MEIKRFGRIREVIPLPPLTEIQVESYRRALQADVPPEKRENVGIQAAFRETFPIEEEDKGKGGLVLDFLEYRLGEPPFPQ
DECREKDLTYQAPLYARLQLIHKDTGLIKEDEVFLGHIPLMTEDGSFIINGADRVIVSQIHRSPGVYFTPDPARPGRYIA
SIIPLPKRGPWIDLEVEPNGVVSMKVNKRKFPLVLLLRVLGYDQETLARELGAYGELVQGLMDESVFAMRPEEALIRLFT
LLRPGDPPKRDKAVAYVYGLIADPRRYDLGEAGRYKAEEKLGIRLSGRTLARFEDGEFKDEVFLPTLRYLFALTAGVPGH
EVDDIDHLGNRRIRTVGELMTDQFRVGLARLARGVRERMLMGSEDSLTPAKLVNSRPLEAAIREFFSRSQLSQFKDETNP
LSSLRHKRRISALGPGGLTRERAGFDVRDVHRTHYGRICPVETPEGANIGLITSLAAYARVDELGFIRTPYRRVVGGVVT
DEVVYMTATEEDRYTIAQANTPLEGNRIAAERVVARRKGEPVIVSPEEVEFMDVSPKQVFSVNTNLIPFLEHDDANRALM
GSNMQTQAVPLIRAQAPVVMTGLEERVVRDSLAALYAEEDGEVAKVDGNRIVVRYEDGRLVEYPLRRFYRSNQGTALDQR
PRVVVGQRVRKGDLLADGPASENGFLALGQNVLVAIMPFDGYNFEDAIVISEELLKRDFYTSIHIERYEIEARDTKLGPE
RITRDIPHLSEAALRDLDEEGVVRIGAEVKPGDILVGRTSFKGESEPTPEERLLRSIFGEKARDVKDTSLRVPPGEGGIV
VRTVRLRRGDPGVELKPGVREVVRVYVAQKRKLQVGDKLANRHGNKGVVAKILPVEDMPHLPDGTPVDVILNPLGVPSRM
NLGQILETHLGLAGYFLGQRYISPIFDGAKEPEIKELLAQAFEVYFGKRKGEGFGVDKREVEVLRRAEKLGLVTPGKTPE
EQLKELFLQGKVVLYDGRTGEPIEGPIVVGQMFIMKLYHMVEDKMHARSTGPYSLITQQPLGGKAQFGGQRFGEMEVWAL
EAYGAAHTLQEMLTLKSDDIEGRNAAYEAIIKGEDVPEPSVPESFRVLVKELQALALDVQTLDEKDNPVDIFEGLASKR
;
I
4 'polypeptide(L)'
;MKKEVRKVRIALASPEKIRSWSYGEVEKPETINYRTLKPERDGLFDERIFGPIKDYECACGKYKRQRFEGKVCERCGVEV
TKSIVRRYRMGHIELATPAAHIWFVKDVPSKIGTLLDLSATELEQVLYFSKYIVLDPKGAILNGVPVEKRQLLTDEEYRE
LRYGKQETYPLPPGVDALVKDGEEVVKGQELAPGVVSRLDGVALYRFPRRVRVEYVKKERAGLRLPLAAWVEKEAYKPGE
ILAELPEPYLFRAEEEGVVELKELEEGAFLVLRREDEPVATYFLPVGMTPLVVHGEIVEKGQPLAEAKGLLRMPRQVRAA
QVEAEEEGETVYLTLFLEWTEPKDYRVQPHMNVVVPEGARVEAGDKIVAAIDPEEEVIAEAEGVVHLHEPASILVVKARV
YPFEDDVEVSTGDRVAPGDVLADGGKVKSDVYGRVEVDLVRNVVRVVESYDIDARMGAEAIQQLLKELDLEALEKELLEE
MKHPSRARRAKARKRLEVVRAFLDSGNRPEWMILEAVPVLPPDLRPMVQVDGGRFATSDLNDLYRRLINRNNRLKKLLAQ
GAPEIIIRNEKRMLQEAVDALLDNGRRGAPVTNPGSDRPLRSLTDILSGKQGRFRQNLLGKRVDYSGRSVIVVGPQLKLH
QCGLPKRMALELFKPFLLKKMEEKGIAPNVKAARRMLERQRDIKDEVWDALEEVIHGKVVLLNRAPTLHRLGIQAFQPVL
VEGQSIQLHPLVCEAFNADFDGDQMAVHVPLSSFAQAEARIQMLSAHNLLSPASGEPLAKPSRDIILGLYYITQVRKEKK
GAGLEFATPEEALAAHERGEVALNAPIKVAGRETSVGRLKYVFANPDEALLAVAHGIVDLQDVVTVRYMGKRLETSPGRI
LFARIVAEAVEDEKVAWELIQLDVPQEKNSLKDLVYQAFLRLGMEKTARLLDALKYYGFTFSTTSGITIGIDDAVIPEEK
KQYLEEADRKLLQIEQAYEMGFLTDRERYDQILQLWTETTEKVTQAVFKNFEENYPFNPLYVMAQSGARGNPQQIRQLCG
LRGLMQKPSGETFEVPVRSSFREGLTVLEYFISSHGARKGGADTALRTADSGYLTRKLVDVTHEIVVREADCGTTNYISV
PLFQPDEVTRSLRLRKRADIEAGLYGRVLAREVEVLGVRLEEGRYLSMDDVHLLIKAAEAGEIQEVPVRSPLTCQTRYGV
CQKCYGYDLSMARPVSIGEAVGIVAAQSIGEPGTQLTMRTFHTGGVAGAADITQGLPRVIELFEARRPKAKAVISEIDGV
VRIEETEEKLSVFVESEGFSKEYKLPKEARLLVKDGDYVEAGQPLTRGAIDPHQLLEAKGPEAVERYLVEEIQKVYRAQG
VKLHDKHIEIVVRQMMKYVEVTDPGDSRLLEGQVLEKWDVEALNERLIAEGKTPVAWKPLLMGVTKSALSTKSWLSAASF
QNTTHVLTEAAIAGKKDELIGLKENVILGRLIPAGTGSDFVRFTQVVDQKTLKAIEEARKEAVEAKERPAARRGVKREQP
GKQADYKDDDDK
;
J
5 'polypeptide(L)'
;MAEPGIDKLFGMVDSKYRLTVVVAKRAQQLLRHGFKNTVLEPEERPKMQTLEGLFDDPNAVTWAMKELLTGRLVFGENLV
PEDRLQKEMERLYPVEREE
;
K
6 'polydeoxyribonucleotide'
;(DG)(DA)(DA)(DC)(DG)(DC)(DA)(DT)(DT)(DA)(DC)(DC)(DA)(DG)(DA)(DG)(DA)(DA)(DT)(DT)
(DC)(DA)(DC)(DG)(DG)(DG)(DA)(DA)(DA)(DG)(DT)(DC)(DG)(DA)(DC)(DA)(DG)(DG)(DG)(DA)
(DT)(DC)(DG)(DG)(DT)(DG)(DC)(DA)(DC)(DT)(DA)(DC)(DC)(DA)(DC)(DA)(DA)(DG)(DC)(DA)
(DC)(DC)(DC)(DA)(DG)(DG)(DT)(DG)(DG)(DA)(DT)(DG)(DT)(DG)(DG)(DA)(DG)(DA)(DT)(DA)
(DT)(DG)(DG)(DT)(DT)(DA)(DT)(DG)(DG)(DG)(DT)(DA)(DA)(DG)(DA)(DT)(DA)(DG)(DA)(DT)
(DG)(DG)(DT)(DG)(DA)(DG)(DG)(DT)(DG)(DA)(DT)(DG)(DA)(DG)(DT)(DT)(DT)(DA)(DA)(DA)
(DG)(DG)(DA)(DG)(DT)(DG)(DA)(DA)(DG)(DT)(DA)(DT)(DG)(DG)(DA)(DG)(DT)(DG)(DA)(DA)
(DG)(DA)(DG)(DA)(DG)(DA)(DT)(DG)(DG)(DG)(DT)(DA)(DG)(DA)(DT)(DA)(DG)(DT)(DA)(DG)
(DT)(DT)(DG)(DA)(DG)(DT)(DA)(DG)(DG)(DG)(DA)(DG)(DT)(DG)(DA)(DA)(DG)(DT)(DC)(DC)
(DT)(DG)(DC)(DA)
;
T
7 'polyribonucleotide'
;AAUUUGCAGGACUUCACUCCCUACUCAACUACUAUCUACCCAUCUCUCUUCACUCCAUACUUCACUCCUUUAAACUCAUC
ACCUCACCAUCUAUCUUACCCAUAACCAUAUCUCCACAUCCACCU
;
R
8 'polydeoxyribonucleotide'
;(DG)(DG)(DA)(DC)(DT)(DT)(DC)(DA)(DC)(DT)(DC)(DC)(DC)(DT)(DA)(DC)(DT)(DC)(DA)(DA)
(DC)(DT)(DA)(DC)(DT)(DA)(DT)(DC)(DT)(DA)(DC)(DC)(DC)(DA)(DT)(DC)(DT)(DC)(DT)(DC)
(DT)(DT)(DC)(DA)(DC)(DT)(DC)(DC)(DA)(DT)(DA)(DC)(DT)(DT)(DC)(DA)(DC)(DT)(DC)(DC)
(DT)(DT)(DT)(DA)(DA)(DA)(DC)(DT)(DC)(DA)(DT)(DC)(DA)(DC)(DC)(DT)(DC)(DA)(DC)(DC)
(DA)(DT)(DC)(DT)(DA)(DT)(DC)(DT)(DT)(DA)(DC)(DC)(DC)(DA)(DT)(DA)(DA)(DC)(DC)(DA)
(DT)(DA)(DT)(DC)(DT)(DC)(DC)(DA)(DC)(DA)(DT)(DC)(DC)(DA)(DC)(DC)(DT)(DG)(DG)(DG)
(DT)(DG)(DC)(DT)(DT)(DG)(DT)(DG)(DG)(DT)(DA)(DG)(DT)(DG)(DC)(DA)(DC)(DC)(DG)(DA)
(DT)(DC)(DC)(DC)(DT)(DG)(DT)(DC)(DG)(DA)(DC)(DT)(DT)(DT)(DC)(DC)(DC)(DG)(DT)(DG)
(DA)(DA)(DT)(DT)(DC)(DT)(DC)(DT)(DG)(DG)(DT)(DA)(DA)(DT)(DG)(DC)(DG)(DT)(DT)(DC)
;
N
#
loop_
_chem_comp.id
_chem_comp.type
_chem_comp.name
_chem_comp.formula
A RNA linking ADENOSINE-5'-MONOPHOSPHATE 'C10 H14 N5 O7 P'
ADP non-polymer ADENOSINE-5'-DIPHOSPHATE 'C10 H15 N5 O10 P2'
BEF non-polymer 'BERYLLIUM TRIFLUORIDE ION' 'Be F3 -1'
C RNA linking CYTIDINE-5'-MONOPHOSPHATE 'C9 H14 N3 O8 P'
DA DNA linking 2'-DEOXYADENOSINE-5'-MONOPHOSPHATE 'C10 H14 N5 O6 P'
DC DNA linking 2'-DEOXYCYTIDINE-5'-MONOPHOSPHATE 'C9 H14 N3 O7 P'
DG DNA linking 2'-DEOXYGUANOSINE-5'-MONOPHOSPHATE 'C10 H14 N5 O7 P'
DT DNA linking THYMIDINE-5'-MONOPHOSPHATE 'C10 H15 N2 O8 P'
G RNA linking GUANOSINE-5'-MONOPHOSPHATE 'C10 H14 N5 O8 P'
MG non-polymer 'MAGNESIUM ION' 'Mg 2'
U RNA linking URIDINE-5'-MONOPHOSPHATE 'C9 H13 N2 O9 P'
ZN non-polymer 'ZINC ION' 'Zn 2'
#
# COMPACT_ATOMS: atom_id res chain seq x y z
N ARG A 62 27.24 -82.33 -24.76
CA ARG A 62 26.90 -80.92 -24.63
C ARG A 62 26.00 -80.66 -23.42
N LEU A 63 26.37 -79.68 -22.62
CA LEU A 63 25.49 -79.18 -21.57
C LEU A 63 24.51 -78.20 -22.21
N VAL A 64 23.22 -78.46 -22.02
CA VAL A 64 22.17 -77.69 -22.69
C VAL A 64 21.51 -76.80 -21.66
N LYS A 65 22.01 -75.59 -21.51
CA LYS A 65 21.31 -74.54 -20.79
C LYS A 65 20.35 -73.89 -21.77
N GLY A 66 19.06 -74.10 -21.55
CA GLY A 66 18.06 -73.74 -22.53
C GLY A 66 16.70 -74.17 -22.07
N TYR A 67 15.69 -73.39 -22.39
CA TYR A 67 14.39 -73.49 -21.77
C TYR A 67 13.32 -73.80 -22.80
N LEU A 68 12.34 -74.60 -22.39
CA LEU A 68 11.34 -75.14 -23.30
C LEU A 68 10.47 -74.05 -23.90
N GLU A 69 10.55 -73.87 -25.22
CA GLU A 69 9.57 -73.08 -25.96
C GLU A 69 8.74 -74.09 -26.73
N ILE A 70 7.66 -74.56 -26.11
CA ILE A 70 6.83 -75.59 -26.73
C ILE A 70 5.96 -74.94 -27.79
N SER A 71 6.24 -75.25 -29.05
CA SER A 71 5.51 -74.65 -30.16
C SER A 71 4.08 -75.18 -30.21
N GLN A 72 3.35 -74.73 -31.23
CA GLN A 72 1.94 -75.11 -31.35
C GLN A 72 1.77 -76.61 -31.53
N ASP A 73 2.66 -77.24 -32.31
CA ASP A 73 2.51 -78.64 -32.69
C ASP A 73 3.15 -79.59 -31.69
N GLY A 74 3.35 -79.14 -30.45
CA GLY A 74 3.86 -80.01 -29.41
C GLY A 74 5.35 -80.20 -29.38
N TYR A 75 6.10 -79.64 -30.33
CA TYR A 75 7.55 -79.70 -30.28
C TYR A 75 8.09 -78.37 -29.78
N GLY A 76 9.31 -78.40 -29.24
CA GLY A 76 9.84 -77.22 -28.60
C GLY A 76 11.15 -76.71 -29.15
N PHE A 77 11.60 -75.59 -28.60
CA PHE A 77 12.81 -74.87 -29.00
C PHE A 77 13.59 -74.48 -27.76
N LEU A 78 14.90 -74.26 -27.94
CA LEU A 78 15.78 -73.78 -26.88
C LEU A 78 16.58 -72.58 -27.41
N THR A 79 16.21 -71.38 -26.96
CA THR A 79 16.89 -70.16 -27.39
C THR A 79 18.25 -70.05 -26.70
N GLU A 80 19.08 -69.14 -27.22
CA GLU A 80 20.45 -69.01 -26.78
C GLU A 80 20.62 -67.82 -25.83
N ASN A 81 21.87 -67.51 -25.51
CA ASN A 81 22.23 -66.42 -24.60
C ASN A 81 21.76 -65.07 -25.11
N LEU A 82 21.45 -64.98 -26.40
CA LEU A 82 20.81 -63.77 -26.90
C LEU A 82 19.38 -63.63 -26.38
N HIS A 83 18.86 -64.65 -25.70
CA HIS A 83 17.53 -64.62 -25.09
C HIS A 83 16.45 -64.42 -26.15
N ASN A 84 16.67 -65.01 -27.32
CA ASN A 84 15.71 -64.92 -28.41
C ASN A 84 15.90 -66.13 -29.32
N LEU A 85 14.92 -66.34 -30.20
CA LEU A 85 14.95 -67.47 -31.11
C LEU A 85 16.25 -67.49 -31.91
N GLU A 86 16.99 -68.59 -31.80
CA GLU A 86 18.29 -68.71 -32.43
C GLU A 86 18.52 -70.15 -32.89
N SER A 87 19.78 -70.43 -33.20
CA SER A 87 20.13 -71.67 -33.90
C SER A 87 20.04 -72.92 -33.02
N ARG A 88 20.34 -72.80 -31.74
CA ARG A 88 20.50 -74.00 -30.92
C ARG A 88 19.19 -74.52 -30.36
N VAL A 89 18.08 -74.23 -31.02
CA VAL A 89 16.79 -74.75 -30.64
C VAL A 89 16.75 -76.25 -30.94
N ALA A 90 16.11 -77.01 -30.06
CA ALA A 90 16.01 -78.45 -30.21
C ALA A 90 14.59 -78.90 -29.92
N ILE A 91 14.13 -79.91 -30.68
CA ILE A 91 12.74 -80.34 -30.62
C ILE A 91 12.44 -80.97 -29.26
N VAL A 92 11.30 -80.57 -28.69
CA VAL A 92 10.83 -81.08 -27.41
C VAL A 92 9.48 -81.74 -27.65
N SER A 93 9.47 -83.06 -27.81
CA SER A 93 8.24 -83.76 -28.15
C SER A 93 7.28 -83.77 -26.97
N ALA A 94 5.99 -83.80 -27.30
CA ALA A 94 4.94 -83.80 -26.26
C ALA A 94 4.93 -85.10 -25.46
N GLY A 95 5.43 -86.20 -26.04
CA GLY A 95 5.53 -87.42 -25.28
C GLY A 95 6.41 -87.27 -24.06
N LEU A 96 7.53 -86.58 -24.21
CA LEU A 96 8.38 -86.28 -23.06
C LEU A 96 7.65 -85.38 -22.07
N ILE A 97 6.81 -84.48 -22.58
CA ILE A 97 6.03 -83.60 -21.70
C ILE A 97 5.13 -84.44 -20.79
N LYS A 98 4.39 -85.37 -21.38
CA LYS A 98 3.56 -86.27 -20.59
C LYS A 98 4.39 -87.17 -19.68
N GLN A 99 5.54 -87.63 -20.16
CA GLN A 99 6.36 -88.55 -19.37
C GLN A 99 6.88 -87.87 -18.10
N TYR A 100 7.49 -86.69 -18.24
CA TYR A 100 8.19 -86.07 -17.14
C TYR A 100 7.31 -85.22 -16.23
N ALA A 101 6.05 -85.00 -16.61
CA ALA A 101 5.14 -84.14 -15.85
C ALA A 101 5.77 -82.77 -15.59
N LEU A 102 6.48 -82.25 -16.60
CA LEU A 102 7.20 -81.00 -16.49
C LEU A 102 6.39 -79.84 -17.05
N ARG A 103 6.86 -78.63 -16.78
CA ARG A 103 6.35 -77.40 -17.39
C ARG A 103 7.42 -76.76 -18.25
N ALA A 104 6.99 -76.08 -19.31
CA ALA A 104 7.91 -75.41 -20.23
C ALA A 104 8.70 -74.33 -19.49
N GLY A 105 9.92 -74.09 -19.97
CA GLY A 105 10.80 -73.12 -19.34
C GLY A 105 11.69 -73.70 -18.28
N ASP A 106 11.54 -74.98 -17.94
CA ASP A 106 12.41 -75.61 -16.96
C ASP A 106 13.79 -75.82 -17.57
N TYR A 107 14.81 -75.71 -16.72
CA TYR A 107 16.19 -75.97 -17.15
C TYR A 107 16.33 -77.47 -17.31
N VAL A 108 16.40 -77.92 -18.56
CA VAL A 108 16.45 -79.33 -18.90
C VAL A 108 17.82 -79.65 -19.50
N VAL A 109 18.45 -80.70 -18.97
CA VAL A 109 19.66 -81.26 -19.55
C VAL A 109 19.41 -82.73 -19.86
N GLY A 110 19.73 -83.12 -21.08
CA GLY A 110 19.57 -84.50 -21.51
C GLY A 110 20.41 -84.77 -22.72
N GLN A 111 20.72 -86.05 -22.94
CA GLN A 111 21.60 -86.43 -24.03
C GLN A 111 20.97 -86.07 -25.37
N ALA A 112 21.76 -85.46 -26.24
CA ALA A 112 21.33 -85.12 -27.58
C ALA A 112 22.28 -85.74 -28.59
N ARG A 113 21.70 -86.31 -29.64
CA ARG A 113 22.49 -86.92 -30.70
C ARG A 113 22.70 -85.91 -31.82
N PRO A 114 23.83 -85.98 -32.51
CA PRO A 114 24.09 -85.03 -33.61
C PRO A 114 23.02 -85.14 -34.68
N PRO A 115 22.62 -84.01 -35.27
CA PRO A 115 21.62 -84.07 -36.35
C PRO A 115 22.13 -84.84 -37.54
N ARG A 116 21.21 -85.55 -38.19
CA ARG A 116 21.56 -86.43 -39.29
C ARG A 116 21.12 -85.81 -40.62
N GLU A 117 21.38 -86.51 -41.71
CA GLU A 117 21.01 -86.02 -43.04
C GLU A 117 19.50 -85.88 -43.14
N ASN A 118 19.06 -84.73 -43.68
CA ASN A 118 17.67 -84.36 -43.86
C ASN A 118 16.95 -84.15 -42.51
N GLU A 119 17.62 -84.38 -41.39
CA GLU A 119 17.03 -84.19 -40.08
C GLU A 119 17.56 -82.89 -39.49
N ARG A 120 16.64 -81.99 -39.14
CA ARG A 120 16.99 -80.61 -38.85
C ARG A 120 17.25 -80.32 -37.38
N TYR A 121 16.29 -80.60 -36.50
CA TYR A 121 16.45 -80.30 -35.09
C TYR A 121 16.46 -81.60 -34.30
N ALA A 122 17.51 -81.80 -33.51
CA ALA A 122 17.74 -83.07 -32.85
C ALA A 122 16.62 -83.39 -31.88
N THR A 123 16.38 -84.68 -31.70
CA THR A 123 15.33 -85.18 -30.83
C THR A 123 15.93 -85.52 -29.47
N LEU A 124 15.24 -85.11 -28.41
CA LEU A 124 15.69 -85.40 -27.06
C LEU A 124 15.46 -86.87 -26.77
N LEU A 125 16.55 -87.64 -26.68
CA LEU A 125 16.43 -89.06 -26.36
C LEU A 125 15.86 -89.25 -24.96
N LYS A 126 16.46 -88.60 -23.96
CA LYS A 126 16.04 -88.78 -22.58
C LYS A 126 16.68 -87.68 -21.74
N VAL A 127 15.91 -87.15 -20.80
CA VAL A 127 16.43 -86.15 -19.87
C VAL A 127 17.10 -86.88 -18.72
N GLU A 128 18.39 -86.60 -18.51
CA GLU A 128 19.10 -87.20 -17.40
C GLU A 128 19.00 -86.35 -16.14
N ALA A 129 19.42 -85.09 -16.22
CA ALA A 129 19.30 -84.15 -15.12
C ALA A 129 18.42 -83.00 -15.55
N VAL A 130 17.29 -82.83 -14.88
CA VAL A 130 16.35 -81.76 -15.16
C VAL A 130 16.38 -80.78 -13.99
N ASN A 131 16.58 -79.49 -14.30
CA ASN A 131 16.79 -78.48 -13.28
C ASN A 131 17.93 -78.86 -12.35
N ASN A 132 18.93 -79.54 -12.93
CA ASN A 132 20.03 -80.18 -12.20
C ASN A 132 19.54 -81.25 -11.25
N LEU A 133 18.35 -81.80 -11.49
CA LEU A 133 17.74 -82.78 -10.60
C LEU A 133 17.32 -84.00 -11.41
N ASP A 134 17.03 -85.08 -10.70
CA ASP A 134 16.66 -86.35 -11.30
C ASP A 134 15.22 -86.29 -11.80
N PRO A 135 14.86 -87.18 -12.73
CA PRO A 135 13.51 -87.11 -13.32
C PRO A 135 12.38 -87.23 -12.31
N GLU A 136 12.55 -88.05 -11.27
CA GLU A 136 11.44 -88.30 -10.36
C GLU A 136 10.99 -87.03 -9.66
N ALA A 137 11.92 -86.14 -9.35
CA ALA A 137 11.56 -84.84 -8.78
C ALA A 137 10.70 -84.05 -9.76
N ALA A 138 11.05 -84.09 -11.05
CA ALA A 138 10.24 -83.42 -12.06
C ALA A 138 8.85 -84.02 -12.13
N LYS A 139 8.76 -85.35 -12.06
CA LYS A 139 7.45 -86.01 -12.10
C LYS A 139 6.59 -85.59 -10.93
N ASN A 140 7.17 -85.51 -9.74
CA ASN A 140 6.43 -85.20 -8.51
C ASN A 140 7.02 -83.94 -7.90
N ARG A 141 6.40 -82.81 -8.21
CA ARG A 141 6.79 -81.53 -7.64
C ARG A 141 5.54 -80.65 -7.59
N PRO A 142 5.45 -79.74 -6.62
CA PRO A 142 4.22 -78.97 -6.46
C PRO A 142 3.94 -78.07 -7.64
N ARG A 143 2.64 -77.83 -7.88
CA ARG A 143 2.20 -76.92 -8.91
C ARG A 143 2.17 -75.49 -8.38
N PHE A 144 2.61 -74.56 -9.20
CA PHE A 144 2.81 -73.19 -8.73
C PHE A 144 1.51 -72.55 -8.28
N ASP A 145 0.48 -72.62 -9.11
CA ASP A 145 -0.74 -71.87 -8.83
C ASP A 145 -1.41 -72.32 -7.55
N GLU A 146 -1.09 -73.53 -7.08
CA GLU A 146 -1.65 -74.05 -5.84
C GLU A 146 -0.92 -73.58 -4.60
N LEU A 147 0.22 -72.91 -4.76
CA LEU A 147 0.99 -72.47 -3.60
C LEU A 147 0.25 -71.34 -2.89
N THR A 148 0.44 -71.26 -1.58
CA THR A 148 -0.26 -70.29 -0.77
C THR A 148 0.45 -68.95 -0.80
N PRO A 149 -0.16 -67.90 -1.32
CA PRO A 149 0.47 -66.59 -1.26
C PRO A 149 0.28 -65.94 0.10
N GLN A 150 1.30 -65.21 0.53
CA GLN A 150 1.26 -64.48 1.77
C GLN A 150 1.64 -63.03 1.49
N PHE A 151 1.61 -62.21 2.52
CA PHE A 151 2.20 -60.90 2.41
C PHE A 151 3.71 -61.01 2.60
N PRO A 152 4.48 -60.11 2.01
CA PRO A 152 5.94 -60.15 2.17
C PRO A 152 6.33 -60.01 3.63
N ASP A 153 7.13 -60.95 4.11
CA ASP A 153 7.64 -60.91 5.48
C ASP A 153 9.15 -60.81 5.55
N ARG A 154 9.87 -61.07 4.46
CA ARG A 154 11.32 -61.01 4.42
C ARG A 154 11.69 -59.69 3.75
N GLN A 155 11.78 -58.64 4.56
CA GLN A 155 12.12 -57.32 4.04
C GLN A 155 13.55 -57.30 3.52
N ILE A 156 13.79 -56.42 2.56
CA ILE A 156 15.08 -56.34 1.88
C ILE A 156 15.73 -55.03 2.31
N ARG A 157 16.79 -55.13 3.11
CA ARG A 157 17.49 -53.95 3.57
C ARG A 157 18.29 -53.33 2.43
N LEU A 158 18.28 -52.00 2.36
CA LEU A 158 18.91 -51.26 1.26
C LEU A 158 19.72 -50.11 1.82
N GLU A 159 21.01 -50.37 2.07
CA GLU A 159 21.98 -49.33 2.41
C GLU A 159 23.07 -49.31 1.35
N THR A 160 23.34 -48.14 0.80
CA THR A 160 24.35 -48.00 -0.25
C THR A 160 25.27 -46.84 0.09
N THR A 161 26.57 -47.11 0.10
CA THR A 161 27.57 -46.06 0.05
C THR A 161 27.53 -45.28 -1.26
N PRO A 162 27.47 -45.92 -2.44
CA PRO A 162 27.62 -45.15 -3.69
C PRO A 162 26.61 -44.02 -3.86
N ASP A 163 25.35 -44.23 -3.50
CA ASP A 163 24.38 -43.15 -3.43
C ASP A 163 23.61 -43.37 -2.14
N GLU A 164 24.15 -42.84 -1.05
CA GLU A 164 23.47 -42.91 0.23
C GLU A 164 22.16 -42.14 0.19
N LEU A 165 22.15 -40.99 -0.47
CA LEU A 165 20.99 -40.11 -0.48
C LEU A 165 19.78 -40.73 -1.16
N SER A 166 19.88 -41.01 -2.46
CA SER A 166 18.71 -41.48 -3.20
C SER A 166 18.25 -42.85 -2.72
N THR A 167 19.18 -43.79 -2.61
CA THR A 167 18.81 -45.14 -2.22
C THR A 167 18.35 -45.17 -0.76
N ARG A 168 18.92 -44.32 0.08
CA ARG A 168 18.49 -44.25 1.47
C ARG A 168 17.11 -43.63 1.59
N VAL A 169 16.78 -42.67 0.73
CA VAL A 169 15.42 -42.18 0.63
C VAL A 169 14.50 -43.32 0.22
N ILE A 170 14.92 -44.11 -0.76
CA ILE A 170 14.14 -45.27 -1.19
C ILE A 170 13.86 -46.19 -0.01
N ASP A 171 14.89 -46.48 0.78
CA ASP A 171 14.76 -47.42 1.88
C ASP A 171 13.83 -46.85 2.96
N LEU A 172 14.18 -45.68 3.49
CA LEU A 172 13.42 -45.10 4.60
C LEU A 172 11.99 -44.74 4.21
N LEU A 173 11.72 -44.49 2.93
CA LEU A 173 10.38 -44.13 2.51
C LEU A 173 9.62 -45.34 1.98
N ALA A 174 10.25 -46.14 1.12
CA ALA A 174 9.62 -47.28 0.47
C ALA A 174 10.43 -48.53 0.74
N PRO A 175 10.29 -49.10 1.94
CA PRO A 175 10.95 -50.37 2.23
C PRO A 175 10.43 -51.48 1.32
N ILE A 176 11.33 -52.38 0.95
CA ILE A 176 11.04 -53.45 0.00
C ILE A 176 11.19 -54.79 0.71
N GLY A 177 10.26 -55.69 0.45
CA GLY A 177 10.34 -57.04 0.97
C GLY A 177 10.40 -58.07 -0.12
N ARG A 178 10.61 -59.33 0.24
CA ARG A 178 10.66 -60.40 -0.76
C ARG A 178 9.24 -60.79 -1.17
N GLY A 179 9.05 -61.04 -2.47
CA GLY A 179 7.73 -61.24 -3.01
C GLY A 179 7.00 -59.95 -3.33
N GLN A 180 7.66 -58.81 -3.16
CA GLN A 180 7.00 -57.51 -3.32
C GLN A 180 6.61 -57.26 -4.76
N ARG A 181 5.42 -56.68 -4.96
CA ARG A 181 4.93 -56.33 -6.29
C ARG A 181 4.63 -54.83 -6.31
N GLY A 182 5.67 -54.02 -6.48
CA GLY A 182 5.54 -52.58 -6.48
C GLY A 182 5.63 -51.99 -7.87
N LEU A 183 5.33 -50.69 -7.96
CA LEU A 183 5.35 -49.99 -9.23
C LEU A 183 5.86 -48.58 -8.98
N ILE A 184 7.02 -48.25 -9.53
CA ILE A 184 7.51 -46.89 -9.53
C ILE A 184 7.11 -46.24 -10.85
N VAL A 185 6.69 -44.98 -10.80
CA VAL A 185 6.02 -44.33 -11.92
C VAL A 185 6.64 -42.95 -12.13
N ALA A 186 6.82 -42.56 -13.39
CA ALA A 186 7.34 -41.26 -13.72
C ALA A 186 6.98 -40.95 -15.18
N PRO A 187 7.07 -39.69 -15.58
CA PRO A 187 6.90 -39.35 -17.00
C PRO A 187 8.11 -39.77 -17.81
N PRO A 188 8.02 -39.75 -19.15
CA PRO A 188 9.19 -40.11 -19.96
C PRO A 188 10.33 -39.13 -19.78
N LYS A 189 11.55 -39.62 -20.04
CA LYS A 189 12.78 -38.87 -19.80
C LYS A 189 12.87 -38.45 -18.32
N ALA A 190 12.81 -39.45 -17.45
CA ALA A 190 12.94 -39.22 -16.02
C ALA A 190 14.03 -40.11 -15.42
N GLY A 191 14.85 -40.74 -16.25
CA GLY A 191 15.89 -41.61 -15.75
C GLY A 191 15.38 -42.79 -14.97
N LYS A 192 14.17 -43.26 -15.24
CA LYS A 192 13.65 -44.44 -14.57
C LYS A 192 14.60 -45.61 -14.75
N THR A 193 15.25 -45.66 -15.91
CA THR A 193 16.32 -46.63 -16.13
C THR A 193 17.50 -46.38 -15.20
N THR A 194 17.81 -45.10 -14.94
CA THR A 194 18.90 -44.80 -14.01
C THR A 194 18.57 -45.27 -12.60
N LEU A 195 17.32 -45.07 -12.18
CA LEU A 195 16.90 -45.58 -10.88
C LEU A 195 16.94 -47.10 -10.84
N LEU A 196 16.57 -47.73 -11.96
CA LEU A 196 16.69 -49.18 -12.06
C LEU A 196 18.14 -49.61 -11.89
N LYS A 197 19.07 -48.89 -12.51
CA LYS A 197 20.49 -49.19 -12.34
C LYS A 197 20.90 -49.06 -10.89
N LYS A 198 20.47 -47.98 -10.24
CA LYS A 198 20.85 -47.75 -8.84
C LYS A 198 20.34 -48.87 -7.95
N ILE A 199 19.07 -49.24 -8.10
CA ILE A 199 18.49 -50.26 -7.23
C ILE A 199 19.10 -51.62 -7.55
N ALA A 200 19.45 -51.86 -8.83
CA ALA A 200 20.08 -53.11 -9.19
C ALA A 200 21.43 -53.26 -8.52
N ASN A 201 22.23 -52.19 -8.55
CA ASN A 201 23.52 -52.23 -7.85
C ASN A 201 23.32 -52.37 -6.35
N ALA A 202 22.31 -51.70 -5.81
CA ALA A 202 22.00 -51.81 -4.38
C ALA A 202 21.71 -53.25 -3.99
N VAL A 203 20.89 -53.93 -4.80
CA VAL A 203 20.56 -55.33 -4.51
C VAL A 203 21.79 -56.21 -4.65
N LEU A 204 22.55 -56.00 -5.72
CA LEU A 204 23.77 -56.79 -5.94
C LEU A 204 24.79 -56.60 -4.83
N LYS A 205 24.75 -55.48 -4.12
CA LYS A 205 25.63 -55.24 -2.99
C LYS A 205 25.07 -55.79 -1.69
N ASN A 206 23.90 -55.33 -1.27
CA ASN A 206 23.36 -55.67 0.04
C ASN A 206 22.83 -57.09 0.10
N GLU A 207 22.24 -57.60 -0.99
CA GLU A 207 21.65 -58.94 -1.00
C GLU A 207 22.16 -59.71 -2.21
N PRO A 208 23.45 -60.00 -2.26
CA PRO A 208 24.00 -60.76 -3.40
C PRO A 208 23.46 -62.17 -3.48
N ASP A 209 22.96 -62.72 -2.37
CA ASP A 209 22.45 -64.09 -2.37
C ASP A 209 21.28 -64.27 -3.32
N ILE A 210 20.47 -63.24 -3.51
CA ILE A 210 19.27 -63.36 -4.32
C ILE A 210 19.65 -63.25 -5.80
N LYS A 211 18.95 -64.00 -6.64
CA LYS A 211 19.19 -63.97 -8.08
C LYS A 211 18.54 -62.73 -8.68
N VAL A 212 19.34 -61.88 -9.31
CA VAL A 212 18.89 -60.60 -9.84
C VAL A 212 18.78 -60.73 -11.36
N ILE A 213 17.60 -60.42 -11.90
CA ILE A 213 17.36 -60.44 -13.33
C ILE A 213 16.68 -59.15 -13.72
N VAL A 214 17.15 -58.54 -14.81
CA VAL A 214 16.63 -57.27 -15.31
C VAL A 214 16.20 -57.44 -16.75
N LEU A 215 14.97 -57.03 -17.05
CA LEU A 215 14.44 -57.08 -18.41
C LEU A 215 14.17 -55.67 -18.89
N LEU A 216 14.66 -55.37 -20.10
CA LEU A 216 14.49 -54.06 -20.72
C LEU A 216 13.75 -54.24 -22.03
N ILE A 217 12.77 -53.37 -22.27
CA ILE A 217 11.90 -53.47 -23.44
C ILE A 217 11.93 -52.16 -24.21
N ASP A 218 12.10 -52.27 -25.52
CA ASP A 218 11.75 -51.19 -26.44
C ASP A 218 12.58 -49.92 -26.20
N GLU A 219 13.86 -50.06 -25.86
CA GLU A 219 14.62 -48.92 -25.38
C GLU A 219 15.84 -48.67 -26.27
N ARG A 220 16.56 -47.60 -25.95
CA ARG A 220 17.69 -47.20 -26.77
C ARG A 220 18.83 -48.19 -26.63
N PRO A 221 19.55 -48.48 -27.71
CA PRO A 221 20.62 -49.49 -27.65
C PRO A 221 21.84 -49.04 -26.86
N GLU A 222 22.18 -47.75 -26.96
CA GLU A 222 23.34 -47.25 -26.24
C GLU A 222 23.11 -47.36 -24.74
N GLU A 223 21.88 -47.11 -24.28
CA GLU A 223 21.56 -47.32 -22.89
C GLU A 223 21.71 -48.79 -22.50
N VAL A 224 21.32 -49.69 -23.40
CA VAL A 224 21.47 -51.12 -23.14
C VAL A 224 22.93 -51.48 -22.96
N THR A 225 23.79 -50.99 -23.86
CA THR A 225 25.21 -51.27 -23.75
C THR A 225 25.78 -50.69 -22.46
N ASP A 226 25.41 -49.46 -22.13
CA ASP A 226 25.90 -48.83 -20.91
C ASP A 226 25.48 -49.65 -19.69
N PHE A 227 24.24 -50.10 -19.66
CA PHE A 227 23.77 -50.93 -18.55
C PHE A 227 24.58 -52.21 -18.46
N ARG A 228 24.67 -52.94 -19.57
CA ARG A 228 25.29 -54.26 -19.55
C ARG A 228 26.76 -54.17 -19.15
N GLU A 229 27.46 -53.16 -19.64
CA GLU A 229 28.83 -52.94 -19.19
C GLU A 229 28.86 -52.55 -17.72
N SER A 230 27.91 -51.74 -17.28
CA SER A 230 27.88 -51.23 -15.92
C SER A 230 27.13 -52.14 -14.95
N VAL A 231 26.47 -53.19 -15.45
CA VAL A 231 25.74 -54.07 -14.55
C VAL A 231 26.64 -55.14 -13.93
N GLN A 232 27.83 -55.35 -14.50
CA GLN A 232 28.82 -56.28 -13.97
C GLN A 232 28.31 -57.73 -13.99
N GLY A 233 27.85 -58.15 -15.16
CA GLY A 233 27.56 -59.55 -15.40
C GLY A 233 26.21 -60.04 -14.93
N ALA A 234 25.42 -59.21 -14.26
CA ALA A 234 24.10 -59.64 -13.83
C ALA A 234 23.23 -59.92 -15.04
N GLU A 235 22.24 -60.80 -14.85
CA GLU A 235 21.40 -61.23 -15.96
C GLU A 235 20.56 -60.06 -16.46
N VAL A 236 20.94 -59.50 -17.60
CA VAL A 236 20.28 -58.33 -18.17
C VAL A 236 19.68 -58.76 -19.50
N ILE A 237 18.37 -58.62 -19.62
CA ILE A 237 17.65 -58.97 -20.84
C ILE A 237 17.16 -57.68 -21.47
N ALA A 238 17.43 -57.52 -22.75
CA ALA A 238 17.08 -56.30 -23.45
C ALA A 238 16.36 -56.62 -24.76
N SER A 239 15.41 -55.77 -25.09
CA SER A 239 14.67 -55.89 -26.35
C SER A 239 14.38 -54.46 -26.82
N THR A 240 15.26 -53.94 -27.67
CA THR A 240 15.16 -52.55 -28.08
C THR A 240 13.95 -52.34 -28.99
N PHE A 241 13.57 -51.06 -29.13
CA PHE A 241 12.52 -50.69 -30.06
C PHE A 241 12.89 -50.99 -31.50
N ASP A 242 14.17 -51.20 -31.79
CA ASP A 242 14.58 -51.62 -33.12
C ASP A 242 13.96 -52.96 -33.47
N GLU A 243 13.91 -53.87 -32.50
CA GLU A 243 13.43 -55.21 -32.76
C GLU A 243 11.93 -55.19 -33.05
N PRO A 244 11.47 -56.03 -33.97
CA PRO A 244 10.03 -56.14 -34.21
C PRO A 244 9.32 -56.62 -32.96
N PRO A 245 8.07 -56.18 -32.75
CA PRO A 245 7.42 -56.42 -31.45
C PRO A 245 7.15 -57.87 -31.15
N GLN A 246 7.02 -58.74 -32.17
CA GLN A 246 6.82 -60.15 -31.90
C GLN A 246 8.01 -60.73 -31.16
N ASN A 247 9.22 -60.28 -31.52
CA ASN A 247 10.40 -60.65 -30.74
C ASN A 247 10.27 -60.16 -29.30
N HIS A 248 9.78 -58.93 -29.13
CA HIS A 248 9.60 -58.37 -27.79
C HIS A 248 8.73 -59.30 -26.95
N ILE A 249 7.57 -59.66 -27.48
CA ILE A 249 6.61 -60.43 -26.70
C ILE A 249 7.11 -61.85 -26.48
N ARG A 250 7.75 -62.43 -27.50
CA ARG A 250 8.33 -63.76 -27.37
C ARG A 250 9.31 -63.79 -26.21
N VAL A 251 10.27 -62.85 -26.21
CA VAL A 251 11.27 -62.82 -25.15
C VAL A 251 10.62 -62.60 -23.80
N ALA A 252 9.66 -61.67 -23.73
CA ALA A 252 9.01 -61.38 -22.46
C ALA A 252 8.34 -62.62 -21.89
N GLU A 253 7.61 -63.35 -22.73
CA GLU A 253 6.89 -64.51 -22.24
C GLU A 253 7.81 -65.67 -21.91
N PHE A 254 8.90 -65.83 -22.66
CA PHE A 254 9.87 -66.86 -22.31
C PHE A 254 10.49 -66.57 -20.95
N VAL A 255 10.86 -65.32 -20.72
CA VAL A 255 11.36 -64.94 -19.39
C VAL A 255 10.30 -65.21 -18.34
N HIS A 256 9.05 -64.89 -18.64
CA HIS A 256 7.96 -65.14 -17.71
C HIS A 256 7.90 -66.61 -17.31
N GLU A 257 7.88 -67.50 -18.29
CA GLU A 257 7.73 -68.92 -17.99
C GLU A 257 8.96 -69.46 -17.26
N ARG A 258 10.16 -69.04 -17.66
CA ARG A 258 11.36 -69.51 -16.98
C ARG A 258 11.38 -69.05 -15.53
N ALA A 259 11.02 -67.80 -15.29
CA ALA A 259 10.96 -67.30 -13.92
C ALA A 259 9.92 -68.06 -13.12
N LYS A 260 8.78 -68.38 -13.74
CA LYS A 260 7.77 -69.16 -13.06
C LYS A 260 8.33 -70.52 -12.67
N ARG A 261 9.12 -71.13 -13.55
CA ARG A 261 9.73 -72.42 -13.21
C ARG A 261 10.69 -72.28 -12.05
N ILE A 262 11.50 -71.22 -12.07
CA ILE A 262 12.51 -71.07 -11.02
C ILE A 262 11.85 -70.86 -9.66
N VAL A 263 10.79 -70.04 -9.63
CA VAL A 263 10.06 -69.88 -8.38
C VAL A 263 9.37 -71.17 -7.98
N GLU A 264 8.83 -71.90 -8.97
CA GLU A 264 8.25 -73.20 -8.73
C GLU A 264 9.25 -74.14 -8.08
N GLU A 265 10.54 -73.93 -8.34
CA GLU A 265 11.59 -74.66 -7.65
C GLU A 265 12.01 -73.98 -6.35
N GLY A 266 11.12 -73.16 -5.76
CA GLY A 266 11.36 -72.56 -4.47
C GLY A 266 12.49 -71.55 -4.42
N GLY A 267 12.66 -70.78 -5.49
CA GLY A 267 13.75 -69.82 -5.54
C GLY A 267 13.33 -68.41 -5.16
N HIS A 268 14.34 -67.59 -4.87
CA HIS A 268 14.17 -66.15 -4.71
C HIS A 268 14.49 -65.50 -6.05
N VAL A 269 13.46 -65.16 -6.80
CA VAL A 269 13.61 -64.65 -8.15
C VAL A 269 13.27 -63.17 -8.14
N MET A 270 14.23 -62.35 -8.58
CA MET A 270 14.07 -60.93 -8.68
C MET A 270 13.96 -60.59 -10.15
N ILE A 271 12.85 -60.02 -10.57
CA ILE A 271 12.66 -59.61 -11.95
C ILE A 271 12.50 -58.11 -11.99
N LEU A 272 13.39 -57.45 -12.69
CA LEU A 272 13.36 -56.00 -12.83
C LEU A 272 12.92 -55.72 -14.26
N LEU A 273 11.65 -55.42 -14.42
CA LEU A 273 11.05 -55.16 -15.72
C LEU A 273 11.16 -53.68 -16.03
N ASP A 274 11.49 -53.36 -17.28
CA ASP A 274 11.57 -51.97 -17.70
C ASP A 274 10.24 -51.49 -18.27
N SER A 275 9.66 -50.47 -17.64
CA SER A 275 8.62 -49.62 -18.25
C SER A 275 7.41 -50.41 -18.74
N ILE A 276 6.64 -50.93 -17.77
CA ILE A 276 5.47 -51.75 -18.08
C ILE A 276 4.52 -51.04 -19.05
N THR A 277 4.51 -49.71 -19.02
CA THR A 277 3.55 -48.97 -19.84
C THR A 277 3.90 -49.05 -21.33
N ARG A 278 5.17 -48.86 -21.68
CA ARG A 278 5.51 -48.95 -23.09
C ARG A 278 5.53 -50.40 -23.51
N LEU A 279 5.78 -51.28 -22.55
CA LEU A 279 5.53 -52.70 -22.78
C LEU A 279 4.07 -52.94 -23.15
N ALA A 280 3.16 -52.23 -22.50
CA ALA A 280 1.75 -52.34 -22.83
C ALA A 280 1.49 -51.84 -24.24
N ARG A 281 2.13 -50.73 -24.61
CA ARG A 281 2.07 -50.31 -26.00
C ARG A 281 2.64 -51.38 -26.94
N ALA A 282 3.69 -52.08 -26.51
CA ALA A 282 4.25 -53.16 -27.31
C ALA A 282 3.23 -54.26 -27.52
N ASN A 283 2.53 -54.63 -26.44
CA ASN A 283 1.45 -55.60 -26.55
C ASN A 283 0.39 -55.13 -27.54
N ASN A 284 -0.09 -53.90 -27.36
CA ASN A 284 -1.12 -53.38 -28.26
C ASN A 284 -0.65 -53.42 -29.70
N LEU A 285 0.63 -53.15 -29.93
CA LEU A 285 1.17 -53.28 -31.27
C LEU A 285 1.13 -54.72 -31.74
N VAL A 286 1.44 -55.67 -30.84
CA VAL A 286 1.25 -57.07 -31.18
C VAL A 286 -0.23 -57.44 -31.16
N THR A 287 -0.98 -56.97 -30.17
CA THR A 287 -2.36 -57.38 -30.00
C THR A 287 -3.27 -56.59 -30.94
N PRO A 288 -3.83 -57.20 -31.97
CA PRO A 288 -4.56 -56.44 -32.99
C PRO A 288 -5.82 -55.77 -32.45
N PRO A 289 -6.78 -56.53 -31.92
CA PRO A 289 -8.17 -56.05 -31.95
C PRO A 289 -8.57 -55.03 -30.89
N THR A 290 -8.06 -55.19 -29.66
CA THR A 290 -8.52 -54.52 -28.45
C THR A 290 -9.91 -55.04 -28.05
N GLY A 291 -10.54 -55.88 -28.86
CA GLY A 291 -11.96 -56.09 -28.74
C GLY A 291 -12.65 -54.78 -29.06
N ARG A 292 -13.57 -54.34 -28.20
CA ARG A 292 -13.96 -52.93 -28.26
C ARG A 292 -12.85 -52.08 -27.70
N THR A 293 -12.66 -50.89 -28.27
CA THR A 293 -11.53 -50.07 -27.89
C THR A 293 -11.66 -49.57 -26.46
N LEU A 294 -10.97 -50.22 -25.54
CA LEU A 294 -10.67 -49.57 -24.27
C LEU A 294 -9.97 -48.28 -24.59
N SER A 295 -10.44 -47.18 -23.98
CA SER A 295 -10.25 -45.84 -24.54
C SER A 295 -8.83 -45.61 -25.02
N GLY A 296 -8.66 -45.54 -26.35
CA GLY A 296 -7.39 -45.26 -26.98
C GLY A 296 -6.60 -46.48 -27.42
N GLY A 297 -7.11 -47.70 -27.20
CA GLY A 297 -6.40 -48.87 -27.68
C GLY A 297 -5.59 -49.67 -26.67
N LEU A 298 -6.21 -50.05 -25.57
CA LEU A 298 -5.66 -51.05 -24.66
C LEU A 298 -6.02 -52.44 -25.18
N ASP A 299 -5.95 -53.46 -24.32
CA ASP A 299 -6.64 -54.71 -24.62
C ASP A 299 -6.79 -55.52 -23.34
N SER A 300 -7.95 -56.15 -23.18
CA SER A 300 -8.21 -56.95 -22.01
C SER A 300 -7.33 -58.20 -21.99
N ALA A 301 -7.41 -59.03 -23.04
CA ALA A 301 -6.66 -60.27 -23.08
C ALA A 301 -5.17 -60.05 -23.20
N ALA A 302 -4.73 -58.96 -23.83
CA ALA A 302 -3.31 -58.64 -23.86
C ALA A 302 -2.79 -58.35 -22.45
N LEU A 303 -3.36 -57.31 -21.82
CA LEU A 303 -2.89 -56.88 -20.50
C LEU A 303 -2.96 -58.01 -19.49
N TYR A 304 -3.82 -59.00 -19.72
CA TYR A 304 -3.81 -60.19 -18.88
C TYR A 304 -2.41 -60.81 -18.84
N PHE A 305 -1.71 -60.79 -19.97
CA PHE A 305 -0.33 -61.28 -19.97
C PHE A 305 0.57 -60.37 -19.13
N PRO A 306 0.54 -59.05 -19.26
CA PRO A 306 1.09 -58.22 -18.17
C PRO A 306 0.44 -58.49 -16.83
N LYS A 307 -0.87 -58.74 -16.79
CA LYS A 307 -1.50 -59.03 -15.51
C LYS A 307 -0.97 -60.33 -14.92
N ARG A 308 -0.90 -61.38 -15.73
CA ARG A 308 -0.36 -62.64 -15.23
C ARG A 308 1.10 -62.50 -14.85
N PHE A 309 1.84 -61.75 -15.66
CA PHE A 309 3.26 -61.55 -15.42
C PHE A 309 3.49 -60.76 -14.14
N LEU A 310 2.54 -59.88 -13.80
CA LEU A 310 2.70 -58.97 -12.68
C LEU A 310 2.18 -59.58 -11.38
N GLY A 311 0.93 -60.04 -11.38
CA GLY A 311 0.35 -60.62 -10.19
C GLY A 311 0.97 -61.94 -9.77
N ALA A 312 1.80 -62.54 -10.63
CA ALA A 312 2.53 -63.74 -10.23
C ALA A 312 3.44 -63.45 -9.05
N ALA A 313 3.94 -62.22 -8.95
CA ALA A 313 4.75 -61.83 -7.81
C ALA A 313 3.95 -61.93 -6.53
N ARG A 314 4.50 -62.64 -5.54
CA ARG A 314 3.77 -62.91 -4.32
C ARG A 314 4.73 -63.52 -3.31
N ASN A 315 4.41 -63.36 -2.03
CA ASN A 315 5.16 -63.97 -0.94
C ASN A 315 4.59 -65.36 -0.70
N ILE A 316 5.41 -66.38 -0.89
CA ILE A 316 5.00 -67.76 -0.73
C ILE A 316 5.50 -68.28 0.60
N ARG A 317 4.60 -68.87 1.37
CA ARG A 317 4.92 -69.40 2.69
C ARG A 317 5.79 -70.65 2.64
N GLY A 318 5.88 -71.30 1.47
CA GLY A 318 6.57 -72.57 1.37
C GLY A 318 8.01 -72.47 0.93
N GLY A 319 8.61 -71.30 1.05
CA GLY A 319 10.00 -71.16 0.67
C GLY A 319 10.14 -70.53 -0.70
N GLY A 320 11.25 -69.83 -0.90
CA GLY A 320 11.45 -69.09 -2.13
C GLY A 320 10.59 -67.86 -2.16
N SER A 321 10.79 -67.00 -3.16
CA SER A 321 10.00 -65.79 -3.27
C SER A 321 10.09 -65.30 -4.71
N LEU A 322 9.13 -64.46 -5.09
CA LEU A 322 9.12 -63.87 -6.42
C LEU A 322 8.84 -62.38 -6.25
N THR A 323 9.89 -61.56 -6.31
CA THR A 323 9.74 -60.12 -6.27
C THR A 323 10.07 -59.57 -7.64
N ILE A 324 9.11 -58.85 -8.22
CA ILE A 324 9.31 -58.20 -9.51
C ILE A 324 8.99 -56.72 -9.30
N LEU A 325 9.88 -55.86 -9.77
CA LEU A 325 9.68 -54.43 -9.71
C LEU A 325 9.83 -53.86 -11.12
N ALA A 326 9.03 -52.85 -11.42
CA ALA A 326 9.04 -52.24 -12.75
C ALA A 326 8.51 -50.83 -12.65
N THR A 327 8.69 -50.08 -13.74
CA THR A 327 8.33 -48.67 -13.76
C THR A 327 7.25 -48.40 -14.80
N ALA A 328 6.60 -47.26 -14.67
CA ALA A 328 5.48 -46.86 -15.50
C ALA A 328 5.75 -45.46 -16.05
N LEU A 329 5.32 -45.22 -17.28
CA LEU A 329 5.35 -43.89 -17.87
C LEU A 329 4.00 -43.22 -17.65
N VAL A 330 4.02 -42.04 -17.04
CA VAL A 330 2.80 -41.32 -16.67
C VAL A 330 2.89 -39.92 -17.26
N GLU A 331 1.75 -39.22 -17.24
CA GLU A 331 1.68 -37.81 -17.62
C GLU A 331 2.18 -37.61 -19.04
N THR A 332 1.91 -38.60 -19.90
CA THR A 332 2.35 -38.58 -21.28
C THR A 332 1.30 -37.98 -22.22
N GLY A 333 0.20 -37.48 -21.68
CA GLY A 333 -0.92 -37.06 -22.49
C GLY A 333 -1.74 -38.18 -23.04
N SER A 334 -1.44 -39.42 -22.65
CA SER A 334 -2.13 -40.61 -23.14
C SER A 334 -3.10 -41.08 -22.07
N ARG A 335 -4.39 -41.12 -22.43
CA ARG A 335 -5.36 -41.75 -21.54
C ARG A 335 -5.03 -43.22 -21.35
N MET A 336 -4.37 -43.84 -22.33
CA MET A 336 -4.01 -45.25 -22.21
C MET A 336 -3.04 -45.45 -21.06
N ASP A 337 -2.03 -44.59 -20.96
CA ASP A 337 -1.04 -44.70 -19.89
C ASP A 337 -1.70 -44.50 -18.54
N ASP A 338 -2.60 -43.53 -18.45
CA ASP A 338 -3.33 -43.30 -17.20
C ASP A 338 -4.17 -44.51 -16.84
N VAL A 339 -4.80 -45.14 -17.82
CA VAL A 339 -5.65 -46.30 -17.54
C VAL A 339 -4.81 -47.47 -17.07
N ILE A 340 -3.67 -47.71 -17.71
CA ILE A 340 -2.80 -48.79 -17.24
C ILE A 340 -2.31 -48.51 -15.83
N PHE A 341 -1.95 -47.25 -15.55
CA PHE A 341 -1.50 -46.90 -14.21
C PHE A 341 -2.58 -47.14 -13.17
N GLU A 342 -3.82 -46.77 -13.50
CA GLU A 342 -4.92 -46.96 -12.57
C GLU A 342 -5.24 -48.43 -12.40
N GLU A 343 -5.09 -49.19 -13.48
CA GLU A 343 -5.47 -50.59 -13.51
C GLU A 343 -4.49 -51.44 -12.71
N PHE A 344 -3.20 -51.17 -12.84
CA PHE A 344 -2.20 -51.88 -12.06
C PHE A 344 -1.95 -51.22 -10.72
N LYS A 345 -2.48 -50.01 -10.51
CA LYS A 345 -2.36 -49.35 -9.22
C LYS A 345 -3.12 -50.12 -8.15
N GLY A 346 -4.32 -50.61 -8.48
CA GLY A 346 -5.06 -51.45 -7.58
C GLY A 346 -4.55 -52.87 -7.47
N THR A 347 -3.53 -53.22 -8.26
CA THR A 347 -2.95 -54.54 -8.21
C THR A 347 -1.67 -54.60 -7.37
N GLY A 348 -0.78 -53.61 -7.51
CA GLY A 348 0.44 -53.62 -6.74
C GLY A 348 0.24 -53.12 -5.32
N ASN A 349 1.06 -53.66 -4.41
CA ASN A 349 1.01 -53.29 -3.00
C ASN A 349 1.99 -52.18 -2.65
N MET A 350 2.73 -51.66 -3.62
CA MET A 350 3.63 -50.54 -3.42
C MET A 350 3.61 -49.64 -4.65
N GLU A 351 3.71 -48.34 -4.41
CA GLU A 351 3.75 -47.38 -5.50
C GLU A 351 4.74 -46.28 -5.14
N LEU A 352 5.52 -45.86 -6.13
CA LEU A 352 6.54 -44.83 -5.96
C LEU A 352 6.35 -43.80 -7.06
N HIS A 353 5.52 -42.80 -6.81
CA HIS A 353 5.29 -41.76 -7.79
C HIS A 353 6.51 -40.85 -7.89
N LEU A 354 6.71 -40.30 -9.08
CA LEU A 354 7.86 -39.45 -9.36
C LEU A 354 7.40 -38.21 -10.08
N SER A 355 7.70 -37.05 -9.50
CA SER A 355 7.24 -35.77 -10.04
C SER A 355 8.22 -35.28 -11.10
N ARG A 356 7.67 -34.85 -12.24
CA ARG A 356 8.51 -34.41 -13.35
C ARG A 356 9.30 -33.15 -12.99
N ARG A 357 8.66 -32.18 -12.36
CA ARG A 357 9.32 -30.89 -12.12
C ARG A 357 10.46 -31.02 -11.14
N LEU A 358 10.40 -32.03 -10.26
CA LEU A 358 11.56 -32.31 -9.41
C LEU A 358 12.77 -32.73 -10.25
N GLU A 359 12.54 -33.59 -11.25
CA GLU A 359 13.61 -33.93 -12.19
C GLU A 359 14.05 -32.69 -12.96
N GLU A 360 13.10 -31.80 -13.26
CA GLU A 360 13.44 -30.51 -13.84
C GLU A 360 14.40 -29.74 -12.94
N ARG A 361 14.20 -29.84 -11.63
CA ARG A 361 15.13 -29.28 -10.66
C ARG A 361 16.37 -30.13 -10.50
N ARG A 362 16.48 -31.23 -11.24
CA ARG A 362 17.59 -32.17 -11.20
C ARG A 362 17.71 -32.86 -9.85
N ILE A 363 16.68 -32.79 -9.02
CA ILE A 363 16.71 -33.33 -7.68
C ILE A 363 16.35 -34.81 -7.78
N PHE A 364 17.30 -35.67 -7.39
CA PHE A 364 17.07 -37.10 -7.43
C PHE A 364 17.22 -37.69 -6.04
N PRO A 365 16.30 -38.57 -5.63
CA PRO A 365 15.17 -39.05 -6.44
C PRO A 365 14.03 -38.03 -6.53
N ALA A 366 13.36 -37.98 -7.69
CA ALA A 366 12.29 -37.01 -7.92
C ALA A 366 10.92 -37.58 -7.54
N ILE A 367 10.84 -38.08 -6.31
CA ILE A 367 9.67 -38.82 -5.86
C ILE A 367 8.52 -37.89 -5.54
N ASP A 368 7.31 -38.28 -5.95
CA ASP A 368 6.10 -37.73 -5.38
C ASP A 368 5.83 -38.54 -4.11
N ILE A 369 6.31 -38.02 -2.98
CA ILE A 369 6.36 -38.80 -1.75
C ILE A 369 4.96 -39.11 -1.24
N LEU A 370 4.08 -38.11 -1.24
CA LEU A 370 2.77 -38.28 -0.63
C LEU A 370 1.98 -39.39 -1.31
N LYS A 371 1.99 -39.41 -2.64
CA LYS A 371 1.30 -40.50 -3.34
C LYS A 371 1.96 -41.84 -3.08
N SER A 372 3.27 -41.85 -2.82
CA SER A 372 3.98 -43.10 -2.57
C SER A 372 3.55 -43.71 -1.24
N GLY A 373 3.60 -45.03 -1.17
CA GLY A 373 3.21 -45.72 0.03
C GLY A 373 3.19 -47.22 -0.17
N THR A 374 2.92 -47.93 0.93
CA THR A 374 2.93 -49.39 0.94
C THR A 374 1.67 -49.89 1.63
N ARG A 375 1.30 -51.13 1.31
CA ARG A 375 0.26 -51.84 2.04
C ARG A 375 0.90 -52.75 3.08
N ARG A 376 0.15 -53.00 4.16
CA ARG A 376 0.60 -53.86 5.24
C ARG A 376 1.96 -53.43 5.76
N GLU A 377 2.03 -52.16 6.17
CA GLU A 377 3.27 -51.60 6.71
C GLU A 377 3.76 -52.41 7.89
N GLU A 378 2.84 -53.02 8.64
CA GLU A 378 3.21 -53.87 9.75
C GLU A 378 3.82 -55.18 9.28
N LEU A 379 3.36 -55.70 8.15
CA LEU A 379 3.77 -57.05 7.76
C LEU A 379 5.19 -57.09 7.24
N LEU A 380 5.82 -55.95 7.03
CA LEU A 380 7.26 -55.89 6.78
C LEU A 380 8.02 -55.35 7.98
N LEU A 381 7.32 -54.77 8.94
CA LEU A 381 7.94 -53.99 10.01
C LEU A 381 7.31 -54.39 11.33
N GLY A 382 8.11 -54.92 12.25
CA GLY A 382 7.62 -55.36 13.54
C GLY A 382 6.88 -54.29 14.30
N GLU A 383 6.11 -54.69 15.32
CA GLU A 383 5.19 -53.76 15.98
C GLU A 383 5.92 -52.52 16.49
N GLU A 384 7.15 -52.67 16.97
CA GLU A 384 7.92 -51.50 17.34
C GLU A 384 8.33 -50.70 16.11
N VAL A 385 8.82 -51.38 15.06
CA VAL A 385 9.10 -50.68 13.82
C VAL A 385 7.80 -50.21 13.18
N THR A 386 6.74 -51.01 13.29
CA THR A 386 5.44 -50.59 12.76
C THR A 386 4.99 -49.28 13.37
N HIS A 387 5.02 -49.18 14.70
CA HIS A 387 4.56 -47.98 15.38
C HIS A 387 5.52 -46.81 15.17
N LYS A 388 6.82 -47.08 15.09
CA LYS A 388 7.75 -45.98 14.84
C LYS A 388 7.61 -45.45 13.42
N MET A 389 7.33 -46.32 12.45
CA MET A 389 6.96 -45.85 11.11
C MET A 389 5.62 -45.14 11.13
N TRP A 390 4.68 -45.60 11.96
CA TRP A 390 3.41 -44.91 12.10
C TRP A 390 3.62 -43.48 12.57
N LEU A 391 4.43 -43.31 13.60
CA LEU A 391 4.78 -41.97 14.08
C LEU A 391 5.48 -41.17 13.01
N LEU A 392 6.42 -41.79 12.29
CA LEU A 392 7.18 -41.06 11.27
C LEU A 392 6.27 -40.62 10.12
N ARG A 393 5.25 -41.42 9.80
CA ARG A 393 4.31 -40.99 8.77
C ARG A 393 3.38 -39.90 9.27
N LYS A 394 2.91 -40.01 10.52
CA LYS A 394 2.15 -38.92 11.13
C LYS A 394 2.95 -37.63 11.11
N VAL A 395 4.27 -37.75 11.20
CA VAL A 395 5.15 -36.59 11.10
C VAL A 395 5.24 -36.11 9.66
N LEU A 396 5.84 -36.92 8.78
CA LEU A 396 6.25 -36.50 7.44
C LEU A 396 5.09 -36.40 6.46
N ALA A 397 3.86 -36.67 6.89
CA ALA A 397 2.73 -36.60 5.95
C ALA A 397 2.38 -35.17 5.58
N ASP A 398 3.05 -34.17 6.17
CA ASP A 398 2.63 -32.79 6.08
C ASP A 398 3.47 -31.92 5.15
N MET A 399 4.80 -31.91 5.34
CA MET A 399 5.65 -30.83 4.87
C MET A 399 5.85 -30.82 3.36
N ASP A 400 6.00 -29.61 2.81
CA ASP A 400 5.79 -29.30 1.40
C ASP A 400 6.83 -29.95 0.49
N PRO A 401 6.40 -30.40 -0.71
CA PRO A 401 7.22 -31.27 -1.59
C PRO A 401 8.62 -30.78 -1.96
N ALA A 402 8.74 -29.60 -2.57
CA ALA A 402 10.05 -29.15 -3.05
C ALA A 402 11.04 -28.99 -1.91
N GLU A 403 10.71 -28.11 -0.96
CA GLU A 403 11.51 -27.97 0.25
C GLU A 403 11.74 -29.33 0.90
N ALA A 404 10.69 -30.17 0.91
CA ALA A 404 10.91 -31.53 1.40
C ALA A 404 12.11 -32.15 0.72
N MET A 405 12.18 -32.05 -0.62
CA MET A 405 13.24 -32.78 -1.32
C MET A 405 14.62 -32.21 -1.05
N GLU A 406 14.78 -30.88 -1.17
CA GLU A 406 16.13 -30.37 -0.88
C GLU A 406 16.53 -30.57 0.59
N MET A 407 15.68 -30.18 1.53
CA MET A 407 16.15 -30.19 2.90
C MET A 407 16.23 -31.61 3.45
N LEU A 408 15.38 -32.54 2.96
CA LEU A 408 15.60 -33.94 3.27
C LEU A 408 16.90 -34.46 2.67
N LEU A 409 17.24 -34.04 1.44
CA LEU A 409 18.55 -34.37 0.89
C LEU A 409 19.65 -33.97 1.86
N ALA A 410 19.55 -32.74 2.38
CA ALA A 410 20.53 -32.26 3.35
C ALA A 410 20.53 -33.09 4.63
N ARG A 411 19.34 -33.45 5.14
CA ARG A 411 19.25 -34.11 6.43
C ARG A 411 19.67 -35.57 6.35
N LEU A 412 19.42 -36.23 5.24
CA LEU A 412 19.89 -37.60 5.06
C LEU A 412 21.31 -37.66 4.52
N ALA A 413 21.88 -36.52 4.13
CA ALA A 413 23.29 -36.50 3.79
C ALA A 413 24.18 -36.70 5.01
N ARG A 414 23.60 -36.65 6.22
CA ARG A 414 24.42 -36.70 7.43
C ARG A 414 25.03 -38.08 7.63
N THR A 415 24.18 -39.08 7.85
CA THR A 415 24.64 -40.35 8.38
C THR A 415 23.84 -41.49 7.76
N LYS A 416 24.18 -42.71 8.18
CA LYS A 416 23.50 -43.93 7.77
C LYS A 416 22.01 -43.86 8.11
N ASN A 417 21.19 -44.63 7.38
CA ASN A 417 19.74 -44.63 7.60
C ASN A 417 19.40 -44.94 9.05
N ASN A 418 19.94 -46.03 9.57
CA ASN A 418 19.74 -46.33 10.99
C ASN A 418 20.36 -45.25 11.85
N LYS A 419 21.56 -44.80 11.50
CA LYS A 419 22.20 -43.72 12.25
C LYS A 419 21.36 -42.46 12.22
N GLU A 420 20.79 -42.13 11.06
CA GLU A 420 19.90 -40.98 10.96
C GLU A 420 18.70 -41.16 11.88
N PHE A 421 18.09 -42.35 11.86
CA PHE A 421 16.98 -42.62 12.77
C PHE A 421 17.46 -42.64 14.21
N LEU A 422 18.63 -43.22 14.47
CA LEU A 422 19.19 -43.31 15.80
C LEU A 422 19.51 -41.92 16.35
N ARG B 62 32.59 -44.49 -70.51
CA ARG B 62 31.47 -43.67 -70.05
C ARG B 62 31.19 -43.88 -68.56
N LEU B 63 31.62 -42.92 -67.76
CA LEU B 63 31.50 -42.97 -66.31
C LEU B 63 30.10 -42.57 -65.88
N VAL B 64 29.52 -43.38 -64.98
CA VAL B 64 28.23 -43.11 -64.37
C VAL B 64 28.45 -42.93 -62.88
N LYS B 65 27.80 -41.92 -62.32
CA LYS B 65 28.13 -41.46 -60.98
C LYS B 65 26.84 -41.26 -60.21
N GLY B 66 26.94 -41.36 -58.89
CA GLY B 66 25.88 -40.88 -58.04
C GLY B 66 25.56 -41.85 -56.93
N TYR B 67 24.36 -41.71 -56.40
CA TYR B 67 23.91 -42.52 -55.27
C TYR B 67 23.04 -43.66 -55.78
N LEU B 68 23.26 -44.86 -55.26
CA LEU B 68 22.51 -46.03 -55.70
C LEU B 68 21.12 -46.05 -55.07
N GLU B 69 20.09 -46.11 -55.91
CA GLU B 69 18.71 -46.27 -55.46
C GLU B 69 18.20 -47.57 -56.05
N ILE B 70 18.28 -48.65 -55.27
CA ILE B 70 17.86 -49.95 -55.78
C ILE B 70 16.34 -49.96 -55.89
N SER B 71 15.84 -50.15 -57.11
CA SER B 71 14.40 -50.19 -57.31
C SER B 71 13.81 -51.46 -56.70
N GLN B 72 12.49 -51.44 -56.52
CA GLN B 72 11.83 -52.54 -55.83
C GLN B 72 11.78 -53.80 -56.69
N ASP B 73 11.88 -53.65 -58.01
CA ASP B 73 11.73 -54.78 -58.93
C ASP B 73 13.02 -55.58 -59.11
N GLY B 74 13.96 -55.46 -58.17
CA GLY B 74 15.18 -56.23 -58.23
C GLY B 74 16.32 -55.60 -58.99
N TYR B 75 16.06 -54.54 -59.75
CA TYR B 75 17.11 -53.78 -60.43
C TYR B 75 17.29 -52.45 -59.73
N GLY B 76 18.30 -51.70 -60.16
CA GLY B 76 18.64 -50.47 -59.48
C GLY B 76 18.68 -49.23 -60.36
N PHE B 77 18.98 -48.10 -59.73
CA PHE B 77 19.00 -46.77 -60.32
C PHE B 77 20.22 -46.03 -59.78
N LEU B 78 20.63 -44.98 -60.49
CA LEU B 78 21.67 -44.07 -60.01
C LEU B 78 21.10 -42.65 -60.01
N THR B 79 20.89 -42.12 -58.81
CA THR B 79 20.36 -40.78 -58.62
C THR B 79 21.47 -39.76 -58.51
N GLU B 80 21.16 -38.53 -58.89
CA GLU B 80 22.12 -37.46 -59.03
C GLU B 80 21.90 -36.37 -57.98
N ASN B 81 22.60 -35.26 -58.14
CA ASN B 81 22.55 -34.17 -57.17
C ASN B 81 21.20 -33.47 -57.12
N LEU B 82 20.30 -33.75 -58.07
CA LEU B 82 18.98 -33.16 -58.00
C LEU B 82 18.19 -33.63 -56.78
N HIS B 83 18.65 -34.70 -56.13
CA HIS B 83 18.12 -35.17 -54.85
C HIS B 83 16.66 -35.58 -55.00
N ASN B 84 16.40 -36.39 -56.02
CA ASN B 84 15.06 -36.91 -56.29
C ASN B 84 15.13 -38.01 -57.35
N LEU B 85 13.97 -38.46 -57.82
CA LEU B 85 13.96 -39.42 -58.92
C LEU B 85 14.41 -38.74 -60.21
N GLU B 86 15.59 -39.10 -60.70
CA GLU B 86 16.09 -38.59 -61.97
C GLU B 86 16.10 -39.70 -63.01
N SER B 87 16.42 -39.32 -64.25
CA SER B 87 16.53 -40.29 -65.33
C SER B 87 17.97 -40.72 -65.61
N ARG B 88 18.91 -40.34 -64.76
CA ARG B 88 20.32 -40.66 -64.97
C ARG B 88 20.65 -42.00 -64.34
N VAL B 89 19.64 -42.86 -64.29
CA VAL B 89 19.66 -44.06 -63.49
C VAL B 89 20.32 -45.20 -64.25
N ALA B 90 20.94 -46.11 -63.50
CA ALA B 90 21.62 -47.27 -64.05
C ALA B 90 21.19 -48.52 -63.31
N ILE B 91 21.03 -49.61 -64.05
CA ILE B 91 20.41 -50.84 -63.54
C ILE B 91 21.42 -51.61 -62.71
N VAL B 92 21.03 -51.99 -61.49
CA VAL B 92 21.79 -52.93 -60.69
C VAL B 92 20.88 -54.11 -60.33
N SER B 93 21.02 -55.22 -61.05
CA SER B 93 20.12 -56.34 -60.88
C SER B 93 20.30 -56.98 -59.52
N ALA B 94 19.32 -57.81 -59.15
CA ALA B 94 19.38 -58.51 -57.87
C ALA B 94 20.62 -59.39 -57.79
N GLY B 95 20.97 -60.06 -58.89
CA GLY B 95 22.19 -60.84 -58.90
C GLY B 95 23.42 -60.01 -58.61
N LEU B 96 23.49 -58.80 -59.19
CA LEU B 96 24.59 -57.89 -58.89
C LEU B 96 24.60 -57.55 -57.40
N ILE B 97 23.43 -57.29 -56.84
CA ILE B 97 23.31 -57.01 -55.41
C ILE B 97 23.90 -58.15 -54.60
N LYS B 98 23.55 -59.39 -54.97
CA LYS B 98 24.04 -60.54 -54.23
C LYS B 98 25.55 -60.69 -54.35
N GLN B 99 26.09 -60.57 -55.57
CA GLN B 99 27.48 -60.93 -55.79
C GLN B 99 28.43 -59.84 -55.29
N TYR B 100 28.06 -58.56 -55.40
CA TYR B 100 28.84 -57.52 -54.72
C TYR B 100 28.39 -57.27 -53.29
N ALA B 101 27.28 -57.85 -52.84
CA ALA B 101 26.73 -57.58 -51.51
C ALA B 101 26.51 -56.08 -51.29
N LEU B 102 26.23 -55.36 -52.37
CA LEU B 102 26.09 -53.91 -52.27
C LEU B 102 24.79 -53.51 -51.61
N ARG B 103 24.83 -52.35 -50.97
CA ARG B 103 23.65 -51.67 -50.46
C ARG B 103 23.35 -50.47 -51.33
N ALA B 104 22.08 -50.07 -51.36
CA ALA B 104 21.71 -48.83 -52.04
C ALA B 104 22.42 -47.65 -51.41
N GLY B 105 22.28 -46.48 -52.04
CA GLY B 105 22.75 -45.24 -51.47
C GLY B 105 24.26 -45.08 -51.45
N ASP B 106 25.00 -46.18 -51.62
CA ASP B 106 26.45 -46.11 -51.63
C ASP B 106 26.92 -45.22 -52.76
N TYR B 107 27.97 -44.45 -52.50
CA TYR B 107 28.54 -43.51 -53.46
C TYR B 107 29.16 -44.33 -54.59
N VAL B 108 28.42 -44.46 -55.70
CA VAL B 108 28.75 -45.40 -56.76
C VAL B 108 29.31 -44.64 -57.94
N VAL B 109 30.49 -45.09 -58.41
CA VAL B 109 31.07 -44.67 -59.67
C VAL B 109 31.37 -45.94 -60.47
N GLY B 110 30.84 -46.01 -61.68
CA GLY B 110 30.89 -47.25 -62.43
C GLY B 110 30.87 -47.04 -63.92
N GLN B 111 30.99 -48.14 -64.64
CA GLN B 111 30.81 -48.12 -66.09
C GLN B 111 29.48 -48.76 -66.47
N ALA B 112 28.77 -48.11 -67.38
CA ALA B 112 27.47 -48.57 -67.82
C ALA B 112 27.39 -48.50 -69.34
N ARG B 113 26.27 -49.00 -69.88
CA ARG B 113 26.03 -48.95 -71.30
C ARG B 113 24.67 -48.31 -71.57
N PRO B 114 24.50 -47.65 -72.71
CA PRO B 114 23.24 -46.96 -72.97
C PRO B 114 22.12 -47.96 -73.14
N PRO B 115 20.88 -47.54 -72.87
CA PRO B 115 19.74 -48.45 -73.03
C PRO B 115 19.60 -48.92 -74.47
N ARG B 116 19.17 -50.17 -74.63
CA ARG B 116 19.06 -50.76 -75.95
C ARG B 116 17.71 -50.42 -76.57
N GLU B 117 17.45 -51.01 -77.74
CA GLU B 117 16.13 -50.88 -78.36
C GLU B 117 15.08 -51.56 -77.48
N ASN B 118 13.94 -50.89 -77.32
CA ASN B 118 12.80 -51.30 -76.51
C ASN B 118 13.14 -51.21 -75.01
N GLU B 119 14.39 -50.90 -74.66
CA GLU B 119 14.82 -50.80 -73.28
C GLU B 119 15.11 -49.33 -72.98
N ARG B 120 14.71 -48.88 -71.80
CA ARG B 120 14.57 -47.45 -71.54
C ARG B 120 15.59 -46.88 -70.56
N TYR B 121 16.32 -47.72 -69.82
CA TYR B 121 17.20 -47.22 -68.77
C TYR B 121 18.57 -47.88 -68.90
N ALA B 122 19.61 -47.08 -68.66
CA ALA B 122 20.98 -47.55 -68.85
C ALA B 122 21.28 -48.74 -67.96
N THR B 123 22.03 -49.69 -68.51
CA THR B 123 22.39 -50.92 -67.82
C THR B 123 23.86 -50.89 -67.42
N LEU B 124 24.14 -51.33 -66.20
CA LEU B 124 25.49 -51.27 -65.66
C LEU B 124 26.39 -52.27 -66.36
N LEU B 125 27.66 -51.88 -66.55
CA LEU B 125 28.65 -52.78 -67.10
C LEU B 125 29.56 -53.35 -66.01
N LYS B 126 30.11 -52.49 -65.16
CA LYS B 126 30.99 -52.95 -64.09
C LYS B 126 31.12 -51.86 -63.03
N VAL B 127 31.41 -52.30 -61.80
CA VAL B 127 31.60 -51.40 -60.67
C VAL B 127 33.09 -51.20 -60.44
N GLU B 128 33.51 -49.95 -60.27
CA GLU B 128 34.89 -49.62 -59.99
C GLU B 128 35.08 -48.90 -58.66
N ALA B 129 34.25 -47.90 -58.35
CA ALA B 129 34.40 -47.16 -57.11
C ALA B 129 33.10 -47.24 -56.34
N VAL B 130 33.19 -47.58 -55.06
CA VAL B 130 32.04 -47.58 -54.15
C VAL B 130 32.44 -46.84 -52.89
N ASN B 131 31.70 -45.77 -52.58
CA ASN B 131 32.03 -44.89 -51.47
C ASN B 131 33.49 -44.47 -51.52
N ASN B 132 33.95 -44.13 -52.72
CA ASN B 132 35.34 -43.77 -53.02
C ASN B 132 36.31 -44.90 -52.70
N LEU B 133 35.83 -46.14 -52.66
CA LEU B 133 36.66 -47.30 -52.31
C LEU B 133 36.44 -48.41 -53.34
N ASP B 134 37.43 -49.28 -53.45
CA ASP B 134 37.31 -50.42 -54.33
C ASP B 134 36.25 -51.38 -53.81
N PRO B 135 35.56 -52.07 -54.72
CA PRO B 135 34.50 -53.01 -54.28
C PRO B 135 35.01 -54.14 -53.41
N GLU B 136 36.26 -54.56 -53.59
CA GLU B 136 36.77 -55.72 -52.86
C GLU B 136 36.76 -55.47 -51.35
N ALA B 137 37.19 -54.27 -50.93
CA ALA B 137 37.06 -53.89 -49.54
C ALA B 137 35.60 -53.73 -49.15
N ALA B 138 34.74 -53.34 -50.11
CA ALA B 138 33.33 -53.15 -49.81
C ALA B 138 32.64 -54.46 -49.46
N LYS B 139 33.07 -55.57 -50.08
CA LYS B 139 32.52 -56.86 -49.66
C LYS B 139 32.87 -57.18 -48.22
N ASN B 140 34.01 -56.67 -47.74
CA ASN B 140 34.49 -56.96 -46.39
C ASN B 140 34.35 -55.69 -45.54
N ARG B 141 33.19 -55.52 -44.92
CA ARG B 141 32.95 -54.39 -44.05
C ARG B 141 31.80 -54.73 -43.12
N PRO B 142 31.87 -54.38 -41.83
CA PRO B 142 30.76 -54.67 -40.93
C PRO B 142 29.52 -53.87 -41.31
N ARG B 143 28.36 -54.50 -41.19
CA ARG B 143 27.12 -53.79 -41.41
C ARG B 143 26.75 -52.98 -40.17
N PHE B 144 25.83 -52.04 -40.36
CA PHE B 144 25.62 -50.99 -39.38
C PHE B 144 25.02 -51.52 -38.08
N ASP B 145 24.22 -52.59 -38.17
CA ASP B 145 23.36 -52.94 -37.05
C ASP B 145 24.13 -53.36 -35.81
N GLU B 146 25.24 -54.08 -35.96
CA GLU B 146 25.98 -54.60 -34.81
C GLU B 146 26.98 -53.59 -34.27
N LEU B 147 27.11 -52.42 -34.89
CA LEU B 147 28.11 -51.47 -34.46
C LEU B 147 27.85 -51.01 -33.03
N THR B 148 28.89 -51.03 -32.22
CA THR B 148 28.74 -50.75 -30.80
C THR B 148 28.53 -49.26 -30.57
N PRO B 149 27.40 -48.85 -30.02
CA PRO B 149 27.19 -47.42 -29.74
C PRO B 149 27.59 -47.06 -28.32
N GLN B 150 28.09 -45.84 -28.18
CA GLN B 150 28.37 -45.25 -26.88
C GLN B 150 27.61 -43.95 -26.75
N PHE B 151 27.88 -43.27 -25.75
CA PHE B 151 27.37 -41.91 -25.68
C PHE B 151 28.37 -40.96 -26.33
N PRO B 152 27.89 -39.80 -26.79
CA PRO B 152 28.78 -38.85 -27.46
C PRO B 152 29.99 -38.49 -26.60
N ASP B 153 31.14 -38.33 -27.25
CA ASP B 153 32.37 -38.03 -26.56
C ASP B 153 33.12 -36.83 -27.11
N ARG B 154 32.81 -36.39 -28.33
CA ARG B 154 33.55 -35.31 -28.98
C ARG B 154 32.62 -34.11 -29.12
N GLN B 155 32.72 -33.20 -28.17
CA GLN B 155 31.93 -31.97 -28.20
C GLN B 155 32.46 -31.04 -29.28
N ILE B 156 31.68 -29.99 -29.56
CA ILE B 156 32.03 -28.98 -30.55
C ILE B 156 31.92 -27.61 -29.90
N ARG B 157 33.05 -26.90 -29.83
CA ARG B 157 33.03 -25.54 -29.31
C ARG B 157 32.34 -24.61 -30.30
N LEU B 158 31.51 -23.71 -29.78
CA LEU B 158 30.72 -22.79 -30.60
C LEU B 158 30.77 -21.38 -30.02
N GLU B 159 31.74 -20.59 -30.48
CA GLU B 159 31.68 -19.13 -30.35
C GLU B 159 31.85 -18.57 -31.75
N THR B 160 30.76 -18.10 -32.34
CA THR B 160 30.78 -17.59 -33.69
C THR B 160 30.68 -16.06 -33.66
N THR B 161 31.51 -15.41 -34.47
CA THR B 161 31.56 -13.95 -34.50
C THR B 161 30.22 -13.29 -34.82
N PRO B 162 29.41 -13.78 -35.78
CA PRO B 162 28.12 -13.10 -36.03
C PRO B 162 27.21 -13.06 -34.83
N ASP B 163 26.85 -14.22 -34.26
CA ASP B 163 25.98 -14.26 -33.08
C ASP B 163 26.60 -15.25 -32.10
N GLU B 164 27.52 -14.76 -31.28
CA GLU B 164 28.09 -15.59 -30.23
C GLU B 164 27.10 -15.81 -29.10
N LEU B 165 26.08 -14.98 -28.98
CA LEU B 165 25.11 -15.14 -27.89
C LEU B 165 24.31 -16.42 -28.05
N SER B 166 23.76 -16.65 -29.24
CA SER B 166 22.94 -17.84 -29.44
C SER B 166 23.78 -19.11 -29.27
N THR B 167 24.95 -19.16 -29.90
CA THR B 167 25.80 -20.33 -29.78
C THR B 167 26.30 -20.51 -28.36
N ARG B 168 26.53 -19.41 -27.65
CA ARG B 168 26.93 -19.49 -26.26
C ARG B 168 25.82 -20.09 -25.39
N VAL B 169 24.58 -19.64 -25.60
CA VAL B 169 23.45 -20.22 -24.89
C VAL B 169 23.37 -21.72 -25.21
N ILE B 170 23.58 -22.07 -26.47
CA ILE B 170 23.54 -23.46 -26.88
C ILE B 170 24.58 -24.27 -26.11
N ASP B 171 25.82 -23.80 -26.09
CA ASP B 171 26.89 -24.53 -25.43
C ASP B 171 26.62 -24.67 -23.95
N LEU B 172 26.17 -23.60 -23.30
CA LEU B 172 25.93 -23.67 -21.86
C LEU B 172 24.76 -24.58 -21.53
N LEU B 173 23.71 -24.59 -22.36
CA LEU B 173 22.51 -25.35 -22.07
C LEU B 173 22.52 -26.72 -22.74
N ALA B 174 22.87 -26.80 -24.01
CA ALA B 174 22.86 -28.04 -24.77
C ALA B 174 24.21 -28.21 -25.44
N PRO B 175 25.24 -28.61 -24.70
CA PRO B 175 26.51 -28.93 -25.33
C PRO B 175 26.32 -29.99 -26.40
N ILE B 176 26.99 -29.80 -27.52
CA ILE B 176 26.78 -30.64 -28.71
C ILE B 176 28.00 -31.51 -28.91
N GLY B 177 27.76 -32.82 -28.97
CA GLY B 177 28.83 -33.77 -29.22
C GLY B 177 28.53 -34.62 -30.43
N ARG B 178 29.55 -35.27 -30.96
CA ARG B 178 29.39 -36.06 -32.16
C ARG B 178 28.55 -37.29 -31.87
N GLY B 179 27.56 -37.56 -32.71
CA GLY B 179 26.62 -38.65 -32.49
C GLY B 179 25.41 -38.31 -31.65
N GLN B 180 25.22 -37.04 -31.28
CA GLN B 180 24.12 -36.65 -30.42
C GLN B 180 22.78 -36.82 -31.12
N ARG B 181 21.77 -37.22 -30.35
CA ARG B 181 20.37 -37.18 -30.80
C ARG B 181 19.67 -36.09 -30.01
N GLY B 182 19.67 -34.88 -30.56
CA GLY B 182 19.05 -33.74 -29.92
C GLY B 182 17.67 -33.44 -30.46
N LEU B 183 17.09 -32.34 -29.97
CA LEU B 183 15.77 -31.91 -30.40
C LEU B 183 15.53 -30.47 -29.98
N ILE B 184 14.73 -29.76 -30.76
CA ILE B 184 14.20 -28.45 -30.40
C ILE B 184 12.71 -28.44 -30.67
N VAL B 185 11.94 -27.93 -29.71
CA VAL B 185 10.48 -28.03 -29.74
C VAL B 185 9.86 -26.64 -29.61
N ALA B 186 8.83 -26.37 -30.42
CA ALA B 186 8.08 -25.11 -30.41
C ALA B 186 6.93 -25.18 -31.42
N PRO B 187 5.90 -24.36 -31.27
CA PRO B 187 4.79 -24.36 -32.25
C PRO B 187 5.25 -23.91 -33.63
N PRO B 188 4.36 -23.86 -34.62
CA PRO B 188 4.76 -23.37 -35.94
C PRO B 188 5.19 -21.92 -35.90
N LYS B 189 6.07 -21.56 -36.86
CA LYS B 189 6.57 -20.19 -36.98
C LYS B 189 7.20 -19.73 -35.67
N ALA B 190 8.08 -20.57 -35.12
CA ALA B 190 8.53 -20.36 -33.75
C ALA B 190 10.04 -20.52 -33.62
N GLY B 191 10.79 -19.81 -34.45
CA GLY B 191 12.19 -19.59 -34.15
C GLY B 191 13.13 -20.72 -34.48
N LYS B 192 12.78 -21.59 -35.44
CA LYS B 192 13.57 -22.80 -35.64
C LYS B 192 14.56 -22.67 -36.80
N THR B 193 14.06 -22.32 -37.98
CA THR B 193 14.84 -22.53 -39.20
C THR B 193 16.11 -21.68 -39.24
N THR B 194 16.02 -20.40 -38.91
CA THR B 194 17.23 -19.58 -39.03
C THR B 194 18.19 -19.87 -37.89
N LEU B 195 17.69 -20.36 -36.76
CA LEU B 195 18.59 -20.89 -35.75
C LEU B 195 19.33 -22.12 -36.25
N LEU B 196 18.63 -22.98 -36.98
CA LEU B 196 19.27 -24.11 -37.64
C LEU B 196 20.34 -23.61 -38.61
N LYS B 197 20.03 -22.53 -39.33
CA LYS B 197 21.01 -21.87 -40.18
C LYS B 197 22.24 -21.45 -39.38
N LYS B 198 22.02 -20.80 -38.23
CA LYS B 198 23.14 -20.33 -37.42
C LYS B 198 24.03 -21.48 -36.99
N ILE B 199 23.43 -22.55 -36.47
CA ILE B 199 24.23 -23.65 -35.96
C ILE B 199 24.94 -24.36 -37.12
N ALA B 200 24.29 -24.45 -38.28
CA ALA B 200 24.93 -25.04 -39.43
C ALA B 200 26.15 -24.23 -39.85
N ASN B 201 26.01 -22.89 -39.87
CA ASN B 201 27.14 -22.05 -40.23
C ASN B 201 28.28 -22.19 -39.22
N ALA B 202 27.94 -22.23 -37.94
CA ALA B 202 28.96 -22.38 -36.91
C ALA B 202 29.70 -23.71 -37.07
N VAL B 203 28.96 -24.76 -37.40
CA VAL B 203 29.58 -26.06 -37.66
C VAL B 203 30.48 -25.99 -38.88
N LEU B 204 30.05 -25.24 -39.91
CA LEU B 204 30.83 -25.10 -41.13
C LEU B 204 32.20 -24.49 -40.87
N LYS B 205 32.38 -23.81 -39.75
CA LYS B 205 33.67 -23.24 -39.38
C LYS B 205 34.38 -24.08 -38.34
N ASN B 206 33.68 -24.46 -37.26
CA ASN B 206 34.34 -25.19 -36.18
C ASN B 206 34.69 -26.61 -36.59
N GLU B 207 33.83 -27.27 -37.36
CA GLU B 207 34.06 -28.64 -37.80
C GLU B 207 33.84 -28.74 -39.30
N PRO B 208 34.74 -28.16 -40.10
CA PRO B 208 34.63 -28.32 -41.56
C PRO B 208 34.78 -29.75 -42.01
N ASP B 209 35.43 -30.60 -41.21
CA ASP B 209 35.66 -31.99 -41.60
C ASP B 209 34.37 -32.77 -41.69
N ILE B 210 33.39 -32.47 -40.83
CA ILE B 210 32.18 -33.27 -40.77
C ILE B 210 31.33 -33.01 -41.99
N LYS B 211 30.84 -34.07 -42.61
CA LYS B 211 29.94 -33.97 -43.75
C LYS B 211 28.56 -33.57 -43.25
N VAL B 212 28.18 -32.31 -43.44
CA VAL B 212 26.98 -31.74 -42.86
C VAL B 212 25.88 -31.73 -43.90
N ILE B 213 24.72 -32.28 -43.54
CA ILE B 213 23.61 -32.45 -44.48
C ILE B 213 22.35 -31.87 -43.86
N VAL B 214 21.55 -31.22 -44.69
CA VAL B 214 20.32 -30.55 -44.26
C VAL B 214 19.17 -31.09 -45.09
N LEU B 215 18.10 -31.50 -44.42
CA LEU B 215 16.90 -31.99 -45.08
C LEU B 215 15.71 -31.12 -44.70
N LEU B 216 14.95 -30.70 -45.71
CA LEU B 216 13.79 -29.83 -45.55
C LEU B 216 12.57 -30.61 -45.97
N ILE B 217 11.58 -30.73 -45.09
CA ILE B 217 10.35 -31.45 -45.37
C ILE B 217 9.16 -30.55 -45.10
N ASP B 218 8.29 -30.41 -46.09
CA ASP B 218 6.98 -29.80 -45.91
C ASP B 218 7.08 -28.33 -45.52
N GLU B 219 7.84 -27.55 -46.30
CA GLU B 219 8.03 -26.13 -46.04
C GLU B 219 7.93 -25.33 -47.33
N ARG B 220 7.98 -24.02 -47.18
CA ARG B 220 7.73 -23.10 -48.28
C ARG B 220 8.94 -23.03 -49.20
N PRO B 221 8.75 -23.05 -50.52
CA PRO B 221 9.90 -23.09 -51.44
C PRO B 221 10.82 -21.88 -51.33
N GLU B 222 10.31 -20.71 -50.96
CA GLU B 222 11.18 -19.54 -50.85
C GLU B 222 12.19 -19.73 -49.73
N GLU B 223 11.76 -20.32 -48.61
CA GLU B 223 12.70 -20.67 -47.55
C GLU B 223 13.72 -21.69 -48.05
N VAL B 224 13.27 -22.67 -48.83
CA VAL B 224 14.18 -23.64 -49.41
C VAL B 224 15.27 -22.92 -50.19
N THR B 225 14.88 -22.08 -51.15
CA THR B 225 15.88 -21.42 -51.97
C THR B 225 16.80 -20.58 -51.12
N ASP B 226 16.23 -19.78 -50.21
CA ASP B 226 17.00 -18.85 -49.38
C ASP B 226 18.09 -19.59 -48.60
N PHE B 227 17.70 -20.65 -47.88
CA PHE B 227 18.71 -21.39 -47.14
C PHE B 227 19.69 -22.03 -48.09
N ARG B 228 19.22 -22.40 -49.29
CA ARG B 228 20.12 -22.98 -50.28
C ARG B 228 21.29 -22.06 -50.60
N GLU B 229 21.03 -20.78 -50.89
CA GLU B 229 22.19 -19.94 -51.18
C GLU B 229 22.91 -19.61 -49.88
N SER B 230 22.16 -19.44 -48.79
CA SER B 230 22.76 -18.89 -47.59
C SER B 230 23.46 -19.94 -46.75
N VAL B 231 23.40 -21.21 -47.16
CA VAL B 231 24.15 -22.25 -46.45
C VAL B 231 25.59 -22.31 -46.94
N GLN B 232 25.93 -21.56 -48.00
CA GLN B 232 27.28 -21.55 -48.58
C GLN B 232 27.66 -22.92 -49.15
N GLY B 233 26.75 -23.50 -49.92
CA GLY B 233 27.04 -24.68 -50.69
C GLY B 233 26.96 -26.00 -49.94
N ALA B 234 26.69 -25.98 -48.65
CA ALA B 234 26.62 -27.24 -47.90
C ALA B 234 25.40 -28.05 -48.33
N GLU B 235 25.40 -29.33 -47.98
CA GLU B 235 24.44 -30.30 -48.52
C GLU B 235 23.04 -29.98 -48.00
N VAL B 236 22.21 -29.41 -48.85
CA VAL B 236 20.84 -29.05 -48.49
C VAL B 236 19.89 -29.88 -49.33
N ILE B 237 18.98 -30.58 -48.67
CA ILE B 237 17.96 -31.38 -49.33
C ILE B 237 16.62 -30.81 -48.90
N ALA B 238 15.63 -30.88 -49.80
CA ALA B 238 14.35 -30.24 -49.53
C ALA B 238 13.21 -31.06 -50.11
N SER B 239 12.03 -30.88 -49.49
CA SER B 239 10.79 -31.44 -50.02
C SER B 239 9.65 -30.57 -49.50
N THR B 240 9.14 -29.69 -50.34
CA THR B 240 8.16 -28.71 -49.91
C THR B 240 6.82 -29.39 -49.62
N PHE B 241 5.97 -28.67 -48.88
CA PHE B 241 4.62 -29.15 -48.66
C PHE B 241 3.82 -29.22 -49.96
N ASP B 242 4.24 -28.49 -50.99
CA ASP B 242 3.58 -28.59 -52.28
C ASP B 242 3.67 -30.01 -52.82
N GLU B 243 4.77 -30.69 -52.52
CA GLU B 243 5.03 -32.00 -53.06
C GLU B 243 4.06 -33.04 -52.50
N PRO B 244 3.78 -34.09 -53.27
CA PRO B 244 2.99 -35.19 -52.74
C PRO B 244 3.73 -35.90 -51.62
N PRO B 245 3.00 -36.53 -50.69
CA PRO B 245 3.67 -37.17 -49.54
C PRO B 245 4.66 -38.24 -49.93
N GLN B 246 4.43 -38.90 -51.06
CA GLN B 246 5.31 -40.00 -51.48
C GLN B 246 6.72 -39.50 -51.74
N ASN B 247 6.85 -38.34 -52.38
CA ASN B 247 8.16 -37.75 -52.56
C ASN B 247 8.81 -37.42 -51.23
N HIS B 248 8.02 -36.91 -50.28
CA HIS B 248 8.52 -36.65 -48.94
C HIS B 248 9.15 -37.91 -48.36
N ILE B 249 8.42 -39.02 -48.39
CA ILE B 249 8.92 -40.28 -47.84
C ILE B 249 10.17 -40.73 -48.57
N ARG B 250 10.12 -40.69 -49.91
CA ARG B 250 11.25 -41.14 -50.70
C ARG B 250 12.51 -40.39 -50.32
N VAL B 251 12.43 -39.06 -50.33
CA VAL B 251 13.60 -38.24 -50.04
C VAL B 251 14.08 -38.49 -48.62
N ALA B 252 13.15 -38.53 -47.66
CA ALA B 252 13.55 -38.66 -46.26
C ALA B 252 14.28 -39.98 -46.02
N GLU B 253 13.67 -41.09 -46.42
CA GLU B 253 14.31 -42.38 -46.17
C GLU B 253 15.56 -42.57 -47.01
N PHE B 254 15.61 -41.98 -48.20
CA PHE B 254 16.77 -42.10 -49.06
C PHE B 254 17.96 -41.36 -48.45
N VAL B 255 17.71 -40.18 -47.88
CA VAL B 255 18.73 -39.49 -47.10
C VAL B 255 19.13 -40.33 -45.89
N HIS B 256 18.14 -40.91 -45.21
CA HIS B 256 18.42 -41.78 -44.08
C HIS B 256 19.45 -42.84 -44.47
N GLU B 257 19.20 -43.54 -45.56
CA GLU B 257 20.01 -44.69 -45.90
C GLU B 257 21.39 -44.29 -46.43
N ARG B 258 21.48 -43.19 -47.19
CA ARG B 258 22.81 -42.74 -47.56
C ARG B 258 23.61 -42.41 -46.31
N ALA B 259 22.98 -41.72 -45.35
CA ALA B 259 23.69 -41.39 -44.11
C ALA B 259 24.10 -42.65 -43.37
N LYS B 260 23.24 -43.68 -43.39
CA LYS B 260 23.62 -44.95 -42.78
C LYS B 260 24.91 -45.48 -43.36
N ARG B 261 24.99 -45.57 -44.70
CA ARG B 261 26.23 -46.06 -45.30
C ARG B 261 27.40 -45.13 -45.04
N ILE B 262 27.16 -43.82 -44.99
CA ILE B 262 28.27 -42.88 -44.82
C ILE B 262 28.88 -43.01 -43.43
N VAL B 263 28.03 -43.06 -42.40
CA VAL B 263 28.54 -43.32 -41.06
C VAL B 263 29.14 -44.72 -40.97
N GLU B 264 28.64 -45.66 -41.78
CA GLU B 264 29.14 -47.02 -41.76
C GLU B 264 30.63 -47.09 -42.05
N GLU B 265 31.19 -46.06 -42.70
CA GLU B 265 32.61 -46.02 -43.01
C GLU B 265 33.39 -45.24 -41.96
N GLY B 266 32.92 -45.24 -40.72
CA GLY B 266 33.57 -44.48 -39.68
C GLY B 266 33.52 -42.99 -39.89
N GLY B 267 32.47 -42.49 -40.52
CA GLY B 267 32.37 -41.07 -40.78
C GLY B 267 31.48 -40.36 -39.78
N HIS B 268 31.79 -39.08 -39.58
CA HIS B 268 30.99 -38.20 -38.76
C HIS B 268 30.02 -37.47 -39.67
N VAL B 269 28.72 -37.62 -39.40
CA VAL B 269 27.67 -37.08 -40.26
C VAL B 269 26.75 -36.23 -39.40
N MET B 270 26.60 -34.97 -39.81
CA MET B 270 25.70 -34.03 -39.15
C MET B 270 24.46 -33.87 -40.03
N ILE B 271 23.31 -34.28 -39.49
CA ILE B 271 22.05 -34.25 -40.22
C ILE B 271 21.18 -33.16 -39.63
N LEU B 272 20.87 -32.16 -40.44
CA LEU B 272 20.04 -31.03 -40.00
C LEU B 272 18.65 -31.25 -40.60
N LEU B 273 17.82 -32.01 -39.90
CA LEU B 273 16.48 -32.29 -40.38
C LEU B 273 15.57 -31.14 -39.98
N ASP B 274 14.90 -30.56 -40.97
CA ASP B 274 13.85 -29.60 -40.66
C ASP B 274 12.60 -30.33 -40.19
N SER B 275 12.03 -29.82 -39.09
CA SER B 275 10.64 -30.11 -38.75
C SER B 275 10.36 -31.57 -38.48
N ILE B 276 10.97 -32.13 -37.45
CA ILE B 276 10.76 -33.53 -37.10
C ILE B 276 9.29 -33.82 -36.82
N THR B 277 8.60 -32.94 -36.12
CA THR B 277 7.19 -33.23 -35.85
C THR B 277 6.29 -32.70 -36.95
N ARG B 278 6.73 -31.67 -37.68
CA ARG B 278 6.04 -31.38 -38.93
C ARG B 278 6.30 -32.51 -39.91
N LEU B 279 7.46 -33.15 -39.81
CA LEU B 279 7.64 -34.44 -40.48
C LEU B 279 6.63 -35.45 -39.97
N ALA B 280 6.35 -35.44 -38.67
CA ALA B 280 5.38 -36.38 -38.12
C ALA B 280 3.99 -36.12 -38.68
N ARG B 281 3.60 -34.84 -38.74
CA ARG B 281 2.31 -34.48 -39.33
C ARG B 281 2.27 -34.85 -40.80
N ALA B 282 3.37 -34.57 -41.52
CA ALA B 282 3.46 -34.93 -42.93
C ALA B 282 3.43 -36.45 -43.10
N ASN B 283 3.87 -37.19 -42.08
CA ASN B 283 3.83 -38.64 -42.13
C ASN B 283 2.44 -39.16 -41.84
N ASN B 284 1.71 -38.46 -40.97
CA ASN B 284 0.30 -38.76 -40.75
C ASN B 284 -0.47 -38.55 -42.05
N LEU B 285 -0.16 -37.47 -42.75
CA LEU B 285 -0.67 -37.29 -44.10
C LEU B 285 -0.18 -38.40 -45.01
N VAL B 286 1.07 -38.81 -44.85
CA VAL B 286 1.61 -39.99 -45.54
C VAL B 286 0.83 -41.23 -45.12
N THR B 287 0.60 -41.38 -43.82
CA THR B 287 0.01 -42.57 -43.23
C THR B 287 -1.32 -42.90 -43.87
N PRO B 288 -1.38 -43.93 -44.72
CA PRO B 288 -2.65 -44.28 -45.35
C PRO B 288 -3.57 -45.02 -44.39
N PRO B 289 -3.10 -46.09 -43.68
CA PRO B 289 -3.72 -46.40 -42.39
C PRO B 289 -2.72 -46.71 -41.28
N THR B 290 -1.90 -47.75 -41.49
CA THR B 290 -0.79 -48.24 -40.65
C THR B 290 -1.27 -48.82 -39.31
N GLY B 291 -2.57 -48.88 -39.07
CA GLY B 291 -3.04 -49.58 -37.88
C GLY B 291 -4.25 -49.00 -37.19
N ARG B 292 -4.28 -49.13 -35.86
CA ARG B 292 -5.45 -48.81 -35.05
C ARG B 292 -5.33 -47.41 -34.48
N THR B 293 -6.46 -46.70 -34.45
CA THR B 293 -6.49 -45.28 -34.14
C THR B 293 -6.04 -45.02 -32.71
N LEU B 294 -4.92 -44.33 -32.57
CA LEU B 294 -4.50 -43.79 -31.30
C LEU B 294 -5.23 -42.48 -31.01
N SER B 295 -5.03 -41.97 -29.80
CA SER B 295 -5.62 -40.69 -29.43
C SER B 295 -5.07 -39.58 -30.33
N GLY B 296 -5.97 -38.74 -30.83
CA GLY B 296 -5.61 -37.64 -31.69
C GLY B 296 -5.62 -37.94 -33.18
N GLY B 297 -5.93 -39.17 -33.56
CA GLY B 297 -5.97 -39.56 -34.95
C GLY B 297 -4.78 -40.37 -35.44
N LEU B 298 -3.77 -40.58 -34.60
CA LEU B 298 -2.65 -41.43 -34.96
C LEU B 298 -3.08 -42.90 -35.04
N ASP B 299 -2.32 -43.67 -35.81
CA ASP B 299 -2.49 -45.11 -35.83
C ASP B 299 -1.25 -45.80 -35.29
N SER B 300 -1.28 -47.13 -35.30
CA SER B 300 -0.32 -47.93 -34.55
C SER B 300 1.10 -47.74 -35.07
N ALA B 301 1.37 -48.18 -36.29
CA ALA B 301 2.73 -48.35 -36.77
C ALA B 301 3.23 -47.19 -37.63
N ALA B 302 2.60 -46.02 -37.52
CA ALA B 302 3.07 -44.87 -38.27
C ALA B 302 4.48 -44.48 -37.82
N LEU B 303 4.73 -44.54 -36.52
CA LEU B 303 5.95 -44.05 -35.91
C LEU B 303 7.20 -44.82 -36.32
N TYR B 304 7.06 -46.11 -36.62
CA TYR B 304 8.22 -46.98 -36.69
C TYR B 304 9.23 -46.47 -37.72
N PHE B 305 8.75 -46.13 -38.92
CA PHE B 305 9.65 -45.57 -39.92
C PHE B 305 10.23 -44.24 -39.45
N PRO B 306 9.45 -43.29 -38.92
CA PRO B 306 10.08 -42.14 -38.24
C PRO B 306 10.92 -42.54 -37.05
N LYS B 307 10.52 -43.56 -36.30
CA LYS B 307 11.33 -43.93 -35.12
C LYS B 307 12.61 -44.64 -35.53
N ARG B 308 12.54 -45.56 -36.49
CA ARG B 308 13.75 -46.14 -37.05
C ARG B 308 14.60 -45.06 -37.69
N PHE B 309 13.95 -43.99 -38.17
CA PHE B 309 14.65 -42.89 -38.80
C PHE B 309 15.44 -42.07 -37.78
N LEU B 310 14.80 -41.71 -36.67
CA LEU B 310 15.40 -40.78 -35.72
C LEU B 310 16.32 -41.52 -34.75
N GLY B 311 15.89 -42.67 -34.24
CA GLY B 311 16.72 -43.43 -33.32
C GLY B 311 18.03 -43.87 -33.90
N ALA B 312 18.18 -43.84 -35.23
CA ALA B 312 19.44 -44.17 -35.86
C ALA B 312 20.56 -43.24 -35.37
N ALA B 313 20.21 -42.04 -34.92
CA ALA B 313 21.20 -41.15 -34.33
C ALA B 313 21.85 -41.82 -33.14
N ARG B 314 23.19 -41.81 -33.12
CA ARG B 314 23.93 -42.57 -32.13
C ARG B 314 25.40 -42.20 -32.20
N ASN B 315 26.09 -42.40 -31.10
CA ASN B 315 27.55 -42.29 -31.04
C ASN B 315 28.12 -43.69 -31.06
N ILE B 316 28.92 -43.99 -32.08
CA ILE B 316 29.46 -45.33 -32.31
C ILE B 316 30.88 -45.38 -31.81
N ARG B 317 31.21 -46.47 -31.11
CA ARG B 317 32.55 -46.67 -30.57
C ARG B 317 33.61 -46.83 -31.64
N GLY B 318 33.26 -47.38 -32.80
CA GLY B 318 34.22 -47.72 -33.81
C GLY B 318 34.72 -46.57 -34.66
N GLY B 319 34.37 -45.35 -34.33
CA GLY B 319 34.79 -44.19 -35.09
C GLY B 319 33.64 -43.55 -35.84
N GLY B 320 33.87 -42.32 -36.26
CA GLY B 320 32.81 -41.55 -36.89
C GLY B 320 31.73 -41.21 -35.87
N SER B 321 30.64 -40.68 -36.38
CA SER B 321 29.48 -40.35 -35.55
C SER B 321 28.30 -40.04 -36.45
N LEU B 322 27.13 -39.95 -35.84
CA LEU B 322 25.92 -39.53 -36.54
C LEU B 322 25.14 -38.64 -35.59
N THR B 323 25.33 -37.33 -35.71
CA THR B 323 24.58 -36.37 -34.91
C THR B 323 23.47 -35.80 -35.75
N ILE B 324 22.23 -36.00 -35.30
CA ILE B 324 21.05 -35.52 -36.01
C ILE B 324 20.33 -34.52 -35.10
N LEU B 325 20.16 -33.30 -35.60
CA LEU B 325 19.33 -32.31 -34.93
C LEU B 325 18.13 -32.00 -35.80
N ALA B 326 16.95 -32.01 -35.19
CA ALA B 326 15.71 -31.76 -35.89
C ALA B 326 14.80 -30.91 -35.03
N THR B 327 13.86 -30.24 -35.69
CA THR B 327 13.02 -29.23 -35.07
C THR B 327 11.61 -29.80 -34.87
N ALA B 328 11.07 -29.64 -33.67
CA ALA B 328 9.78 -30.23 -33.32
C ALA B 328 8.72 -29.16 -33.14
N LEU B 329 7.54 -29.41 -33.71
CA LEU B 329 6.39 -28.53 -33.56
C LEU B 329 5.46 -29.09 -32.49
N VAL B 330 5.12 -28.26 -31.51
CA VAL B 330 4.35 -28.68 -30.35
C VAL B 330 3.33 -27.58 -30.06
N GLU B 331 2.42 -27.86 -29.14
CA GLU B 331 1.47 -26.86 -28.64
C GLU B 331 0.60 -26.32 -29.76
N THR B 332 0.23 -27.20 -30.68
CA THR B 332 -0.62 -26.83 -31.81
C THR B 332 -2.10 -27.10 -31.55
N GLY B 333 -2.47 -27.40 -30.31
CA GLY B 333 -3.86 -27.70 -30.01
C GLY B 333 -4.33 -29.03 -30.54
N SER B 334 -3.43 -29.88 -31.01
CA SER B 334 -3.77 -31.18 -31.57
C SER B 334 -3.22 -32.27 -30.66
N ARG B 335 -4.09 -33.20 -30.25
CA ARG B 335 -3.63 -34.34 -29.46
C ARG B 335 -2.59 -35.14 -30.23
N MET B 336 -2.83 -35.33 -31.53
CA MET B 336 -1.86 -36.02 -32.38
C MET B 336 -0.46 -35.45 -32.19
N ASP B 337 -0.32 -34.15 -32.41
CA ASP B 337 0.99 -33.51 -32.42
C ASP B 337 1.68 -33.63 -31.06
N ASP B 338 0.93 -33.32 -30.00
CA ASP B 338 1.53 -33.37 -28.67
C ASP B 338 1.97 -34.79 -28.32
N VAL B 339 1.11 -35.78 -28.59
CA VAL B 339 1.47 -37.16 -28.29
C VAL B 339 2.73 -37.56 -29.05
N ILE B 340 2.85 -37.13 -30.31
CA ILE B 340 4.11 -37.40 -31.00
C ILE B 340 5.26 -36.73 -30.30
N PHE B 341 5.04 -35.53 -29.76
CA PHE B 341 6.09 -34.85 -29.02
C PHE B 341 6.60 -35.70 -27.86
N GLU B 342 5.70 -36.22 -27.03
CA GLU B 342 6.21 -37.04 -25.92
C GLU B 342 6.82 -38.34 -26.41
N GLU B 343 6.21 -38.99 -27.40
CA GLU B 343 6.69 -40.32 -27.75
C GLU B 343 8.06 -40.25 -28.42
N PHE B 344 8.33 -39.20 -29.17
CA PHE B 344 9.70 -39.00 -29.63
C PHE B 344 10.58 -38.35 -28.57
N LYS B 345 9.98 -37.76 -27.54
CA LYS B 345 10.75 -37.26 -26.41
C LYS B 345 11.49 -38.39 -25.71
N GLY B 346 10.84 -39.56 -25.62
CA GLY B 346 11.50 -40.72 -25.08
C GLY B 346 12.54 -41.33 -25.99
N THR B 347 12.74 -40.78 -27.17
CA THR B 347 13.71 -41.28 -28.13
C THR B 347 14.98 -40.45 -28.18
N GLY B 348 14.89 -39.13 -28.04
CA GLY B 348 16.05 -38.26 -28.18
C GLY B 348 16.77 -38.06 -26.87
N ASN B 349 18.06 -37.74 -26.97
CA ASN B 349 18.90 -37.48 -25.82
C ASN B 349 18.97 -36.01 -25.45
N MET B 350 18.27 -35.16 -26.20
CA MET B 350 18.24 -33.73 -25.95
C MET B 350 16.97 -33.13 -26.50
N GLU B 351 16.39 -32.18 -25.77
CA GLU B 351 15.29 -31.37 -26.25
C GLU B 351 15.55 -29.92 -25.90
N LEU B 352 15.19 -29.02 -26.81
CA LEU B 352 15.35 -27.58 -26.59
C LEU B 352 13.97 -26.94 -26.72
N HIS B 353 13.41 -26.50 -25.60
CA HIS B 353 12.07 -25.93 -25.58
C HIS B 353 12.10 -24.45 -25.96
N LEU B 354 11.10 -24.03 -26.73
CA LEU B 354 10.95 -22.64 -27.12
C LEU B 354 9.51 -22.21 -26.83
N SER B 355 9.34 -21.29 -25.88
CA SER B 355 8.00 -20.83 -25.54
C SER B 355 7.61 -19.62 -26.38
N ARG B 356 6.30 -19.42 -26.53
CA ARG B 356 5.82 -18.43 -27.48
C ARG B 356 5.72 -17.04 -26.88
N ARG B 357 5.67 -16.94 -25.54
CA ARG B 357 5.65 -15.62 -24.92
C ARG B 357 6.95 -14.89 -25.21
N LEU B 358 8.05 -15.62 -25.37
CA LEU B 358 9.31 -15.02 -25.76
C LEU B 358 9.24 -14.44 -27.16
N GLU B 359 8.71 -15.22 -28.10
CA GLU B 359 8.78 -14.84 -29.51
C GLU B 359 7.77 -13.77 -29.85
N GLU B 360 6.59 -13.81 -29.20
CA GLU B 360 5.63 -12.73 -29.39
C GLU B 360 6.22 -11.40 -28.94
N ARG B 361 7.21 -11.45 -28.05
CA ARG B 361 8.03 -10.32 -27.65
C ARG B 361 9.25 -10.15 -28.53
N ARG B 362 9.36 -10.98 -29.56
CA ARG B 362 10.49 -10.92 -30.51
C ARG B 362 11.82 -11.14 -29.80
N ILE B 363 11.79 -11.83 -28.65
CA ILE B 363 12.98 -12.08 -27.86
C ILE B 363 13.69 -13.28 -28.49
N PHE B 364 14.93 -13.07 -28.93
CA PHE B 364 15.66 -14.15 -29.54
C PHE B 364 17.07 -14.25 -28.98
N PRO B 365 17.60 -15.48 -28.80
CA PRO B 365 16.91 -16.73 -29.10
C PRO B 365 15.78 -17.05 -28.12
N ALA B 366 14.61 -17.37 -28.65
CA ALA B 366 13.40 -17.59 -27.85
C ALA B 366 13.44 -18.97 -27.20
N ILE B 367 14.42 -19.16 -26.33
CA ILE B 367 14.68 -20.47 -25.74
C ILE B 367 14.02 -20.57 -24.37
N ASP B 368 13.20 -21.60 -24.19
CA ASP B 368 12.79 -21.97 -22.85
C ASP B 368 13.95 -22.71 -22.19
N ILE B 369 14.78 -21.97 -21.46
CA ILE B 369 16.02 -22.53 -20.94
C ILE B 369 15.73 -23.59 -19.88
N LEU B 370 14.70 -23.37 -19.07
CA LEU B 370 14.47 -24.25 -17.93
C LEU B 370 14.20 -25.68 -18.37
N LYS B 371 13.33 -25.87 -19.36
CA LYS B 371 12.94 -27.22 -19.76
C LYS B 371 14.05 -27.99 -20.46
N SER B 372 15.04 -27.29 -21.01
CA SER B 372 16.08 -27.96 -21.78
C SER B 372 17.13 -28.56 -20.87
N GLY B 373 17.67 -29.70 -21.28
CA GLY B 373 18.72 -30.35 -20.51
C GLY B 373 19.14 -31.63 -21.19
N THR B 374 20.40 -31.98 -20.97
CA THR B 374 21.05 -33.05 -21.71
C THR B 374 20.94 -34.35 -20.92
N ARG B 375 21.30 -35.45 -21.57
CA ARG B 375 21.50 -36.73 -20.92
C ARG B 375 22.99 -37.03 -20.82
N ARG B 376 23.43 -37.38 -19.61
CA ARG B 376 24.79 -37.89 -19.39
C ARG B 376 25.84 -36.85 -19.81
N GLU B 377 25.85 -35.72 -19.10
CA GLU B 377 26.83 -34.67 -19.38
C GLU B 377 28.24 -35.21 -19.26
N GLU B 378 28.52 -35.94 -18.19
CA GLU B 378 29.84 -36.49 -17.96
C GLU B 378 30.32 -37.33 -19.13
N LEU B 379 29.42 -38.06 -19.77
CA LEU B 379 29.83 -38.95 -20.86
C LEU B 379 30.32 -38.17 -22.07
N LEU B 380 29.87 -36.93 -22.24
CA LEU B 380 30.35 -36.08 -23.31
C LEU B 380 31.26 -34.96 -22.80
N LEU B 381 31.23 -34.68 -21.51
CA LEU B 381 31.86 -33.49 -20.97
C LEU B 381 32.76 -33.90 -19.82
N GLY B 382 34.01 -33.46 -19.87
CA GLY B 382 35.02 -33.93 -18.93
C GLY B 382 34.68 -33.60 -17.49
N GLU B 383 35.32 -34.35 -16.59
CA GLU B 383 34.97 -34.29 -15.17
C GLU B 383 35.15 -32.88 -14.62
N GLU B 384 36.20 -32.19 -15.04
CA GLU B 384 36.34 -30.78 -14.66
C GLU B 384 35.24 -29.96 -15.31
N VAL B 385 35.00 -30.19 -16.60
CA VAL B 385 33.95 -29.46 -17.32
C VAL B 385 32.59 -29.84 -16.77
N THR B 386 32.37 -31.13 -16.53
CA THR B 386 31.12 -31.59 -15.96
C THR B 386 30.90 -31.01 -14.56
N HIS B 387 31.97 -30.90 -13.77
CA HIS B 387 31.84 -30.34 -12.43
C HIS B 387 31.56 -28.84 -12.49
N LYS B 388 32.22 -28.11 -13.38
CA LYS B 388 31.95 -26.68 -13.47
C LYS B 388 30.53 -26.42 -13.95
N MET B 389 30.03 -27.22 -14.90
CA MET B 389 28.63 -27.07 -15.29
C MET B 389 27.70 -27.58 -14.20
N TRP B 390 28.18 -28.51 -13.37
CA TRP B 390 27.42 -28.93 -12.20
C TRP B 390 27.16 -27.74 -11.29
N LEU B 391 28.24 -27.07 -10.88
CA LEU B 391 28.11 -25.86 -10.07
C LEU B 391 27.22 -24.83 -10.76
N LEU B 392 27.44 -24.64 -12.07
CA LEU B 392 26.72 -23.59 -12.79
C LEU B 392 25.23 -23.89 -12.86
N ARG B 393 24.86 -25.15 -13.10
CA ARG B 393 23.46 -25.54 -13.13
C ARG B 393 22.84 -25.44 -11.74
N LYS B 394 23.62 -25.72 -10.70
CA LYS B 394 23.15 -25.38 -9.36
C LYS B 394 22.94 -23.89 -9.22
N VAL B 395 23.65 -23.09 -10.01
CA VAL B 395 23.49 -21.64 -9.96
C VAL B 395 22.37 -21.18 -10.89
N LEU B 396 22.40 -21.63 -12.15
CA LEU B 396 21.52 -21.08 -13.18
C LEU B 396 20.11 -21.64 -13.15
N ALA B 397 19.77 -22.50 -12.19
CA ALA B 397 18.47 -23.14 -12.21
C ALA B 397 17.37 -22.21 -11.68
N ASP B 398 17.75 -21.12 -11.02
CA ASP B 398 16.82 -20.38 -10.16
C ASP B 398 16.01 -19.32 -10.90
N MET B 399 16.69 -18.43 -11.64
CA MET B 399 16.12 -17.17 -12.07
C MET B 399 14.90 -17.35 -12.99
N ASP B 400 13.92 -16.46 -12.82
CA ASP B 400 12.58 -16.60 -13.36
C ASP B 400 12.50 -16.20 -14.84
N PRO B 401 11.55 -16.80 -15.60
CA PRO B 401 11.70 -16.89 -17.07
C PRO B 401 12.04 -15.62 -17.83
N ALA B 402 11.21 -14.58 -17.76
CA ALA B 402 11.50 -13.37 -18.55
C ALA B 402 12.75 -12.67 -18.04
N GLU B 403 12.81 -12.40 -16.73
CA GLU B 403 13.99 -11.81 -16.16
C GLU B 403 15.20 -12.71 -16.35
N ALA B 404 14.99 -14.04 -16.30
CA ALA B 404 16.05 -14.97 -16.71
C ALA B 404 16.53 -14.63 -18.10
N MET B 405 15.61 -14.41 -19.03
CA MET B 405 16.01 -14.20 -20.42
C MET B 405 16.94 -13.01 -20.50
N GLU B 406 16.53 -11.86 -19.95
CA GLU B 406 17.36 -10.67 -20.15
C GLU B 406 18.67 -10.74 -19.36
N MET B 407 18.63 -11.27 -18.12
CA MET B 407 19.85 -11.23 -17.32
C MET B 407 20.87 -12.25 -17.84
N LEU B 408 20.41 -13.44 -18.22
CA LEU B 408 21.32 -14.42 -18.83
C LEU B 408 21.85 -13.91 -20.15
N LEU B 409 21.00 -13.26 -20.96
CA LEU B 409 21.46 -12.68 -22.21
C LEU B 409 22.57 -11.66 -21.95
N ALA B 410 22.38 -10.79 -20.96
CA ALA B 410 23.41 -9.81 -20.64
C ALA B 410 24.69 -10.48 -20.14
N ARG B 411 24.55 -11.50 -19.29
CA ARG B 411 25.71 -12.16 -18.73
C ARG B 411 26.56 -12.79 -19.84
N LEU B 412 25.90 -13.44 -20.80
CA LEU B 412 26.64 -14.01 -21.92
C LEU B 412 27.09 -12.94 -22.91
N ALA B 413 26.44 -11.77 -22.88
CA ALA B 413 26.89 -10.66 -23.70
C ALA B 413 28.15 -10.03 -23.15
N ARG B 414 28.42 -10.23 -21.85
CA ARG B 414 29.64 -9.70 -21.26
C ARG B 414 30.88 -10.27 -21.96
N THR B 415 31.11 -11.57 -21.86
CA THR B 415 32.26 -12.20 -22.46
C THR B 415 31.87 -13.59 -22.96
N LYS B 416 32.82 -14.24 -23.61
CA LYS B 416 32.63 -15.59 -24.09
C LYS B 416 32.47 -16.56 -22.92
N ASN B 417 31.83 -17.70 -23.20
CA ASN B 417 31.58 -18.72 -22.19
C ASN B 417 32.82 -19.00 -21.35
N ASN B 418 33.87 -19.53 -21.99
CA ASN B 418 35.10 -19.78 -21.27
C ASN B 418 35.70 -18.47 -20.75
N LYS B 419 35.62 -17.42 -21.56
CA LYS B 419 36.06 -16.11 -21.10
C LYS B 419 35.28 -15.65 -19.87
N GLU B 420 33.98 -15.97 -19.81
CA GLU B 420 33.22 -15.73 -18.59
C GLU B 420 33.80 -16.55 -17.44
N PHE B 421 34.09 -17.82 -17.70
CA PHE B 421 34.79 -18.62 -16.70
C PHE B 421 36.19 -18.09 -16.46
N LEU B 422 36.87 -17.67 -17.54
CA LEU B 422 38.19 -17.06 -17.42
C LEU B 422 38.10 -15.73 -16.66
N ARG C 62 -16.09 -18.07 -88.07
CA ARG C 62 -16.50 -17.60 -86.75
C ARG C 62 -15.35 -17.72 -85.75
N LEU C 63 -15.35 -16.86 -84.75
CA LEU C 63 -14.30 -16.81 -83.74
C LEU C 63 -14.89 -17.11 -82.37
N VAL C 64 -14.07 -17.72 -81.51
CA VAL C 64 -14.46 -18.02 -80.14
C VAL C 64 -13.35 -17.54 -79.20
N LYS C 65 -13.73 -17.37 -77.94
CA LYS C 65 -12.87 -16.77 -76.94
C LYS C 65 -13.31 -17.28 -75.57
N GLY C 66 -12.36 -17.39 -74.65
CA GLY C 66 -12.70 -17.70 -73.27
C GLY C 66 -11.56 -18.38 -72.56
N TYR C 67 -11.86 -18.87 -71.37
CA TYR C 67 -10.89 -19.50 -70.48
C TYR C 67 -10.97 -21.02 -70.59
N LEU C 68 -9.81 -21.66 -70.71
CA LEU C 68 -9.75 -23.11 -70.85
C LEU C 68 -10.19 -23.78 -69.56
N GLU C 69 -11.09 -24.77 -69.69
CA GLU C 69 -11.59 -25.56 -68.56
C GLU C 69 -11.42 -27.03 -68.90
N ILE C 70 -10.23 -27.57 -68.63
CA ILE C 70 -9.95 -28.96 -68.99
C ILE C 70 -10.73 -29.86 -68.04
N SER C 71 -11.77 -30.51 -68.55
CA SER C 71 -12.56 -31.44 -67.77
C SER C 71 -11.82 -32.78 -67.68
N GLN C 72 -12.44 -33.73 -66.98
CA GLN C 72 -11.82 -35.05 -66.81
C GLN C 72 -11.71 -35.78 -68.13
N ASP C 73 -12.63 -35.53 -69.06
CA ASP C 73 -12.62 -36.17 -70.36
C ASP C 73 -11.65 -35.50 -71.34
N GLY C 74 -10.92 -34.49 -70.89
CA GLY C 74 -9.95 -33.83 -71.73
C GLY C 74 -10.52 -32.81 -72.70
N TYR C 75 -11.74 -32.35 -72.48
CA TYR C 75 -12.36 -31.31 -73.30
C TYR C 75 -12.69 -30.10 -72.43
N GLY C 76 -12.93 -28.97 -73.09
CA GLY C 76 -12.91 -27.68 -72.41
C GLY C 76 -14.22 -26.92 -72.55
N PHE C 77 -14.37 -25.93 -71.68
CA PHE C 77 -15.52 -25.04 -71.66
C PHE C 77 -15.06 -23.60 -71.47
N LEU C 78 -15.72 -22.67 -72.17
CA LEU C 78 -15.36 -21.26 -72.17
C LEU C 78 -16.43 -20.47 -71.41
N THR C 79 -16.05 -19.90 -70.28
CA THR C 79 -16.98 -19.18 -69.41
C THR C 79 -17.02 -17.69 -69.74
N GLU C 80 -18.11 -17.06 -69.29
CA GLU C 80 -18.36 -15.63 -69.38
C GLU C 80 -18.01 -14.94 -68.07
N ASN C 81 -18.55 -13.73 -67.93
CA ASN C 81 -18.48 -12.98 -66.68
C ASN C 81 -19.17 -13.68 -65.51
N LEU C 82 -20.11 -14.60 -65.76
CA LEU C 82 -20.70 -15.29 -64.63
C LEU C 82 -19.79 -16.38 -64.08
N HIS C 83 -18.84 -16.84 -64.89
CA HIS C 83 -17.78 -17.76 -64.46
C HIS C 83 -18.33 -19.03 -63.83
N ASN C 84 -19.18 -19.73 -64.58
CA ASN C 84 -19.52 -21.12 -64.31
C ASN C 84 -19.82 -21.78 -65.64
N LEU C 85 -20.53 -22.90 -65.61
CA LEU C 85 -20.82 -23.61 -66.86
C LEU C 85 -21.83 -22.83 -67.70
N GLU C 86 -21.47 -22.57 -68.96
CA GLU C 86 -22.41 -22.00 -69.94
C GLU C 86 -22.22 -22.70 -71.28
N SER C 87 -22.77 -22.09 -72.33
CA SER C 87 -22.96 -22.77 -73.61
C SER C 87 -22.02 -22.32 -74.71
N ARG C 88 -21.49 -21.09 -74.68
CA ARG C 88 -20.61 -20.65 -75.77
C ARG C 88 -19.21 -21.22 -75.56
N VAL C 89 -19.14 -22.53 -75.35
CA VAL C 89 -17.89 -23.18 -75.01
C VAL C 89 -17.29 -23.80 -76.26
N ALA C 90 -15.97 -23.93 -76.25
CA ALA C 90 -15.23 -24.46 -77.37
C ALA C 90 -14.47 -25.70 -76.93
N ILE C 91 -14.52 -26.74 -77.75
CA ILE C 91 -13.86 -27.99 -77.43
C ILE C 91 -12.47 -28.00 -78.03
N VAL C 92 -11.47 -28.19 -77.19
CA VAL C 92 -10.07 -28.23 -77.61
C VAL C 92 -9.60 -29.66 -77.47
N SER C 93 -9.26 -30.28 -78.59
CA SER C 93 -8.87 -31.67 -78.59
C SER C 93 -7.56 -31.85 -77.82
N ALA C 94 -7.39 -33.06 -77.27
CA ALA C 94 -6.15 -33.37 -76.57
C ALA C 94 -4.94 -33.15 -77.48
N GLY C 95 -5.11 -33.41 -78.77
CA GLY C 95 -4.04 -33.10 -79.71
C GLY C 95 -3.68 -31.63 -79.71
N LEU C 96 -4.69 -30.76 -79.74
CA LEU C 96 -4.42 -29.32 -79.67
C LEU C 96 -3.82 -28.93 -78.32
N ILE C 97 -4.33 -29.54 -77.24
CA ILE C 97 -3.81 -29.24 -75.91
C ILE C 97 -2.33 -29.55 -75.82
N LYS C 98 -1.92 -30.71 -76.33
CA LYS C 98 -0.50 -31.04 -76.34
C LYS C 98 0.26 -30.20 -77.36
N GLN C 99 -0.40 -29.76 -78.43
CA GLN C 99 0.27 -28.97 -79.45
C GLN C 99 0.69 -27.61 -78.89
N TYR C 100 -0.19 -26.96 -78.14
CA TYR C 100 0.13 -25.67 -77.52
C TYR C 100 0.52 -25.79 -76.05
N ALA C 101 0.59 -27.00 -75.51
CA ALA C 101 0.99 -27.22 -74.11
C ALA C 101 0.11 -26.40 -73.14
N LEU C 102 -1.14 -26.20 -73.54
CA LEU C 102 -2.07 -25.41 -72.73
C LEU C 102 -2.57 -26.22 -71.53
N ARG C 103 -2.58 -25.59 -70.37
CA ARG C 103 -3.27 -26.12 -69.21
C ARG C 103 -4.54 -25.32 -68.99
N ALA C 104 -5.43 -25.85 -68.15
CA ALA C 104 -6.72 -25.22 -67.90
C ALA C 104 -6.56 -23.80 -67.40
N GLY C 105 -7.56 -22.98 -67.67
CA GLY C 105 -7.50 -21.58 -67.29
C GLY C 105 -6.78 -20.70 -68.27
N ASP C 106 -6.27 -21.26 -69.37
CA ASP C 106 -5.59 -20.46 -70.37
C ASP C 106 -6.58 -19.58 -71.12
N TYR C 107 -6.20 -18.32 -71.32
CA TYR C 107 -7.00 -17.34 -72.05
C TYR C 107 -6.85 -17.59 -73.54
N VAL C 108 -7.76 -18.37 -74.12
CA VAL C 108 -7.66 -18.78 -75.51
C VAL C 108 -8.62 -17.97 -76.36
N VAL C 109 -8.14 -17.50 -77.51
CA VAL C 109 -8.92 -16.82 -78.52
C VAL C 109 -8.52 -17.40 -79.86
N GLY C 110 -9.51 -17.90 -80.60
CA GLY C 110 -9.20 -18.54 -81.86
C GLY C 110 -10.37 -18.72 -82.80
N GLN C 111 -10.08 -18.86 -84.10
CA GLN C 111 -11.15 -19.00 -85.08
C GLN C 111 -11.79 -20.38 -84.97
N ALA C 112 -13.09 -20.39 -84.69
CA ALA C 112 -13.85 -21.64 -84.59
C ALA C 112 -15.25 -21.40 -85.13
N ARG C 113 -15.59 -22.11 -86.20
CA ARG C 113 -16.91 -22.05 -86.79
C ARG C 113 -17.96 -22.53 -85.80
N PRO C 114 -19.24 -22.26 -86.06
CA PRO C 114 -20.30 -22.76 -85.16
C PRO C 114 -20.27 -24.28 -85.09
N PRO C 115 -20.70 -24.86 -83.95
CA PRO C 115 -20.72 -26.31 -83.81
C PRO C 115 -21.43 -27.01 -84.96
N ARG C 116 -20.74 -27.96 -85.59
CA ARG C 116 -21.25 -28.62 -86.79
C ARG C 116 -22.45 -29.50 -86.48
N GLU C 117 -22.99 -30.17 -87.50
CA GLU C 117 -24.02 -31.17 -87.28
C GLU C 117 -23.48 -32.29 -86.40
N ASN C 118 -24.30 -32.73 -85.45
CA ASN C 118 -23.99 -33.72 -84.41
C ASN C 118 -23.00 -33.14 -83.41
N GLU C 119 -22.55 -31.90 -83.61
CA GLU C 119 -21.59 -31.26 -82.72
C GLU C 119 -22.33 -30.22 -81.89
N ARG C 120 -22.19 -30.32 -80.57
CA ARG C 120 -22.92 -29.43 -79.67
C ARG C 120 -22.15 -28.17 -79.30
N TYR C 121 -20.82 -28.22 -79.31
CA TYR C 121 -20.00 -27.07 -78.99
C TYR C 121 -18.97 -26.87 -80.11
N ALA C 122 -18.64 -25.60 -80.35
CA ALA C 122 -17.69 -25.28 -81.41
C ALA C 122 -16.34 -25.94 -81.15
N THR C 123 -15.68 -26.35 -82.22
CA THR C 123 -14.34 -26.91 -82.13
C THR C 123 -13.34 -25.86 -82.60
N LEU C 124 -12.33 -25.62 -81.77
CA LEU C 124 -11.37 -24.55 -82.04
C LEU C 124 -10.48 -24.98 -83.20
N LEU C 125 -10.92 -24.62 -84.40
CA LEU C 125 -10.20 -25.01 -85.62
C LEU C 125 -8.81 -24.39 -85.65
N LYS C 126 -8.68 -23.13 -85.25
CA LYS C 126 -7.38 -22.45 -85.31
C LYS C 126 -7.27 -21.50 -84.13
N VAL C 127 -6.17 -21.60 -83.40
CA VAL C 127 -5.89 -20.72 -82.27
C VAL C 127 -5.03 -19.56 -82.76
N GLU C 128 -5.37 -18.35 -82.32
CA GLU C 128 -4.61 -17.16 -82.69
C GLU C 128 -3.93 -16.51 -81.48
N ALA C 129 -4.67 -16.18 -80.43
CA ALA C 129 -4.10 -15.48 -79.29
C ALA C 129 -4.33 -16.24 -78.01
N VAL C 130 -3.25 -16.60 -77.33
CA VAL C 130 -3.36 -17.28 -76.05
C VAL C 130 -2.53 -16.50 -75.03
N ASN C 131 -3.03 -16.43 -73.80
CA ASN C 131 -2.40 -15.66 -72.74
C ASN C 131 -2.18 -14.22 -73.17
N ASN C 132 -3.12 -13.69 -73.96
CA ASN C 132 -3.09 -12.35 -74.55
C ASN C 132 -1.96 -12.18 -75.56
N LEU C 133 -1.23 -13.24 -75.89
CA LEU C 133 0.03 -13.09 -76.59
C LEU C 133 0.13 -14.13 -77.70
N ASP C 134 1.32 -14.16 -78.31
CA ASP C 134 1.60 -15.00 -79.45
C ASP C 134 1.92 -16.42 -78.95
N PRO C 135 1.24 -17.43 -79.49
CA PRO C 135 1.15 -18.71 -78.75
C PRO C 135 2.44 -19.49 -78.56
N GLU C 136 3.57 -19.16 -79.22
CA GLU C 136 4.76 -19.97 -78.99
C GLU C 136 5.21 -19.87 -77.54
N ALA C 137 4.90 -18.76 -76.88
CA ALA C 137 5.26 -18.58 -75.47
C ALA C 137 4.58 -19.60 -74.58
N ALA C 138 3.30 -19.89 -74.86
CA ALA C 138 2.56 -20.83 -74.02
C ALA C 138 3.19 -22.21 -74.08
N LYS C 139 3.55 -22.68 -75.27
CA LYS C 139 4.19 -23.98 -75.40
C LYS C 139 5.60 -23.96 -74.86
N ASN C 140 6.38 -22.94 -75.22
CA ASN C 140 7.79 -22.87 -74.86
C ASN C 140 7.94 -21.92 -73.67
N ARG C 141 7.74 -22.47 -72.48
CA ARG C 141 7.90 -21.70 -71.26
C ARG C 141 8.19 -22.71 -70.15
N PRO C 142 9.01 -22.35 -69.16
CA PRO C 142 9.27 -23.28 -68.07
C PRO C 142 8.00 -23.59 -67.31
N ARG C 143 7.88 -24.85 -66.85
CA ARG C 143 6.68 -25.23 -66.14
C ARG C 143 6.63 -24.51 -64.81
N PHE C 144 5.42 -24.29 -64.31
CA PHE C 144 5.21 -23.51 -63.10
C PHE C 144 6.05 -24.03 -61.95
N ASP C 145 6.10 -25.35 -61.79
CA ASP C 145 6.81 -25.95 -60.68
C ASP C 145 8.32 -25.77 -60.78
N GLU C 146 8.85 -25.48 -61.97
CA GLU C 146 10.27 -25.30 -62.16
C GLU C 146 10.72 -23.86 -61.91
N LEU C 147 9.79 -22.95 -61.68
CA LEU C 147 10.17 -21.56 -61.42
C LEU C 147 10.90 -21.46 -60.09
N THR C 148 11.94 -20.64 -60.08
CA THR C 148 12.71 -20.44 -58.86
C THR C 148 11.95 -19.49 -57.95
N PRO C 149 11.52 -19.93 -56.77
CA PRO C 149 10.84 -19.03 -55.84
C PRO C 149 11.84 -18.17 -55.08
N GLN C 150 11.31 -17.16 -54.42
CA GLN C 150 12.11 -16.27 -53.61
C GLN C 150 11.27 -15.80 -52.44
N PHE C 151 11.89 -15.08 -51.55
CA PHE C 151 11.10 -14.41 -50.54
C PHE C 151 10.57 -13.09 -51.09
N PRO C 152 9.46 -12.59 -50.55
CA PRO C 152 8.95 -11.30 -50.99
C PRO C 152 9.99 -10.20 -50.74
N ASP C 153 10.19 -9.37 -51.76
CA ASP C 153 11.13 -8.26 -51.68
C ASP C 153 10.52 -6.93 -52.08
N ARG C 154 9.48 -6.92 -52.89
CA ARG C 154 8.83 -5.69 -53.35
C ARG C 154 7.59 -5.49 -52.51
N GLN C 155 7.76 -4.86 -51.36
CA GLN C 155 6.63 -4.59 -50.49
C GLN C 155 5.69 -3.60 -51.16
N ILE C 156 4.43 -3.64 -50.74
CA ILE C 156 3.40 -2.77 -51.29
C ILE C 156 3.15 -1.67 -50.27
N ARG C 157 3.48 -0.44 -50.66
CA ARG C 157 3.20 0.70 -49.79
C ARG C 157 1.69 0.84 -49.60
N LEU C 158 1.26 0.93 -48.34
CA LEU C 158 -0.15 0.94 -48.01
C LEU C 158 -0.48 2.33 -47.47
N GLU C 159 -0.74 3.26 -48.38
CA GLU C 159 -1.02 4.65 -48.02
C GLU C 159 -2.34 5.04 -48.69
N THR C 160 -3.43 4.94 -47.96
CA THR C 160 -4.74 5.33 -48.46
C THR C 160 -5.36 6.35 -47.51
N THR C 161 -5.93 7.40 -48.08
CA THR C 161 -6.51 8.47 -47.27
C THR C 161 -7.79 8.10 -46.53
N PRO C 162 -8.79 7.46 -47.17
CA PRO C 162 -10.11 7.34 -46.49
C PRO C 162 -10.05 6.65 -45.13
N ASP C 163 -9.24 5.60 -44.99
CA ASP C 163 -9.00 5.00 -43.68
C ASP C 163 -7.49 4.84 -43.59
N GLU C 164 -6.81 5.90 -43.16
CA GLU C 164 -5.37 5.83 -42.99
C GLU C 164 -4.99 4.91 -41.84
N LEU C 165 -5.72 4.98 -40.73
CA LEU C 165 -5.34 4.23 -39.53
C LEU C 165 -5.22 2.74 -39.82
N SER C 166 -6.23 2.16 -40.44
CA SER C 166 -6.27 0.71 -40.63
C SER C 166 -5.10 0.23 -41.48
N THR C 167 -4.95 0.79 -42.68
CA THR C 167 -3.93 0.31 -43.59
C THR C 167 -2.54 0.65 -43.07
N ARG C 168 -2.40 1.81 -42.41
CA ARG C 168 -1.12 2.12 -41.78
C ARG C 168 -0.74 1.06 -40.77
N VAL C 169 -1.68 0.67 -39.90
CA VAL C 169 -1.38 -0.35 -38.89
C VAL C 169 -1.04 -1.68 -39.57
N ILE C 170 -1.81 -2.05 -40.59
CA ILE C 170 -1.56 -3.31 -41.30
C ILE C 170 -0.14 -3.34 -41.84
N ASP C 171 0.26 -2.27 -42.53
CA ASP C 171 1.59 -2.26 -43.13
C ASP C 171 2.68 -2.20 -42.07
N LEU C 172 2.52 -1.36 -41.06
CA LEU C 172 3.60 -1.18 -40.09
C LEU C 172 3.78 -2.43 -39.25
N LEU C 173 2.71 -3.20 -39.05
CA LEU C 173 2.77 -4.36 -38.16
C LEU C 173 3.06 -5.65 -38.90
N ALA C 174 2.29 -5.95 -39.96
CA ALA C 174 2.52 -7.12 -40.79
C ALA C 174 2.65 -6.62 -42.22
N PRO C 175 3.82 -6.09 -42.57
CA PRO C 175 4.00 -5.56 -43.93
C PRO C 175 3.83 -6.67 -44.97
N ILE C 176 3.34 -6.29 -46.13
CA ILE C 176 3.03 -7.23 -47.20
C ILE C 176 3.82 -6.85 -48.44
N GLY C 177 4.41 -7.86 -49.07
CA GLY C 177 5.09 -7.70 -50.34
C GLY C 177 4.48 -8.58 -51.41
N ARG C 178 5.05 -8.47 -52.60
CA ARG C 178 4.61 -9.27 -53.73
C ARG C 178 5.10 -10.70 -53.53
N GLY C 179 4.18 -11.66 -53.54
CA GLY C 179 4.50 -13.03 -53.22
C GLY C 179 4.17 -13.44 -51.80
N GLN C 180 3.62 -12.53 -51.00
CA GLN C 180 3.26 -12.84 -49.63
C GLN C 180 2.20 -13.95 -49.59
N ARG C 181 2.32 -14.80 -48.58
CA ARG C 181 1.28 -15.78 -48.24
C ARG C 181 0.97 -15.60 -46.77
N GLY C 182 0.01 -14.74 -46.47
CA GLY C 182 -0.47 -14.51 -45.13
C GLY C 182 -1.94 -14.85 -44.97
N LEU C 183 -2.43 -14.61 -43.77
CA LEU C 183 -3.82 -14.93 -43.45
C LEU C 183 -4.37 -13.91 -42.47
N ILE C 184 -5.50 -13.30 -42.82
CA ILE C 184 -6.30 -12.58 -41.84
C ILE C 184 -7.16 -13.57 -41.07
N VAL C 185 -7.03 -13.56 -39.76
CA VAL C 185 -7.53 -14.62 -38.90
C VAL C 185 -8.46 -13.99 -37.88
N ALA C 186 -9.74 -14.28 -37.97
CA ALA C 186 -10.67 -13.53 -37.15
C ALA C 186 -11.97 -14.31 -36.95
N PRO C 187 -12.71 -14.07 -35.87
CA PRO C 187 -14.02 -14.68 -35.72
C PRO C 187 -15.00 -14.09 -36.71
N PRO C 188 -16.13 -14.74 -36.97
CA PRO C 188 -17.07 -14.22 -37.96
C PRO C 188 -17.82 -13.00 -37.45
N LYS C 189 -18.33 -12.20 -38.39
CA LYS C 189 -19.00 -10.93 -38.11
C LYS C 189 -18.08 -10.02 -37.31
N ALA C 190 -16.78 -10.15 -37.57
CA ALA C 190 -15.78 -9.45 -36.78
C ALA C 190 -14.65 -8.93 -37.67
N GLY C 191 -15.00 -8.36 -38.82
CA GLY C 191 -14.11 -7.44 -39.49
C GLY C 191 -13.28 -7.95 -40.64
N LYS C 192 -13.47 -9.20 -41.06
CA LYS C 192 -12.63 -9.71 -42.16
C LYS C 192 -13.04 -9.07 -43.49
N THR C 193 -14.33 -9.08 -43.80
CA THR C 193 -14.77 -8.69 -45.15
C THR C 193 -14.53 -7.21 -45.41
N THR C 194 -14.90 -6.35 -44.46
CA THR C 194 -14.75 -4.92 -44.68
C THR C 194 -13.29 -4.53 -44.81
N LEU C 195 -12.44 -5.13 -43.98
CA LEU C 195 -11.01 -4.84 -44.06
C LEU C 195 -10.42 -5.36 -45.35
N LEU C 196 -10.90 -6.51 -45.81
CA LEU C 196 -10.48 -7.02 -47.12
C LEU C 196 -10.84 -6.04 -48.22
N LYS C 197 -12.05 -5.47 -48.14
CA LYS C 197 -12.46 -4.47 -49.13
C LYS C 197 -11.56 -3.25 -49.06
N LYS C 198 -11.25 -2.80 -47.85
CA LYS C 198 -10.40 -1.62 -47.68
C LYS C 198 -9.02 -1.85 -48.30
N ILE C 199 -8.41 -2.99 -47.99
CA ILE C 199 -7.07 -3.26 -48.50
C ILE C 199 -7.11 -3.48 -50.01
N ALA C 200 -8.22 -4.04 -50.52
CA ALA C 200 -8.34 -4.20 -51.96
C ALA C 200 -8.37 -2.85 -52.65
N ASN C 201 -9.13 -1.90 -52.11
CA ASN C 201 -9.16 -0.57 -52.70
C ASN C 201 -7.79 0.10 -52.60
N ALA C 202 -7.13 -0.06 -51.45
CA ALA C 202 -5.80 0.53 -51.30
C ALA C 202 -4.82 -0.05 -52.30
N VAL C 203 -4.90 -1.36 -52.55
CA VAL C 203 -4.05 -1.98 -53.56
C VAL C 203 -4.38 -1.44 -54.94
N LEU C 204 -5.67 -1.31 -55.25
CA LEU C 204 -6.08 -0.76 -56.54
C LEU C 204 -5.57 0.66 -56.73
N LYS C 205 -5.38 1.41 -55.66
CA LYS C 205 -4.82 2.75 -55.75
C LYS C 205 -3.30 2.77 -55.82
N ASN C 206 -2.63 1.89 -55.08
CA ASN C 206 -1.17 1.95 -55.00
C ASN C 206 -0.49 1.11 -56.07
N GLU C 207 -1.13 0.03 -56.51
CA GLU C 207 -0.54 -0.89 -57.49
C GLU C 207 -1.52 -1.13 -58.62
N PRO C 208 -1.78 -0.10 -59.45
CA PRO C 208 -2.66 -0.32 -60.62
C PRO C 208 -2.10 -1.31 -61.60
N ASP C 209 -0.78 -1.46 -61.65
CA ASP C 209 -0.15 -2.37 -62.62
C ASP C 209 -0.57 -3.81 -62.38
N ILE C 210 -0.63 -4.24 -61.12
CA ILE C 210 -0.88 -5.63 -60.79
C ILE C 210 -2.33 -5.99 -61.09
N LYS C 211 -2.52 -7.14 -61.71
CA LYS C 211 -3.86 -7.69 -61.90
C LYS C 211 -4.42 -8.10 -60.53
N VAL C 212 -5.37 -7.33 -60.03
CA VAL C 212 -5.94 -7.56 -58.71
C VAL C 212 -7.23 -8.33 -58.87
N ILE C 213 -7.34 -9.46 -58.20
CA ILE C 213 -8.50 -10.35 -58.29
C ILE C 213 -8.92 -10.73 -56.88
N VAL C 214 -10.24 -10.71 -56.64
CA VAL C 214 -10.80 -11.04 -55.33
C VAL C 214 -11.85 -12.13 -55.52
N LEU C 215 -11.80 -13.14 -54.64
CA LEU C 215 -12.79 -14.21 -54.63
C LEU C 215 -13.54 -14.21 -53.30
N LEU C 216 -14.86 -14.32 -53.38
CA LEU C 216 -15.72 -14.42 -52.21
C LEU C 216 -16.40 -15.79 -52.24
N ILE C 217 -16.26 -16.54 -51.15
CA ILE C 217 -16.76 -17.91 -51.07
C ILE C 217 -17.71 -18.02 -49.90
N ASP C 218 -18.86 -18.64 -50.14
CA ASP C 218 -19.81 -18.99 -49.09
C ASP C 218 -20.28 -17.75 -48.33
N GLU C 219 -20.57 -16.67 -49.07
CA GLU C 219 -20.83 -15.38 -48.46
C GLU C 219 -22.26 -14.91 -48.78
N ARG C 220 -22.65 -13.84 -48.10
CA ARG C 220 -23.99 -13.32 -48.24
C ARG C 220 -24.11 -12.53 -49.55
N PRO C 221 -25.20 -12.72 -50.30
CA PRO C 221 -25.32 -12.04 -51.60
C PRO C 221 -25.33 -10.53 -51.51
N GLU C 222 -25.87 -9.95 -50.42
CA GLU C 222 -25.89 -8.50 -50.30
C GLU C 222 -24.47 -7.96 -50.14
N GLU C 223 -23.62 -8.68 -49.42
CA GLU C 223 -22.22 -8.29 -49.33
C GLU C 223 -21.57 -8.35 -50.71
N VAL C 224 -21.91 -9.39 -51.49
CA VAL C 224 -21.40 -9.53 -52.85
C VAL C 224 -21.77 -8.31 -53.68
N THR C 225 -23.05 -7.93 -53.65
CA THR C 225 -23.50 -6.80 -54.43
C THR C 225 -22.82 -5.52 -53.98
N ASP C 226 -22.77 -5.29 -52.67
CA ASP C 226 -22.14 -4.08 -52.14
C ASP C 226 -20.70 -3.98 -52.61
N PHE C 227 -19.94 -5.06 -52.50
CA PHE C 227 -18.53 -5.01 -52.84
C PHE C 227 -18.35 -4.83 -54.35
N ARG C 228 -19.09 -5.59 -55.14
CA ARG C 228 -18.97 -5.48 -56.59
C ARG C 228 -19.35 -4.09 -57.06
N GLU C 229 -20.25 -3.41 -56.36
CA GLU C 229 -20.47 -2.00 -56.64
C GLU C 229 -19.28 -1.17 -56.22
N SER C 230 -18.70 -1.48 -55.07
CA SER C 230 -17.58 -0.73 -54.52
C SER C 230 -16.23 -1.28 -54.96
N VAL C 231 -16.19 -2.22 -55.89
CA VAL C 231 -14.91 -2.74 -56.38
C VAL C 231 -14.30 -1.84 -57.44
N GLN C 232 -15.08 -0.90 -57.98
CA GLN C 232 -14.66 -0.01 -59.06
C GLN C 232 -14.14 -0.81 -60.26
N GLY C 233 -14.90 -1.84 -60.64
CA GLY C 233 -14.63 -2.56 -61.85
C GLY C 233 -13.52 -3.59 -61.77
N ALA C 234 -12.76 -3.61 -60.68
CA ALA C 234 -11.72 -4.62 -60.53
C ALA C 234 -12.36 -6.01 -60.50
N GLU C 235 -11.61 -7.00 -60.98
CA GLU C 235 -12.20 -8.32 -61.17
C GLU C 235 -12.68 -8.88 -59.85
N VAL C 236 -13.98 -8.84 -59.64
CA VAL C 236 -14.61 -9.33 -58.42
C VAL C 236 -15.45 -10.56 -58.78
N ILE C 237 -15.02 -11.71 -58.29
CA ILE C 237 -15.74 -12.95 -58.44
C ILE C 237 -16.17 -13.43 -57.06
N ALA C 238 -17.40 -13.91 -56.96
CA ALA C 238 -17.97 -14.27 -55.67
C ALA C 238 -18.74 -15.57 -55.80
N SER C 239 -18.96 -16.21 -54.65
CA SER C 239 -19.75 -17.44 -54.58
C SER C 239 -20.55 -17.41 -53.29
N THR C 240 -21.84 -17.08 -53.40
CA THR C 240 -22.68 -16.96 -52.22
C THR C 240 -22.94 -18.32 -51.60
N PHE C 241 -23.32 -18.29 -50.33
CA PHE C 241 -23.67 -19.53 -49.63
C PHE C 241 -24.90 -20.21 -50.22
N ASP C 242 -25.73 -19.48 -50.97
CA ASP C 242 -26.86 -20.12 -51.62
C ASP C 242 -26.43 -21.14 -52.65
N GLU C 243 -25.27 -20.93 -53.26
CA GLU C 243 -24.81 -21.84 -54.31
C GLU C 243 -24.42 -23.18 -53.70
N PRO C 244 -24.63 -24.28 -54.42
CA PRO C 244 -24.13 -25.56 -53.94
C PRO C 244 -22.62 -25.53 -53.84
N PRO C 245 -22.06 -26.23 -52.85
CA PRO C 245 -20.59 -26.19 -52.66
C PRO C 245 -19.82 -26.75 -53.84
N GLN C 246 -20.46 -27.58 -54.67
CA GLN C 246 -19.79 -28.07 -55.87
C GLN C 246 -19.42 -26.91 -56.77
N ASN C 247 -20.35 -25.96 -56.94
CA ASN C 247 -20.03 -24.74 -57.68
C ASN C 247 -18.90 -23.99 -57.00
N HIS C 248 -18.91 -23.94 -55.67
CA HIS C 248 -17.87 -23.23 -54.93
C HIS C 248 -16.50 -23.79 -55.30
N ILE C 249 -16.35 -25.11 -55.18
CA ILE C 249 -15.07 -25.77 -55.44
C ILE C 249 -14.69 -25.59 -56.90
N ARG C 250 -15.64 -25.76 -57.80
CA ARG C 250 -15.36 -25.64 -59.23
C ARG C 250 -14.82 -24.26 -59.55
N VAL C 251 -15.54 -23.21 -59.13
CA VAL C 251 -15.12 -21.85 -59.44
C VAL C 251 -13.78 -21.55 -58.80
N ALA C 252 -13.58 -21.96 -57.55
CA ALA C 252 -12.32 -21.69 -56.87
C ALA C 252 -11.15 -22.33 -57.61
N GLU C 253 -11.32 -23.59 -58.02
CA GLU C 253 -10.24 -24.26 -58.72
C GLU C 253 -9.98 -23.63 -60.08
N PHE C 254 -11.04 -23.25 -60.79
CA PHE C 254 -10.84 -22.65 -62.11
C PHE C 254 -10.09 -21.33 -61.97
N VAL C 255 -10.45 -20.53 -60.97
CA VAL C 255 -9.68 -19.34 -60.67
C VAL C 255 -8.24 -19.70 -60.34
N HIS C 256 -8.05 -20.82 -59.65
CA HIS C 256 -6.71 -21.27 -59.30
C HIS C 256 -5.86 -21.47 -60.53
N GLU C 257 -6.34 -22.27 -61.48
CA GLU C 257 -5.52 -22.51 -62.67
C GLU C 257 -5.38 -21.26 -63.52
N ARG C 258 -6.42 -20.41 -63.58
CA ARG C 258 -6.28 -19.18 -64.35
C ARG C 258 -5.15 -18.32 -63.79
N ALA C 259 -5.15 -18.10 -62.48
CA ALA C 259 -4.08 -17.33 -61.86
C ALA C 259 -2.73 -18.01 -62.06
N LYS C 260 -2.72 -19.35 -62.01
CA LYS C 260 -1.49 -20.08 -62.27
C LYS C 260 -0.95 -19.76 -63.64
N ARG C 261 -1.82 -19.72 -64.65
CA ARG C 261 -1.37 -19.41 -65.99
C ARG C 261 -0.83 -17.99 -66.05
N ILE C 262 -1.54 -17.07 -65.40
CA ILE C 262 -1.12 -15.67 -65.44
C ILE C 262 0.27 -15.51 -64.83
N VAL C 263 0.51 -16.18 -63.70
CA VAL C 263 1.84 -16.15 -63.10
C VAL C 263 2.84 -16.85 -63.99
N GLU C 264 2.43 -17.93 -64.67
CA GLU C 264 3.26 -18.57 -65.67
C GLU C 264 3.71 -17.60 -66.74
N GLU C 265 2.91 -16.56 -67.00
CA GLU C 265 3.34 -15.48 -67.87
C GLU C 265 4.12 -14.40 -67.12
N GLY C 266 4.71 -14.75 -65.98
CA GLY C 266 5.51 -13.79 -65.23
C GLY C 266 4.73 -12.59 -64.77
N GLY C 267 3.47 -12.78 -64.41
CA GLY C 267 2.62 -11.70 -63.97
C GLY C 267 2.42 -11.69 -62.47
N HIS C 268 2.18 -10.50 -61.94
CA HIS C 268 1.87 -10.33 -60.54
C HIS C 268 0.36 -10.52 -60.37
N VAL C 269 -0.02 -11.56 -59.63
CA VAL C 269 -1.42 -11.89 -59.41
C VAL C 269 -1.74 -11.77 -57.94
N MET C 270 -2.67 -10.89 -57.61
CA MET C 270 -3.18 -10.72 -56.26
C MET C 270 -4.51 -11.44 -56.17
N ILE C 271 -4.63 -12.33 -55.18
CA ILE C 271 -5.89 -13.02 -54.91
C ILE C 271 -6.28 -12.73 -53.46
N LEU C 272 -7.49 -12.24 -53.28
CA LEU C 272 -8.06 -11.99 -51.96
C LEU C 272 -9.26 -12.92 -51.79
N LEU C 273 -9.09 -13.93 -50.95
CA LEU C 273 -10.09 -14.96 -50.77
C LEU C 273 -10.85 -14.75 -49.46
N ASP C 274 -12.17 -14.72 -49.56
CA ASP C 274 -13.04 -14.71 -48.40
C ASP C 274 -13.35 -16.14 -47.97
N SER C 275 -13.36 -16.36 -46.67
CA SER C 275 -13.80 -17.63 -46.10
C SER C 275 -12.91 -18.80 -46.52
N ILE C 276 -11.63 -18.73 -46.19
CA ILE C 276 -10.77 -19.90 -46.39
C ILE C 276 -11.25 -21.06 -45.54
N THR C 277 -11.73 -20.78 -44.33
CA THR C 277 -12.22 -21.86 -43.48
C THR C 277 -13.53 -22.42 -44.02
N ARG C 278 -14.43 -21.53 -44.46
CA ARG C 278 -15.62 -22.02 -45.15
C ARG C 278 -15.24 -22.74 -46.42
N LEU C 279 -14.14 -22.34 -47.06
CA LEU C 279 -13.65 -23.09 -48.20
C LEU C 279 -13.26 -24.51 -47.81
N ALA C 280 -12.56 -24.65 -46.69
CA ALA C 280 -12.17 -25.98 -46.23
C ALA C 280 -13.39 -26.81 -45.89
N ARG C 281 -14.37 -26.20 -45.25
CA ARG C 281 -15.61 -26.89 -44.92
C ARG C 281 -16.34 -27.33 -46.19
N ALA C 282 -16.38 -26.46 -47.21
CA ALA C 282 -17.00 -26.81 -48.47
C ALA C 282 -16.26 -27.96 -49.14
N ASN C 283 -14.93 -27.95 -49.07
CA ASN C 283 -14.15 -29.08 -49.58
C ASN C 283 -14.52 -30.36 -48.84
N ASN C 284 -14.56 -30.29 -47.51
CA ASN C 284 -14.90 -31.45 -46.69
C ASN C 284 -16.26 -32.01 -47.08
N LEU C 285 -17.24 -31.12 -47.29
CA LEU C 285 -18.54 -31.57 -47.78
C LEU C 285 -18.41 -32.21 -49.15
N VAL C 286 -17.68 -31.56 -50.06
CA VAL C 286 -17.54 -32.07 -51.42
C VAL C 286 -16.69 -33.33 -51.42
N THR C 287 -15.60 -33.35 -50.65
CA THR C 287 -14.71 -34.50 -50.61
C THR C 287 -15.46 -35.71 -50.07
N PRO C 288 -15.76 -36.70 -50.90
CA PRO C 288 -16.70 -37.74 -50.49
C PRO C 288 -16.14 -38.77 -49.50
N PRO C 289 -14.83 -39.18 -49.55
CA PRO C 289 -14.40 -40.11 -48.50
C PRO C 289 -13.16 -39.70 -47.73
N THR C 290 -11.99 -39.78 -48.35
CA THR C 290 -10.66 -39.57 -47.79
C THR C 290 -10.28 -40.68 -46.80
N GLY C 291 -11.20 -41.59 -46.48
CA GLY C 291 -10.85 -42.66 -45.58
C GLY C 291 -10.77 -42.21 -44.14
N ARG C 292 -9.56 -42.11 -43.61
CA ARG C 292 -9.35 -41.64 -42.26
C ARG C 292 -9.99 -40.28 -42.03
N THR C 293 -10.65 -40.14 -40.89
CA THR C 293 -11.27 -38.88 -40.49
C THR C 293 -10.47 -38.30 -39.33
N LEU C 294 -9.90 -37.12 -39.54
CA LEU C 294 -8.99 -36.53 -38.58
C LEU C 294 -9.73 -36.07 -37.32
N SER C 295 -9.00 -35.45 -36.41
CA SER C 295 -9.61 -34.91 -35.21
C SER C 295 -10.72 -33.93 -35.57
N GLY C 296 -11.86 -34.11 -34.93
CA GLY C 296 -12.99 -33.23 -35.14
C GLY C 296 -13.79 -33.46 -36.39
N GLY C 297 -13.57 -34.56 -37.12
CA GLY C 297 -14.35 -34.82 -38.30
C GLY C 297 -13.79 -34.24 -39.58
N LEU C 298 -12.47 -34.15 -39.70
CA LEU C 298 -11.83 -33.48 -40.82
C LEU C 298 -11.29 -34.49 -41.83
N ASP C 299 -11.41 -34.15 -43.11
CA ASP C 299 -10.81 -34.94 -44.18
C ASP C 299 -9.31 -34.62 -44.28
N SER C 300 -8.50 -35.66 -44.33
CA SER C 300 -7.05 -35.46 -44.36
C SER C 300 -6.59 -34.88 -45.68
N ALA C 301 -6.94 -35.52 -46.79
CA ALA C 301 -6.45 -35.13 -48.11
C ALA C 301 -7.28 -34.03 -48.75
N ALA C 302 -8.43 -33.67 -48.18
CA ALA C 302 -9.22 -32.59 -48.74
C ALA C 302 -8.43 -31.29 -48.74
N LEU C 303 -7.70 -31.03 -47.66
CA LEU C 303 -6.94 -29.79 -47.53
C LEU C 303 -5.94 -29.61 -48.64
N TYR C 304 -5.44 -30.70 -49.22
CA TYR C 304 -4.35 -30.59 -50.20
C TYR C 304 -4.76 -29.71 -51.38
N PHE C 305 -6.01 -29.83 -51.82
CA PHE C 305 -6.49 -28.92 -52.87
C PHE C 305 -6.50 -27.48 -52.38
N PRO C 306 -7.05 -27.14 -51.22
CA PRO C 306 -6.73 -25.82 -50.63
C PRO C 306 -5.27 -25.65 -50.32
N LYS C 307 -4.55 -26.72 -49.97
CA LYS C 307 -3.12 -26.56 -49.69
C LYS C 307 -2.35 -26.24 -50.97
N ARG C 308 -2.65 -26.96 -52.06
CA ARG C 308 -2.10 -26.58 -53.36
C ARG C 308 -2.53 -25.17 -53.73
N PHE C 309 -3.77 -24.83 -53.41
CA PHE C 309 -4.32 -23.53 -53.77
C PHE C 309 -3.58 -22.40 -53.08
N LEU C 310 -3.25 -22.59 -51.80
CA LEU C 310 -2.64 -21.53 -51.00
C LEU C 310 -1.13 -21.51 -51.16
N GLY C 311 -0.48 -22.68 -51.08
CA GLY C 311 0.95 -22.75 -51.25
C GLY C 311 1.42 -22.30 -52.61
N ALA C 312 0.52 -22.27 -53.60
CA ALA C 312 0.88 -21.72 -54.90
C ALA C 312 1.34 -20.27 -54.78
N ALA C 313 0.77 -19.52 -53.85
CA ALA C 313 1.22 -18.15 -53.62
C ALA C 313 2.68 -18.14 -53.20
N ARG C 314 3.47 -17.27 -53.83
CA ARG C 314 4.91 -17.25 -53.63
C ARG C 314 5.49 -16.04 -54.34
N ASN C 315 6.72 -15.71 -53.99
CA ASN C 315 7.52 -14.75 -54.72
C ASN C 315 8.44 -15.52 -55.66
N ILE C 316 8.28 -15.29 -56.95
CA ILE C 316 9.07 -15.96 -57.97
C ILE C 316 10.15 -15.01 -58.45
N ARG C 317 11.38 -15.51 -58.55
CA ARG C 317 12.51 -14.72 -58.99
C ARG C 317 12.48 -14.41 -60.48
N GLY C 318 11.64 -15.11 -61.24
CA GLY C 318 11.65 -14.97 -62.69
C GLY C 318 10.66 -13.94 -63.22
N GLY C 319 10.15 -13.09 -62.35
CA GLY C 319 9.23 -12.05 -62.79
C GLY C 319 7.80 -12.31 -62.37
N GLY C 320 7.04 -11.24 -62.18
CA GLY C 320 5.71 -11.42 -61.66
C GLY C 320 5.77 -11.88 -60.20
N SER C 321 4.60 -12.25 -59.70
CA SER C 321 4.48 -12.77 -58.35
C SER C 321 3.10 -13.38 -58.21
N LEU C 322 2.88 -14.05 -57.09
CA LEU C 322 1.57 -14.57 -56.73
C LEU C 322 1.36 -14.38 -55.24
N THR C 323 0.55 -13.39 -54.89
CA THR C 323 0.25 -13.07 -53.50
C THR C 323 -1.22 -13.35 -53.23
N ILE C 324 -1.49 -14.21 -52.25
CA ILE C 324 -2.85 -14.59 -51.90
C ILE C 324 -3.06 -14.36 -50.41
N LEU C 325 -4.13 -13.64 -50.08
CA LEU C 325 -4.52 -13.40 -48.70
C LEU C 325 -5.94 -13.90 -48.49
N ALA C 326 -6.13 -14.72 -47.47
CA ALA C 326 -7.42 -15.36 -47.25
C ALA C 326 -7.93 -15.08 -45.84
N THR C 327 -9.25 -15.11 -45.71
CA THR C 327 -9.92 -14.79 -44.45
C THR C 327 -10.16 -16.04 -43.63
N ALA C 328 -9.55 -16.10 -42.45
CA ALA C 328 -9.61 -17.25 -41.57
C ALA C 328 -10.57 -16.97 -40.43
N LEU C 329 -11.56 -17.84 -40.26
CA LEU C 329 -12.53 -17.77 -39.17
C LEU C 329 -11.93 -18.50 -37.99
N VAL C 330 -11.85 -17.84 -36.83
CA VAL C 330 -11.14 -18.35 -35.68
C VAL C 330 -11.95 -18.12 -34.41
N GLU C 331 -11.56 -18.85 -33.35
CA GLU C 331 -12.36 -19.09 -32.13
C GLU C 331 -13.86 -19.19 -32.43
N THR C 332 -14.22 -19.99 -33.42
CA THR C 332 -15.61 -20.32 -33.68
C THR C 332 -16.09 -21.50 -32.85
N GLY C 333 -15.29 -21.97 -31.90
CA GLY C 333 -15.68 -23.03 -31.02
C GLY C 333 -15.64 -24.43 -31.62
N SER C 334 -15.10 -24.58 -32.82
CA SER C 334 -15.07 -25.86 -33.52
C SER C 334 -13.64 -26.34 -33.65
N ARG C 335 -13.40 -27.61 -33.28
CA ARG C 335 -12.09 -28.20 -33.48
C ARG C 335 -11.71 -28.19 -34.96
N MET C 336 -12.68 -28.43 -35.85
CA MET C 336 -12.40 -28.36 -37.27
C MET C 336 -11.76 -27.03 -37.65
N ASP C 337 -12.39 -25.92 -37.26
CA ASP C 337 -11.95 -24.62 -37.75
C ASP C 337 -10.56 -24.29 -37.21
N ASP C 338 -10.35 -24.47 -35.90
CA ASP C 338 -9.06 -24.15 -35.31
C ASP C 338 -7.96 -25.06 -35.81
N VAL C 339 -8.26 -26.35 -35.98
CA VAL C 339 -7.26 -27.27 -36.53
C VAL C 339 -6.86 -26.84 -37.92
N ILE C 340 -7.84 -26.53 -38.78
CA ILE C 340 -7.50 -26.16 -40.15
C ILE C 340 -6.70 -24.86 -40.17
N PHE C 341 -7.05 -23.94 -39.27
CA PHE C 341 -6.19 -22.78 -39.02
C PHE C 341 -4.77 -23.22 -38.71
N GLU C 342 -4.62 -24.31 -37.97
CA GLU C 342 -3.28 -24.75 -37.64
C GLU C 342 -2.52 -25.26 -38.86
N GLU C 343 -3.14 -26.11 -39.68
CA GLU C 343 -2.40 -26.58 -40.86
C GLU C 343 -2.06 -25.43 -41.79
N PHE C 344 -3.02 -24.56 -42.07
CA PHE C 344 -2.74 -23.46 -42.98
C PHE C 344 -1.87 -22.39 -42.34
N LYS C 345 -1.70 -22.43 -41.02
CA LYS C 345 -0.82 -21.47 -40.35
C LYS C 345 0.64 -21.76 -40.63
N GLY C 346 1.02 -23.05 -40.65
CA GLY C 346 2.39 -23.43 -40.96
C GLY C 346 2.76 -23.28 -42.42
N THR C 347 1.79 -23.02 -43.28
CA THR C 347 2.03 -22.77 -44.69
C THR C 347 2.21 -21.29 -45.01
N GLY C 348 1.55 -20.40 -44.27
CA GLY C 348 1.62 -19.00 -44.56
C GLY C 348 2.80 -18.32 -43.89
N ASN C 349 3.21 -17.19 -44.48
CA ASN C 349 4.33 -16.41 -43.99
C ASN C 349 3.89 -15.23 -43.13
N MET C 350 2.59 -15.10 -42.88
CA MET C 350 2.07 -13.97 -42.11
C MET C 350 0.73 -14.35 -41.53
N GLU C 351 0.47 -13.86 -40.32
CA GLU C 351 -0.84 -14.00 -39.70
C GLU C 351 -1.19 -12.67 -39.07
N LEU C 352 -2.44 -12.23 -39.27
CA LEU C 352 -2.92 -11.00 -38.66
C LEU C 352 -4.21 -11.33 -37.91
N HIS C 353 -4.12 -11.37 -36.58
CA HIS C 353 -5.21 -11.84 -35.74
C HIS C 353 -6.13 -10.70 -35.36
N LEU C 354 -7.42 -10.92 -35.48
CA LEU C 354 -8.45 -10.00 -35.01
C LEU C 354 -9.23 -10.70 -33.90
N SER C 355 -9.47 -10.00 -32.80
CA SER C 355 -10.07 -10.60 -31.62
C SER C 355 -11.56 -10.30 -31.56
N ARG C 356 -12.33 -11.25 -31.02
CA ARG C 356 -13.77 -11.05 -30.87
C ARG C 356 -14.07 -9.86 -29.98
N ARG C 357 -13.40 -9.74 -28.83
CA ARG C 357 -13.79 -8.74 -27.84
C ARG C 357 -13.39 -7.33 -28.31
N LEU C 358 -12.26 -7.22 -29.00
CA LEU C 358 -11.88 -5.92 -29.54
C LEU C 358 -12.90 -5.42 -30.55
N GLU C 359 -13.38 -6.31 -31.42
CA GLU C 359 -14.45 -5.96 -32.33
C GLU C 359 -15.74 -5.68 -31.57
N GLU C 360 -15.94 -6.38 -30.45
CA GLU C 360 -17.10 -6.11 -29.60
C GLU C 360 -17.07 -4.69 -29.05
N ARG C 361 -15.89 -4.21 -28.67
CA ARG C 361 -15.76 -2.84 -28.20
C ARG C 361 -15.87 -1.83 -29.33
N ARG C 362 -16.26 -2.25 -30.53
CA ARG C 362 -16.43 -1.40 -31.69
C ARG C 362 -15.14 -0.72 -32.11
N ILE C 363 -13.99 -1.31 -31.81
CA ILE C 363 -12.69 -0.74 -32.15
C ILE C 363 -12.29 -1.30 -33.50
N PHE C 364 -12.01 -0.43 -34.46
CA PHE C 364 -11.66 -0.89 -35.78
C PHE C 364 -10.43 -0.16 -36.30
N PRO C 365 -9.41 -0.88 -36.78
CA PRO C 365 -9.39 -2.35 -36.84
C PRO C 365 -9.14 -3.02 -35.49
N ALA C 366 -9.84 -4.14 -35.26
CA ALA C 366 -9.75 -4.88 -34.00
C ALA C 366 -8.67 -5.96 -34.08
N ILE C 367 -7.45 -5.54 -34.41
CA ILE C 367 -6.35 -6.46 -34.60
C ILE C 367 -5.86 -6.96 -33.25
N ASP C 368 -5.68 -8.28 -33.13
CA ASP C 368 -4.88 -8.82 -32.05
C ASP C 368 -3.41 -8.57 -32.39
N ILE C 369 -2.86 -7.49 -31.83
CA ILE C 369 -1.56 -7.00 -32.26
C ILE C 369 -0.46 -8.00 -31.94
N LEU C 370 -0.51 -8.57 -30.73
CA LEU C 370 0.67 -9.22 -30.16
C LEU C 370 1.18 -10.35 -31.04
N LYS C 371 0.30 -11.26 -31.45
CA LYS C 371 0.76 -12.48 -32.10
C LYS C 371 0.86 -12.34 -33.61
N SER C 372 0.43 -11.22 -34.18
CA SER C 372 0.51 -11.02 -35.61
C SER C 372 1.92 -10.62 -36.04
N GLY C 373 2.36 -11.17 -37.15
CA GLY C 373 3.72 -10.90 -37.63
C GLY C 373 3.99 -11.61 -38.93
N THR C 374 5.21 -11.41 -39.42
CA THR C 374 5.65 -11.95 -40.70
C THR C 374 7.01 -12.61 -40.53
N ARG C 375 7.54 -13.12 -41.64
CA ARG C 375 8.89 -13.64 -41.71
C ARG C 375 9.77 -12.74 -42.56
N ARG C 376 11.07 -12.75 -42.27
CA ARG C 376 12.08 -12.11 -43.12
C ARG C 376 11.74 -10.64 -43.38
N GLU C 377 11.45 -9.93 -42.29
CA GLU C 377 11.09 -8.51 -42.40
C GLU C 377 12.18 -7.73 -43.11
N GLU C 378 13.44 -8.08 -42.86
CA GLU C 378 14.56 -7.41 -43.54
C GLU C 378 14.44 -7.53 -45.05
N LEU C 379 13.81 -8.60 -45.53
CA LEU C 379 13.60 -8.74 -46.96
C LEU C 379 12.52 -7.80 -47.46
N LEU C 380 11.77 -7.18 -46.57
CA LEU C 380 10.84 -6.12 -46.91
C LEU C 380 11.11 -4.83 -46.15
N LEU C 381 11.93 -4.87 -45.10
CA LEU C 381 12.17 -3.71 -44.26
C LEU C 381 13.67 -3.50 -44.09
N GLY C 382 14.04 -2.27 -43.75
CA GLY C 382 15.42 -2.01 -43.41
C GLY C 382 15.74 -2.46 -41.99
N GLU C 383 17.03 -2.58 -41.71
CA GLU C 383 17.46 -2.87 -40.35
C GLU C 383 17.04 -1.76 -39.41
N GLU C 384 17.08 -0.51 -39.88
CA GLU C 384 16.46 0.57 -39.13
C GLU C 384 14.99 0.28 -38.88
N VAL C 385 14.27 -0.09 -39.95
CA VAL C 385 12.86 -0.44 -39.81
C VAL C 385 12.69 -1.65 -38.91
N THR C 386 13.56 -2.65 -39.08
CA THR C 386 13.44 -3.88 -38.30
C THR C 386 13.65 -3.61 -36.82
N HIS C 387 14.65 -2.78 -36.48
CA HIS C 387 14.93 -2.51 -35.08
C HIS C 387 13.87 -1.60 -34.47
N LYS C 388 13.37 -0.62 -35.24
CA LYS C 388 12.27 0.19 -34.76
C LYS C 388 11.04 -0.69 -34.51
N MET C 389 10.84 -1.69 -35.35
CA MET C 389 9.74 -2.63 -35.16
C MET C 389 9.97 -3.47 -33.90
N TRP C 390 11.21 -3.87 -33.66
CA TRP C 390 11.57 -4.55 -32.42
C TRP C 390 11.14 -3.71 -31.22
N LEU C 391 11.54 -2.45 -31.22
CA LEU C 391 11.24 -1.56 -30.12
C LEU C 391 9.74 -1.36 -29.95
N LEU C 392 9.03 -1.16 -31.06
CA LEU C 392 7.59 -0.96 -31.00
C LEU C 392 6.87 -2.20 -30.49
N ARG C 393 7.31 -3.38 -30.92
CA ARG C 393 6.69 -4.60 -30.42
C ARG C 393 6.99 -4.81 -28.96
N LYS C 394 8.16 -4.38 -28.50
CA LYS C 394 8.40 -4.35 -27.06
C LYS C 394 7.36 -3.49 -26.35
N VAL C 395 7.17 -2.27 -26.84
CA VAL C 395 6.23 -1.34 -26.24
C VAL C 395 4.83 -1.94 -26.22
N LEU C 396 4.41 -2.54 -27.33
CA LEU C 396 3.07 -3.10 -27.43
C LEU C 396 2.90 -4.39 -26.65
N ALA C 397 3.93 -5.23 -26.59
CA ALA C 397 3.88 -6.40 -25.71
C ALA C 397 3.73 -5.96 -24.27
N ASP C 398 4.22 -4.76 -23.94
CA ASP C 398 3.85 -4.16 -22.66
C ASP C 398 2.39 -3.71 -22.66
N MET C 399 1.87 -3.30 -23.82
CA MET C 399 0.64 -2.54 -23.91
C MET C 399 -0.55 -3.44 -24.25
N ASP C 400 -1.56 -3.43 -23.35
CA ASP C 400 -2.67 -4.39 -23.40
C ASP C 400 -3.54 -4.20 -24.64
N PRO C 401 -4.15 -5.30 -25.16
CA PRO C 401 -4.81 -5.24 -26.48
C PRO C 401 -5.85 -4.14 -26.70
N ALA C 402 -6.94 -4.13 -25.94
CA ALA C 402 -7.92 -3.06 -26.09
C ALA C 402 -7.27 -1.72 -25.77
N GLU C 403 -6.44 -1.70 -24.73
CA GLU C 403 -5.64 -0.52 -24.42
C GLU C 403 -4.73 -0.16 -25.59
N ALA C 404 -4.11 -1.18 -26.19
CA ALA C 404 -3.24 -0.96 -27.34
C ALA C 404 -4.00 -0.23 -28.43
N MET C 405 -5.17 -0.73 -28.81
CA MET C 405 -5.92 -0.09 -29.88
C MET C 405 -6.36 1.30 -29.51
N GLU C 406 -6.90 1.49 -28.30
CA GLU C 406 -7.44 2.80 -27.96
C GLU C 406 -6.35 3.86 -28.03
N MET C 407 -5.25 3.63 -27.30
CA MET C 407 -4.21 4.66 -27.27
C MET C 407 -3.46 4.76 -28.61
N LEU C 408 -3.24 3.65 -29.32
CA LEU C 408 -2.57 3.76 -30.61
C LEU C 408 -3.44 4.52 -31.62
N LEU C 409 -4.75 4.30 -31.58
CA LEU C 409 -5.62 5.08 -32.47
C LEU C 409 -5.58 6.54 -32.10
N ALA C 410 -5.42 6.85 -30.81
CA ALA C 410 -5.17 8.23 -30.43
C ALA C 410 -3.84 8.72 -31.00
N ARG C 411 -2.80 7.90 -30.93
CA ARG C 411 -1.42 8.30 -31.22
C ARG C 411 -1.16 8.49 -32.71
N LEU C 412 -1.61 7.57 -33.55
CA LEU C 412 -1.17 7.48 -34.93
C LEU C 412 -2.03 8.26 -35.90
N ALA C 413 -3.23 8.66 -35.48
CA ALA C 413 -4.13 9.37 -36.39
C ALA C 413 -3.59 10.74 -36.76
N ARG C 414 -2.60 11.24 -36.02
CA ARG C 414 -2.14 12.61 -36.20
C ARG C 414 -1.36 12.82 -37.49
N THR C 415 -0.82 11.76 -38.08
CA THR C 415 0.01 11.85 -39.26
C THR C 415 -0.30 10.71 -40.22
N LYS C 416 -0.27 11.02 -41.51
CA LYS C 416 -0.64 10.07 -42.56
C LYS C 416 0.53 9.13 -42.84
N ASN C 417 0.23 8.01 -43.50
CA ASN C 417 1.17 6.88 -43.62
C ASN C 417 2.60 7.26 -43.95
N ASN C 418 2.81 8.30 -44.77
CA ASN C 418 4.17 8.80 -44.95
C ASN C 418 4.55 9.75 -43.83
N LYS C 419 3.66 10.69 -43.52
CA LYS C 419 3.84 11.55 -42.35
C LYS C 419 4.02 10.69 -41.11
N GLU C 420 3.11 9.76 -40.87
CA GLU C 420 3.25 8.86 -39.74
C GLU C 420 4.49 8.00 -39.87
N PHE C 421 4.75 7.47 -41.05
CA PHE C 421 5.87 6.55 -41.24
C PHE C 421 7.16 7.18 -40.75
N LEU C 422 7.48 8.37 -41.25
CA LEU C 422 8.75 8.96 -40.89
C LEU C 422 8.71 9.74 -39.57
N ALA C 423 7.64 10.48 -39.30
CA ALA C 423 7.50 11.15 -38.00
C ALA C 423 7.47 10.13 -36.87
N SER C 424 7.08 8.90 -37.15
CA SER C 424 7.01 7.86 -36.13
C SER C 424 8.34 7.15 -36.02
N LEU C 425 9.01 6.90 -37.15
CA LEU C 425 10.39 6.43 -37.06
C LEU C 425 11.22 7.39 -36.21
N ALA C 426 10.84 8.67 -36.23
CA ALA C 426 11.31 9.58 -35.20
C ALA C 426 10.73 9.21 -33.84
N ALA C 427 9.41 8.99 -33.77
CA ALA C 427 8.76 8.76 -32.48
C ALA C 427 8.92 7.32 -32.00
N ARG C 428 8.39 6.36 -32.75
CA ARG C 428 8.47 4.94 -32.37
C ARG C 428 9.87 4.40 -32.64
N ARG D 62 -67.44 -22.65 -60.39
CA ARG D 62 -67.02 -22.45 -59.01
C ARG D 62 -65.63 -21.84 -58.93
N LEU D 63 -65.50 -20.78 -58.12
CA LEU D 63 -64.23 -20.11 -57.91
C LEU D 63 -63.42 -20.85 -56.86
N VAL D 64 -62.12 -20.99 -57.13
CA VAL D 64 -61.20 -21.67 -56.23
C VAL D 64 -60.14 -20.67 -55.78
N LYS D 65 -59.54 -20.96 -54.63
CA LYS D 65 -58.45 -20.14 -54.10
C LYS D 65 -57.47 -21.05 -53.36
N GLY D 66 -56.19 -20.82 -53.60
CA GLY D 66 -55.21 -21.64 -52.89
C GLY D 66 -53.80 -21.12 -53.10
N TYR D 67 -52.91 -21.58 -52.23
CA TYR D 67 -51.48 -21.39 -52.41
C TYR D 67 -50.89 -22.68 -52.95
N LEU D 68 -49.97 -22.53 -53.91
CA LEU D 68 -49.43 -23.68 -54.62
C LEU D 68 -48.30 -24.35 -53.85
N GLU D 69 -48.23 -25.68 -53.93
CA GLU D 69 -47.09 -26.45 -53.44
C GLU D 69 -46.83 -27.59 -54.43
N ILE D 70 -45.72 -27.49 -55.16
CA ILE D 70 -45.35 -28.54 -56.13
C ILE D 70 -44.63 -29.66 -55.38
N SER D 71 -45.13 -30.88 -55.51
CA SER D 71 -44.54 -32.02 -54.83
C SER D 71 -43.31 -32.51 -55.61
N GLN D 72 -42.71 -33.59 -55.11
CA GLN D 72 -41.51 -34.13 -55.74
C GLN D 72 -41.80 -34.64 -57.14
N ASP D 73 -42.93 -35.31 -57.32
CA ASP D 73 -43.33 -35.84 -58.63
C ASP D 73 -43.88 -34.78 -59.56
N GLY D 74 -43.88 -33.52 -59.14
CA GLY D 74 -44.50 -32.47 -59.92
C GLY D 74 -45.98 -32.35 -59.61
N TYR D 75 -46.60 -33.46 -59.22
CA TYR D 75 -48.03 -33.44 -58.92
C TYR D 75 -48.28 -32.62 -57.66
N GLY D 76 -48.74 -31.39 -57.85
CA GLY D 76 -48.82 -30.41 -56.79
C GLY D 76 -50.18 -30.34 -56.13
N PHE D 77 -50.28 -29.40 -55.20
CA PHE D 77 -51.43 -29.28 -54.31
C PHE D 77 -51.67 -27.81 -54.01
N LEU D 78 -52.84 -27.52 -53.42
CA LEU D 78 -53.23 -26.17 -53.04
C LEU D 78 -53.60 -26.16 -51.56
N THR D 79 -52.81 -25.43 -50.77
CA THR D 79 -53.04 -25.35 -49.33
C THR D 79 -54.31 -24.56 -49.02
N GLU D 80 -54.82 -24.77 -47.81
CA GLU D 80 -55.93 -24.01 -47.27
C GLU D 80 -55.41 -23.19 -46.09
N ASN D 81 -56.31 -22.44 -45.44
CA ASN D 81 -55.92 -21.58 -44.32
C ASN D 81 -55.31 -22.35 -43.16
N LEU D 82 -55.55 -23.66 -43.06
CA LEU D 82 -54.88 -24.42 -42.01
C LEU D 82 -53.38 -24.47 -42.22
N HIS D 83 -52.91 -24.09 -43.42
CA HIS D 83 -51.49 -23.91 -43.72
C HIS D 83 -50.71 -25.21 -43.54
N ASN D 84 -51.10 -26.22 -44.30
CA ASN D 84 -50.42 -27.50 -44.33
C ASN D 84 -50.99 -28.29 -45.50
N LEU D 85 -50.59 -29.56 -45.58
CA LEU D 85 -51.28 -30.49 -46.45
C LEU D 85 -52.64 -30.81 -45.87
N GLU D 86 -53.68 -30.16 -46.40
CA GLU D 86 -55.04 -30.38 -45.95
C GLU D 86 -55.77 -31.21 -46.99
N SER D 87 -57.05 -31.46 -46.72
CA SER D 87 -57.89 -32.15 -47.69
C SER D 87 -58.33 -31.21 -48.81
N ARG D 88 -58.05 -29.91 -48.67
CA ARG D 88 -58.43 -28.92 -49.67
C ARG D 88 -57.55 -28.97 -50.91
N VAL D 89 -56.50 -29.75 -50.89
CA VAL D 89 -55.43 -29.68 -51.88
C VAL D 89 -55.93 -30.17 -53.23
N ALA D 90 -55.57 -29.42 -54.26
CA ALA D 90 -56.01 -29.70 -55.63
C ALA D 90 -54.84 -30.22 -56.43
N ILE D 91 -55.06 -31.29 -57.19
CA ILE D 91 -53.99 -31.93 -57.94
C ILE D 91 -53.48 -30.97 -59.01
N VAL D 92 -52.17 -30.80 -59.06
CA VAL D 92 -51.52 -29.92 -60.02
C VAL D 92 -50.56 -30.78 -60.84
N SER D 93 -50.98 -31.16 -62.05
CA SER D 93 -50.17 -32.02 -62.89
C SER D 93 -48.90 -31.31 -63.34
N ALA D 94 -47.88 -32.11 -63.67
CA ALA D 94 -46.65 -31.56 -64.21
C ALA D 94 -46.89 -30.86 -65.55
N GLY D 95 -47.89 -31.32 -66.30
CA GLY D 95 -48.25 -30.64 -67.54
C GLY D 95 -48.68 -29.21 -67.32
N LEU D 96 -49.43 -28.97 -66.24
CA LEU D 96 -49.78 -27.60 -65.88
C LEU D 96 -48.53 -26.77 -65.60
N ILE D 97 -47.56 -27.36 -64.90
CA ILE D 97 -46.30 -26.67 -64.64
C ILE D 97 -45.63 -26.30 -65.96
N LYS D 98 -45.60 -27.25 -66.89
CA LYS D 98 -44.93 -27.01 -68.16
C LYS D 98 -45.63 -25.91 -68.95
N GLN D 99 -46.96 -25.94 -68.98
CA GLN D 99 -47.70 -25.01 -69.85
C GLN D 99 -47.71 -23.60 -69.27
N TYR D 100 -47.94 -23.47 -67.96
CA TYR D 100 -48.10 -22.14 -67.37
C TYR D 100 -46.82 -21.60 -66.74
N ALA D 101 -45.74 -22.38 -66.73
CA ALA D 101 -44.50 -21.99 -66.03
C ALA D 101 -44.80 -21.64 -64.57
N LEU D 102 -45.79 -22.30 -64.00
CA LEU D 102 -46.20 -22.05 -62.63
C LEU D 102 -45.14 -22.55 -61.65
N ARG D 103 -45.01 -21.83 -60.53
CA ARG D 103 -44.01 -22.13 -59.54
C ARG D 103 -44.66 -22.25 -58.16
N ALA D 104 -44.17 -23.21 -57.37
CA ALA D 104 -44.80 -23.54 -56.10
C ALA D 104 -44.87 -22.31 -55.20
N GLY D 105 -46.05 -22.07 -54.66
CA GLY D 105 -46.31 -20.87 -53.88
C GLY D 105 -47.12 -19.82 -54.60
N ASP D 106 -47.27 -19.94 -55.91
CA ASP D 106 -48.10 -18.99 -56.65
C ASP D 106 -49.56 -19.14 -56.24
N TYR D 107 -50.22 -18.01 -56.02
CA TYR D 107 -51.56 -17.99 -55.47
C TYR D 107 -52.57 -18.13 -56.60
N VAL D 108 -53.27 -19.25 -56.62
CA VAL D 108 -54.13 -19.65 -57.74
C VAL D 108 -55.58 -19.35 -57.41
N VAL D 109 -56.25 -18.65 -58.31
CA VAL D 109 -57.69 -18.41 -58.25
C VAL D 109 -58.24 -18.59 -59.67
N GLY D 110 -59.42 -19.18 -59.77
CA GLY D 110 -60.04 -19.34 -61.07
C GLY D 110 -61.34 -20.11 -60.97
N GLN D 111 -62.13 -19.99 -62.02
CA GLN D 111 -63.38 -20.75 -62.11
C GLN D 111 -63.09 -22.21 -62.40
N ALA D 112 -63.75 -23.10 -61.66
CA ALA D 112 -63.61 -24.52 -61.88
C ALA D 112 -64.97 -25.20 -61.75
N ARG D 113 -65.14 -26.28 -62.48
CA ARG D 113 -66.32 -27.12 -62.36
C ARG D 113 -66.08 -28.15 -61.26
N PRO D 114 -67.13 -28.61 -60.58
CA PRO D 114 -66.93 -29.53 -59.47
C PRO D 114 -66.26 -30.80 -59.94
N PRO D 115 -65.52 -31.48 -59.06
CA PRO D 115 -64.86 -32.74 -59.44
C PRO D 115 -65.80 -33.73 -60.08
N ARG D 116 -65.55 -34.06 -61.33
CA ARG D 116 -66.39 -34.96 -62.10
C ARG D 116 -66.27 -36.39 -61.59
N GLU D 117 -66.91 -37.33 -62.28
CA GLU D 117 -66.78 -38.73 -61.92
C GLU D 117 -65.33 -39.17 -62.01
N ASN D 118 -64.87 -39.93 -61.01
CA ASN D 118 -63.51 -40.41 -60.83
C ASN D 118 -62.58 -39.27 -60.45
N GLU D 119 -63.05 -38.03 -60.42
CA GLU D 119 -62.26 -36.90 -60.00
C GLU D 119 -62.47 -36.63 -58.51
N ARG D 120 -61.38 -36.53 -57.77
CA ARG D 120 -61.45 -36.22 -56.36
C ARG D 120 -61.47 -34.73 -56.09
N TYR D 121 -60.95 -33.91 -57.00
CA TYR D 121 -60.92 -32.48 -56.85
C TYR D 121 -61.28 -31.81 -58.16
N ALA D 122 -61.78 -30.59 -58.07
CA ALA D 122 -61.98 -29.78 -59.27
C ALA D 122 -60.64 -29.50 -59.93
N THR D 123 -60.40 -30.14 -61.07
CA THR D 123 -59.12 -30.02 -61.75
C THR D 123 -59.03 -28.65 -62.40
N LEU D 124 -57.83 -28.07 -62.38
CA LEU D 124 -57.63 -26.72 -62.91
C LEU D 124 -57.69 -26.77 -64.43
N LEU D 125 -58.92 -26.70 -64.93
CA LEU D 125 -59.13 -26.70 -66.38
C LEU D 125 -58.44 -25.51 -67.03
N LYS D 126 -58.53 -24.35 -66.40
CA LYS D 126 -57.85 -23.15 -66.89
C LYS D 126 -57.56 -22.23 -65.72
N VAL D 127 -56.43 -21.52 -65.81
CA VAL D 127 -56.07 -20.52 -64.82
C VAL D 127 -56.77 -19.22 -65.19
N GLU D 128 -57.34 -18.55 -64.17
CA GLU D 128 -57.97 -17.26 -64.37
C GLU D 128 -57.26 -16.15 -63.61
N ALA D 129 -57.04 -16.33 -62.31
CA ALA D 129 -56.35 -15.35 -61.49
C ALA D 129 -55.23 -16.05 -60.73
N VAL D 130 -54.02 -16.03 -61.28
CA VAL D 130 -52.86 -16.61 -60.64
C VAL D 130 -52.04 -15.47 -60.03
N ASN D 131 -51.71 -15.62 -58.75
CA ASN D 131 -51.14 -14.52 -57.97
C ASN D 131 -52.04 -13.30 -58.06
N ASN D 132 -53.35 -13.55 -58.10
CA ASN D 132 -54.40 -12.56 -58.34
C ASN D 132 -54.24 -11.89 -59.69
N LEU D 133 -53.57 -12.53 -60.64
CA LEU D 133 -53.32 -11.95 -61.95
C LEU D 133 -53.69 -12.96 -63.02
N ASP D 134 -54.00 -12.45 -64.20
CA ASP D 134 -54.39 -13.30 -65.30
C ASP D 134 -53.13 -13.99 -65.84
N PRO D 135 -53.24 -15.25 -66.31
CA PRO D 135 -52.05 -16.13 -66.35
C PRO D 135 -50.85 -15.61 -67.12
N GLU D 136 -51.05 -14.80 -68.15
CA GLU D 136 -49.92 -14.36 -68.95
C GLU D 136 -48.98 -13.50 -68.14
N ALA D 137 -49.50 -12.80 -67.14
CA ALA D 137 -48.64 -12.04 -66.22
C ALA D 137 -47.70 -12.97 -65.49
N ALA D 138 -48.20 -14.11 -65.02
CA ALA D 138 -47.32 -15.09 -64.39
C ALA D 138 -46.37 -15.72 -65.39
N LYS D 139 -46.79 -15.84 -66.66
CA LYS D 139 -45.91 -16.45 -67.65
C LYS D 139 -44.70 -15.56 -67.93
N ASN D 140 -44.78 -14.27 -67.62
CA ASN D 140 -43.64 -13.37 -67.74
C ASN D 140 -43.45 -12.61 -66.43
N ARG D 141 -42.53 -13.08 -65.61
CA ARG D 141 -42.25 -12.43 -64.34
C ARG D 141 -40.78 -12.63 -63.96
N PRO D 142 -40.12 -11.59 -63.46
CA PRO D 142 -38.72 -11.74 -63.08
C PRO D 142 -38.57 -12.73 -61.94
N ARG D 143 -37.51 -13.53 -62.01
CA ARG D 143 -37.28 -14.54 -60.98
C ARG D 143 -36.64 -13.91 -59.76
N PHE D 144 -36.95 -14.49 -58.59
CA PHE D 144 -36.49 -13.92 -57.33
C PHE D 144 -34.97 -13.90 -57.24
N ASP D 145 -34.32 -14.97 -57.71
CA ASP D 145 -32.88 -15.08 -57.60
C ASP D 145 -32.16 -13.97 -58.35
N GLU D 146 -32.84 -13.31 -59.28
CA GLU D 146 -32.24 -12.26 -60.10
C GLU D 146 -32.27 -10.90 -59.44
N LEU D 147 -32.96 -10.75 -58.32
CA LEU D 147 -33.14 -9.45 -57.70
C LEU D 147 -31.82 -8.94 -57.11
N THR D 148 -31.70 -7.63 -57.03
CA THR D 148 -30.47 -7.00 -56.55
C THR D 148 -30.52 -6.82 -55.04
N PRO D 149 -29.77 -7.58 -54.26
CA PRO D 149 -29.84 -7.43 -52.80
C PRO D 149 -28.98 -6.27 -52.33
N GLN D 150 -29.59 -5.40 -51.54
CA GLN D 150 -28.94 -4.20 -51.04
C GLN D 150 -29.11 -4.14 -49.53
N PHE D 151 -28.71 -3.06 -48.97
CA PHE D 151 -29.05 -2.99 -47.56
C PHE D 151 -30.39 -2.30 -47.37
N PRO D 152 -31.13 -2.67 -46.31
CA PRO D 152 -32.44 -2.05 -46.09
C PRO D 152 -32.31 -0.54 -45.91
N ASP D 153 -33.34 0.17 -46.35
CA ASP D 153 -33.32 1.62 -46.28
C ASP D 153 -34.55 2.20 -45.61
N ARG D 154 -35.58 1.40 -45.35
CA ARG D 154 -36.86 1.88 -44.82
C ARG D 154 -37.03 1.27 -43.44
N GLN D 155 -36.49 1.97 -42.43
CA GLN D 155 -36.60 1.48 -41.07
C GLN D 155 -38.03 1.62 -40.57
N ILE D 156 -38.25 1.15 -39.35
CA ILE D 156 -39.57 1.17 -38.74
C ILE D 156 -39.48 1.94 -37.43
N ARG D 157 -40.25 3.02 -37.33
CA ARG D 157 -40.40 3.73 -36.07
C ARG D 157 -41.20 2.88 -35.08
N LEU D 158 -40.83 2.98 -33.80
CA LEU D 158 -41.39 2.09 -32.78
C LEU D 158 -41.74 2.89 -31.53
N GLU D 159 -43.04 3.05 -31.28
CA GLU D 159 -43.55 3.42 -29.96
C GLU D 159 -44.92 2.80 -29.80
N THR D 160 -45.18 2.24 -28.63
CA THR D 160 -46.49 1.71 -28.29
C THR D 160 -46.88 2.20 -26.91
N THR D 161 -48.17 2.39 -26.70
CA THR D 161 -48.65 2.91 -25.42
C THR D 161 -48.32 2.00 -24.24
N PRO D 162 -48.53 0.67 -24.28
CA PRO D 162 -48.26 -0.13 -23.07
C PRO D 162 -46.80 -0.10 -22.64
N ASP D 163 -45.87 -0.45 -23.53
CA ASP D 163 -44.44 -0.39 -23.22
C ASP D 163 -43.79 0.33 -24.38
N GLU D 164 -43.82 1.66 -24.33
CA GLU D 164 -43.02 2.43 -25.28
C GLU D 164 -41.54 2.19 -25.06
N LEU D 165 -41.15 1.94 -23.81
CA LEU D 165 -39.74 1.80 -23.48
C LEU D 165 -39.09 0.67 -24.29
N SER D 166 -39.75 -0.49 -24.33
CA SER D 166 -39.16 -1.62 -25.04
C SER D 166 -39.00 -1.32 -26.53
N THR D 167 -40.06 -0.82 -27.17
CA THR D 167 -40.00 -0.57 -28.60
C THR D 167 -38.98 0.51 -28.92
N ARG D 168 -38.94 1.57 -28.12
CA ARG D 168 -37.97 2.63 -28.34
C ARG D 168 -36.54 2.13 -28.15
N VAL D 169 -36.33 1.24 -27.18
CA VAL D 169 -35.01 0.64 -27.00
C VAL D 169 -34.64 -0.18 -28.24
N ILE D 170 -35.58 -0.96 -28.75
CA ILE D 170 -35.33 -1.76 -29.95
C ILE D 170 -34.93 -0.86 -31.11
N ASP D 171 -35.70 0.23 -31.31
CA ASP D 171 -35.40 1.13 -32.41
C ASP D 171 -34.05 1.80 -32.22
N LEU D 172 -33.73 2.20 -30.99
CA LEU D 172 -32.49 2.93 -30.74
C LEU D 172 -31.27 2.04 -30.92
N LEU D 173 -31.34 0.79 -30.45
CA LEU D 173 -30.16 -0.06 -30.45
C LEU D 173 -29.97 -0.77 -31.79
N ALA D 174 -31.00 -1.46 -32.26
CA ALA D 174 -30.95 -2.19 -33.53
C ALA D 174 -32.16 -1.78 -34.37
N PRO D 175 -32.05 -0.68 -35.11
CA PRO D 175 -33.13 -0.30 -36.02
C PRO D 175 -33.31 -1.35 -37.11
N ILE D 176 -34.56 -1.60 -37.48
CA ILE D 176 -34.90 -2.63 -38.47
C ILE D 176 -35.46 -1.93 -39.70
N GLY D 177 -34.90 -2.25 -40.87
CA GLY D 177 -35.41 -1.75 -42.12
C GLY D 177 -36.02 -2.86 -42.96
N ARG D 178 -36.69 -2.45 -44.03
CA ARG D 178 -37.31 -3.39 -44.94
C ARG D 178 -36.24 -4.15 -45.71
N GLY D 179 -36.19 -5.48 -45.53
CA GLY D 179 -35.12 -6.29 -46.05
C GLY D 179 -34.10 -6.73 -45.02
N GLN D 180 -34.33 -6.41 -43.76
CA GLN D 180 -33.41 -6.78 -42.68
C GLN D 180 -33.35 -8.28 -42.50
N ARG D 181 -32.19 -8.79 -42.13
CA ARG D 181 -32.05 -10.18 -41.69
C ARG D 181 -31.60 -10.15 -40.23
N GLY D 182 -32.57 -10.20 -39.32
CA GLY D 182 -32.33 -10.05 -37.91
C GLY D 182 -32.42 -11.36 -37.16
N LEU D 183 -32.14 -11.27 -35.85
CA LEU D 183 -32.11 -12.45 -35.01
C LEU D 183 -32.20 -12.04 -33.53
N ILE D 184 -33.18 -12.59 -32.83
CA ILE D 184 -33.27 -12.48 -31.38
C ILE D 184 -32.63 -13.70 -30.76
N VAL D 185 -31.81 -13.48 -29.73
CA VAL D 185 -30.91 -14.50 -29.21
C VAL D 185 -31.12 -14.62 -27.72
N ALA D 186 -31.45 -15.83 -27.26
CA ALA D 186 -31.74 -15.99 -25.83
C ALA D 186 -31.73 -17.46 -25.43
N PRO D 187 -31.46 -17.75 -24.16
CA PRO D 187 -31.70 -19.10 -23.63
C PRO D 187 -33.18 -19.31 -23.42
N PRO D 188 -33.62 -20.53 -23.08
CA PRO D 188 -35.05 -20.76 -22.88
C PRO D 188 -35.60 -19.92 -21.73
N LYS D 189 -36.85 -19.49 -21.89
CA LYS D 189 -37.54 -18.69 -20.88
C LYS D 189 -36.75 -17.42 -20.56
N ALA D 190 -36.42 -16.67 -21.60
CA ALA D 190 -35.62 -15.46 -21.42
C ALA D 190 -36.15 -14.28 -22.22
N GLY D 191 -37.34 -14.41 -22.81
CA GLY D 191 -38.01 -13.28 -23.39
C GLY D 191 -37.96 -13.15 -24.90
N LYS D 192 -38.10 -14.24 -25.64
CA LYS D 192 -38.22 -14.13 -27.09
C LYS D 192 -39.68 -14.13 -27.50
N THR D 193 -40.49 -14.93 -26.83
CA THR D 193 -41.90 -15.07 -27.21
C THR D 193 -42.65 -13.76 -27.04
N THR D 194 -42.70 -13.23 -25.82
CA THR D 194 -43.47 -12.02 -25.57
C THR D 194 -42.87 -10.82 -26.29
N LEU D 195 -41.55 -10.77 -26.41
CA LEU D 195 -40.93 -9.68 -27.15
C LEU D 195 -41.31 -9.73 -28.61
N LEU D 196 -41.34 -10.93 -29.20
CA LEU D 196 -41.79 -11.08 -30.58
C LEU D 196 -43.24 -10.64 -30.71
N LYS D 197 -44.07 -10.98 -29.72
CA LYS D 197 -45.46 -10.53 -29.73
C LYS D 197 -45.54 -9.01 -29.75
N LYS D 198 -44.75 -8.36 -28.88
CA LYS D 198 -44.74 -6.90 -28.83
C LYS D 198 -44.28 -6.31 -30.15
N ILE D 199 -43.25 -6.92 -30.75
CA ILE D 199 -42.76 -6.45 -32.04
C ILE D 199 -43.84 -6.55 -33.10
N ALA D 200 -44.55 -7.68 -33.14
CA ALA D 200 -45.61 -7.84 -34.12
C ALA D 200 -46.70 -6.80 -33.93
N ASN D 201 -47.09 -6.55 -32.67
CA ASN D 201 -48.11 -5.55 -32.40
C ASN D 201 -47.65 -4.16 -32.85
N ALA D 202 -46.42 -3.80 -32.51
CA ALA D 202 -45.90 -2.50 -32.90
C ALA D 202 -45.83 -2.36 -34.42
N VAL D 203 -45.45 -3.43 -35.11
CA VAL D 203 -45.41 -3.38 -36.57
C VAL D 203 -46.80 -3.20 -37.14
N LEU D 204 -47.77 -3.96 -36.63
CA LEU D 204 -49.13 -3.84 -37.11
C LEU D 204 -49.73 -2.49 -36.81
N LYS D 205 -49.22 -1.78 -35.81
CA LYS D 205 -49.69 -0.43 -35.54
C LYS D 205 -48.95 0.64 -36.34
N ASN D 206 -47.67 0.46 -36.61
CA ASN D 206 -46.88 1.49 -37.28
C ASN D 206 -46.83 1.28 -38.78
N GLU D 207 -46.80 0.04 -39.25
CA GLU D 207 -46.71 -0.27 -40.67
C GLU D 207 -47.79 -1.27 -41.04
N PRO D 208 -49.06 -0.87 -40.96
CA PRO D 208 -50.14 -1.81 -41.32
C PRO D 208 -50.08 -2.26 -42.77
N ASP D 209 -49.56 -1.41 -43.66
CA ASP D 209 -49.51 -1.75 -45.08
C ASP D 209 -48.69 -3.01 -45.32
N ILE D 210 -47.64 -3.22 -44.53
CA ILE D 210 -46.76 -4.36 -44.74
C ILE D 210 -47.48 -5.65 -44.38
N LYS D 211 -47.34 -6.66 -45.25
CA LYS D 211 -47.83 -8.00 -44.96
C LYS D 211 -46.99 -8.59 -43.83
N VAL D 212 -47.59 -8.74 -42.66
CA VAL D 212 -46.89 -9.23 -41.49
C VAL D 212 -47.20 -10.70 -41.29
N ILE D 213 -46.16 -11.51 -41.17
CA ILE D 213 -46.29 -12.96 -41.03
C ILE D 213 -45.44 -13.41 -39.86
N VAL D 214 -46.00 -14.27 -39.01
CA VAL D 214 -45.28 -14.85 -37.88
C VAL D 214 -45.32 -16.36 -38.02
N LEU D 215 -44.15 -16.99 -37.96
CA LEU D 215 -44.05 -18.44 -38.03
C LEU D 215 -43.49 -18.96 -36.71
N LEU D 216 -44.23 -19.88 -36.10
CA LEU D 216 -43.87 -20.46 -34.81
C LEU D 216 -43.55 -21.93 -35.04
N ILE D 217 -42.36 -22.36 -34.60
CA ILE D 217 -41.90 -23.72 -34.78
C ILE D 217 -41.65 -24.33 -33.42
N ASP D 218 -42.17 -25.53 -33.21
CA ASP D 218 -41.79 -26.38 -32.08
C ASP D 218 -42.10 -25.70 -30.74
N GLU D 219 -43.23 -25.01 -30.64
CA GLU D 219 -43.56 -24.23 -29.46
C GLU D 219 -44.74 -24.84 -28.71
N ARG D 220 -45.06 -24.24 -27.56
CA ARG D 220 -46.18 -24.72 -26.77
C ARG D 220 -47.50 -24.28 -27.40
N PRO D 221 -48.52 -25.15 -27.39
CA PRO D 221 -49.80 -24.79 -28.03
C PRO D 221 -50.49 -23.57 -27.42
N GLU D 222 -50.38 -23.38 -26.11
CA GLU D 222 -51.10 -22.27 -25.48
C GLU D 222 -50.55 -20.93 -25.95
N GLU D 223 -49.24 -20.86 -26.23
CA GLU D 223 -48.67 -19.66 -26.82
C GLU D 223 -49.27 -19.41 -28.20
N VAL D 224 -49.45 -20.48 -28.98
CA VAL D 224 -50.08 -20.36 -30.29
C VAL D 224 -51.48 -19.79 -30.15
N THR D 225 -52.24 -20.30 -29.17
CA THR D 225 -53.58 -19.77 -28.94
C THR D 225 -53.50 -18.31 -28.51
N ASP D 226 -52.54 -17.97 -27.65
CA ASP D 226 -52.42 -16.61 -27.16
C ASP D 226 -52.20 -15.64 -28.32
N PHE D 227 -51.30 -15.99 -29.24
CA PHE D 227 -51.12 -15.14 -30.41
C PHE D 227 -52.36 -15.13 -31.28
N ARG D 228 -52.87 -16.30 -31.64
CA ARG D 228 -53.99 -16.38 -32.57
C ARG D 228 -55.17 -15.56 -32.08
N GLU D 229 -55.34 -15.48 -30.76
CA GLU D 229 -56.33 -14.56 -30.20
C GLU D 229 -55.84 -13.12 -30.27
N SER D 230 -54.58 -12.90 -29.94
CA SER D 230 -54.02 -11.55 -29.83
C SER D 230 -53.39 -11.06 -31.12
N VAL D 231 -53.44 -11.84 -32.19
CA VAL D 231 -52.90 -11.39 -33.48
C VAL D 231 -53.96 -10.71 -34.34
N GLN D 232 -55.22 -10.72 -33.89
CA GLN D 232 -56.35 -10.11 -34.60
C GLN D 232 -56.32 -10.44 -36.10
N GLY D 233 -56.04 -11.71 -36.41
CA GLY D 233 -56.16 -12.21 -37.76
C GLY D 233 -54.90 -12.16 -38.60
N ALA D 234 -53.87 -11.45 -38.18
CA ALA D 234 -52.63 -11.44 -38.95
C ALA D 234 -52.02 -12.83 -38.96
N GLU D 235 -51.30 -13.14 -40.04
CA GLU D 235 -50.88 -14.50 -40.34
C GLU D 235 -49.90 -15.00 -39.28
N VAL D 236 -50.36 -15.85 -38.39
CA VAL D 236 -49.51 -16.58 -37.46
C VAL D 236 -49.56 -18.04 -37.83
N ILE D 237 -48.50 -18.54 -38.45
CA ILE D 237 -48.38 -19.95 -38.78
C ILE D 237 -47.58 -20.61 -37.67
N ALA D 238 -48.10 -21.72 -37.15
CA ALA D 238 -47.46 -22.35 -36.01
C ALA D 238 -47.34 -23.84 -36.26
N SER D 239 -46.26 -24.41 -35.72
CA SER D 239 -46.06 -25.85 -35.75
C SER D 239 -45.43 -26.23 -34.41
N THR D 240 -46.26 -26.71 -33.49
CA THR D 240 -45.83 -26.98 -32.14
C THR D 240 -44.79 -28.10 -32.12
N PHE D 241 -44.17 -28.28 -30.95
CA PHE D 241 -43.35 -29.46 -30.74
C PHE D 241 -44.15 -30.74 -30.85
N ASP D 242 -45.47 -30.64 -30.76
CA ASP D 242 -46.32 -31.82 -30.91
C ASP D 242 -46.24 -32.40 -32.31
N GLU D 243 -45.83 -31.61 -33.28
CA GLU D 243 -45.82 -32.05 -34.66
C GLU D 243 -44.52 -32.77 -35.00
N PRO D 244 -44.56 -33.69 -35.96
CA PRO D 244 -43.33 -34.29 -36.44
C PRO D 244 -42.48 -33.26 -37.15
N PRO D 245 -41.16 -33.42 -37.14
CA PRO D 245 -40.29 -32.43 -37.81
C PRO D 245 -40.52 -32.34 -39.31
N GLN D 246 -41.02 -33.42 -39.91
CA GLN D 246 -41.29 -33.40 -41.35
C GLN D 246 -42.36 -32.37 -41.69
N ASN D 247 -43.42 -32.31 -40.87
CA ASN D 247 -44.43 -31.28 -41.06
C ASN D 247 -43.86 -29.89 -40.85
N HIS D 248 -42.99 -29.75 -39.84
CA HIS D 248 -42.29 -28.48 -39.63
C HIS D 248 -41.60 -28.04 -40.90
N ILE D 249 -40.80 -28.94 -41.48
CA ILE D 249 -40.01 -28.60 -42.67
C ILE D 249 -40.91 -28.29 -43.84
N ARG D 250 -41.95 -29.10 -44.04
CA ARG D 250 -42.86 -28.89 -45.15
C ARG D 250 -43.52 -27.53 -45.07
N VAL D 251 -44.11 -27.23 -43.91
CA VAL D 251 -44.80 -25.95 -43.74
C VAL D 251 -43.83 -24.79 -43.89
N ALA D 252 -42.64 -24.91 -43.29
CA ALA D 252 -41.66 -23.85 -43.39
C ALA D 252 -41.29 -23.60 -44.84
N GLU D 253 -41.05 -24.66 -45.60
CA GLU D 253 -40.63 -24.49 -46.99
C GLU D 253 -41.76 -23.93 -47.84
N PHE D 254 -43.00 -24.33 -47.56
CA PHE D 254 -44.12 -23.76 -48.32
C PHE D 254 -44.28 -22.27 -48.03
N VAL D 255 -44.12 -21.89 -46.76
CA VAL D 255 -44.10 -20.48 -46.41
C VAL D 255 -42.97 -19.77 -47.12
N HIS D 256 -41.79 -20.40 -47.15
CA HIS D 256 -40.65 -19.87 -47.88
C HIS D 256 -41.02 -19.56 -49.32
N GLU D 257 -41.62 -20.55 -49.99
CA GLU D 257 -41.98 -20.38 -51.39
C GLU D 257 -42.98 -19.23 -51.56
N ARG D 258 -44.07 -19.26 -50.80
CA ARG D 258 -45.11 -18.25 -50.96
C ARG D 258 -44.55 -16.85 -50.74
N ALA D 259 -43.75 -16.68 -49.69
CA ALA D 259 -43.12 -15.39 -49.46
C ALA D 259 -42.20 -15.00 -50.61
N LYS D 260 -41.49 -15.98 -51.17
CA LYS D 260 -40.63 -15.67 -52.31
C LYS D 260 -41.44 -15.13 -53.48
N ARG D 261 -42.57 -15.76 -53.79
CA ARG D 261 -43.34 -15.28 -54.94
C ARG D 261 -44.01 -13.95 -54.62
N ILE D 262 -44.36 -13.73 -53.37
CA ILE D 262 -44.93 -12.44 -52.99
C ILE D 262 -43.92 -11.32 -53.19
N VAL D 263 -42.69 -11.52 -52.71
CA VAL D 263 -41.66 -10.51 -52.92
C VAL D 263 -41.28 -10.43 -54.40
N GLU D 264 -41.43 -11.54 -55.12
CA GLU D 264 -41.19 -11.55 -56.56
C GLU D 264 -42.06 -10.52 -57.26
N GLU D 265 -43.22 -10.20 -56.69
CA GLU D 265 -44.07 -9.13 -57.17
C GLU D 265 -43.82 -7.83 -56.43
N GLY D 266 -42.61 -7.64 -55.92
CA GLY D 266 -42.27 -6.42 -55.19
C GLY D 266 -43.01 -6.28 -53.88
N GLY D 267 -43.18 -7.37 -53.14
CA GLY D 267 -43.89 -7.33 -51.89
C GLY D 267 -42.97 -7.12 -50.70
N HIS D 268 -43.50 -6.47 -49.67
CA HIS D 268 -42.82 -6.31 -48.39
C HIS D 268 -43.32 -7.43 -47.47
N VAL D 269 -42.47 -8.42 -47.25
CA VAL D 269 -42.81 -9.57 -46.43
C VAL D 269 -41.91 -9.58 -45.22
N MET D 270 -42.53 -9.50 -44.04
CA MET D 270 -41.84 -9.68 -42.77
C MET D 270 -42.23 -11.03 -42.21
N ILE D 271 -41.24 -11.87 -41.94
CA ILE D 271 -41.46 -13.20 -41.37
C ILE D 271 -40.81 -13.26 -40.00
N LEU D 272 -41.59 -13.66 -39.01
CA LEU D 272 -41.12 -13.82 -37.65
C LEU D 272 -41.06 -15.31 -37.35
N LEU D 273 -39.87 -15.89 -37.48
CA LEU D 273 -39.65 -17.32 -37.32
C LEU D 273 -39.26 -17.61 -35.88
N ASP D 274 -39.81 -18.69 -35.33
CA ASP D 274 -39.52 -19.11 -33.97
C ASP D 274 -38.69 -20.39 -33.97
N SER D 275 -37.80 -20.48 -32.98
CA SER D 275 -37.08 -21.71 -32.67
C SER D 275 -36.16 -22.14 -33.81
N ILE D 276 -35.34 -21.19 -34.28
CA ILE D 276 -34.49 -21.47 -35.43
C ILE D 276 -33.42 -22.49 -35.07
N THR D 277 -32.92 -22.45 -33.83
CA THR D 277 -32.01 -23.49 -33.38
C THR D 277 -32.72 -24.83 -33.34
N ARG D 278 -33.91 -24.86 -32.77
CA ARG D 278 -34.69 -26.09 -32.79
C ARG D 278 -35.18 -26.41 -34.19
N LEU D 279 -35.36 -25.40 -35.05
CA LEU D 279 -35.67 -25.69 -36.44
C LEU D 279 -34.50 -26.40 -37.13
N ALA D 280 -33.28 -25.95 -36.86
CA ALA D 280 -32.12 -26.61 -37.42
C ALA D 280 -31.96 -28.01 -36.85
N ARG D 281 -32.29 -28.18 -35.57
CA ARG D 281 -32.30 -29.51 -34.98
C ARG D 281 -33.32 -30.41 -35.68
N ALA D 282 -34.49 -29.85 -35.99
CA ALA D 282 -35.49 -30.61 -36.75
C ALA D 282 -34.98 -30.96 -38.13
N ASN D 283 -34.27 -30.04 -38.78
CA ASN D 283 -33.65 -30.33 -40.07
C ASN D 283 -32.64 -31.46 -39.94
N ASN D 284 -31.82 -31.40 -38.90
CA ASN D 284 -30.90 -32.49 -38.57
C ASN D 284 -31.64 -33.82 -38.47
N LEU D 285 -32.81 -33.80 -37.83
CA LEU D 285 -33.64 -34.99 -37.79
C LEU D 285 -34.06 -35.42 -39.19
N VAL D 286 -34.49 -34.45 -40.01
CA VAL D 286 -35.04 -34.77 -41.31
C VAL D 286 -33.96 -35.24 -42.26
N THR D 287 -32.86 -34.50 -42.37
CA THR D 287 -31.75 -34.92 -43.23
C THR D 287 -31.05 -36.09 -42.55
N PRO D 288 -31.27 -37.32 -43.02
CA PRO D 288 -31.03 -38.48 -42.14
C PRO D 288 -29.55 -38.79 -41.93
N PRO D 289 -28.74 -39.17 -42.96
CA PRO D 289 -27.34 -39.48 -42.64
C PRO D 289 -26.31 -38.38 -42.90
N THR D 290 -26.45 -37.69 -44.03
CA THR D 290 -25.53 -36.66 -44.51
C THR D 290 -24.14 -37.24 -44.75
N GLY D 291 -23.94 -38.52 -44.47
CA GLY D 291 -22.60 -39.09 -44.55
C GLY D 291 -21.76 -38.72 -43.34
N ARG D 292 -20.84 -37.78 -43.52
CA ARG D 292 -19.98 -37.33 -42.44
C ARG D 292 -20.80 -36.71 -41.30
N THR D 293 -20.26 -36.81 -40.10
CA THR D 293 -20.87 -36.20 -38.91
C THR D 293 -20.01 -35.05 -38.44
N LEU D 294 -20.60 -33.85 -38.39
CA LEU D 294 -19.87 -32.70 -37.89
C LEU D 294 -19.65 -32.80 -36.39
N SER D 295 -18.83 -31.89 -35.87
CA SER D 295 -18.65 -31.78 -34.43
C SER D 295 -19.99 -31.51 -33.75
N GLY D 296 -20.38 -32.42 -32.86
CA GLY D 296 -21.63 -32.31 -32.15
C GLY D 296 -22.80 -33.06 -32.74
N GLY D 297 -22.57 -33.94 -33.70
CA GLY D 297 -23.66 -34.65 -34.32
C GLY D 297 -24.46 -33.85 -35.32
N LEU D 298 -23.93 -32.71 -35.76
CA LEU D 298 -24.63 -31.84 -36.70
C LEU D 298 -24.43 -32.35 -38.12
N ASP D 299 -25.45 -32.17 -38.96
CA ASP D 299 -25.38 -32.62 -40.33
C ASP D 299 -24.62 -31.61 -41.18
N SER D 300 -23.77 -32.11 -42.07
CA SER D 300 -23.01 -31.24 -42.95
C SER D 300 -23.93 -30.44 -43.88
N ALA D 301 -24.92 -31.10 -44.45
CA ALA D 301 -25.79 -30.49 -45.46
C ALA D 301 -27.11 -29.98 -44.90
N ALA D 302 -27.43 -30.27 -43.64
CA ALA D 302 -28.71 -29.83 -43.11
C ALA D 302 -28.78 -28.31 -43.04
N LEU D 303 -27.70 -27.66 -42.56
CA LEU D 303 -27.72 -26.23 -42.35
C LEU D 303 -27.99 -25.44 -43.63
N TYR D 304 -27.63 -26.01 -44.78
CA TYR D 304 -27.77 -25.28 -46.04
C TYR D 304 -29.21 -24.88 -46.27
N PHE D 305 -30.15 -25.74 -45.90
CA PHE D 305 -31.56 -25.40 -46.12
C PHE D 305 -32.00 -24.25 -45.22
N PRO D 306 -31.75 -24.25 -43.90
CA PRO D 306 -31.95 -23.00 -43.14
C PRO D 306 -31.08 -21.86 -43.61
N LYS D 307 -29.88 -22.15 -44.11
CA LYS D 307 -29.03 -21.09 -44.66
C LYS D 307 -29.76 -20.34 -45.77
N ARG D 308 -30.28 -21.08 -46.75
CA ARG D 308 -31.07 -20.46 -47.80
C ARG D 308 -32.32 -19.81 -47.23
N PHE D 309 -32.93 -20.47 -46.24
CA PHE D 309 -34.20 -20.02 -45.69
C PHE D 309 -34.07 -18.62 -45.12
N LEU D 310 -33.09 -18.41 -44.24
CA LEU D 310 -32.92 -17.10 -43.62
C LEU D 310 -32.21 -16.13 -44.54
N GLY D 311 -31.33 -16.64 -45.42
CA GLY D 311 -30.62 -15.77 -46.33
C GLY D 311 -31.48 -15.13 -47.39
N ALA D 312 -32.69 -15.65 -47.61
CA ALA D 312 -33.60 -15.03 -48.56
C ALA D 312 -33.97 -13.63 -48.13
N ALA D 313 -33.92 -13.34 -46.83
CA ALA D 313 -34.16 -11.99 -46.36
C ALA D 313 -33.15 -11.04 -46.97
N ARG D 314 -33.64 -9.97 -47.59
CA ARG D 314 -32.78 -9.11 -48.39
C ARG D 314 -33.56 -7.85 -48.77
N ASN D 315 -32.80 -6.81 -49.11
CA ASN D 315 -33.36 -5.54 -49.57
C ASN D 315 -33.07 -5.37 -51.06
N ILE D 316 -34.10 -5.17 -51.84
CA ILE D 316 -33.98 -5.07 -53.29
C ILE D 316 -34.29 -3.65 -53.72
N ARG D 317 -33.59 -3.18 -54.75
CA ARG D 317 -33.88 -1.87 -55.31
C ARG D 317 -35.16 -1.85 -56.13
N GLY D 318 -35.71 -3.02 -56.47
CA GLY D 318 -36.86 -3.10 -57.34
C GLY D 318 -38.22 -3.06 -56.67
N GLY D 319 -38.29 -2.69 -55.40
CA GLY D 319 -39.56 -2.61 -54.70
C GLY D 319 -39.81 -3.84 -53.86
N GLY D 320 -40.57 -3.65 -52.80
CA GLY D 320 -40.83 -4.72 -51.86
C GLY D 320 -39.60 -5.02 -51.02
N SER D 321 -39.70 -6.00 -50.13
CA SER D 321 -38.58 -6.37 -49.28
C SER D 321 -38.90 -7.70 -48.64
N LEU D 322 -37.90 -8.26 -47.95
CA LEU D 322 -38.06 -9.48 -47.18
C LEU D 322 -37.22 -9.37 -45.94
N THR D 323 -37.86 -9.14 -44.80
CA THR D 323 -37.18 -9.06 -43.52
C THR D 323 -37.65 -10.21 -42.64
N ILE D 324 -36.69 -10.94 -42.07
CA ILE D 324 -36.99 -12.06 -41.18
C ILE D 324 -36.32 -11.83 -39.84
N LEU D 325 -37.09 -11.96 -38.78
CA LEU D 325 -36.57 -11.97 -37.41
C LEU D 325 -36.66 -13.38 -36.85
N ALA D 326 -35.58 -13.83 -36.22
CA ALA D 326 -35.40 -15.22 -35.86
C ALA D 326 -35.09 -15.37 -34.38
N THR D 327 -35.48 -16.50 -33.81
CA THR D 327 -35.31 -16.78 -32.39
C THR D 327 -34.32 -17.94 -32.20
N ALA D 328 -33.14 -17.62 -31.67
CA ALA D 328 -32.08 -18.58 -31.46
C ALA D 328 -31.95 -18.87 -29.98
N LEU D 329 -31.71 -20.13 -29.66
CA LEU D 329 -31.58 -20.58 -28.28
C LEU D 329 -30.09 -20.68 -27.97
N VAL D 330 -29.65 -19.89 -26.99
CA VAL D 330 -28.23 -19.61 -26.80
C VAL D 330 -27.85 -19.88 -25.34
N GLU D 331 -26.55 -20.12 -25.13
CA GLU D 331 -26.00 -20.66 -23.87
C GLU D 331 -26.96 -21.63 -23.19
N THR D 332 -27.43 -22.61 -23.94
CA THR D 332 -28.23 -23.71 -23.42
C THR D 332 -27.38 -24.84 -22.88
N GLY D 333 -26.06 -24.65 -22.79
CA GLY D 333 -25.15 -25.70 -22.41
C GLY D 333 -24.82 -26.68 -23.51
N SER D 334 -25.33 -26.46 -24.71
CA SER D 334 -25.14 -27.37 -25.84
C SER D 334 -24.18 -26.75 -26.84
N ARG D 335 -23.14 -27.49 -27.21
CA ARG D 335 -22.25 -27.04 -28.25
C ARG D 335 -22.98 -26.84 -29.57
N MET D 336 -23.98 -27.67 -29.84
CA MET D 336 -24.73 -27.53 -31.09
C MET D 336 -25.38 -26.16 -31.18
N ASP D 337 -26.04 -25.72 -30.10
CA ASP D 337 -26.73 -24.44 -30.12
C ASP D 337 -25.76 -23.29 -30.35
N ASP D 338 -24.63 -23.28 -29.65
CA ASP D 338 -23.67 -22.19 -29.80
C ASP D 338 -23.03 -22.21 -31.18
N VAL D 339 -22.71 -23.40 -31.68
CA VAL D 339 -22.11 -23.51 -33.02
C VAL D 339 -23.06 -22.98 -34.08
N ILE D 340 -24.34 -23.39 -34.00
CA ILE D 340 -25.30 -22.93 -34.99
C ILE D 340 -25.55 -21.43 -34.82
N PHE D 341 -25.58 -20.95 -33.59
CA PHE D 341 -25.66 -19.51 -33.35
C PHE D 341 -24.54 -18.77 -34.07
N GLU D 342 -23.31 -19.24 -33.92
CA GLU D 342 -22.21 -18.53 -34.57
C GLU D 342 -22.29 -18.68 -36.09
N GLU D 343 -22.71 -19.85 -36.57
CA GLU D 343 -22.77 -20.08 -38.01
C GLU D 343 -23.80 -19.17 -38.67
N PHE D 344 -24.98 -19.04 -38.08
CA PHE D 344 -25.98 -18.10 -38.59
C PHE D 344 -25.62 -16.66 -38.29
N LYS D 345 -24.96 -16.39 -37.16
CA LYS D 345 -24.42 -15.07 -36.92
C LYS D 345 -23.41 -14.71 -37.98
N GLY D 346 -22.76 -15.71 -38.58
CA GLY D 346 -21.97 -15.49 -39.77
C GLY D 346 -22.77 -15.18 -41.01
N THR D 347 -24.10 -15.30 -40.95
CA THR D 347 -24.95 -14.92 -42.06
C THR D 347 -25.84 -13.73 -41.77
N GLY D 348 -26.35 -13.60 -40.54
CA GLY D 348 -27.33 -12.59 -40.26
C GLY D 348 -26.77 -11.18 -40.21
N ASN D 349 -27.68 -10.21 -40.28
CA ASN D 349 -27.33 -8.80 -40.26
C ASN D 349 -27.70 -8.13 -38.95
N MET D 350 -28.21 -8.87 -37.99
CA MET D 350 -28.68 -8.29 -36.75
C MET D 350 -28.75 -9.36 -35.69
N GLU D 351 -28.16 -9.10 -34.54
CA GLU D 351 -28.34 -9.96 -33.38
C GLU D 351 -28.74 -9.09 -32.19
N LEU D 352 -29.68 -9.60 -31.40
CA LEU D 352 -30.04 -8.96 -30.14
C LEU D 352 -30.02 -10.04 -29.07
N HIS D 353 -28.90 -10.11 -28.34
CA HIS D 353 -28.74 -11.00 -27.21
C HIS D 353 -29.61 -10.53 -26.05
N LEU D 354 -30.04 -11.50 -25.24
CA LEU D 354 -30.77 -11.21 -24.02
C LEU D 354 -30.02 -11.78 -22.84
N SER D 355 -29.72 -10.93 -21.86
CA SER D 355 -28.94 -11.34 -20.69
C SER D 355 -29.86 -11.99 -19.68
N ARG D 356 -29.50 -13.19 -19.23
CA ARG D 356 -30.29 -13.85 -18.21
C ARG D 356 -30.30 -13.06 -16.90
N ARG D 357 -29.13 -12.67 -16.40
CA ARG D 357 -29.04 -12.10 -15.05
C ARG D 357 -30.04 -10.97 -14.87
N LEU D 358 -30.27 -10.20 -15.94
CA LEU D 358 -31.31 -9.18 -15.90
C LEU D 358 -32.69 -9.81 -15.76
N GLU D 359 -32.94 -10.92 -16.47
CA GLU D 359 -34.30 -11.45 -16.51
C GLU D 359 -34.66 -12.17 -15.21
N GLU D 360 -33.68 -12.82 -14.56
CA GLU D 360 -33.96 -13.33 -13.23
C GLU D 360 -34.21 -12.18 -12.26
N ARG D 361 -33.61 -11.04 -12.51
CA ARG D 361 -33.97 -9.87 -11.72
C ARG D 361 -35.30 -9.28 -12.15
N ARG D 362 -36.00 -9.97 -13.04
CA ARG D 362 -37.37 -9.62 -13.45
C ARG D 362 -37.42 -8.25 -14.10
N ILE D 363 -36.31 -7.81 -14.67
CA ILE D 363 -36.23 -6.54 -15.36
C ILE D 363 -36.53 -6.78 -16.84
N PHE D 364 -37.46 -6.02 -17.40
CA PHE D 364 -37.85 -6.24 -18.76
C PHE D 364 -37.95 -4.93 -19.52
N PRO D 365 -37.47 -4.87 -20.78
CA PRO D 365 -36.84 -5.99 -21.48
C PRO D 365 -35.40 -6.28 -21.03
N ALA D 366 -35.11 -7.55 -20.76
CA ALA D 366 -33.80 -7.97 -20.26
C ALA D 366 -32.86 -8.33 -21.43
N ILE D 367 -32.52 -7.33 -22.21
CA ILE D 367 -31.70 -7.55 -23.39
C ILE D 367 -30.23 -7.37 -23.04
N ASP D 368 -29.36 -8.10 -23.73
CA ASP D 368 -27.92 -7.86 -23.68
C ASP D 368 -27.62 -6.75 -24.68
N ILE D 369 -27.49 -5.53 -24.16
CA ILE D 369 -27.39 -4.36 -25.03
C ILE D 369 -26.09 -4.38 -25.82
N LEU D 370 -24.97 -4.70 -25.17
CA LEU D 370 -23.67 -4.48 -25.79
C LEU D 370 -23.45 -5.40 -26.98
N LYS D 371 -23.69 -6.71 -26.82
CA LYS D 371 -23.48 -7.63 -27.93
C LYS D 371 -24.42 -7.35 -29.08
N SER D 372 -25.51 -6.64 -28.82
CA SER D 372 -26.48 -6.37 -29.87
C SER D 372 -26.00 -5.26 -30.79
N GLY D 373 -26.37 -5.35 -32.06
CA GLY D 373 -25.99 -4.34 -33.03
C GLY D 373 -26.37 -4.77 -34.42
N THR D 374 -26.09 -3.88 -35.36
CA THR D 374 -26.46 -4.07 -36.75
C THR D 374 -25.28 -3.67 -37.63
N ARG D 375 -25.52 -3.62 -38.94
CA ARG D 375 -24.52 -3.28 -39.93
C ARG D 375 -25.01 -2.13 -40.81
N ARG D 376 -24.07 -1.31 -41.28
CA ARG D 376 -24.33 -0.30 -42.31
C ARG D 376 -25.50 0.60 -41.92
N GLU D 377 -25.46 1.07 -40.67
CA GLU D 377 -26.59 1.78 -40.09
C GLU D 377 -26.87 3.08 -40.85
N GLU D 378 -25.85 3.66 -41.46
CA GLU D 378 -26.03 4.85 -42.30
C GLU D 378 -26.89 4.54 -43.52
N LEU D 379 -26.82 3.32 -44.04
CA LEU D 379 -27.71 2.95 -45.13
C LEU D 379 -29.15 2.87 -44.68
N LEU D 380 -29.38 2.69 -43.38
CA LEU D 380 -30.72 2.70 -42.82
C LEU D 380 -31.21 4.07 -42.43
N LEU D 381 -30.32 4.95 -41.98
CA LEU D 381 -30.73 6.19 -41.33
C LEU D 381 -29.88 7.35 -41.84
N GLY D 382 -30.52 8.51 -42.03
CA GLY D 382 -29.94 9.60 -42.79
C GLY D 382 -28.74 10.25 -42.11
N GLU D 383 -28.24 11.30 -42.78
CA GLU D 383 -27.01 11.98 -42.38
C GLU D 383 -27.07 12.53 -40.97
N GLU D 384 -28.13 13.27 -40.64
CA GLU D 384 -28.27 13.76 -39.28
C GLU D 384 -28.33 12.60 -38.30
N VAL D 385 -29.13 11.58 -38.62
CA VAL D 385 -29.21 10.43 -37.74
C VAL D 385 -27.93 9.60 -37.82
N THR D 386 -27.19 9.68 -38.94
CA THR D 386 -25.94 8.94 -39.01
C THR D 386 -24.88 9.55 -38.08
N HIS D 387 -24.75 10.87 -38.09
CA HIS D 387 -23.91 11.54 -37.08
C HIS D 387 -24.45 11.24 -35.69
N LYS D 388 -25.77 11.20 -35.55
CA LYS D 388 -26.40 11.09 -34.25
C LYS D 388 -26.21 9.69 -33.68
N MET D 389 -26.28 8.66 -34.52
CA MET D 389 -25.99 7.30 -34.09
C MET D 389 -24.52 7.13 -33.87
N TRP D 390 -23.69 7.89 -34.60
CA TRP D 390 -22.26 7.81 -34.34
C TRP D 390 -21.99 8.24 -32.90
N LEU D 391 -22.52 9.42 -32.54
CA LEU D 391 -22.40 9.91 -31.18
C LEU D 391 -23.01 8.94 -30.20
N LEU D 392 -24.17 8.38 -30.53
CA LEU D 392 -24.87 7.51 -29.59
C LEU D 392 -24.13 6.21 -29.39
N ARG D 393 -23.57 5.63 -30.44
CA ARG D 393 -22.74 4.45 -30.26
C ARG D 393 -21.56 4.77 -29.35
N LYS D 394 -20.81 5.82 -29.68
CA LYS D 394 -19.63 6.14 -28.88
C LYS D 394 -19.97 6.45 -27.43
N VAL D 395 -21.20 6.90 -27.15
CA VAL D 395 -21.54 7.26 -25.78
C VAL D 395 -22.24 6.11 -25.07
N LEU D 396 -23.32 5.60 -25.64
CA LEU D 396 -24.10 4.53 -25.04
C LEU D 396 -23.31 3.23 -24.93
N ALA D 397 -22.18 3.09 -25.63
CA ALA D 397 -21.32 1.95 -25.35
C ALA D 397 -20.73 2.02 -23.95
N ASP D 398 -20.79 3.19 -23.30
CA ASP D 398 -20.11 3.36 -22.02
C ASP D 398 -20.95 2.84 -20.86
N MET D 399 -22.23 3.17 -20.83
CA MET D 399 -23.07 2.96 -19.66
C MET D 399 -23.43 1.49 -19.49
N ASP D 400 -23.53 1.08 -18.23
CA ASP D 400 -23.89 -0.29 -17.88
C ASP D 400 -25.40 -0.50 -18.04
N PRO D 401 -25.84 -1.75 -18.26
CA PRO D 401 -27.23 -1.99 -18.68
C PRO D 401 -28.29 -1.50 -17.71
N ALA D 402 -28.16 -1.84 -16.43
CA ALA D 402 -29.26 -1.58 -15.48
C ALA D 402 -29.57 -0.08 -15.38
N GLU D 403 -28.60 0.69 -14.89
CA GLU D 403 -28.84 2.12 -14.66
C GLU D 403 -29.18 2.83 -15.95
N ALA D 404 -28.61 2.38 -17.06
CA ALA D 404 -28.98 2.95 -18.36
C ALA D 404 -30.46 2.69 -18.65
N MET D 405 -30.92 1.47 -18.39
CA MET D 405 -32.33 1.17 -18.63
C MET D 405 -33.23 2.04 -17.77
N GLU D 406 -32.89 2.22 -16.50
CA GLU D 406 -33.77 3.02 -15.65
C GLU D 406 -33.73 4.50 -16.02
N MET D 407 -32.55 5.06 -16.24
CA MET D 407 -32.47 6.49 -16.57
C MET D 407 -33.13 6.77 -17.91
N LEU D 408 -32.84 5.95 -18.92
CA LEU D 408 -33.49 6.13 -20.21
C LEU D 408 -34.97 5.76 -20.13
N LEU D 409 -35.36 4.95 -19.14
CA LEU D 409 -36.78 4.72 -18.90
C LEU D 409 -37.46 6.01 -18.51
N ALA D 410 -36.84 6.77 -17.60
CA ALA D 410 -37.35 8.10 -17.30
C ALA D 410 -37.35 8.98 -18.53
N ARG D 411 -36.27 8.94 -19.30
CA ARG D 411 -36.10 9.85 -20.43
C ARG D 411 -37.10 9.56 -21.55
N LEU D 412 -37.50 8.29 -21.69
CA LEU D 412 -38.47 7.90 -22.71
C LEU D 412 -39.89 8.05 -22.22
N ALA D 413 -40.17 7.69 -20.97
CA ALA D 413 -41.49 7.95 -20.41
C ALA D 413 -41.81 9.44 -20.43
N ARG D 414 -40.77 10.27 -20.36
CA ARG D 414 -40.99 11.71 -20.47
C ARG D 414 -41.53 12.08 -21.85
N THR D 415 -40.85 11.65 -22.92
CA THR D 415 -41.27 12.00 -24.27
C THR D 415 -40.97 10.85 -25.23
N LYS D 416 -41.69 10.85 -26.35
CA LYS D 416 -41.48 9.96 -27.48
C LYS D 416 -40.01 9.86 -27.87
N ASN D 417 -39.59 8.70 -28.38
CA ASN D 417 -38.21 8.47 -28.81
C ASN D 417 -37.74 9.58 -29.73
N ASN D 418 -38.55 9.91 -30.74
CA ASN D 418 -38.25 11.06 -31.58
C ASN D 418 -38.08 12.31 -30.73
N LYS D 419 -39.06 12.59 -29.86
CA LYS D 419 -38.93 13.70 -28.93
C LYS D 419 -37.79 13.44 -27.94
N GLU D 420 -37.50 12.17 -27.67
CA GLU D 420 -36.48 11.84 -26.68
C GLU D 420 -35.10 12.31 -27.11
N PHE D 421 -34.69 11.99 -28.34
CA PHE D 421 -33.41 12.51 -28.78
C PHE D 421 -33.52 13.98 -29.16
N LEU D 422 -34.74 14.48 -29.34
CA LEU D 422 -34.97 15.90 -29.52
C LEU D 422 -34.72 16.63 -28.20
N ARG E 62 -70.12 -63.21 -18.70
CA ARG E 62 -68.83 -62.76 -18.19
C ARG E 62 -68.55 -61.33 -18.60
N LEU E 63 -69.08 -60.39 -17.82
CA LEU E 63 -68.82 -58.98 -18.06
C LEU E 63 -67.33 -58.71 -17.98
N VAL E 64 -66.83 -57.90 -18.91
CA VAL E 64 -65.42 -57.53 -18.95
C VAL E 64 -65.31 -56.03 -18.73
N LYS E 65 -64.56 -55.65 -17.70
CA LYS E 65 -64.30 -54.25 -17.42
C LYS E 65 -62.83 -54.09 -17.13
N GLY E 66 -62.31 -52.92 -17.49
CA GLY E 66 -60.94 -52.60 -17.18
C GLY E 66 -60.37 -51.59 -18.15
N TYR E 67 -59.09 -51.32 -17.96
CA TYR E 67 -58.35 -50.33 -18.73
C TYR E 67 -57.90 -50.95 -20.05
N LEU E 68 -57.65 -50.09 -21.03
CA LEU E 68 -57.70 -50.50 -22.42
C LEU E 68 -56.33 -50.42 -23.09
N GLU E 69 -55.93 -51.49 -23.76
CA GLU E 69 -54.77 -51.47 -24.66
C GLU E 69 -55.24 -51.82 -26.06
N ILE E 70 -55.16 -50.84 -26.98
CA ILE E 70 -55.65 -51.03 -28.34
C ILE E 70 -54.89 -52.16 -29.02
N SER E 71 -55.61 -52.94 -29.82
CA SER E 71 -55.09 -54.05 -30.60
C SER E 71 -54.47 -53.55 -31.90
N GLN E 72 -53.80 -54.45 -32.59
CA GLN E 72 -53.24 -54.19 -33.90
C GLN E 72 -53.63 -55.23 -34.93
N ASP E 73 -53.77 -56.49 -34.51
CA ASP E 73 -53.99 -57.61 -35.43
C ASP E 73 -55.38 -58.21 -35.32
N GLY E 74 -56.40 -57.40 -34.98
CA GLY E 74 -57.78 -57.82 -34.92
C GLY E 74 -58.30 -58.06 -33.52
N TYR E 75 -57.49 -58.68 -32.66
CA TYR E 75 -57.72 -58.77 -31.22
C TYR E 75 -56.43 -58.41 -30.51
N GLY E 76 -56.56 -57.81 -29.34
CA GLY E 76 -55.41 -57.43 -28.55
C GLY E 76 -55.35 -58.23 -27.26
N PHE E 77 -54.15 -58.38 -26.71
CA PHE E 77 -54.02 -59.02 -25.41
C PHE E 77 -54.77 -58.24 -24.33
N LEU E 78 -55.48 -58.99 -23.51
CA LEU E 78 -56.35 -58.45 -22.47
C LEU E 78 -55.53 -57.69 -21.43
N THR E 79 -56.11 -56.61 -20.87
CA THR E 79 -55.39 -55.75 -19.91
C THR E 79 -56.27 -55.39 -18.72
N GLU E 80 -55.63 -55.11 -17.56
CA GLU E 80 -56.35 -54.71 -16.35
C GLU E 80 -55.63 -53.66 -15.50
N ASN E 81 -56.09 -53.53 -14.24
CA ASN E 81 -55.52 -52.58 -13.29
C ASN E 81 -54.06 -52.87 -12.98
N LEU E 82 -53.70 -54.15 -12.78
CA LEU E 82 -52.45 -54.51 -12.10
C LEU E 82 -51.20 -54.03 -12.84
N HIS E 83 -51.40 -53.31 -13.94
CA HIS E 83 -50.35 -52.51 -14.58
C HIS E 83 -49.30 -53.37 -15.27
N ASN E 84 -49.74 -54.46 -15.90
CA ASN E 84 -48.93 -55.28 -16.79
C ASN E 84 -49.89 -56.21 -17.51
N LEU E 85 -49.36 -57.28 -18.08
CA LEU E 85 -50.23 -58.34 -18.57
C LEU E 85 -50.67 -59.23 -17.41
N GLU E 86 -51.96 -59.50 -17.34
CA GLU E 86 -52.52 -60.27 -16.23
C GLU E 86 -53.55 -61.24 -16.80
N SER E 87 -54.42 -61.76 -15.94
CA SER E 87 -55.51 -62.65 -16.34
C SER E 87 -56.90 -62.05 -16.19
N ARG E 88 -57.12 -61.19 -15.19
CA ARG E 88 -58.44 -60.56 -14.98
C ARG E 88 -58.50 -59.29 -15.81
N VAL E 89 -58.40 -59.47 -17.13
CA VAL E 89 -57.94 -58.44 -18.04
C VAL E 89 -58.87 -58.32 -19.26
N ALA E 90 -58.75 -57.20 -19.98
CA ALA E 90 -59.75 -56.71 -20.91
C ALA E 90 -59.15 -56.42 -22.30
N ILE E 91 -59.94 -56.68 -23.34
CA ILE E 91 -59.45 -56.81 -24.72
C ILE E 91 -59.71 -55.52 -25.50
N VAL E 92 -59.08 -55.43 -26.67
CA VAL E 92 -59.49 -54.51 -27.74
C VAL E 92 -59.53 -55.32 -29.04
N SER E 93 -60.40 -54.90 -29.96
CA SER E 93 -60.45 -55.50 -31.29
C SER E 93 -60.36 -54.40 -32.33
N ALA E 94 -59.68 -54.72 -33.44
CA ALA E 94 -59.55 -53.77 -34.54
C ALA E 94 -60.90 -53.49 -35.18
N GLY E 95 -61.77 -54.50 -35.22
CA GLY E 95 -63.11 -54.27 -35.74
C GLY E 95 -63.83 -53.16 -35.01
N LEU E 96 -63.93 -53.29 -33.69
CA LEU E 96 -64.60 -52.24 -32.90
C LEU E 96 -63.84 -50.92 -33.00
N ILE E 97 -62.56 -50.97 -33.33
CA ILE E 97 -61.85 -49.74 -33.70
C ILE E 97 -62.52 -49.11 -34.91
N LYS E 98 -62.84 -49.94 -35.91
CA LYS E 98 -63.50 -49.39 -37.10
C LYS E 98 -64.93 -48.94 -36.83
N GLN E 99 -65.73 -49.69 -36.06
CA GLN E 99 -67.09 -49.21 -35.81
C GLN E 99 -67.11 -48.07 -34.82
N TYR E 100 -66.65 -48.32 -33.59
CA TYR E 100 -66.86 -47.40 -32.49
C TYR E 100 -65.71 -46.40 -32.31
N ALA E 101 -64.70 -46.45 -33.18
CA ALA E 101 -63.57 -45.52 -33.12
C ALA E 101 -62.92 -45.51 -31.74
N LEU E 102 -62.79 -46.70 -31.15
CA LEU E 102 -62.27 -46.80 -29.79
C LEU E 102 -60.81 -46.40 -29.74
N ARG E 103 -60.44 -45.79 -28.62
CA ARG E 103 -59.12 -45.19 -28.45
C ARG E 103 -58.50 -45.68 -27.15
N ALA E 104 -57.16 -45.72 -27.14
CA ALA E 104 -56.42 -46.34 -26.04
C ALA E 104 -56.67 -45.62 -24.73
N GLY E 105 -56.91 -46.40 -23.68
CA GLY E 105 -57.16 -45.87 -22.37
C GLY E 105 -58.63 -45.84 -21.96
N ASP E 106 -59.55 -46.08 -22.90
CA ASP E 106 -60.96 -46.10 -22.56
C ASP E 106 -61.25 -47.20 -21.56
N TYR E 107 -61.60 -46.82 -20.33
CA TYR E 107 -61.92 -47.78 -19.28
C TYR E 107 -63.25 -48.39 -19.70
N VAL E 108 -63.17 -49.56 -20.32
CA VAL E 108 -64.31 -50.19 -20.96
C VAL E 108 -64.97 -51.14 -19.96
N VAL E 109 -66.26 -50.94 -19.74
CA VAL E 109 -67.12 -51.95 -19.13
C VAL E 109 -68.12 -52.38 -20.19
N GLY E 110 -68.06 -53.64 -20.60
CA GLY E 110 -68.90 -54.10 -21.68
C GLY E 110 -69.47 -55.48 -21.46
N GLN E 111 -70.76 -55.64 -21.73
CA GLN E 111 -71.40 -56.93 -21.54
C GLN E 111 -70.86 -57.94 -22.54
N ALA E 112 -70.02 -58.85 -22.07
CA ALA E 112 -69.45 -59.90 -22.89
C ALA E 112 -69.91 -61.24 -22.36
N ARG E 113 -70.03 -62.21 -23.26
CA ARG E 113 -70.42 -63.56 -22.91
C ARG E 113 -69.15 -64.32 -22.57
N PRO E 114 -69.23 -65.31 -21.68
CA PRO E 114 -68.03 -66.07 -21.29
C PRO E 114 -67.28 -66.58 -22.51
N PRO E 115 -65.96 -66.78 -22.38
CA PRO E 115 -65.15 -67.09 -23.56
C PRO E 115 -65.58 -68.40 -24.22
N ARG E 116 -66.11 -68.29 -25.44
CA ARG E 116 -66.73 -69.41 -26.12
C ARG E 116 -65.68 -70.31 -26.76
N GLU E 117 -66.14 -71.36 -27.45
CA GLU E 117 -65.23 -72.19 -28.24
C GLU E 117 -64.59 -71.34 -29.33
N ASN E 118 -63.26 -71.43 -29.42
CA ASN E 118 -62.38 -70.65 -30.27
C ASN E 118 -62.29 -69.20 -29.77
N GLU E 119 -63.09 -68.81 -28.80
CA GLU E 119 -63.01 -67.48 -28.20
C GLU E 119 -62.24 -67.59 -26.88
N ARG E 120 -60.93 -67.36 -26.94
CA ARG E 120 -60.14 -67.31 -25.73
C ARG E 120 -60.48 -66.10 -24.87
N TYR E 121 -61.19 -65.13 -25.43
CA TYR E 121 -61.46 -63.86 -24.77
C TYR E 121 -62.94 -63.57 -24.82
N ALA E 122 -63.48 -63.08 -23.71
CA ALA E 122 -64.85 -62.60 -23.70
C ALA E 122 -64.91 -61.29 -24.47
N THR E 123 -64.97 -61.39 -25.79
CA THR E 123 -64.83 -60.22 -26.64
C THR E 123 -65.98 -59.25 -26.41
N LEU E 124 -65.72 -57.98 -26.69
CA LEU E 124 -66.70 -56.92 -26.48
C LEU E 124 -67.75 -56.98 -27.57
N LEU E 125 -68.71 -57.89 -27.39
CA LEU E 125 -69.86 -57.95 -28.29
C LEU E 125 -70.57 -56.61 -28.36
N LYS E 126 -70.64 -55.89 -27.24
CA LYS E 126 -71.30 -54.59 -27.19
C LYS E 126 -70.81 -53.85 -25.97
N VAL E 127 -70.57 -52.55 -26.14
CA VAL E 127 -70.19 -51.72 -25.01
C VAL E 127 -71.43 -51.46 -24.15
N GLU E 128 -71.24 -51.52 -22.83
CA GLU E 128 -72.25 -51.04 -21.90
C GLU E 128 -71.81 -49.77 -21.20
N ALA E 129 -70.59 -49.75 -20.66
CA ALA E 129 -70.04 -48.56 -20.02
C ALA E 129 -68.58 -48.39 -20.44
N VAL E 130 -68.34 -47.72 -21.56
CA VAL E 130 -66.99 -47.31 -21.92
C VAL E 130 -66.73 -45.97 -21.25
N ASN E 131 -65.75 -45.95 -20.35
CA ASN E 131 -65.53 -44.79 -19.48
C ASN E 131 -66.83 -44.43 -18.76
N ASN E 132 -67.56 -45.44 -18.34
CA ASN E 132 -68.89 -45.33 -17.73
C ASN E 132 -69.92 -44.75 -18.70
N LEU E 133 -69.76 -44.98 -20.00
CA LEU E 133 -70.66 -44.41 -21.00
C LEU E 133 -71.05 -45.47 -22.03
N ASP E 134 -72.18 -45.23 -22.67
CA ASP E 134 -72.69 -46.11 -23.70
C ASP E 134 -71.81 -46.01 -24.95
N PRO E 135 -71.87 -47.00 -25.85
CA PRO E 135 -71.05 -46.92 -27.08
C PRO E 135 -71.35 -45.67 -27.89
N GLU E 136 -72.61 -45.26 -27.96
CA GLU E 136 -72.98 -44.07 -28.71
C GLU E 136 -72.33 -42.82 -28.12
N ALA E 137 -72.33 -42.70 -26.79
CA ALA E 137 -71.69 -41.56 -26.15
C ALA E 137 -70.21 -41.49 -26.52
N ALA E 138 -69.55 -42.64 -26.55
CA ALA E 138 -68.16 -42.66 -27.01
C ALA E 138 -68.06 -42.30 -28.48
N LYS E 139 -69.07 -42.65 -29.29
CA LYS E 139 -69.01 -42.36 -30.71
C LYS E 139 -69.00 -40.85 -30.98
N ASN E 140 -69.75 -40.08 -30.21
CA ASN E 140 -69.78 -38.63 -30.35
C ASN E 140 -69.23 -38.00 -29.08
N ARG E 141 -68.02 -37.49 -29.15
CA ARG E 141 -67.37 -36.83 -28.03
C ARG E 141 -66.16 -36.06 -28.51
N PRO E 142 -65.88 -34.88 -27.94
CA PRO E 142 -64.70 -34.13 -28.37
C PRO E 142 -63.43 -34.89 -28.07
N ARG E 143 -62.44 -34.73 -28.94
CA ARG E 143 -61.17 -35.42 -28.78
C ARG E 143 -60.14 -34.47 -28.17
N PHE E 144 -59.19 -35.06 -27.44
CA PHE E 144 -58.28 -34.28 -26.60
C PHE E 144 -57.45 -33.30 -27.44
N ASP E 145 -56.88 -33.77 -28.54
CA ASP E 145 -55.98 -32.93 -29.32
C ASP E 145 -56.68 -31.71 -29.90
N GLU E 146 -57.97 -31.82 -30.19
CA GLU E 146 -58.74 -30.72 -30.75
C GLU E 146 -59.30 -29.79 -29.69
N LEU E 147 -59.20 -30.16 -28.41
CA LEU E 147 -59.62 -29.27 -27.34
C LEU E 147 -58.72 -28.04 -27.31
N THR E 148 -59.26 -26.95 -26.79
CA THR E 148 -58.53 -25.69 -26.75
C THR E 148 -57.66 -25.64 -25.50
N PRO E 149 -56.34 -25.69 -25.65
CA PRO E 149 -55.47 -25.47 -24.50
C PRO E 149 -55.57 -24.04 -24.00
N GLN E 150 -55.27 -23.87 -22.72
CA GLN E 150 -55.42 -22.58 -22.09
C GLN E 150 -54.41 -22.47 -20.95
N PHE E 151 -54.13 -21.24 -20.55
CA PHE E 151 -53.33 -20.99 -19.38
C PHE E 151 -54.16 -21.20 -18.13
N PRO E 152 -53.52 -21.45 -16.99
CA PRO E 152 -54.26 -21.92 -15.80
C PRO E 152 -55.35 -20.93 -15.38
N ASP E 153 -56.52 -21.47 -15.08
CA ASP E 153 -57.66 -20.68 -14.65
C ASP E 153 -58.17 -21.05 -13.26
N ARG E 154 -57.87 -22.26 -12.77
CA ARG E 154 -58.45 -22.77 -11.52
C ARG E 154 -57.31 -23.13 -10.60
N GLN E 155 -56.82 -22.15 -9.85
CA GLN E 155 -55.72 -22.39 -8.94
C GLN E 155 -56.17 -23.21 -7.73
N ILE E 156 -55.19 -23.71 -6.99
CA ILE E 156 -55.44 -24.58 -5.85
C ILE E 156 -54.74 -23.98 -4.64
N ARG E 157 -55.51 -23.66 -3.60
CA ARG E 157 -54.94 -23.19 -2.35
C ARG E 157 -54.23 -24.33 -1.62
N LEU E 158 -53.12 -23.99 -0.95
CA LEU E 158 -52.31 -24.97 -0.25
C LEU E 158 -52.08 -24.51 1.18
N GLU E 159 -52.54 -25.32 2.12
CA GLU E 159 -52.29 -25.10 3.55
C GLU E 159 -52.68 -26.37 4.28
N THR E 160 -51.78 -26.87 5.13
CA THR E 160 -52.02 -28.11 5.84
C THR E 160 -51.43 -28.01 7.24
N THR E 161 -52.04 -28.71 8.19
CA THR E 161 -51.58 -28.66 9.57
C THR E 161 -50.17 -29.23 9.77
N PRO E 162 -49.81 -30.40 9.22
CA PRO E 162 -48.48 -30.95 9.54
C PRO E 162 -47.32 -30.07 9.10
N ASP E 163 -47.20 -29.79 7.81
CA ASP E 163 -46.16 -28.89 7.30
C ASP E 163 -46.87 -27.83 6.48
N GLU E 164 -47.40 -26.83 7.19
CA GLU E 164 -47.93 -25.64 6.53
C GLU E 164 -46.81 -24.85 5.89
N LEU E 165 -45.60 -24.95 6.42
CA LEU E 165 -44.48 -24.17 5.92
C LEU E 165 -44.15 -24.52 4.47
N SER E 166 -43.94 -25.82 4.21
CA SER E 166 -43.55 -26.23 2.87
C SER E 166 -44.66 -25.98 1.86
N THR E 167 -45.90 -26.30 2.24
CA THR E 167 -47.03 -26.07 1.35
C THR E 167 -47.19 -24.60 1.03
N ARG E 168 -47.01 -23.74 2.04
CA ARG E 168 -47.11 -22.31 1.81
C ARG E 168 -45.99 -21.82 0.90
N VAL E 169 -44.78 -22.33 1.09
CA VAL E 169 -43.68 -21.95 0.20
C VAL E 169 -44.03 -22.34 -1.23
N ILE E 170 -44.55 -23.55 -1.41
CA ILE E 170 -44.94 -24.01 -2.74
C ILE E 170 -45.97 -23.08 -3.34
N ASP E 171 -47.00 -22.73 -2.56
CA ASP E 171 -48.08 -21.90 -3.09
C ASP E 171 -47.57 -20.51 -3.45
N LEU E 172 -46.82 -19.88 -2.55
CA LEU E 172 -46.41 -18.50 -2.77
C LEU E 172 -45.32 -18.36 -3.81
N LEU E 173 -44.55 -19.41 -4.07
CA LEU E 173 -43.49 -19.34 -5.08
C LEU E 173 -43.91 -19.94 -6.41
N ALA E 174 -44.72 -21.00 -6.38
CA ALA E 174 -45.25 -21.62 -7.59
C ALA E 174 -46.70 -22.03 -7.33
N PRO E 175 -47.65 -21.11 -7.45
CA PRO E 175 -49.05 -21.50 -7.26
C PRO E 175 -49.47 -22.54 -8.27
N ILE E 176 -50.35 -23.44 -7.84
CA ILE E 176 -50.76 -24.58 -8.63
C ILE E 176 -52.20 -24.39 -9.08
N GLY E 177 -52.40 -24.48 -10.40
CA GLY E 177 -53.72 -24.45 -10.98
C GLY E 177 -54.03 -25.75 -11.68
N ARG E 178 -55.30 -25.91 -12.03
CA ARG E 178 -55.69 -27.07 -12.82
C ARG E 178 -55.06 -26.97 -14.21
N GLY E 179 -54.55 -28.09 -14.71
CA GLY E 179 -53.95 -28.12 -16.03
C GLY E 179 -52.48 -27.77 -16.09
N GLN E 180 -51.77 -27.74 -14.98
CA GLN E 180 -50.38 -27.32 -15.01
C GLN E 180 -49.52 -28.32 -15.78
N ARG E 181 -48.46 -27.81 -16.40
CA ARG E 181 -47.38 -28.62 -16.93
C ARG E 181 -46.10 -28.17 -16.23
N GLY E 182 -45.70 -28.91 -15.20
CA GLY E 182 -44.57 -28.55 -14.37
C GLY E 182 -43.54 -29.66 -14.26
N LEU E 183 -42.47 -29.33 -13.52
CA LEU E 183 -41.35 -30.24 -13.32
C LEU E 183 -40.60 -29.85 -12.05
N ILE E 184 -40.06 -30.85 -11.36
CA ILE E 184 -39.23 -30.64 -10.17
C ILE E 184 -37.84 -31.14 -10.50
N VAL E 185 -36.81 -30.39 -10.08
CA VAL E 185 -35.43 -30.74 -10.38
C VAL E 185 -34.64 -30.69 -9.09
N ALA E 186 -33.80 -31.70 -8.88
CA ALA E 186 -33.00 -31.83 -7.67
C ALA E 186 -31.90 -32.84 -7.92
N PRO E 187 -30.82 -32.80 -7.17
CA PRO E 187 -29.83 -33.87 -7.21
C PRO E 187 -30.37 -35.13 -6.57
N PRO E 188 -29.76 -36.29 -6.80
CA PRO E 188 -30.31 -37.53 -6.25
C PRO E 188 -30.34 -37.51 -4.73
N LYS E 189 -31.36 -38.15 -4.16
CA LYS E 189 -31.56 -38.17 -2.72
C LYS E 189 -31.68 -36.75 -2.16
N ALA E 190 -32.64 -36.00 -2.68
CA ALA E 190 -32.85 -34.62 -2.24
C ALA E 190 -34.34 -34.33 -2.06
N GLY E 191 -35.08 -35.30 -1.54
CA GLY E 191 -36.40 -35.05 -1.01
C GLY E 191 -37.55 -35.15 -1.99
N LYS E 192 -37.29 -35.52 -3.24
CA LYS E 192 -38.33 -35.49 -4.27
C LYS E 192 -39.52 -36.33 -3.84
N THR E 193 -39.24 -37.57 -3.42
CA THR E 193 -40.32 -38.51 -3.10
C THR E 193 -41.18 -37.99 -1.96
N THR E 194 -40.56 -37.56 -0.86
CA THR E 194 -41.33 -37.12 0.29
C THR E 194 -42.09 -35.84 0.02
N LEU E 195 -41.50 -34.91 -0.74
CA LEU E 195 -42.23 -33.71 -1.09
C LEU E 195 -43.43 -34.02 -1.95
N LEU E 196 -43.29 -34.96 -2.89
CA LEU E 196 -44.43 -35.38 -3.68
C LEU E 196 -45.49 -36.04 -2.80
N LYS E 197 -45.06 -36.81 -1.81
CA LYS E 197 -46.00 -37.39 -0.85
C LYS E 197 -46.80 -36.30 -0.15
N LYS E 198 -46.11 -35.26 0.32
CA LYS E 198 -46.78 -34.16 0.99
C LYS E 198 -47.75 -33.45 0.05
N ILE E 199 -47.33 -33.26 -1.19
CA ILE E 199 -48.20 -32.62 -2.19
C ILE E 199 -49.46 -33.44 -2.39
N ALA E 200 -49.30 -34.76 -2.52
CA ALA E 200 -50.44 -35.63 -2.73
C ALA E 200 -51.40 -35.57 -1.55
N ASN E 201 -50.86 -35.60 -0.33
CA ASN E 201 -51.71 -35.52 0.85
C ASN E 201 -52.46 -34.19 0.90
N ALA E 202 -51.75 -33.09 0.65
CA ALA E 202 -52.39 -31.78 0.69
C ALA E 202 -53.46 -31.65 -0.37
N VAL E 203 -53.24 -32.26 -1.54
CA VAL E 203 -54.25 -32.26 -2.59
C VAL E 203 -55.47 -33.06 -2.16
N LEU E 204 -55.24 -34.25 -1.60
CA LEU E 204 -56.33 -35.13 -1.19
C LEU E 204 -57.16 -34.46 -0.12
N LYS E 205 -56.54 -33.62 0.68
CA LYS E 205 -57.27 -32.85 1.69
C LYS E 205 -57.93 -31.60 1.13
N ASN E 206 -57.31 -30.93 0.18
CA ASN E 206 -57.82 -29.66 -0.32
C ASN E 206 -58.87 -29.88 -1.40
N GLU E 207 -58.56 -30.72 -2.39
CA GLU E 207 -59.43 -30.93 -3.55
C GLU E 207 -59.68 -32.42 -3.72
N PRO E 208 -60.48 -33.01 -2.83
CA PRO E 208 -60.76 -34.45 -2.95
C PRO E 208 -61.47 -34.82 -4.24
N ASP E 209 -62.20 -33.88 -4.85
CA ASP E 209 -62.97 -34.20 -6.04
C ASP E 209 -62.07 -34.61 -7.20
N ILE E 210 -60.93 -33.95 -7.35
CA ILE E 210 -60.10 -34.15 -8.53
C ILE E 210 -59.50 -35.54 -8.53
N LYS E 211 -59.45 -36.15 -9.70
CA LYS E 211 -58.89 -37.49 -9.86
C LYS E 211 -57.38 -37.41 -9.70
N VAL E 212 -56.89 -37.79 -8.53
CA VAL E 212 -55.45 -37.74 -8.23
C VAL E 212 -54.85 -39.10 -8.53
N ILE E 213 -53.82 -39.12 -9.38
CA ILE E 213 -53.14 -40.35 -9.77
C ILE E 213 -51.64 -40.10 -9.71
N VAL E 214 -50.90 -41.10 -9.25
CA VAL E 214 -49.46 -41.00 -9.05
C VAL E 214 -48.77 -42.16 -9.75
N LEU E 215 -47.71 -41.86 -10.50
CA LEU E 215 -46.93 -42.88 -11.19
C LEU E 215 -45.47 -42.78 -10.76
N LEU E 216 -44.88 -43.93 -10.44
CA LEU E 216 -43.47 -44.04 -10.10
C LEU E 216 -42.78 -44.90 -11.15
N ILE E 217 -41.55 -44.55 -11.50
CA ILE E 217 -40.79 -45.30 -12.49
C ILE E 217 -39.36 -45.43 -12.00
N ASP E 218 -38.77 -46.61 -12.20
CA ASP E 218 -37.34 -46.84 -12.00
C ASP E 218 -36.91 -46.57 -10.56
N GLU E 219 -37.74 -46.93 -9.58
CA GLU E 219 -37.47 -46.63 -8.18
C GLU E 219 -37.41 -47.91 -7.36
N ARG E 220 -37.16 -47.73 -6.07
CA ARG E 220 -36.98 -48.86 -5.17
C ARG E 220 -38.34 -49.34 -4.64
N PRO E 221 -38.53 -50.65 -4.51
CA PRO E 221 -39.85 -51.18 -4.15
C PRO E 221 -40.33 -50.79 -2.76
N GLU E 222 -39.42 -50.65 -1.80
CA GLU E 222 -39.84 -50.29 -0.45
C GLU E 222 -40.45 -48.90 -0.43
N GLU E 223 -39.96 -47.99 -1.27
CA GLU E 223 -40.60 -46.69 -1.42
C GLU E 223 -42.01 -46.85 -1.98
N VAL E 224 -42.17 -47.78 -2.92
CA VAL E 224 -43.49 -48.07 -3.48
C VAL E 224 -44.45 -48.50 -2.38
N THR E 225 -44.00 -49.42 -1.52
CA THR E 225 -44.84 -49.87 -0.42
C THR E 225 -45.14 -48.72 0.54
N ASP E 226 -44.13 -47.91 0.84
CA ASP E 226 -44.29 -46.81 1.78
C ASP E 226 -45.38 -45.85 1.29
N PHE E 227 -45.34 -45.48 0.02
CA PHE E 227 -46.41 -44.64 -0.52
C PHE E 227 -47.74 -45.38 -0.53
N ARG E 228 -47.77 -46.58 -1.11
CA ARG E 228 -49.04 -47.29 -1.30
C ARG E 228 -49.79 -47.42 0.01
N GLU E 229 -49.07 -47.72 1.09
CA GLU E 229 -49.71 -47.71 2.40
C GLU E 229 -50.02 -46.29 2.85
N SER E 230 -49.04 -45.40 2.75
CA SER E 230 -49.16 -44.06 3.33
C SER E 230 -50.01 -43.13 2.49
N VAL E 231 -50.26 -43.46 1.22
CA VAL E 231 -51.04 -42.57 0.36
C VAL E 231 -52.51 -42.58 0.74
N GLN E 232 -52.95 -43.59 1.52
CA GLN E 232 -54.33 -43.73 1.96
C GLN E 232 -55.28 -43.87 0.78
N GLY E 233 -55.04 -44.90 -0.01
CA GLY E 233 -55.95 -45.34 -1.04
C GLY E 233 -55.87 -44.60 -2.36
N ALA E 234 -55.20 -43.46 -2.43
CA ALA E 234 -55.05 -42.77 -3.70
C ALA E 234 -54.14 -43.57 -4.62
N GLU E 235 -54.43 -43.51 -5.92
CA GLU E 235 -53.83 -44.42 -6.89
C GLU E 235 -52.37 -44.05 -7.09
N VAL E 236 -51.48 -44.80 -6.46
CA VAL E 236 -50.04 -44.66 -6.64
C VAL E 236 -49.58 -45.80 -7.53
N ILE E 237 -49.04 -45.46 -8.69
CA ILE E 237 -48.57 -46.45 -9.64
C ILE E 237 -47.04 -46.42 -9.63
N ALA E 238 -46.44 -47.58 -9.88
CA ALA E 238 -45.00 -47.72 -9.76
C ALA E 238 -44.45 -48.58 -10.88
N SER E 239 -43.16 -48.38 -11.17
CA SER E 239 -42.43 -49.21 -12.11
C SER E 239 -40.99 -49.26 -11.62
N THR E 240 -40.67 -50.27 -10.81
CA THR E 240 -39.36 -50.33 -10.18
C THR E 240 -38.28 -50.66 -11.19
N PHE E 241 -37.03 -50.40 -10.80
CA PHE E 241 -35.89 -50.80 -11.61
C PHE E 241 -35.79 -52.30 -11.76
N ASP E 242 -36.50 -53.06 -10.92
CA ASP E 242 -36.53 -54.51 -11.08
C ASP E 242 -37.07 -54.90 -12.45
N GLU E 243 -38.14 -54.23 -12.88
CA GLU E 243 -38.77 -54.57 -14.14
C GLU E 243 -37.89 -54.19 -15.32
N PRO E 244 -37.93 -54.96 -16.40
CA PRO E 244 -37.28 -54.53 -17.63
C PRO E 244 -37.85 -53.22 -18.10
N PRO E 245 -37.02 -52.37 -18.72
CA PRO E 245 -37.47 -51.02 -19.07
C PRO E 245 -38.62 -51.01 -20.06
N GLN E 246 -38.78 -52.08 -20.83
CA GLN E 246 -39.92 -52.18 -21.73
C GLN E 246 -41.21 -52.17 -20.94
N ASN E 247 -41.22 -52.81 -19.78
CA ASN E 247 -42.38 -52.72 -18.90
C ASN E 247 -42.60 -51.28 -18.45
N HIS E 248 -41.52 -50.58 -18.12
CA HIS E 248 -41.62 -49.16 -17.77
C HIS E 248 -42.34 -48.39 -18.87
N ILE E 249 -41.87 -48.54 -20.11
CA ILE E 249 -42.44 -47.79 -21.22
C ILE E 249 -43.90 -48.18 -21.43
N ARG E 250 -44.18 -49.48 -21.39
CA ARG E 250 -45.52 -49.96 -21.66
C ARG E 250 -46.51 -49.38 -20.66
N VAL E 251 -46.20 -49.51 -19.37
CA VAL E 251 -47.12 -49.03 -18.35
C VAL E 251 -47.23 -47.51 -18.40
N ALA E 252 -46.12 -46.83 -18.69
CA ALA E 252 -46.16 -45.38 -18.77
C ALA E 252 -47.10 -44.93 -19.87
N GLU E 253 -46.97 -45.55 -21.05
CA GLU E 253 -47.84 -45.16 -22.16
C GLU E 253 -49.29 -45.55 -21.91
N PHE E 254 -49.51 -46.68 -21.25
CA PHE E 254 -50.89 -47.06 -20.94
C PHE E 254 -51.54 -46.05 -20.02
N VAL E 255 -50.81 -45.61 -18.99
CA VAL E 255 -51.30 -44.55 -18.12
C VAL E 255 -51.51 -43.27 -18.93
N HIS E 256 -50.61 -43.01 -19.86
CA HIS E 256 -50.73 -41.83 -20.72
C HIS E 256 -52.07 -41.83 -21.44
N GLU E 257 -52.38 -42.93 -22.10
CA GLU E 257 -53.61 -42.99 -22.89
C GLU E 257 -54.84 -42.97 -21.99
N ARG E 258 -54.76 -43.64 -20.85
CA ARG E 258 -55.85 -43.57 -19.87
C ARG E 258 -56.16 -42.14 -19.48
N ALA E 259 -55.12 -41.40 -19.08
CA ALA E 259 -55.31 -40.01 -18.66
C ALA E 259 -55.81 -39.17 -19.82
N LYS E 260 -55.31 -39.42 -21.01
CA LYS E 260 -55.77 -38.67 -22.18
C LYS E 260 -57.26 -38.90 -22.39
N ARG E 261 -57.72 -40.13 -22.25
CA ARG E 261 -59.14 -40.41 -22.34
C ARG E 261 -59.91 -39.66 -21.27
N ILE E 262 -59.41 -39.69 -20.04
CA ILE E 262 -60.17 -39.10 -18.93
C ILE E 262 -60.32 -37.60 -19.12
N VAL E 263 -59.23 -36.93 -19.51
CA VAL E 263 -59.31 -35.50 -19.77
C VAL E 263 -60.17 -35.24 -21.01
N GLU E 264 -60.10 -36.12 -22.01
CA GLU E 264 -61.00 -36.04 -23.15
C GLU E 264 -62.45 -36.08 -22.69
N GLU E 265 -62.71 -36.75 -21.57
CA GLU E 265 -64.05 -36.82 -20.99
C GLU E 265 -64.29 -35.67 -20.02
N GLY E 266 -63.54 -34.59 -20.16
CA GLY E 266 -63.70 -33.44 -19.28
C GLY E 266 -63.25 -33.69 -17.86
N GLY E 267 -62.37 -34.66 -17.64
CA GLY E 267 -61.93 -34.96 -16.29
C GLY E 267 -60.77 -34.08 -15.86
N HIS E 268 -60.74 -33.75 -14.57
CA HIS E 268 -59.62 -33.06 -13.95
C HIS E 268 -58.66 -34.11 -13.44
N VAL E 269 -57.50 -34.22 -14.08
CA VAL E 269 -56.59 -35.33 -13.86
C VAL E 269 -55.26 -34.80 -13.34
N MET E 270 -54.92 -35.22 -12.13
CA MET E 270 -53.62 -34.94 -11.52
C MET E 270 -52.73 -36.15 -11.74
N ILE E 271 -51.62 -35.94 -12.44
CA ILE E 271 -50.64 -37.00 -12.69
C ILE E 271 -49.31 -36.59 -12.09
N LEU E 272 -48.78 -37.42 -11.22
CA LEU E 272 -47.47 -37.21 -10.62
C LEU E 272 -46.51 -38.24 -11.21
N LEU E 273 -45.52 -37.76 -11.97
CA LEU E 273 -44.60 -38.62 -12.68
C LEU E 273 -43.23 -38.56 -12.01
N ASP E 274 -42.87 -39.63 -11.33
CA ASP E 274 -41.58 -39.71 -10.66
C ASP E 274 -40.46 -39.85 -11.69
N SER E 275 -39.30 -39.26 -11.36
CA SER E 275 -38.04 -39.59 -12.03
C SER E 275 -38.08 -39.23 -13.52
N ILE E 276 -38.21 -37.93 -13.81
CA ILE E 276 -38.15 -37.48 -15.21
C ILE E 276 -36.84 -37.91 -15.85
N THR E 277 -35.71 -37.64 -15.19
CA THR E 277 -34.42 -37.94 -15.79
C THR E 277 -34.15 -39.43 -15.79
N ARG E 278 -34.55 -40.14 -14.74
CA ARG E 278 -34.50 -41.59 -14.77
C ARG E 278 -35.42 -42.12 -15.85
N LEU E 279 -36.55 -41.45 -16.09
CA LEU E 279 -37.39 -41.81 -17.22
C LEU E 279 -36.65 -41.63 -18.54
N ALA E 280 -35.89 -40.54 -18.67
CA ALA E 280 -35.13 -40.31 -19.89
C ALA E 280 -34.07 -41.38 -20.10
N ARG E 281 -33.37 -41.74 -19.04
CA ARG E 281 -32.38 -42.81 -19.14
C ARG E 281 -33.03 -44.15 -19.46
N ALA E 282 -34.21 -44.40 -18.87
CA ALA E 282 -34.95 -45.61 -19.19
C ALA E 282 -35.37 -45.61 -20.65
N ASN E 283 -35.75 -44.44 -21.17
CA ASN E 283 -36.06 -44.31 -22.59
C ASN E 283 -34.84 -44.63 -23.43
N ASN E 284 -33.69 -44.12 -23.00
CA ASN E 284 -32.44 -44.38 -23.71
C ASN E 284 -32.15 -45.87 -23.74
N LEU E 285 -32.41 -46.54 -22.62
CA LEU E 285 -32.27 -47.99 -22.56
C LEU E 285 -33.26 -48.67 -23.50
N VAL E 286 -34.49 -48.15 -23.54
CA VAL E 286 -35.53 -48.73 -24.39
C VAL E 286 -35.29 -48.44 -25.86
N THR E 287 -35.03 -47.19 -26.19
CA THR E 287 -34.76 -46.85 -27.59
C THR E 287 -33.28 -47.06 -27.86
N PRO E 288 -32.89 -48.12 -28.56
CA PRO E 288 -31.48 -48.52 -28.59
C PRO E 288 -30.59 -47.50 -29.28
N PRO E 289 -30.79 -47.20 -30.58
CA PRO E 289 -29.69 -46.61 -31.34
C PRO E 289 -29.59 -45.09 -31.35
N THR E 290 -30.73 -44.40 -31.34
CA THR E 290 -30.88 -42.99 -31.70
C THR E 290 -30.44 -42.75 -33.14
N GLY E 291 -29.99 -43.77 -33.87
CA GLY E 291 -29.25 -43.55 -35.09
C GLY E 291 -27.97 -42.80 -34.74
N ARG E 292 -27.93 -41.53 -35.09
CA ARG E 292 -26.87 -40.65 -34.61
C ARG E 292 -27.03 -40.42 -33.11
N THR E 293 -25.91 -40.30 -32.42
CA THR E 293 -25.91 -39.98 -31.00
C THR E 293 -25.60 -38.51 -30.81
N LEU E 294 -26.54 -37.78 -30.21
CA LEU E 294 -26.30 -36.40 -29.86
C LEU E 294 -25.19 -36.30 -28.82
N SER E 295 -24.72 -35.07 -28.61
CA SER E 295 -23.70 -34.87 -27.59
C SER E 295 -24.23 -35.27 -26.23
N GLY E 296 -23.70 -36.37 -25.70
CA GLY E 296 -24.10 -36.84 -24.39
C GLY E 296 -24.91 -38.11 -24.34
N GLY E 297 -25.23 -38.71 -25.49
CA GLY E 297 -25.92 -39.98 -25.49
C GLY E 297 -27.43 -39.90 -25.47
N LEU E 298 -28.02 -38.84 -25.99
CA LEU E 298 -29.47 -38.66 -25.95
C LEU E 298 -30.16 -39.47 -27.02
N ASP E 299 -31.40 -39.85 -26.75
CA ASP E 299 -32.30 -40.37 -27.79
C ASP E 299 -33.14 -39.22 -28.35
N SER E 300 -32.94 -38.91 -29.63
CA SER E 300 -33.62 -37.78 -30.23
C SER E 300 -35.13 -37.96 -30.23
N ALA E 301 -35.62 -38.95 -30.97
CA ALA E 301 -37.05 -39.15 -31.12
C ALA E 301 -37.73 -39.65 -29.86
N ALA E 302 -37.01 -40.42 -29.05
CA ALA E 302 -37.61 -40.99 -27.85
C ALA E 302 -38.11 -39.90 -26.91
N LEU E 303 -37.37 -38.79 -26.80
CA LEU E 303 -37.79 -37.69 -25.95
C LEU E 303 -39.14 -37.13 -26.37
N TYR E 304 -39.52 -37.32 -27.64
CA TYR E 304 -40.84 -36.91 -28.08
C TYR E 304 -41.94 -37.54 -27.23
N PHE E 305 -41.70 -38.76 -26.75
CA PHE E 305 -42.71 -39.42 -25.93
C PHE E 305 -42.84 -38.77 -24.57
N PRO E 306 -41.76 -38.57 -23.78
CA PRO E 306 -41.92 -37.73 -22.60
C PRO E 306 -42.48 -36.37 -22.92
N LYS E 307 -42.04 -35.78 -24.04
CA LYS E 307 -42.59 -34.49 -24.44
C LYS E 307 -44.10 -34.54 -24.51
N ARG E 308 -44.65 -35.51 -25.25
CA ARG E 308 -46.10 -35.65 -25.29
C ARG E 308 -46.62 -36.17 -23.96
N PHE E 309 -45.85 -37.04 -23.29
CA PHE E 309 -46.16 -37.36 -21.89
C PHE E 309 -46.31 -36.06 -21.10
N LEU E 310 -45.42 -35.11 -21.35
CA LEU E 310 -45.55 -33.81 -20.72
C LEU E 310 -46.50 -32.92 -21.51
N GLY E 311 -46.57 -33.14 -22.83
CA GLY E 311 -47.41 -32.30 -23.67
C GLY E 311 -48.88 -32.43 -23.38
N ALA E 312 -49.33 -33.62 -22.99
CA ALA E 312 -50.73 -33.78 -22.61
C ALA E 312 -51.10 -32.87 -21.45
N ALA E 313 -50.17 -32.60 -20.56
CA ALA E 313 -50.42 -31.68 -19.46
C ALA E 313 -50.76 -30.30 -20.01
N ARG E 314 -51.97 -29.84 -19.73
CA ARG E 314 -52.44 -28.57 -20.24
C ARG E 314 -53.74 -28.23 -19.52
N ASN E 315 -54.03 -26.93 -19.46
CA ASN E 315 -55.31 -26.43 -18.99
C ASN E 315 -56.20 -26.24 -20.20
N ILE E 316 -57.24 -27.06 -20.33
CA ILE E 316 -58.16 -26.98 -21.44
C ILE E 316 -59.27 -26.00 -21.07
N ARG E 317 -59.49 -25.01 -21.93
CA ARG E 317 -60.48 -23.99 -21.66
C ARG E 317 -61.91 -24.53 -21.70
N GLY E 318 -62.13 -25.70 -22.27
CA GLY E 318 -63.45 -26.26 -22.45
C GLY E 318 -63.94 -27.16 -21.34
N GLY E 319 -63.30 -27.14 -20.17
CA GLY E 319 -63.73 -27.99 -19.07
C GLY E 319 -62.72 -29.09 -18.77
N GLY E 320 -62.71 -29.56 -17.53
CA GLY E 320 -61.71 -30.52 -17.13
C GLY E 320 -60.35 -29.88 -17.07
N SER E 321 -59.35 -30.72 -16.81
CA SER E 321 -57.98 -30.24 -16.73
C SER E 321 -57.03 -31.44 -16.71
N LEU E 322 -55.77 -31.17 -16.99
CA LEU E 322 -54.71 -32.18 -16.88
C LEU E 322 -53.48 -31.51 -16.31
N THR E 323 -53.31 -31.60 -14.99
CA THR E 323 -52.13 -31.07 -14.33
C THR E 323 -51.19 -32.23 -14.06
N ILE E 324 -49.98 -32.15 -14.62
CA ILE E 324 -48.95 -33.15 -14.41
C ILE E 324 -47.77 -32.49 -13.71
N LEU E 325 -47.42 -33.01 -12.55
CA LEU E 325 -46.21 -32.60 -11.83
C LEU E 325 -45.25 -33.78 -11.83
N ALA E 326 -44.01 -33.54 -12.21
CA ALA E 326 -43.05 -34.61 -12.40
C ALA E 326 -41.68 -34.20 -11.88
N THR E 327 -40.87 -35.21 -11.57
CA THR E 327 -39.62 -35.02 -10.84
C THR E 327 -38.44 -35.33 -11.74
N ALA E 328 -37.63 -34.31 -12.05
CA ALA E 328 -36.39 -34.47 -12.76
C ALA E 328 -35.22 -34.38 -11.80
N LEU E 329 -34.09 -34.95 -12.17
CA LEU E 329 -32.89 -34.89 -11.35
C LEU E 329 -31.87 -33.97 -12.02
N VAL E 330 -31.47 -32.92 -11.31
CA VAL E 330 -30.53 -31.93 -11.80
C VAL E 330 -29.29 -32.00 -10.93
N GLU E 331 -28.26 -31.23 -11.29
CA GLU E 331 -27.01 -31.15 -10.53
C GLU E 331 -26.31 -32.49 -10.41
N THR E 332 -26.57 -33.40 -11.35
CA THR E 332 -26.01 -34.74 -11.33
C THR E 332 -24.75 -34.87 -12.15
N GLY E 333 -24.24 -33.76 -12.70
CA GLY E 333 -23.17 -33.85 -13.66
C GLY E 333 -23.57 -34.44 -14.99
N SER E 334 -24.87 -34.55 -15.26
CA SER E 334 -25.39 -35.21 -16.44
C SER E 334 -25.76 -34.16 -17.48
N ARG E 335 -25.00 -34.14 -18.58
CA ARG E 335 -25.27 -33.24 -19.68
C ARG E 335 -26.63 -33.51 -20.32
N MET E 336 -27.00 -34.78 -20.51
CA MET E 336 -28.29 -35.07 -21.11
C MET E 336 -29.42 -34.59 -20.20
N ASP E 337 -29.27 -34.77 -18.90
CA ASP E 337 -30.31 -34.32 -17.98
C ASP E 337 -30.44 -32.80 -18.03
N ASP E 338 -29.31 -32.10 -18.11
CA ASP E 338 -29.36 -30.64 -18.15
C ASP E 338 -30.03 -30.16 -19.44
N VAL E 339 -29.64 -30.73 -20.58
CA VAL E 339 -30.22 -30.27 -21.84
C VAL E 339 -31.71 -30.60 -21.90
N ILE E 340 -32.10 -31.78 -21.40
CA ILE E 340 -33.52 -32.12 -21.37
C ILE E 340 -34.26 -31.24 -20.36
N PHE E 341 -33.59 -30.84 -19.29
CA PHE E 341 -34.18 -29.89 -18.36
C PHE E 341 -34.51 -28.57 -19.04
N GLU E 342 -33.58 -28.07 -19.86
CA GLU E 342 -33.88 -26.85 -20.59
C GLU E 342 -34.93 -27.11 -21.67
N GLU E 343 -34.90 -28.29 -22.28
CA GLU E 343 -35.88 -28.69 -23.27
C GLU E 343 -37.29 -28.61 -22.71
N PHE E 344 -37.49 -29.20 -21.54
CA PHE E 344 -38.80 -29.19 -20.91
C PHE E 344 -39.10 -27.87 -20.24
N LYS E 345 -38.07 -27.10 -19.90
CA LYS E 345 -38.27 -25.70 -19.53
C LYS E 345 -38.92 -24.93 -20.67
N GLY E 346 -38.57 -25.28 -21.91
CA GLY E 346 -39.27 -24.73 -23.05
C GLY E 346 -40.58 -25.43 -23.35
N THR E 347 -40.88 -26.52 -22.63
CA THR E 347 -42.12 -27.26 -22.81
C THR E 347 -43.06 -27.12 -21.63
N GLY E 348 -42.54 -27.20 -20.41
CA GLY E 348 -43.36 -27.09 -19.22
C GLY E 348 -43.48 -25.67 -18.74
N ASN E 349 -44.55 -25.41 -17.99
CA ASN E 349 -44.84 -24.06 -17.51
C ASN E 349 -44.24 -23.79 -16.14
N MET E 350 -43.54 -24.75 -15.56
CA MET E 350 -43.03 -24.64 -14.20
C MET E 350 -41.65 -25.26 -14.12
N GLU E 351 -40.86 -24.80 -13.15
CA GLU E 351 -39.68 -25.50 -12.70
C GLU E 351 -39.57 -25.37 -11.19
N LEU E 352 -39.06 -26.41 -10.55
CA LEU E 352 -38.84 -26.43 -9.10
C LEU E 352 -37.39 -26.81 -8.82
N HIS E 353 -36.52 -25.81 -8.76
CA HIS E 353 -35.14 -26.06 -8.39
C HIS E 353 -35.04 -26.40 -6.91
N LEU E 354 -34.15 -27.35 -6.61
CA LEU E 354 -33.93 -27.78 -5.24
C LEU E 354 -32.43 -27.80 -4.98
N SER E 355 -31.98 -26.95 -4.05
CA SER E 355 -30.57 -26.75 -3.80
C SER E 355 -30.00 -27.97 -3.05
N ARG E 356 -28.92 -28.53 -3.60
CA ARG E 356 -28.24 -29.62 -2.89
C ARG E 356 -27.67 -29.13 -1.58
N ARG E 357 -27.08 -27.92 -1.57
CA ARG E 357 -26.46 -27.40 -0.35
C ARG E 357 -27.49 -27.28 0.76
N LEU E 358 -28.70 -26.83 0.42
CA LEU E 358 -29.78 -26.82 1.39
C LEU E 358 -30.12 -28.24 1.83
N GLU E 359 -30.00 -29.20 0.92
CA GLU E 359 -30.25 -30.60 1.28
C GLU E 359 -29.26 -31.09 2.33
N GLU E 360 -27.98 -30.72 2.19
CA GLU E 360 -27.03 -31.01 3.25
C GLU E 360 -27.45 -30.35 4.55
N ARG E 361 -27.89 -29.10 4.49
CA ARG E 361 -28.37 -28.41 5.67
C ARG E 361 -29.72 -28.90 6.12
N ARG E 362 -30.34 -29.81 5.36
CA ARG E 362 -31.68 -30.33 5.66
C ARG E 362 -32.70 -29.21 5.75
N ILE E 363 -32.46 -28.13 5.01
CA ILE E 363 -33.39 -27.01 4.92
C ILE E 363 -34.51 -27.48 4.00
N PHE E 364 -35.60 -27.97 4.60
CA PHE E 364 -36.66 -28.60 3.83
C PHE E 364 -37.94 -27.78 3.93
N PRO E 365 -38.56 -27.39 2.80
CA PRO E 365 -38.11 -27.76 1.45
C PRO E 365 -36.85 -27.02 0.99
N ALA E 366 -36.00 -27.73 0.24
CA ALA E 366 -34.70 -27.20 -0.18
C ALA E 366 -34.83 -26.46 -1.51
N ILE E 367 -35.80 -25.57 -1.56
CA ILE E 367 -36.13 -24.87 -2.80
C ILE E 367 -35.08 -23.81 -3.12
N ASP E 368 -34.73 -23.71 -4.39
CA ASP E 368 -34.03 -22.53 -4.90
C ASP E 368 -35.11 -21.49 -5.15
N ILE E 369 -35.23 -20.56 -4.22
CA ILE E 369 -36.37 -19.64 -4.20
C ILE E 369 -36.40 -18.78 -5.46
N LEU E 370 -35.25 -18.22 -5.84
CA LEU E 370 -35.23 -17.28 -6.95
C LEU E 370 -35.55 -17.96 -8.27
N LYS E 371 -34.96 -19.12 -8.52
CA LYS E 371 -35.15 -19.79 -9.80
C LYS E 371 -36.54 -20.39 -9.94
N SER E 372 -37.20 -20.71 -8.84
CA SER E 372 -38.56 -21.21 -8.91
C SER E 372 -39.53 -20.06 -9.16
N GLY E 373 -40.54 -20.34 -9.97
CA GLY E 373 -41.48 -19.32 -10.39
C GLY E 373 -42.38 -19.85 -11.48
N THR E 374 -43.20 -18.95 -12.01
CA THR E 374 -44.28 -19.32 -12.92
C THR E 374 -44.24 -18.46 -14.18
N ARG E 375 -45.04 -18.87 -15.16
CA ARG E 375 -45.47 -18.01 -16.25
C ARG E 375 -46.93 -17.62 -16.05
N ARG E 376 -47.27 -16.41 -16.48
CA ARG E 376 -48.66 -15.95 -16.51
C ARG E 376 -49.33 -16.08 -15.15
N GLU E 377 -48.60 -15.69 -14.10
CA GLU E 377 -49.10 -15.81 -12.74
C GLU E 377 -50.39 -15.01 -12.55
N GLU E 378 -50.51 -13.88 -13.25
CA GLU E 378 -51.74 -13.08 -13.16
C GLU E 378 -52.95 -13.88 -13.61
N LEU E 379 -52.74 -14.90 -14.45
CA LEU E 379 -53.84 -15.77 -14.83
C LEU E 379 -54.24 -16.68 -13.69
N LEU E 380 -53.48 -16.70 -12.59
CA LEU E 380 -53.90 -17.33 -11.35
C LEU E 380 -54.06 -16.34 -10.20
N LEU E 381 -53.65 -15.09 -10.37
CA LEU E 381 -53.74 -14.10 -9.32
C LEU E 381 -54.53 -12.90 -9.82
N GLY E 382 -55.53 -12.48 -9.07
CA GLY E 382 -56.22 -11.25 -9.37
C GLY E 382 -55.29 -10.06 -9.23
N GLU E 383 -55.72 -8.93 -9.80
CA GLU E 383 -54.85 -7.76 -9.85
C GLU E 383 -54.42 -7.33 -8.45
N GLU E 384 -55.30 -7.49 -7.46
CA GLU E 384 -54.87 -7.34 -6.08
C GLU E 384 -53.83 -8.39 -5.73
N VAL E 385 -54.15 -9.65 -6.03
CA VAL E 385 -53.27 -10.77 -5.71
C VAL E 385 -52.00 -10.70 -6.57
N THR E 386 -52.18 -10.45 -7.88
CA THR E 386 -51.05 -10.31 -8.79
C THR E 386 -50.13 -9.18 -8.35
N HIS E 387 -50.71 -8.01 -8.05
CA HIS E 387 -49.91 -6.87 -7.62
C HIS E 387 -49.23 -7.14 -6.28
N LYS E 388 -49.92 -7.82 -5.37
CA LYS E 388 -49.33 -8.11 -4.08
C LYS E 388 -48.07 -8.95 -4.23
N MET E 389 -48.17 -10.07 -4.95
CA MET E 389 -46.95 -10.85 -5.14
C MET E 389 -46.02 -10.21 -6.17
N TRP E 390 -46.50 -9.24 -6.93
CA TRP E 390 -45.57 -8.45 -7.73
C TRP E 390 -44.63 -7.69 -6.81
N LEU E 391 -45.23 -7.04 -5.81
CA LEU E 391 -44.45 -6.37 -4.77
C LEU E 391 -43.55 -7.37 -4.07
N LEU E 392 -44.05 -8.58 -3.85
CA LEU E 392 -43.21 -9.63 -3.25
C LEU E 392 -42.02 -9.97 -4.14
N ARG E 393 -42.22 -10.07 -5.46
CA ARG E 393 -41.10 -10.29 -6.37
C ARG E 393 -40.09 -9.16 -6.28
N LYS E 394 -40.59 -7.92 -6.26
CA LYS E 394 -39.70 -6.77 -6.24
C LYS E 394 -38.88 -6.72 -4.95
N VAL E 395 -39.51 -7.03 -3.82
CA VAL E 395 -38.86 -6.82 -2.53
C VAL E 395 -38.13 -8.08 -2.07
N LEU E 396 -38.86 -9.18 -1.92
CA LEU E 396 -38.33 -10.38 -1.28
C LEU E 396 -37.24 -11.06 -2.09
N ALA E 397 -37.03 -10.66 -3.35
CA ALA E 397 -35.97 -11.26 -4.14
C ALA E 397 -34.59 -10.96 -3.59
N ASP E 398 -34.49 -10.03 -2.64
CA ASP E 398 -33.20 -9.62 -2.09
C ASP E 398 -32.77 -10.46 -0.89
N MET E 399 -33.68 -10.79 0.01
CA MET E 399 -33.27 -11.28 1.32
C MET E 399 -32.92 -12.75 1.26
N ASP E 400 -32.12 -13.20 2.23
CA ASP E 400 -31.42 -14.47 2.15
C ASP E 400 -32.39 -15.64 2.14
N PRO E 401 -32.05 -16.72 1.43
CA PRO E 401 -32.98 -17.85 1.25
C PRO E 401 -33.31 -18.58 2.55
N ALA E 402 -32.29 -19.04 3.26
CA ALA E 402 -32.54 -19.69 4.55
C ALA E 402 -33.18 -18.71 5.52
N GLU E 403 -32.63 -17.50 5.59
CA GLU E 403 -33.23 -16.45 6.41
C GLU E 403 -34.68 -16.21 5.99
N ALA E 404 -34.94 -16.28 4.69
CA ALA E 404 -36.33 -16.24 4.22
C ALA E 404 -37.13 -17.36 4.85
N MET E 405 -36.56 -18.56 4.92
CA MET E 405 -37.31 -19.66 5.52
C MET E 405 -37.72 -19.34 6.94
N GLU E 406 -36.77 -18.94 7.80
CA GLU E 406 -37.21 -18.77 9.20
C GLU E 406 -38.06 -17.52 9.38
N MET E 407 -37.80 -16.44 8.63
CA MET E 407 -38.60 -15.23 8.79
C MET E 407 -40.03 -15.44 8.29
N LEU E 408 -40.18 -16.05 7.11
CA LEU E 408 -41.50 -16.36 6.61
C LEU E 408 -42.18 -17.41 7.47
N LEU E 409 -41.41 -18.35 8.02
CA LEU E 409 -41.90 -19.29 9.00
C LEU E 409 -42.51 -18.55 10.19
N ALA E 410 -41.83 -17.51 10.66
CA ALA E 410 -42.36 -16.74 11.78
C ALA E 410 -43.64 -16.02 11.40
N ARG E 411 -43.63 -15.31 10.26
CA ARG E 411 -44.83 -14.54 9.90
C ARG E 411 -46.02 -15.44 9.60
N LEU E 412 -45.78 -16.63 9.06
CA LEU E 412 -46.84 -17.52 8.65
C LEU E 412 -47.13 -18.62 9.67
N ALA E 413 -46.37 -18.69 10.76
CA ALA E 413 -46.64 -19.68 11.80
C ALA E 413 -47.46 -19.07 12.92
N ARG E 414 -47.34 -17.76 13.14
CA ARG E 414 -48.28 -17.07 14.00
C ARG E 414 -49.70 -17.22 13.45
N THR E 415 -49.85 -17.13 12.14
CA THR E 415 -51.12 -17.29 11.46
C THR E 415 -50.86 -17.90 10.10
N LYS E 416 -51.67 -18.90 9.74
CA LYS E 416 -51.50 -19.64 8.49
C LYS E 416 -51.63 -18.71 7.28
N ASN E 417 -51.36 -19.28 6.09
CA ASN E 417 -51.29 -18.53 4.83
C ASN E 417 -52.39 -17.49 4.71
N ASN E 418 -53.64 -17.93 4.63
CA ASN E 418 -54.74 -16.97 4.63
C ASN E 418 -54.82 -16.23 5.94
N LYS E 419 -54.61 -16.94 7.06
CA LYS E 419 -54.68 -16.31 8.37
C LYS E 419 -53.65 -15.20 8.50
N GLU E 420 -52.43 -15.43 8.00
CA GLU E 420 -51.45 -14.36 7.93
C GLU E 420 -51.91 -13.26 6.99
N PHE E 421 -52.48 -13.64 5.84
CA PHE E 421 -53.07 -12.65 4.95
C PHE E 421 -54.26 -11.96 5.62
N LEU E 422 -54.97 -12.68 6.49
CA LEU E 422 -56.02 -12.08 7.30
C LEU E 422 -55.42 -11.08 8.28
N ARG F 62 -24.86 -93.25 -4.50
CA ARG F 62 -24.26 -91.93 -4.43
C ARG F 62 -25.28 -90.84 -4.09
N LEU F 63 -25.58 -90.69 -2.80
CA LEU F 63 -26.50 -89.63 -2.40
C LEU F 63 -25.83 -88.28 -2.63
N VAL F 64 -26.35 -87.54 -3.60
CA VAL F 64 -25.78 -86.27 -4.02
C VAL F 64 -26.54 -85.15 -3.35
N LYS F 65 -25.84 -84.06 -3.01
CA LYS F 65 -26.47 -82.94 -2.35
C LYS F 65 -25.68 -81.67 -2.67
N GLY F 66 -26.34 -80.53 -2.46
CA GLY F 66 -25.72 -79.25 -2.70
C GLY F 66 -26.67 -78.23 -3.28
N TYR F 67 -26.11 -77.16 -3.85
CA TYR F 67 -26.89 -76.05 -4.39
C TYR F 67 -26.94 -76.16 -5.90
N LEU F 68 -28.14 -76.00 -6.46
CA LEU F 68 -28.33 -76.16 -7.90
C LEU F 68 -27.76 -74.99 -8.67
N GLU F 69 -26.95 -75.29 -9.69
CA GLU F 69 -26.50 -74.32 -10.68
C GLU F 69 -27.06 -74.78 -12.02
N ILE F 70 -27.92 -73.96 -12.61
CA ILE F 70 -28.56 -74.32 -13.87
C ILE F 70 -27.63 -73.92 -15.02
N SER F 71 -27.24 -74.89 -15.84
CA SER F 71 -26.46 -74.61 -17.03
C SER F 71 -27.37 -74.32 -18.21
N GLN F 72 -26.74 -74.02 -19.35
CA GLN F 72 -27.50 -73.58 -20.53
C GLN F 72 -28.28 -74.71 -21.19
N ASP F 73 -27.68 -75.89 -21.32
CA ASP F 73 -28.25 -76.96 -22.14
C ASP F 73 -28.90 -78.07 -21.32
N GLY F 74 -29.28 -77.79 -20.06
CA GLY F 74 -30.18 -78.67 -19.36
C GLY F 74 -29.60 -79.47 -18.20
N TYR F 75 -28.29 -79.48 -18.01
CA TYR F 75 -27.72 -80.15 -16.86
C TYR F 75 -27.26 -79.11 -15.82
N GLY F 76 -26.64 -79.60 -14.75
CA GLY F 76 -26.24 -78.73 -13.66
C GLY F 76 -24.88 -79.12 -13.10
N PHE F 77 -24.32 -78.19 -12.33
CA PHE F 77 -23.05 -78.39 -11.65
C PHE F 77 -23.22 -77.99 -10.18
N LEU F 78 -22.91 -78.90 -9.28
CA LEU F 78 -23.01 -78.65 -7.84
C LEU F 78 -21.62 -78.54 -7.25
N THR F 79 -21.29 -77.37 -6.72
CA THR F 79 -19.92 -77.10 -6.29
C THR F 79 -19.74 -77.42 -4.81
N GLU F 80 -18.55 -77.12 -4.30
CA GLU F 80 -18.18 -77.34 -2.91
C GLU F 80 -17.60 -76.05 -2.32
N ASN F 81 -17.01 -76.17 -1.13
CA ASN F 81 -16.36 -75.07 -0.42
C ASN F 81 -15.52 -74.19 -1.34
N LEU F 82 -14.78 -74.78 -2.28
CA LEU F 82 -13.99 -73.96 -3.19
C LEU F 82 -14.83 -73.07 -4.08
N HIS F 83 -16.11 -73.40 -4.28
CA HIS F 83 -17.10 -72.50 -4.89
C HIS F 83 -16.63 -71.94 -6.23
N ASN F 84 -16.28 -72.85 -7.14
CA ASN F 84 -16.06 -72.49 -8.54
C ASN F 84 -16.16 -73.76 -9.37
N LEU F 85 -15.78 -73.67 -10.64
CA LEU F 85 -15.91 -74.80 -11.54
C LEU F 85 -14.80 -75.81 -11.33
N GLU F 86 -15.13 -76.96 -10.74
CA GLU F 86 -14.14 -77.97 -10.41
C GLU F 86 -14.71 -79.36 -10.68
N SER F 87 -13.98 -80.38 -10.22
CA SER F 87 -14.33 -81.77 -10.48
C SER F 87 -15.60 -82.19 -9.76
N ARG F 88 -15.86 -81.63 -8.59
CA ARG F 88 -16.92 -82.07 -7.70
C ARG F 88 -18.30 -81.58 -8.12
N VAL F 89 -18.46 -81.15 -9.36
CA VAL F 89 -19.76 -80.76 -9.87
C VAL F 89 -20.69 -81.96 -9.92
N ALA F 90 -21.99 -81.68 -10.06
CA ALA F 90 -22.99 -82.73 -10.13
C ALA F 90 -24.22 -82.21 -10.89
N ILE F 91 -24.83 -83.09 -11.67
CA ILE F 91 -25.91 -82.72 -12.57
C ILE F 91 -27.26 -82.80 -11.87
N VAL F 92 -28.07 -81.77 -12.06
CA VAL F 92 -29.48 -81.79 -11.72
C VAL F 92 -30.26 -81.54 -13.01
N SER F 93 -31.14 -82.47 -13.37
CA SER F 93 -31.89 -82.34 -14.61
C SER F 93 -33.02 -81.33 -14.44
N ALA F 94 -33.29 -80.58 -15.51
CA ALA F 94 -34.38 -79.61 -15.48
C ALA F 94 -35.74 -80.29 -15.38
N GLY F 95 -35.84 -81.55 -15.81
CA GLY F 95 -37.08 -82.29 -15.61
C GLY F 95 -37.47 -82.34 -14.16
N LEU F 96 -36.50 -82.65 -13.28
CA LEU F 96 -36.74 -82.62 -11.85
C LEU F 96 -37.19 -81.24 -11.41
N ILE F 97 -36.65 -80.20 -12.03
CA ILE F 97 -37.10 -78.83 -11.76
C ILE F 97 -38.58 -78.72 -12.05
N LYS F 98 -39.06 -79.32 -13.14
CA LYS F 98 -40.49 -79.33 -13.37
C LYS F 98 -41.25 -80.15 -12.32
N GLN F 99 -40.78 -81.37 -11.97
CA GLN F 99 -41.63 -82.12 -11.04
C GLN F 99 -41.68 -81.49 -9.66
N TYR F 100 -40.53 -81.19 -9.06
CA TYR F 100 -40.48 -80.71 -7.69
C TYR F 100 -40.45 -79.20 -7.59
N ALA F 101 -40.74 -78.50 -8.69
CA ALA F 101 -40.73 -77.04 -8.72
C ALA F 101 -39.38 -76.48 -8.28
N LEU F 102 -38.32 -77.21 -8.60
CA LEU F 102 -36.99 -76.86 -8.14
C LEU F 102 -36.52 -75.57 -8.79
N ARG F 103 -35.60 -74.89 -8.10
CA ARG F 103 -35.07 -73.62 -8.56
C ARG F 103 -33.56 -73.60 -8.31
N ALA F 104 -32.86 -72.79 -9.08
CA ALA F 104 -31.43 -72.63 -8.88
C ALA F 104 -31.16 -72.03 -7.51
N GLY F 105 -30.08 -72.48 -6.88
CA GLY F 105 -29.73 -72.03 -5.55
C GLY F 105 -30.38 -72.82 -4.44
N ASP F 106 -31.43 -73.59 -4.74
CA ASP F 106 -32.03 -74.44 -3.72
C ASP F 106 -31.04 -75.52 -3.30
N TYR F 107 -30.80 -75.63 -2.00
CA TYR F 107 -29.88 -76.64 -1.49
C TYR F 107 -30.57 -78.00 -1.52
N VAL F 108 -30.17 -78.84 -2.47
CA VAL F 108 -30.85 -80.09 -2.76
C VAL F 108 -30.16 -81.20 -1.99
N VAL F 109 -30.95 -82.05 -1.33
CA VAL F 109 -30.51 -83.36 -0.87
C VAL F 109 -31.54 -84.38 -1.33
N GLY F 110 -31.08 -85.41 -2.01
CA GLY F 110 -31.95 -86.49 -2.43
C GLY F 110 -31.16 -87.75 -2.63
N GLN F 111 -31.84 -88.88 -2.43
CA GLN F 111 -31.20 -90.17 -2.63
C GLN F 111 -31.01 -90.45 -4.11
N ALA F 112 -29.76 -90.69 -4.50
CA ALA F 112 -29.44 -91.16 -5.84
C ALA F 112 -28.63 -92.43 -5.71
N ARG F 113 -29.00 -93.42 -6.47
CA ARG F 113 -28.37 -94.72 -6.34
C ARG F 113 -26.93 -94.66 -6.85
N PRO F 114 -26.05 -95.56 -6.40
CA PRO F 114 -24.66 -95.56 -6.89
C PRO F 114 -24.59 -95.53 -8.41
N PRO F 115 -23.61 -94.84 -8.98
CA PRO F 115 -23.73 -94.42 -10.38
C PRO F 115 -23.82 -95.59 -11.34
N ARG F 116 -24.86 -95.56 -12.16
CA ARG F 116 -25.02 -96.55 -13.22
C ARG F 116 -24.22 -96.11 -14.45
N GLU F 117 -24.35 -96.91 -15.52
CA GLU F 117 -23.69 -96.57 -16.77
C GLU F 117 -24.25 -95.26 -17.31
N ASN F 118 -23.36 -94.45 -17.90
CA ASN F 118 -23.61 -93.14 -18.47
C ASN F 118 -23.85 -92.10 -17.38
N GLU F 119 -23.92 -92.49 -16.11
CA GLU F 119 -24.30 -91.58 -15.02
C GLU F 119 -23.03 -91.00 -14.39
N ARG F 120 -22.45 -90.00 -15.04
CA ARG F 120 -21.44 -89.21 -14.37
C ARG F 120 -21.93 -88.69 -13.03
N TYR F 121 -23.16 -88.17 -13.00
CA TYR F 121 -23.81 -87.73 -11.77
C TYR F 121 -25.24 -88.23 -11.81
N ALA F 122 -25.57 -89.15 -10.91
CA ALA F 122 -26.83 -89.89 -11.01
C ALA F 122 -28.02 -88.95 -10.99
N THR F 123 -28.93 -89.15 -11.95
CA THR F 123 -30.17 -88.37 -11.97
C THR F 123 -30.99 -88.73 -10.73
N LEU F 124 -31.48 -87.72 -10.04
CA LEU F 124 -32.07 -87.94 -8.73
C LEU F 124 -33.37 -88.72 -8.83
N LEU F 125 -33.38 -89.95 -8.31
CA LEU F 125 -34.63 -90.71 -8.27
C LEU F 125 -35.66 -90.03 -7.38
N LYS F 126 -35.23 -89.53 -6.23
CA LYS F 126 -36.17 -88.93 -5.29
C LYS F 126 -35.42 -87.89 -4.46
N VAL F 127 -36.12 -86.81 -4.14
CA VAL F 127 -35.56 -85.70 -3.36
C VAL F 127 -35.90 -85.96 -1.90
N GLU F 128 -34.90 -85.82 -1.03
CA GLU F 128 -35.10 -86.02 0.40
C GLU F 128 -35.19 -84.70 1.15
N ALA F 129 -34.15 -83.86 1.05
CA ALA F 129 -34.12 -82.60 1.79
C ALA F 129 -33.62 -81.49 0.86
N VAL F 130 -34.55 -80.86 0.16
CA VAL F 130 -34.27 -79.69 -0.65
C VAL F 130 -34.37 -78.47 0.25
N ASN F 131 -33.47 -77.52 0.05
CA ASN F 131 -33.30 -76.32 0.92
C ASN F 131 -33.48 -76.67 2.39
N ASN F 132 -32.90 -77.80 2.80
CA ASN F 132 -32.96 -78.34 4.15
C ASN F 132 -34.37 -78.75 4.56
N LEU F 133 -35.30 -78.86 3.61
CA LEU F 133 -36.69 -79.16 3.91
C LEU F 133 -37.20 -80.24 2.97
N ASP F 134 -38.40 -80.72 3.28
CA ASP F 134 -39.02 -81.74 2.45
C ASP F 134 -39.36 -81.18 1.08
N PRO F 135 -39.42 -82.04 0.06
CA PRO F 135 -39.70 -81.54 -1.30
C PRO F 135 -41.00 -80.76 -1.41
N GLU F 136 -42.06 -81.22 -0.74
CA GLU F 136 -43.31 -80.47 -0.78
C GLU F 136 -43.19 -79.15 -0.03
N ALA F 137 -42.34 -79.10 1.00
CA ALA F 137 -42.14 -77.86 1.73
C ALA F 137 -41.53 -76.79 0.84
N ALA F 138 -40.52 -77.16 0.05
CA ALA F 138 -39.93 -76.22 -0.89
C ALA F 138 -40.82 -75.99 -2.10
N LYS F 139 -41.70 -76.95 -2.41
CA LYS F 139 -42.61 -76.76 -3.53
C LYS F 139 -43.61 -75.67 -3.24
N ASN F 140 -43.97 -75.48 -1.97
CA ASN F 140 -44.90 -74.45 -1.55
C ASN F 140 -44.13 -73.41 -0.75
N ARG F 141 -43.81 -72.29 -1.40
CA ARG F 141 -43.05 -71.23 -0.75
C ARG F 141 -43.28 -69.93 -1.52
N PRO F 142 -43.29 -68.79 -0.84
CA PRO F 142 -43.46 -67.53 -1.55
C PRO F 142 -42.24 -67.22 -2.41
N ARG F 143 -42.47 -66.46 -3.47
CA ARG F 143 -41.40 -66.02 -4.34
C ARG F 143 -40.90 -64.66 -3.87
N PHE F 144 -39.58 -64.45 -3.99
CA PHE F 144 -38.96 -63.29 -3.38
C PHE F 144 -39.48 -61.98 -3.97
N ASP F 145 -39.69 -61.95 -5.29
CA ASP F 145 -40.08 -60.70 -5.94
C ASP F 145 -41.39 -60.14 -5.40
N GLU F 146 -42.30 -60.99 -4.96
CA GLU F 146 -43.58 -60.55 -4.44
C GLU F 146 -43.56 -60.32 -2.93
N LEU F 147 -42.43 -60.59 -2.27
CA LEU F 147 -42.32 -60.26 -0.87
C LEU F 147 -42.34 -58.75 -0.70
N THR F 148 -43.05 -58.30 0.33
CA THR F 148 -43.25 -56.88 0.55
C THR F 148 -41.96 -56.22 1.02
N PRO F 149 -41.40 -55.27 0.28
CA PRO F 149 -40.17 -54.60 0.74
C PRO F 149 -40.51 -53.43 1.63
N GLN F 150 -40.04 -53.48 2.87
CA GLN F 150 -40.25 -52.42 3.84
C GLN F 150 -38.92 -51.81 4.24
N PHE F 151 -38.99 -50.95 5.22
CA PHE F 151 -37.76 -50.37 5.72
C PHE F 151 -37.19 -51.21 6.85
N PRO F 152 -35.88 -51.43 6.87
CA PRO F 152 -35.27 -52.18 7.97
C PRO F 152 -35.43 -51.43 9.28
N ASP F 153 -36.16 -52.02 10.22
CA ASP F 153 -36.38 -51.40 11.51
C ASP F 153 -35.73 -52.18 12.65
N ARG F 154 -34.93 -53.20 12.35
CA ARG F 154 -34.29 -54.00 13.37
C ARG F 154 -32.84 -53.55 13.55
N GLN F 155 -32.70 -52.38 14.17
CA GLN F 155 -31.38 -51.78 14.38
C GLN F 155 -30.51 -52.66 15.26
N ILE F 156 -29.21 -52.56 15.06
CA ILE F 156 -28.24 -53.37 15.79
C ILE F 156 -27.35 -52.43 16.60
N ARG F 157 -27.33 -52.64 17.92
CA ARG F 157 -26.41 -51.90 18.77
C ARG F 157 -24.99 -52.41 18.58
N LEU F 158 -24.02 -51.51 18.73
CA LEU F 158 -22.61 -51.84 18.52
C LEU F 158 -21.78 -51.32 19.68
N GLU F 159 -21.28 -52.25 20.49
CA GLU F 159 -20.11 -52.01 21.35
C GLU F 159 -19.19 -53.21 21.24
N THR F 160 -17.96 -52.97 20.78
CA THR F 160 -16.90 -53.96 20.87
C THR F 160 -15.75 -53.35 21.65
N THR F 161 -15.11 -54.16 22.48
CA THR F 161 -13.99 -53.66 23.28
C THR F 161 -12.75 -53.30 22.44
N PRO F 162 -12.26 -54.16 21.54
CA PRO F 162 -10.95 -53.86 20.90
C PRO F 162 -10.88 -52.52 20.20
N ASP F 163 -11.93 -52.10 19.50
CA ASP F 163 -12.01 -50.73 18.98
C ASP F 163 -13.43 -50.27 19.23
N GLU F 164 -13.68 -49.72 20.42
CA GLU F 164 -15.00 -49.20 20.74
C GLU F 164 -15.33 -47.99 19.88
N LEU F 165 -14.35 -47.12 19.66
CA LEU F 165 -14.63 -45.82 19.04
C LEU F 165 -15.09 -45.97 17.61
N SER F 166 -14.42 -46.80 16.82
CA SER F 166 -14.80 -46.98 15.42
C SER F 166 -16.21 -47.54 15.31
N THR F 167 -16.52 -48.55 16.13
CA THR F 167 -17.84 -49.13 16.09
C THR F 167 -18.90 -48.16 16.59
N ARG F 168 -18.59 -47.34 17.57
CA ARG F 168 -19.54 -46.32 18.00
C ARG F 168 -19.81 -45.33 16.88
N VAL F 169 -18.77 -44.91 16.16
CA VAL F 169 -18.96 -43.99 15.05
C VAL F 169 -19.85 -44.61 13.99
N ILE F 170 -19.55 -45.85 13.60
CA ILE F 170 -20.31 -46.49 12.52
C ILE F 170 -21.75 -46.77 12.97
N ASP F 171 -21.93 -47.05 14.26
CA ASP F 171 -23.28 -47.27 14.78
C ASP F 171 -24.09 -45.99 14.76
N LEU F 172 -23.52 -44.89 15.26
CA LEU F 172 -24.28 -43.66 15.38
C LEU F 172 -24.52 -42.99 14.04
N LEU F 173 -23.53 -43.00 13.15
CA LEU F 173 -23.70 -42.39 11.84
C LEU F 173 -24.68 -43.15 10.97
N ALA F 174 -24.52 -44.46 10.87
CA ALA F 174 -25.38 -45.31 10.07
C ALA F 174 -25.80 -46.52 10.90
N PRO F 175 -26.82 -46.36 11.75
CA PRO F 175 -27.36 -47.53 12.46
C PRO F 175 -27.87 -48.55 11.45
N ILE F 176 -27.65 -49.83 11.76
CA ILE F 176 -27.88 -50.90 10.81
C ILE F 176 -29.08 -51.72 11.23
N GLY F 177 -30.10 -51.76 10.37
CA GLY F 177 -31.22 -52.63 10.56
C GLY F 177 -31.11 -53.85 9.66
N ARG F 178 -31.96 -54.83 9.93
CA ARG F 178 -32.01 -56.05 9.14
C ARG F 178 -32.74 -55.76 7.84
N GLY F 179 -32.04 -55.92 6.71
CA GLY F 179 -32.56 -55.57 5.42
C GLY F 179 -32.02 -54.29 4.85
N GLN F 180 -31.07 -53.64 5.54
CA GLN F 180 -30.48 -52.41 5.06
C GLN F 180 -29.79 -52.61 3.72
N ARG F 181 -30.04 -51.70 2.78
CA ARG F 181 -29.28 -51.63 1.54
C ARG F 181 -28.57 -50.28 1.53
N GLY F 182 -27.40 -50.24 2.17
CA GLY F 182 -26.55 -49.07 2.18
C GLY F 182 -25.20 -49.38 1.56
N LEU F 183 -24.45 -48.31 1.30
CA LEU F 183 -23.17 -48.42 0.64
C LEU F 183 -22.14 -47.55 1.35
N ILE F 184 -20.87 -47.94 1.23
CA ILE F 184 -19.75 -47.13 1.67
C ILE F 184 -18.96 -46.69 0.45
N VAL F 185 -18.53 -45.44 0.45
CA VAL F 185 -17.91 -44.81 -0.71
C VAL F 185 -16.50 -44.37 -0.33
N ALA F 186 -15.54 -44.60 -1.22
CA ALA F 186 -14.16 -44.26 -0.94
C ALA F 186 -13.31 -44.39 -2.19
N PRO F 187 -12.07 -43.95 -2.18
CA PRO F 187 -11.14 -44.29 -3.24
C PRO F 187 -10.48 -45.63 -2.95
N PRO F 188 -9.74 -46.19 -3.90
CA PRO F 188 -9.03 -47.45 -3.63
C PRO F 188 -8.05 -47.29 -2.49
N LYS F 189 -7.91 -48.35 -1.69
CA LYS F 189 -7.02 -48.34 -0.53
C LYS F 189 -7.40 -47.20 0.42
N ALA F 190 -8.60 -47.32 0.99
CA ALA F 190 -9.07 -46.36 1.97
C ALA F 190 -9.58 -47.07 3.22
N GLY F 191 -9.07 -48.27 3.48
CA GLY F 191 -9.48 -49.05 4.62
C GLY F 191 -10.85 -49.68 4.53
N LYS F 192 -11.39 -49.84 3.32
CA LYS F 192 -12.74 -50.38 3.14
C LYS F 192 -12.76 -51.84 3.58
N THR F 193 -11.84 -52.64 3.07
CA THR F 193 -11.80 -54.05 3.45
C THR F 193 -11.50 -54.21 4.92
N THR F 194 -10.64 -53.35 5.47
CA THR F 194 -10.34 -53.40 6.89
C THR F 194 -11.57 -53.14 7.74
N LEU F 195 -12.29 -52.04 7.47
CA LEU F 195 -13.52 -51.79 8.20
C LEU F 195 -14.56 -52.84 7.89
N LEU F 196 -14.49 -53.46 6.71
CA LEU F 196 -15.38 -54.56 6.40
C LEU F 196 -15.15 -55.72 7.35
N LYS F 197 -13.88 -56.07 7.58
CA LYS F 197 -13.55 -57.08 8.57
C LYS F 197 -14.04 -56.66 9.95
N LYS F 198 -13.83 -55.40 10.30
CA LYS F 198 -14.21 -54.94 11.63
C LYS F 198 -15.71 -55.06 11.86
N ILE F 199 -16.50 -54.63 10.87
CA ILE F 199 -17.95 -54.68 11.03
C ILE F 199 -18.45 -56.12 10.99
N ALA F 200 -17.78 -56.97 10.20
CA ALA F 200 -18.15 -58.38 10.20
C ALA F 200 -17.95 -58.99 11.58
N ASN F 201 -16.82 -58.68 12.21
CA ASN F 201 -16.57 -59.17 13.56
C ASN F 201 -17.58 -58.60 14.54
N ALA F 202 -17.91 -57.31 14.41
CA ALA F 202 -18.88 -56.70 15.31
C ALA F 202 -20.24 -57.39 15.18
N VAL F 203 -20.64 -57.72 13.96
CA VAL F 203 -21.89 -58.44 13.75
C VAL F 203 -21.82 -59.82 14.37
N LEU F 204 -20.71 -60.53 14.13
CA LEU F 204 -20.52 -61.84 14.74
C LEU F 204 -20.55 -61.79 16.26
N LYS F 205 -20.24 -60.64 16.84
CA LYS F 205 -20.34 -60.42 18.28
C LYS F 205 -21.77 -60.14 18.73
N ASN F 206 -22.38 -59.09 18.19
CA ASN F 206 -23.69 -58.66 18.68
C ASN F 206 -24.76 -59.67 18.33
N GLU F 207 -24.81 -60.11 17.08
CA GLU F 207 -25.88 -60.98 16.58
C GLU F 207 -25.25 -62.18 15.88
N PRO F 208 -24.71 -63.13 16.63
CA PRO F 208 -24.15 -64.33 15.99
C PRO F 208 -25.19 -65.17 15.27
N ASP F 209 -26.47 -64.98 15.57
CA ASP F 209 -27.52 -65.81 14.99
C ASP F 209 -27.61 -65.63 13.48
N ILE F 210 -27.47 -64.39 13.00
CA ILE F 210 -27.68 -64.11 11.59
C ILE F 210 -26.61 -64.81 10.76
N LYS F 211 -27.03 -65.38 9.64
CA LYS F 211 -26.10 -66.01 8.70
C LYS F 211 -25.25 -64.91 8.09
N VAL F 212 -23.97 -64.88 8.45
CA VAL F 212 -23.05 -63.85 8.01
C VAL F 212 -22.26 -64.40 6.83
N ILE F 213 -22.28 -63.68 5.71
CA ILE F 213 -21.60 -64.09 4.50
C ILE F 213 -20.86 -62.89 3.92
N VAL F 214 -19.67 -63.14 3.38
CA VAL F 214 -18.83 -62.09 2.80
C VAL F 214 -18.36 -62.55 1.43
N LEU F 215 -18.42 -61.64 0.46
CA LEU F 215 -18.04 -61.93 -0.91
C LEU F 215 -16.90 -61.01 -1.34
N LEU F 216 -15.89 -61.58 -1.98
CA LEU F 216 -14.68 -60.85 -2.36
C LEU F 216 -14.46 -61.02 -3.86
N ILE F 217 -14.21 -59.91 -4.55
CA ILE F 217 -14.00 -59.91 -5.99
C ILE F 217 -12.75 -59.11 -6.32
N ASP F 218 -11.91 -59.66 -7.19
CA ASP F 218 -10.86 -58.90 -7.88
C ASP F 218 -9.77 -58.44 -6.92
N GLU F 219 -9.55 -59.18 -5.83
CA GLU F 219 -8.61 -58.77 -4.80
C GLU F 219 -7.35 -59.63 -4.84
N ARG F 220 -6.44 -59.31 -3.94
CA ARG F 220 -5.16 -60.00 -3.85
C ARG F 220 -5.28 -61.23 -2.96
N PRO F 221 -4.72 -62.36 -3.39
CA PRO F 221 -4.95 -63.62 -2.66
C PRO F 221 -4.47 -63.60 -1.22
N GLU F 222 -3.41 -62.84 -0.92
CA GLU F 222 -2.92 -62.79 0.45
C GLU F 222 -3.96 -62.18 1.38
N GLU F 223 -4.67 -61.15 0.91
CA GLU F 223 -5.76 -60.59 1.71
C GLU F 223 -6.86 -61.63 1.89
N VAL F 224 -7.11 -62.44 0.86
CA VAL F 224 -8.07 -63.52 0.99
C VAL F 224 -7.68 -64.45 2.13
N THR F 225 -6.41 -64.87 2.15
CA THR F 225 -5.95 -65.73 3.23
C THR F 225 -6.10 -65.06 4.58
N ASP F 226 -5.70 -63.79 4.67
CA ASP F 226 -5.77 -63.06 5.93
C ASP F 226 -7.20 -63.00 6.44
N PHE F 227 -8.13 -62.59 5.60
CA PHE F 227 -9.51 -62.46 6.05
C PHE F 227 -10.10 -63.82 6.38
N ARG F 228 -9.85 -64.82 5.52
CA ARG F 228 -10.42 -66.14 5.71
C ARG F 228 -9.98 -66.74 7.04
N GLU F 229 -8.70 -66.60 7.39
CA GLU F 229 -8.27 -67.11 8.69
C GLU F 229 -8.78 -66.23 9.82
N SER F 230 -8.93 -64.93 9.56
CA SER F 230 -9.25 -63.97 10.61
C SER F 230 -10.73 -63.64 10.66
N VAL F 231 -11.58 -64.33 9.91
CA VAL F 231 -13.00 -64.04 9.94
C VAL F 231 -13.72 -64.86 11.00
N GLN F 232 -13.05 -65.84 11.60
CA GLN F 232 -13.60 -66.67 12.66
C GLN F 232 -14.85 -67.43 12.20
N GLY F 233 -14.71 -68.10 11.04
CA GLY F 233 -15.72 -69.02 10.58
C GLY F 233 -16.82 -68.43 9.72
N ALA F 234 -16.94 -67.10 9.66
CA ALA F 234 -17.97 -66.51 8.81
C ALA F 234 -17.67 -66.78 7.34
N GLU F 235 -18.73 -66.90 6.55
CA GLU F 235 -18.63 -67.37 5.17
C GLU F 235 -17.99 -66.29 4.32
N VAL F 236 -16.71 -66.46 4.00
CA VAL F 236 -15.99 -65.54 3.13
C VAL F 236 -15.82 -66.20 1.77
N ILE F 237 -16.40 -65.59 0.75
CA ILE F 237 -16.23 -66.03 -0.62
C ILE F 237 -15.34 -65.02 -1.32
N ALA F 238 -14.39 -65.52 -2.12
CA ALA F 238 -13.37 -64.68 -2.71
C ALA F 238 -13.27 -64.91 -4.20
N SER F 239 -12.81 -63.89 -4.92
CA SER F 239 -12.58 -63.98 -6.35
C SER F 239 -11.43 -63.03 -6.69
N THR F 240 -10.23 -63.58 -6.79
CA THR F 240 -9.06 -62.75 -7.01
C THR F 240 -9.05 -62.19 -8.43
N PHE F 241 -8.26 -61.14 -8.61
CA PHE F 241 -7.99 -60.63 -9.95
C PHE F 241 -7.20 -61.63 -10.79
N ASP F 242 -6.61 -62.64 -10.17
CA ASP F 242 -5.90 -63.67 -10.93
C ASP F 242 -6.85 -64.47 -11.80
N GLU F 243 -8.04 -64.76 -11.30
CA GLU F 243 -8.97 -65.65 -11.99
C GLU F 243 -9.59 -64.96 -13.20
N PRO F 244 -9.99 -65.72 -14.21
CA PRO F 244 -10.73 -65.12 -15.31
C PRO F 244 -12.01 -64.50 -14.82
N PRO F 245 -12.37 -63.33 -15.34
CA PRO F 245 -13.55 -62.61 -14.81
C PRO F 245 -14.85 -63.35 -15.01
N GLN F 246 -14.89 -64.28 -15.97
CA GLN F 246 -16.07 -65.11 -16.14
C GLN F 246 -16.33 -65.92 -14.88
N ASN F 247 -15.25 -66.43 -14.27
CA ASN F 247 -15.40 -67.08 -12.97
C ASN F 247 -15.94 -66.11 -11.94
N HIS F 248 -15.51 -64.85 -12.00
CA HIS F 248 -15.98 -63.85 -11.05
C HIS F 248 -17.50 -63.69 -11.17
N ILE F 249 -17.99 -63.54 -12.39
CA ILE F 249 -19.43 -63.39 -12.60
C ILE F 249 -20.15 -64.66 -12.16
N ARG F 250 -19.60 -65.81 -12.51
CA ARG F 250 -20.22 -67.08 -12.14
C ARG F 250 -20.42 -67.15 -10.64
N VAL F 251 -19.34 -66.95 -9.89
CA VAL F 251 -19.41 -67.11 -8.43
C VAL F 251 -20.32 -66.04 -7.83
N ALA F 252 -20.22 -64.80 -8.32
CA ALA F 252 -21.05 -63.73 -7.78
C ALA F 252 -22.52 -64.02 -7.97
N GLU F 253 -22.90 -64.47 -9.17
CA GLU F 253 -24.32 -64.70 -9.43
C GLU F 253 -24.81 -65.95 -8.73
N PHE F 254 -23.95 -66.96 -8.55
CA PHE F 254 -24.35 -68.12 -7.79
C PHE F 254 -24.60 -67.75 -6.34
N VAL F 255 -23.72 -66.92 -5.78
CA VAL F 255 -23.96 -66.37 -4.45
C VAL F 255 -25.28 -65.61 -4.42
N HIS F 256 -25.53 -64.82 -5.46
CA HIS F 256 -26.77 -64.08 -5.56
C HIS F 256 -27.97 -64.99 -5.47
N GLU F 257 -28.01 -66.02 -6.30
CA GLU F 257 -29.19 -66.88 -6.34
C GLU F 257 -29.35 -67.67 -5.05
N ARG F 258 -28.24 -68.16 -4.49
CA ARG F 258 -28.33 -68.89 -3.23
C ARG F 258 -28.86 -68.00 -2.12
N ALA F 259 -28.35 -66.77 -2.03
CA ALA F 259 -28.82 -65.84 -1.02
C ALA F 259 -30.30 -65.52 -1.23
N LYS F 260 -30.71 -65.35 -2.50
CA LYS F 260 -32.11 -65.09 -2.77
C LYS F 260 -32.97 -66.25 -2.30
N ARG F 261 -32.54 -67.49 -2.54
CA ARG F 261 -33.29 -68.64 -2.03
C ARG F 261 -33.36 -68.61 -0.52
N ILE F 262 -32.23 -68.31 0.14
CA ILE F 262 -32.20 -68.37 1.60
C ILE F 262 -33.14 -67.34 2.20
N VAL F 263 -33.11 -66.10 1.68
CA VAL F 263 -34.03 -65.08 2.16
C VAL F 263 -35.46 -65.44 1.79
N GLU F 264 -35.65 -66.05 0.62
CA GLU F 264 -36.95 -66.57 0.23
C GLU F 264 -37.48 -67.56 1.25
N GLU F 265 -36.58 -68.24 1.95
CA GLU F 265 -36.94 -69.07 3.09
C GLU F 265 -36.97 -68.29 4.39
N GLY F 266 -37.17 -66.97 4.32
CA GLY F 266 -37.24 -66.16 5.52
C GLY F 266 -35.94 -66.02 6.26
N GLY F 267 -34.82 -66.08 5.54
CA GLY F 267 -33.53 -66.02 6.19
C GLY F 267 -33.04 -64.60 6.39
N HIS F 268 -32.30 -64.42 7.48
CA HIS F 268 -31.56 -63.19 7.75
C HIS F 268 -30.16 -63.39 7.19
N VAL F 269 -29.83 -62.64 6.16
CA VAL F 269 -28.61 -62.84 5.40
C VAL F 269 -27.85 -61.53 5.34
N MET F 270 -26.56 -61.61 5.67
CA MET F 270 -25.67 -60.47 5.64
C MET F 270 -24.69 -60.73 4.51
N ILE F 271 -24.60 -59.80 3.57
CA ILE F 271 -23.69 -59.93 2.43
C ILE F 271 -22.73 -58.75 2.44
N LEU F 272 -21.44 -59.06 2.49
CA LEU F 272 -20.40 -58.05 2.52
C LEU F 272 -19.65 -58.14 1.19
N LEU F 273 -19.99 -57.25 0.27
CA LEU F 273 -19.49 -57.28 -1.10
C LEU F 273 -18.22 -56.44 -1.22
N ASP F 274 -17.24 -56.97 -1.94
CA ASP F 274 -15.96 -56.28 -2.09
C ASP F 274 -15.93 -55.46 -3.38
N SER F 275 -15.59 -54.18 -3.23
CA SER F 275 -15.26 -53.29 -4.36
C SER F 275 -16.41 -53.16 -5.34
N ILE F 276 -17.54 -52.62 -4.87
CA ILE F 276 -18.76 -52.63 -5.69
C ILE F 276 -18.57 -51.81 -6.97
N THR F 277 -17.90 -50.66 -6.87
CA THR F 277 -17.61 -49.91 -8.09
C THR F 277 -16.54 -50.61 -8.91
N ARG F 278 -15.52 -51.14 -8.25
CA ARG F 278 -14.57 -51.97 -8.98
C ARG F 278 -15.20 -53.31 -9.35
N LEU F 279 -16.28 -53.69 -8.67
CA LEU F 279 -17.10 -54.78 -9.20
C LEU F 279 -17.74 -54.39 -10.51
N ALA F 280 -18.22 -53.15 -10.61
CA ALA F 280 -18.75 -52.66 -11.88
C ALA F 280 -17.66 -52.64 -12.94
N ARG F 281 -16.45 -52.25 -12.55
CA ARG F 281 -15.33 -52.29 -13.48
C ARG F 281 -15.05 -53.72 -13.94
N ALA F 282 -15.08 -54.67 -13.01
CA ALA F 282 -14.89 -56.08 -13.36
C ALA F 282 -16.01 -56.56 -14.27
N ASN F 283 -17.23 -56.11 -14.01
CA ASN F 283 -18.36 -56.45 -14.88
C ASN F 283 -18.11 -55.93 -16.29
N ASN F 284 -17.67 -54.68 -16.38
CA ASN F 284 -17.32 -54.09 -17.67
C ASN F 284 -16.21 -54.88 -18.35
N LEU F 285 -15.29 -55.42 -17.56
CA LEU F 285 -14.33 -56.38 -18.09
C LEU F 285 -15.05 -57.58 -18.70
N VAL F 286 -16.05 -58.08 -17.98
CA VAL F 286 -16.87 -59.17 -18.51
C VAL F 286 -17.82 -58.66 -19.58
N THR F 287 -18.11 -57.36 -19.58
CA THR F 287 -19.08 -56.73 -20.48
C THR F 287 -18.41 -56.23 -21.77
N PRO F 288 -18.48 -56.98 -22.86
CA PRO F 288 -17.87 -56.51 -24.11
C PRO F 288 -18.63 -55.37 -24.77
N PRO F 289 -19.94 -55.53 -25.11
CA PRO F 289 -20.48 -54.74 -26.23
C PRO F 289 -20.86 -53.30 -25.94
N THR F 290 -21.38 -53.00 -24.74
CA THR F 290 -21.77 -51.65 -24.35
C THR F 290 -22.96 -51.17 -25.17
N GLY F 291 -23.35 -51.95 -26.17
CA GLY F 291 -24.36 -51.50 -27.13
C GLY F 291 -23.99 -50.15 -27.69
N ARG F 292 -24.89 -49.18 -27.53
CA ARG F 292 -24.53 -47.79 -27.77
C ARG F 292 -23.52 -47.35 -26.73
N THR F 293 -22.38 -46.86 -27.21
CA THR F 293 -21.25 -46.61 -26.31
C THR F 293 -21.58 -45.44 -25.39
N LEU F 294 -21.98 -45.77 -24.17
CA LEU F 294 -22.09 -44.76 -23.13
C LEU F 294 -20.73 -44.13 -22.88
N SER F 295 -20.73 -42.89 -22.41
CA SER F 295 -19.47 -42.25 -22.07
C SER F 295 -18.80 -43.02 -20.95
N GLY F 296 -17.82 -43.85 -21.33
CA GLY F 296 -17.19 -44.79 -20.42
C GLY F 296 -17.24 -46.23 -20.88
N GLY F 297 -18.28 -46.65 -21.59
CA GLY F 297 -18.30 -47.97 -22.17
C GLY F 297 -18.86 -49.10 -21.33
N LEU F 298 -20.13 -49.02 -20.95
CA LEU F 298 -20.80 -50.07 -20.18
C LEU F 298 -22.11 -50.46 -20.85
N ASP F 299 -22.46 -51.75 -20.75
CA ASP F 299 -23.69 -52.25 -21.39
C ASP F 299 -24.92 -51.51 -20.88
N SER F 300 -25.95 -51.46 -21.72
CA SER F 300 -27.25 -50.99 -21.27
C SER F 300 -27.79 -51.87 -20.15
N ALA F 301 -27.66 -53.19 -20.30
CA ALA F 301 -28.15 -54.15 -19.33
C ALA F 301 -27.09 -54.62 -18.34
N ALA F 302 -25.88 -54.05 -18.39
CA ALA F 302 -24.81 -54.49 -17.51
C ALA F 302 -25.21 -54.37 -16.05
N LEU F 303 -25.43 -53.13 -15.60
CA LEU F 303 -25.70 -52.89 -14.18
C LEU F 303 -26.96 -53.61 -13.70
N TYR F 304 -27.88 -53.95 -14.60
CA TYR F 304 -29.11 -54.63 -14.18
C TYR F 304 -28.79 -55.90 -13.41
N PHE F 305 -27.66 -56.55 -13.69
CA PHE F 305 -27.25 -57.67 -12.86
C PHE F 305 -26.74 -57.17 -11.51
N PRO F 306 -25.76 -56.24 -11.45
CA PRO F 306 -25.48 -55.60 -10.15
C PRO F 306 -26.68 -54.90 -9.55
N LYS F 307 -27.53 -54.27 -10.37
CA LYS F 307 -28.66 -53.54 -9.81
C LYS F 307 -29.66 -54.49 -9.16
N ARG F 308 -29.96 -55.61 -9.82
CA ARG F 308 -30.77 -56.63 -9.19
C ARG F 308 -30.09 -57.15 -7.93
N PHE F 309 -28.79 -57.43 -8.04
CA PHE F 309 -28.03 -57.98 -6.92
C PHE F 309 -28.11 -57.06 -5.71
N LEU F 310 -28.09 -55.75 -5.96
CA LEU F 310 -28.08 -54.79 -4.87
C LEU F 310 -29.47 -54.52 -4.34
N GLY F 311 -30.38 -54.07 -5.21
CA GLY F 311 -31.74 -53.78 -4.79
C GLY F 311 -32.48 -54.97 -4.24
N ALA F 312 -31.99 -56.19 -4.50
CA ALA F 312 -32.56 -57.37 -3.86
C ALA F 312 -32.45 -57.26 -2.35
N ALA F 313 -31.36 -56.70 -1.85
CA ALA F 313 -31.24 -56.43 -0.43
C ALA F 313 -32.37 -55.52 0.02
N ARG F 314 -33.16 -55.99 0.97
CA ARG F 314 -34.38 -55.29 1.33
C ARG F 314 -34.89 -55.84 2.65
N ASN F 315 -35.89 -55.16 3.20
CA ASN F 315 -36.51 -55.54 4.46
C ASN F 315 -37.94 -55.96 4.20
N ILE F 316 -38.34 -57.08 4.80
CA ILE F 316 -39.66 -57.66 4.59
C ILE F 316 -40.37 -57.72 5.93
N ARG F 317 -41.71 -57.72 5.88
CA ARG F 317 -42.48 -57.95 7.10
C ARG F 317 -42.64 -59.42 7.43
N GLY F 318 -42.27 -60.32 6.52
CA GLY F 318 -42.54 -61.73 6.69
C GLY F 318 -41.41 -62.51 7.36
N GLY F 319 -40.48 -61.81 7.97
CA GLY F 319 -39.37 -62.47 8.62
C GLY F 319 -38.16 -62.58 7.69
N GLY F 320 -37.00 -62.76 8.31
CA GLY F 320 -35.75 -62.74 7.59
C GLY F 320 -35.42 -61.34 7.10
N SER F 321 -34.27 -61.24 6.43
CA SER F 321 -33.84 -59.96 5.88
C SER F 321 -32.65 -60.22 4.97
N LEU F 322 -32.34 -59.23 4.14
CA LEU F 322 -31.14 -59.27 3.30
C LEU F 322 -30.46 -57.93 3.37
N THR F 323 -29.38 -57.85 4.12
CA THR F 323 -28.63 -56.61 4.27
C THR F 323 -27.29 -56.76 3.55
N ILE F 324 -27.09 -55.97 2.51
CA ILE F 324 -25.88 -55.99 1.69
C ILE F 324 -25.13 -54.69 1.91
N LEU F 325 -23.88 -54.80 2.34
CA LEU F 325 -23.00 -53.65 2.44
C LEU F 325 -21.81 -53.89 1.52
N ALA F 326 -21.48 -52.89 0.71
CA ALA F 326 -20.44 -53.06 -0.29
C ALA F 326 -19.51 -51.87 -0.29
N THR F 327 -18.29 -52.10 -0.76
CA THR F 327 -17.24 -51.09 -0.78
C THR F 327 -17.19 -50.46 -2.17
N ALA F 328 -17.17 -49.13 -2.22
CA ALA F 328 -17.17 -48.40 -3.47
C ALA F 328 -15.84 -47.70 -3.65
N LEU F 329 -15.24 -47.85 -4.83
CA LEU F 329 -14.01 -47.18 -5.18
C LEU F 329 -14.35 -45.98 -6.04
N VAL F 330 -14.05 -44.78 -5.54
CA VAL F 330 -14.46 -43.54 -6.16
C VAL F 330 -13.23 -42.63 -6.27
N GLU F 331 -13.41 -41.48 -6.91
CA GLU F 331 -12.32 -40.51 -7.11
C GLU F 331 -11.14 -41.18 -7.80
N THR F 332 -11.42 -42.10 -8.70
CA THR F 332 -10.40 -42.87 -9.37
C THR F 332 -9.92 -42.22 -10.65
N GLY F 333 -10.36 -40.99 -10.94
CA GLY F 333 -9.82 -40.24 -12.06
C GLY F 333 -10.39 -40.60 -13.41
N SER F 334 -11.30 -41.57 -13.48
CA SER F 334 -11.87 -42.02 -14.74
C SER F 334 -13.39 -41.89 -14.69
N ARG F 335 -14.00 -41.68 -15.85
CA ARG F 335 -15.43 -41.40 -15.89
C ARG F 335 -16.27 -42.60 -15.44
N MET F 336 -15.79 -43.82 -15.68
CA MET F 336 -16.62 -44.99 -15.38
C MET F 336 -16.94 -45.07 -13.91
N ASP F 337 -15.94 -44.90 -13.05
CA ASP F 337 -16.14 -45.06 -11.61
C ASP F 337 -17.04 -43.96 -11.06
N ASP F 338 -16.84 -42.72 -11.52
CA ASP F 338 -17.70 -41.63 -11.06
C ASP F 338 -19.14 -41.84 -11.51
N VAL F 339 -19.33 -42.31 -12.74
CA VAL F 339 -20.67 -42.57 -13.25
C VAL F 339 -21.36 -43.65 -12.43
N ILE F 340 -20.64 -44.74 -12.14
CA ILE F 340 -21.21 -45.81 -11.33
C ILE F 340 -21.51 -45.31 -9.92
N PHE F 341 -20.63 -44.46 -9.38
CA PHE F 341 -20.86 -43.87 -8.07
C PHE F 341 -22.17 -43.10 -8.05
N GLU F 342 -22.41 -42.32 -9.10
CA GLU F 342 -23.68 -41.60 -9.16
C GLU F 342 -24.87 -42.55 -9.30
N GLU F 343 -24.76 -43.56 -10.17
CA GLU F 343 -25.90 -44.43 -10.41
C GLU F 343 -26.28 -45.22 -9.18
N PHE F 344 -25.31 -45.83 -8.50
CA PHE F 344 -25.60 -46.58 -7.30
C PHE F 344 -25.75 -45.69 -6.07
N LYS F 345 -25.38 -44.41 -6.18
CA LYS F 345 -25.65 -43.47 -5.11
C LYS F 345 -27.14 -43.29 -4.88
N GLY F 346 -27.91 -43.21 -5.96
CA GLY F 346 -29.35 -43.09 -5.86
C GLY F 346 -30.09 -44.38 -5.63
N THR F 347 -29.37 -45.49 -5.50
CA THR F 347 -30.00 -46.78 -5.24
C THR F 347 -29.83 -47.24 -3.81
N GLY F 348 -28.69 -46.94 -3.19
CA GLY F 348 -28.46 -47.33 -1.81
C GLY F 348 -29.21 -46.44 -0.84
N ASN F 349 -29.62 -47.02 0.28
CA ASN F 349 -30.33 -46.30 1.32
C ASN F 349 -29.42 -45.65 2.34
N MET F 350 -28.12 -45.93 2.27
CA MET F 350 -27.15 -45.35 3.18
C MET F 350 -25.83 -45.19 2.44
N GLU F 351 -25.15 -44.08 2.70
CA GLU F 351 -23.88 -43.78 2.05
C GLU F 351 -22.82 -43.51 3.11
N LEU F 352 -21.59 -43.92 2.82
CA LEU F 352 -20.46 -43.68 3.71
C LEU F 352 -19.25 -43.27 2.87
N HIS F 353 -19.03 -41.97 2.74
CA HIS F 353 -17.89 -41.46 2.00
C HIS F 353 -16.65 -41.49 2.87
N LEU F 354 -15.54 -41.91 2.29
CA LEU F 354 -14.25 -41.93 2.98
C LEU F 354 -13.26 -41.09 2.17
N SER F 355 -12.81 -39.99 2.75
CA SER F 355 -11.99 -39.03 2.01
C SER F 355 -10.55 -39.51 1.89
N ARG F 356 -9.88 -39.12 0.80
CA ARG F 356 -8.45 -39.34 0.70
C ARG F 356 -7.68 -38.59 1.78
N ARG F 357 -8.04 -37.35 2.05
CA ARG F 357 -7.26 -36.56 3.01
C ARG F 357 -7.31 -37.18 4.40
N LEU F 358 -8.48 -37.67 4.81
CA LEU F 358 -8.59 -38.34 6.10
C LEU F 358 -7.74 -39.61 6.13
N GLU F 359 -7.78 -40.38 5.05
CA GLU F 359 -7.03 -41.63 4.98
C GLU F 359 -5.52 -41.42 4.99
N GLU F 360 -5.05 -40.37 4.29
CA GLU F 360 -3.61 -40.13 4.20
C GLU F 360 -3.02 -39.84 5.56
N ARG F 361 -3.80 -39.25 6.46
CA ARG F 361 -3.32 -39.00 7.81
C ARG F 361 -3.35 -40.25 8.68
N ARG F 362 -3.58 -41.42 8.09
CA ARG F 362 -3.58 -42.71 8.79
C ARG F 362 -4.63 -42.75 9.90
N ILE F 363 -5.75 -42.09 9.68
CA ILE F 363 -6.83 -42.03 10.66
C ILE F 363 -7.99 -42.88 10.15
N PHE F 364 -8.36 -43.91 10.90
CA PHE F 364 -9.40 -44.83 10.48
C PHE F 364 -10.32 -45.13 11.66
N PRO F 365 -11.64 -45.12 11.46
CA PRO F 365 -12.31 -44.94 10.16
C PRO F 365 -12.26 -43.51 9.62
N ALA F 366 -11.77 -43.38 8.38
CA ALA F 366 -11.63 -42.09 7.70
C ALA F 366 -12.93 -41.68 7.01
N ILE F 367 -14.01 -41.60 7.78
CA ILE F 367 -15.33 -41.38 7.21
C ILE F 367 -15.53 -39.91 6.92
N ASP F 368 -15.95 -39.60 5.69
CA ASP F 368 -16.48 -38.28 5.39
C ASP F 368 -17.85 -38.20 6.06
N ILE F 369 -17.88 -37.63 7.27
CA ILE F 369 -19.06 -37.71 8.11
C ILE F 369 -20.23 -36.98 7.48
N LEU F 370 -19.97 -35.81 6.90
CA LEU F 370 -21.06 -34.97 6.39
C LEU F 370 -21.84 -35.69 5.30
N LYS F 371 -21.15 -36.28 4.33
CA LYS F 371 -21.85 -36.97 3.26
C LYS F 371 -22.49 -38.27 3.72
N SER F 372 -21.98 -38.87 4.79
CA SER F 372 -22.53 -40.14 5.26
C SER F 372 -23.89 -39.92 5.93
N GLY F 373 -24.79 -40.87 5.70
CA GLY F 373 -26.12 -40.78 6.28
C GLY F 373 -27.03 -41.85 5.74
N THR F 374 -28.22 -41.90 6.30
CA THR F 374 -29.22 -42.92 5.98
C THR F 374 -30.53 -42.25 5.59
N ARG F 375 -31.53 -43.08 5.33
CA ARG F 375 -32.89 -42.64 5.07
C ARG F 375 -33.83 -43.22 6.12
N ARG F 376 -34.89 -42.46 6.44
CA ARG F 376 -35.97 -42.94 7.29
C ARG F 376 -35.45 -43.40 8.65
N GLU F 377 -34.83 -42.47 9.38
CA GLU F 377 -34.30 -42.80 10.70
C GLU F 377 -35.41 -43.26 11.64
N GLU F 378 -36.54 -42.54 11.63
CA GLU F 378 -37.63 -42.85 12.55
C GLU F 378 -38.12 -44.27 12.38
N LEU F 379 -38.05 -44.81 11.15
CA LEU F 379 -38.48 -46.18 10.92
C LEU F 379 -37.54 -47.16 11.59
N LEU F 380 -36.23 -46.90 11.54
CA LEU F 380 -35.24 -47.77 12.15
C LEU F 380 -34.87 -47.34 13.56
N LEU F 381 -35.18 -46.11 13.95
CA LEU F 381 -34.77 -45.51 15.21
C LEU F 381 -35.97 -44.89 15.89
N GLY F 382 -36.12 -45.15 17.18
CA GLY F 382 -37.30 -44.71 17.90
C GLY F 382 -37.41 -43.20 17.96
N GLU F 383 -38.62 -42.75 18.33
CA GLU F 383 -38.90 -41.31 18.36
C GLU F 383 -37.99 -40.59 19.33
N GLU F 384 -37.78 -41.16 20.52
CA GLU F 384 -36.73 -40.62 21.39
C GLU F 384 -35.38 -40.68 20.69
N VAL F 385 -35.05 -41.83 20.12
CA VAL F 385 -33.76 -41.99 19.46
C VAL F 385 -33.67 -41.06 18.26
N THR F 386 -34.68 -41.10 17.39
CA THR F 386 -34.63 -40.34 16.14
C THR F 386 -34.63 -38.84 16.42
N HIS F 387 -35.45 -38.40 17.38
CA HIS F 387 -35.49 -36.98 17.74
C HIS F 387 -34.20 -36.54 18.42
N LYS F 388 -33.63 -37.39 19.27
CA LYS F 388 -32.41 -36.97 19.93
C LYS F 388 -31.25 -36.91 18.96
N MET F 389 -31.21 -37.79 17.95
CA MET F 389 -30.17 -37.53 16.95
C MET F 389 -30.60 -36.46 15.95
N TRP F 390 -31.89 -36.13 15.88
CA TRP F 390 -32.28 -34.93 15.16
C TRP F 390 -31.56 -33.73 15.77
N LEU F 391 -31.69 -33.58 17.08
CA LEU F 391 -30.93 -32.56 17.81
C LEU F 391 -29.42 -32.77 17.64
N LEU F 392 -28.98 -34.02 17.64
CA LEU F 392 -27.56 -34.29 17.60
C LEU F 392 -26.94 -33.88 16.27
N ARG F 393 -27.62 -34.16 15.15
CA ARG F 393 -27.18 -33.64 13.87
C ARG F 393 -27.29 -32.13 13.82
N LYS F 394 -28.37 -31.56 14.37
CA LYS F 394 -28.49 -30.11 14.43
C LYS F 394 -27.30 -29.49 15.13
N VAL F 395 -26.70 -30.23 16.06
CA VAL F 395 -25.52 -29.76 16.78
C VAL F 395 -24.26 -30.01 15.96
N LEU F 396 -24.06 -31.26 15.53
CA LEU F 396 -22.78 -31.69 14.97
C LEU F 396 -22.59 -31.30 13.51
N ALA F 397 -23.64 -30.81 12.84
CA ALA F 397 -23.49 -30.48 11.43
C ALA F 397 -22.48 -29.37 11.22
N ASP F 398 -22.28 -28.51 12.22
CA ASP F 398 -21.31 -27.42 12.12
C ASP F 398 -19.88 -27.90 12.31
N MET F 399 -19.67 -28.99 13.06
CA MET F 399 -18.35 -29.37 13.52
C MET F 399 -17.54 -29.90 12.35
N ASP F 400 -16.29 -29.44 12.25
CA ASP F 400 -15.45 -29.74 11.11
C ASP F 400 -14.99 -31.19 11.17
N PRO F 401 -14.82 -31.84 10.01
CA PRO F 401 -14.72 -33.31 9.96
C PRO F 401 -13.63 -33.93 10.84
N ALA F 402 -12.37 -33.62 10.59
CA ALA F 402 -11.28 -34.20 11.37
C ALA F 402 -11.36 -33.79 12.83
N GLU F 403 -11.61 -32.50 13.09
CA GLU F 403 -11.72 -32.04 14.46
C GLU F 403 -12.91 -32.68 15.15
N ALA F 404 -14.00 -32.89 14.41
CA ALA F 404 -15.10 -33.68 14.93
C ALA F 404 -14.62 -35.07 15.32
N MET F 405 -13.77 -35.68 14.48
CA MET F 405 -13.19 -36.97 14.82
C MET F 405 -12.57 -36.91 16.21
N GLU F 406 -11.60 -36.02 16.41
CA GLU F 406 -10.94 -36.03 17.74
C GLU F 406 -11.92 -35.73 18.86
N MET F 407 -12.73 -34.68 18.74
CA MET F 407 -13.52 -34.23 19.89
C MET F 407 -14.59 -35.24 20.23
N LEU F 408 -15.29 -35.77 19.23
CA LEU F 408 -16.32 -36.76 19.48
C LEU F 408 -15.71 -38.09 19.88
N LEU F 409 -14.49 -38.39 19.40
CA LEU F 409 -13.78 -39.58 19.86
C LEU F 409 -13.53 -39.51 21.36
N ALA F 410 -13.05 -38.35 21.83
CA ALA F 410 -12.86 -38.17 23.25
C ALA F 410 -14.20 -38.22 23.99
N ARG F 411 -15.23 -37.60 23.42
CA ARG F 411 -16.53 -37.52 24.09
C ARG F 411 -17.17 -38.90 24.25
N LEU F 412 -17.06 -39.75 23.23
CA LEU F 412 -17.65 -41.07 23.26
C LEU F 412 -16.72 -42.13 23.82
N ALA F 413 -15.46 -41.79 24.07
CA ALA F 413 -14.61 -42.69 24.84
C ALA F 413 -15.03 -42.71 26.30
N ARG F 414 -15.77 -41.69 26.75
CA ARG F 414 -16.25 -41.66 28.11
C ARG F 414 -17.23 -42.79 28.39
N THR F 415 -18.19 -42.99 27.49
CA THR F 415 -19.29 -43.91 27.76
C THR F 415 -19.71 -44.59 26.48
N LYS F 416 -20.42 -45.70 26.64
CA LYS F 416 -21.08 -46.34 25.52
C LYS F 416 -22.09 -45.38 24.87
N ASN F 417 -22.35 -45.61 23.58
CA ASN F 417 -23.31 -44.80 22.84
C ASN F 417 -24.59 -44.56 23.64
N ASN F 418 -25.27 -45.65 23.99
CA ASN F 418 -26.49 -45.51 24.79
C ASN F 418 -26.15 -44.90 26.14
N LYS F 419 -25.04 -45.33 26.75
CA LYS F 419 -24.59 -44.71 28.00
C LYS F 419 -24.37 -43.22 27.82
N GLU F 420 -23.84 -42.80 26.65
CA GLU F 420 -23.73 -41.38 26.38
C GLU F 420 -25.10 -40.73 26.36
N PHE F 421 -26.07 -41.38 25.72
CA PHE F 421 -27.44 -40.89 25.79
C PHE F 421 -28.01 -41.04 27.19
N LEU F 422 -27.63 -42.11 27.89
CA LEU F 422 -28.03 -42.29 29.29
C LEU F 422 -27.48 -41.16 30.15
N MET G 1 80.27 34.97 3.21
CA MET G 1 79.76 34.35 4.42
C MET G 1 79.82 35.31 5.60
N LEU G 2 79.89 36.60 5.29
CA LEU G 2 79.94 37.64 6.31
C LEU G 2 78.82 38.66 6.17
N ASP G 3 78.60 39.19 4.97
CA ASP G 3 77.50 40.12 4.76
C ASP G 3 76.15 39.42 4.86
N SER G 4 76.12 38.10 4.63
CA SER G 4 74.88 37.35 4.69
C SER G 4 74.95 36.13 5.60
N LYS G 5 76.10 35.80 6.18
CA LYS G 5 76.16 34.76 7.19
C LYS G 5 76.65 35.26 8.54
N LEU G 6 77.64 36.17 8.57
CA LEU G 6 77.93 36.87 9.80
C LEU G 6 76.85 37.90 10.09
N LYS G 7 76.25 38.47 9.05
CA LYS G 7 74.95 39.13 9.20
C LYS G 7 73.83 38.10 9.06
N ALA G 8 74.02 37.01 9.77
CA ALA G 8 73.07 35.92 9.94
C ALA G 8 73.36 35.26 11.28
N PRO G 9 72.36 34.63 11.89
CA PRO G 9 72.46 34.34 13.32
C PRO G 9 73.53 33.31 13.64
N VAL G 10 74.26 33.56 14.72
CA VAL G 10 74.80 32.47 15.51
C VAL G 10 73.63 31.78 16.21
N PHE G 11 73.77 30.47 16.40
CA PHE G 11 72.73 29.61 16.95
C PHE G 11 73.17 29.08 18.31
N THR G 12 72.74 29.73 19.37
CA THR G 12 73.12 29.37 20.73
C THR G 12 71.98 28.64 21.42
N VAL G 13 72.33 27.88 22.46
CA VAL G 13 71.36 27.11 23.23
C VAL G 13 71.57 27.39 24.71
N ARG G 14 70.47 27.31 25.47
CA ARG G 14 70.49 27.39 26.93
C ARG G 14 69.44 26.40 27.41
N THR G 15 69.88 25.17 27.71
CA THR G 15 68.98 24.09 28.09
C THR G 15 69.39 23.59 29.46
N GLN G 16 68.41 23.35 30.33
CA GLN G 16 68.71 22.74 31.62
C GLN G 16 67.82 21.51 31.82
N GLY G 17 68.41 20.47 32.41
CA GLY G 17 67.70 19.22 32.44
C GLY G 17 67.46 18.73 31.03
N ARG G 18 66.33 18.06 30.85
CA ARG G 18 65.86 17.70 29.51
C ARG G 18 64.39 18.07 29.35
N GLU G 19 63.94 19.08 30.09
CA GLU G 19 62.57 19.56 30.00
C GLU G 19 62.46 20.95 29.42
N TYR G 20 63.43 21.82 29.71
CA TYR G 20 63.37 23.22 29.27
C TYR G 20 64.60 23.57 28.48
N GLY G 21 64.38 24.10 27.28
CA GLY G 21 65.48 24.53 26.44
C GLY G 21 65.15 25.77 25.62
N GLU G 22 66.00 26.78 25.72
CA GLU G 22 65.88 27.99 24.91
C GLU G 22 66.87 27.91 23.77
N PHE G 23 66.41 28.25 22.58
CA PHE G 23 67.26 28.29 21.39
C PHE G 23 67.24 29.70 20.85
N VAL G 24 68.39 30.35 20.87
CA VAL G 24 68.53 31.73 20.43
C VAL G 24 69.20 31.73 19.07
N LEU G 25 68.66 32.53 18.15
CA LEU G 25 69.15 32.66 16.79
C LEU G 25 69.32 34.15 16.58
N GLU G 26 70.57 34.64 16.61
CA GLU G 26 70.75 36.08 16.53
C GLU G 26 71.98 36.46 15.73
N PRO G 27 71.89 37.44 14.81
CA PRO G 27 70.70 38.21 14.46
C PRO G 27 70.08 37.82 13.11
N LEU G 28 68.76 38.01 13.01
CA LEU G 28 68.03 37.81 11.78
C LEU G 28 67.77 39.14 11.08
N GLU G 29 67.79 39.08 9.75
CA GLU G 29 67.32 40.19 8.96
C GLU G 29 65.83 40.38 9.19
N ARG G 30 65.39 41.63 9.15
CA ARG G 30 64.02 41.96 9.51
C ARG G 30 63.02 41.21 8.63
N GLY G 31 61.99 40.65 9.25
CA GLY G 31 60.96 39.93 8.54
C GLY G 31 61.07 38.42 8.59
N PHE G 32 62.09 37.87 9.26
CA PHE G 32 62.28 36.44 9.33
C PHE G 32 62.03 35.85 10.71
N GLY G 33 61.91 36.68 11.75
CA GLY G 33 61.68 36.14 13.08
C GLY G 33 60.39 35.34 13.15
N VAL G 34 59.28 35.95 12.76
CA VAL G 34 58.03 35.21 12.67
C VAL G 34 58.13 34.15 11.59
N THR G 35 58.75 34.50 10.47
CA THR G 35 58.80 33.61 9.31
C THR G 35 59.38 32.25 9.68
N LEU G 36 60.30 32.21 10.64
CA LEU G 36 60.84 30.94 11.10
C LEU G 36 60.12 30.43 12.34
N GLY G 37 59.77 31.34 13.26
CA GLY G 37 59.19 30.91 14.52
C GLY G 37 57.87 30.19 14.35
N ASN G 38 56.98 30.74 13.53
CA ASN G 38 55.64 30.16 13.42
C ASN G 38 55.65 28.75 12.86
N PRO G 39 56.28 28.46 11.71
CA PRO G 39 56.24 27.08 11.22
C PRO G 39 56.89 26.10 12.18
N LEU G 40 57.97 26.51 12.83
CA LEU G 40 58.62 25.62 13.78
C LEU G 40 57.70 25.32 14.95
N ARG G 41 57.02 26.32 15.46
CA ARG G 41 56.10 26.09 16.57
C ARG G 41 54.98 25.16 16.16
N ARG G 42 54.40 25.38 14.97
CA ARG G 42 53.32 24.52 14.52
C ARG G 42 53.79 23.08 14.37
N ILE G 43 54.95 22.88 13.76
CA ILE G 43 55.45 21.53 13.53
C ILE G 43 55.76 20.85 14.86
N LEU G 44 56.37 21.59 15.79
CA LEU G 44 56.68 21.02 17.10
C LEU G 44 55.41 20.58 17.81
N LEU G 45 54.38 21.42 17.80
CA LEU G 45 53.17 21.06 18.50
C LEU G 45 52.30 20.08 17.73
N SER G 46 52.62 19.76 16.49
CA SER G 46 51.77 18.90 15.67
C SER G 46 52.34 17.50 15.48
N SER G 47 53.54 17.38 14.92
CA SER G 47 53.99 16.12 14.34
C SER G 47 55.34 15.70 14.89
N ILE G 48 55.49 15.75 16.21
CA ILE G 48 56.68 15.23 16.87
C ILE G 48 56.32 13.85 17.41
N PRO G 49 56.88 12.78 16.86
CA PRO G 49 56.52 11.44 17.35
C PRO G 49 56.96 11.22 18.78
N GLY G 50 56.19 10.42 19.50
CA GLY G 50 56.47 10.17 20.89
C GLY G 50 55.87 8.86 21.35
N THR G 51 55.92 8.64 22.65
CA THR G 51 55.44 7.41 23.26
C THR G 51 54.40 7.73 24.32
N ALA G 52 53.33 6.93 24.34
CA ALA G 52 52.25 7.14 25.29
C ALA G 52 51.55 5.83 25.56
N VAL G 53 50.85 5.78 26.69
CA VAL G 53 50.13 4.58 27.08
C VAL G 53 49.06 4.26 26.05
N THR G 54 48.99 3.00 25.65
CA THR G 54 48.01 2.56 24.66
C THR G 54 46.93 1.68 25.24
N SER G 55 47.30 0.61 25.92
CA SER G 55 46.32 -0.34 26.43
C SER G 55 46.60 -0.67 27.88
N VAL G 56 45.55 -1.02 28.61
CA VAL G 56 45.65 -1.38 30.02
C VAL G 56 44.88 -2.67 30.24
N TYR G 57 45.50 -3.61 30.95
CA TYR G 57 44.85 -4.84 31.35
C TYR G 57 44.97 -5.01 32.86
N ILE G 58 43.90 -5.46 33.48
CA ILE G 58 43.87 -5.73 34.92
C ILE G 58 43.48 -7.19 35.10
N GLU G 59 44.15 -7.86 36.04
CA GLU G 59 43.82 -9.26 36.30
C GLU G 59 42.43 -9.43 36.92
N ASP G 60 41.91 -8.42 37.63
CA ASP G 60 40.65 -8.56 38.35
C ASP G 60 39.46 -8.08 37.54
N VAL G 61 39.44 -6.80 37.16
CA VAL G 61 38.23 -6.18 36.60
C VAL G 61 37.94 -6.77 35.23
N LEU G 62 36.74 -6.51 34.74
CA LEU G 62 36.31 -7.03 33.44
C LEU G 62 35.81 -5.94 32.49
N HIS G 63 35.71 -4.70 32.94
CA HIS G 63 35.40 -3.58 32.05
C HIS G 63 35.95 -2.32 32.68
N GLU G 64 35.66 -1.18 32.06
CA GLU G 64 36.28 0.08 32.46
C GLU G 64 35.66 0.65 33.73
N PHE G 65 34.34 0.53 33.90
CA PHE G 65 33.64 1.25 34.95
C PHE G 65 33.47 0.44 36.23
N SER G 66 34.31 -0.58 36.45
CA SER G 66 34.26 -1.33 37.69
C SER G 66 35.24 -0.74 38.70
N THR G 67 35.38 -1.40 39.85
CA THR G 67 36.30 -0.98 40.89
C THR G 67 36.96 -2.17 41.53
N ILE G 68 38.24 -2.02 41.87
CA ILE G 68 39.00 -3.08 42.52
C ILE G 68 38.85 -2.97 44.03
N PRO G 69 38.43 -4.02 44.72
CA PRO G 69 38.38 -3.98 46.18
C PRO G 69 39.77 -3.74 46.76
N GLY G 70 39.83 -2.95 47.82
CA GLY G 70 41.08 -2.57 48.41
C GLY G 70 41.75 -1.38 47.76
N VAL G 71 41.17 -0.82 46.70
CA VAL G 71 41.76 0.30 45.98
C VAL G 71 40.87 1.52 46.18
N LYS G 72 41.47 2.61 46.65
CA LYS G 72 40.69 3.82 46.90
C LYS G 72 40.14 4.40 45.60
N GLU G 73 40.92 4.38 44.53
CA GLU G 73 40.53 4.99 43.27
C GLU G 73 39.74 4.01 42.41
N ASP G 74 38.88 4.55 41.57
CA ASP G 74 38.17 3.75 40.58
C ASP G 74 39.11 3.43 39.42
N VAL G 75 38.65 2.52 38.55
CA VAL G 75 39.42 2.22 37.34
C VAL G 75 39.56 3.47 36.48
N VAL G 76 38.52 4.31 36.44
CA VAL G 76 38.60 5.55 35.69
C VAL G 76 39.74 6.40 36.22
N GLU G 77 39.84 6.54 37.54
CA GLU G 77 40.92 7.32 38.12
C GLU G 77 42.28 6.71 37.78
N ILE G 78 42.37 5.38 37.81
CA ILE G 78 43.64 4.73 37.51
C ILE G 78 44.07 5.02 36.09
N ILE G 79 43.14 4.92 35.14
CA ILE G 79 43.48 5.19 33.75
C ILE G 79 43.85 6.65 33.57
N LEU G 80 43.10 7.55 34.19
CA LEU G 80 43.42 8.97 34.07
C LEU G 80 44.82 9.27 34.60
N ASN G 81 45.17 8.67 35.74
CA ASN G 81 46.52 8.85 36.27
C ASN G 81 47.56 8.26 35.34
N LEU G 82 47.28 7.08 34.78
CA LEU G 82 48.21 6.47 33.85
C LEU G 82 48.41 7.33 32.61
N LYS G 83 47.41 8.16 32.29
CA LYS G 83 47.52 8.99 31.10
C LYS G 83 48.74 9.92 31.16
N GLU G 84 49.11 10.37 32.36
CA GLU G 84 50.26 11.25 32.50
C GLU G 84 51.58 10.51 32.61
N LEU G 85 51.57 9.19 32.59
CA LEU G 85 52.83 8.45 32.69
C LEU G 85 53.71 8.76 31.48
N VAL G 86 54.98 9.04 31.75
CA VAL G 86 55.94 9.37 30.71
C VAL G 86 56.92 8.20 30.57
N VAL G 87 57.09 7.74 29.34
CA VAL G 87 57.93 6.59 29.04
C VAL G 87 58.99 7.03 28.05
N ARG G 88 60.25 6.84 28.40
CA ARG G 88 61.36 7.14 27.51
C ARG G 88 61.94 5.84 26.98
N PHE G 89 62.02 5.74 25.66
CA PHE G 89 62.69 4.62 25.03
C PHE G 89 64.18 4.91 24.93
N LEU G 90 64.99 3.86 25.10
CA LEU G 90 66.42 3.99 24.94
C LEU G 90 66.93 3.35 23.67
N ASN G 91 66.17 2.44 23.08
CA ASN G 91 66.50 1.89 21.76
C ASN G 91 65.52 2.45 20.74
N PRO G 92 65.96 3.27 19.80
CA PRO G 92 65.02 3.83 18.82
C PRO G 92 64.30 2.78 18.00
N SER G 93 64.93 1.63 17.74
CA SER G 93 64.26 0.60 16.96
C SER G 93 63.09 -0.03 17.71
N LEU G 94 63.13 0.01 19.05
CA LEU G 94 62.07 -0.59 19.84
C LEU G 94 60.76 0.17 19.63
N GLN G 95 59.66 -0.58 19.53
CA GLN G 95 58.36 0.03 19.21
C GLN G 95 57.33 -0.14 20.32
N THR G 96 57.07 -1.37 20.77
CA THR G 96 55.99 -1.64 21.71
C THR G 96 56.55 -2.32 22.94
N VAL G 97 56.16 -1.82 24.11
CA VAL G 97 56.64 -2.35 25.38
C VAL G 97 55.43 -2.68 26.24
N THR G 98 55.59 -3.65 27.15
CA THR G 98 54.51 -4.08 28.02
C THR G 98 55.05 -4.10 29.45
N LEU G 99 54.83 -3.02 30.19
CA LEU G 99 55.25 -2.98 31.58
C LEU G 99 54.27 -3.76 32.45
N LEU G 100 54.80 -4.36 33.51
CA LEU G 100 54.02 -5.13 34.46
C LEU G 100 54.09 -4.48 35.84
N LEU G 101 53.03 -4.63 36.61
CA LEU G 101 52.99 -4.10 37.97
C LEU G 101 52.26 -5.08 38.87
N LYS G 102 52.85 -5.38 40.02
CA LYS G 102 52.22 -6.19 41.05
C LYS G 102 52.45 -5.52 42.39
N ALA G 103 51.38 -5.39 43.18
CA ALA G 103 51.49 -4.73 44.47
C ALA G 103 50.40 -5.25 45.40
N GLU G 104 50.67 -5.09 46.70
CA GLU G 104 49.75 -5.55 47.73
C GLU G 104 50.00 -4.76 49.00
N GLY G 105 49.04 -4.84 49.92
CA GLY G 105 49.18 -4.23 51.23
C GLY G 105 49.03 -2.72 51.18
N PRO G 106 49.32 -2.07 52.30
CA PRO G 106 49.18 -0.61 52.35
C PRO G 106 50.25 0.09 51.53
N LYS G 107 50.05 0.15 50.22
CA LYS G 107 51.04 0.65 49.28
C LYS G 107 50.50 1.89 48.58
N GLU G 108 51.24 2.99 48.67
CA GLU G 108 50.94 4.18 47.87
C GLU G 108 51.62 3.98 46.52
N VAL G 109 50.94 3.24 45.65
CA VAL G 109 51.54 2.76 44.42
C VAL G 109 51.85 3.95 43.52
N LYS G 110 53.14 4.23 43.35
CA LYS G 110 53.65 5.27 42.47
C LYS G 110 54.11 4.65 41.16
N ALA G 111 54.72 5.47 40.31
CA ALA G 111 55.20 4.98 39.02
C ALA G 111 56.45 4.15 39.14
N ARG G 112 57.25 4.37 40.19
CA ARG G 112 58.51 3.63 40.35
C ARG G 112 58.28 2.14 40.52
N ASP G 113 57.09 1.73 40.93
CA ASP G 113 56.84 0.33 41.26
C ASP G 113 56.76 -0.56 40.03
N PHE G 114 56.75 0.03 38.83
CA PHE G 114 56.77 -0.79 37.62
C PHE G 114 58.05 -1.61 37.55
N LEU G 115 57.92 -2.84 37.09
CA LEU G 115 59.08 -3.71 36.98
C LEU G 115 60.01 -3.19 35.88
N PRO G 116 61.30 -3.06 36.15
CA PRO G 116 62.20 -2.48 35.16
C PRO G 116 62.29 -3.33 33.91
N VAL G 117 62.52 -2.66 32.77
CA VAL G 117 62.68 -3.32 31.49
C VAL G 117 64.05 -2.89 30.93
N ALA G 118 64.50 -3.63 29.92
CA ALA G 118 65.87 -3.44 29.43
C ALA G 118 66.10 -2.03 28.90
N ASP G 119 65.17 -1.50 28.10
CA ASP G 119 65.39 -0.26 27.38
C ASP G 119 64.22 0.69 27.55
N VAL G 120 63.72 0.83 28.76
CA VAL G 120 62.60 1.72 29.05
C VAL G 120 62.91 2.45 30.35
N GLU G 121 62.57 3.73 30.41
CA GLU G 121 62.74 4.50 31.62
C GLU G 121 61.47 5.30 31.93
N ILE G 122 61.24 5.54 33.20
CA ILE G 122 60.12 6.34 33.68
C ILE G 122 60.70 7.68 34.12
N MET G 123 60.52 8.71 33.30
CA MET G 123 61.03 10.03 33.65
C MET G 123 60.24 10.67 34.79
N ASN G 124 59.11 10.11 35.18
CA ASN G 124 58.31 10.62 36.28
C ASN G 124 58.01 9.48 37.24
N PRO G 125 59.03 8.98 37.96
CA PRO G 125 58.80 7.87 38.89
C PRO G 125 57.86 8.21 40.03
N ASP G 126 57.73 9.49 40.39
CA ASP G 126 56.94 9.89 41.53
C ASP G 126 55.47 10.10 41.19
N LEU G 127 55.07 9.85 39.95
CA LEU G 127 53.69 10.02 39.55
C LEU G 127 52.81 9.03 40.31
N HIS G 128 51.91 9.54 41.15
CA HIS G 128 51.03 8.68 41.90
C HIS G 128 50.11 7.90 40.97
N ILE G 129 49.85 6.64 41.32
CA ILE G 129 48.97 5.77 40.54
C ILE G 129 47.78 5.31 41.36
N ALA G 130 48.02 4.74 42.54
CA ALA G 130 46.93 4.15 43.30
C ALA G 130 47.25 4.13 44.78
N THR G 131 46.27 3.73 45.58
CA THR G 131 46.42 3.68 47.03
C THR G 131 45.76 2.39 47.53
N LEU G 132 46.59 1.37 47.79
CA LEU G 132 46.12 0.09 48.30
C LEU G 132 46.11 0.15 49.82
N GLU G 133 44.96 -0.11 50.43
CA GLU G 133 44.85 -0.04 51.89
C GLU G 133 45.36 -1.29 52.58
N GLU G 134 44.74 -2.44 52.33
CA GLU G 134 45.10 -3.68 53.00
C GLU G 134 44.37 -4.82 52.34
N GLY G 135 45.07 -5.93 52.11
CA GLY G 135 44.44 -7.08 51.50
C GLY G 135 44.02 -6.86 50.06
N GLY G 136 44.39 -5.73 49.46
CA GLY G 136 44.08 -5.46 48.07
C GLY G 136 45.27 -5.80 47.20
N ARG G 137 45.02 -6.64 46.20
CA ARG G 137 46.04 -7.08 45.27
C ARG G 137 45.83 -6.38 43.94
N LEU G 138 46.87 -5.72 43.45
CA LEU G 138 46.82 -5.01 42.18
C LEU G 138 47.86 -5.61 41.25
N ASN G 139 47.39 -6.35 40.24
CA ASN G 139 48.23 -6.89 39.19
C ASN G 139 47.75 -6.31 37.87
N MET G 140 48.65 -5.70 37.12
CA MET G 140 48.25 -5.00 35.91
C MET G 140 49.35 -5.03 34.87
N GLU G 141 48.92 -4.90 33.62
CA GLU G 141 49.82 -4.79 32.48
C GLU G 141 49.48 -3.52 31.73
N VAL G 142 50.49 -2.77 31.32
CA VAL G 142 50.28 -1.57 30.54
C VAL G 142 51.10 -1.70 29.26
N ARG G 143 50.42 -1.64 28.12
CA ARG G 143 51.07 -1.70 26.82
C ARG G 143 51.24 -0.29 26.31
N VAL G 144 52.50 0.11 26.12
CA VAL G 144 52.86 1.44 25.66
C VAL G 144 53.45 1.31 24.27
N ASP G 145 53.11 2.25 23.39
CA ASP G 145 53.57 2.23 22.02
C ASP G 145 54.05 3.61 21.61
N ARG G 146 54.92 3.62 20.62
CA ARG G 146 55.49 4.85 20.08
C ARG G 146 54.66 5.30 18.89
N GLY G 147 54.11 6.50 18.98
CA GLY G 147 53.27 7.03 17.92
C GLY G 147 53.45 8.51 17.69
N VAL G 148 52.52 9.13 16.98
CA VAL G 148 52.59 10.55 16.66
C VAL G 148 51.19 11.13 16.70
N GLY G 149 51.08 12.38 17.15
CA GLY G 149 49.80 13.04 17.17
C GLY G 149 48.92 12.53 18.31
N TYR G 150 47.61 12.71 18.11
CA TYR G 150 46.61 12.27 19.08
C TYR G 150 45.64 11.32 18.39
N VAL G 151 45.26 10.27 19.08
CA VAL G 151 44.34 9.29 18.52
C VAL G 151 43.30 8.89 19.57
N PRO G 152 42.03 8.85 19.21
CA PRO G 152 41.01 8.40 20.17
C PRO G 152 41.19 6.94 20.50
N ALA G 153 40.68 6.56 21.67
CA ALA G 153 40.91 5.21 22.17
C ALA G 153 40.36 4.15 21.23
N GLU G 154 39.13 4.32 20.75
CA GLU G 154 38.54 3.32 19.87
C GLU G 154 39.17 3.33 18.49
N LYS G 155 39.79 4.44 18.09
CA LYS G 155 40.32 4.55 16.74
C LYS G 155 41.41 3.52 16.48
N HIS G 156 42.41 3.45 17.35
CA HIS G 156 43.49 2.50 17.14
C HIS G 156 43.02 1.07 17.35
N GLY G 157 42.21 0.84 18.38
CA GLY G 157 41.66 -0.48 18.63
C GLY G 157 42.70 -1.55 18.86
N ILE G 158 43.41 -1.46 19.99
CA ILE G 158 44.43 -2.43 20.37
C ILE G 158 43.82 -3.37 21.40
N LYS G 159 43.84 -4.67 21.13
CA LYS G 159 43.21 -5.66 22.00
C LYS G 159 44.10 -6.90 22.03
N ASP G 160 44.98 -6.98 23.04
CA ASP G 160 45.76 -8.18 23.26
C ASP G 160 45.05 -9.17 24.17
N ARG G 161 44.29 -8.68 25.14
CA ARG G 161 43.49 -9.51 26.02
C ARG G 161 42.01 -9.26 25.76
N ILE G 162 41.20 -10.27 26.04
CA ILE G 162 39.76 -10.08 25.97
C ILE G 162 39.32 -9.06 27.01
N ASN G 163 39.97 -9.07 28.16
CA ASN G 163 39.63 -8.18 29.26
C ASN G 163 40.30 -6.81 29.12
N ALA G 164 41.19 -6.64 28.16
CA ALA G 164 41.94 -5.40 28.04
C ALA G 164 41.01 -4.24 27.70
N ILE G 165 41.42 -3.05 28.12
CA ILE G 165 40.65 -1.82 27.88
C ILE G 165 41.54 -0.75 27.27
N PRO G 166 41.32 -0.36 26.01
CA PRO G 166 42.16 0.65 25.39
C PRO G 166 41.93 2.02 26.00
N VAL G 167 42.97 2.87 25.90
CA VAL G 167 42.92 4.23 26.39
C VAL G 167 43.38 5.16 25.27
N ASP G 168 43.03 6.44 25.43
CA ASP G 168 43.46 7.45 24.49
C ASP G 168 44.97 7.64 24.56
N ALA G 169 45.55 8.05 23.44
CA ALA G 169 46.99 8.23 23.33
C ALA G 169 47.33 9.69 23.07
N VAL G 170 48.35 10.18 23.73
CA VAL G 170 48.86 11.53 23.55
C VAL G 170 50.35 11.40 23.22
N PHE G 171 50.66 11.31 21.94
CA PHE G 171 51.99 10.96 21.48
C PHE G 171 52.92 12.16 21.34
N SER G 172 52.62 13.27 22.01
CA SER G 172 53.41 14.47 21.79
C SER G 172 54.38 14.66 22.95
N PRO G 173 55.68 14.45 22.74
CA PRO G 173 56.64 14.73 23.81
C PRO G 173 56.71 16.19 24.20
N VAL G 174 56.29 17.09 23.32
CA VAL G 174 56.41 18.52 23.58
C VAL G 174 55.23 18.97 24.45
N ARG G 175 55.55 19.64 25.55
CA ARG G 175 54.48 20.18 26.38
C ARG G 175 54.00 21.52 25.84
N ARG G 176 54.90 22.47 25.62
CA ARG G 176 54.50 23.74 25.06
C ARG G 176 55.72 24.46 24.47
N VAL G 177 55.43 25.42 23.58
CA VAL G 177 56.44 26.15 22.83
C VAL G 177 56.08 27.61 22.83
N ALA G 178 57.08 28.48 23.01
CA ALA G 178 56.85 29.93 22.97
C ALA G 178 58.06 30.59 22.32
N PHE G 179 57.87 31.20 21.16
CA PHE G 179 58.95 31.89 20.47
C PHE G 179 58.71 33.39 20.49
N GLN G 180 59.77 34.13 20.74
CA GLN G 180 59.73 35.57 20.89
C GLN G 180 60.84 36.20 20.05
N VAL G 181 60.51 37.25 19.32
CA VAL G 181 61.46 37.96 18.47
C VAL G 181 61.64 39.36 19.05
N GLU G 182 62.90 39.77 19.17
CA GLU G 182 63.25 41.06 19.76
C GLU G 182 64.22 41.78 18.84
N ASP G 183 64.59 43.00 19.23
CA ASP G 183 65.45 43.85 18.43
C ASP G 183 66.88 43.80 18.96
N THR G 184 67.82 43.63 18.06
CA THR G 184 69.24 43.71 18.34
C THR G 184 69.91 44.55 17.27
N ARG G 185 71.06 45.10 17.59
CA ARG G 185 71.72 46.10 16.75
C ARG G 185 72.95 45.52 16.09
N LEU G 186 73.15 45.90 14.83
CA LEU G 186 74.38 45.66 14.10
C LEU G 186 74.87 46.98 13.54
N GLY G 187 76.17 47.05 13.26
CA GLY G 187 76.79 48.33 12.93
C GLY G 187 76.14 48.99 11.72
N GLN G 188 75.93 48.23 10.65
CA GLN G 188 75.36 48.80 9.44
C GLN G 188 73.85 49.02 9.57
N ARG G 189 73.15 48.12 10.24
CA ARG G 189 71.69 48.19 10.36
C ARG G 189 71.30 48.06 11.82
N THR G 190 70.60 49.06 12.33
CA THR G 190 70.29 49.10 13.75
C THR G 190 69.19 48.10 14.12
N ASP G 191 68.13 48.01 13.31
CA ASP G 191 66.96 47.22 13.65
C ASP G 191 67.06 45.83 13.04
N LEU G 192 67.67 44.91 13.78
CA LEU G 192 67.75 43.51 13.36
C LEU G 192 66.99 42.65 14.36
N ASP G 193 66.66 41.44 13.94
CA ASP G 193 65.82 40.56 14.73
C ASP G 193 66.65 39.48 15.41
N LYS G 194 66.31 39.20 16.66
CA LYS G 194 66.85 38.08 17.44
C LYS G 194 65.69 37.19 17.83
N LEU G 195 65.73 35.93 17.41
CA LEU G 195 64.63 35.01 17.58
C LEU G 195 65.01 33.98 18.65
N THR G 196 64.34 34.04 19.79
CA THR G 196 64.58 33.09 20.88
C THR G 196 63.31 32.29 21.11
N LEU G 197 63.39 30.97 20.98
CA LEU G 197 62.23 30.12 21.19
C LEU G 197 62.50 29.16 22.33
N ARG G 198 61.58 29.12 23.29
CA ARG G 198 61.69 28.32 24.49
C ARG G 198 60.74 27.13 24.37
N ILE G 199 61.24 25.94 24.67
CA ILE G 199 60.48 24.71 24.55
C ILE G 199 60.47 24.00 25.90
N TRP G 200 59.26 23.67 26.36
CA TRP G 200 59.06 22.76 27.48
C TRP G 200 58.54 21.43 26.93
N THR G 201 59.21 20.35 27.29
CA THR G 201 58.78 19.01 26.89
C THR G 201 58.58 18.15 28.13
N ASP G 202 58.11 16.92 27.90
CA ASP G 202 57.80 15.99 28.98
C ASP G 202 58.95 15.05 29.33
N GLY G 203 60.10 15.20 28.69
CA GLY G 203 61.30 14.48 29.06
C GLY G 203 61.63 13.32 28.14
N SER G 204 60.62 12.73 27.51
CA SER G 204 60.88 11.61 26.61
C SER G 204 61.82 12.01 25.49
N VAL G 205 61.77 13.27 25.05
CA VAL G 205 62.67 13.79 24.05
C VAL G 205 63.25 15.10 24.56
N THR G 206 64.57 15.20 24.54
CA THR G 206 65.22 16.45 24.91
C THR G 206 64.85 17.53 23.90
N PRO G 207 64.66 18.78 24.33
CA PRO G 207 64.24 19.82 23.38
C PRO G 207 65.10 19.92 22.13
N LEU G 208 66.42 19.73 22.25
CA LEU G 208 67.28 19.84 21.07
C LEU G 208 66.94 18.77 20.04
N GLU G 209 66.70 17.54 20.49
CA GLU G 209 66.32 16.49 19.55
C GLU G 209 65.01 16.81 18.86
N ALA G 210 64.05 17.33 19.62
CA ALA G 210 62.77 17.72 19.02
C ALA G 210 62.97 18.80 17.97
N LEU G 211 63.80 19.79 18.27
CA LEU G 211 64.03 20.87 17.32
C LEU G 211 64.68 20.34 16.05
N ASN G 212 65.66 19.45 16.18
CA ASN G 212 66.29 18.88 15.01
C ASN G 212 65.30 18.09 14.18
N GLN G 213 64.43 17.32 14.85
CA GLN G 213 63.42 16.55 14.13
C GLN G 213 62.47 17.47 13.39
N ALA G 214 62.04 18.57 14.03
CA ALA G 214 61.14 19.50 13.37
C ALA G 214 61.80 20.15 12.17
N VAL G 215 63.07 20.54 12.30
CA VAL G 215 63.78 21.13 11.18
C VAL G 215 63.84 20.14 10.02
N GLU G 216 64.14 18.88 10.32
CA GLU G 216 64.20 17.88 9.26
C GLU G 216 62.84 17.70 8.61
N ILE G 217 61.77 17.71 9.40
CA ILE G 217 60.43 17.56 8.84
C ILE G 217 60.12 18.70 7.89
N LEU G 218 60.41 19.92 8.31
CA LEU G 218 60.14 21.08 7.47
C LEU G 218 60.97 21.04 6.21
N ARG G 219 62.24 20.63 6.32
CA ARG G 219 63.07 20.55 5.13
C ARG G 219 62.53 19.52 4.14
N GLU G 220 62.13 18.35 4.63
CA GLU G 220 61.64 17.34 3.70
C GLU G 220 60.28 17.71 3.13
N HIS G 221 59.53 18.55 3.84
CA HIS G 221 58.29 19.05 3.25
C HIS G 221 58.56 20.10 2.18
N LEU G 222 59.56 20.96 2.41
CA LEU G 222 59.98 21.87 1.35
C LEU G 222 60.48 21.12 0.14
N THR G 223 61.04 19.92 0.36
CA THR G 223 61.51 19.11 -0.75
C THR G 223 60.41 18.77 -1.74
N TYR G 224 59.14 18.80 -1.32
CA TYR G 224 58.06 18.46 -2.21
C TYR G 224 57.89 19.46 -3.35
N PHE G 225 58.43 20.67 -3.22
CA PHE G 225 58.38 21.63 -4.31
C PHE G 225 59.49 21.40 -5.34
N SER G 226 60.41 20.47 -5.07
CA SER G 226 61.58 20.31 -5.93
C SER G 226 61.19 19.87 -7.34
N ASN G 227 60.21 18.99 -7.46
CA ASN G 227 59.83 18.44 -8.76
C ASN G 227 58.44 18.94 -9.15
N PRO G 228 58.33 19.99 -9.95
CA PRO G 228 57.03 20.42 -10.45
C PRO G 228 56.64 19.68 -11.71
N GLN G 229 55.37 19.84 -12.07
CA GLN G 229 54.82 19.22 -13.28
C GLN G 229 53.50 19.88 -13.66
N MET H 1 52.93 4.87 -0.62
CA MET H 1 51.77 4.55 0.20
C MET H 1 50.90 5.79 0.39
N LEU H 2 49.60 5.63 0.13
CA LEU H 2 48.70 6.77 0.01
C LEU H 2 48.57 7.52 1.33
N ASP H 3 48.78 6.84 2.45
CA ASP H 3 48.63 7.51 3.74
C ASP H 3 49.63 8.66 3.89
N SER H 4 50.88 8.43 3.52
CA SER H 4 51.84 9.53 3.53
C SER H 4 52.68 9.63 2.26
N LYS H 5 53.09 8.51 1.66
CA LYS H 5 54.05 8.57 0.56
C LYS H 5 53.41 8.75 -0.80
N LEU H 6 52.48 7.86 -1.18
CA LEU H 6 51.78 8.06 -2.45
C LEU H 6 51.06 9.39 -2.47
N LYS H 7 50.70 9.90 -1.30
CA LYS H 7 50.31 11.31 -1.22
C LYS H 7 51.55 12.18 -1.01
N ALA H 8 52.56 11.94 -1.83
CA ALA H 8 53.58 12.93 -1.99
C ALA H 8 52.88 14.10 -2.65
N PRO H 9 52.60 15.18 -1.93
CA PRO H 9 51.57 16.12 -2.36
C PRO H 9 51.75 16.58 -3.80
N VAL H 10 50.83 16.16 -4.65
CA VAL H 10 50.90 16.50 -6.07
C VAL H 10 50.90 18.01 -6.22
N PHE H 11 51.80 18.50 -7.07
CA PHE H 11 52.09 19.91 -7.24
C PHE H 11 51.67 20.31 -8.64
N THR H 12 50.44 20.78 -8.77
CA THR H 12 49.88 21.17 -10.06
C THR H 12 50.05 22.68 -10.28
N VAL H 13 50.36 23.04 -11.52
CA VAL H 13 50.70 24.41 -11.88
C VAL H 13 49.74 24.90 -12.96
N ARG H 14 49.29 26.15 -12.81
CA ARG H 14 48.45 26.83 -13.79
C ARG H 14 49.08 28.20 -14.03
N THR H 15 49.70 28.38 -15.19
CA THR H 15 50.43 29.60 -15.51
C THR H 15 49.67 30.37 -16.58
N GLN H 16 49.22 31.58 -16.23
CA GLN H 16 48.58 32.46 -17.19
C GLN H 16 49.58 33.56 -17.52
N GLY H 17 50.45 33.27 -18.48
CA GLY H 17 51.49 34.21 -18.85
C GLY H 17 52.58 34.30 -17.79
N ARG H 18 53.38 35.36 -17.93
CA ARG H 18 54.47 35.63 -17.01
C ARG H 18 54.05 36.50 -15.84
N GLU H 19 52.77 36.51 -15.50
CA GLU H 19 52.27 37.41 -14.48
C GLU H 19 51.53 36.65 -13.39
N TYR H 20 50.77 35.64 -13.79
CA TYR H 20 49.83 34.96 -12.90
C TYR H 20 50.20 33.49 -12.78
N GLY H 21 50.37 33.02 -11.55
CA GLY H 21 50.65 31.62 -11.33
C GLY H 21 49.89 31.03 -10.17
N GLU H 22 49.14 29.97 -10.41
CA GLU H 22 48.45 29.23 -9.36
C GLU H 22 49.12 27.88 -9.16
N PHE H 23 49.38 27.54 -7.91
CA PHE H 23 50.04 26.29 -7.58
C PHE H 23 49.21 25.58 -6.52
N VAL H 24 48.83 24.35 -6.80
CA VAL H 24 47.99 23.57 -5.91
C VAL H 24 48.80 22.39 -5.41
N LEU H 25 48.96 22.30 -4.09
CA LEU H 25 49.59 21.18 -3.43
C LEU H 25 48.50 20.34 -2.78
N GLU H 26 48.42 19.08 -3.17
CA GLU H 26 47.32 18.25 -2.71
C GLU H 26 47.60 16.78 -2.96
N PRO H 27 47.35 15.89 -1.97
CA PRO H 27 46.83 16.25 -0.65
C PRO H 27 47.93 16.49 0.36
N LEU H 28 47.60 17.19 1.44
CA LEU H 28 48.55 17.51 2.48
C LEU H 28 47.93 17.16 3.83
N GLU H 29 48.78 16.73 4.76
CA GLU H 29 48.27 16.30 6.05
C GLU H 29 47.70 17.50 6.83
N ARG H 30 46.94 17.17 7.86
CA ARG H 30 46.17 18.18 8.59
C ARG H 30 47.08 19.24 9.19
N GLY H 31 46.71 20.50 8.99
CA GLY H 31 47.41 21.61 9.60
C GLY H 31 48.65 22.06 8.89
N PHE H 32 49.15 21.31 7.91
CA PHE H 32 50.37 21.69 7.23
C PHE H 32 50.14 22.68 6.10
N GLY H 33 48.90 22.85 5.67
CA GLY H 33 48.64 23.84 4.63
C GLY H 33 49.03 25.23 5.06
N VAL H 34 48.59 25.63 6.26
CA VAL H 34 48.99 26.93 6.79
C VAL H 34 50.48 26.96 7.05
N THR H 35 50.99 25.88 7.65
CA THR H 35 52.40 25.79 8.01
C THR H 35 53.32 25.97 6.81
N LEU H 36 52.85 25.61 5.62
CA LEU H 36 53.64 25.86 4.42
C LEU H 36 53.31 27.20 3.80
N GLY H 37 52.03 27.55 3.67
CA GLY H 37 51.66 28.76 2.96
C GLY H 37 52.18 30.02 3.63
N ASN H 38 52.00 30.12 4.94
CA ASN H 38 52.33 31.38 5.62
C ASN H 38 53.79 31.77 5.48
N PRO H 39 54.77 30.93 5.81
CA PRO H 39 56.16 31.34 5.61
C PRO H 39 56.49 31.61 4.16
N LEU H 40 55.89 30.84 3.25
CA LEU H 40 56.13 31.08 1.83
C LEU H 40 55.62 32.45 1.42
N ARG H 41 54.43 32.83 1.89
CA ARG H 41 53.90 34.14 1.58
C ARG H 41 54.78 35.24 2.15
N ARG H 42 55.22 35.09 3.39
CA ARG H 42 56.08 36.10 3.99
C ARG H 42 57.38 36.23 3.21
N ILE H 43 57.98 35.11 2.82
CA ILE H 43 59.23 35.13 2.06
C ILE H 43 59.02 35.83 0.73
N LEU H 44 57.93 35.50 0.04
CA LEU H 44 57.66 36.12 -1.25
C LEU H 44 57.51 37.62 -1.11
N LEU H 45 56.80 38.07 -0.09
CA LEU H 45 56.56 39.50 0.07
C LEU H 45 57.70 40.22 0.78
N SER H 46 58.74 39.52 1.20
CA SER H 46 59.75 40.14 2.05
C SER H 46 61.17 40.07 1.51
N SER H 47 61.54 38.98 0.84
CA SER H 47 62.94 38.71 0.60
C SER H 47 63.32 38.53 -0.87
N ILE H 48 62.37 38.50 -1.79
CA ILE H 48 62.71 38.22 -3.18
C ILE H 48 63.52 39.40 -3.74
N PRO H 49 64.70 39.15 -4.28
CA PRO H 49 65.52 40.25 -4.79
C PRO H 49 64.94 40.82 -6.07
N GLY H 50 65.21 42.10 -6.30
CA GLY H 50 64.71 42.76 -7.49
C GLY H 50 65.26 44.16 -7.57
N THR H 51 64.90 44.85 -8.65
CA THR H 51 65.37 46.18 -8.93
C THR H 51 64.19 47.15 -8.96
N ALA H 52 64.46 48.39 -8.56
CA ALA H 52 63.44 49.43 -8.56
C ALA H 52 64.10 50.78 -8.76
N VAL H 53 63.30 51.75 -9.21
CA VAL H 53 63.80 53.09 -9.49
C VAL H 53 64.05 53.79 -8.16
N THR H 54 65.30 53.83 -7.73
CA THR H 54 65.62 54.37 -6.42
C THR H 54 65.38 55.88 -6.36
N SER H 55 65.83 56.61 -7.37
CA SER H 55 65.64 58.06 -7.31
C SER H 55 65.69 58.66 -8.70
N VAL H 56 65.28 59.92 -8.79
CA VAL H 56 65.22 60.64 -10.05
C VAL H 56 65.67 62.09 -9.80
N TYR H 57 66.40 62.64 -10.76
CA TYR H 57 66.72 64.06 -10.78
C TYR H 57 66.34 64.63 -12.12
N ILE H 58 65.66 65.79 -12.11
CA ILE H 58 65.29 66.48 -13.32
C ILE H 58 65.96 67.84 -13.32
N GLU H 59 66.21 68.38 -14.52
CA GLU H 59 67.00 69.59 -14.65
C GLU H 59 66.35 70.78 -13.94
N ASP H 60 65.05 70.98 -14.14
CA ASP H 60 64.38 72.18 -13.70
C ASP H 60 63.60 72.00 -12.41
N VAL H 61 63.73 70.85 -11.75
CA VAL H 61 62.94 70.54 -10.57
C VAL H 61 63.72 70.96 -9.33
N LEU H 62 63.07 71.71 -8.45
CA LEU H 62 63.64 72.10 -7.17
C LEU H 62 62.94 71.44 -5.99
N HIS H 63 61.61 71.37 -6.01
CA HIS H 63 60.85 70.73 -4.96
C HIS H 63 60.03 69.58 -5.54
N GLU H 64 59.78 68.58 -4.70
CA GLU H 64 59.08 67.38 -5.12
C GLU H 64 57.60 67.62 -5.42
N PHE H 65 57.05 68.75 -5.01
CA PHE H 65 55.65 69.06 -5.20
C PHE H 65 55.48 70.25 -6.14
N SER H 66 56.29 70.29 -7.19
CA SER H 66 56.27 71.38 -8.15
C SER H 66 55.54 70.97 -9.42
N THR H 67 55.31 71.94 -10.29
CA THR H 67 54.65 71.73 -11.56
C THR H 67 55.62 72.06 -12.68
N ILE H 68 55.72 71.16 -13.66
CA ILE H 68 56.65 71.31 -14.77
C ILE H 68 55.94 72.05 -15.90
N PRO H 69 56.38 73.24 -16.28
CA PRO H 69 55.83 73.88 -17.47
C PRO H 69 56.12 73.06 -18.71
N GLY H 70 55.18 73.06 -19.64
CA GLY H 70 55.30 72.30 -20.87
C GLY H 70 54.91 70.84 -20.75
N VAL H 71 54.57 70.37 -19.56
CA VAL H 71 54.10 69.01 -19.34
C VAL H 71 52.93 69.07 -18.36
N LYS H 72 51.81 68.46 -18.73
CA LYS H 72 50.65 68.52 -17.84
C LYS H 72 50.87 67.69 -16.58
N GLU H 73 51.46 66.51 -16.72
CA GLU H 73 51.78 65.72 -15.53
C GLU H 73 52.79 66.46 -14.68
N ASP H 74 52.51 66.52 -13.38
CA ASP H 74 53.40 67.21 -12.45
C ASP H 74 54.55 66.30 -12.05
N VAL H 75 55.43 66.82 -11.19
CA VAL H 75 56.53 66.01 -10.68
C VAL H 75 55.98 64.79 -9.96
N VAL H 76 54.93 64.98 -9.15
CA VAL H 76 54.33 63.87 -8.42
C VAL H 76 53.82 62.81 -9.39
N GLU H 77 53.09 63.25 -10.41
CA GLU H 77 52.56 62.30 -11.39
C GLU H 77 53.69 61.64 -12.17
N ILE H 78 54.75 62.38 -12.46
CA ILE H 78 55.85 61.81 -13.23
C ILE H 78 56.53 60.70 -12.45
N ILE H 79 56.88 60.96 -11.19
CA ILE H 79 57.52 59.93 -10.39
C ILE H 79 56.55 58.77 -10.15
N LEU H 80 55.26 59.09 -10.01
CA LEU H 80 54.27 58.06 -9.78
C LEU H 80 54.19 57.11 -10.97
N ASN H 81 54.29 57.66 -12.18
CA ASN H 81 54.39 56.83 -13.37
C ASN H 81 55.72 56.13 -13.46
N LEU H 82 56.76 56.70 -12.85
CA LEU H 82 58.06 56.06 -12.85
C LEU H 82 58.13 54.85 -11.94
N LYS H 83 57.27 54.80 -10.91
CA LYS H 83 57.37 53.74 -9.91
C LYS H 83 57.25 52.36 -10.53
N GLU H 84 56.29 52.19 -11.45
CA GLU H 84 55.96 50.86 -11.95
C GLU H 84 56.81 50.43 -13.13
N LEU H 85 57.81 51.22 -13.52
CA LEU H 85 58.74 50.76 -14.54
C LEU H 85 59.58 49.60 -13.99
N VAL H 86 59.70 48.53 -14.76
CA VAL H 86 60.42 47.34 -14.33
C VAL H 86 61.58 47.10 -15.29
N VAL H 87 62.76 46.91 -14.73
CA VAL H 87 63.98 46.71 -15.49
C VAL H 87 64.69 45.47 -14.97
N ARG H 88 65.16 44.63 -15.88
CA ARG H 88 65.91 43.43 -15.55
C ARG H 88 67.37 43.61 -15.97
N PHE H 89 68.27 43.35 -15.04
CA PHE H 89 69.69 43.38 -15.36
C PHE H 89 70.07 42.11 -16.11
N LEU H 90 71.10 42.21 -16.95
CA LEU H 90 71.51 41.08 -17.77
C LEU H 90 72.58 40.21 -17.12
N ASN H 91 73.46 40.80 -16.32
CA ASN H 91 74.49 40.03 -15.65
C ASN H 91 74.52 40.34 -14.17
N PRO H 92 74.90 39.38 -13.33
CA PRO H 92 74.81 39.59 -11.88
C PRO H 92 75.70 40.69 -11.35
N SER H 93 76.73 41.09 -12.09
CA SER H 93 77.68 42.08 -11.58
C SER H 93 77.04 43.46 -11.38
N LEU H 94 75.91 43.73 -12.01
CA LEU H 94 75.32 45.06 -11.94
C LEU H 94 74.76 45.33 -10.56
N GLN H 95 75.12 46.48 -9.99
CA GLN H 95 74.54 46.96 -8.74
C GLN H 95 73.63 48.17 -8.97
N THR H 96 74.13 49.21 -9.61
CA THR H 96 73.36 50.42 -9.86
C THR H 96 73.48 50.82 -11.32
N VAL H 97 72.39 51.36 -11.86
CA VAL H 97 72.34 51.85 -13.23
C VAL H 97 71.66 53.20 -13.23
N THR H 98 72.33 54.20 -13.80
CA THR H 98 71.74 55.52 -13.98
C THR H 98 71.39 55.69 -15.46
N LEU H 99 70.12 55.94 -15.73
CA LEU H 99 69.62 56.01 -17.10
C LEU H 99 68.96 57.37 -17.30
N LEU H 100 69.34 58.06 -18.36
CA LEU H 100 68.87 59.41 -18.64
C LEU H 100 67.80 59.41 -19.72
N LEU H 101 67.11 60.53 -19.83
CA LEU H 101 66.09 60.73 -20.85
C LEU H 101 66.09 62.19 -21.25
N LYS H 102 66.36 62.44 -22.54
CA LYS H 102 66.27 63.75 -23.17
C LYS H 102 65.10 63.69 -24.15
N ALA H 103 64.16 64.62 -24.02
CA ALA H 103 62.98 64.60 -24.87
C ALA H 103 62.38 65.99 -25.00
N GLU H 104 62.03 66.35 -26.22
CA GLU H 104 61.37 67.62 -26.53
C GLU H 104 60.44 67.42 -27.72
N GLY H 105 59.51 68.37 -27.87
CA GLY H 105 58.54 68.30 -28.93
C GLY H 105 57.25 67.68 -28.46
N PRO H 106 56.13 68.07 -29.08
CA PRO H 106 54.83 67.59 -28.62
C PRO H 106 54.61 66.12 -28.93
N LYS H 107 55.16 65.25 -28.09
CA LYS H 107 55.07 63.81 -28.29
C LYS H 107 54.93 63.11 -26.93
N GLU H 108 54.48 61.86 -27.00
CA GLU H 108 54.40 61.01 -25.81
C GLU H 108 55.78 60.46 -25.47
N VAL H 109 56.11 60.42 -24.18
CA VAL H 109 57.33 59.79 -23.73
C VAL H 109 56.95 58.50 -23.02
N LYS H 110 57.56 57.39 -23.44
CA LYS H 110 57.27 56.06 -22.95
C LYS H 110 58.57 55.38 -22.53
N ALA H 111 58.45 54.17 -21.99
CA ALA H 111 59.62 53.45 -21.49
C ALA H 111 60.60 53.14 -22.62
N ARG H 112 60.08 52.70 -23.77
CA ARG H 112 60.93 52.41 -24.92
C ARG H 112 61.70 53.64 -25.38
N ASP H 113 61.20 54.83 -25.06
CA ASP H 113 61.85 56.07 -25.48
C ASP H 113 63.11 56.38 -24.70
N PHE H 114 63.40 55.63 -23.63
CA PHE H 114 64.66 55.78 -22.94
C PHE H 114 65.82 55.37 -23.85
N LEU H 115 66.95 56.02 -23.66
CA LEU H 115 68.14 55.69 -24.43
C LEU H 115 68.60 54.27 -24.06
N PRO H 116 68.89 53.42 -25.03
CA PRO H 116 69.24 52.04 -24.72
C PRO H 116 70.56 51.94 -23.94
N VAL H 117 70.62 50.92 -23.08
CA VAL H 117 71.85 50.51 -22.41
C VAL H 117 71.99 49.02 -22.58
N ALA H 118 73.22 48.56 -22.89
CA ALA H 118 73.42 47.19 -23.33
C ALA H 118 73.06 46.18 -22.26
N ASP H 119 73.37 46.48 -21.00
CA ASP H 119 73.31 45.49 -19.93
C ASP H 119 72.01 45.54 -19.13
N VAL H 120 71.02 46.30 -19.58
CA VAL H 120 69.71 46.34 -18.93
C VAL H 120 68.64 46.06 -19.98
N GLU H 121 67.48 45.62 -19.51
CA GLU H 121 66.37 45.34 -20.41
C GLU H 121 65.07 45.78 -19.75
N ILE H 122 64.11 46.18 -20.58
CA ILE H 122 62.81 46.65 -20.10
C ILE H 122 61.74 45.73 -20.63
N MET H 123 60.96 45.14 -19.73
CA MET H 123 59.90 44.22 -20.09
C MET H 123 58.61 44.91 -20.48
N ASN H 124 58.51 46.22 -20.24
CA ASN H 124 57.31 47.00 -20.57
C ASN H 124 57.72 48.23 -21.36
N PRO H 125 58.16 48.03 -22.61
CA PRO H 125 58.60 49.20 -23.41
C PRO H 125 57.51 50.21 -23.64
N ASP H 126 56.27 49.77 -23.77
CA ASP H 126 55.14 50.64 -24.07
C ASP H 126 54.58 51.33 -22.84
N LEU H 127 55.34 51.38 -21.74
CA LEU H 127 54.88 52.05 -20.55
C LEU H 127 54.86 53.56 -20.80
N HIS H 128 53.66 54.12 -20.96
CA HIS H 128 53.51 55.54 -21.23
C HIS H 128 53.94 56.33 -20.00
N ILE H 129 55.12 56.95 -20.08
CA ILE H 129 55.62 57.71 -18.94
C ILE H 129 54.85 59.01 -18.79
N ALA H 130 54.79 59.82 -19.83
CA ALA H 130 54.17 61.13 -19.74
C ALA H 130 53.94 61.68 -21.15
N THR H 131 53.54 62.94 -21.22
CA THR H 131 53.30 63.62 -22.48
C THR H 131 54.00 64.98 -22.46
N LEU H 132 54.46 65.41 -23.63
CA LEU H 132 55.05 66.73 -23.79
C LEU H 132 54.05 67.61 -24.52
N GLU H 133 53.67 68.73 -23.89
CA GLU H 133 52.63 69.58 -24.46
C GLU H 133 53.09 70.22 -25.76
N GLU H 134 54.14 71.04 -25.69
CA GLU H 134 54.68 71.69 -26.88
C GLU H 134 56.15 72.00 -26.62
N GLY H 135 57.03 71.17 -27.16
CA GLY H 135 58.46 71.37 -26.95
C GLY H 135 58.85 71.34 -25.49
N GLY H 136 58.24 70.45 -24.70
CA GLY H 136 58.54 70.39 -23.29
C GLY H 136 59.98 69.98 -23.05
N ARG H 137 60.69 70.78 -22.24
CA ARG H 137 62.07 70.47 -21.89
C ARG H 137 62.10 69.30 -20.92
N LEU H 138 62.22 68.08 -21.43
CA LEU H 138 62.22 66.88 -20.59
C LEU H 138 63.66 66.38 -20.50
N ASN H 139 64.37 66.81 -19.47
CA ASN H 139 65.76 66.43 -19.25
C ASN H 139 65.85 65.84 -17.85
N MET H 140 65.87 64.51 -17.77
CA MET H 140 65.76 63.85 -16.48
C MET H 140 66.64 62.61 -16.45
N GLU H 141 66.86 62.07 -15.26
CA GLU H 141 67.64 60.85 -15.10
C GLU H 141 67.16 60.11 -13.87
N VAL H 142 67.26 58.79 -13.92
CA VAL H 142 66.82 57.91 -12.85
C VAL H 142 67.96 56.98 -12.47
N ARG H 143 68.22 56.87 -11.17
CA ARG H 143 69.14 55.89 -10.63
C ARG H 143 68.33 54.72 -10.09
N VAL H 144 68.68 53.51 -10.54
CA VAL H 144 67.96 52.28 -10.26
C VAL H 144 68.95 51.29 -9.68
N ASP H 145 68.63 50.75 -8.52
CA ASP H 145 69.49 49.78 -7.84
C ASP H 145 68.72 48.48 -7.64
N ARG H 146 69.42 47.47 -7.15
CA ARG H 146 68.81 46.20 -6.79
C ARG H 146 68.61 46.14 -5.28
N GLY H 147 67.53 45.48 -4.86
CA GLY H 147 67.21 45.38 -3.46
C GLY H 147 66.19 44.30 -3.21
N VAL H 148 65.70 44.26 -1.98
CA VAL H 148 64.72 43.27 -1.54
C VAL H 148 63.58 43.97 -0.84
N GLY H 149 62.36 43.50 -1.10
CA GLY H 149 61.21 44.03 -0.39
C GLY H 149 60.84 45.41 -0.86
N TYR H 150 60.44 46.26 0.09
CA TYR H 150 59.94 47.60 -0.20
C TYR H 150 60.71 48.59 0.65
N VAL H 151 61.16 49.68 0.04
CA VAL H 151 61.96 50.68 0.73
C VAL H 151 61.29 52.04 0.67
N PRO H 152 60.79 52.56 1.78
CA PRO H 152 60.36 53.96 1.82
C PRO H 152 61.51 54.89 1.49
N ALA H 153 61.18 55.98 0.79
CA ALA H 153 62.22 56.87 0.25
C ALA H 153 62.93 57.63 1.37
N GLU H 154 62.25 57.86 2.48
CA GLU H 154 62.76 58.82 3.47
C GLU H 154 64.07 58.36 4.08
N LYS H 155 64.16 57.09 4.48
CA LYS H 155 65.27 56.70 5.35
C LYS H 155 66.59 56.58 4.59
N HIS H 156 66.58 56.00 3.39
CA HIS H 156 67.85 55.72 2.72
C HIS H 156 68.51 56.99 2.22
N GLY H 157 67.74 57.89 1.62
CA GLY H 157 68.26 59.17 1.20
C GLY H 157 69.44 59.11 0.24
N ILE H 158 69.36 58.26 -0.78
CA ILE H 158 70.43 58.17 -1.76
C ILE H 158 70.50 59.48 -2.54
N LYS H 159 71.70 60.05 -2.64
CA LYS H 159 71.88 61.37 -3.21
C LYS H 159 72.88 61.30 -4.35
N ASP H 160 72.51 61.87 -5.49
CA ASP H 160 73.40 62.02 -6.63
C ASP H 160 73.63 63.48 -7.01
N ARG H 161 72.56 64.23 -7.23
CA ARG H 161 72.63 65.67 -7.45
C ARG H 161 72.05 66.38 -6.24
N ILE H 162 72.57 67.58 -5.97
CA ILE H 162 72.14 68.32 -4.79
C ILE H 162 70.64 68.60 -4.86
N ASN H 163 70.10 68.74 -6.06
CA ASN H 163 68.68 69.01 -6.24
C ASN H 163 67.88 67.74 -6.57
N ALA H 164 68.51 66.57 -6.54
CA ALA H 164 67.79 65.34 -6.82
C ALA H 164 66.79 65.03 -5.71
N ILE H 165 65.82 64.18 -6.02
CA ILE H 165 64.74 63.91 -5.08
C ILE H 165 64.63 62.41 -4.84
N PRO H 166 64.35 61.99 -3.59
CA PRO H 166 64.18 60.56 -3.33
C PRO H 166 62.90 60.01 -3.93
N VAL H 167 62.91 58.71 -4.21
CA VAL H 167 61.75 58.00 -4.73
C VAL H 167 61.59 56.71 -3.95
N ASP H 168 60.37 56.42 -3.52
CA ASP H 168 60.11 55.15 -2.83
C ASP H 168 60.39 53.99 -3.76
N ALA H 169 61.01 52.94 -3.23
CA ALA H 169 61.47 51.82 -4.03
C ALA H 169 60.65 50.59 -3.73
N VAL H 170 60.16 49.94 -4.78
CA VAL H 170 59.46 48.66 -4.66
C VAL H 170 60.29 47.60 -5.35
N PHE H 171 61.16 46.93 -4.58
CA PHE H 171 62.09 45.98 -5.17
C PHE H 171 61.45 44.64 -5.45
N SER H 172 60.43 44.26 -4.68
CA SER H 172 59.90 42.91 -4.77
C SER H 172 59.24 42.69 -6.12
N PRO H 173 59.73 41.74 -6.92
CA PRO H 173 59.09 41.49 -8.22
C PRO H 173 57.64 41.04 -8.10
N VAL H 174 57.30 40.32 -7.03
CA VAL H 174 55.94 39.80 -6.90
C VAL H 174 55.00 40.93 -6.53
N ARG H 175 53.95 41.10 -7.33
CA ARG H 175 52.96 42.13 -7.03
C ARG H 175 52.20 41.78 -5.77
N ARG H 176 51.66 40.56 -5.68
CA ARG H 176 50.98 40.14 -4.46
C ARG H 176 50.73 38.64 -4.51
N VAL H 177 50.61 38.05 -3.32
CA VAL H 177 50.40 36.62 -3.18
C VAL H 177 49.23 36.38 -2.24
N ALA H 178 48.41 35.39 -2.56
CA ALA H 178 47.29 35.00 -1.72
C ALA H 178 47.20 33.49 -1.70
N PHE H 179 47.16 32.91 -0.49
CA PHE H 179 47.13 31.48 -0.33
C PHE H 179 45.88 31.08 0.44
N GLN H 180 45.13 30.14 -0.10
CA GLN H 180 43.99 29.56 0.59
C GLN H 180 44.27 28.10 0.92
N VAL H 181 43.89 27.69 2.11
CA VAL H 181 43.94 26.30 2.52
C VAL H 181 42.50 25.82 2.68
N GLU H 182 42.15 24.78 1.94
CA GLU H 182 40.79 24.27 1.91
C GLU H 182 40.80 22.80 2.29
N ASP H 183 39.85 22.43 3.15
CA ASP H 183 39.79 21.06 3.67
C ASP H 183 39.36 20.12 2.55
N THR H 184 40.34 19.46 1.93
CA THR H 184 40.04 18.42 0.96
C THR H 184 39.73 17.14 1.71
N ARG H 185 39.58 16.03 0.99
CA ARG H 185 39.32 14.76 1.65
C ARG H 185 39.93 13.63 0.83
N LEU H 186 40.25 12.55 1.51
CA LEU H 186 40.68 11.33 0.87
C LEU H 186 39.50 10.37 0.83
N GLY H 187 39.73 9.14 0.38
CA GLY H 187 38.66 8.17 0.33
C GLY H 187 38.07 7.87 1.70
N GLN H 188 38.91 7.84 2.72
CA GLN H 188 38.51 7.41 4.06
C GLN H 188 38.44 8.54 5.08
N ARG H 189 39.29 9.55 4.97
CA ARG H 189 39.37 10.59 5.98
C ARG H 189 39.25 11.97 5.34
N THR H 190 38.78 12.92 6.14
CA THR H 190 38.62 14.30 5.69
C THR H 190 39.69 15.23 6.24
N ASP H 191 40.40 14.84 7.29
CA ASP H 191 41.39 15.71 7.89
C ASP H 191 42.61 15.84 6.99
N LEU H 192 42.43 16.46 5.83
CA LEU H 192 43.51 16.69 4.89
C LEU H 192 43.44 18.13 4.40
N ASP H 193 44.51 18.58 3.77
CA ASP H 193 44.63 19.98 3.39
C ASP H 193 44.99 20.12 1.92
N LYS H 194 44.31 21.04 1.26
CA LYS H 194 44.58 21.42 -0.12
C LYS H 194 45.10 22.85 -0.09
N LEU H 195 46.31 23.07 -0.60
CA LEU H 195 46.96 24.37 -0.53
C LEU H 195 46.98 24.98 -1.93
N THR H 196 46.18 26.02 -2.13
CA THR H 196 46.21 26.77 -3.39
C THR H 196 46.93 28.10 -3.13
N LEU H 197 47.86 28.43 -4.02
CA LEU H 197 48.70 29.61 -3.86
C LEU H 197 48.69 30.38 -5.16
N ARG H 198 48.25 31.63 -5.12
CA ARG H 198 48.13 32.48 -6.29
C ARG H 198 49.15 33.60 -6.17
N ILE H 199 49.97 33.76 -7.21
CA ILE H 199 51.05 34.72 -7.21
C ILE H 199 50.92 35.62 -8.42
N TRP H 200 50.93 36.93 -8.20
CA TRP H 200 50.94 37.92 -9.26
C TRP H 200 52.27 38.66 -9.19
N THR H 201 52.98 38.68 -10.32
CA THR H 201 54.32 39.22 -10.42
C THR H 201 54.36 40.25 -11.53
N ASP H 202 55.27 41.23 -11.41
CA ASP H 202 55.37 42.28 -12.41
C ASP H 202 55.71 41.71 -13.78
N GLY H 203 56.61 40.72 -13.82
CA GLY H 203 56.99 40.13 -15.09
C GLY H 203 58.47 39.91 -15.23
N SER H 204 59.26 40.49 -14.31
CA SER H 204 60.69 40.25 -14.32
C SER H 204 60.99 38.77 -14.16
N VAL H 205 60.29 38.10 -13.25
CA VAL H 205 60.50 36.70 -12.96
C VAL H 205 59.17 35.97 -13.08
N THR H 206 59.18 34.84 -13.76
CA THR H 206 57.98 34.01 -13.84
C THR H 206 57.62 33.51 -12.46
N PRO H 207 56.33 33.30 -12.18
CA PRO H 207 55.95 32.82 -10.84
C PRO H 207 56.63 31.52 -10.45
N LEU H 208 56.87 30.62 -11.40
CA LEU H 208 57.55 29.37 -11.07
C LEU H 208 58.90 29.62 -10.42
N GLU H 209 59.73 30.46 -11.05
CA GLU H 209 61.07 30.68 -10.54
C GLU H 209 61.02 31.52 -9.26
N ALA H 210 60.02 32.38 -9.13
CA ALA H 210 59.86 33.10 -7.86
C ALA H 210 59.58 32.14 -6.72
N LEU H 211 58.68 31.18 -6.94
CA LEU H 211 58.39 30.19 -5.92
C LEU H 211 59.61 29.31 -5.63
N ASN H 212 60.35 28.94 -6.67
CA ASN H 212 61.55 28.15 -6.46
C ASN H 212 62.57 28.91 -5.64
N GLN H 213 62.73 30.21 -5.91
CA GLN H 213 63.62 31.03 -5.11
C GLN H 213 63.15 31.08 -3.66
N ALA H 214 61.84 31.20 -3.45
CA ALA H 214 61.31 31.27 -2.10
C ALA H 214 61.59 29.99 -1.33
N VAL H 215 61.32 28.84 -1.95
CA VAL H 215 61.54 27.57 -1.24
C VAL H 215 63.03 27.34 -1.02
N GLU H 216 63.88 27.74 -1.97
CA GLU H 216 65.31 27.63 -1.76
C GLU H 216 65.76 28.49 -0.59
N ILE H 217 65.26 29.72 -0.50
CA ILE H 217 65.65 30.59 0.59
C ILE H 217 65.21 30.01 1.93
N LEU H 218 63.99 29.49 1.98
CA LEU H 218 63.52 28.88 3.23
C LEU H 218 64.37 27.68 3.60
N ARG H 219 64.72 26.84 2.63
CA ARG H 219 65.52 25.66 2.93
C ARG H 219 66.90 26.05 3.43
N GLU H 220 67.54 27.03 2.78
CA GLU H 220 68.85 27.44 3.25
C GLU H 220 68.75 28.07 4.64
N HIS H 221 67.65 28.78 4.92
CA HIS H 221 67.48 29.35 6.25
C HIS H 221 67.30 28.24 7.29
N LEU H 222 66.61 27.18 6.92
CA LEU H 222 66.47 26.04 7.82
C LEU H 222 67.82 25.41 8.11
N THR H 223 68.69 25.34 7.11
CA THR H 223 70.00 24.75 7.31
C THR H 223 70.86 25.51 8.33
N TYR H 224 70.35 26.61 8.90
CA TYR H 224 71.09 27.37 9.90
C TYR H 224 71.08 26.71 11.27
N PHE H 225 70.23 25.71 11.49
CA PHE H 225 70.17 25.04 12.78
C PHE H 225 71.16 23.90 12.91
N SER H 226 71.85 23.55 11.83
CA SER H 226 72.73 22.37 11.84
C SER H 226 73.87 22.55 12.82
N ASN H 227 74.46 23.74 12.88
CA ASN H 227 75.61 23.97 13.75
C ASN H 227 75.15 24.65 15.04
N PRO H 228 75.23 23.98 16.19
CA PRO H 228 74.87 24.61 17.45
C PRO H 228 76.07 25.26 18.13
N GLN H 229 75.77 26.23 18.99
CA GLN H 229 76.79 26.90 19.79
C GLN H 229 76.26 27.18 21.20
N MET I 1 45.84 26.90 47.13
CA MET I 1 44.76 27.83 46.81
C MET I 1 44.19 28.49 48.06
N GLU I 2 43.84 29.76 47.94
CA GLU I 2 43.10 30.48 48.96
C GLU I 2 41.72 30.83 48.42
N ILE I 3 40.87 31.33 49.32
CA ILE I 3 39.59 31.88 48.93
C ILE I 3 39.45 33.26 49.55
N LYS I 4 39.21 34.26 48.72
CA LYS I 4 39.04 35.63 49.17
C LYS I 4 37.59 36.03 49.02
N ARG I 5 36.99 36.52 50.10
CA ARG I 5 35.61 36.97 50.09
C ARG I 5 35.57 38.49 50.05
N PHE I 6 34.58 39.03 49.35
CA PHE I 6 34.45 40.47 49.18
C PHE I 6 33.25 41.08 49.87
N GLY I 7 32.15 40.35 49.99
CA GLY I 7 30.97 40.91 50.61
C GLY I 7 31.20 41.36 52.04
N ARG I 8 30.86 42.61 52.34
CA ARG I 8 31.02 43.12 53.69
C ARG I 8 29.63 43.32 54.27
N ILE I 9 29.06 42.22 54.75
CA ILE I 9 27.78 42.19 55.46
C ILE I 9 27.81 40.99 56.38
N ARG I 10 27.25 41.16 57.58
CA ARG I 10 27.22 40.07 58.55
C ARG I 10 25.87 39.35 58.43
N GLU I 11 25.90 38.13 57.92
CA GLU I 11 24.70 37.30 57.89
C GLU I 11 24.38 36.88 59.31
N VAL I 12 23.38 37.52 59.91
CA VAL I 12 23.05 37.23 61.31
C VAL I 12 22.51 35.82 61.45
N ILE I 13 21.81 35.31 60.43
CA ILE I 13 21.25 33.97 60.51
C ILE I 13 21.73 33.18 59.30
N PRO I 14 22.01 31.89 59.45
CA PRO I 14 22.32 31.05 58.29
C PRO I 14 21.05 30.52 57.63
N LEU I 15 21.25 29.87 56.49
CA LEU I 15 20.13 29.39 55.71
C LEU I 15 19.40 28.27 56.46
N PRO I 16 18.07 28.29 56.46
CA PRO I 16 17.33 27.15 56.96
C PRO I 16 17.54 25.96 56.06
N PRO I 17 17.33 24.74 56.54
CA PRO I 17 17.50 23.57 55.68
C PRO I 17 16.73 23.73 54.37
N LEU I 18 17.48 23.85 53.27
CA LEU I 18 16.89 24.21 51.99
C LEU I 18 15.81 23.24 51.54
N THR I 19 15.73 22.06 52.16
CA THR I 19 14.67 21.11 51.83
C THR I 19 13.73 20.87 53.00
N GLU I 20 13.68 21.77 53.98
CA GLU I 20 12.87 21.49 55.16
C GLU I 20 11.38 21.52 54.87
N ILE I 21 10.97 22.11 53.76
CA ILE I 21 9.54 22.26 53.50
C ILE I 21 8.86 20.89 53.45
N GLN I 22 9.31 20.03 52.55
CA GLN I 22 8.69 18.72 52.40
C GLN I 22 8.94 17.86 53.63
N VAL I 23 10.14 17.95 54.20
CA VAL I 23 10.48 17.12 55.35
C VAL I 23 9.55 17.41 56.51
N GLU I 24 9.41 18.68 56.86
CA GLU I 24 8.55 19.04 57.98
C GLU I 24 7.09 18.76 57.65
N SER I 25 6.68 19.01 56.41
CA SER I 25 5.29 18.77 56.05
C SER I 25 4.92 17.31 56.25
N TYR I 26 5.74 16.40 55.74
CA TYR I 26 5.41 14.98 55.88
C TYR I 26 5.62 14.49 57.30
N ARG I 27 6.58 15.04 58.04
CA ARG I 27 6.78 14.61 59.41
C ARG I 27 5.62 15.06 60.30
N ARG I 28 5.02 16.21 60.00
CA ARG I 28 3.82 16.60 60.73
C ARG I 28 2.61 15.81 60.27
N ALA I 29 2.54 15.47 58.98
CA ALA I 29 1.41 14.68 58.49
C ALA I 29 1.39 13.30 59.12
N LEU I 30 2.55 12.68 59.28
CA LEU I 30 2.66 11.36 59.87
C LEU I 30 3.27 11.48 61.26
N GLN I 31 2.47 11.19 62.28
CA GLN I 31 2.92 11.30 63.67
C GLN I 31 3.37 9.97 64.23
N ALA I 32 3.96 9.11 63.41
CA ALA I 32 4.34 7.78 63.87
C ALA I 32 5.37 7.85 64.99
N ASP I 33 6.33 8.76 64.86
CA ASP I 33 7.41 8.83 65.85
C ASP I 33 6.88 9.19 67.23
N VAL I 34 5.95 10.14 67.31
CA VAL I 34 5.43 10.59 68.60
C VAL I 34 4.45 9.54 69.12
N PRO I 35 4.29 9.43 70.44
CA PRO I 35 3.29 8.51 70.96
C PRO I 35 1.90 8.92 70.51
N PRO I 36 1.00 7.95 70.29
CA PRO I 36 -0.36 8.29 69.89
C PRO I 36 -1.11 9.09 70.95
N GLU I 37 -0.66 9.04 72.20
CA GLU I 37 -1.30 9.81 73.26
C GLU I 37 -1.04 11.31 73.12
N LYS I 38 -0.05 11.70 72.31
CA LYS I 38 0.36 13.09 72.28
C LYS I 38 -0.72 13.99 71.70
N ARG I 39 -0.68 15.25 72.13
CA ARG I 39 -1.72 16.21 71.77
C ARG I 39 -1.81 16.43 70.26
N GLU I 40 -0.71 16.17 69.54
CA GLU I 40 -0.68 16.38 68.09
C GLU I 40 -1.80 15.60 67.42
N ASN I 41 -2.74 16.32 66.81
CA ASN I 41 -3.90 15.71 66.18
C ASN I 41 -4.07 16.06 64.71
N VAL I 42 -3.52 17.19 64.26
CA VAL I 42 -3.71 17.61 62.87
C VAL I 42 -2.98 16.66 61.94
N GLY I 43 -3.49 16.55 60.72
CA GLY I 43 -2.92 15.63 59.74
C GLY I 43 -3.79 14.39 59.58
N ILE I 44 -3.16 13.22 59.58
CA ILE I 44 -3.90 11.98 59.38
C ILE I 44 -4.81 11.69 60.57
N GLN I 45 -4.33 11.96 61.78
CA GLN I 45 -5.18 11.78 62.95
C GLN I 45 -6.38 12.70 62.92
N ALA I 46 -6.21 13.91 62.37
CA ALA I 46 -7.35 14.80 62.20
C ALA I 46 -8.40 14.17 61.29
N ALA I 47 -7.97 13.57 60.19
CA ALA I 47 -8.93 12.92 59.29
C ALA I 47 -9.64 11.77 59.99
N PHE I 48 -8.87 10.94 60.71
CA PHE I 48 -9.47 9.84 61.44
C PHE I 48 -10.53 10.33 62.40
N ARG I 49 -10.18 11.28 63.27
CA ARG I 49 -11.16 11.75 64.23
C ARG I 49 -12.28 12.55 63.59
N GLU I 50 -12.07 13.06 62.38
CA GLU I 50 -13.12 13.87 61.76
C GLU I 50 -14.18 13.01 61.12
N THR I 51 -13.79 12.01 60.33
CA THR I 51 -14.80 11.26 59.58
C THR I 51 -15.00 9.86 60.11
N PHE I 52 -13.93 9.20 60.55
CA PHE I 52 -14.01 7.78 60.89
C PHE I 52 -15.01 7.43 61.98
N PRO I 53 -15.18 8.21 63.06
CA PRO I 53 -16.16 7.79 64.08
C PRO I 53 -17.58 7.84 63.55
N ILE I 54 -17.94 6.86 62.72
CA ILE I 54 -19.28 6.81 62.15
C ILE I 54 -20.28 6.50 63.26
N GLU I 55 -21.43 7.15 63.19
CA GLU I 55 -22.52 6.94 64.12
C GLU I 55 -23.79 6.65 63.33
N GLU I 56 -24.57 5.68 63.81
CA GLU I 56 -25.86 5.40 63.21
C GLU I 56 -26.89 5.28 64.32
N GLU I 57 -27.88 6.18 64.30
CA GLU I 57 -28.87 6.21 65.37
C GLU I 57 -29.96 5.16 65.16
N ASP I 58 -30.68 5.24 64.04
CA ASP I 58 -31.80 4.34 63.80
C ASP I 58 -31.88 4.04 62.31
N LYS I 59 -31.23 2.94 61.91
CA LYS I 59 -31.33 2.43 60.54
C LYS I 59 -31.20 0.91 60.63
N GLY I 60 -32.33 0.22 60.69
CA GLY I 60 -32.31 -1.21 60.90
C GLY I 60 -31.80 -1.56 62.28
N LYS I 61 -30.58 -2.09 62.34
CA LYS I 61 -29.90 -2.32 63.61
C LYS I 61 -29.31 -0.99 64.06
N GLY I 62 -30.03 -0.30 64.94
CA GLY I 62 -29.61 1.01 65.41
C GLY I 62 -28.52 0.92 66.46
N GLY I 63 -28.02 2.09 66.84
CA GLY I 63 -26.96 2.17 67.82
C GLY I 63 -25.58 1.81 67.32
N LEU I 64 -25.37 1.81 66.00
CA LEU I 64 -24.04 1.53 65.47
C LEU I 64 -23.07 2.63 65.87
N VAL I 65 -22.03 2.26 66.60
CA VAL I 65 -21.01 3.22 67.00
C VAL I 65 -19.63 2.64 66.74
N LEU I 66 -19.04 3.03 65.61
CA LEU I 66 -17.69 2.62 65.24
C LEU I 66 -16.76 3.80 65.49
N ASP I 67 -15.89 3.68 66.49
CA ASP I 67 -15.07 4.79 66.95
C ASP I 67 -13.60 4.52 66.68
N PHE I 68 -12.82 5.60 66.68
CA PHE I 68 -11.39 5.55 66.45
C PHE I 68 -10.65 5.79 67.75
N LEU I 69 -9.60 5.01 68.00
CA LEU I 69 -8.80 5.18 69.21
C LEU I 69 -7.37 5.61 68.90
N GLU I 70 -6.65 4.86 68.09
CA GLU I 70 -5.25 5.16 67.81
C GLU I 70 -4.90 4.58 66.44
N TYR I 71 -3.67 4.87 66.00
CA TYR I 71 -3.16 4.28 64.78
C TYR I 71 -1.65 4.11 64.94
N ARG I 72 -1.10 3.22 64.12
CA ARG I 72 0.34 2.99 64.19
C ARG I 72 0.82 2.42 62.86
N LEU I 73 2.12 2.59 62.63
CA LEU I 73 2.84 2.03 61.49
C LEU I 73 4.33 2.05 61.81
N GLY I 74 4.99 0.91 61.74
CA GLY I 74 6.36 0.90 62.21
C GLY I 74 7.37 0.04 61.48
N GLU I 75 6.97 -0.65 60.42
CA GLU I 75 7.85 -1.61 59.77
C GLU I 75 7.62 -1.63 58.27
N PRO I 76 8.45 -0.94 57.50
CA PRO I 76 8.42 -1.11 56.05
C PRO I 76 8.77 -2.52 55.67
N PRO I 77 8.12 -3.07 54.63
CA PRO I 77 8.44 -4.46 54.25
C PRO I 77 9.84 -4.64 53.72
N PHE I 78 10.38 -3.67 52.99
CA PHE I 78 11.73 -3.77 52.44
C PHE I 78 12.46 -2.44 52.54
N PRO I 79 13.76 -2.48 52.77
CA PRO I 79 14.57 -1.27 52.61
C PRO I 79 14.61 -0.80 51.16
N GLN I 80 14.86 0.49 50.99
CA GLN I 80 14.65 1.14 49.71
C GLN I 80 15.55 0.60 48.61
N ASP I 81 16.66 -0.05 48.97
CA ASP I 81 17.64 -0.43 47.96
C ASP I 81 17.05 -1.39 46.95
N GLU I 82 16.62 -2.57 47.40
CA GLU I 82 15.96 -3.50 46.50
C GLU I 82 14.62 -2.96 46.04
N CYS I 83 14.03 -2.04 46.81
CA CYS I 83 12.79 -1.41 46.37
C CYS I 83 13.02 -0.57 45.13
N ARG I 84 14.25 -0.17 44.86
CA ARG I 84 14.58 0.40 43.57
C ARG I 84 15.05 -0.68 42.61
N GLU I 85 15.82 -1.65 43.10
CA GLU I 85 16.22 -2.78 42.28
C GLU I 85 15.01 -3.54 41.78
N LYS I 86 14.08 -3.85 42.66
CA LYS I 86 12.80 -4.45 42.29
C LYS I 86 11.72 -3.38 42.38
N ASP I 87 10.83 -3.36 41.40
CA ASP I 87 9.90 -2.25 41.27
C ASP I 87 8.82 -2.28 42.36
N LEU I 88 9.23 -2.08 43.60
CA LEU I 88 8.33 -2.03 44.73
C LEU I 88 8.06 -0.57 45.10
N THR I 89 7.33 -0.38 46.19
CA THR I 89 7.02 0.94 46.72
C THR I 89 7.56 1.03 48.13
N TYR I 90 8.39 2.02 48.40
CA TYR I 90 8.92 2.18 49.75
C TYR I 90 7.83 2.75 50.64
N GLN I 91 6.99 1.87 51.18
CA GLN I 91 5.82 2.24 51.96
C GLN I 91 5.84 1.52 53.30
N ALA I 92 4.84 1.84 54.12
CA ALA I 92 4.66 1.23 55.42
C ALA I 92 3.20 0.83 55.58
N PRO I 93 2.93 -0.36 56.11
CA PRO I 93 1.54 -0.73 56.41
C PRO I 93 0.98 0.12 57.54
N LEU I 94 -0.31 0.37 57.47
CA LEU I 94 -1.01 1.19 58.45
C LEU I 94 -2.01 0.34 59.22
N TYR I 95 -2.00 0.49 60.55
CA TYR I 95 -2.92 -0.22 61.42
C TYR I 95 -3.67 0.78 62.28
N ALA I 96 -4.92 0.46 62.60
CA ALA I 96 -5.77 1.35 63.39
C ALA I 96 -6.47 0.56 64.48
N ARG I 97 -6.61 1.19 65.64
CA ARG I 97 -7.33 0.62 66.77
C ARG I 97 -8.73 1.24 66.81
N LEU I 98 -9.74 0.42 66.60
CA LEU I 98 -11.12 0.88 66.57
C LEU I 98 -11.98 -0.01 67.46
N GLN I 99 -13.23 0.38 67.64
CA GLN I 99 -14.10 -0.37 68.53
C GLN I 99 -15.55 -0.09 68.16
N LEU I 100 -16.40 -1.06 68.49
CA LEU I 100 -17.80 -1.05 68.09
C LEU I 100 -18.67 -1.05 69.33
N ILE I 101 -19.66 -0.15 69.35
CA ILE I 101 -20.53 0.06 70.49
C ILE I 101 -21.98 0.00 70.02
N HIS I 102 -22.85 -0.57 70.84
CA HIS I 102 -24.29 -0.55 70.60
C HIS I 102 -25.01 -0.03 71.84
N LYS I 103 -26.24 0.41 71.63
CA LYS I 103 -27.07 0.83 72.76
C LYS I 103 -27.31 -0.32 73.73
N ASP I 104 -27.35 -1.54 73.22
CA ASP I 104 -27.40 -2.72 74.06
C ASP I 104 -26.00 -3.04 74.59
N THR I 105 -25.91 -4.09 75.40
CA THR I 105 -24.63 -4.51 75.93
C THR I 105 -23.73 -5.02 74.81
N GLY I 106 -22.44 -4.75 74.95
CA GLY I 106 -21.47 -5.19 73.98
C GLY I 106 -20.49 -4.11 73.58
N LEU I 107 -19.21 -4.36 73.81
CA LEU I 107 -18.13 -3.40 73.55
C LEU I 107 -17.08 -4.18 72.75
N ILE I 108 -17.25 -4.25 71.45
CA ILE I 108 -16.46 -5.16 70.62
C ILE I 108 -15.32 -4.35 70.03
N LYS I 109 -14.16 -4.41 70.68
CA LYS I 109 -13.02 -3.55 70.34
C LYS I 109 -11.97 -4.36 69.60
N GLU I 110 -11.57 -3.88 68.42
CA GLU I 110 -10.53 -4.49 67.61
C GLU I 110 -9.34 -3.54 67.54
N ASP I 111 -8.23 -3.95 68.15
CA ASP I 111 -7.07 -3.06 68.24
C ASP I 111 -6.34 -2.95 66.92
N GLU I 112 -6.37 -4.00 66.10
CA GLU I 112 -5.56 -4.05 64.88
C GLU I 112 -6.44 -4.41 63.69
N VAL I 113 -6.52 -3.49 62.74
CA VAL I 113 -7.04 -3.76 61.40
C VAL I 113 -6.07 -3.16 60.40
N PHE I 114 -5.66 -3.93 59.41
CA PHE I 114 -4.81 -3.39 58.36
C PHE I 114 -5.71 -2.67 57.36
N LEU I 115 -5.39 -1.41 57.09
CA LEU I 115 -6.16 -0.61 56.15
C LEU I 115 -5.16 0.17 55.31
N GLY I 116 -4.79 -0.42 54.18
CA GLY I 116 -3.92 0.24 53.23
C GLY I 116 -2.48 0.40 53.68
N HIS I 117 -1.62 0.69 52.72
CA HIS I 117 -0.22 0.99 52.96
C HIS I 117 0.07 2.39 52.44
N ILE I 118 0.80 3.19 53.20
CA ILE I 118 1.07 4.56 52.78
C ILE I 118 2.55 4.72 52.47
N PRO I 119 2.92 5.48 51.45
CA PRO I 119 4.33 5.61 51.09
C PRO I 119 5.11 6.33 52.17
N LEU I 120 6.37 5.95 52.32
CA LEU I 120 7.28 6.53 53.27
C LEU I 120 8.30 7.39 52.54
N MET I 121 8.52 8.60 53.04
CA MET I 121 9.45 9.52 52.41
C MET I 121 10.88 9.11 52.70
N THR I 122 11.74 9.23 51.68
CA THR I 122 13.16 9.00 51.88
C THR I 122 13.77 10.15 52.66
N GLU I 123 15.05 10.01 52.97
CA GLU I 123 15.73 11.03 53.78
C GLU I 123 15.76 12.37 53.08
N ASP I 124 16.05 12.37 51.78
CA ASP I 124 16.15 13.64 51.05
C ASP I 124 14.81 14.36 50.99
N GLY I 125 13.72 13.60 50.80
CA GLY I 125 12.42 14.20 50.66
C GLY I 125 11.64 13.63 49.50
N SER I 126 12.16 12.56 48.90
CA SER I 126 11.55 11.95 47.74
C SER I 126 10.72 10.73 48.14
N PHE I 127 9.94 10.25 47.19
CA PHE I 127 9.11 9.07 47.36
C PHE I 127 9.39 8.09 46.24
N ILE I 128 9.46 6.81 46.57
CA ILE I 128 9.61 5.76 45.57
C ILE I 128 8.27 5.07 45.39
N ILE I 129 7.78 5.03 44.16
CA ILE I 129 6.41 4.56 43.94
C ILE I 129 6.39 3.20 43.26
N ASN I 130 6.94 3.10 42.06
CA ASN I 130 7.09 1.80 41.40
C ASN I 130 8.51 1.70 40.88
N GLY I 131 9.46 1.43 41.76
CA GLY I 131 10.85 1.44 41.38
C GLY I 131 11.39 2.84 41.25
N ALA I 132 10.84 3.61 40.32
CA ALA I 132 11.24 4.99 40.15
C ALA I 132 10.78 5.83 41.32
N ASP I 133 11.46 6.96 41.52
CA ASP I 133 11.18 7.86 42.62
C ASP I 133 10.66 9.20 42.08
N ARG I 134 9.62 9.70 42.71
CA ARG I 134 8.94 10.91 42.26
C ARG I 134 8.90 11.92 43.39
N VAL I 135 8.52 13.14 43.04
CA VAL I 135 8.47 14.26 43.96
C VAL I 135 7.09 14.89 43.87
N ILE I 136 6.54 15.25 45.02
CA ILE I 136 5.26 15.94 45.10
C ILE I 136 5.56 17.42 45.36
N VAL I 137 5.23 18.27 44.41
CA VAL I 137 5.54 19.68 44.50
C VAL I 137 4.41 20.39 45.23
N SER I 138 4.76 21.47 45.91
CA SER I 138 3.77 22.24 46.64
C SER I 138 2.83 22.95 45.68
N GLN I 139 1.67 23.35 46.19
CA GLN I 139 0.70 24.07 45.40
C GLN I 139 0.31 25.36 46.10
N ILE I 140 -0.06 26.36 45.32
CA ILE I 140 -0.46 27.66 45.83
C ILE I 140 -1.87 27.97 45.33
N HIS I 141 -2.74 28.43 46.21
CA HIS I 141 -4.06 28.87 45.78
C HIS I 141 -4.62 29.83 46.82
N ARG I 142 -5.92 30.12 46.71
CA ARG I 142 -6.54 31.11 47.58
C ARG I 142 -6.60 30.60 49.01
N SER I 143 -6.18 31.43 49.95
CA SER I 143 -6.35 31.08 51.35
C SER I 143 -7.83 31.12 51.70
N PRO I 144 -8.32 30.15 52.47
CA PRO I 144 -9.71 30.20 52.91
C PRO I 144 -9.96 31.35 53.86
N GLY I 145 -11.16 31.89 53.80
CA GLY I 145 -11.50 32.97 54.69
C GLY I 145 -12.44 33.96 54.03
N VAL I 146 -12.31 35.21 54.44
CA VAL I 146 -13.22 36.28 54.07
C VAL I 146 -12.47 37.30 53.24
N TYR I 147 -13.02 37.62 52.06
CA TYR I 147 -12.43 38.62 51.19
C TYR I 147 -13.53 39.55 50.69
N PHE I 148 -13.14 40.77 50.33
CA PHE I 148 -14.06 41.78 49.83
C PHE I 148 -13.56 42.28 48.49
N THR I 149 -14.42 42.27 47.49
CA THR I 149 -13.94 42.69 46.18
C THR I 149 -14.90 43.71 45.59
N PRO I 150 -14.40 44.73 44.91
CA PRO I 150 -15.28 45.74 44.33
C PRO I 150 -16.26 45.12 43.33
N ASP I 151 -17.42 45.74 43.23
CA ASP I 151 -18.43 45.25 42.31
C ASP I 151 -17.90 45.30 40.88
N PRO I 152 -18.16 44.27 40.07
CA PRO I 152 -17.66 44.29 38.69
C PRO I 152 -18.17 45.45 37.87
N ALA I 153 -19.39 45.92 38.13
CA ALA I 153 -19.96 47.05 37.41
C ALA I 153 -20.21 48.24 38.31
N ARG I 154 -20.90 48.05 39.43
CA ARG I 154 -21.26 49.17 40.28
C ARG I 154 -20.00 49.73 40.94
N PRO I 155 -19.66 50.99 40.69
CA PRO I 155 -18.36 51.52 41.12
C PRO I 155 -18.33 52.08 42.52
N GLY I 156 -19.48 52.19 43.19
CA GLY I 156 -19.50 52.68 44.55
C GLY I 156 -19.56 51.57 45.57
N ARG I 157 -20.06 50.42 45.16
CA ARG I 157 -20.33 49.32 46.07
C ARG I 157 -19.36 48.17 45.80
N TYR I 158 -19.59 47.05 46.47
CA TYR I 158 -18.72 45.89 46.32
C TYR I 158 -19.48 44.66 46.81
N ILE I 159 -18.75 43.54 46.97
CA ILE I 159 -19.31 42.28 47.45
C ILE I 159 -18.34 41.66 48.44
N ALA I 160 -18.87 40.70 49.21
CA ALA I 160 -18.11 39.94 50.18
C ALA I 160 -18.23 38.45 49.88
N SER I 161 -17.11 37.74 49.93
CA SER I 161 -17.12 36.30 49.70
C SER I 161 -16.37 35.60 50.81
N ILE I 162 -17.01 34.59 51.42
CA ILE I 162 -16.37 33.72 52.38
C ILE I 162 -16.26 32.34 51.74
N ILE I 163 -15.04 31.84 51.68
CA ILE I 163 -14.70 30.69 50.85
C ILE I 163 -14.21 29.55 51.74
N PRO I 164 -15.05 28.56 51.98
CA PRO I 164 -14.58 27.30 52.57
C PRO I 164 -14.14 26.30 51.50
N LEU I 165 -13.74 25.10 51.91
CA LEU I 165 -13.38 24.01 51.02
C LEU I 165 -13.94 22.71 51.58
N PRO I 166 -14.23 21.72 50.74
CA PRO I 166 -14.04 21.53 49.30
C PRO I 166 -15.03 22.30 48.41
N LYS I 167 -14.89 22.10 47.09
CA LYS I 167 -15.76 22.78 46.14
C LYS I 167 -17.21 22.35 46.30
N ARG I 168 -17.46 21.06 46.48
CA ARG I 168 -18.81 20.56 46.73
C ARG I 168 -19.20 20.87 48.18
N GLY I 169 -19.29 22.17 48.46
CA GLY I 169 -19.57 22.65 49.79
C GLY I 169 -19.95 24.13 49.79
N PRO I 170 -19.74 24.79 50.92
CA PRO I 170 -20.14 26.19 51.03
C PRO I 170 -19.28 27.11 50.17
N TRP I 171 -19.92 28.18 49.69
CA TRP I 171 -19.20 29.33 49.14
C TRP I 171 -20.19 30.50 49.24
N ILE I 172 -20.03 31.33 50.26
CA ILE I 172 -21.11 32.22 50.65
C ILE I 172 -20.76 33.64 50.18
N ASP I 173 -21.78 34.39 49.77
CA ASP I 173 -21.61 35.72 49.21
C ASP I 173 -22.62 36.69 49.83
N LEU I 174 -22.15 37.90 50.12
CA LEU I 174 -22.99 39.01 50.57
C LEU I 174 -22.88 40.14 49.55
N GLU I 175 -24.01 40.63 49.08
CA GLU I 175 -24.03 41.73 48.13
C GLU I 175 -25.12 42.71 48.51
N VAL I 176 -24.98 43.95 48.06
CA VAL I 176 -25.93 45.00 48.39
C VAL I 176 -26.56 45.50 47.09
N GLU I 177 -27.88 45.44 47.01
CA GLU I 177 -28.64 45.96 45.90
C GLU I 177 -29.35 47.23 46.35
N PRO I 178 -29.22 48.32 45.57
CA PRO I 178 -29.60 49.65 46.10
C PRO I 178 -31.06 49.79 46.47
N ASN I 179 -31.94 48.93 45.98
CA ASN I 179 -33.35 49.08 46.36
C ASN I 179 -33.61 48.74 47.80
N GLY I 180 -32.58 48.56 48.62
CA GLY I 180 -32.76 48.22 50.01
C GLY I 180 -32.69 46.72 50.19
N VAL I 181 -31.78 46.07 49.47
CA VAL I 181 -31.65 44.62 49.49
C VAL I 181 -30.26 44.26 49.96
N VAL I 182 -30.19 43.40 50.97
CA VAL I 182 -28.93 42.74 51.31
C VAL I 182 -29.02 41.29 50.83
N SER I 183 -28.61 41.07 49.60
CA SER I 183 -28.78 39.77 48.96
C SER I 183 -27.65 38.84 49.33
N MET I 184 -27.94 37.55 49.31
CA MET I 184 -27.02 36.53 49.79
C MET I 184 -27.33 35.24 49.04
N LYS I 185 -26.46 34.84 48.14
CA LYS I 185 -26.62 33.58 47.42
C LYS I 185 -25.79 32.52 48.12
N VAL I 186 -26.44 31.46 48.58
CA VAL I 186 -25.78 30.41 49.34
C VAL I 186 -24.97 29.55 48.39
N ASN I 187 -25.64 28.88 47.47
CA ASN I 187 -24.98 28.06 46.46
C ASN I 187 -25.27 28.55 45.05
N LYS I 188 -26.53 28.67 44.67
CA LYS I 188 -26.91 29.07 43.32
C LYS I 188 -27.99 30.13 43.27
N ARG I 189 -28.68 30.42 44.37
CA ARG I 189 -29.84 31.28 44.37
C ARG I 189 -29.69 32.38 45.40
N LYS I 190 -29.97 33.62 45.01
CA LYS I 190 -29.87 34.75 45.90
C LYS I 190 -30.98 34.68 46.95
N PHE I 191 -30.78 35.45 48.03
CA PHE I 191 -31.65 35.36 49.20
C PHE I 191 -31.51 36.60 50.08
N PRO I 192 -32.62 37.15 50.56
CA PRO I 192 -32.54 38.26 51.53
C PRO I 192 -31.96 37.77 52.85
N LEU I 193 -30.72 38.16 53.12
CA LEU I 193 -29.99 37.63 54.25
C LEU I 193 -30.63 37.99 55.59
N VAL I 194 -31.51 38.99 55.62
CA VAL I 194 -32.12 39.43 56.87
C VAL I 194 -32.91 38.30 57.51
N LEU I 195 -33.52 37.42 56.71
CA LEU I 195 -34.22 36.28 57.27
C LEU I 195 -33.27 35.36 58.02
N LEU I 196 -32.10 35.09 57.44
CA LEU I 196 -31.11 34.27 58.12
C LEU I 196 -30.58 34.97 59.37
N LEU I 197 -30.42 36.29 59.32
CA LEU I 197 -30.01 37.03 60.52
C LEU I 197 -31.02 36.87 61.63
N ARG I 198 -32.31 36.95 61.30
CA ARG I 198 -33.35 36.69 62.28
C ARG I 198 -33.29 35.25 62.77
N VAL I 199 -32.95 34.31 61.89
CA VAL I 199 -32.74 32.92 62.32
C VAL I 199 -31.67 32.85 63.39
N LEU I 200 -30.62 33.64 63.25
CA LEU I 200 -29.51 33.65 64.19
C LEU I 200 -29.88 34.17 65.57
N GLY I 201 -31.15 34.51 65.80
CA GLY I 201 -31.56 34.99 67.10
C GLY I 201 -31.33 36.46 67.34
N TYR I 202 -30.98 37.22 66.31
CA TYR I 202 -30.76 38.66 66.44
C TYR I 202 -32.09 39.39 66.19
N ASP I 203 -32.49 40.19 67.16
CA ASP I 203 -33.67 41.03 66.98
C ASP I 203 -33.26 42.40 66.47
N GLN I 204 -34.26 43.16 66.01
CA GLN I 204 -33.98 44.43 65.34
C GLN I 204 -33.44 45.48 66.30
N GLU I 205 -33.75 45.38 67.58
CA GLU I 205 -33.24 46.35 68.54
C GLU I 205 -31.72 46.32 68.59
N THR I 206 -31.14 45.13 68.80
CA THR I 206 -29.68 45.04 68.79
C THR I 206 -29.14 45.18 67.38
N LEU I 207 -29.94 44.86 66.36
CA LEU I 207 -29.50 45.04 64.99
C LEU I 207 -29.22 46.51 64.70
N ALA I 208 -30.09 47.39 65.18
CA ALA I 208 -29.84 48.83 65.04
C ALA I 208 -28.80 49.31 66.03
N ARG I 209 -28.79 48.76 67.25
CA ARG I 209 -27.88 49.25 68.27
C ARG I 209 -26.43 48.98 67.90
N GLU I 210 -26.14 47.80 67.37
CA GLU I 210 -24.76 47.38 67.15
C GLU I 210 -24.33 47.42 65.69
N LEU I 211 -25.26 47.28 64.75
CA LEU I 211 -24.95 47.28 63.33
C LEU I 211 -25.41 48.55 62.62
N GLY I 212 -26.66 48.95 62.82
CA GLY I 212 -27.16 50.13 62.16
C GLY I 212 -26.84 51.44 62.85
N ALA I 213 -26.08 51.39 63.95
CA ALA I 213 -25.82 52.60 64.72
C ALA I 213 -25.03 53.61 63.90
N TYR I 214 -24.05 53.16 63.14
CA TYR I 214 -23.14 54.07 62.43
C TYR I 214 -23.54 54.31 60.98
N GLY I 215 -23.96 53.27 60.26
CA GLY I 215 -24.19 53.36 58.84
C GLY I 215 -25.64 53.68 58.50
N GLU I 216 -25.83 54.43 57.41
CA GLU I 216 -27.16 54.76 56.93
C GLU I 216 -27.67 53.77 55.90
N LEU I 217 -26.88 52.76 55.55
CA LEU I 217 -27.34 51.69 54.69
C LEU I 217 -28.05 50.59 55.47
N VAL I 218 -28.22 50.77 56.79
CA VAL I 218 -29.03 49.85 57.57
C VAL I 218 -30.48 49.89 57.09
N GLN I 219 -30.87 50.98 56.43
CA GLN I 219 -32.19 51.02 55.80
C GLN I 219 -32.33 50.00 54.70
N GLY I 220 -31.22 49.50 54.15
CA GLY I 220 -31.28 48.38 53.23
C GLY I 220 -31.74 47.10 53.89
N LEU I 221 -31.74 47.05 55.21
CA LEU I 221 -32.31 45.94 55.95
C LEU I 221 -33.40 46.34 56.93
N MET I 222 -33.31 47.53 57.54
CA MET I 222 -34.35 47.98 58.45
C MET I 222 -35.65 48.29 57.72
N ASP I 223 -35.60 48.53 56.40
CA ASP I 223 -36.83 48.68 55.64
C ASP I 223 -37.64 47.39 55.67
N GLU I 224 -36.98 46.25 55.59
CA GLU I 224 -37.65 44.95 55.67
C GLU I 224 -37.86 44.62 57.14
N SER I 225 -38.85 45.29 57.73
CA SER I 225 -39.23 45.05 59.11
C SER I 225 -40.48 44.21 59.25
N VAL I 226 -41.10 43.82 58.13
CA VAL I 226 -42.31 43.02 58.20
C VAL I 226 -41.99 41.60 58.69
N PHE I 227 -40.92 41.00 58.18
CA PHE I 227 -40.53 39.65 58.54
C PHE I 227 -39.27 39.66 59.41
N ALA I 228 -39.18 40.65 60.29
CA ALA I 228 -38.00 40.86 61.12
C ALA I 228 -38.18 40.34 62.54
N MET I 229 -39.27 39.62 62.82
CA MET I 229 -39.54 39.12 64.16
C MET I 229 -40.01 37.67 64.14
N ARG I 230 -39.30 36.80 63.44
CA ARG I 230 -39.66 35.38 63.31
C ARG I 230 -38.55 34.52 63.88
N PRO I 231 -38.62 34.12 65.15
CA PRO I 231 -37.48 33.44 65.79
C PRO I 231 -37.13 32.10 65.16
N GLU I 232 -38.09 31.19 65.09
CA GLU I 232 -37.82 29.83 64.65
C GLU I 232 -38.57 29.42 63.40
N GLU I 233 -39.77 29.97 63.15
CA GLU I 233 -40.47 29.68 61.91
C GLU I 233 -39.70 30.21 60.71
N ALA I 234 -38.78 31.14 60.93
CA ALA I 234 -37.94 31.62 59.85
C ALA I 234 -37.06 30.51 59.30
N LEU I 235 -36.69 29.54 60.13
CA LEU I 235 -35.96 28.37 59.63
C LEU I 235 -36.80 27.61 58.63
N ILE I 236 -38.07 27.37 58.97
CA ILE I 236 -38.98 26.68 58.07
C ILE I 236 -39.17 27.49 56.80
N ARG I 237 -39.31 28.81 56.92
CA ARG I 237 -39.48 29.65 55.75
C ARG I 237 -38.25 29.61 54.86
N LEU I 238 -37.06 29.64 55.47
CA LEU I 238 -35.83 29.62 54.68
C LEU I 238 -35.67 28.30 53.94
N PHE I 239 -35.93 27.19 54.62
CA PHE I 239 -35.90 25.90 53.95
C PHE I 239 -36.98 25.81 52.87
N THR I 240 -38.12 26.46 53.11
CA THR I 240 -39.17 26.54 52.10
C THR I 240 -38.72 27.34 50.89
N LEU I 241 -37.88 28.36 51.09
CA LEU I 241 -37.40 29.14 49.96
C LEU I 241 -36.47 28.32 49.09
N LEU I 242 -35.86 27.29 49.65
CA LEU I 242 -35.21 26.27 48.83
C LEU I 242 -36.25 25.50 48.03
N ARG I 243 -35.83 24.95 46.90
CA ARG I 243 -36.68 24.16 46.00
C ARG I 243 -36.24 22.70 45.97
N PRO I 244 -36.42 21.95 47.06
CA PRO I 244 -36.25 20.50 46.95
C PRO I 244 -37.58 19.78 46.81
N GLY I 245 -38.68 20.51 47.00
CA GLY I 245 -39.99 19.92 47.06
C GLY I 245 -40.29 19.16 48.34
N ASP I 246 -39.36 19.12 49.27
CA ASP I 246 -39.45 18.31 50.47
C ASP I 246 -40.32 18.98 51.53
N PRO I 247 -40.85 18.21 52.49
CA PRO I 247 -41.64 18.79 53.57
C PRO I 247 -40.83 19.79 54.36
N PRO I 248 -41.45 20.90 54.79
CA PRO I 248 -40.71 21.92 55.54
C PRO I 248 -40.39 21.53 56.97
N LYS I 249 -40.87 20.39 57.46
CA LYS I 249 -40.65 19.98 58.84
C LYS I 249 -39.34 19.18 58.98
N ARG I 250 -38.25 19.83 58.55
CA ARG I 250 -36.90 19.28 58.68
C ARG I 250 -36.04 20.40 59.24
N ASP I 251 -35.98 20.48 60.57
CA ASP I 251 -35.41 21.66 61.23
C ASP I 251 -33.93 21.80 60.93
N LYS I 252 -33.19 20.69 60.92
CA LYS I 252 -31.74 20.73 60.80
C LYS I 252 -31.24 19.91 59.62
N ALA I 253 -32.02 19.87 58.54
CA ALA I 253 -31.60 19.11 57.37
C ALA I 253 -30.63 19.90 56.50
N VAL I 254 -31.08 21.03 55.97
CA VAL I 254 -30.24 21.89 55.14
C VAL I 254 -29.92 23.14 55.95
N ALA I 255 -30.75 23.43 56.94
CA ALA I 255 -30.45 24.55 57.83
C ALA I 255 -29.17 24.31 58.60
N TYR I 256 -28.96 23.07 59.07
CA TYR I 256 -27.78 22.73 59.84
C TYR I 256 -26.66 22.13 59.01
N VAL I 257 -26.90 21.84 57.72
CA VAL I 257 -25.82 21.29 56.91
C VAL I 257 -24.67 22.28 56.81
N TYR I 258 -24.94 23.56 57.05
CA TYR I 258 -23.92 24.60 57.20
C TYR I 258 -23.58 24.81 58.66
N GLY I 259 -23.61 23.73 59.43
CA GLY I 259 -23.40 23.78 60.86
C GLY I 259 -21.97 23.49 61.26
N LEU I 260 -21.69 22.28 61.75
CA LEU I 260 -20.41 22.00 62.38
C LEU I 260 -19.40 21.32 61.46
N ILE I 261 -19.71 20.14 60.94
CA ILE I 261 -18.71 19.27 60.34
C ILE I 261 -18.84 19.20 58.82
N ALA I 262 -20.03 18.86 58.33
CA ALA I 262 -20.16 18.40 56.95
C ALA I 262 -19.70 19.44 55.93
N ASP I 263 -20.41 20.56 55.85
CA ASP I 263 -20.07 21.59 54.87
C ASP I 263 -18.94 22.51 55.31
N PRO I 264 -19.06 23.23 56.43
CA PRO I 264 -18.18 24.38 56.66
C PRO I 264 -16.73 23.94 56.78
N ARG I 265 -15.84 24.84 56.38
CA ARG I 265 -14.45 24.47 56.27
C ARG I 265 -13.88 24.17 57.65
N ARG I 266 -13.08 23.13 57.71
CA ARG I 266 -12.34 22.71 58.90
C ARG I 266 -10.91 23.25 58.90
N TYR I 267 -10.73 24.44 58.31
CA TYR I 267 -9.42 25.05 58.20
C TYR I 267 -8.73 25.12 59.56
N ASP I 268 -7.41 25.09 59.53
CA ASP I 268 -6.64 25.02 60.77
C ASP I 268 -6.97 26.20 61.68
N LEU I 269 -7.12 25.89 62.98
CA LEU I 269 -7.57 26.87 63.95
C LEU I 269 -6.55 28.01 64.05
N GLY I 270 -7.07 29.21 64.29
CA GLY I 270 -6.21 30.36 64.51
C GLY I 270 -5.81 31.07 63.24
N GLU I 271 -5.30 30.33 62.25
CA GLU I 271 -4.69 30.97 61.11
C GLU I 271 -5.34 30.64 59.77
N ALA I 272 -5.57 29.36 59.46
CA ALA I 272 -5.95 28.98 58.10
C ALA I 272 -7.21 29.72 57.65
N GLY I 273 -8.19 29.84 58.54
CA GLY I 273 -9.31 30.70 58.25
C GLY I 273 -9.57 31.70 59.35
N ARG I 274 -9.11 31.38 60.56
CA ARG I 274 -9.41 32.26 61.69
C ARG I 274 -8.56 33.53 61.65
N TYR I 275 -7.27 33.41 61.33
CA TYR I 275 -6.47 34.61 61.09
C TYR I 275 -7.04 35.39 59.92
N LYS I 276 -7.42 34.67 58.86
CA LYS I 276 -8.17 35.32 57.79
C LYS I 276 -9.50 35.86 58.28
N ALA I 277 -9.98 35.41 59.44
CA ALA I 277 -11.14 36.02 60.07
C ALA I 277 -10.72 37.08 61.08
N GLU I 278 -10.00 36.66 62.14
CA GLU I 278 -9.76 37.57 63.26
C GLU I 278 -8.87 38.74 62.85
N GLU I 279 -7.83 38.48 62.05
CA GLU I 279 -6.96 39.57 61.62
C GLU I 279 -7.69 40.50 60.65
N LYS I 280 -8.50 39.93 59.76
CA LYS I 280 -9.23 40.76 58.81
C LYS I 280 -10.31 41.58 59.52
N LEU I 281 -11.07 40.95 60.42
CA LEU I 281 -12.17 41.64 61.06
C LEU I 281 -12.42 41.03 62.43
N GLY I 282 -13.15 41.76 63.25
CA GLY I 282 -13.53 41.22 64.54
C GLY I 282 -12.34 41.01 65.45
N ILE I 283 -12.55 40.19 66.45
CA ILE I 283 -11.56 39.91 67.48
C ILE I 283 -11.11 38.45 67.44
N ARG I 284 -12.06 37.52 67.40
CA ARG I 284 -11.75 36.11 67.46
C ARG I 284 -12.95 35.31 67.00
N LEU I 285 -12.69 34.24 66.27
CA LEU I 285 -13.72 33.34 65.74
C LEU I 285 -13.61 32.03 66.52
N SER I 286 -14.31 31.95 67.64
CA SER I 286 -14.26 30.74 68.45
C SER I 286 -14.77 29.56 67.65
N GLY I 287 -14.16 28.40 67.87
CA GLY I 287 -14.52 27.23 67.13
C GLY I 287 -14.04 27.29 65.70
N ARG I 288 -14.58 26.38 64.90
CA ARG I 288 -14.14 26.20 63.53
C ARG I 288 -14.96 26.98 62.53
N THR I 289 -16.23 27.26 62.83
CA THR I 289 -17.12 27.87 61.86
C THR I 289 -18.32 28.44 62.59
N LEU I 290 -19.34 28.83 61.82
CA LEU I 290 -20.57 29.39 62.35
C LEU I 290 -21.60 28.27 62.51
N ALA I 291 -22.08 28.09 63.75
CA ALA I 291 -22.96 26.97 64.04
C ALA I 291 -23.44 27.06 65.48
N ARG I 292 -24.55 26.38 65.75
CA ARG I 292 -25.06 26.16 67.10
C ARG I 292 -26.08 25.05 67.02
N PHE I 293 -25.87 23.99 67.80
CA PHE I 293 -26.82 22.89 67.82
C PHE I 293 -27.05 22.35 69.23
N GLU I 294 -26.58 23.05 70.26
CA GLU I 294 -26.81 22.63 71.63
C GLU I 294 -28.24 22.90 72.09
N ASP I 295 -28.96 23.79 71.40
CA ASP I 295 -30.33 24.12 71.76
C ASP I 295 -31.28 24.06 70.56
N GLY I 296 -30.82 23.54 69.43
CA GLY I 296 -31.64 23.51 68.23
C GLY I 296 -31.58 24.82 67.48
N GLU I 297 -31.61 25.94 68.22
CA GLU I 297 -31.46 27.25 67.63
C GLU I 297 -30.04 27.44 67.09
N PHE I 298 -29.78 28.62 66.55
CA PHE I 298 -28.52 28.91 65.88
C PHE I 298 -27.84 30.13 66.48
N LYS I 299 -26.51 30.12 66.42
CA LYS I 299 -25.68 31.24 66.83
C LYS I 299 -24.66 31.50 65.74
N ASP I 300 -24.18 32.74 65.68
CA ASP I 300 -23.26 33.14 64.63
C ASP I 300 -22.06 33.84 65.25
N GLU I 301 -20.93 33.74 64.55
CA GLU I 301 -19.76 34.53 64.88
C GLU I 301 -19.09 35.09 63.63
N VAL I 302 -19.71 34.92 62.46
CA VAL I 302 -19.15 35.38 61.19
C VAL I 302 -20.07 36.39 60.52
N PHE I 303 -21.35 36.06 60.37
CA PHE I 303 -22.23 36.84 59.52
C PHE I 303 -22.39 38.26 60.06
N LEU I 304 -22.61 38.40 61.37
CA LEU I 304 -22.75 39.73 61.94
C LEU I 304 -21.50 40.58 61.78
N PRO I 305 -20.30 40.12 62.15
CA PRO I 305 -19.11 40.95 61.92
C PRO I 305 -18.88 41.26 60.45
N THR I 306 -19.10 40.30 59.57
CA THR I 306 -18.90 40.55 58.15
C THR I 306 -19.84 41.64 57.65
N LEU I 307 -21.12 41.55 58.01
CA LEU I 307 -22.06 42.58 57.57
C LEU I 307 -21.69 43.93 58.16
N ARG I 308 -21.35 43.96 59.44
CA ARG I 308 -20.96 45.23 60.07
C ARG I 308 -19.79 45.85 59.35
N TYR I 309 -18.75 45.05 59.08
CA TYR I 309 -17.52 45.60 58.53
C TYR I 309 -17.71 45.99 57.08
N LEU I 310 -18.52 45.21 56.34
CA LEU I 310 -18.89 45.59 54.98
C LEU I 310 -19.59 46.93 54.96
N PHE I 311 -20.56 47.13 55.85
CA PHE I 311 -21.27 48.40 55.89
C PHE I 311 -20.35 49.52 56.33
N ALA I 312 -19.38 49.21 57.19
CA ALA I 312 -18.38 50.21 57.59
C ALA I 312 -17.56 50.65 56.39
N LEU I 313 -17.17 49.71 55.54
CA LEU I 313 -16.39 50.06 54.36
C LEU I 313 -17.25 50.83 53.34
N THR I 314 -18.48 50.38 53.09
CA THR I 314 -19.29 51.02 52.06
C THR I 314 -19.80 52.38 52.49
N ALA I 315 -19.97 52.60 53.79
CA ALA I 315 -20.44 53.89 54.29
C ALA I 315 -19.28 54.76 54.77
N GLY I 316 -18.55 54.30 55.77
CA GLY I 316 -17.41 55.01 56.29
C GLY I 316 -16.11 54.46 55.75
N VAL I 317 -15.06 54.55 56.56
CA VAL I 317 -13.74 54.05 56.15
C VAL I 317 -12.89 53.71 57.36
N PRO I 318 -12.96 52.46 57.86
CA PRO I 318 -11.90 51.98 58.75
C PRO I 318 -10.54 51.98 58.08
N GLY I 319 -10.49 51.74 56.78
CA GLY I 319 -9.23 51.78 56.06
C GLY I 319 -9.46 51.40 54.62
N HIS I 320 -8.36 51.36 53.87
CA HIS I 320 -8.40 50.94 52.47
C HIS I 320 -8.58 49.42 52.45
N GLU I 321 -9.75 48.97 52.89
CA GLU I 321 -9.93 47.58 53.34
C GLU I 321 -10.60 46.74 52.26
N VAL I 322 -9.89 46.59 51.15
CA VAL I 322 -10.26 45.69 50.06
C VAL I 322 -9.07 44.77 49.81
N ASP I 323 -9.35 43.48 49.66
CA ASP I 323 -8.29 42.47 49.66
C ASP I 323 -7.85 42.16 48.22
N ASP I 324 -6.55 42.23 47.98
CA ASP I 324 -6.00 41.89 46.69
C ASP I 324 -6.16 40.39 46.44
N ILE I 325 -6.56 40.04 45.22
CA ILE I 325 -6.76 38.63 44.88
C ILE I 325 -5.43 37.90 44.82
N ASP I 326 -4.38 38.57 44.35
CA ASP I 326 -3.09 37.92 44.18
C ASP I 326 -2.11 38.25 45.29
N HIS I 327 -2.54 38.98 46.31
CA HIS I 327 -1.68 39.30 47.44
C HIS I 327 -1.25 38.01 48.13
N LEU I 328 0.03 37.94 48.48
CA LEU I 328 0.56 36.69 49.03
C LEU I 328 0.01 36.39 50.41
N GLY I 329 -0.42 37.40 51.15
CA GLY I 329 -1.04 37.16 52.44
C GLY I 329 -2.43 36.55 52.34
N ASN I 330 -3.08 36.69 51.19
CA ASN I 330 -4.36 36.07 50.93
C ASN I 330 -4.24 34.78 50.14
N ARG I 331 -3.01 34.34 49.88
CA ARG I 331 -2.76 33.08 49.21
C ARG I 331 -2.02 32.14 50.15
N ARG I 332 -2.26 30.85 49.97
CA ARG I 332 -1.77 29.83 50.87
C ARG I 332 -1.21 28.65 50.08
N ILE I 333 -0.19 28.02 50.62
CA ILE I 333 0.51 26.92 50.00
C ILE I 333 0.10 25.62 50.67
N ARG I 334 -0.52 24.73 49.92
CA ARG I 334 -0.74 23.36 50.35
C ARG I 334 0.51 22.57 50.02
N THR I 335 1.21 22.10 51.04
CA THR I 335 2.42 21.33 50.86
C THR I 335 2.06 19.88 50.55
N VAL I 336 3.04 18.99 50.57
CA VAL I 336 2.77 17.58 50.30
C VAL I 336 1.91 16.99 51.41
N GLY I 337 2.12 17.44 52.64
CA GLY I 337 1.34 16.91 53.75
C GLY I 337 -0.14 17.14 53.59
N GLU I 338 -0.51 18.36 53.18
CA GLU I 338 -1.92 18.67 53.00
C GLU I 338 -2.53 17.86 51.87
N LEU I 339 -1.83 17.73 50.74
CA LEU I 339 -2.37 16.95 49.64
C LEU I 339 -2.57 15.50 50.03
N MET I 340 -1.57 14.93 50.70
CA MET I 340 -1.68 13.54 51.13
C MET I 340 -2.82 13.37 52.12
N THR I 341 -2.95 14.32 53.06
CA THR I 341 -4.02 14.24 54.05
C THR I 341 -5.39 14.32 53.38
N ASP I 342 -5.55 15.21 52.41
CA ASP I 342 -6.84 15.36 51.75
C ASP I 342 -7.21 14.11 50.97
N GLN I 343 -6.24 13.55 50.23
CA GLN I 343 -6.53 12.31 49.50
C GLN I 343 -6.84 11.18 50.47
N PHE I 344 -6.11 11.13 51.58
CA PHE I 344 -6.37 10.12 52.59
C PHE I 344 -7.78 10.24 53.14
N ARG I 345 -8.23 11.46 53.42
CA ARG I 345 -9.56 11.61 53.98
C ARG I 345 -10.66 11.35 52.97
N VAL I 346 -10.39 11.61 51.68
CA VAL I 346 -11.35 11.21 50.66
C VAL I 346 -11.50 9.70 50.63
N GLY I 347 -10.38 8.98 50.61
CA GLY I 347 -10.45 7.53 50.67
C GLY I 347 -11.11 7.04 51.95
N LEU I 348 -10.88 7.75 53.05
CA LEU I 348 -11.47 7.37 54.32
C LEU I 348 -12.98 7.54 54.30
N ALA I 349 -13.47 8.62 53.68
CA ALA I 349 -14.90 8.80 53.54
C ALA I 349 -15.51 7.72 52.66
N ARG I 350 -14.80 7.34 51.59
CA ARG I 350 -15.27 6.22 50.78
C ARG I 350 -15.41 4.96 51.61
N LEU I 351 -14.39 4.66 52.42
CA LEU I 351 -14.46 3.50 53.30
C LEU I 351 -15.61 3.63 54.30
N ALA I 352 -15.89 4.86 54.76
CA ALA I 352 -16.99 5.07 55.69
C ALA I 352 -18.32 4.75 55.05
N ARG I 353 -18.53 5.19 53.81
CA ARG I 353 -19.76 4.84 53.12
C ARG I 353 -19.85 3.33 52.92
N GLY I 354 -18.73 2.70 52.57
CA GLY I 354 -18.74 1.26 52.41
C GLY I 354 -19.14 0.53 53.68
N VAL I 355 -18.57 0.94 54.82
CA VAL I 355 -18.90 0.28 56.08
C VAL I 355 -20.34 0.59 56.48
N ARG I 356 -20.84 1.78 56.13
CA ARG I 356 -22.25 2.08 56.36
C ARG I 356 -23.13 1.07 55.65
N GLU I 357 -22.87 0.84 54.37
CA GLU I 357 -23.66 -0.16 53.64
C GLU I 357 -23.50 -1.54 54.24
N ARG I 358 -22.26 -1.90 54.58
CA ARG I 358 -21.98 -3.25 55.11
C ARG I 358 -22.74 -3.49 56.41
N MET I 359 -22.80 -2.48 57.28
CA MET I 359 -23.67 -2.58 58.44
C MET I 359 -25.13 -2.68 58.01
N LEU I 360 -25.51 -1.92 56.97
CA LEU I 360 -26.91 -1.85 56.59
C LEU I 360 -27.47 -3.22 56.24
N MET I 361 -26.73 -4.01 55.44
CA MET I 361 -27.28 -5.35 55.21
C MET I 361 -26.78 -6.38 56.22
N GLY I 362 -25.88 -5.99 57.12
CA GLY I 362 -25.43 -6.93 58.14
C GLY I 362 -26.48 -7.15 59.20
N SER I 363 -26.54 -8.39 59.69
CA SER I 363 -27.57 -8.80 60.64
C SER I 363 -27.05 -8.84 62.08
N GLU I 364 -26.06 -9.68 62.36
CA GLU I 364 -25.56 -9.84 63.72
C GLU I 364 -24.54 -8.74 64.00
N ASP I 365 -23.88 -8.81 65.16
CA ASP I 365 -22.98 -7.74 65.58
C ASP I 365 -21.53 -8.15 65.72
N SER I 366 -21.24 -9.41 66.06
CA SER I 366 -19.86 -9.86 66.26
C SER I 366 -19.15 -10.01 64.91
N LEU I 367 -18.96 -8.87 64.26
CA LEU I 367 -18.37 -8.82 62.92
C LEU I 367 -17.47 -7.61 62.74
N THR I 368 -16.90 -7.10 63.84
CA THR I 368 -16.25 -5.79 63.80
C THR I 368 -15.08 -5.70 62.82
N PRO I 369 -14.06 -6.57 62.89
CA PRO I 369 -12.90 -6.38 62.00
C PRO I 369 -13.21 -6.69 60.55
N ALA I 370 -13.76 -7.88 60.30
CA ALA I 370 -13.84 -8.40 58.94
C ALA I 370 -15.00 -7.79 58.16
N LYS I 371 -16.22 -8.00 58.65
CA LYS I 371 -17.42 -7.65 57.89
C LYS I 371 -17.69 -6.15 57.87
N LEU I 372 -16.76 -5.32 58.33
CA LEU I 372 -16.97 -3.88 58.35
C LEU I 372 -16.02 -3.14 57.43
N VAL I 373 -14.72 -3.36 57.54
CA VAL I 373 -13.71 -2.54 56.88
C VAL I 373 -12.97 -3.38 55.86
N ASN I 374 -12.91 -2.88 54.62
CA ASN I 374 -12.08 -3.46 53.58
C ASN I 374 -11.10 -2.40 53.10
N SER I 375 -9.85 -2.80 52.90
CA SER I 375 -8.78 -1.84 52.62
C SER I 375 -8.76 -1.35 51.18
N ARG I 376 -9.53 -1.97 50.29
CA ARG I 376 -9.45 -1.62 48.87
C ARG I 376 -9.65 -0.13 48.61
N PRO I 377 -10.69 0.53 49.13
CA PRO I 377 -10.90 1.93 48.74
C PRO I 377 -9.77 2.86 49.14
N LEU I 378 -9.41 2.89 50.43
CA LEU I 378 -8.40 3.83 50.89
C LEU I 378 -7.04 3.53 50.26
N GLU I 379 -6.66 2.26 50.20
CA GLU I 379 -5.38 1.90 49.61
C GLU I 379 -5.34 2.29 48.14
N ALA I 380 -6.42 2.02 47.41
CA ALA I 380 -6.45 2.39 46.00
C ALA I 380 -6.38 3.90 45.83
N ALA I 381 -7.08 4.65 46.69
CA ALA I 381 -7.05 6.10 46.57
C ALA I 381 -5.65 6.65 46.82
N ILE I 382 -4.97 6.15 47.86
CA ILE I 382 -3.62 6.63 48.15
C ILE I 382 -2.67 6.25 47.02
N ARG I 383 -2.76 5.02 46.53
CA ARG I 383 -1.91 4.60 45.43
C ARG I 383 -2.13 5.46 44.20
N GLU I 384 -3.40 5.74 43.88
CA GLU I 384 -3.70 6.58 42.73
C GLU I 384 -3.13 7.98 42.91
N PHE I 385 -3.27 8.55 44.11
CA PHE I 385 -2.74 9.88 44.34
C PHE I 385 -1.23 9.90 44.18
N PHE I 386 -0.54 8.89 44.71
CA PHE I 386 0.90 8.91 44.62
C PHE I 386 1.43 8.50 43.26
N SER I 387 0.61 7.90 42.41
CA SER I 387 1.07 7.44 41.11
C SER I 387 0.64 8.35 39.97
N ARG I 388 -0.67 8.59 39.83
CA ARG I 388 -1.21 9.25 38.64
C ARG I 388 -1.64 10.69 38.89
N SER I 389 -1.31 11.27 40.05
CA SER I 389 -1.66 12.66 40.28
C SER I 389 -0.80 13.57 39.40
N GLN I 390 -1.25 14.82 39.27
CA GLN I 390 -0.49 15.78 38.48
C GLN I 390 0.75 16.25 39.22
N LEU I 391 0.64 16.48 40.52
CA LEU I 391 1.75 17.07 41.26
C LEU I 391 2.79 16.05 41.70
N SER I 392 2.51 14.75 41.61
CA SER I 392 3.51 13.73 41.91
C SER I 392 4.20 13.38 40.61
N GLN I 393 5.28 14.12 40.32
CA GLN I 393 5.93 14.02 39.02
C GLN I 393 7.35 13.49 39.16
N PHE I 394 7.86 13.01 38.03
CA PHE I 394 9.15 12.32 37.99
C PHE I 394 10.24 13.22 38.53
N LYS I 395 11.12 12.64 39.34
CA LYS I 395 12.20 13.42 39.94
C LYS I 395 13.24 13.78 38.88
N ASP I 396 13.76 15.00 38.98
CA ASP I 396 14.77 15.50 38.04
C ASP I 396 16.14 15.38 38.71
N GLU I 397 16.68 14.16 38.69
CA GLU I 397 17.97 13.89 39.32
C GLU I 397 19.13 13.94 38.32
N THR I 398 19.21 15.02 37.56
CA THR I 398 20.36 15.17 36.67
C THR I 398 21.61 15.61 37.44
N ASN I 399 21.42 16.39 38.50
CA ASN I 399 22.52 16.80 39.38
C ASN I 399 21.90 17.19 40.72
N PRO I 400 22.69 17.24 41.78
CA PRO I 400 22.12 17.56 43.09
C PRO I 400 21.34 18.87 43.11
N LEU I 401 21.84 19.89 42.42
CA LEU I 401 21.14 21.16 42.35
C LEU I 401 19.78 21.00 41.67
N SER I 402 19.73 20.20 40.61
CA SER I 402 18.47 19.98 39.92
C SER I 402 17.45 19.35 40.87
N SER I 403 17.88 18.34 41.63
CA SER I 403 16.97 17.70 42.57
C SER I 403 16.50 18.67 43.64
N LEU I 404 17.41 19.49 44.17
CA LEU I 404 17.01 20.44 45.20
C LEU I 404 15.97 21.42 44.66
N ARG I 405 16.24 22.00 43.48
CA ARG I 405 15.29 22.96 42.93
C ARG I 405 13.94 22.31 42.65
N HIS I 406 13.96 21.11 42.09
CA HIS I 406 12.70 20.40 41.83
C HIS I 406 11.96 20.13 43.12
N LYS I 407 12.68 19.90 44.22
CA LYS I 407 12.03 19.65 45.50
C LYS I 407 11.46 20.91 46.11
N ARG I 408 12.03 22.07 45.85
CA ARG I 408 11.52 23.31 46.43
C ARG I 408 10.84 24.20 45.40
N ARG I 409 10.14 23.58 44.45
CA ARG I 409 9.43 24.31 43.41
C ARG I 409 7.97 24.47 43.78
N ILE I 410 7.42 25.66 43.58
CA ILE I 410 6.03 25.97 43.89
C ILE I 410 5.24 26.05 42.60
N SER I 411 4.15 25.32 42.53
CA SER I 411 3.31 25.28 41.35
C SER I 411 1.96 25.93 41.65
N ALA I 412 1.42 26.64 40.65
CA ALA I 412 0.11 27.25 40.79
C ALA I 412 -1.01 26.32 40.34
N LEU I 413 -0.80 25.62 39.23
CA LEU I 413 -1.76 24.63 38.79
C LEU I 413 -1.75 23.44 39.76
N GLY I 414 -2.56 22.43 39.47
CA GLY I 414 -2.69 21.30 40.37
C GLY I 414 -3.81 20.37 40.02
N PRO I 415 -4.65 20.06 41.00
CA PRO I 415 -5.72 19.07 40.78
C PRO I 415 -6.65 19.39 39.62
N GLY I 416 -6.83 20.67 39.30
CA GLY I 416 -7.60 21.02 38.11
C GLY I 416 -8.65 22.08 38.33
N GLY I 417 -9.29 22.07 39.49
CA GLY I 417 -10.29 23.08 39.78
C GLY I 417 -9.72 24.39 40.26
N LEU I 418 -8.40 24.51 40.36
CA LEU I 418 -7.75 25.68 40.93
C LEU I 418 -7.21 26.61 39.85
N THR I 419 -6.35 26.09 38.97
CA THR I 419 -5.88 26.84 37.80
C THR I 419 -5.41 25.83 36.77
N ARG I 420 -5.61 26.17 35.49
CA ARG I 420 -5.27 25.29 34.39
C ARG I 420 -4.35 26.02 33.42
N GLU I 421 -3.93 25.30 32.38
CA GLU I 421 -2.93 25.82 31.45
C GLU I 421 -3.51 26.84 30.47
N ARG I 422 -4.82 26.80 30.22
CA ARG I 422 -5.39 27.63 29.16
C ARG I 422 -5.20 29.11 29.45
N ALA I 423 -5.85 29.61 30.49
CA ALA I 423 -5.95 31.04 30.72
C ALA I 423 -5.45 31.37 32.12
N GLY I 424 -4.31 32.05 32.19
CA GLY I 424 -3.81 32.53 33.45
C GLY I 424 -3.06 33.85 33.36
N PHE I 425 -3.25 34.58 32.24
CA PHE I 425 -2.37 35.71 31.94
C PHE I 425 -2.42 36.78 33.01
N ASP I 426 -3.53 36.90 33.74
CA ASP I 426 -3.60 37.93 34.77
C ASP I 426 -2.63 37.65 35.90
N VAL I 427 -2.48 36.37 36.28
CA VAL I 427 -1.72 36.01 37.49
C VAL I 427 -0.30 35.60 37.19
N ARG I 428 0.09 35.45 35.93
CA ARG I 428 1.46 35.05 35.62
C ARG I 428 2.47 36.11 36.07
N ASP I 429 2.05 37.37 36.10
CA ASP I 429 2.97 38.43 36.48
C ASP I 429 3.24 38.41 37.97
N VAL I 430 4.40 38.94 38.35
CA VAL I 430 4.78 38.95 39.75
C VAL I 430 3.97 39.99 40.50
N HIS I 431 4.03 39.91 41.84
CA HIS I 431 3.33 40.84 42.71
C HIS I 431 4.34 41.57 43.57
N ARG I 432 3.90 42.69 44.14
CA ARG I 432 4.77 43.43 45.04
C ARG I 432 5.08 42.66 46.31
N THR I 433 4.31 41.62 46.61
CA THR I 433 4.52 40.83 47.82
C THR I 433 5.46 39.66 47.61
N HIS I 434 5.82 39.35 46.36
CA HIS I 434 6.80 38.28 46.13
C HIS I 434 8.16 38.63 46.67
N TYR I 435 8.40 39.90 46.98
CA TYR I 435 9.69 40.34 47.48
C TYR I 435 10.05 39.59 48.76
N GLY I 436 11.08 38.74 48.68
CA GLY I 436 11.53 38.00 49.83
C GLY I 436 10.82 36.69 50.08
N ARG I 437 9.84 36.35 49.27
CA ARG I 437 9.12 35.10 49.44
C ARG I 437 9.14 34.22 48.21
N ILE I 438 9.04 34.80 47.02
CA ILE I 438 9.07 34.05 45.77
C ILE I 438 10.14 34.67 44.88
N CYS I 439 10.96 33.83 44.29
CA CYS I 439 12.01 34.33 43.41
C CYS I 439 11.39 34.85 42.13
N PRO I 440 11.58 36.13 41.78
CA PRO I 440 10.99 36.67 40.55
C PRO I 440 11.72 36.25 39.29
N VAL I 441 12.72 35.38 39.38
CA VAL I 441 13.56 35.08 38.22
C VAL I 441 13.55 33.59 37.93
N GLU I 442 13.21 32.78 38.94
CA GLU I 442 13.33 31.33 38.82
C GLU I 442 12.33 30.71 37.84
N THR I 443 11.31 31.44 37.42
CA THR I 443 10.23 30.83 36.66
C THR I 443 10.76 30.22 35.37
N PRO I 444 10.20 29.08 34.93
CA PRO I 444 10.68 28.45 33.71
C PRO I 444 10.02 29.06 32.48
N GLU I 445 10.83 29.36 31.48
CA GLU I 445 10.32 29.91 30.24
C GLU I 445 9.50 28.85 29.51
N GLY I 446 8.46 29.31 28.82
CA GLY I 446 7.59 28.44 28.07
C GLY I 446 6.15 28.70 28.43
N ALA I 447 5.30 27.69 28.21
CA ALA I 447 3.90 27.84 28.58
C ALA I 447 3.74 28.02 30.08
N ASN I 448 4.46 27.25 30.87
CA ASN I 448 4.33 27.30 32.33
C ASN I 448 5.16 28.45 32.91
N ILE I 449 4.97 29.63 32.33
CA ILE I 449 5.71 30.81 32.75
C ILE I 449 4.90 31.55 33.80
N GLY I 450 5.53 31.84 34.93
CA GLY I 450 4.86 32.55 35.99
C GLY I 450 3.97 31.66 36.84
N LEU I 451 3.40 30.62 36.23
CA LEU I 451 2.60 29.67 36.98
C LEU I 451 3.46 28.87 37.95
N ILE I 452 4.56 28.32 37.44
CA ILE I 452 5.49 27.54 38.24
C ILE I 452 6.62 28.44 38.68
N THR I 453 6.97 28.37 39.97
CA THR I 453 8.03 29.20 40.51
C THR I 453 8.69 28.47 41.66
N SER I 454 9.61 29.15 42.32
CA SER I 454 10.31 28.57 43.47
C SER I 454 10.48 29.64 44.53
N LEU I 455 10.32 29.24 45.78
CA LEU I 455 10.42 30.19 46.89
C LEU I 455 11.86 30.59 47.12
N ALA I 456 12.02 31.74 47.75
CA ALA I 456 13.35 32.28 48.01
C ALA I 456 14.09 31.40 49.02
N ALA I 457 15.39 31.63 49.13
CA ALA I 457 16.22 30.81 50.00
C ALA I 457 15.79 30.95 51.46
N TYR I 458 15.72 32.17 51.96
CA TYR I 458 15.36 32.41 53.35
C TYR I 458 13.87 32.27 53.62
N ALA I 459 13.09 31.90 52.62
CA ALA I 459 11.66 31.72 52.81
C ALA I 459 11.39 30.53 53.72
N ARG I 460 10.27 30.59 54.43
CA ARG I 460 9.88 29.51 55.33
C ARG I 460 8.36 29.52 55.51
N VAL I 461 7.72 28.42 55.16
CA VAL I 461 6.31 28.24 55.45
C VAL I 461 6.15 27.85 56.90
N ASP I 462 5.32 28.60 57.64
CA ASP I 462 5.31 28.44 59.09
C ASP I 462 4.47 27.24 59.52
N GLU I 463 3.17 27.31 59.33
CA GLU I 463 2.31 26.15 59.53
C GLU I 463 1.28 25.96 58.44
N LEU I 464 0.81 27.02 57.78
CA LEU I 464 -0.23 26.95 56.75
C LEU I 464 0.19 27.83 55.59
N GLY I 465 1.01 27.29 54.71
CA GLY I 465 1.30 27.90 53.43
C GLY I 465 1.52 29.39 53.42
N PHE I 466 1.94 29.95 54.55
CA PHE I 466 2.14 31.38 54.71
C PHE I 466 3.63 31.63 54.79
N ILE I 467 4.21 32.04 53.66
CA ILE I 467 5.65 32.23 53.59
C ILE I 467 6.05 33.40 54.47
N ARG I 468 7.06 33.18 55.31
CA ARG I 468 7.53 34.21 56.22
C ARG I 468 8.95 34.60 55.85
N THR I 469 9.16 35.87 55.62
CA THR I 469 10.48 36.41 55.36
C THR I 469 11.14 36.82 56.67
N PRO I 470 12.39 36.45 56.89
CA PRO I 470 13.11 36.95 58.06
C PRO I 470 13.36 38.44 57.96
N TYR I 471 13.36 39.10 59.11
CA TYR I 471 13.68 40.52 59.19
C TYR I 471 14.36 40.81 60.51
N ARG I 472 15.30 41.74 60.49
CA ARG I 472 15.98 42.17 61.69
C ARG I 472 15.22 43.33 62.32
N ARG I 473 15.04 43.26 63.63
CA ARG I 473 14.33 44.30 64.36
C ARG I 473 15.21 45.54 64.45
N VAL I 474 14.65 46.69 64.09
CA VAL I 474 15.35 47.97 64.19
C VAL I 474 14.65 48.79 65.25
N VAL I 475 15.36 49.07 66.35
CA VAL I 475 14.84 49.88 67.44
C VAL I 475 15.71 51.14 67.51
N GLY I 476 15.10 52.29 67.29
CA GLY I 476 15.87 53.51 67.28
C GLY I 476 16.90 53.45 66.18
N GLY I 477 18.16 53.66 66.55
CA GLY I 477 19.26 53.60 65.61
C GLY I 477 20.11 52.34 65.68
N VAL I 478 19.67 51.31 66.37
CA VAL I 478 20.45 50.09 66.54
C VAL I 478 19.74 48.95 65.82
N VAL I 479 20.51 48.12 65.14
CA VAL I 479 20.00 46.93 64.49
C VAL I 479 20.31 45.73 65.39
N THR I 480 19.26 45.12 65.93
CA THR I 480 19.41 44.02 66.86
C THR I 480 19.53 42.71 66.10
N ASP I 481 20.29 41.77 66.69
CA ASP I 481 20.41 40.44 66.11
C ASP I 481 19.10 39.67 66.12
N GLU I 482 18.10 40.15 66.85
CA GLU I 482 16.79 39.52 66.86
C GLU I 482 16.25 39.39 65.44
N VAL I 483 15.85 38.17 65.08
CA VAL I 483 15.36 37.85 63.75
C VAL I 483 13.93 37.35 63.88
N VAL I 484 13.01 38.01 63.21
CA VAL I 484 11.58 37.71 63.34
C VAL I 484 10.99 37.53 61.95
N TYR I 485 10.08 36.56 61.81
CA TYR I 485 9.56 36.16 60.53
C TYR I 485 8.19 36.78 60.29
N MET I 486 8.08 37.60 59.25
CA MET I 486 6.83 38.24 58.87
C MET I 486 6.13 37.48 57.75
N THR I 487 4.80 37.46 57.81
CA THR I 487 4.00 37.13 56.65
C THR I 487 3.81 38.39 55.82
N ALA I 488 3.13 38.25 54.68
CA ALA I 488 2.90 39.41 53.82
C ALA I 488 2.08 40.46 54.55
N THR I 489 0.99 40.05 55.20
CA THR I 489 0.12 41.00 55.88
C THR I 489 0.84 41.70 57.01
N GLU I 490 1.63 40.95 57.78
CA GLU I 490 2.36 41.55 58.89
C GLU I 490 3.36 42.59 58.38
N GLU I 491 4.04 42.27 57.29
CA GLU I 491 5.02 43.20 56.73
C GLU I 491 4.37 44.42 56.10
N ASP I 492 3.12 44.28 55.67
CA ASP I 492 2.44 45.36 54.96
C ASP I 492 2.19 46.60 55.82
N ARG I 493 2.68 46.64 57.06
CA ARG I 493 2.34 47.73 57.97
C ARG I 493 3.54 48.47 58.51
N TYR I 494 4.76 48.02 58.26
CA TYR I 494 5.95 48.62 58.83
C TYR I 494 6.84 49.19 57.73
N THR I 495 7.90 49.86 58.16
CA THR I 495 8.91 50.39 57.26
C THR I 495 10.13 49.47 57.31
N ILE I 496 10.55 48.99 56.15
CA ILE I 496 11.61 48.00 56.04
C ILE I 496 12.80 48.66 55.37
N ALA I 497 13.97 48.54 55.99
CA ALA I 497 15.19 49.10 55.42
C ALA I 497 15.68 48.20 54.28
N GLN I 498 16.89 48.46 53.82
CA GLN I 498 17.54 47.63 52.82
C GLN I 498 18.90 47.18 53.33
N ALA I 499 19.27 45.94 52.97
CA ALA I 499 20.49 45.34 53.50
C ALA I 499 21.75 46.08 53.07
N ASN I 500 21.68 46.95 52.07
CA ASN I 500 22.85 47.64 51.55
C ASN I 500 23.15 48.95 52.27
N THR I 501 22.26 49.41 53.15
CA THR I 501 22.46 50.69 53.78
C THR I 501 23.70 50.65 54.68
N PRO I 502 24.46 51.74 54.73
CA PRO I 502 25.69 51.74 55.52
C PRO I 502 25.40 51.46 56.98
N LEU I 503 26.28 50.69 57.60
CA LEU I 503 26.08 50.21 58.96
C LEU I 503 27.35 50.43 59.77
N GLU I 504 27.19 51.02 60.96
CA GLU I 504 28.27 51.21 61.91
C GLU I 504 28.38 50.03 62.87
N GLY I 505 28.00 48.84 62.43
CA GLY I 505 27.88 47.72 63.33
C GLY I 505 26.47 47.66 63.89
N ASN I 506 26.28 48.22 65.07
CA ASN I 506 24.97 48.31 65.70
C ASN I 506 24.38 49.71 65.56
N ARG I 507 24.65 50.37 64.44
CA ARG I 507 24.18 51.73 64.27
C ARG I 507 24.10 52.05 62.78
N ILE I 508 22.98 52.65 62.39
CA ILE I 508 22.80 53.06 60.99
C ILE I 508 23.78 54.18 60.67
N ALA I 509 24.55 54.00 59.61
CA ALA I 509 25.60 54.95 59.25
C ALA I 509 25.16 55.98 58.22
N ALA I 510 23.91 55.93 57.76
CA ALA I 510 23.43 56.81 56.72
C ALA I 510 22.35 57.73 57.27
N GLU I 511 22.17 58.86 56.60
CA GLU I 511 21.13 59.81 56.97
C GLU I 511 19.83 59.54 56.21
N ARG I 512 19.88 59.62 54.89
CA ARG I 512 18.73 59.31 54.05
C ARG I 512 18.78 57.83 53.68
N VAL I 513 17.83 57.06 54.17
CA VAL I 513 17.84 55.60 54.04
C VAL I 513 16.70 55.17 53.13
N VAL I 514 17.01 54.27 52.19
CA VAL I 514 15.97 53.72 51.34
C VAL I 514 15.15 52.70 52.13
N ALA I 515 13.88 52.60 51.76
CA ALA I 515 12.95 51.75 52.51
C ALA I 515 11.78 51.41 51.62
N ARG I 516 10.96 50.47 52.07
CA ARG I 516 9.72 50.10 51.39
C ARG I 516 8.58 50.42 52.34
N ARG I 517 7.85 51.50 52.06
CA ARG I 517 6.74 51.89 52.91
C ARG I 517 5.68 50.81 52.91
N LYS I 518 5.05 50.60 51.76
CA LYS I 518 4.18 49.45 51.53
C LYS I 518 4.42 49.04 50.08
N GLY I 519 5.45 48.23 49.87
CA GLY I 519 5.87 47.92 48.51
C GLY I 519 6.25 49.14 47.70
N GLU I 520 6.58 50.26 48.35
CA GLU I 520 6.89 51.50 47.66
C GLU I 520 8.30 51.94 48.00
N PRO I 521 9.19 52.04 47.04
CA PRO I 521 10.54 52.54 47.32
C PRO I 521 10.51 54.00 47.73
N VAL I 522 10.80 54.28 49.00
CA VAL I 522 10.80 55.64 49.53
C VAL I 522 12.13 55.88 50.23
N ILE I 523 12.38 57.14 50.57
CA ILE I 523 13.57 57.54 51.28
C ILE I 523 13.15 58.27 52.54
N VAL I 524 13.66 57.81 53.69
CA VAL I 524 13.21 58.26 54.99
C VAL I 524 14.43 58.51 55.87
N SER I 525 14.17 58.87 57.11
CA SER I 525 15.14 59.05 58.17
C SER I 525 15.29 57.78 58.99
N PRO I 526 16.45 57.56 59.61
CA PRO I 526 16.66 56.31 60.35
C PRO I 526 15.66 56.11 61.47
N GLU I 527 15.14 57.18 62.07
CA GLU I 527 14.22 57.04 63.19
C GLU I 527 12.91 56.38 62.81
N GLU I 528 12.59 56.34 61.52
CA GLU I 528 11.30 55.83 61.05
C GLU I 528 11.39 54.41 60.51
N VAL I 529 12.49 53.71 60.75
CA VAL I 529 12.68 52.35 60.26
C VAL I 529 12.54 51.39 61.42
N GLU I 530 11.72 50.36 61.24
CA GLU I 530 11.52 49.35 62.27
C GLU I 530 12.14 48.00 61.92
N PHE I 531 12.27 47.68 60.64
CA PHE I 531 12.76 46.39 60.23
C PHE I 531 13.79 46.54 59.11
N MET I 532 14.67 45.55 59.02
CA MET I 532 15.76 45.53 58.07
C MET I 532 15.81 44.17 57.39
N ASP I 533 16.22 44.15 56.12
CA ASP I 533 16.43 42.89 55.43
C ASP I 533 17.67 42.19 55.97
N VAL I 534 17.58 40.87 56.12
CA VAL I 534 18.71 40.10 56.60
C VAL I 534 19.85 40.10 55.59
N SER I 535 19.53 39.80 54.34
CA SER I 535 20.55 39.70 53.31
C SER I 535 19.89 39.68 51.94
N PRO I 536 20.54 40.23 50.91
CA PRO I 536 19.92 40.23 49.57
C PRO I 536 19.62 38.84 49.07
N LYS I 537 20.35 37.82 49.54
CA LYS I 537 20.07 36.45 49.12
C LYS I 537 18.64 36.04 49.43
N GLN I 538 17.99 36.69 50.39
CA GLN I 538 16.63 36.32 50.74
C GLN I 538 15.64 36.70 49.65
N VAL I 539 16.06 37.43 48.63
CA VAL I 539 15.13 37.86 47.59
C VAL I 539 15.08 36.87 46.43
N PHE I 540 16.09 36.02 46.27
CA PHE I 540 16.18 35.14 45.12
C PHE I 540 16.22 33.68 45.57
N SER I 541 15.91 32.79 44.63
CA SER I 541 15.85 31.37 44.91
C SER I 541 17.26 30.80 45.07
N VAL I 542 17.32 29.50 45.35
CA VAL I 542 18.61 28.84 45.49
C VAL I 542 19.35 28.84 44.17
N ASN I 543 18.66 28.46 43.09
CA ASN I 543 19.34 28.29 41.82
C ASN I 543 19.91 29.61 41.31
N THR I 544 19.16 30.69 41.47
CA THR I 544 19.64 31.99 41.00
C THR I 544 20.77 32.52 41.86
N ASN I 545 20.78 32.19 43.16
CA ASN I 545 21.83 32.69 44.04
C ASN I 545 23.21 32.17 43.66
N LEU I 546 23.31 31.16 42.81
CA LEU I 546 24.60 30.63 42.43
C LEU I 546 25.27 31.43 41.33
N ILE I 547 24.56 32.33 40.66
CA ILE I 547 25.16 33.15 39.61
C ILE I 547 25.93 34.28 40.28
N PRO I 548 27.23 34.39 40.04
CA PRO I 548 28.05 35.31 40.85
C PRO I 548 27.69 36.78 40.68
N PHE I 549 27.81 37.29 39.46
CA PHE I 549 27.63 38.72 39.22
C PHE I 549 26.23 38.99 38.66
N LEU I 550 25.25 38.79 39.54
CA LEU I 550 23.87 39.08 39.16
C LEU I 550 23.62 40.57 39.05
N GLU I 551 24.35 41.38 39.82
CA GLU I 551 24.11 42.82 39.84
C GLU I 551 24.39 43.48 38.50
N HIS I 552 25.11 42.82 37.60
CA HIS I 552 25.42 43.39 36.30
C HIS I 552 24.90 42.51 35.17
N ASP I 553 23.65 42.07 35.28
CA ASP I 553 23.10 41.13 34.31
C ASP I 553 21.63 41.42 34.09
N ASP I 554 21.14 41.04 32.90
CA ASP I 554 19.74 41.24 32.58
C ASP I 554 18.90 40.10 33.14
N ALA I 555 17.64 40.44 33.45
CA ALA I 555 16.76 39.46 34.08
C ALA I 555 16.47 38.28 33.16
N ASN I 556 16.33 38.53 31.86
CA ASN I 556 16.11 37.43 30.93
C ASN I 556 17.29 36.47 30.93
N ARG I 557 18.49 37.02 30.77
CA ARG I 557 19.68 36.18 30.72
C ARG I 557 19.93 35.50 32.06
N ALA I 558 19.69 36.22 33.16
CA ALA I 558 19.83 35.59 34.47
C ALA I 558 18.88 34.42 34.62
N LEU I 559 17.63 34.60 34.18
CA LEU I 559 16.65 33.51 34.24
C LEU I 559 17.12 32.30 33.45
N MET I 560 17.54 32.53 32.21
CA MET I 560 17.86 31.38 31.37
C MET I 560 19.16 30.71 31.82
N GLY I 561 20.11 31.48 32.34
CA GLY I 561 21.28 30.86 32.94
C GLY I 561 20.96 30.07 34.20
N SER I 562 20.04 30.58 35.01
CA SER I 562 19.62 29.85 36.19
C SER I 562 18.94 28.54 35.81
N ASN I 563 18.15 28.56 34.75
CA ASN I 563 17.57 27.31 34.26
C ASN I 563 18.65 26.35 33.76
N MET I 564 19.64 26.86 33.03
CA MET I 564 20.68 25.97 32.52
C MET I 564 21.56 25.42 33.61
N GLN I 565 21.71 26.12 34.74
CA GLN I 565 22.41 25.51 35.86
C GLN I 565 21.79 24.18 36.24
N THR I 566 20.47 24.07 36.15
CA THR I 566 19.77 22.86 36.55
C THR I 566 20.19 21.67 35.70
N GLN I 567 20.34 21.86 34.39
CA GLN I 567 20.52 20.76 33.45
C GLN I 567 21.97 20.60 33.01
N ALA I 568 22.93 20.78 33.91
CA ALA I 568 24.34 20.57 33.62
C ALA I 568 24.74 19.18 34.08
N VAL I 569 25.22 18.37 33.15
CA VAL I 569 25.58 16.97 33.47
C VAL I 569 26.83 16.97 34.34
N PRO I 570 26.94 16.09 35.34
CA PRO I 570 28.17 16.02 36.13
C PRO I 570 29.29 15.37 35.34
N LEU I 571 30.46 15.98 35.38
CA LEU I 571 31.60 15.55 34.58
C LEU I 571 32.46 14.57 35.36
N ILE I 572 33.37 13.91 34.64
CA ILE I 572 34.25 12.94 35.26
C ILE I 572 35.18 13.64 36.26
N ARG I 573 35.82 14.72 35.83
CA ARG I 573 36.63 15.54 36.71
C ARG I 573 36.08 16.95 36.65
N ALA I 574 35.05 17.21 37.43
CA ALA I 574 34.46 18.53 37.54
C ALA I 574 35.11 19.28 38.70
N GLN I 575 35.22 20.58 38.56
CA GLN I 575 35.92 21.39 39.54
C GLN I 575 35.12 22.64 39.86
N ALA I 576 35.34 23.16 41.06
CA ALA I 576 34.58 24.30 41.53
C ALA I 576 34.86 25.53 40.67
N PRO I 577 33.86 26.40 40.50
CA PRO I 577 34.10 27.62 39.72
C PRO I 577 35.13 28.51 40.38
N VAL I 578 35.89 29.23 39.54
CA VAL I 578 36.89 30.15 40.06
C VAL I 578 36.22 31.23 40.91
N VAL I 579 35.08 31.74 40.44
CA VAL I 579 34.30 32.72 41.18
C VAL I 579 33.08 31.99 41.73
N MET I 580 32.95 31.99 43.04
CA MET I 580 31.82 31.36 43.72
C MET I 580 30.99 32.42 44.41
N THR I 581 29.75 32.06 44.74
CA THR I 581 28.88 32.95 45.49
C THR I 581 28.90 32.66 46.99
N GLY I 582 29.13 31.41 47.37
CA GLY I 582 29.18 31.04 48.78
C GLY I 582 28.10 30.06 49.20
N LEU I 583 27.18 29.67 48.33
CA LEU I 583 26.15 28.71 48.65
C LEU I 583 26.48 27.30 48.21
N GLU I 584 27.65 27.09 47.61
CA GLU I 584 28.00 25.78 47.07
C GLU I 584 28.06 24.73 48.18
N GLU I 585 28.76 25.05 49.27
CA GLU I 585 28.87 24.11 50.38
C GLU I 585 27.52 23.83 50.99
N ARG I 586 26.67 24.85 51.12
CA ARG I 586 25.35 24.64 51.67
C ARG I 586 24.51 23.75 50.77
N VAL I 587 24.62 23.93 49.45
CA VAL I 587 23.82 23.12 48.53
C VAL I 587 24.28 21.66 48.59
N VAL I 588 25.59 21.43 48.55
CA VAL I 588 26.03 20.03 48.57
C VAL I 588 25.76 19.40 49.93
N ARG I 589 25.80 20.16 51.01
CA ARG I 589 25.52 19.59 52.32
C ARG I 589 24.04 19.25 52.46
N ASP I 590 23.17 20.20 52.13
CA ASP I 590 21.76 20.02 52.42
C ASP I 590 21.12 19.00 51.49
N SER I 591 21.50 19.00 50.21
CA SER I 591 21.10 17.91 49.33
C SER I 591 21.98 16.72 49.64
N LEU I 592 21.38 15.64 50.15
CA LEU I 592 22.17 14.54 50.67
C LEU I 592 22.84 13.76 49.54
N ALA I 593 23.85 14.36 48.92
CA ALA I 593 24.62 13.70 47.88
C ALA I 593 25.98 13.20 48.35
N ALA I 594 26.56 13.85 49.35
CA ALA I 594 27.85 13.46 49.88
C ALA I 594 27.68 12.75 51.21
N LEU I 595 28.80 12.35 51.80
CA LEU I 595 28.82 11.71 53.11
C LEU I 595 29.64 12.56 54.07
N TYR I 596 29.16 12.69 55.30
CA TYR I 596 29.80 13.53 56.28
C TYR I 596 30.01 12.77 57.58
N ALA I 597 30.96 13.25 58.37
CA ALA I 597 31.28 12.61 59.65
C ALA I 597 30.34 13.11 60.72
N GLU I 598 29.49 12.23 61.24
CA GLU I 598 28.47 12.63 62.19
C GLU I 598 29.04 12.99 63.56
N GLU I 599 30.27 12.60 63.84
CA GLU I 599 30.87 12.88 65.14
C GLU I 599 32.38 12.88 65.00
N ASP I 600 33.04 13.50 65.97
CA ASP I 600 34.50 13.49 66.00
C ASP I 600 35.01 12.06 66.06
N GLY I 601 36.02 11.76 65.26
CA GLY I 601 36.55 10.42 65.21
C GLY I 601 37.69 10.34 64.22
N GLU I 602 38.16 9.12 63.99
CA GLU I 602 39.22 8.86 63.05
C GLU I 602 38.80 7.78 62.06
N VAL I 603 39.21 7.95 60.81
CA VAL I 603 38.86 6.98 59.78
C VAL I 603 39.57 5.66 60.04
N ALA I 604 38.85 4.56 59.90
CA ALA I 604 39.46 3.24 60.05
C ALA I 604 39.88 2.65 58.70
N LYS I 605 38.92 2.44 57.81
CA LYS I 605 39.18 1.81 56.52
C LYS I 605 38.50 2.58 55.41
N VAL I 606 39.21 2.80 54.31
CA VAL I 606 38.66 3.48 53.14
C VAL I 606 38.97 2.65 51.90
N ASP I 607 37.92 2.18 51.24
CA ASP I 607 38.06 1.39 50.03
C ASP I 607 37.30 2.08 48.90
N GLY I 608 37.28 1.43 47.74
CA GLY I 608 36.62 2.02 46.59
C GLY I 608 35.12 2.10 46.70
N ASN I 609 34.52 1.35 47.62
CA ASN I 609 33.06 1.32 47.72
C ASN I 609 32.51 1.46 49.13
N ARG I 610 33.29 1.22 50.18
CA ARG I 610 32.78 1.36 51.53
C ARG I 610 33.81 2.04 52.39
N ILE I 611 33.36 2.74 53.43
CA ILE I 611 34.23 3.42 54.37
C ILE I 611 33.78 3.07 55.78
N VAL I 612 34.68 2.50 56.57
CA VAL I 612 34.39 2.17 57.96
C VAL I 612 35.11 3.18 58.83
N VAL I 613 34.37 3.85 59.70
CA VAL I 613 34.90 4.92 60.54
C VAL I 613 34.56 4.62 61.99
N ARG I 614 35.55 4.71 62.86
CA ARG I 614 35.37 4.48 64.29
C ARG I 614 35.28 5.82 65.00
N TYR I 615 34.12 6.11 65.58
CA TYR I 615 33.90 7.38 66.24
C TYR I 615 34.62 7.42 67.58
N GLU I 616 34.59 8.59 68.22
CA GLU I 616 35.21 8.75 69.53
C GLU I 616 34.53 7.90 70.59
N ASP I 617 33.27 7.53 70.39
CA ASP I 617 32.56 6.69 71.35
C ASP I 617 33.09 5.27 71.37
N GLY I 618 33.96 4.90 70.43
CA GLY I 618 34.38 3.53 70.27
C GLY I 618 33.52 2.73 69.32
N ARG I 619 32.41 3.29 68.84
CA ARG I 619 31.53 2.61 67.91
C ARG I 619 32.02 2.85 66.49
N LEU I 620 32.19 1.76 65.75
CA LEU I 620 32.60 1.84 64.34
C LEU I 620 31.37 1.64 63.47
N VAL I 621 31.26 2.44 62.41
CA VAL I 621 30.10 2.48 61.55
C VAL I 621 30.56 2.40 60.11
N GLU I 622 29.82 1.65 59.30
CA GLU I 622 30.15 1.47 57.90
C GLU I 622 29.21 2.27 57.01
N TYR I 623 29.79 3.00 56.06
CA TYR I 623 29.06 3.79 55.09
C TYR I 623 29.32 3.18 53.71
N PRO I 624 28.32 2.66 53.03
CA PRO I 624 28.52 2.19 51.66
C PRO I 624 28.39 3.34 50.66
N LEU I 625 28.90 3.09 49.46
CA LEU I 625 28.89 4.08 48.39
C LEU I 625 28.18 3.52 47.17
N ARG I 626 27.28 4.31 46.59
CA ARG I 626 26.73 3.98 45.29
C ARG I 626 27.78 4.29 44.24
N ARG I 627 28.54 3.27 43.83
CA ARG I 627 29.74 3.51 43.04
C ARG I 627 29.39 4.11 41.68
N PHE I 628 28.48 3.47 40.96
CA PHE I 628 28.00 3.98 39.66
C PHE I 628 26.49 3.74 39.62
N TYR I 629 25.73 4.73 40.07
CA TYR I 629 24.28 4.62 40.15
C TYR I 629 23.64 5.42 39.03
N ARG I 630 22.82 4.76 38.23
CA ARG I 630 22.12 5.45 37.16
C ARG I 630 21.15 6.46 37.73
N SER I 631 21.13 7.65 37.13
CA SER I 631 20.23 8.70 37.55
C SER I 631 18.84 8.44 37.02
N ASN I 632 17.90 9.32 37.40
CA ASN I 632 16.60 9.31 36.74
C ASN I 632 16.72 9.68 35.28
N GLN I 633 17.58 10.64 34.96
CA GLN I 633 17.72 11.15 33.61
C GLN I 633 18.84 10.48 32.83
N GLY I 634 19.52 9.50 33.41
CA GLY I 634 20.52 8.74 32.69
C GLY I 634 21.96 9.11 32.95
N THR I 635 22.23 9.99 33.91
CA THR I 635 23.62 10.30 34.25
C THR I 635 24.12 9.28 35.26
N ALA I 636 25.29 9.53 35.84
CA ALA I 636 25.91 8.63 36.80
C ALA I 636 26.14 9.37 38.11
N LEU I 637 25.77 8.72 39.21
CA LEU I 637 25.96 9.27 40.56
C LEU I 637 27.03 8.44 41.25
N ASP I 638 28.16 9.07 41.58
CA ASP I 638 29.27 8.39 42.22
C ASP I 638 29.67 9.15 43.48
N GLN I 639 30.00 8.40 44.53
CA GLN I 639 30.64 8.97 45.71
C GLN I 639 32.11 8.58 45.68
N ARG I 640 32.98 9.58 45.57
CA ARG I 640 34.41 9.33 45.57
C ARG I 640 34.96 9.61 46.96
N PRO I 641 35.71 8.69 47.55
CA PRO I 641 36.26 8.95 48.88
C PRO I 641 37.19 10.14 48.88
N ARG I 642 37.16 10.91 49.96
CA ARG I 642 38.01 12.08 50.11
C ARG I 642 38.82 12.03 51.40
N VAL I 643 39.01 10.85 51.96
CA VAL I 643 39.80 10.68 53.18
C VAL I 643 40.72 9.48 53.02
N VAL I 644 41.73 9.44 53.87
CA VAL I 644 42.74 8.39 53.83
C VAL I 644 42.65 7.59 55.12
N VAL I 645 43.22 6.38 55.08
CA VAL I 645 43.20 5.51 56.25
C VAL I 645 43.90 6.20 57.41
N GLY I 646 43.31 6.09 58.59
CA GLY I 646 43.90 6.67 59.78
C GLY I 646 43.93 8.18 59.78
N GLN I 647 42.87 8.82 59.29
CA GLN I 647 42.79 10.27 59.19
C GLN I 647 41.73 10.78 60.16
N ARG I 648 42.11 11.73 61.00
CA ARG I 648 41.15 12.31 61.91
C ARG I 648 40.16 13.19 61.16
N VAL I 649 38.92 13.19 61.64
CA VAL I 649 37.86 14.00 61.06
C VAL I 649 37.15 14.74 62.17
N ARG I 650 36.45 15.81 61.79
CA ARG I 650 35.65 16.60 62.71
C ARG I 650 34.17 16.28 62.50
N LYS I 651 33.36 16.65 63.48
CA LYS I 651 31.92 16.51 63.34
C LYS I 651 31.42 17.28 62.14
N GLY I 652 30.67 16.61 61.27
CA GLY I 652 30.14 17.26 60.09
C GLY I 652 31.14 17.49 58.99
N ASP I 653 32.34 16.93 59.09
CA ASP I 653 33.34 17.11 58.06
C ASP I 653 33.05 16.21 56.86
N LEU I 654 33.67 16.54 55.74
CA LEU I 654 33.44 15.80 54.51
C LEU I 654 34.11 14.43 54.57
N LEU I 655 33.44 13.43 54.01
CA LEU I 655 33.99 12.08 53.88
C LEU I 655 34.15 11.66 52.43
N ALA I 656 33.10 11.76 51.63
CA ALA I 656 33.16 11.37 50.23
C ALA I 656 32.46 12.42 49.38
N ASP I 657 33.01 12.67 48.20
CA ASP I 657 32.42 13.62 47.29
C ASP I 657 31.07 13.12 46.78
N GLY I 658 30.23 14.06 46.40
CA GLY I 658 28.98 13.74 45.74
C GLY I 658 29.21 13.52 44.26
N PRO I 659 28.13 13.41 43.50
CA PRO I 659 28.29 13.26 42.04
C PRO I 659 28.97 14.46 41.39
N ALA I 660 28.76 15.66 41.90
CA ALA I 660 29.25 16.89 41.27
C ALA I 660 29.84 17.83 42.31
N SER I 661 30.71 17.30 43.18
CA SER I 661 31.35 18.09 44.22
C SER I 661 32.84 17.88 44.16
N GLU I 662 33.61 18.96 44.23
CA GLU I 662 35.06 18.84 44.27
C GLU I 662 35.55 18.56 45.69
N ASN I 663 35.34 19.51 46.60
CA ASN I 663 35.57 19.29 48.03
C ASN I 663 34.48 20.05 48.76
N GLY I 664 33.35 19.38 48.96
CA GLY I 664 32.21 20.04 49.59
C GLY I 664 31.78 21.30 48.87
N PHE I 665 32.02 21.38 47.57
CA PHE I 665 31.67 22.56 46.79
C PHE I 665 30.98 22.11 45.51
N LEU I 666 29.86 22.75 45.20
CA LEU I 666 29.10 22.40 44.01
C LEU I 666 29.93 22.62 42.76
N ALA I 667 30.31 21.54 42.09
CA ALA I 667 31.20 21.60 40.93
C ALA I 667 30.51 20.88 39.77
N LEU I 668 29.94 21.66 38.86
CA LEU I 668 29.25 21.13 37.68
C LEU I 668 29.70 21.96 36.48
N GLY I 669 30.82 21.56 35.88
CA GLY I 669 31.43 22.30 34.81
C GLY I 669 32.92 22.33 34.98
N GLN I 670 33.56 23.27 34.28
CA GLN I 670 35.01 23.40 34.30
C GLN I 670 35.38 24.87 34.36
N ASN I 671 36.63 25.13 34.72
CA ASN I 671 37.19 26.48 34.67
C ASN I 671 38.21 26.54 33.55
N VAL I 672 37.94 27.36 32.54
CA VAL I 672 38.74 27.34 31.32
C VAL I 672 39.19 28.75 30.96
N LEU I 673 40.28 28.82 30.19
CA LEU I 673 40.78 30.06 29.64
C LEU I 673 39.92 30.42 28.43
N VAL I 674 39.24 31.56 28.52
CA VAL I 674 38.37 32.05 27.46
C VAL I 674 38.95 33.34 26.92
N ALA I 675 38.94 33.48 25.61
CA ALA I 675 39.32 34.71 24.93
C ALA I 675 38.09 35.26 24.23
N ILE I 676 37.70 36.50 24.57
CA ILE I 676 36.48 37.09 24.03
C ILE I 676 36.89 37.87 22.79
N MET I 677 36.90 37.18 21.64
CA MET I 677 37.21 37.82 20.37
C MET I 677 36.58 37.01 19.27
N PRO I 678 36.20 37.63 18.15
CA PRO I 678 35.57 36.88 17.06
C PRO I 678 36.62 36.09 16.29
N PHE I 679 36.43 34.78 16.19
CA PHE I 679 37.29 33.99 15.34
C PHE I 679 36.73 34.06 13.92
N ASP I 680 37.24 33.22 13.01
CA ASP I 680 36.97 33.42 11.60
C ASP I 680 35.48 33.43 11.31
N GLY I 681 34.82 32.29 11.45
CA GLY I 681 33.39 32.30 11.37
C GLY I 681 32.85 31.25 12.32
N TYR I 682 33.76 30.56 12.98
CA TYR I 682 33.38 29.39 13.76
C TYR I 682 32.61 29.76 15.01
N ASN I 683 32.77 30.98 15.52
CA ASN I 683 31.84 31.52 16.51
C ASN I 683 31.13 32.66 15.81
N PHE I 684 30.11 32.31 15.02
CA PHE I 684 29.52 33.30 14.13
C PHE I 684 28.48 34.15 14.85
N GLU I 685 27.40 33.53 15.30
CA GLU I 685 26.35 34.28 16.00
C GLU I 685 26.28 33.89 17.47
N ASP I 686 26.23 32.59 17.77
CA ASP I 686 26.35 32.16 19.15
C ASP I 686 27.17 30.89 19.30
N ALA I 687 27.72 30.35 18.21
CA ALA I 687 28.52 29.14 18.29
C ALA I 687 29.79 29.40 19.11
N ILE I 688 30.50 28.32 19.40
CA ILE I 688 31.64 28.35 20.31
C ILE I 688 32.77 27.55 19.69
N VAL I 689 33.99 28.04 19.85
CA VAL I 689 35.20 27.35 19.42
C VAL I 689 35.93 26.84 20.65
N ILE I 690 36.32 25.57 20.62
CA ILE I 690 37.02 24.97 21.74
C ILE I 690 38.34 24.38 21.26
N SER I 691 39.28 24.29 22.19
CA SER I 691 40.58 23.70 21.89
C SER I 691 40.49 22.18 21.90
N GLU I 692 41.50 21.56 21.33
CA GLU I 692 41.68 20.12 21.50
C GLU I 692 42.42 19.81 22.79
N GLU I 693 42.97 20.82 23.46
CA GLU I 693 43.55 20.60 24.78
C GLU I 693 42.50 20.08 25.74
N LEU I 694 41.29 20.62 25.68
CA LEU I 694 40.20 20.14 26.51
C LEU I 694 39.80 18.70 26.17
N LEU I 695 40.24 18.18 25.02
CA LEU I 695 40.00 16.80 24.68
C LEU I 695 41.22 15.91 24.83
N LYS I 696 42.42 16.45 24.61
CA LYS I 696 43.63 15.64 24.79
C LYS I 696 43.73 15.13 26.22
N ARG I 697 43.45 15.99 27.19
CA ARG I 697 43.14 15.56 28.54
C ARG I 697 41.62 15.56 28.68
N ASP I 698 41.07 14.46 29.20
CA ASP I 698 39.63 14.41 29.38
C ASP I 698 39.20 15.49 30.34
N PHE I 699 38.50 16.49 29.84
CA PHE I 699 38.10 17.62 30.67
C PHE I 699 36.62 17.96 30.54
N TYR I 700 36.00 17.62 29.42
CA TYR I 700 34.55 17.65 29.26
C TYR I 700 34.13 16.27 28.78
N THR I 701 33.94 15.35 29.73
CA THR I 701 33.57 13.99 29.42
C THR I 701 32.63 13.48 30.50
N SER I 702 31.64 12.69 30.11
CA SER I 702 30.62 12.26 31.05
C SER I 702 30.19 10.84 30.78
N ILE I 703 29.88 10.10 31.83
CA ILE I 703 29.41 8.73 31.71
C ILE I 703 27.90 8.75 31.59
N HIS I 704 27.37 8.06 30.58
CA HIS I 704 25.94 8.00 30.36
C HIS I 704 25.52 6.54 30.26
N ILE I 705 24.49 6.17 31.00
CA ILE I 705 24.08 4.78 31.14
C ILE I 705 22.65 4.64 30.61
N GLU I 706 22.45 3.68 29.71
CA GLU I 706 21.13 3.37 29.16
C GLU I 706 20.66 2.05 29.75
N ARG I 707 19.40 2.04 30.20
CA ARG I 707 18.83 0.88 30.88
C ARG I 707 17.81 0.23 29.96
N TYR I 708 18.21 -0.85 29.30
CA TYR I 708 17.31 -1.61 28.47
C TYR I 708 16.58 -2.65 29.32
N GLU I 709 15.39 -3.03 28.86
CA GLU I 709 14.56 -3.97 29.60
C GLU I 709 13.78 -4.84 28.63
N ILE I 710 13.78 -6.15 28.86
CA ILE I 710 13.00 -7.06 28.03
C ILE I 710 12.32 -8.09 28.91
N GLU I 711 11.07 -8.40 28.60
CA GLU I 711 10.24 -9.28 29.41
C GLU I 711 9.92 -10.56 28.64
N ALA I 712 9.91 -11.67 29.37
CA ALA I 712 9.29 -12.91 28.89
C ALA I 712 7.98 -13.08 29.65
N ARG I 713 6.90 -13.25 28.90
CA ARG I 713 5.56 -13.28 29.47
C ARG I 713 4.78 -14.47 28.93
N ASP I 714 3.79 -14.90 29.70
CA ASP I 714 3.02 -16.10 29.39
C ASP I 714 1.95 -15.75 28.37
N THR I 715 2.04 -16.37 27.19
CA THR I 715 1.05 -16.22 26.14
C THR I 715 0.20 -17.47 26.03
N LYS I 716 -0.95 -17.33 25.36
CA LYS I 716 -1.76 -18.49 25.04
C LYS I 716 -1.00 -19.44 24.13
N LEU I 717 -0.12 -18.90 23.28
CA LEU I 717 0.81 -19.73 22.53
C LEU I 717 1.68 -20.55 23.45
N GLY I 718 1.92 -20.05 24.67
CA GLY I 718 2.82 -20.67 25.60
C GLY I 718 3.83 -19.67 26.12
N PRO I 719 4.43 -19.97 27.27
CA PRO I 719 5.44 -19.07 27.82
C PRO I 719 6.60 -18.89 26.86
N GLU I 720 7.06 -17.64 26.76
CA GLU I 720 8.24 -17.30 25.96
C GLU I 720 9.48 -17.52 26.82
N ARG I 721 10.35 -18.43 26.38
CA ARG I 721 11.52 -18.82 27.16
C ARG I 721 12.73 -18.03 26.71
N ILE I 722 13.40 -17.38 27.66
CA ILE I 722 14.62 -16.63 27.39
C ILE I 722 15.76 -17.65 27.39
N THR I 723 16.20 -18.04 26.20
CA THR I 723 17.22 -19.06 26.05
C THR I 723 18.37 -18.52 25.22
N ARG I 724 19.58 -19.00 25.54
CA ARG I 724 20.76 -18.59 24.78
C ARG I 724 20.64 -19.02 23.33
N ASP I 725 20.03 -20.16 23.07
CA ASP I 725 19.91 -20.66 21.71
C ASP I 725 19.07 -19.70 20.87
N ILE I 726 19.42 -19.61 19.59
CA ILE I 726 18.73 -18.75 18.63
C ILE I 726 17.98 -19.66 17.67
N PRO I 727 16.71 -19.38 17.37
CA PRO I 727 15.92 -20.32 16.56
C PRO I 727 16.50 -20.62 15.18
N HIS I 728 16.65 -19.61 14.33
CA HIS I 728 16.95 -19.92 12.94
C HIS I 728 18.44 -19.84 12.59
N LEU I 729 19.05 -18.67 12.70
CA LEU I 729 20.34 -18.46 12.05
C LEU I 729 21.46 -18.04 12.99
N SER I 730 21.28 -16.97 13.74
CA SER I 730 22.41 -16.25 14.33
C SER I 730 23.08 -17.12 15.40
N GLU I 731 24.28 -17.62 15.09
CA GLU I 731 25.05 -18.37 16.08
C GLU I 731 26.49 -17.88 16.13
N ALA I 732 26.98 -17.33 15.02
CA ALA I 732 28.34 -16.81 15.00
C ALA I 732 28.50 -15.63 15.97
N ALA I 733 27.56 -14.69 15.94
CA ALA I 733 27.58 -13.56 16.85
C ALA I 733 27.17 -13.93 18.27
N LEU I 734 26.72 -15.17 18.48
CA LEU I 734 26.31 -15.63 19.79
C LEU I 734 27.47 -15.72 20.76
N ARG I 735 28.70 -15.59 20.29
CA ARG I 735 29.88 -15.71 21.15
C ARG I 735 29.84 -14.73 22.31
N ASP I 736 29.24 -13.56 22.12
CA ASP I 736 29.12 -12.62 23.22
C ASP I 736 28.02 -13.03 24.19
N LEU I 737 27.07 -13.85 23.76
CA LEU I 737 26.01 -14.31 24.63
C LEU I 737 26.48 -15.60 25.29
N ASP I 738 27.10 -15.48 26.46
CA ASP I 738 27.74 -16.63 27.08
C ASP I 738 26.74 -17.51 27.82
N GLU I 739 26.11 -16.97 28.86
CA GLU I 739 25.24 -17.77 29.69
C GLU I 739 23.86 -17.87 29.04
N GLU I 740 22.88 -18.32 29.81
CA GLU I 740 21.55 -18.60 29.29
C GLU I 740 20.80 -17.29 29.12
N GLY I 741 20.83 -16.74 27.91
CA GLY I 741 20.06 -15.56 27.56
C GLY I 741 20.70 -14.22 27.83
N VAL I 742 21.38 -14.09 28.95
CA VAL I 742 21.95 -12.80 29.35
C VAL I 742 23.37 -12.69 28.79
N VAL I 743 23.70 -11.52 28.27
CA VAL I 743 25.01 -11.27 27.70
C VAL I 743 26.02 -11.11 28.84
N ARG I 744 27.26 -11.48 28.57
CA ARG I 744 28.30 -11.43 29.59
C ARG I 744 28.65 -9.98 29.93
N ILE I 745 28.90 -9.74 31.21
CA ILE I 745 29.29 -8.41 31.66
C ILE I 745 30.65 -8.04 31.07
N GLY I 746 30.86 -6.75 30.87
CA GLY I 746 32.13 -6.26 30.38
C GLY I 746 32.38 -6.45 28.91
N ALA I 747 31.36 -6.82 28.14
CA ALA I 747 31.50 -7.07 26.71
C ALA I 747 30.97 -5.88 25.94
N GLU I 748 31.79 -5.33 25.06
CA GLU I 748 31.39 -4.20 24.24
C GLU I 748 30.29 -4.62 23.27
N VAL I 749 29.36 -3.70 23.01
CA VAL I 749 28.22 -3.98 22.14
C VAL I 749 28.08 -2.89 21.09
N LYS I 750 27.81 -3.29 19.86
CA LYS I 750 27.47 -2.41 18.76
C LYS I 750 25.97 -2.47 18.49
N PRO I 751 25.42 -1.46 17.82
CA PRO I 751 24.03 -1.55 17.39
C PRO I 751 23.83 -2.76 16.48
N GLY I 752 22.69 -3.43 16.64
CA GLY I 752 22.41 -4.63 15.88
C GLY I 752 22.97 -5.90 16.48
N ASP I 753 23.43 -5.87 17.73
CA ASP I 753 23.97 -7.04 18.40
C ASP I 753 23.01 -7.51 19.48
N ILE I 754 22.92 -8.83 19.65
CA ILE I 754 21.99 -9.40 20.62
C ILE I 754 22.41 -9.01 22.02
N LEU I 755 21.45 -8.60 22.83
CA LEU I 755 21.67 -8.37 24.25
C LEU I 755 21.05 -9.45 25.11
N VAL I 756 19.78 -9.78 24.85
CA VAL I 756 19.10 -10.88 25.51
C VAL I 756 18.42 -11.73 24.45
N GLY I 757 18.65 -13.03 24.48
CA GLY I 757 18.05 -13.92 23.52
C GLY I 757 16.70 -14.45 23.97
N ARG I 758 15.63 -13.84 23.49
CA ARG I 758 14.27 -14.24 23.83
C ARG I 758 13.63 -14.93 22.64
N THR I 759 12.90 -16.01 22.91
CA THR I 759 12.26 -16.80 21.88
C THR I 759 10.77 -16.86 22.15
N SER I 760 9.97 -16.55 21.14
CA SER I 760 8.53 -16.68 21.20
C SER I 760 8.11 -17.94 20.45
N PHE I 761 6.81 -18.14 20.33
CA PHE I 761 6.32 -19.28 19.58
C PHE I 761 6.23 -18.96 18.09
N LYS I 762 6.51 -19.96 17.26
CA LYS I 762 6.59 -19.74 15.82
C LYS I 762 5.25 -19.27 15.26
N GLY I 763 4.17 -19.88 15.69
CA GLY I 763 2.85 -19.53 15.18
C GLY I 763 1.89 -19.20 16.31
N GLU I 764 0.96 -18.29 16.01
CA GLU I 764 -0.05 -17.91 16.98
C GLU I 764 -0.96 -19.09 17.32
N SER I 765 -1.47 -19.77 16.30
CA SER I 765 -2.26 -20.97 16.48
C SER I 765 -1.63 -22.22 15.88
N GLU I 766 -0.81 -22.06 14.85
CA GLU I 766 -0.10 -23.17 14.23
C GLU I 766 1.27 -22.69 13.76
N PRO I 767 2.34 -23.34 14.20
CA PRO I 767 3.68 -22.94 13.76
C PRO I 767 3.96 -23.36 12.32
N THR I 768 5.18 -23.13 11.86
CA THR I 768 5.54 -23.53 10.50
C THR I 768 5.76 -25.04 10.46
N PRO I 769 4.99 -25.78 9.66
CA PRO I 769 5.22 -27.24 9.58
C PRO I 769 6.61 -27.58 9.07
N GLU I 770 7.18 -26.70 8.25
CA GLU I 770 8.54 -26.90 7.74
C GLU I 770 9.53 -27.02 8.88
N GLU I 771 9.68 -25.94 9.65
CA GLU I 771 10.63 -25.90 10.76
C GLU I 771 10.22 -26.82 11.89
N ARG I 772 8.92 -27.00 12.12
CA ARG I 772 8.48 -27.95 13.14
C ARG I 772 8.97 -29.36 12.81
N LEU I 773 8.76 -29.82 11.57
CA LEU I 773 9.17 -31.16 11.21
C LEU I 773 10.69 -31.28 11.10
N LEU I 774 11.34 -30.19 10.66
CA LEU I 774 12.79 -30.05 10.80
C LEU I 774 13.25 -30.48 12.18
N ARG I 775 12.82 -29.74 13.21
CA ARG I 775 13.28 -30.05 14.56
C ARG I 775 12.74 -31.38 15.05
N SER I 776 11.61 -31.83 14.51
CA SER I 776 11.07 -33.12 14.91
C SER I 776 12.00 -34.25 14.53
N ILE I 777 12.50 -34.26 13.30
CA ILE I 777 13.36 -35.37 12.88
C ILE I 777 14.82 -35.14 13.22
N PHE I 778 15.24 -33.91 13.51
CA PHE I 778 16.54 -33.82 14.18
C PHE I 778 16.51 -34.26 15.63
N GLY I 779 15.49 -33.85 16.39
CA GLY I 779 15.53 -34.07 17.83
C GLY I 779 14.26 -34.60 18.46
N GLU I 780 13.52 -35.43 17.73
CA GLU I 780 12.32 -36.08 18.27
C GLU I 780 11.26 -35.03 18.59
N LYS I 781 11.44 -34.29 19.67
CA LYS I 781 10.51 -33.24 20.03
C LYS I 781 10.66 -32.05 19.08
N ALA I 782 9.53 -31.53 18.63
CA ALA I 782 9.53 -30.39 17.72
C ALA I 782 9.94 -29.11 18.46
N ARG I 783 10.08 -28.03 17.69
CA ARG I 783 10.48 -26.73 18.22
C ARG I 783 9.64 -25.67 17.49
N ASP I 784 8.56 -25.23 18.13
CA ASP I 784 7.66 -24.23 17.56
C ASP I 784 8.07 -22.84 18.04
N VAL I 785 9.24 -22.42 17.59
CA VAL I 785 9.93 -21.26 18.16
C VAL I 785 10.29 -20.27 17.07
N LYS I 786 10.00 -18.99 17.34
CA LYS I 786 10.34 -17.87 16.48
C LYS I 786 11.25 -16.92 17.24
N ASP I 787 12.10 -16.21 16.52
CA ASP I 787 13.11 -15.34 17.12
C ASP I 787 12.52 -13.96 17.37
N THR I 788 12.33 -13.62 18.65
CA THR I 788 12.00 -12.25 19.08
C THR I 788 12.96 -11.91 20.21
N SER I 789 14.16 -11.46 19.86
CA SER I 789 15.22 -11.25 20.83
C SER I 789 15.68 -9.80 20.82
N LEU I 790 15.93 -9.26 22.01
CA LEU I 790 16.36 -7.87 22.15
C LEU I 790 17.75 -7.69 21.57
N ARG I 791 17.89 -6.70 20.70
CA ARG I 791 19.17 -6.32 20.12
C ARG I 791 19.41 -4.84 20.40
N VAL I 792 20.67 -4.43 20.30
CA VAL I 792 21.03 -3.04 20.50
C VAL I 792 20.35 -2.21 19.42
N PRO I 793 19.62 -1.15 19.78
CA PRO I 793 18.95 -0.35 18.76
C PRO I 793 19.96 0.31 17.85
N PRO I 794 19.59 0.59 16.60
CA PRO I 794 20.54 1.25 15.69
C PRO I 794 20.93 2.60 16.24
N GLY I 795 22.20 2.95 16.05
CA GLY I 795 22.75 4.10 16.72
C GLY I 795 24.07 3.76 17.40
N GLU I 796 24.08 3.77 18.73
CA GLU I 796 25.31 3.66 19.48
C GLU I 796 25.12 2.71 20.65
N GLY I 797 26.23 2.17 21.13
CA GLY I 797 26.25 1.32 22.31
C GLY I 797 27.60 1.36 22.97
N GLY I 798 27.62 1.10 24.27
CA GLY I 798 28.86 1.17 25.02
C GLY I 798 29.29 -0.15 25.61
N ILE I 799 29.40 -0.21 26.94
CA ILE I 799 29.88 -1.39 27.64
C ILE I 799 28.79 -1.83 28.61
N VAL I 800 28.46 -3.12 28.58
CA VAL I 800 27.50 -3.66 29.53
C VAL I 800 28.14 -3.72 30.90
N VAL I 801 27.40 -3.26 31.92
CA VAL I 801 27.91 -3.17 33.27
C VAL I 801 27.12 -4.02 34.26
N ARG I 802 25.80 -4.06 34.14
CA ARG I 802 24.98 -4.78 35.09
C ARG I 802 23.83 -5.47 34.37
N THR I 803 23.45 -6.62 34.90
CA THR I 803 22.30 -7.36 34.39
C THR I 803 21.51 -7.89 35.57
N VAL I 804 20.21 -7.59 35.60
CA VAL I 804 19.34 -8.04 36.68
C VAL I 804 18.23 -8.90 36.09
N ARG I 805 17.98 -10.04 36.71
CA ARG I 805 16.97 -10.99 36.26
C ARG I 805 15.97 -11.20 37.39
N LEU I 806 14.70 -10.94 37.11
CA LEU I 806 13.61 -11.18 38.06
C LEU I 806 12.69 -12.22 37.46
N ARG I 807 12.51 -13.33 38.17
CA ARG I 807 11.68 -14.44 37.70
C ARG I 807 10.47 -14.58 38.61
N ARG I 808 9.66 -15.62 38.34
CA ARG I 808 8.49 -15.88 39.15
C ARG I 808 8.85 -16.29 40.57
N GLY I 809 10.05 -16.79 40.81
CA GLY I 809 10.47 -17.17 42.13
C GLY I 809 10.69 -15.94 42.99
N ASP I 810 9.61 -15.26 43.30
CA ASP I 810 9.67 -13.95 43.92
C ASP I 810 10.17 -14.05 45.36
N PRO I 811 11.29 -13.43 45.70
CA PRO I 811 11.64 -13.30 47.12
C PRO I 811 10.68 -12.35 47.81
N GLY I 812 10.56 -11.14 47.24
CA GLY I 812 9.58 -10.18 47.70
C GLY I 812 9.05 -9.35 46.55
N VAL I 813 9.36 -9.76 45.34
CA VAL I 813 9.09 -8.95 44.15
C VAL I 813 7.72 -9.32 43.61
N GLU I 814 7.12 -8.37 42.90
CA GLU I 814 5.89 -8.61 42.15
C GLU I 814 6.13 -8.27 40.69
N LEU I 815 5.46 -9.00 39.80
CA LEU I 815 5.56 -8.76 38.37
C LEU I 815 4.17 -8.51 37.82
N LYS I 816 4.13 -7.97 36.61
CA LYS I 816 2.86 -7.76 35.95
C LYS I 816 2.21 -9.11 35.64
N PRO I 817 0.88 -9.19 35.73
CA PRO I 817 0.20 -10.47 35.47
C PRO I 817 0.52 -10.98 34.08
N GLY I 818 0.73 -12.30 33.99
CA GLY I 818 1.06 -12.92 32.73
C GLY I 818 2.51 -12.83 32.34
N VAL I 819 3.35 -12.17 33.13
CA VAL I 819 4.76 -12.00 32.83
C VAL I 819 5.56 -12.94 33.72
N ARG I 820 6.22 -13.92 33.11
CA ARG I 820 6.97 -14.90 33.89
C ARG I 820 8.31 -14.33 34.38
N GLU I 821 8.98 -13.51 33.59
CA GLU I 821 10.26 -12.98 34.02
C GLU I 821 10.58 -11.70 33.25
N VAL I 822 11.55 -10.96 33.76
CA VAL I 822 12.02 -9.73 33.15
C VAL I 822 13.50 -9.58 33.42
N VAL I 823 14.26 -9.14 32.41
CA VAL I 823 15.68 -8.91 32.57
C VAL I 823 16.01 -7.51 32.09
N ARG I 824 16.78 -6.79 32.91
CA ARG I 824 17.17 -5.41 32.63
C ARG I 824 18.68 -5.35 32.53
N VAL I 825 19.18 -4.73 31.46
CA VAL I 825 20.60 -4.68 31.15
C VAL I 825 21.01 -3.21 31.09
N TYR I 826 22.12 -2.89 31.75
CA TYR I 826 22.64 -1.53 31.76
C TYR I 826 23.87 -1.46 30.87
N VAL I 827 23.87 -0.54 29.92
CA VAL I 827 25.01 -0.32 29.04
C VAL I 827 25.47 1.12 29.22
N ALA I 828 26.74 1.29 29.56
CA ALA I 828 27.30 2.61 29.83
C ALA I 828 28.31 2.97 28.77
N GLN I 829 28.35 4.24 28.40
CA GLN I 829 29.38 4.74 27.50
C GLN I 829 29.90 6.07 27.99
N LYS I 830 31.13 6.38 27.60
CA LYS I 830 31.83 7.57 28.04
C LYS I 830 31.71 8.60 26.94
N ARG I 831 30.65 9.41 27.01
CA ARG I 831 30.48 10.48 26.05
C ARG I 831 31.63 11.47 26.16
N LYS I 832 32.23 11.79 25.02
CA LYS I 832 33.30 12.76 24.90
C LYS I 832 32.76 14.00 24.19
N LEU I 833 33.27 15.16 24.58
CA LEU I 833 32.83 16.40 23.98
C LEU I 833 33.11 16.39 22.49
N GLN I 834 32.11 16.80 21.70
CA GLN I 834 32.24 16.86 20.26
C GLN I 834 31.40 18.02 19.75
N VAL I 835 31.23 18.10 18.43
CA VAL I 835 30.59 19.27 17.83
C VAL I 835 29.13 19.38 18.27
N GLY I 836 28.42 18.25 18.31
CA GLY I 836 26.99 18.31 18.60
C GLY I 836 26.67 18.85 19.98
N ASP I 837 27.57 18.67 20.94
CA ASP I 837 27.29 19.07 22.30
C ASP I 837 27.21 20.58 22.43
N LYS I 838 26.67 21.04 23.55
CA LYS I 838 26.49 22.45 23.82
C LYS I 838 27.04 22.78 25.20
N LEU I 839 27.41 24.04 25.38
CA LEU I 839 27.96 24.51 26.64
C LEU I 839 27.21 25.76 27.07
N ALA I 840 27.44 26.17 28.31
CA ALA I 840 26.87 27.41 28.79
C ALA I 840 27.65 27.89 30.00
N ASN I 841 27.62 29.19 30.23
CA ASN I 841 28.17 29.73 31.46
C ASN I 841 27.05 29.87 32.48
N ARG I 842 27.35 30.49 33.62
CA ARG I 842 26.32 30.73 34.61
C ARG I 842 25.51 31.98 34.34
N HIS I 843 25.89 32.76 33.33
CA HIS I 843 25.14 33.96 32.97
C HIS I 843 24.25 33.74 31.75
N GLY I 844 24.03 32.50 31.36
CA GLY I 844 23.10 32.21 30.29
C GLY I 844 23.64 32.39 28.90
N ASN I 845 24.94 32.59 28.74
CA ASN I 845 25.51 32.76 27.40
C ASN I 845 25.49 31.38 26.76
N LYS I 846 24.30 30.99 26.31
CA LYS I 846 24.11 29.69 25.68
C LYS I 846 24.98 29.59 24.43
N GLY I 847 25.50 28.39 24.18
CA GLY I 847 26.35 28.20 23.03
C GLY I 847 26.38 26.77 22.59
N VAL I 848 26.92 26.55 21.39
CA VAL I 848 27.12 25.23 20.83
C VAL I 848 28.52 25.15 20.27
N VAL I 849 29.23 24.06 20.59
CA VAL I 849 30.56 23.86 20.04
C VAL I 849 30.47 23.72 18.53
N ALA I 850 31.21 24.53 17.80
CA ALA I 850 31.15 24.51 16.35
C ALA I 850 32.36 23.88 15.70
N LYS I 851 33.55 24.07 16.25
CA LYS I 851 34.74 23.45 15.68
C LYS I 851 35.75 23.23 16.79
N ILE I 852 36.49 22.14 16.69
CA ILE I 852 37.58 21.82 17.60
C ILE I 852 38.88 22.08 16.86
N LEU I 853 39.59 23.07 17.27
CA LEU I 853 40.82 23.35 16.56
C LEU I 853 41.99 22.59 17.17
N PRO I 854 42.98 22.22 16.36
CA PRO I 854 44.21 21.68 16.91
C PRO I 854 44.90 22.76 17.75
N VAL I 855 45.67 22.30 18.74
CA VAL I 855 46.17 23.22 19.75
C VAL I 855 47.07 24.30 19.15
N GLU I 856 47.78 23.97 18.06
CA GLU I 856 48.84 24.87 17.58
C GLU I 856 48.27 26.19 17.07
N ASP I 857 47.13 26.15 16.37
CA ASP I 857 46.65 27.34 15.68
C ASP I 857 45.69 28.18 16.52
N MET I 858 45.40 27.79 17.65
CA MET I 858 44.56 28.66 18.45
C MET I 858 45.38 29.78 19.06
N PRO I 859 44.78 30.95 19.27
CA PRO I 859 45.51 32.06 19.87
C PRO I 859 46.11 31.68 21.21
N HIS I 860 47.29 32.21 21.47
CA HIS I 860 48.03 31.93 22.69
C HIS I 860 48.60 33.22 23.23
N LEU I 861 48.84 33.26 24.52
CA LEU I 861 49.42 34.41 25.17
C LEU I 861 50.85 34.61 24.67
N PRO I 862 51.53 35.69 25.10
CA PRO I 862 52.97 35.77 24.81
C PRO I 862 53.73 34.59 25.36
N ASP I 863 53.34 34.09 26.53
CA ASP I 863 53.84 32.82 26.99
C ASP I 863 53.21 31.71 26.15
N GLY I 864 53.78 30.50 26.24
CA GLY I 864 53.34 29.44 25.37
C GLY I 864 51.93 28.97 25.60
N THR I 865 51.29 29.42 26.67
CA THR I 865 49.97 28.90 27.02
C THR I 865 48.93 29.32 25.98
N PRO I 866 48.21 28.36 25.41
CA PRO I 866 47.11 28.70 24.51
C PRO I 866 45.79 28.78 25.24
N VAL I 867 44.89 29.62 24.71
CA VAL I 867 43.57 29.73 25.29
C VAL I 867 42.77 28.46 25.00
N ASP I 868 41.73 28.25 25.79
CA ASP I 868 40.92 27.04 25.69
C ASP I 868 39.67 27.23 24.84
N VAL I 869 38.94 28.31 25.05
CA VAL I 869 37.66 28.54 24.37
C VAL I 869 37.62 29.98 23.89
N ILE I 870 37.11 30.18 22.68
CA ILE I 870 37.01 31.48 22.04
C ILE I 870 35.54 31.85 21.93
N LEU I 871 35.20 33.04 22.42
CA LEU I 871 33.81 33.47 22.46
C LEU I 871 33.60 34.71 21.60
N ASN I 872 32.45 34.78 20.95
CA ASN I 872 32.11 35.88 20.08
C ASN I 872 31.59 37.05 20.89
N PRO I 873 32.21 38.23 20.81
CA PRO I 873 31.71 39.37 21.58
C PRO I 873 30.33 39.83 21.14
N LEU I 874 29.90 39.47 19.94
CA LEU I 874 28.65 39.99 19.40
C LEU I 874 27.46 39.67 20.30
N GLY I 875 27.55 38.59 21.07
CA GLY I 875 26.45 38.23 21.93
C GLY I 875 26.31 39.05 23.20
N VAL I 876 27.32 39.85 23.54
CA VAL I 876 27.30 40.58 24.80
C VAL I 876 26.45 41.85 24.72
N PRO I 877 26.62 42.73 23.72
CA PRO I 877 25.86 43.99 23.76
C PRO I 877 24.41 43.80 23.34
N SER I 878 24.14 42.79 22.51
CA SER I 878 22.77 42.54 22.07
C SER I 878 21.87 42.23 23.26
N ARG I 879 22.26 41.27 24.08
CA ARG I 879 21.68 41.12 25.40
C ARG I 879 22.38 42.08 26.34
N MET I 880 22.10 41.97 27.63
CA MET I 880 22.80 42.76 28.64
C MET I 880 23.26 41.82 29.74
N ASN I 881 24.39 41.16 29.51
CA ASN I 881 24.98 40.29 30.52
C ASN I 881 26.45 40.69 30.65
N LEU I 882 26.69 41.72 31.45
CA LEU I 882 28.04 42.12 31.78
C LEU I 882 28.63 41.31 32.92
N GLY I 883 27.82 40.47 33.57
CA GLY I 883 28.34 39.64 34.63
C GLY I 883 29.45 38.74 34.16
N GLN I 884 29.31 38.17 32.97
CA GLN I 884 30.34 37.27 32.48
C GLN I 884 31.64 38.01 32.21
N ILE I 885 31.58 39.29 31.87
CA ILE I 885 32.80 40.06 31.70
C ILE I 885 33.52 40.23 33.03
N LEU I 886 32.78 40.57 34.09
CA LEU I 886 33.41 40.69 35.40
C LEU I 886 33.96 39.35 35.86
N GLU I 887 33.24 38.27 35.59
CA GLU I 887 33.73 36.95 35.93
C GLU I 887 35.00 36.64 35.17
N THR I 888 35.08 37.04 33.90
CA THR I 888 36.29 36.83 33.12
C THR I 888 37.46 37.60 33.73
N HIS I 889 37.23 38.84 34.16
CA HIS I 889 38.31 39.58 34.77
C HIS I 889 38.77 38.94 36.07
N LEU I 890 37.84 38.52 36.91
CA LEU I 890 38.23 37.86 38.15
C LEU I 890 38.97 36.56 37.86
N GLY I 891 38.53 35.80 36.86
CA GLY I 891 39.22 34.59 36.52
C GLY I 891 40.61 34.84 36.00
N LEU I 892 40.79 35.93 35.24
CA LEU I 892 42.13 36.29 34.78
C LEU I 892 43.03 36.61 35.97
N ALA I 893 42.51 37.36 36.95
CA ALA I 893 43.31 37.64 38.13
C ALA I 893 43.65 36.36 38.89
N GLY I 894 42.66 35.48 39.07
CA GLY I 894 42.88 34.27 39.83
C GLY I 894 43.83 33.30 39.17
N TYR I 895 43.80 33.21 37.85
CA TYR I 895 44.64 32.25 37.14
C TYR I 895 46.10 32.48 37.45
N PHE I 896 46.50 33.75 37.58
CA PHE I 896 47.88 34.03 37.95
C PHE I 896 48.07 34.04 39.45
N LEU I 897 47.09 34.55 40.20
CA LEU I 897 47.23 34.57 41.65
C LEU I 897 46.96 33.21 42.27
N GLY I 898 46.38 32.28 41.53
CA GLY I 898 46.15 30.94 42.03
C GLY I 898 45.20 30.89 43.21
N GLN I 899 44.08 31.58 43.13
CA GLN I 899 43.14 31.59 44.24
C GLN I 899 41.72 31.76 43.72
N ARG I 900 40.76 31.39 44.56
CA ARG I 900 39.34 31.50 44.25
C ARG I 900 38.74 32.69 44.98
N TYR I 901 37.61 33.15 44.46
CA TYR I 901 36.95 34.32 45.01
C TYR I 901 35.48 34.03 45.28
N ILE I 902 34.99 34.53 46.39
CA ILE I 902 33.59 34.42 46.78
C ILE I 902 33.03 35.82 46.89
N SER I 903 32.01 36.11 46.08
CA SER I 903 31.35 37.40 46.11
C SER I 903 29.84 37.18 46.15
N PRO I 904 29.15 37.73 47.14
CA PRO I 904 27.70 37.66 47.15
C PRO I 904 27.12 38.38 45.94
N ILE I 905 25.88 38.02 45.61
CA ILE I 905 25.29 38.49 44.36
C ILE I 905 25.12 40.00 44.35
N PHE I 906 24.70 40.59 45.48
CA PHE I 906 24.53 42.04 45.54
C PHE I 906 25.46 42.69 46.55
N ASP I 907 26.52 42.00 46.93
CA ASP I 907 27.59 42.57 47.74
C ASP I 907 28.93 42.16 47.18
N GLY I 908 29.05 42.14 45.86
CA GLY I 908 30.25 41.66 45.21
C GLY I 908 31.45 42.57 45.40
N ALA I 909 32.45 42.41 44.54
CA ALA I 909 33.67 43.19 44.62
C ALA I 909 33.54 44.47 43.82
N LYS I 910 33.91 45.59 44.42
CA LYS I 910 33.93 46.85 43.70
C LYS I 910 35.01 46.82 42.62
N GLU I 911 34.81 47.63 41.59
CA GLU I 911 35.81 47.71 40.52
C GLU I 911 37.20 48.06 41.02
N PRO I 912 37.40 48.98 41.98
CA PRO I 912 38.76 49.19 42.49
C PRO I 912 39.39 47.94 43.06
N GLU I 913 38.59 47.10 43.73
CA GLU I 913 39.14 45.88 44.34
C GLU I 913 39.67 44.94 43.27
N ILE I 914 38.87 44.66 42.24
CA ILE I 914 39.32 43.77 41.18
C ILE I 914 40.47 44.40 40.41
N LYS I 915 40.49 45.73 40.28
CA LYS I 915 41.62 46.38 39.63
C LYS I 915 42.90 46.16 40.42
N GLU I 916 42.84 46.27 41.75
CA GLU I 916 44.01 46.04 42.56
C GLU I 916 44.46 44.59 42.47
N LEU I 917 43.50 43.66 42.46
CA LEU I 917 43.86 42.25 42.30
C LEU I 917 44.54 42.01 40.98
N LEU I 918 44.03 42.61 39.91
CA LEU I 918 44.67 42.48 38.60
C LEU I 918 46.06 43.11 38.59
N ALA I 919 46.24 44.19 39.34
CA ALA I 919 47.57 44.79 39.45
C ALA I 919 48.55 43.81 40.09
N GLN I 920 48.13 43.17 41.18
CA GLN I 920 48.99 42.16 41.81
C GLN I 920 49.28 41.01 40.85
N ALA I 921 48.26 40.56 40.14
CA ALA I 921 48.44 39.45 39.22
C ALA I 921 49.41 39.80 38.11
N PHE I 922 49.30 41.01 37.57
CA PHE I 922 50.24 41.44 36.54
C PHE I 922 51.65 41.56 37.10
N GLU I 923 51.78 42.05 38.33
CA GLU I 923 53.08 42.09 38.96
C GLU I 923 53.71 40.71 38.95
N VAL I 924 52.95 39.71 39.42
CA VAL I 924 53.48 38.35 39.47
C VAL I 924 53.81 37.84 38.07
N TYR I 925 52.88 38.04 37.13
CA TYR I 925 53.05 37.55 35.78
C TYR I 925 54.28 38.13 35.10
N PHE I 926 54.39 39.46 35.10
CA PHE I 926 55.46 40.06 34.34
C PHE I 926 56.78 39.97 35.09
N GLY I 927 56.75 39.84 36.42
CA GLY I 927 57.95 39.55 37.15
C GLY I 927 58.50 38.17 36.83
N LYS I 928 57.61 37.18 36.73
CA LYS I 928 58.05 35.88 36.26
C LYS I 928 58.60 35.98 34.84
N ARG I 929 57.97 36.81 34.01
CA ARG I 929 58.45 36.99 32.65
C ARG I 929 59.86 37.58 32.62
N LYS I 930 60.12 38.56 33.47
CA LYS I 930 61.44 39.18 33.52
C LYS I 930 62.48 38.31 34.20
N GLY I 931 62.06 37.40 35.08
CA GLY I 931 63.01 36.53 35.74
C GLY I 931 63.80 35.70 34.76
N GLU I 932 63.24 35.41 33.59
CA GLU I 932 63.96 34.70 32.55
C GLU I 932 64.74 35.63 31.64
N GLY I 933 64.68 36.94 31.88
CA GLY I 933 65.50 37.87 31.12
C GLY I 933 64.89 38.25 29.78
N PHE I 934 63.62 38.61 29.78
CA PHE I 934 62.93 39.04 28.58
C PHE I 934 62.25 40.38 28.82
N GLY I 935 62.33 41.26 27.83
CA GLY I 935 61.70 42.55 27.93
C GLY I 935 60.33 42.59 27.30
N VAL I 936 60.19 43.33 26.20
CA VAL I 936 58.93 43.48 25.49
C VAL I 936 59.14 43.05 24.05
N ASP I 937 58.28 42.16 23.56
CA ASP I 937 58.34 41.72 22.18
C ASP I 937 58.03 42.87 21.23
N LYS I 938 58.64 42.83 20.05
CA LYS I 938 58.36 43.86 19.04
C LYS I 938 56.90 43.83 18.63
N ARG I 939 56.31 42.64 18.54
CA ARG I 939 54.88 42.54 18.29
C ARG I 939 54.09 43.25 19.40
N GLU I 940 54.50 43.03 20.65
CA GLU I 940 53.88 43.77 21.75
C GLU I 940 54.09 45.27 21.58
N VAL I 941 55.26 45.67 21.07
CA VAL I 941 55.53 47.10 20.89
C VAL I 941 54.55 47.71 19.90
N GLU I 942 54.36 47.04 18.76
CA GLU I 942 53.46 47.61 17.76
C GLU I 942 52.01 47.55 18.22
N VAL I 943 51.63 46.51 18.96
CA VAL I 943 50.28 46.45 19.51
C VAL I 943 50.07 47.61 20.49
N LEU I 944 51.07 47.88 21.31
CA LEU I 944 50.98 49.00 22.24
C LEU I 944 50.84 50.32 21.50
N ARG I 945 51.61 50.50 20.43
CA ARG I 945 51.49 51.76 19.69
C ARG I 945 50.11 51.89 19.06
N ARG I 946 49.56 50.79 18.54
CA ARG I 946 48.22 50.87 17.96
C ARG I 946 47.18 51.18 19.02
N ALA I 947 47.27 50.55 20.19
CA ALA I 947 46.34 50.85 21.26
C ALA I 947 46.48 52.28 21.74
N GLU I 948 47.71 52.81 21.70
CA GLU I 948 47.93 54.22 21.98
C GLU I 948 47.19 55.08 20.96
N LYS I 949 47.20 54.67 19.70
CA LYS I 949 46.46 55.41 18.68
C LYS I 949 44.96 55.22 18.83
N LEU I 950 44.50 54.21 19.57
CA LEU I 950 43.09 54.01 19.84
C LEU I 950 42.65 54.56 21.19
N GLY I 951 43.54 55.20 21.92
CA GLY I 951 43.18 55.82 23.18
C GLY I 951 43.05 54.87 24.35
N LEU I 952 43.36 53.59 24.16
CA LEU I 952 43.26 52.64 25.27
C LEU I 952 44.26 52.98 26.37
N VAL I 953 45.49 53.31 26.02
CA VAL I 953 46.56 53.54 26.97
C VAL I 953 47.06 54.97 26.82
N THR I 954 47.33 55.61 27.95
CA THR I 954 47.84 56.97 27.91
C THR I 954 49.22 56.98 27.26
N PRO I 955 49.49 57.94 26.39
CA PRO I 955 50.79 57.98 25.70
C PRO I 955 51.87 58.57 26.59
N GLY I 956 53.10 58.50 26.08
CA GLY I 956 54.24 59.05 26.78
C GLY I 956 54.83 58.16 27.85
N LYS I 957 54.32 56.95 28.02
CA LYS I 957 54.82 56.03 29.03
C LYS I 957 55.61 54.90 28.39
N THR I 958 56.52 54.33 29.17
CA THR I 958 57.30 53.20 28.70
C THR I 958 56.40 51.98 28.50
N PRO I 959 56.80 51.04 27.65
CA PRO I 959 55.94 49.86 27.42
C PRO I 959 55.60 49.10 28.68
N GLU I 960 56.45 49.15 29.70
CA GLU I 960 56.15 48.48 30.95
C GLU I 960 54.82 48.95 31.53
N GLU I 961 54.73 50.23 31.87
CA GLU I 961 53.53 50.69 32.55
C GLU I 961 52.35 50.81 31.58
N GLN I 962 52.62 51.04 30.30
CA GLN I 962 51.54 51.03 29.33
C GLN I 962 50.89 49.65 29.28
N LEU I 963 51.70 48.60 29.23
CA LEU I 963 51.15 47.26 29.21
C LEU I 963 50.50 46.91 30.54
N LYS I 964 51.02 47.46 31.65
CA LYS I 964 50.36 47.26 32.94
C LYS I 964 48.96 47.87 32.93
N GLU I 965 48.84 49.09 32.40
CA GLU I 965 47.54 49.74 32.34
C GLU I 965 46.60 48.98 31.43
N LEU I 966 47.12 48.45 30.32
CA LEU I 966 46.32 47.61 29.45
C LEU I 966 45.83 46.38 30.20
N PHE I 967 46.70 45.80 31.03
CA PHE I 967 46.30 44.67 31.86
C PHE I 967 45.20 45.06 32.83
N LEU I 968 45.30 46.25 33.44
CA LEU I 968 44.28 46.72 34.35
C LEU I 968 42.91 46.74 33.68
N GLN I 969 42.86 47.01 32.39
CA GLN I 969 41.60 46.88 31.66
C GLN I 969 41.17 45.43 31.50
N GLY I 970 42.05 44.48 31.83
CA GLY I 970 41.72 43.09 31.62
C GLY I 970 42.02 42.57 30.23
N LYS I 971 42.73 43.33 29.41
CA LYS I 971 43.07 42.94 28.06
C LYS I 971 44.57 42.72 27.95
N VAL I 972 44.96 41.63 27.30
CA VAL I 972 46.37 41.29 27.13
C VAL I 972 46.62 41.00 25.66
N VAL I 973 47.90 41.07 25.29
CA VAL I 973 48.28 40.80 23.91
C VAL I 973 48.17 39.31 23.63
N LEU I 974 47.69 38.96 22.44
CA LEU I 974 47.67 37.58 21.98
C LEU I 974 48.28 37.48 20.60
N TYR I 975 48.72 36.28 20.27
CA TYR I 975 49.31 35.98 18.97
C TYR I 975 48.40 35.00 18.25
N ASP I 976 48.22 35.22 16.95
CA ASP I 976 47.21 34.47 16.21
C ASP I 976 47.52 32.99 16.19
N GLY I 977 48.79 32.63 16.08
CA GLY I 977 49.18 31.23 16.03
C GLY I 977 49.17 30.65 14.65
N ARG I 978 48.09 30.86 13.89
CA ARG I 978 48.11 30.48 12.48
C ARG I 978 49.11 31.32 11.70
N THR I 979 49.14 32.63 11.97
CA THR I 979 50.05 33.52 11.28
C THR I 979 51.28 33.87 12.11
N GLY I 980 51.17 33.86 13.43
CA GLY I 980 52.21 34.34 14.30
C GLY I 980 52.14 35.83 14.56
N GLU I 981 51.63 36.60 13.61
CA GLU I 981 51.47 38.02 13.82
C GLU I 981 50.42 38.27 14.89
N PRO I 982 50.65 39.22 15.79
CA PRO I 982 49.71 39.43 16.89
C PRO I 982 48.40 39.99 16.38
N ILE I 983 47.34 39.72 17.14
CA ILE I 983 46.04 40.28 16.82
C ILE I 983 46.08 41.78 17.08
N GLU I 984 45.76 42.57 16.07
CA GLU I 984 45.77 44.02 16.22
C GLU I 984 44.81 44.43 17.31
N GLY I 985 45.28 45.29 18.21
CA GLY I 985 44.49 45.67 19.35
C GLY I 985 44.47 44.58 20.41
N PRO I 986 44.33 44.97 21.66
CA PRO I 986 44.35 43.99 22.75
C PRO I 986 43.09 43.14 22.74
N ILE I 987 43.19 41.98 23.41
CA ILE I 987 42.08 41.05 23.54
C ILE I 987 41.83 40.82 25.02
N VAL I 988 40.57 40.70 25.39
CA VAL I 988 40.21 40.38 26.76
C VAL I 988 40.18 38.86 26.93
N VAL I 989 40.87 38.38 27.96
CA VAL I 989 41.02 36.96 28.23
C VAL I 989 40.81 36.75 29.72
N GLY I 990 40.45 35.53 30.09
CA GLY I 990 40.28 35.22 31.49
C GLY I 990 39.90 33.78 31.70
N GLN I 991 39.36 33.50 32.88
CA GLN I 991 38.86 32.18 33.23
C GLN I 991 37.35 32.26 33.46
N MET I 992 36.61 31.42 32.76
CA MET I 992 35.18 31.29 32.97
C MET I 992 34.81 29.87 33.36
N PHE I 993 33.74 29.75 34.13
CA PHE I 993 33.17 28.47 34.51
C PHE I 993 32.14 28.09 33.46
N ILE I 994 32.49 27.12 32.63
CA ILE I 994 31.64 26.67 31.53
C ILE I 994 31.23 25.23 31.80
N MET I 995 29.93 24.97 31.73
CA MET I 995 29.37 23.66 32.02
C MET I 995 28.76 23.08 30.76
N LYS I 996 28.89 21.77 30.60
CA LYS I 996 28.28 21.06 29.48
C LYS I 996 26.84 20.74 29.82
N LEU I 997 25.93 21.14 28.95
CA LEU I 997 24.51 21.01 29.25
C LEU I 997 24.04 19.60 28.94
N TYR I 998 22.83 19.30 29.40
CA TYR I 998 22.23 17.99 29.21
C TYR I 998 22.10 17.68 27.72
N HIS I 999 22.52 16.48 27.34
CA HIS I 999 22.70 16.13 25.93
C HIS I 999 22.13 14.75 25.67
N MET I 1000 20.83 14.70 25.35
CA MET I 1000 20.16 13.47 24.96
C MET I 1000 20.18 13.30 23.44
N VAL I 1001 19.30 12.43 22.95
CA VAL I 1001 19.14 12.17 21.52
C VAL I 1001 18.88 13.45 20.71
N GLU I 1002 18.64 14.58 21.37
CA GLU I 1002 18.33 15.82 20.66
C GLU I 1002 19.37 16.10 19.59
N ASP I 1003 20.64 15.84 19.88
CA ASP I 1003 21.65 15.90 18.83
C ASP I 1003 21.57 14.71 17.89
N LYS I 1004 21.19 13.54 18.41
CA LYS I 1004 21.24 12.35 17.58
C LYS I 1004 20.29 12.48 16.40
N MET I 1005 20.68 11.87 15.29
CA MET I 1005 20.00 12.05 14.03
C MET I 1005 18.88 11.04 13.92
N HIS I 1006 17.64 11.50 14.04
CA HIS I 1006 16.48 10.64 13.83
C HIS I 1006 16.24 10.45 12.33
N ALA I 1007 17.32 10.11 11.63
CA ALA I 1007 17.29 10.04 10.17
C ALA I 1007 16.90 8.63 9.74
N ARG I 1008 15.77 8.52 9.06
CA ARG I 1008 15.27 7.23 8.61
C ARG I 1008 14.99 7.28 7.11
N SER I 1009 15.12 6.12 6.48
CA SER I 1009 14.74 5.92 5.09
C SER I 1009 13.46 5.12 4.95
N THR I 1010 13.22 4.19 5.86
CA THR I 1010 12.00 3.39 5.87
C THR I 1010 11.78 2.87 7.28
N GLY I 1011 10.58 3.07 7.80
CA GLY I 1011 10.28 2.69 9.16
C GLY I 1011 8.87 2.19 9.33
N PRO I 1012 8.49 1.93 10.57
CA PRO I 1012 7.14 1.48 10.86
C PRO I 1012 6.11 2.52 10.46
N TYR I 1013 4.97 2.04 9.97
CA TYR I 1013 3.84 2.88 9.62
C TYR I 1013 2.73 2.68 10.64
N SER I 1014 1.87 3.68 10.77
CA SER I 1014 0.77 3.57 11.71
C SER I 1014 -0.33 2.68 11.15
N LEU I 1015 -1.28 2.33 12.00
CA LEU I 1015 -2.34 1.40 11.62
C LEU I 1015 -3.49 2.10 10.93
N ILE I 1016 -4.02 3.16 11.53
CA ILE I 1016 -5.14 3.87 10.92
C ILE I 1016 -4.70 4.48 9.61
N THR I 1017 -3.79 5.43 9.67
CA THR I 1017 -3.16 5.98 8.48
C THR I 1017 -1.78 5.35 8.32
N GLN I 1018 -1.32 5.26 7.08
CA GLN I 1018 -0.04 4.64 6.78
C GLN I 1018 1.10 5.61 6.90
N GLN I 1019 0.88 6.76 7.53
CA GLN I 1019 1.96 7.71 7.72
C GLN I 1019 3.02 7.13 8.64
N PRO I 1020 4.29 7.16 8.27
CA PRO I 1020 5.30 6.38 9.00
C PRO I 1020 5.68 7.01 10.32
N LEU I 1021 5.53 6.24 11.40
CA LEU I 1021 6.02 6.67 12.70
C LEU I 1021 6.49 5.45 13.48
N GLY I 1022 7.69 5.53 14.04
CA GLY I 1022 8.31 4.45 14.79
C GLY I 1022 8.45 4.75 16.27
N GLY I 1023 9.63 5.24 16.67
CA GLY I 1023 9.89 5.50 18.07
C GLY I 1023 10.97 4.59 18.62
N LYS I 1024 10.55 3.61 19.41
CA LYS I 1024 11.49 2.67 20.01
C LYS I 1024 12.27 1.90 18.95
N ALA I 1025 11.58 1.37 17.94
CA ALA I 1025 12.25 0.61 16.90
C ALA I 1025 12.99 1.52 15.93
N GLN I 1026 12.27 2.41 15.26
CA GLN I 1026 12.85 3.37 14.34
C GLN I 1026 12.45 4.77 14.77
N PHE I 1027 13.28 5.74 14.37
CA PHE I 1027 13.11 7.11 14.80
C PHE I 1027 11.73 7.65 14.42
N GLY I 1028 11.21 7.26 13.28
CA GLY I 1028 10.07 7.95 12.72
C GLY I 1028 10.49 9.13 11.85
N GLY I 1029 9.54 9.59 11.03
CA GLY I 1029 9.80 10.68 10.12
C GLY I 1029 9.79 12.03 10.81
N GLN I 1030 9.78 13.07 9.99
CA GLN I 1030 9.65 14.43 10.48
C GLN I 1030 8.30 15.02 10.08
N ARG I 1031 7.68 15.75 11.01
CA ARG I 1031 6.48 16.49 10.68
C ARG I 1031 6.76 17.45 9.56
N PHE I 1032 5.88 17.45 8.56
CA PHE I 1032 5.95 18.42 7.49
C PHE I 1032 4.87 19.48 7.60
N GLY I 1033 3.97 19.37 8.58
CA GLY I 1033 2.99 20.34 9.00
C GLY I 1033 2.25 20.99 7.85
N GLU I 1034 1.89 22.25 8.04
CA GLU I 1034 1.31 23.07 7.00
C GLU I 1034 2.15 24.27 6.64
N MET I 1035 2.82 24.89 7.61
CA MET I 1035 3.67 26.02 7.31
C MET I 1035 4.76 25.62 6.33
N GLU I 1036 5.33 24.43 6.52
CA GLU I 1036 6.24 23.89 5.52
C GLU I 1036 5.52 23.62 4.21
N VAL I 1037 4.29 23.13 4.26
CA VAL I 1037 3.52 22.93 3.04
C VAL I 1037 3.25 24.27 2.37
N TRP I 1038 2.87 25.28 3.16
CA TRP I 1038 2.61 26.60 2.58
C TRP I 1038 3.85 27.15 1.91
N ALA I 1039 5.01 27.01 2.56
CA ALA I 1039 6.24 27.48 1.94
C ALA I 1039 6.58 26.69 0.68
N LEU I 1040 6.37 25.39 0.72
CA LEU I 1040 6.71 24.56 -0.44
C LEU I 1040 5.87 24.92 -1.64
N GLU I 1041 4.57 25.18 -1.43
CA GLU I 1041 3.74 25.61 -2.53
C GLU I 1041 3.87 27.10 -2.83
N ALA I 1042 4.49 27.87 -1.94
CA ALA I 1042 4.76 29.27 -2.24
C ALA I 1042 5.73 29.40 -3.40
N TYR I 1043 6.77 28.55 -3.41
CA TYR I 1043 7.56 28.41 -4.62
C TYR I 1043 6.70 27.80 -5.72
N GLY I 1044 7.32 27.65 -6.89
CA GLY I 1044 6.59 26.95 -7.93
C GLY I 1044 6.61 25.46 -7.80
N ALA I 1045 7.13 24.93 -6.69
CA ALA I 1045 7.25 23.49 -6.49
C ALA I 1045 5.89 22.83 -6.53
N ALA I 1046 5.69 21.94 -7.50
CA ALA I 1046 4.42 21.23 -7.68
C ALA I 1046 4.57 19.73 -7.48
N HIS I 1047 5.51 19.11 -8.17
CA HIS I 1047 5.71 17.69 -8.00
C HIS I 1047 6.40 17.38 -6.69
N THR I 1048 7.25 18.28 -6.19
CA THR I 1048 7.89 18.04 -4.91
C THR I 1048 6.84 17.79 -3.83
N LEU I 1049 5.84 18.66 -3.75
CA LEU I 1049 4.80 18.48 -2.76
C LEU I 1049 4.01 17.21 -3.04
N GLN I 1050 3.77 16.90 -4.31
CA GLN I 1050 3.02 15.70 -4.64
C GLN I 1050 3.75 14.44 -4.19
N GLU I 1051 5.05 14.36 -4.45
CA GLU I 1051 5.82 13.20 -4.02
C GLU I 1051 5.89 13.12 -2.51
N MET I 1052 6.06 14.27 -1.85
CA MET I 1052 6.24 14.27 -0.41
C MET I 1052 4.92 14.04 0.33
N LEU I 1053 3.79 14.19 -0.33
CA LEU I 1053 2.51 13.90 0.31
C LEU I 1053 2.02 12.49 0.01
N THR I 1054 2.41 11.92 -1.13
CA THR I 1054 1.90 10.62 -1.53
C THR I 1054 2.99 9.57 -1.65
N LEU I 1055 4.03 9.84 -2.44
CA LEU I 1055 5.04 8.83 -2.69
C LEU I 1055 5.84 8.51 -1.43
N LYS I 1056 6.19 9.52 -0.66
CA LYS I 1056 7.04 9.34 0.51
C LYS I 1056 6.26 9.21 1.81
N SER I 1057 4.95 9.43 1.80
CA SER I 1057 4.21 9.44 3.06
C SER I 1057 3.09 8.42 3.12
N ASP I 1058 2.25 8.38 2.11
CA ASP I 1058 0.99 7.68 2.35
C ASP I 1058 0.69 6.60 1.32
N ASP I 1059 0.99 6.83 0.05
CA ASP I 1059 0.59 5.90 -0.99
C ASP I 1059 1.36 4.60 -0.80
N ILE I 1060 0.71 3.60 -0.21
CA ILE I 1060 1.39 2.35 0.11
C ILE I 1060 1.88 1.68 -1.17
N GLU I 1061 0.99 1.52 -2.15
CA GLU I 1061 1.42 0.99 -3.43
C GLU I 1061 2.43 1.92 -4.08
N GLY I 1062 2.20 3.22 -3.98
CA GLY I 1062 3.14 4.17 -4.54
C GLY I 1062 4.52 4.06 -3.92
N ARG I 1063 4.58 3.98 -2.59
CA ARG I 1063 5.90 3.93 -1.94
C ARG I 1063 6.60 2.60 -2.20
N ASN I 1064 5.85 1.50 -2.21
CA ASN I 1064 6.48 0.23 -2.55
C ASN I 1064 7.02 0.24 -3.97
N ALA I 1065 6.24 0.75 -4.91
CA ALA I 1065 6.70 0.82 -6.29
C ALA I 1065 7.90 1.75 -6.42
N ALA I 1066 7.89 2.87 -5.71
CA ALA I 1066 9.01 3.80 -5.77
C ALA I 1066 10.28 3.17 -5.23
N TYR I 1067 10.18 2.48 -4.10
CA TYR I 1067 11.35 1.81 -3.54
C TYR I 1067 11.88 0.76 -4.49
N GLU I 1068 10.99 -0.05 -5.08
CA GLU I 1068 11.45 -1.06 -6.02
C GLU I 1068 12.11 -0.42 -7.24
N ALA I 1069 11.53 0.67 -7.74
CA ALA I 1069 12.08 1.31 -8.93
C ALA I 1069 13.44 1.91 -8.67
N ILE I 1070 13.59 2.63 -7.54
CA ILE I 1070 14.88 3.24 -7.24
C ILE I 1070 15.93 2.18 -6.96
N ILE I 1071 15.55 1.05 -6.36
CA ILE I 1071 16.48 -0.07 -6.26
C ILE I 1071 16.86 -0.53 -7.66
N LYS I 1072 15.88 -0.61 -8.56
CA LYS I 1072 16.14 -0.93 -9.95
C LYS I 1072 16.81 0.21 -10.69
N GLY I 1073 16.96 1.37 -10.06
CA GLY I 1073 17.62 2.49 -10.70
C GLY I 1073 16.85 3.07 -11.87
N GLU I 1074 15.54 3.25 -11.72
CA GLU I 1074 14.71 3.86 -12.75
C GLU I 1074 13.87 4.95 -12.11
N ASP I 1075 13.28 5.79 -12.95
CA ASP I 1075 12.50 6.90 -12.46
C ASP I 1075 11.25 6.43 -11.72
N VAL I 1076 10.88 7.17 -10.68
CA VAL I 1076 9.76 6.81 -9.82
C VAL I 1076 8.47 6.90 -10.62
N PRO I 1077 7.46 6.08 -10.31
CA PRO I 1077 6.19 6.15 -11.02
C PRO I 1077 5.34 7.30 -10.54
N GLU I 1078 4.30 7.59 -11.31
CA GLU I 1078 3.36 8.62 -10.92
C GLU I 1078 2.57 8.16 -9.68
N PRO I 1079 2.27 9.07 -8.76
CA PRO I 1079 1.59 8.68 -7.53
C PRO I 1079 0.11 8.40 -7.78
N SER I 1080 -0.53 7.90 -6.72
CA SER I 1080 -1.96 7.64 -6.69
C SER I 1080 -2.59 8.40 -5.52
N VAL I 1081 -3.86 8.12 -5.27
CA VAL I 1081 -4.57 8.78 -4.17
C VAL I 1081 -3.98 8.31 -2.84
N PRO I 1082 -3.64 9.23 -1.93
CA PRO I 1082 -3.11 8.81 -0.63
C PRO I 1082 -4.16 8.08 0.18
N GLU I 1083 -3.69 7.15 1.02
CA GLU I 1083 -4.61 6.37 1.84
C GLU I 1083 -5.32 7.23 2.89
N SER I 1084 -4.73 8.35 3.29
CA SER I 1084 -5.42 9.21 4.25
C SER I 1084 -6.70 9.75 3.66
N PHE I 1085 -6.71 10.07 2.37
CA PHE I 1085 -7.94 10.52 1.74
C PHE I 1085 -8.98 9.41 1.67
N ARG I 1086 -8.54 8.17 1.42
CA ARG I 1086 -9.49 7.06 1.44
C ARG I 1086 -10.07 6.87 2.84
N VAL I 1087 -9.24 7.06 3.86
CA VAL I 1087 -9.71 7.04 5.24
C VAL I 1087 -10.76 8.12 5.46
N LEU I 1088 -10.50 9.32 4.94
CA LEU I 1088 -11.48 10.40 5.06
C LEU I 1088 -12.78 10.03 4.37
N VAL I 1089 -12.70 9.45 3.18
CA VAL I 1089 -13.89 9.10 2.43
C VAL I 1089 -14.71 8.09 3.21
N LYS I 1090 -14.05 7.06 3.74
CA LYS I 1090 -14.78 6.04 4.50
C LYS I 1090 -15.34 6.61 5.80
N GLU I 1091 -14.61 7.50 6.45
CA GLU I 1091 -15.12 8.13 7.66
C GLU I 1091 -16.37 8.94 7.38
N LEU I 1092 -16.34 9.75 6.32
CA LEU I 1092 -17.54 10.49 5.95
C LEU I 1092 -18.67 9.52 5.62
N GLN I 1093 -18.34 8.45 4.92
CA GLN I 1093 -19.32 7.42 4.61
C GLN I 1093 -19.89 6.80 5.88
N ALA I 1094 -19.14 6.81 6.98
CA ALA I 1094 -19.66 6.25 8.23
C ALA I 1094 -20.84 7.06 8.74
N LEU I 1095 -20.78 8.37 8.63
CA LEU I 1095 -21.94 9.19 8.90
C LEU I 1095 -22.93 9.04 7.74
N ALA I 1096 -24.08 9.70 7.85
CA ALA I 1096 -25.04 9.64 6.76
C ALA I 1096 -24.56 10.36 5.52
N LEU I 1097 -23.31 10.83 5.51
CA LEU I 1097 -22.80 11.56 4.37
C LEU I 1097 -22.58 10.63 3.19
N ASP I 1098 -22.17 11.21 2.07
CA ASP I 1098 -21.85 10.44 0.87
C ASP I 1098 -20.93 11.28 0.00
N VAL I 1099 -19.70 10.81 -0.18
CA VAL I 1099 -18.70 11.52 -0.98
C VAL I 1099 -18.17 10.58 -2.03
N GLN I 1100 -18.21 11.01 -3.29
CA GLN I 1100 -17.60 10.25 -4.37
C GLN I 1100 -16.94 11.22 -5.34
N THR I 1101 -15.89 10.73 -5.99
CA THR I 1101 -15.13 11.54 -6.94
C THR I 1101 -15.76 11.44 -8.32
N LEU I 1102 -16.01 12.59 -8.93
CA LEU I 1102 -16.66 12.66 -10.23
C LEU I 1102 -15.64 13.01 -11.31
N ASP I 1103 -15.91 12.52 -12.51
CA ASP I 1103 -15.04 12.78 -13.66
C ASP I 1103 -15.37 14.16 -14.22
N GLU I 1104 -14.85 14.46 -15.41
CA GLU I 1104 -15.20 15.71 -16.08
C GLU I 1104 -16.70 15.81 -16.29
N LYS I 1105 -17.31 14.73 -16.75
CA LYS I 1105 -18.76 14.60 -16.74
C LYS I 1105 -19.19 13.97 -15.43
N ASP I 1106 -20.51 13.90 -15.21
CA ASP I 1106 -21.05 13.34 -13.98
C ASP I 1106 -20.96 11.82 -14.00
N ASN I 1107 -19.73 11.33 -14.04
CA ASN I 1107 -19.44 9.90 -14.00
C ASN I 1107 -18.56 9.61 -12.80
N PRO I 1108 -19.08 8.98 -11.75
CA PRO I 1108 -18.23 8.68 -10.60
C PRO I 1108 -17.06 7.81 -11.01
N VAL I 1109 -15.89 8.13 -10.45
CA VAL I 1109 -14.68 7.34 -10.63
C VAL I 1109 -14.28 6.82 -9.27
N ASP I 1110 -14.31 5.50 -9.11
CA ASP I 1110 -14.08 4.90 -7.81
C ASP I 1110 -12.61 5.03 -7.43
N ILE I 1111 -12.34 5.58 -6.25
CA ILE I 1111 -10.97 5.74 -5.79
C ILE I 1111 -10.31 4.39 -5.60
N PHE I 1112 -11.06 3.43 -5.07
CA PHE I 1112 -10.55 2.10 -4.78
C PHE I 1112 -10.45 1.29 -6.06
N GLU I 1113 -9.62 0.26 -6.04
CA GLU I 1113 -9.48 -0.58 -7.23
C GLU I 1113 -10.80 -1.25 -7.58
N GLY I 1114 -11.24 -2.17 -6.74
CA GLY I 1114 -12.55 -2.79 -6.89
C GLY I 1114 -13.18 -3.16 -5.57
N LEU I 1115 -12.55 -2.76 -4.48
CA LEU I 1115 -12.95 -3.24 -3.16
C LEU I 1115 -14.25 -2.62 -2.68
N ALA I 1116 -14.53 -1.38 -3.06
CA ALA I 1116 -15.78 -0.75 -2.65
C ALA I 1116 -16.98 -1.46 -3.25
N SER I 1117 -16.88 -1.87 -4.51
CA SER I 1117 -17.98 -2.57 -5.17
C SER I 1117 -18.22 -3.93 -4.52
N LYS I 1118 -19.49 -4.34 -4.50
CA LYS I 1118 -19.86 -5.62 -3.91
C LYS I 1118 -19.68 -6.74 -4.93
N ARG I 1119 -18.99 -7.80 -4.52
CA ARG I 1119 -18.84 -9.02 -5.31
C ARG I 1119 -18.34 -8.76 -6.72
N LYS J 2 -9.38 4.80 -14.81
CA LYS J 2 -8.29 5.39 -15.58
C LYS J 2 -8.47 6.89 -15.70
N LYS J 3 -9.72 7.33 -15.64
CA LYS J 3 -10.01 8.75 -15.77
C LYS J 3 -9.51 9.53 -14.57
N GLU J 4 -9.26 10.82 -14.78
CA GLU J 4 -8.77 11.68 -13.73
C GLU J 4 -9.93 12.24 -12.90
N VAL J 5 -9.66 12.49 -11.63
CA VAL J 5 -10.66 13.06 -10.75
C VAL J 5 -10.77 14.56 -11.04
N ARG J 6 -12.00 15.03 -11.20
CA ARG J 6 -12.26 16.43 -11.52
C ARG J 6 -13.10 17.14 -10.48
N LYS J 7 -14.11 16.48 -9.92
CA LYS J 7 -14.99 17.09 -8.94
C LYS J 7 -15.30 16.08 -7.85
N VAL J 8 -15.62 16.60 -6.66
CA VAL J 8 -15.98 15.79 -5.50
C VAL J 8 -17.37 16.21 -5.06
N ARG J 9 -18.32 15.29 -5.12
CA ARG J 9 -19.70 15.56 -4.78
C ARG J 9 -20.02 14.99 -3.41
N ILE J 10 -20.66 15.79 -2.56
CA ILE J 10 -21.08 15.38 -1.24
C ILE J 10 -22.57 15.56 -1.15
N ALA J 11 -23.27 14.53 -0.67
CA ALA J 11 -24.73 14.57 -0.60
C ALA J 11 -25.18 13.59 0.47
N LEU J 12 -26.49 13.61 0.75
CA LEU J 12 -27.05 12.70 1.74
C LEU J 12 -27.05 11.27 1.20
N ALA J 13 -27.10 10.32 2.14
CA ALA J 13 -27.11 8.90 1.83
C ALA J 13 -28.47 8.32 2.13
N SER J 14 -29.09 7.72 1.11
CA SER J 14 -30.38 7.08 1.26
C SER J 14 -30.24 5.77 2.02
N PRO J 15 -31.31 5.29 2.67
CA PRO J 15 -31.19 3.99 3.34
C PRO J 15 -30.82 2.86 2.40
N GLU J 16 -31.35 2.87 1.17
CA GLU J 16 -30.93 1.87 0.21
C GLU J 16 -29.48 2.06 -0.20
N LYS J 17 -28.98 3.31 -0.16
CA LYS J 17 -27.56 3.53 -0.38
C LYS J 17 -26.73 2.85 0.70
N ILE J 18 -27.16 2.97 1.96
CA ILE J 18 -26.43 2.33 3.05
C ILE J 18 -26.49 0.82 2.89
N ARG J 19 -27.64 0.29 2.49
CA ARG J 19 -27.74 -1.15 2.24
C ARG J 19 -26.83 -1.59 1.09
N SER J 20 -26.74 -0.79 0.03
CA SER J 20 -25.89 -1.14 -1.10
C SER J 20 -24.42 -1.12 -0.70
N TRP J 21 -24.01 -0.11 0.08
CA TRP J 21 -22.62 -0.02 0.51
C TRP J 21 -22.18 -1.21 1.34
N SER J 22 -22.98 -1.58 2.33
CA SER J 22 -22.49 -2.56 3.29
C SER J 22 -22.60 -3.97 2.73
N TYR J 23 -21.78 -4.86 3.28
CA TYR J 23 -21.82 -6.28 2.96
C TYR J 23 -22.26 -7.00 4.23
N GLY J 24 -23.56 -7.12 4.42
CA GLY J 24 -24.08 -7.83 5.58
C GLY J 24 -24.34 -6.91 6.76
N GLU J 25 -24.94 -7.50 7.79
CA GLU J 25 -25.39 -6.77 8.96
C GLU J 25 -24.80 -7.40 10.21
N VAL J 26 -24.55 -6.58 11.23
CA VAL J 26 -23.94 -7.01 12.47
C VAL J 26 -25.00 -7.05 13.56
N GLU J 27 -25.00 -8.10 14.36
CA GLU J 27 -25.99 -8.28 15.40
C GLU J 27 -25.39 -8.46 16.78
N LYS J 28 -24.19 -8.97 16.89
CA LYS J 28 -23.61 -9.29 18.19
C LYS J 28 -22.71 -8.16 18.66
N PRO J 29 -22.84 -7.70 19.88
CA PRO J 29 -21.86 -6.76 20.44
C PRO J 29 -20.65 -7.47 21.04
N GLU J 30 -20.11 -8.43 20.30
CA GLU J 30 -19.01 -9.27 20.76
C GLU J 30 -17.83 -9.06 19.84
N THR J 31 -16.89 -8.20 20.25
CA THR J 31 -15.73 -7.91 19.42
C THR J 31 -14.86 -9.13 19.20
N ILE J 32 -14.17 -9.58 20.25
CA ILE J 32 -13.19 -10.66 20.19
C ILE J 32 -13.04 -11.24 21.59
N ASN J 33 -13.06 -12.56 21.70
CA ASN J 33 -12.76 -13.20 22.98
C ASN J 33 -11.27 -13.15 23.27
N TYR J 34 -10.94 -13.02 24.55
CA TYR J 34 -9.53 -13.04 24.93
C TYR J 34 -8.88 -14.36 24.55
N ARG J 35 -9.60 -15.47 24.76
CA ARG J 35 -9.06 -16.78 24.40
C ARG J 35 -8.95 -16.90 22.89
N THR J 36 -10.08 -16.81 22.18
CA THR J 36 -10.09 -16.92 20.73
C THR J 36 -9.60 -15.58 20.16
N LEU J 37 -8.30 -15.53 19.88
CA LEU J 37 -7.74 -14.33 19.26
C LEU J 37 -8.39 -14.03 17.91
N LYS J 38 -8.99 -15.03 17.29
CA LYS J 38 -9.71 -14.84 16.05
C LYS J 38 -10.97 -14.02 16.29
N PRO J 39 -11.52 -13.41 15.24
CA PRO J 39 -12.77 -12.65 15.39
C PRO J 39 -13.87 -13.51 16.00
N GLU J 40 -14.66 -12.89 16.86
CA GLU J 40 -15.55 -13.68 17.72
C GLU J 40 -16.79 -14.16 16.97
N ARG J 41 -17.62 -13.23 16.52
CA ARG J 41 -18.94 -13.54 15.99
C ARG J 41 -19.28 -12.52 14.92
N ASP J 42 -20.58 -12.37 14.65
CA ASP J 42 -21.07 -11.36 13.72
C ASP J 42 -20.79 -9.95 14.22
N GLY J 43 -20.04 -9.83 15.31
CA GLY J 43 -19.74 -8.55 15.90
C GLY J 43 -18.91 -7.63 15.05
N LEU J 44 -18.34 -6.61 15.68
CA LEU J 44 -17.75 -5.49 14.98
C LEU J 44 -16.49 -5.87 14.21
N PHE J 45 -16.01 -7.10 14.34
CA PHE J 45 -14.77 -7.50 13.67
C PHE J 45 -14.94 -8.82 12.93
N ASP J 46 -16.16 -9.16 12.54
CA ASP J 46 -16.41 -10.43 11.90
C ASP J 46 -15.62 -10.56 10.60
N GLU J 47 -15.24 -11.79 10.28
CA GLU J 47 -14.38 -12.04 9.12
C GLU J 47 -15.18 -11.97 7.83
N ARG J 48 -16.20 -12.81 7.68
CA ARG J 48 -16.93 -12.88 6.42
C ARG J 48 -17.85 -11.69 6.20
N ILE J 49 -17.96 -10.78 7.15
CA ILE J 49 -18.72 -9.56 6.92
C ILE J 49 -17.81 -8.43 6.43
N PHE J 50 -16.53 -8.47 6.79
CA PHE J 50 -15.59 -7.42 6.40
C PHE J 50 -14.41 -7.95 5.58
N GLY J 51 -14.35 -9.24 5.31
CA GLY J 51 -13.25 -9.80 4.58
C GLY J 51 -12.27 -10.51 5.49
N PRO J 52 -11.45 -11.39 4.92
CA PRO J 52 -10.57 -12.23 5.75
C PRO J 52 -9.57 -11.41 6.53
N ILE J 53 -9.32 -11.85 7.76
CA ILE J 53 -8.30 -11.22 8.59
C ILE J 53 -6.90 -11.74 8.28
N LYS J 54 -6.79 -12.92 7.67
CA LYS J 54 -5.49 -13.47 7.33
C LYS J 54 -4.92 -12.76 6.12
N ASP J 55 -3.71 -13.16 5.74
CA ASP J 55 -3.00 -12.45 4.69
C ASP J 55 -3.50 -12.86 3.30
N TYR J 56 -3.30 -14.13 2.95
CA TYR J 56 -3.65 -14.61 1.61
C TYR J 56 -4.48 -15.87 1.61
N GLU J 57 -4.41 -16.71 2.62
CA GLU J 57 -5.15 -17.96 2.62
C GLU J 57 -6.58 -17.74 3.09
N CYS J 58 -7.49 -18.54 2.53
CA CYS J 58 -8.88 -18.53 2.96
C CYS J 58 -9.02 -19.37 4.23
N ALA J 59 -10.26 -19.70 4.60
CA ALA J 59 -10.47 -20.52 5.79
C ALA J 59 -9.87 -21.91 5.62
N CYS J 60 -9.95 -22.48 4.42
CA CYS J 60 -9.48 -23.84 4.17
C CYS J 60 -8.27 -23.90 3.25
N GLY J 61 -8.33 -23.29 2.07
CA GLY J 61 -7.18 -23.20 1.20
C GLY J 61 -7.05 -24.26 0.12
N LYS J 62 -8.16 -24.72 -0.47
CA LYS J 62 -8.06 -25.72 -1.54
C LYS J 62 -7.82 -25.05 -2.89
N TYR J 63 -8.80 -24.28 -3.39
CA TYR J 63 -8.62 -23.48 -4.61
C TYR J 63 -8.13 -22.07 -4.26
N LYS J 64 -6.81 -21.92 -4.18
CA LYS J 64 -6.17 -20.67 -3.79
C LYS J 64 -5.05 -20.29 -4.74
N ARG J 65 -4.48 -21.27 -5.43
CA ARG J 65 -3.24 -21.09 -6.17
C ARG J 65 -3.46 -20.33 -7.47
N GLN J 66 -2.36 -19.73 -7.96
CA GLN J 66 -2.35 -18.79 -9.08
C GLN J 66 -2.81 -19.40 -10.41
N ARG J 67 -2.82 -20.73 -10.55
CA ARG J 67 -3.50 -21.31 -11.70
C ARG J 67 -5.01 -21.12 -11.60
N PHE J 68 -5.53 -21.27 -10.40
CA PHE J 68 -6.94 -21.42 -10.07
C PHE J 68 -7.36 -20.62 -8.83
N GLU J 69 -6.79 -19.43 -8.64
CA GLU J 69 -7.26 -18.58 -7.55
C GLU J 69 -8.68 -18.10 -7.78
N GLY J 70 -9.05 -17.82 -9.04
CA GLY J 70 -10.36 -17.30 -9.36
C GLY J 70 -11.45 -18.34 -9.35
N LYS J 71 -11.10 -19.60 -9.62
CA LYS J 71 -12.06 -20.68 -9.49
C LYS J 71 -12.53 -20.76 -8.05
N VAL J 72 -13.85 -20.88 -7.87
CA VAL J 72 -14.40 -20.82 -6.53
C VAL J 72 -13.81 -21.94 -5.69
N CYS J 73 -13.47 -21.62 -4.45
CA CYS J 73 -12.74 -22.54 -3.59
C CYS J 73 -13.56 -23.81 -3.34
N GLU J 74 -12.86 -24.93 -3.18
CA GLU J 74 -13.54 -26.21 -3.06
C GLU J 74 -14.32 -26.29 -1.75
N ARG J 75 -13.66 -26.07 -0.62
CA ARG J 75 -14.32 -26.09 0.67
C ARG J 75 -14.65 -24.71 1.18
N CYS J 76 -14.54 -23.69 0.32
CA CYS J 76 -14.54 -22.31 0.74
C CYS J 76 -15.10 -21.44 -0.38
N GLY J 77 -15.19 -20.13 -0.14
CA GLY J 77 -15.67 -19.22 -1.16
C GLY J 77 -14.97 -17.87 -1.20
N VAL J 78 -13.71 -17.82 -0.81
CA VAL J 78 -12.99 -16.57 -0.62
C VAL J 78 -12.09 -16.31 -1.82
N GLU J 79 -12.26 -15.15 -2.45
CA GLU J 79 -11.33 -14.69 -3.48
C GLU J 79 -10.06 -14.18 -2.81
N VAL J 80 -8.93 -14.40 -3.49
CA VAL J 80 -7.64 -14.05 -2.91
C VAL J 80 -7.53 -12.54 -2.79
N THR J 81 -7.23 -12.07 -1.58
CA THR J 81 -7.11 -10.64 -1.33
C THR J 81 -6.34 -10.44 -0.03
N LYS J 82 -5.79 -9.23 0.12
CA LYS J 82 -5.10 -8.86 1.35
C LYS J 82 -6.11 -8.51 2.42
N SER J 83 -5.60 -8.07 3.58
CA SER J 83 -6.45 -7.58 4.65
C SER J 83 -7.07 -6.23 4.32
N ILE J 84 -6.66 -5.61 3.21
CA ILE J 84 -7.15 -4.28 2.84
C ILE J 84 -8.65 -4.26 2.66
N VAL J 85 -9.27 -5.41 2.39
CA VAL J 85 -10.72 -5.47 2.32
C VAL J 85 -11.33 -5.01 3.64
N ARG J 86 -10.77 -5.47 4.76
CA ARG J 86 -11.25 -5.02 6.06
C ARG J 86 -10.96 -3.55 6.30
N ARG J 87 -10.09 -2.92 5.51
CA ARG J 87 -9.96 -1.48 5.54
C ARG J 87 -11.08 -0.76 4.82
N TYR J 88 -11.69 -1.39 3.82
CA TYR J 88 -12.66 -0.71 2.96
C TYR J 88 -14.06 -1.29 3.05
N ARG J 89 -14.20 -2.62 3.16
CA ARG J 89 -15.53 -3.20 3.27
C ARG J 89 -16.22 -2.70 4.53
N MET J 90 -17.52 -2.43 4.40
CA MET J 90 -18.28 -1.69 5.38
C MET J 90 -19.45 -2.51 5.88
N GLY J 91 -19.88 -2.22 7.12
CA GLY J 91 -21.03 -2.87 7.71
C GLY J 91 -22.22 -1.94 7.82
N HIS J 92 -23.31 -2.48 8.36
CA HIS J 92 -24.50 -1.68 8.59
C HIS J 92 -25.33 -2.28 9.70
N ILE J 93 -26.19 -1.44 10.29
CA ILE J 93 -27.11 -1.83 11.37
C ILE J 93 -28.50 -1.38 10.98
N GLU J 94 -29.44 -2.32 10.99
CA GLU J 94 -30.84 -2.01 10.65
C GLU J 94 -31.59 -1.74 11.94
N LEU J 95 -31.71 -0.47 12.29
CA LEU J 95 -32.45 -0.10 13.49
C LEU J 95 -33.93 -0.41 13.31
N ALA J 96 -34.54 -1.00 14.34
CA ALA J 96 -35.97 -1.24 14.27
C ALA J 96 -36.77 0.06 14.34
N THR J 97 -36.16 1.13 14.81
CA THR J 97 -36.81 2.42 14.97
C THR J 97 -36.00 3.49 14.26
N PRO J 98 -36.64 4.43 13.57
CA PRO J 98 -35.89 5.49 12.90
C PRO J 98 -35.19 6.42 13.90
N ALA J 99 -34.17 7.09 13.40
CA ALA J 99 -33.44 8.10 14.17
C ALA J 99 -32.95 9.17 13.22
N ALA J 100 -32.65 10.34 13.77
CA ALA J 100 -32.23 11.48 12.97
C ALA J 100 -30.74 11.76 13.19
N HIS J 101 -30.06 12.12 12.12
CA HIS J 101 -28.69 12.59 12.22
C HIS J 101 -28.63 13.78 13.16
N ILE J 102 -27.72 13.73 14.12
CA ILE J 102 -27.66 14.77 15.14
C ILE J 102 -27.33 16.12 14.52
N TRP J 103 -26.58 16.13 13.41
CA TRP J 103 -26.19 17.39 12.80
C TRP J 103 -27.40 18.19 12.34
N PHE J 104 -28.36 17.53 11.70
CA PHE J 104 -29.50 18.24 11.15
C PHE J 104 -30.47 18.70 12.22
N VAL J 105 -30.31 18.27 13.46
CA VAL J 105 -31.22 18.67 14.52
C VAL J 105 -30.56 19.55 15.57
N LYS J 106 -29.23 19.60 15.62
CA LYS J 106 -28.54 20.41 16.62
C LYS J 106 -27.69 21.52 16.03
N ASP J 107 -27.54 21.59 14.71
CA ASP J 107 -26.80 22.68 14.11
C ASP J 107 -27.51 24.00 14.38
N VAL J 108 -26.73 25.09 14.44
CA VAL J 108 -27.30 26.37 14.83
C VAL J 108 -28.47 26.78 13.93
N PRO J 109 -28.37 26.72 12.59
CA PRO J 109 -29.58 26.68 11.77
C PRO J 109 -30.09 25.25 11.69
N SER J 110 -31.18 24.98 12.39
CA SER J 110 -31.70 23.62 12.44
C SER J 110 -32.32 23.28 11.10
N LYS J 111 -31.64 22.41 10.34
CA LYS J 111 -32.13 22.05 9.01
C LYS J 111 -33.52 21.42 9.09
N ILE J 112 -33.72 20.49 10.02
CA ILE J 112 -35.06 20.01 10.30
C ILE J 112 -35.94 21.14 10.80
N GLY J 113 -35.41 21.96 11.71
CA GLY J 113 -36.20 23.00 12.32
C GLY J 113 -36.57 24.14 11.39
N THR J 114 -35.85 24.28 10.27
CA THR J 114 -36.20 25.29 9.29
C THR J 114 -36.97 24.74 8.10
N LEU J 115 -36.73 23.48 7.73
CA LEU J 115 -37.53 22.88 6.67
C LEU J 115 -38.98 22.73 7.09
N LEU J 116 -39.20 22.37 8.35
CA LEU J 116 -40.54 22.35 8.93
C LEU J 116 -40.69 23.54 9.86
N ASP J 117 -41.95 23.93 10.10
CA ASP J 117 -42.23 25.06 10.98
C ASP J 117 -42.16 24.59 12.43
N LEU J 118 -40.94 24.30 12.86
CA LEU J 118 -40.68 23.73 14.17
C LEU J 118 -39.61 24.52 14.89
N SER J 119 -39.83 24.76 16.18
CA SER J 119 -38.85 25.48 16.98
C SER J 119 -37.68 24.56 17.30
N ALA J 120 -36.47 25.02 16.98
CA ALA J 120 -35.30 24.18 17.10
C ALA J 120 -34.97 23.87 18.55
N THR J 121 -34.95 24.91 19.40
CA THR J 121 -34.37 24.77 20.72
C THR J 121 -35.15 23.79 21.58
N GLU J 122 -36.48 23.87 21.55
CA GLU J 122 -37.27 23.04 22.45
C GLU J 122 -38.23 22.10 21.72
N LEU J 123 -38.97 22.58 20.72
CA LEU J 123 -40.00 21.74 20.10
C LEU J 123 -39.37 20.51 19.44
N GLU J 124 -38.34 20.71 18.65
CA GLU J 124 -37.76 19.61 17.89
C GLU J 124 -37.25 18.52 18.83
N GLN J 125 -36.49 18.91 19.85
CA GLN J 125 -35.97 17.91 20.77
C GLN J 125 -37.08 17.27 21.59
N VAL J 126 -38.06 18.06 22.05
CA VAL J 126 -39.04 17.51 22.97
C VAL J 126 -39.93 16.50 22.25
N LEU J 127 -40.29 16.78 21.00
CA LEU J 127 -41.00 15.78 20.22
C LEU J 127 -40.07 14.62 19.87
N TYR J 128 -38.80 14.92 19.65
CA TYR J 128 -37.85 13.93 19.15
C TYR J 128 -37.23 13.10 20.25
N PHE J 129 -37.17 13.60 21.48
CA PHE J 129 -36.73 12.81 22.63
C PHE J 129 -37.88 12.51 23.59
N SER J 130 -38.53 13.54 24.12
CA SER J 130 -39.55 13.32 25.13
C SER J 130 -40.84 12.83 24.50
N LYS J 131 -41.85 12.62 25.33
CA LYS J 131 -43.12 12.07 24.87
C LYS J 131 -44.03 13.23 24.50
N TYR J 132 -43.83 13.74 23.29
CA TYR J 132 -44.70 14.75 22.71
C TYR J 132 -45.20 14.26 21.36
N ILE J 133 -46.36 14.75 20.97
CA ILE J 133 -47.07 14.25 19.81
C ILE J 133 -47.27 15.38 18.82
N VAL J 134 -46.93 15.13 17.55
CA VAL J 134 -47.32 16.00 16.45
C VAL J 134 -48.24 15.22 15.54
N LEU J 135 -49.08 15.93 14.80
CA LEU J 135 -50.11 15.28 14.01
C LEU J 135 -50.55 16.20 12.90
N ASP J 136 -50.48 15.73 11.66
CA ASP J 136 -50.92 16.49 10.49
C ASP J 136 -52.42 16.41 10.20
N PRO J 137 -53.01 15.20 10.01
CA PRO J 137 -54.27 15.11 9.28
C PRO J 137 -55.46 15.78 9.96
N LYS J 138 -55.73 15.41 11.20
CA LYS J 138 -56.97 15.79 11.87
C LYS J 138 -56.65 16.55 13.14
N GLY J 139 -57.22 17.74 13.27
CA GLY J 139 -57.11 18.50 14.50
C GLY J 139 -58.39 19.24 14.82
N ALA J 140 -59.43 18.99 14.02
CA ALA J 140 -60.68 19.73 14.17
C ALA J 140 -61.38 19.46 15.48
N ILE J 141 -60.97 18.45 16.24
CA ILE J 141 -61.51 18.25 17.57
C ILE J 141 -61.18 19.45 18.44
N LEU J 142 -62.10 19.83 19.31
CA LEU J 142 -62.01 21.08 20.05
C LEU J 142 -61.82 20.80 21.54
N ASN J 143 -60.86 21.47 22.14
CA ASN J 143 -60.57 21.36 23.57
C ASN J 143 -60.61 22.75 24.21
N GLY J 144 -61.58 23.57 23.80
CA GLY J 144 -61.50 24.98 24.08
C GLY J 144 -60.50 25.70 23.21
N VAL J 145 -59.91 25.01 22.25
CA VAL J 145 -58.88 25.53 21.36
C VAL J 145 -59.28 25.14 19.95
N PRO J 146 -59.08 26.02 18.95
CA PRO J 146 -59.53 25.70 17.58
C PRO J 146 -58.79 24.54 16.94
N VAL J 147 -59.05 24.33 15.66
CA VAL J 147 -58.55 23.16 14.94
C VAL J 147 -57.03 23.10 15.00
N GLU J 148 -56.48 21.90 14.81
CA GLU J 148 -55.04 21.67 14.80
C GLU J 148 -54.58 21.12 13.46
N LYS J 149 -53.45 21.61 12.98
CA LYS J 149 -52.88 21.14 11.71
C LYS J 149 -51.49 20.55 11.89
N ARG J 150 -50.59 21.26 12.58
CA ARG J 150 -49.28 20.72 12.94
C ARG J 150 -48.93 21.08 14.37
N GLN J 151 -49.93 21.36 15.19
CA GLN J 151 -49.68 21.86 16.53
C GLN J 151 -49.07 20.78 17.40
N LEU J 152 -48.25 21.21 18.36
CA LEU J 152 -47.60 20.33 19.31
C LEU J 152 -48.36 20.38 20.63
N LEU J 153 -48.81 19.23 21.10
CA LEU J 153 -49.57 19.12 22.34
C LEU J 153 -48.95 18.04 23.21
N THR J 154 -49.01 18.26 24.52
CA THR J 154 -48.42 17.30 25.45
C THR J 154 -49.18 15.98 25.42
N ASP J 155 -48.46 14.89 25.67
CA ASP J 155 -49.06 13.57 25.60
C ASP J 155 -50.10 13.34 26.68
N GLU J 156 -50.13 14.16 27.72
CA GLU J 156 -51.18 14.04 28.73
C GLU J 156 -52.53 14.46 28.14
N GLU J 157 -52.65 15.73 27.76
CA GLU J 157 -53.87 16.20 27.13
C GLU J 157 -54.11 15.49 25.81
N TYR J 158 -53.04 15.10 25.11
CA TYR J 158 -53.23 14.31 23.90
C TYR J 158 -53.92 13.00 24.21
N ARG J 159 -53.29 12.16 25.04
CA ARG J 159 -53.85 10.87 25.41
C ARG J 159 -55.27 11.02 25.91
N GLU J 160 -55.56 12.14 26.58
CA GLU J 160 -56.93 12.45 26.96
C GLU J 160 -57.83 12.52 25.74
N LEU J 161 -57.55 13.46 24.85
CA LEU J 161 -58.39 13.65 23.66
C LEU J 161 -58.42 12.42 22.75
N ARG J 162 -57.43 11.53 22.89
CA ARG J 162 -57.37 10.33 22.04
C ARG J 162 -58.57 9.42 22.22
N TYR J 163 -59.00 9.21 23.46
CA TYR J 163 -60.05 8.25 23.77
C TYR J 163 -61.18 8.90 24.56
N GLY J 164 -61.53 10.11 24.20
CA GLY J 164 -62.71 10.77 24.76
C GLY J 164 -62.35 11.64 25.95
N LYS J 165 -63.22 11.64 26.97
CA LYS J 165 -62.93 12.32 28.24
C LYS J 165 -63.40 11.37 29.33
N GLN J 166 -62.49 10.50 29.76
CA GLN J 166 -62.86 9.27 30.45
C GLN J 166 -62.56 9.36 31.94
N GLU J 167 -63.49 8.86 32.75
CA GLU J 167 -63.29 8.72 34.19
C GLU J 167 -63.95 7.43 34.65
N THR J 168 -63.31 6.74 35.58
CA THR J 168 -63.83 5.49 36.11
C THR J 168 -63.88 5.58 37.62
N TYR J 169 -64.91 4.98 38.22
CA TYR J 169 -65.11 4.99 39.66
C TYR J 169 -65.56 3.61 40.13
N PRO J 170 -64.75 2.92 40.93
CA PRO J 170 -65.18 1.61 41.44
C PRO J 170 -66.43 1.75 42.30
N LEU J 171 -67.30 0.74 42.18
CA LEU J 171 -68.54 0.71 42.94
C LEU J 171 -68.57 -0.52 43.83
N PRO J 172 -69.07 -0.39 45.06
CA PRO J 172 -69.15 -1.55 45.95
C PRO J 172 -70.06 -2.62 45.36
N PRO J 173 -69.63 -3.88 45.37
CA PRO J 173 -70.50 -4.96 44.90
C PRO J 173 -71.68 -5.17 45.85
N GLY J 174 -72.79 -5.65 45.29
CA GLY J 174 -73.98 -5.89 46.07
C GLY J 174 -74.74 -4.64 46.45
N VAL J 175 -74.35 -3.48 45.93
CA VAL J 175 -75.04 -2.22 46.19
C VAL J 175 -75.47 -1.66 44.85
N ASP J 176 -76.78 -1.52 44.65
CA ASP J 176 -77.33 -1.00 43.40
C ASP J 176 -77.37 0.51 43.50
N ALA J 177 -76.40 1.16 42.87
CA ALA J 177 -76.30 2.62 42.91
C ALA J 177 -77.50 3.25 42.21
N LEU J 178 -77.83 4.47 42.62
CA LEU J 178 -78.99 5.17 42.10
C LEU J 178 -78.82 5.58 40.64
N VAL J 179 -77.62 5.46 40.09
CA VAL J 179 -77.36 5.82 38.70
C VAL J 179 -77.52 4.59 37.83
N LYS J 180 -78.28 4.71 36.75
CA LYS J 180 -78.54 3.62 35.84
C LYS J 180 -77.47 3.58 34.75
N ASP J 181 -77.70 2.77 33.72
CA ASP J 181 -76.70 2.58 32.67
C ASP J 181 -76.54 3.82 31.79
N GLY J 182 -77.65 4.47 31.43
CA GLY J 182 -77.57 5.59 30.51
C GLY J 182 -78.00 6.91 31.11
N GLU J 183 -77.59 7.20 32.34
CA GLU J 183 -78.01 8.40 33.04
C GLU J 183 -77.03 9.54 32.79
N GLU J 184 -77.55 10.66 32.30
CA GLU J 184 -76.75 11.88 32.22
C GLU J 184 -76.54 12.44 33.62
N VAL J 185 -75.31 12.84 33.91
CA VAL J 185 -74.91 13.27 35.24
C VAL J 185 -74.21 14.62 35.14
N VAL J 186 -74.61 15.55 36.00
CA VAL J 186 -73.96 16.84 36.12
C VAL J 186 -73.12 16.83 37.39
N LYS J 187 -72.26 17.86 37.53
CA LYS J 187 -71.48 17.98 38.74
C LYS J 187 -72.39 18.32 39.92
N GLY J 188 -72.21 17.60 41.02
CA GLY J 188 -72.99 17.80 42.22
C GLY J 188 -74.14 16.82 42.39
N GLN J 189 -74.55 16.14 41.32
CA GLN J 189 -75.65 15.19 41.42
C GLN J 189 -75.28 14.02 42.31
N GLU J 190 -76.18 13.66 43.22
CA GLU J 190 -75.87 12.72 44.30
C GLU J 190 -76.10 11.30 43.80
N LEU J 191 -75.05 10.68 43.28
CA LEU J 191 -75.15 9.37 42.63
C LEU J 191 -75.56 8.25 43.57
N ALA J 192 -75.37 8.43 44.85
CA ALA J 192 -75.59 7.37 45.83
C ALA J 192 -75.75 8.07 47.16
N PRO J 193 -75.96 7.37 48.29
CA PRO J 193 -75.95 8.07 49.58
C PRO J 193 -74.68 8.88 49.85
N GLY J 194 -73.62 8.68 49.08
CA GLY J 194 -72.37 9.40 49.33
C GLY J 194 -71.50 9.74 48.13
N VAL J 195 -71.91 9.37 46.92
CA VAL J 195 -71.06 9.50 45.73
C VAL J 195 -71.51 10.69 44.91
N VAL J 196 -70.55 11.46 44.41
CA VAL J 196 -70.81 12.63 43.57
C VAL J 196 -69.84 12.63 42.40
N SER J 197 -70.35 12.92 41.20
CA SER J 197 -69.52 12.98 40.00
C SER J 197 -68.83 14.34 39.91
N ARG J 198 -68.24 14.63 38.75
CA ARG J 198 -67.42 15.82 38.57
C ARG J 198 -67.85 16.72 37.42
N LEU J 199 -68.47 16.19 36.37
CA LEU J 199 -68.70 16.97 35.17
C LEU J 199 -69.88 16.41 34.40
N ASP J 200 -70.38 17.22 33.46
CA ASP J 200 -71.54 16.83 32.65
C ASP J 200 -71.15 15.70 31.70
N GLY J 201 -71.90 14.60 31.77
CA GLY J 201 -71.63 13.47 30.90
C GLY J 201 -72.64 12.37 31.09
N VAL J 202 -72.25 11.13 30.82
CA VAL J 202 -73.10 9.96 31.01
C VAL J 202 -72.37 8.97 31.91
N ALA J 203 -73.08 8.41 32.87
CA ALA J 203 -72.52 7.45 33.81
C ALA J 203 -73.06 6.06 33.48
N LEU J 204 -72.14 5.12 33.25
CA LEU J 204 -72.46 3.74 32.93
C LEU J 204 -72.37 2.91 34.21
N TYR J 205 -73.36 2.06 34.44
CA TYR J 205 -73.49 1.29 35.67
C TYR J 205 -73.21 -0.19 35.42
N ARG J 206 -72.48 -0.81 36.34
CA ARG J 206 -72.15 -2.24 36.26
C ARG J 206 -72.47 -2.89 37.60
N PHE J 207 -73.40 -3.84 37.58
CA PHE J 207 -73.83 -4.61 38.75
C PHE J 207 -73.97 -3.75 40.01
N ALA J 391 -69.88 -4.11 39.14
CA ALA J 391 -69.99 -3.09 40.18
C ALA J 391 -69.02 -1.94 39.93
N SER J 392 -69.37 -1.07 38.98
CA SER J 392 -68.52 0.06 38.63
C SER J 392 -69.37 1.15 38.01
N ILE J 393 -68.80 2.36 37.99
CA ILE J 393 -69.40 3.52 37.35
C ILE J 393 -68.39 4.09 36.37
N LEU J 394 -68.87 4.48 35.20
CA LEU J 394 -68.00 5.00 34.15
C LEU J 394 -68.55 6.34 33.68
N VAL J 395 -67.87 7.43 34.04
CA VAL J 395 -68.31 8.77 33.67
C VAL J 395 -67.58 9.17 32.41
N VAL J 396 -68.33 9.30 31.31
CA VAL J 396 -67.77 9.63 30.00
C VAL J 396 -68.48 10.88 29.50
N LYS J 397 -67.70 11.85 29.01
CA LYS J 397 -68.29 13.04 28.42
C LYS J 397 -68.72 12.74 26.98
N ALA J 398 -69.51 11.67 26.85
CA ALA J 398 -69.97 11.16 25.57
C ALA J 398 -71.48 11.27 25.51
N ARG J 399 -72.06 10.89 24.36
CA ARG J 399 -73.48 11.03 24.13
C ARG J 399 -74.09 9.67 23.84
N VAL J 400 -75.14 9.31 24.58
CA VAL J 400 -75.81 8.03 24.43
C VAL J 400 -77.03 8.21 23.56
N TYR J 401 -77.40 7.13 22.85
CA TYR J 401 -78.52 7.15 21.92
C TYR J 401 -79.23 5.80 21.96
N PRO J 402 -80.44 5.73 22.50
CA PRO J 402 -81.21 4.49 22.42
C PRO J 402 -81.69 4.22 20.99
N PHE J 403 -81.84 2.95 20.67
CA PHE J 403 -82.33 2.53 19.37
C PHE J 403 -82.95 1.15 19.52
N GLU J 404 -83.81 0.79 18.59
CA GLU J 404 -84.54 -0.47 18.67
C GLU J 404 -84.44 -1.32 17.41
N ASP J 405 -83.56 -0.95 16.47
CA ASP J 405 -83.42 -1.71 15.22
C ASP J 405 -81.97 -2.10 14.99
N ASP J 406 -81.66 -2.55 13.78
CA ASP J 406 -80.33 -3.05 13.48
C ASP J 406 -79.28 -1.93 13.61
N VAL J 407 -78.03 -2.35 13.68
CA VAL J 407 -76.91 -1.43 13.84
C VAL J 407 -76.27 -1.17 12.49
N GLU J 408 -76.02 0.11 12.21
CA GLU J 408 -75.29 0.50 11.01
C GLU J 408 -73.80 0.61 11.26
N VAL J 409 -73.42 1.17 12.41
CA VAL J 409 -72.01 1.31 12.79
C VAL J 409 -71.74 0.35 13.93
N SER J 410 -70.79 -0.57 13.71
CA SER J 410 -70.43 -1.55 14.72
C SER J 410 -69.51 -0.93 15.76
N THR J 411 -69.10 -1.73 16.73
CA THR J 411 -68.20 -1.26 17.78
C THR J 411 -66.79 -1.11 17.21
N GLY J 412 -66.21 0.07 17.38
CA GLY J 412 -64.86 0.30 16.91
C GLY J 412 -64.73 1.47 15.96
N ASP J 413 -65.72 1.65 15.10
CA ASP J 413 -65.66 2.71 14.09
C ASP J 413 -65.80 4.09 14.74
N ARG J 414 -65.06 5.04 14.18
CA ARG J 414 -65.13 6.44 14.59
C ARG J 414 -65.88 7.22 13.52
N VAL J 415 -66.84 8.04 13.95
CA VAL J 415 -67.85 8.59 13.06
C VAL J 415 -67.83 10.12 13.15
N ALA J 416 -68.25 10.78 12.02
CA ALA J 416 -68.47 12.19 11.72
C ALA J 416 -69.96 12.50 11.67
N PRO J 417 -70.37 13.72 12.01
CA PRO J 417 -71.81 14.04 12.09
C PRO J 417 -72.51 13.83 10.76
N GLY J 418 -73.78 13.44 10.86
CA GLY J 418 -74.58 13.18 9.68
C GLY J 418 -74.48 11.77 9.16
N ASP J 419 -73.47 11.01 9.59
CA ASP J 419 -73.33 9.63 9.17
C ASP J 419 -74.28 8.74 9.95
N VAL J 420 -74.88 7.79 9.26
CA VAL J 420 -75.88 6.92 9.88
C VAL J 420 -75.18 6.05 10.94
N LEU J 421 -75.72 6.06 12.16
CA LEU J 421 -75.17 5.27 13.25
C LEU J 421 -75.85 3.92 13.35
N ALA J 422 -77.17 3.92 13.49
CA ALA J 422 -77.96 2.71 13.61
C ALA J 422 -79.38 3.04 13.21
N ASP J 423 -80.18 1.99 12.97
CA ASP J 423 -81.59 2.13 12.63
C ASP J 423 -81.78 2.93 11.34
N GLY J 424 -80.78 2.91 10.46
CA GLY J 424 -80.86 3.69 9.25
C GLY J 424 -80.88 5.18 9.57
N GLY J 425 -81.63 5.93 8.76
CA GLY J 425 -81.70 7.37 8.91
C GLY J 425 -82.34 7.85 10.20
N LYS J 426 -82.89 6.94 11.01
CA LYS J 426 -83.48 7.36 12.28
C LYS J 426 -82.41 7.91 13.22
N VAL J 427 -81.24 7.27 13.29
CA VAL J 427 -80.16 7.71 14.15
C VAL J 427 -78.94 8.00 13.27
N LYS J 428 -78.41 9.20 13.40
CA LYS J 428 -77.22 9.62 12.67
C LYS J 428 -76.26 10.31 13.63
N SER J 429 -74.99 10.33 13.26
CA SER J 429 -73.97 10.91 14.12
C SER J 429 -74.16 12.41 14.26
N ASP J 430 -73.78 12.93 15.43
CA ASP J 430 -73.88 14.35 15.73
C ASP J 430 -72.53 15.03 15.85
N VAL J 431 -71.51 14.30 16.29
CA VAL J 431 -70.17 14.85 16.50
C VAL J 431 -69.13 13.85 16.01
N TYR J 432 -67.90 14.33 15.87
CA TYR J 432 -66.76 13.44 15.69
C TYR J 432 -66.60 12.53 16.90
N GLY J 433 -66.32 11.26 16.65
CA GLY J 433 -66.03 10.35 17.73
C GLY J 433 -66.25 8.91 17.33
N ARG J 434 -65.95 8.04 18.29
CA ARG J 434 -66.01 6.59 18.11
C ARG J 434 -67.33 6.04 18.63
N VAL J 435 -67.76 4.94 18.03
CA VAL J 435 -69.07 4.35 18.30
C VAL J 435 -68.88 3.04 19.06
N GLU J 436 -69.59 2.90 20.17
CA GLU J 436 -69.62 1.65 20.92
C GLU J 436 -71.06 1.25 21.13
N VAL J 437 -71.43 0.05 20.70
CA VAL J 437 -72.82 -0.40 20.77
C VAL J 437 -72.91 -1.47 21.86
N ASP J 438 -73.82 -1.25 22.81
CA ASP J 438 -74.10 -2.21 23.87
C ASP J 438 -75.51 -2.73 23.70
N LEU J 439 -75.65 -4.00 23.35
CA LEU J 439 -76.96 -4.58 23.12
C LEU J 439 -77.68 -4.96 24.41
N VAL J 440 -77.01 -4.88 25.56
CA VAL J 440 -77.66 -5.19 26.83
C VAL J 440 -78.79 -4.19 27.10
N ARG J 441 -78.51 -2.91 26.90
CA ARG J 441 -79.54 -1.88 26.89
C ARG J 441 -79.88 -1.42 25.48
N ASN J 442 -79.26 -2.03 24.46
CA ASN J 442 -79.56 -1.75 23.06
C ASN J 442 -79.38 -0.26 22.76
N VAL J 443 -78.15 0.21 22.97
CA VAL J 443 -77.83 1.62 22.95
C VAL J 443 -76.49 1.85 22.26
N VAL J 444 -76.39 2.95 21.52
CA VAL J 444 -75.13 3.38 20.91
C VAL J 444 -74.58 4.55 21.70
N ARG J 445 -73.37 4.40 22.24
CA ARG J 445 -72.68 5.50 22.90
C ARG J 445 -71.59 6.01 21.97
N VAL J 446 -71.57 7.32 21.76
CA VAL J 446 -70.62 7.96 20.86
C VAL J 446 -69.74 8.88 21.68
N VAL J 447 -68.44 8.60 21.69
CA VAL J 447 -67.46 9.46 22.34
C VAL J 447 -67.13 10.61 21.41
N GLU J 448 -66.39 11.59 21.92
CA GLU J 448 -66.01 12.78 21.16
C GLU J 448 -64.54 12.78 20.78
N SER J 449 -63.99 11.62 20.44
CA SER J 449 -62.61 11.50 20.01
C SER J 449 -62.56 10.89 18.62
N TYR J 450 -62.16 11.69 17.64
CA TYR J 450 -62.05 11.22 16.26
C TYR J 450 -60.65 10.67 16.02
N ASP J 451 -60.52 9.85 14.98
CA ASP J 451 -59.24 9.20 14.72
C ASP J 451 -58.19 10.21 14.31
N ILE J 452 -57.19 10.44 15.17
CA ILE J 452 -56.20 11.51 14.97
C ILE J 452 -54.81 10.91 15.05
N ASP J 453 -53.87 11.52 14.31
CA ASP J 453 -52.50 11.03 14.26
C ASP J 453 -51.84 11.13 15.63
N ALA J 454 -51.11 10.07 16.00
CA ALA J 454 -50.39 10.01 17.27
C ALA J 454 -48.99 9.51 16.99
N ARG J 455 -47.98 10.37 17.18
CA ARG J 455 -46.63 9.95 16.87
C ARG J 455 -45.64 10.62 17.82
N MET J 456 -44.50 9.96 17.98
CA MET J 456 -43.41 10.37 18.86
C MET J 456 -42.09 10.25 18.11
N GLY J 457 -41.24 11.27 18.24
CA GLY J 457 -39.86 11.07 17.87
C GLY J 457 -39.64 10.94 16.38
N ALA J 458 -38.54 10.25 16.04
CA ALA J 458 -38.01 10.28 14.68
C ALA J 458 -39.03 9.81 13.66
N GLU J 459 -39.77 8.74 13.96
CA GLU J 459 -40.77 8.26 13.02
C GLU J 459 -41.72 9.38 12.62
N ALA J 460 -42.20 10.14 13.62
CA ALA J 460 -43.04 11.29 13.34
C ALA J 460 -42.37 12.21 12.34
N ILE J 461 -41.11 12.57 12.62
CA ILE J 461 -40.39 13.43 11.69
C ILE J 461 -40.38 12.81 10.31
N GLN J 462 -40.08 11.51 10.24
CA GLN J 462 -40.08 10.84 8.94
C GLN J 462 -41.43 11.03 8.27
N GLN J 463 -42.52 10.77 8.99
CA GLN J 463 -43.85 10.96 8.43
C GLN J 463 -43.97 12.36 7.85
N LEU J 464 -43.58 13.37 8.64
CA LEU J 464 -43.63 14.74 8.14
C LEU J 464 -42.83 14.87 6.86
N LEU J 465 -41.57 14.43 6.88
CA LEU J 465 -40.74 14.54 5.70
C LEU J 465 -41.29 13.68 4.56
N LYS J 466 -42.03 12.62 4.87
CA LYS J 466 -42.63 11.83 3.81
C LYS J 466 -43.79 12.57 3.16
N GLU J 467 -44.56 13.33 3.95
CA GLU J 467 -45.72 14.01 3.40
C GLU J 467 -45.40 15.41 2.90
N LEU J 468 -44.17 15.88 3.08
CA LEU J 468 -43.80 17.21 2.64
C LEU J 468 -43.42 17.18 1.16
N ASP J 469 -43.97 18.12 0.40
CA ASP J 469 -43.61 18.31 -0.99
C ASP J 469 -42.94 19.66 -1.16
N LEU J 470 -41.83 19.68 -1.89
CA LEU J 470 -40.96 20.85 -1.93
C LEU J 470 -41.48 21.96 -2.83
N GLU J 471 -42.11 21.62 -3.96
CA GLU J 471 -42.47 22.66 -4.92
C GLU J 471 -43.55 23.58 -4.38
N ALA J 472 -44.59 23.02 -3.75
CA ALA J 472 -45.65 23.87 -3.22
C ALA J 472 -45.11 24.78 -2.12
N LEU J 473 -44.26 24.24 -1.25
CA LEU J 473 -43.64 25.05 -0.22
C LEU J 473 -42.78 26.15 -0.83
N GLU J 474 -42.09 25.83 -1.93
CA GLU J 474 -41.27 26.83 -2.60
C GLU J 474 -42.12 27.98 -3.13
N LYS J 475 -43.21 27.65 -3.82
CA LYS J 475 -44.10 28.71 -4.30
C LYS J 475 -44.66 29.53 -3.15
N GLU J 476 -45.12 28.85 -2.09
CA GLU J 476 -45.71 29.56 -0.96
C GLU J 476 -44.70 30.51 -0.32
N LEU J 477 -43.46 30.05 -0.16
CA LEU J 477 -42.42 30.93 0.36
C LEU J 477 -42.18 32.09 -0.58
N LEU J 478 -42.27 31.86 -1.90
CA LEU J 478 -42.11 32.95 -2.84
C LEU J 478 -43.15 34.04 -2.59
N GLU J 479 -44.42 33.66 -2.51
CA GLU J 479 -45.45 34.69 -2.28
C GLU J 479 -45.27 35.34 -0.91
N GLU J 480 -44.97 34.54 0.11
CA GLU J 480 -44.81 35.08 1.46
C GLU J 480 -43.56 35.93 1.59
N MET J 481 -42.66 35.87 0.61
CA MET J 481 -41.48 36.71 0.63
C MET J 481 -41.70 37.99 -0.16
N LYS J 482 -42.33 37.90 -1.35
CA LYS J 482 -42.42 39.05 -2.22
C LYS J 482 -43.29 40.15 -1.63
N HIS J 483 -44.39 39.80 -0.99
CA HIS J 483 -45.36 40.81 -0.59
C HIS J 483 -44.92 41.61 0.63
N PRO J 484 -44.69 40.99 1.80
CA PRO J 484 -44.56 41.80 3.03
C PRO J 484 -43.23 42.53 3.11
N SER J 485 -42.99 43.17 4.24
CA SER J 485 -41.79 43.98 4.42
C SER J 485 -40.60 43.09 4.76
N ARG J 486 -39.50 43.70 5.21
CA ARG J 486 -38.21 43.02 5.23
C ARG J 486 -38.10 42.01 6.37
N ALA J 487 -38.70 42.28 7.52
CA ALA J 487 -38.44 41.45 8.70
C ALA J 487 -38.92 40.02 8.49
N ARG J 488 -40.17 39.84 8.08
CA ARG J 488 -40.67 38.48 7.86
C ARG J 488 -40.00 37.83 6.66
N ARG J 489 -39.77 38.60 5.60
CA ARG J 489 -39.14 38.05 4.42
C ARG J 489 -37.72 37.58 4.70
N ALA J 490 -37.09 38.10 5.75
CA ALA J 490 -35.77 37.60 6.13
C ALA J 490 -35.80 36.12 6.46
N LYS J 491 -36.69 35.72 7.38
CA LYS J 491 -36.78 34.30 7.70
C LYS J 491 -37.43 33.53 6.55
N ALA J 492 -38.31 34.17 5.80
CA ALA J 492 -38.90 33.52 4.64
C ALA J 492 -37.81 33.07 3.67
N ARG J 493 -36.88 33.95 3.33
CA ARG J 493 -35.78 33.55 2.46
C ARG J 493 -34.81 32.62 3.16
N LYS J 494 -34.64 32.78 4.49
CA LYS J 494 -33.73 31.90 5.19
C LYS J 494 -34.15 30.44 5.10
N ARG J 495 -35.46 30.18 5.09
CA ARG J 495 -35.91 28.81 4.86
C ARG J 495 -36.10 28.50 3.39
N LEU J 496 -36.39 29.50 2.56
CA LEU J 496 -36.57 29.26 1.14
C LEU J 496 -35.28 28.82 0.47
N GLU J 497 -34.14 29.36 0.92
CA GLU J 497 -32.87 28.93 0.36
C GLU J 497 -32.62 27.45 0.64
N VAL J 498 -32.96 27.00 1.85
CA VAL J 498 -32.81 25.58 2.17
C VAL J 498 -33.74 24.74 1.32
N VAL J 499 -34.99 25.19 1.16
CA VAL J 499 -35.94 24.42 0.36
C VAL J 499 -35.47 24.33 -1.08
N ARG J 500 -34.98 25.45 -1.63
CA ARG J 500 -34.47 25.44 -3.00
C ARG J 500 -33.25 24.54 -3.12
N ALA J 501 -32.38 24.55 -2.10
CA ALA J 501 -31.23 23.68 -2.11
C ALA J 501 -31.64 22.22 -2.16
N PHE J 502 -32.64 21.84 -1.36
CA PHE J 502 -33.15 20.47 -1.42
C PHE J 502 -33.74 20.16 -2.79
N LEU J 503 -34.58 21.05 -3.31
CA LEU J 503 -35.29 20.76 -4.54
C LEU J 503 -34.33 20.62 -5.72
N ASP J 504 -33.34 21.49 -5.79
CA ASP J 504 -32.48 21.55 -6.96
C ASP J 504 -31.30 20.59 -6.89
N SER J 505 -30.97 20.06 -5.71
CA SER J 505 -29.81 19.21 -5.56
C SER J 505 -30.13 17.72 -5.71
N GLY J 506 -31.36 17.36 -6.02
CA GLY J 506 -31.68 15.95 -6.10
C GLY J 506 -32.23 15.40 -4.81
N ASN J 507 -31.35 14.83 -3.98
CA ASN J 507 -31.70 14.09 -2.78
C ASN J 507 -32.84 14.73 -2.01
N ARG J 508 -33.91 13.97 -1.84
CA ARG J 508 -35.09 14.42 -1.14
C ARG J 508 -34.91 14.29 0.37
N PRO J 509 -35.59 15.13 1.15
CA PRO J 509 -35.35 15.17 2.60
C PRO J 509 -35.95 14.01 3.37
N GLU J 510 -36.62 13.07 2.71
CA GLU J 510 -37.17 11.91 3.43
C GLU J 510 -36.07 11.12 4.11
N TRP J 511 -34.96 10.87 3.42
CA TRP J 511 -33.81 10.23 4.04
C TRP J 511 -32.91 11.22 4.76
N MET J 512 -33.43 12.40 5.08
CA MET J 512 -32.69 13.33 5.90
C MET J 512 -32.41 12.74 7.28
N ILE J 513 -33.30 11.89 7.76
CA ILE J 513 -33.07 11.10 8.95
C ILE J 513 -32.72 9.68 8.50
N LEU J 514 -31.98 8.99 9.34
CA LEU J 514 -31.34 7.73 8.96
C LEU J 514 -32.04 6.55 9.61
N GLU J 515 -32.31 5.52 8.81
CA GLU J 515 -32.91 4.28 9.27
C GLU J 515 -31.90 3.19 9.51
N ALA J 516 -30.95 3.01 8.60
CA ALA J 516 -29.86 2.05 8.77
C ALA J 516 -28.56 2.82 8.97
N VAL J 517 -27.85 2.49 10.03
CA VAL J 517 -26.64 3.21 10.43
C VAL J 517 -25.42 2.47 9.89
N PRO J 518 -24.55 3.11 9.13
CA PRO J 518 -23.35 2.44 8.63
C PRO J 518 -22.39 2.11 9.75
N VAL J 519 -21.53 1.13 9.48
CA VAL J 519 -20.56 0.63 10.45
C VAL J 519 -19.19 0.68 9.80
N LEU J 520 -18.27 1.40 10.44
CA LEU J 520 -16.96 1.66 9.88
C LEU J 520 -16.20 0.34 9.70
N PRO J 521 -15.32 0.27 8.70
CA PRO J 521 -14.51 -0.93 8.53
C PRO J 521 -13.69 -1.19 9.77
N PRO J 522 -13.46 -2.47 10.11
CA PRO J 522 -12.77 -2.78 11.37
C PRO J 522 -11.38 -2.19 11.51
N ASP J 523 -10.60 -2.17 10.42
CA ASP J 523 -9.23 -1.69 10.53
C ASP J 523 -9.15 -0.20 10.86
N LEU J 524 -10.20 0.55 10.58
CA LEU J 524 -10.24 1.96 10.97
C LEU J 524 -10.50 2.14 12.45
N ARG J 525 -10.85 1.07 13.16
CA ARG J 525 -11.10 1.11 14.60
C ARG J 525 -10.60 -0.17 15.24
N PRO J 526 -9.35 -0.58 14.98
CA PRO J 526 -8.93 -1.92 15.37
C PRO J 526 -8.72 -2.05 16.87
N MET J 527 -9.02 -3.25 17.37
CA MET J 527 -8.69 -3.63 18.74
C MET J 527 -7.34 -4.33 18.69
N VAL J 528 -6.31 -3.66 19.22
CA VAL J 528 -4.95 -4.14 19.16
C VAL J 528 -4.49 -4.49 20.56
N GLN J 529 -3.93 -5.69 20.71
CA GLN J 529 -3.40 -6.09 22.01
C GLN J 529 -2.20 -5.24 22.38
N VAL J 530 -2.13 -4.82 23.64
CA VAL J 530 -1.00 -4.03 24.12
C VAL J 530 0.01 -4.96 24.77
N ASP J 531 -0.38 -5.59 25.88
CA ASP J 531 0.51 -6.47 26.61
C ASP J 531 -0.32 -7.32 27.58
N GLY J 532 0.11 -8.56 27.76
CA GLY J 532 -0.57 -9.46 28.66
C GLY J 532 -2.00 -9.78 28.24
N GLY J 533 -2.25 -9.89 26.94
CA GLY J 533 -3.57 -10.21 26.43
C GLY J 533 -4.55 -9.07 26.44
N ARG J 534 -4.30 -8.01 27.20
CA ARG J 534 -5.19 -6.86 27.22
C ARG J 534 -5.23 -6.20 25.85
N PHE J 535 -6.40 -5.71 25.47
CA PHE J 535 -6.60 -5.10 24.17
C PHE J 535 -6.95 -3.63 24.34
N ALA J 536 -6.15 -2.76 23.70
CA ALA J 536 -6.53 -1.36 23.56
C ALA J 536 -7.45 -1.23 22.35
N THR J 537 -8.54 -0.51 22.55
CA THR J 537 -9.57 -0.37 21.52
C THR J 537 -9.89 1.09 21.28
N SER J 538 -10.23 1.40 20.02
CA SER J 538 -10.79 2.70 19.73
C SER J 538 -12.19 2.81 20.32
N ASP J 539 -12.53 3.99 20.80
CA ASP J 539 -13.83 4.19 21.42
C ASP J 539 -14.97 3.96 20.45
N LEU J 540 -14.68 4.00 19.14
CA LEU J 540 -15.70 3.67 18.15
C LEU J 540 -16.26 2.28 18.39
N ASN J 541 -15.39 1.34 18.75
CA ASN J 541 -15.86 -0.01 19.04
C ASN J 541 -16.82 -0.01 20.21
N ASP J 542 -16.51 0.74 21.26
CA ASP J 542 -17.42 0.82 22.40
C ASP J 542 -18.74 1.45 22.01
N LEU J 543 -18.71 2.50 21.19
CA LEU J 543 -19.95 3.14 20.78
C LEU J 543 -20.82 2.19 19.95
N TYR J 544 -20.21 1.49 18.99
CA TYR J 544 -20.96 0.49 18.24
C TYR J 544 -21.51 -0.59 19.15
N ARG J 545 -20.72 -1.03 20.13
CA ARG J 545 -21.18 -2.07 21.03
C ARG J 545 -22.41 -1.61 21.81
N ARG J 546 -22.35 -0.40 22.34
CA ARG J 546 -23.50 0.13 23.08
C ARG J 546 -24.72 0.25 22.18
N LEU J 547 -24.51 0.73 20.95
CA LEU J 547 -25.63 0.87 20.02
C LEU J 547 -26.24 -0.49 19.70
N ILE J 548 -25.41 -1.50 19.48
CA ILE J 548 -25.89 -2.83 19.18
C ILE J 548 -26.70 -3.37 20.35
N ASN J 549 -26.19 -3.17 21.57
CA ASN J 549 -26.92 -3.65 22.75
C ASN J 549 -28.28 -2.98 22.86
N ARG J 550 -28.32 -1.66 22.69
CA ARG J 550 -29.60 -0.96 22.78
C ARG J 550 -30.57 -1.42 21.70
N ASN J 551 -30.08 -1.60 20.47
CA ASN J 551 -30.95 -2.02 19.38
C ASN J 551 -31.51 -3.41 19.63
N ASN J 552 -30.66 -4.33 20.11
CA ASN J 552 -31.13 -5.68 20.38
C ASN J 552 -32.13 -5.70 21.52
N ARG J 553 -31.89 -4.88 22.56
CA ARG J 553 -32.84 -4.79 23.65
C ARG J 553 -34.18 -4.26 23.15
N LEU J 554 -34.15 -3.24 22.28
CA LEU J 554 -35.39 -2.76 21.68
C LEU J 554 -36.10 -3.85 20.91
N LYS J 555 -35.36 -4.60 20.10
CA LYS J 555 -35.99 -5.65 19.30
C LYS J 555 -36.66 -6.67 20.21
N LYS J 556 -35.96 -7.12 21.25
CA LYS J 556 -36.53 -8.10 22.17
C LYS J 556 -37.76 -7.55 22.86
N LEU J 557 -37.66 -6.31 23.37
CA LEU J 557 -38.77 -5.72 24.12
C LEU J 557 -40.00 -5.57 23.26
N LEU J 558 -39.82 -5.04 22.05
CA LEU J 558 -40.97 -4.89 21.15
C LEU J 558 -41.53 -6.25 20.74
N ALA J 559 -40.67 -7.27 20.65
CA ALA J 559 -41.16 -8.59 20.30
C ALA J 559 -42.03 -9.18 21.40
N GLN J 560 -41.61 -9.05 22.66
CA GLN J 560 -42.31 -9.75 23.74
C GLN J 560 -43.61 -9.03 24.11
N GLY J 561 -43.52 -7.80 24.59
CA GLY J 561 -44.69 -7.08 25.05
C GLY J 561 -44.42 -5.60 25.08
N ALA J 562 -45.49 -4.81 25.23
CA ALA J 562 -45.42 -3.37 25.07
C ALA J 562 -45.95 -2.66 26.31
N PRO J 563 -45.17 -2.61 27.39
CA PRO J 563 -45.45 -1.62 28.43
C PRO J 563 -45.09 -0.23 27.93
N GLU J 564 -46.11 0.61 27.72
CA GLU J 564 -45.93 1.81 26.92
C GLU J 564 -44.84 2.72 27.46
N ILE J 565 -44.87 2.98 28.77
CA ILE J 565 -43.87 3.86 29.35
C ILE J 565 -42.47 3.26 29.18
N ILE J 566 -42.35 1.94 29.38
CA ILE J 566 -41.07 1.27 29.19
C ILE J 566 -40.63 1.34 27.74
N ILE J 567 -41.56 1.17 26.81
CA ILE J 567 -41.21 1.24 25.39
C ILE J 567 -40.70 2.62 25.04
N ARG J 568 -41.38 3.67 25.52
CA ARG J 568 -40.91 5.02 25.25
C ARG J 568 -39.53 5.25 25.86
N ASN J 569 -39.31 4.75 27.08
CA ASN J 569 -38.01 4.94 27.72
C ASN J 569 -36.91 4.29 26.89
N GLU J 570 -37.11 3.05 26.48
CA GLU J 570 -36.07 2.37 25.74
C GLU J 570 -35.88 2.99 24.36
N LYS J 571 -36.95 3.57 23.79
CA LYS J 571 -36.79 4.36 22.58
C LYS J 571 -35.87 5.54 22.83
N ARG J 572 -36.05 6.22 23.96
CA ARG J 572 -35.20 7.35 24.28
C ARG J 572 -33.75 6.92 24.44
N MET J 573 -33.51 5.79 25.11
CA MET J 573 -32.13 5.32 25.22
C MET J 573 -31.54 4.98 23.87
N LEU J 574 -32.31 4.33 22.99
CA LEU J 574 -31.80 4.03 21.65
C LEU J 574 -31.45 5.31 20.91
N GLN J 575 -32.33 6.30 20.98
CA GLN J 575 -32.10 7.56 20.29
C GLN J 575 -30.85 8.24 20.82
N GLU J 576 -30.68 8.26 22.13
CA GLU J 576 -29.50 8.89 22.71
C GLU J 576 -28.24 8.11 22.36
N ALA J 577 -28.34 6.78 22.23
CA ALA J 577 -27.19 6.00 21.82
C ALA J 577 -26.77 6.37 20.40
N VAL J 578 -27.73 6.47 19.48
CA VAL J 578 -27.39 6.84 18.12
C VAL J 578 -26.79 8.24 18.08
N ASP J 579 -27.39 9.17 18.82
CA ASP J 579 -26.90 10.53 18.85
C ASP J 579 -25.48 10.58 19.39
N ALA J 580 -25.20 9.83 20.45
CA ALA J 580 -23.86 9.78 21.02
C ALA J 580 -22.87 9.20 20.03
N LEU J 581 -23.28 8.15 19.29
CA LEU J 581 -22.40 7.56 18.31
C LEU J 581 -22.02 8.57 17.24
N LEU J 582 -23.00 9.31 16.72
CA LEU J 582 -22.69 10.30 15.70
C LEU J 582 -21.76 11.38 16.23
N ASP J 583 -22.05 11.89 17.42
CA ASP J 583 -21.11 12.77 18.11
C ASP J 583 -21.43 12.80 19.59
N ASN J 584 -20.43 13.12 20.39
CA ASN J 584 -20.60 13.22 21.84
C ASN J 584 -20.42 14.66 22.27
N GLY J 585 -21.22 15.07 23.27
CA GLY J 585 -21.10 16.35 23.90
C GLY J 585 -22.26 17.29 23.63
N ARG J 586 -22.95 17.12 22.50
CA ARG J 586 -24.04 18.04 22.18
C ARG J 586 -25.25 17.86 23.10
N ARG J 587 -25.37 16.68 23.70
CA ARG J 587 -26.45 16.40 24.66
C ARG J 587 -25.87 15.51 25.76
N GLY J 588 -25.49 16.13 26.87
CA GLY J 588 -24.79 15.38 27.90
C GLY J 588 -23.40 15.01 27.41
N ALA J 589 -22.73 14.19 28.21
CA ALA J 589 -21.39 13.70 27.87
C ALA J 589 -21.28 12.22 28.19
N PRO J 590 -21.83 11.37 27.32
CA PRO J 590 -21.56 9.94 27.46
C PRO J 590 -20.06 9.68 27.47
N VAL J 591 -19.63 8.82 28.38
CA VAL J 591 -18.25 8.72 28.77
C VAL J 591 -17.85 7.24 28.76
N THR J 592 -16.58 6.97 29.02
CA THR J 592 -16.14 5.58 29.13
C THR J 592 -16.70 5.02 30.43
N ASN J 593 -16.26 3.82 30.79
CA ASN J 593 -16.74 3.23 32.02
C ASN J 593 -16.41 4.14 33.19
N PRO J 594 -17.32 4.28 34.16
CA PRO J 594 -17.05 5.17 35.29
C PRO J 594 -15.77 4.78 36.00
N GLY J 595 -15.04 5.80 36.47
CA GLY J 595 -13.68 5.66 36.90
C GLY J 595 -12.68 6.20 35.92
N SER J 596 -13.04 6.26 34.64
CA SER J 596 -12.27 6.94 33.61
C SER J 596 -13.20 7.98 32.99
N ASP J 597 -13.21 9.18 33.57
CA ASP J 597 -14.12 10.23 33.12
C ASP J 597 -13.55 10.96 31.92
N ARG J 598 -13.19 10.20 30.87
CA ARG J 598 -12.78 10.77 29.61
C ARG J 598 -13.93 10.63 28.61
N PRO J 599 -14.54 11.71 28.16
CA PRO J 599 -15.64 11.57 27.22
C PRO J 599 -15.21 10.83 25.97
N LEU J 600 -16.10 9.97 25.48
CA LEU J 600 -15.77 9.10 24.36
C LEU J 600 -15.50 9.91 23.11
N ARG J 601 -14.75 9.31 22.19
CA ARG J 601 -14.35 9.95 20.94
C ARG J 601 -15.21 9.40 19.81
N SER J 602 -15.96 10.29 19.17
CA SER J 602 -16.93 9.91 18.16
C SER J 602 -16.48 10.40 16.78
N LEU J 603 -17.35 10.20 15.78
CA LEU J 603 -16.99 10.52 14.41
C LEU J 603 -16.65 11.99 14.26
N THR J 604 -17.53 12.86 14.75
CA THR J 604 -17.27 14.30 14.68
C THR J 604 -16.00 14.67 15.43
N ASP J 605 -15.70 13.95 16.51
CA ASP J 605 -14.44 14.18 17.20
C ASP J 605 -13.26 13.85 16.30
N ILE J 606 -13.39 12.81 15.48
CA ILE J 606 -12.29 12.44 14.59
C ILE J 606 -12.14 13.48 13.48
N LEU J 607 -13.25 13.98 12.93
CA LEU J 607 -13.15 14.94 11.84
C LEU J 607 -12.64 16.30 12.34
N SER J 608 -13.38 16.93 13.25
CA SER J 608 -13.10 18.30 13.61
C SER J 608 -11.96 18.35 14.63
N GLY J 609 -11.75 19.52 15.21
CA GLY J 609 -10.76 19.70 16.25
C GLY J 609 -9.43 20.19 15.71
N LYS J 610 -8.60 20.69 16.63
CA LYS J 610 -7.26 21.14 16.29
C LYS J 610 -6.40 20.03 15.72
N GLN J 611 -6.64 18.78 16.11
CA GLN J 611 -5.96 17.62 15.53
C GLN J 611 -7.03 16.59 15.20
N GLY J 612 -7.65 16.75 14.03
CA GLY J 612 -8.59 15.78 13.50
C GLY J 612 -8.05 15.11 12.26
N ARG J 613 -8.96 14.45 11.55
CA ARG J 613 -8.58 13.83 10.28
C ARG J 613 -8.14 14.89 9.28
N PHE J 614 -8.86 16.01 9.24
CA PHE J 614 -8.52 17.08 8.31
C PHE J 614 -7.16 17.68 8.62
N ARG J 615 -6.92 18.03 9.87
CA ARG J 615 -5.66 18.61 10.28
C ARG J 615 -4.59 17.57 10.56
N GLN J 616 -4.61 16.42 9.87
CA GLN J 616 -3.42 15.58 9.74
C GLN J 616 -3.22 15.03 8.34
N ASN J 617 -4.28 14.90 7.54
CA ASN J 617 -4.14 14.49 6.15
C ASN J 617 -3.94 15.67 5.21
N LEU J 618 -4.40 16.86 5.62
CA LEU J 618 -3.95 18.09 5.01
C LEU J 618 -2.47 18.32 5.21
N LEU J 619 -1.86 17.60 6.15
CA LEU J 619 -0.54 17.96 6.62
C LEU J 619 0.55 16.97 6.23
N GLY J 620 0.21 15.69 6.08
CA GLY J 620 1.23 14.67 5.87
C GLY J 620 2.28 14.70 6.94
N LYS J 621 1.87 14.50 8.19
CA LYS J 621 2.73 14.71 9.35
C LYS J 621 3.98 13.84 9.34
N ARG J 622 4.08 12.89 8.43
CA ARG J 622 5.18 11.93 8.44
C ARG J 622 5.69 11.72 7.03
N VAL J 623 7.01 11.73 6.89
CA VAL J 623 7.65 11.52 5.59
C VAL J 623 8.78 10.52 5.78
N ASP J 624 9.12 9.85 4.67
CA ASP J 624 10.04 8.72 4.77
C ASP J 624 11.48 9.17 4.88
N TYR J 625 12.02 9.80 3.83
CA TYR J 625 13.45 10.08 3.76
C TYR J 625 13.70 11.45 4.38
N SER J 626 13.69 11.48 5.71
CA SER J 626 13.86 12.72 6.45
C SER J 626 14.83 12.49 7.59
N GLY J 627 15.41 13.59 8.07
CA GLY J 627 16.26 13.52 9.24
C GLY J 627 16.23 14.87 9.93
N ARG J 628 16.86 14.93 11.09
CA ARG J 628 16.97 16.20 11.80
C ARG J 628 18.21 16.15 12.69
N SER J 629 18.74 17.32 12.99
CA SER J 629 19.97 17.39 13.79
C SER J 629 20.23 18.84 14.20
N VAL J 630 21.13 19.00 15.15
CA VAL J 630 21.61 20.32 15.52
C VAL J 630 22.43 20.91 14.37
N ILE J 631 22.47 22.23 14.29
CA ILE J 631 23.13 22.94 13.21
C ILE J 631 24.30 23.74 13.78
N VAL J 632 25.42 23.71 13.05
CA VAL J 632 26.60 24.51 13.39
C VAL J 632 27.02 25.27 12.15
N VAL J 633 27.76 26.36 12.38
CA VAL J 633 28.11 27.26 11.29
C VAL J 633 29.10 26.60 10.35
N GLY J 634 28.96 26.89 9.05
CA GLY J 634 29.77 26.28 8.03
C GLY J 634 30.59 27.25 7.20
N PRO J 635 31.32 28.17 7.86
CA PRO J 635 31.89 29.32 7.13
C PRO J 635 32.76 28.93 5.96
N GLN J 636 33.40 27.77 5.99
CA GLN J 636 34.22 27.33 4.88
C GLN J 636 33.41 27.01 3.63
N LEU J 637 32.09 26.93 3.74
CA LEU J 637 31.25 26.53 2.63
C LEU J 637 30.86 27.74 1.78
N LYS J 638 30.60 27.47 0.50
CA LYS J 638 30.00 28.46 -0.36
C LYS J 638 28.50 28.55 -0.09
N LEU J 639 27.86 29.55 -0.67
CA LEU J 639 26.47 29.81 -0.34
C LEU J 639 25.53 28.73 -0.86
N HIS J 640 25.90 28.02 -1.92
CA HIS J 640 25.04 27.00 -2.53
C HIS J 640 25.34 25.61 -2.00
N GLN J 641 25.84 25.50 -0.77
CA GLN J 641 26.24 24.22 -0.23
C GLN J 641 25.90 24.15 1.25
N CYS J 642 25.82 22.93 1.76
CA CYS J 642 25.64 22.71 3.19
C CYS J 642 26.30 21.39 3.57
N GLY J 643 26.69 21.31 4.84
CA GLY J 643 27.37 20.12 5.33
C GLY J 643 26.39 19.12 5.91
N LEU J 644 26.60 17.85 5.55
CA LEU J 644 25.72 16.77 5.96
C LEU J 644 26.56 15.69 6.65
N PRO J 645 26.20 15.28 7.87
CA PRO J 645 26.93 14.18 8.51
C PRO J 645 26.88 12.92 7.68
N LYS J 646 28.02 12.23 7.58
CA LYS J 646 28.12 11.14 6.64
C LYS J 646 27.21 9.98 7.02
N ARG J 647 26.99 9.75 8.32
CA ARG J 647 26.16 8.62 8.72
C ARG J 647 24.71 8.83 8.36
N MET J 648 24.16 10.00 8.69
CA MET J 648 22.77 10.25 8.38
C MET J 648 22.55 10.42 6.88
N ALA J 649 23.54 10.95 6.16
CA ALA J 649 23.45 11.01 4.71
C ALA J 649 23.46 9.61 4.12
N LEU J 650 24.31 8.73 4.65
CA LEU J 650 24.33 7.35 4.21
C LEU J 650 22.99 6.69 4.43
N GLU J 651 22.39 6.94 5.59
CA GLU J 651 21.07 6.37 5.86
C GLU J 651 20.02 6.94 4.90
N LEU J 652 20.07 8.25 4.64
CA LEU J 652 19.03 8.89 3.86
C LEU J 652 19.00 8.39 2.43
N PHE J 653 20.17 8.23 1.81
CA PHE J 653 20.26 7.82 0.41
C PHE J 653 20.36 6.31 0.26
N LYS J 654 19.79 5.56 1.20
CA LYS J 654 20.04 4.12 1.24
C LYS J 654 19.68 3.41 -0.06
N PRO J 655 18.50 3.62 -0.66
CA PRO J 655 18.25 2.96 -1.96
C PRO J 655 19.19 3.41 -3.04
N PHE J 656 19.51 4.70 -3.09
CA PHE J 656 20.48 5.18 -4.06
C PHE J 656 21.82 4.51 -3.85
N LEU J 657 22.25 4.39 -2.59
CA LEU J 657 23.50 3.72 -2.28
C LEU J 657 23.49 2.29 -2.76
N LEU J 658 22.40 1.56 -2.47
CA LEU J 658 22.31 0.17 -2.85
C LEU J 658 22.44 0.03 -4.36
N LYS J 659 21.70 0.85 -5.11
CA LYS J 659 21.78 0.75 -6.56
C LYS J 659 23.18 1.10 -7.06
N LYS J 660 23.78 2.16 -6.52
CA LYS J 660 25.06 2.62 -7.03
C LYS J 660 26.17 1.62 -6.76
N MET J 661 26.18 1.01 -5.57
CA MET J 661 27.20 0.00 -5.31
C MET J 661 26.86 -1.34 -5.93
N GLU J 662 25.60 -1.54 -6.34
CA GLU J 662 25.30 -2.68 -7.19
C GLU J 662 25.81 -2.46 -8.61
N GLU J 663 25.90 -1.20 -9.04
CA GLU J 663 26.54 -0.91 -10.32
C GLU J 663 27.96 -1.46 -10.35
N LYS J 664 28.65 -1.43 -9.23
CA LYS J 664 29.96 -2.04 -9.10
C LYS J 664 29.83 -3.40 -8.42
N GLY J 665 30.95 -4.06 -8.20
CA GLY J 665 30.93 -5.42 -7.72
C GLY J 665 31.09 -5.57 -6.22
N ILE J 666 30.75 -4.52 -5.46
CA ILE J 666 30.95 -4.56 -4.03
C ILE J 666 30.08 -5.65 -3.39
N ALA J 667 28.83 -5.75 -3.82
CA ALA J 667 27.94 -6.81 -3.37
C ALA J 667 27.25 -7.44 -4.56
N PRO J 668 26.92 -8.73 -4.49
CA PRO J 668 26.24 -9.39 -5.61
C PRO J 668 24.83 -8.89 -5.84
N ASN J 669 24.00 -8.86 -4.79
CA ASN J 669 22.59 -8.53 -4.92
C ASN J 669 22.21 -7.51 -3.86
N VAL J 670 20.93 -7.13 -3.88
CA VAL J 670 20.44 -6.08 -2.99
C VAL J 670 20.41 -6.56 -1.54
N LYS J 671 20.06 -7.83 -1.32
CA LYS J 671 19.98 -8.33 0.05
C LYS J 671 21.36 -8.35 0.70
N ALA J 672 22.38 -8.79 -0.04
CA ALA J 672 23.73 -8.78 0.49
C ALA J 672 24.20 -7.37 0.80
N ALA J 673 23.88 -6.42 -0.08
CA ALA J 673 24.26 -5.03 0.16
C ALA J 673 23.56 -4.48 1.41
N ARG J 674 22.27 -4.77 1.55
CA ARG J 674 21.53 -4.27 2.71
C ARG J 674 22.09 -4.87 4.00
N ARG J 675 22.42 -6.16 3.98
CA ARG J 675 23.02 -6.76 5.16
C ARG J 675 24.41 -6.20 5.43
N MET J 676 25.14 -5.85 4.38
CA MET J 676 26.44 -5.19 4.56
C MET J 676 26.27 -3.83 5.22
N LEU J 677 25.25 -3.08 4.82
CA LEU J 677 24.99 -1.79 5.43
C LEU J 677 24.20 -1.88 6.71
N GLU J 678 23.59 -3.04 7.02
CA GLU J 678 22.76 -3.14 8.20
C GLU J 678 23.58 -3.05 9.49
N ARG J 679 24.89 -3.22 9.41
CA ARG J 679 25.78 -3.02 10.55
C ARG J 679 26.92 -2.13 10.13
N GLN J 680 27.32 -1.21 11.00
CA GLN J 680 28.40 -0.29 10.67
C GLN J 680 29.77 -0.92 10.81
N ARG J 681 29.85 -2.13 11.36
CA ARG J 681 31.13 -2.84 11.39
C ARG J 681 31.56 -3.34 10.03
N ASP J 682 30.67 -3.33 9.04
CA ASP J 682 30.98 -3.79 7.70
C ASP J 682 31.20 -2.65 6.71
N ILE J 683 31.35 -1.42 7.20
CA ILE J 683 31.56 -0.29 6.30
C ILE J 683 32.91 -0.42 5.61
N LYS J 684 33.00 0.16 4.42
CA LYS J 684 34.22 0.14 3.63
C LYS J 684 34.41 1.51 3.01
N ASP J 685 35.67 1.83 2.69
CA ASP J 685 35.93 3.09 2.00
C ASP J 685 35.31 3.09 0.60
N GLU J 686 35.17 1.92 -0.02
CA GLU J 686 34.46 1.86 -1.28
C GLU J 686 33.02 2.32 -1.12
N VAL J 687 32.41 2.01 0.04
CA VAL J 687 31.05 2.46 0.31
C VAL J 687 30.97 3.97 0.31
N TRP J 688 31.93 4.63 0.97
CA TRP J 688 31.90 6.09 1.01
C TRP J 688 32.24 6.69 -0.35
N ASP J 689 33.08 6.03 -1.13
CA ASP J 689 33.28 6.47 -2.51
C ASP J 689 31.97 6.44 -3.27
N ALA J 690 31.21 5.35 -3.12
CA ALA J 690 29.92 5.25 -3.80
C ALA J 690 28.95 6.32 -3.30
N LEU J 691 28.98 6.60 -2.00
CA LEU J 691 28.09 7.62 -1.45
C LEU J 691 28.42 8.99 -2.01
N GLU J 692 29.72 9.31 -2.13
CA GLU J 692 30.09 10.55 -2.80
C GLU J 692 29.68 10.53 -4.27
N GLU J 693 29.70 9.36 -4.89
CA GLU J 693 29.28 9.25 -6.27
C GLU J 693 27.80 9.56 -6.43
N VAL J 694 26.98 9.11 -5.48
CA VAL J 694 25.53 9.25 -5.60
C VAL J 694 25.12 10.71 -5.60
N ILE J 695 25.69 11.49 -4.71
CA ILE J 695 25.17 12.81 -4.39
C ILE J 695 25.93 13.91 -5.15
N HIS J 696 26.53 13.58 -6.28
CA HIS J 696 27.36 14.55 -6.98
C HIS J 696 26.55 15.77 -7.41
N GLY J 697 25.36 15.55 -7.93
CA GLY J 697 24.55 16.66 -8.38
C GLY J 697 23.26 16.83 -7.60
N LYS J 698 23.01 15.93 -6.66
CA LYS J 698 21.75 15.94 -5.92
C LYS J 698 21.69 17.14 -4.98
N VAL J 699 20.48 17.48 -4.56
CA VAL J 699 20.24 18.53 -3.58
C VAL J 699 19.28 18.00 -2.52
N VAL J 700 19.33 18.61 -1.34
CA VAL J 700 18.42 18.27 -0.26
C VAL J 700 17.80 19.56 0.28
N LEU J 701 16.61 19.45 0.85
CA LEU J 701 15.92 20.60 1.39
C LEU J 701 16.16 20.68 2.90
N LEU J 702 16.70 21.80 3.34
CA LEU J 702 16.86 22.09 4.75
C LEU J 702 15.66 22.90 5.21
N ASN J 703 15.18 22.58 6.41
CA ASN J 703 13.91 23.10 6.92
C ASN J 703 14.06 23.46 8.39
N ARG J 704 13.39 24.53 8.79
CA ARG J 704 13.34 24.98 10.17
C ARG J 704 11.91 24.88 10.67
N ALA J 705 11.75 24.53 11.95
CA ALA J 705 10.44 24.12 12.44
C ALA J 705 9.37 25.20 12.33
N PRO J 706 9.53 26.41 12.89
CA PRO J 706 8.52 27.44 12.64
C PRO J 706 8.76 28.07 11.28
N THR J 707 7.95 27.67 10.30
CA THR J 707 8.15 28.11 8.93
C THR J 707 7.29 29.35 8.69
N LEU J 708 7.84 30.52 9.00
CA LEU J 708 7.05 31.73 8.95
C LEU J 708 6.81 32.21 7.54
N HIS J 709 7.72 31.93 6.61
CA HIS J 709 7.57 32.45 5.26
C HIS J 709 8.22 31.50 4.27
N ARG J 710 8.35 31.94 3.02
CA ARG J 710 8.76 31.07 1.94
C ARG J 710 10.21 30.61 2.10
N LEU J 711 11.02 31.35 2.85
CA LEU J 711 12.44 31.05 2.94
C LEU J 711 12.77 30.06 4.04
N GLY J 712 11.77 29.53 4.75
CA GLY J 712 12.03 28.51 5.74
C GLY J 712 12.33 27.14 5.17
N ILE J 713 12.20 26.98 3.86
CA ILE J 713 12.59 25.78 3.15
C ILE J 713 13.59 26.21 2.10
N GLN J 714 14.79 25.64 2.14
CA GLN J 714 15.76 26.01 1.13
C GLN J 714 16.58 24.80 0.71
N ALA J 715 16.76 24.65 -0.60
CA ALA J 715 17.55 23.55 -1.12
C ALA J 715 19.04 23.87 -1.01
N PHE J 716 19.85 22.82 -0.96
CA PHE J 716 21.28 22.95 -0.83
C PHE J 716 21.95 21.77 -1.51
N GLN J 717 23.20 21.96 -1.87
CA GLN J 717 24.05 20.85 -2.30
C GLN J 717 24.72 20.24 -1.07
N PRO J 718 24.49 18.97 -0.78
CA PRO J 718 25.11 18.38 0.41
C PRO J 718 26.58 18.14 0.18
N VAL J 719 27.37 18.31 1.24
CA VAL J 719 28.77 17.94 1.25
C VAL J 719 28.97 17.01 2.43
N LEU J 720 29.45 15.80 2.16
CA LEU J 720 29.69 14.84 3.22
C LEU J 720 30.77 15.35 4.16
N VAL J 721 30.49 15.31 5.45
CA VAL J 721 31.42 15.75 6.48
C VAL J 721 31.56 14.65 7.52
N GLU J 722 32.65 14.70 8.26
CA GLU J 722 32.89 13.79 9.37
C GLU J 722 32.48 14.50 10.65
N GLY J 723 31.36 14.07 11.22
CA GLY J 723 30.87 14.68 12.44
C GLY J 723 29.41 14.34 12.65
N GLN J 724 28.82 15.05 13.60
CA GLN J 724 27.42 14.84 13.96
C GLN J 724 26.50 15.96 13.53
N SER J 725 26.97 17.20 13.53
CA SER J 725 26.11 18.34 13.30
C SER J 725 25.97 18.63 11.81
N ILE J 726 25.00 19.47 11.50
CA ILE J 726 24.79 19.94 10.14
C ILE J 726 25.52 21.27 9.96
N GLN J 727 26.41 21.33 8.97
CA GLN J 727 27.14 22.55 8.70
C GLN J 727 26.28 23.47 7.84
N LEU J 728 26.11 24.70 8.29
CA LEU J 728 25.21 25.66 7.67
C LEU J 728 25.97 26.91 7.27
N HIS J 729 25.71 27.40 6.08
CA HIS J 729 26.33 28.65 5.64
C HIS J 729 25.81 29.80 6.46
N PRO J 730 26.68 30.65 7.00
CA PRO J 730 26.21 31.69 7.94
C PRO J 730 25.27 32.70 7.31
N LEU J 731 25.33 32.90 6.00
CA LEU J 731 24.54 33.95 5.38
C LEU J 731 23.05 33.67 5.38
N VAL J 732 22.65 32.42 5.61
CA VAL J 732 21.23 32.08 5.68
C VAL J 732 20.80 32.09 7.14
N CYS J 733 21.65 32.64 8.01
CA CYS J 733 21.28 32.75 9.42
C CYS J 733 20.10 33.68 9.63
N GLU J 734 19.77 34.53 8.66
CA GLU J 734 18.61 35.40 8.78
C GLU J 734 17.48 35.00 7.85
N ALA J 735 17.75 34.29 6.77
CA ALA J 735 16.67 33.70 5.99
C ALA J 735 15.83 32.79 6.87
N PHE J 736 16.49 31.85 7.55
CA PHE J 736 15.89 31.19 8.69
C PHE J 736 16.04 32.09 9.90
N ASN J 737 15.16 31.94 10.88
CA ASN J 737 15.42 32.62 12.13
C ASN J 737 16.30 31.71 12.98
N ALA J 738 17.39 31.24 12.40
CA ALA J 738 18.20 30.17 12.99
C ALA J 738 19.50 30.76 13.51
N ASP J 739 19.58 30.90 14.83
CA ASP J 739 20.85 31.14 15.48
C ASP J 739 21.50 29.78 15.74
N PHE J 740 22.56 29.76 16.54
CA PHE J 740 23.28 28.52 16.82
C PHE J 740 23.31 28.22 18.31
N ASP J 741 22.27 28.63 19.02
CA ASP J 741 22.16 28.38 20.45
C ASP J 741 21.58 27.01 20.76
N GLY J 742 21.64 26.07 19.82
CA GLY J 742 21.18 24.72 20.04
C GLY J 742 19.99 24.31 19.21
N ASP J 743 19.42 25.21 18.43
CA ASP J 743 18.26 24.86 17.62
C ASP J 743 18.64 23.89 16.52
N GLN J 744 17.71 23.03 16.16
CA GLN J 744 17.92 21.99 15.17
C GLN J 744 17.19 22.31 13.88
N MET J 745 17.58 21.60 12.83
CA MET J 745 16.91 21.70 11.54
C MET J 745 16.71 20.30 10.98
N ALA J 746 15.74 20.19 10.09
CA ALA J 746 15.43 18.94 9.42
C ALA J 746 15.92 18.98 7.99
N VAL J 747 16.04 17.80 7.40
CA VAL J 747 16.50 17.66 6.02
C VAL J 747 15.64 16.63 5.32
N HIS J 748 15.25 16.93 4.09
CA HIS J 748 14.44 16.05 3.26
C HIS J 748 15.15 15.82 1.93
N VAL J 749 14.91 14.66 1.35
CA VAL J 749 15.59 14.21 0.13
C VAL J 749 14.56 13.98 -0.95
N PRO J 750 14.44 14.89 -1.91
CA PRO J 750 13.56 14.65 -3.05
C PRO J 750 14.08 13.53 -3.92
N LEU J 751 13.17 12.77 -4.51
CA LEU J 751 13.53 11.55 -5.22
C LEU J 751 13.46 11.69 -6.73
N SER J 752 12.33 12.14 -7.27
CA SER J 752 12.17 12.21 -8.70
C SER J 752 13.12 13.23 -9.31
N SER J 753 13.59 12.94 -10.52
CA SER J 753 14.42 13.89 -11.24
C SER J 753 13.69 15.20 -11.47
N PHE J 754 12.39 15.11 -11.70
CA PHE J 754 11.60 16.31 -11.93
C PHE J 754 11.63 17.20 -10.69
N ALA J 755 11.45 16.59 -9.51
CA ALA J 755 11.54 17.33 -8.26
C ALA J 755 12.96 17.83 -8.00
N GLN J 756 13.97 17.05 -8.40
CA GLN J 756 15.34 17.52 -8.27
C GLN J 756 15.55 18.79 -9.07
N ALA J 757 15.04 18.82 -10.30
CA ALA J 757 15.14 20.03 -11.10
C ALA J 757 14.42 21.18 -10.44
N GLU J 758 13.22 20.94 -9.91
CA GLU J 758 12.49 22.00 -9.22
C GLU J 758 13.34 22.60 -8.10
N ALA J 759 13.85 21.74 -7.21
CA ALA J 759 14.59 22.24 -6.06
C ALA J 759 15.86 22.95 -6.50
N ARG J 760 16.62 22.37 -7.43
CA ARG J 760 17.90 22.95 -7.80
C ARG J 760 17.72 24.27 -8.54
N ILE J 761 16.64 24.43 -9.29
CA ILE J 761 16.48 25.64 -10.08
C ILE J 761 15.87 26.75 -9.25
N GLN J 762 14.72 26.51 -8.62
CA GLN J 762 13.96 27.59 -8.05
C GLN J 762 13.88 27.58 -6.52
N MET J 763 14.52 26.63 -5.86
CA MET J 763 14.61 26.64 -4.40
C MET J 763 16.04 26.77 -3.89
N LEU J 764 17.04 26.55 -4.73
CA LEU J 764 18.42 26.64 -4.29
C LEU J 764 18.70 28.03 -3.73
N SER J 765 19.40 28.07 -2.59
CA SER J 765 19.57 29.32 -1.88
C SER J 765 20.33 30.36 -2.68
N ALA J 766 21.14 29.93 -3.65
CA ALA J 766 21.86 30.89 -4.48
C ALA J 766 20.92 31.70 -5.37
N HIS J 767 19.77 31.14 -5.73
CA HIS J 767 18.83 31.81 -6.61
C HIS J 767 17.81 32.65 -5.86
N ASN J 768 17.78 32.59 -4.54
CA ASN J 768 16.79 33.30 -3.73
C ASN J 768 17.55 34.26 -2.81
N LEU J 769 17.79 35.47 -3.30
CA LEU J 769 18.56 36.44 -2.54
C LEU J 769 17.75 37.65 -2.08
N LEU J 770 16.55 37.85 -2.61
CA LEU J 770 15.74 38.99 -2.28
C LEU J 770 14.44 38.54 -1.64
N SER J 771 13.94 39.35 -0.70
CA SER J 771 12.71 39.00 -0.02
C SER J 771 11.55 38.98 -1.00
N PRO J 772 10.53 38.16 -0.76
CA PRO J 772 9.26 38.34 -1.47
C PRO J 772 8.39 39.40 -0.84
N ALA J 773 8.66 39.77 0.41
CA ALA J 773 7.90 40.83 1.07
C ALA J 773 8.29 42.20 0.56
N SER J 774 9.53 42.35 0.09
CA SER J 774 10.01 43.59 -0.50
C SER J 774 11.31 43.29 -1.22
N GLY J 775 11.82 44.29 -1.93
CA GLY J 775 13.06 44.08 -2.65
C GLY J 775 14.29 44.00 -1.78
N GLU J 776 14.14 44.15 -0.47
CA GLU J 776 15.28 44.10 0.42
C GLU J 776 15.93 42.73 0.37
N PRO J 777 17.25 42.64 0.17
CA PRO J 777 17.91 41.34 0.16
C PRO J 777 17.90 40.70 1.53
N LEU J 778 17.86 39.37 1.55
CA LEU J 778 18.02 38.59 2.77
C LEU J 778 19.36 37.89 2.86
N ALA J 779 20.09 37.77 1.76
CA ALA J 779 21.45 37.25 1.79
C ALA J 779 22.47 38.31 2.14
N LYS J 780 22.04 39.38 2.80
CA LYS J 780 22.92 40.47 3.15
C LYS J 780 24.00 39.99 4.12
N PRO J 781 25.15 40.66 4.15
CA PRO J 781 26.14 40.35 5.19
C PRO J 781 25.53 40.51 6.58
N SER J 782 25.87 39.57 7.45
CA SER J 782 25.29 39.51 8.78
C SER J 782 26.16 40.30 9.76
N ARG J 783 25.94 40.08 11.05
CA ARG J 783 26.52 40.94 12.08
C ARG J 783 28.04 40.98 12.01
N ASP J 784 28.67 39.81 12.01
CA ASP J 784 30.12 39.76 12.12
C ASP J 784 30.79 40.29 10.87
N ILE J 785 30.28 39.92 9.70
CA ILE J 785 30.84 40.41 8.45
C ILE J 785 30.71 41.92 8.37
N ILE J 786 29.56 42.46 8.78
CA ILE J 786 29.38 43.90 8.83
C ILE J 786 30.42 44.52 9.75
N LEU J 787 30.65 43.92 10.91
CA LEU J 787 31.64 44.46 11.84
C LEU J 787 33.02 44.51 11.20
N GLY J 788 33.41 43.42 10.53
CA GLY J 788 34.72 43.39 9.90
C GLY J 788 34.85 44.44 8.80
N LEU J 789 33.84 44.55 7.95
CA LEU J 789 33.92 45.49 6.84
C LEU J 789 33.90 46.93 7.33
N TYR J 790 33.13 47.22 8.39
CA TYR J 790 33.18 48.55 8.97
C TYR J 790 34.55 48.84 9.54
N TYR J 791 35.16 47.86 10.19
CA TYR J 791 36.49 48.07 10.75
C TYR J 791 37.50 48.36 9.66
N ILE J 792 37.39 47.66 8.52
CA ILE J 792 38.39 47.81 7.47
C ILE J 792 38.19 49.07 6.64
N THR J 793 36.99 49.67 6.66
CA THR J 793 36.74 50.85 5.85
C THR J 793 36.36 52.05 6.70
N GLN J 794 37.11 52.29 7.77
CA GLN J 794 36.88 53.41 8.65
C GLN J 794 38.09 54.32 8.64
N VAL J 795 37.85 55.62 8.74
CA VAL J 795 38.89 56.64 8.76
C VAL J 795 38.97 57.23 10.16
N ARG J 796 40.18 57.30 10.69
CA ARG J 796 40.40 57.81 12.04
C ARG J 796 40.82 59.28 11.98
N LYS J 797 40.65 59.97 13.10
CA LYS J 797 41.09 61.35 13.26
C LYS J 797 41.28 61.61 14.74
N GLU J 798 42.36 62.31 15.10
CA GLU J 798 42.70 62.49 16.51
C GLU J 798 42.69 63.95 16.94
N LYS J 799 43.42 64.83 16.25
CA LYS J 799 43.81 66.10 16.84
C LYS J 799 44.54 66.96 15.82
N LYS J 800 44.47 68.28 15.96
CA LYS J 800 45.34 69.18 15.22
C LYS J 800 45.79 70.29 16.17
N GLY J 801 47.02 70.18 16.65
CA GLY J 801 47.56 71.15 17.58
C GLY J 801 48.44 72.19 16.91
N ALA J 802 48.70 72.00 15.62
CA ALA J 802 49.52 72.93 14.84
C ALA J 802 48.64 73.76 13.92
N GLY J 803 49.26 74.78 13.33
CA GLY J 803 48.58 75.59 12.35
C GLY J 803 48.20 74.73 11.16
N LEU J 804 46.91 74.39 11.08
CA LEU J 804 46.44 73.48 10.04
C LEU J 804 46.43 74.11 8.66
N GLU J 805 46.55 75.44 8.58
CA GLU J 805 46.50 76.15 7.31
C GLU J 805 47.58 75.60 6.38
N PHE J 806 47.15 74.97 5.29
CA PHE J 806 48.07 74.33 4.37
C PHE J 806 47.77 74.61 2.90
N ALA J 807 46.55 74.98 2.56
CA ALA J 807 46.22 75.25 1.16
C ALA J 807 47.16 76.28 0.55
N THR J 808 47.50 77.31 1.31
CA THR J 808 48.28 78.42 0.79
C THR J 808 49.77 78.11 0.63
N PRO J 809 50.49 77.74 1.69
CA PRO J 809 51.96 77.73 1.60
C PRO J 809 52.52 76.43 1.02
N GLU J 810 53.39 76.57 0.03
CA GLU J 810 54.16 75.44 -0.46
C GLU J 810 55.42 75.20 0.35
N GLU J 811 55.79 76.12 1.23
CA GLU J 811 56.76 75.80 2.27
C GLU J 811 56.15 74.93 3.35
N ALA J 812 54.83 74.95 3.48
CA ALA J 812 54.17 74.16 4.51
C ALA J 812 54.38 72.67 4.32
N LEU J 813 54.65 72.22 3.09
CA LEU J 813 54.92 70.80 2.91
C LEU J 813 56.17 70.37 3.66
N ALA J 814 57.28 71.07 3.45
CA ALA J 814 58.51 70.73 4.14
C ALA J 814 58.40 71.00 5.64
N ALA J 815 57.84 72.15 6.00
CA ALA J 815 57.74 72.51 7.41
C ALA J 815 56.87 71.52 8.18
N HIS J 816 55.72 71.15 7.59
CA HIS J 816 54.83 70.24 8.28
C HIS J 816 55.31 68.80 8.20
N GLU J 817 56.09 68.44 7.17
CA GLU J 817 56.78 67.16 7.20
C GLU J 817 57.76 67.11 8.35
N ARG J 818 58.48 68.20 8.60
CA ARG J 818 59.32 68.28 9.78
C ARG J 818 58.49 68.18 11.06
N GLY J 819 57.34 68.85 11.07
CA GLY J 819 56.48 68.78 12.24
C GLY J 819 56.04 67.36 12.55
N GLU J 820 55.68 66.60 11.51
CA GLU J 820 55.38 65.19 11.69
C GLU J 820 56.62 64.40 12.08
N VAL J 821 57.80 64.83 11.65
CA VAL J 821 59.04 64.20 12.10
C VAL J 821 59.17 64.37 13.61
N ALA J 822 58.90 65.58 14.10
CA ALA J 822 58.73 65.79 15.53
C ALA J 822 57.31 65.34 15.91
N LEU J 823 56.87 65.67 17.12
CA LEU J 823 55.52 65.35 17.55
C LEU J 823 54.56 66.51 17.35
N ASN J 824 54.86 67.41 16.42
CA ASN J 824 54.03 68.60 16.24
C ASN J 824 52.64 68.23 15.70
N ALA J 825 52.61 67.36 14.69
CA ALA J 825 51.35 66.98 14.06
C ALA J 825 51.33 65.48 13.83
N PRO J 826 50.26 64.80 14.22
CA PRO J 826 50.17 63.35 13.99
C PRO J 826 49.98 63.05 12.52
N ILE J 827 50.18 61.77 12.17
CA ILE J 827 50.09 61.35 10.77
C ILE J 827 48.66 61.55 10.25
N LYS J 828 47.68 61.12 11.04
CA LYS J 828 46.29 61.23 10.62
C LYS J 828 45.66 62.50 11.19
N VAL J 829 46.24 63.63 10.82
CA VAL J 829 45.93 64.89 11.47
C VAL J 829 44.76 65.56 10.75
N ALA J 830 44.14 66.53 11.41
CA ALA J 830 43.07 67.34 10.81
C ALA J 830 43.65 68.65 10.31
N GLY J 831 44.37 68.56 9.20
CA GLY J 831 44.86 69.75 8.54
C GLY J 831 43.74 70.55 7.91
N ARG J 832 44.07 71.75 7.43
CA ARG J 832 43.06 72.60 6.82
C ARG J 832 42.50 71.97 5.55
N GLU J 833 43.35 71.77 4.55
CA GLU J 833 42.94 71.10 3.32
C GLU J 833 43.30 69.63 3.32
N THR J 834 44.53 69.30 3.72
CA THR J 834 45.01 67.94 3.65
C THR J 834 45.67 67.55 4.97
N SER J 835 45.66 66.25 5.24
CA SER J 835 46.42 65.68 6.33
C SER J 835 47.83 65.34 5.85
N VAL J 836 48.77 65.29 6.79
CA VAL J 836 50.15 65.01 6.43
C VAL J 836 50.30 63.61 5.85
N GLY J 837 49.32 62.74 6.07
CA GLY J 837 49.38 61.43 5.45
C GLY J 837 49.31 61.49 3.94
N ARG J 838 48.39 62.30 3.40
CA ARG J 838 48.28 62.42 1.96
C ARG J 838 49.52 63.07 1.36
N LEU J 839 50.17 63.95 2.12
CA LEU J 839 51.38 64.59 1.62
C LEU J 839 52.56 63.63 1.64
N LYS J 840 52.71 62.86 2.73
CA LYS J 840 53.92 62.08 2.94
C LYS J 840 53.98 60.91 1.97
N TYR J 841 52.90 60.16 1.84
CA TYR J 841 52.88 58.93 1.06
C TYR J 841 51.94 59.10 -0.13
N VAL J 842 52.41 58.66 -1.30
CA VAL J 842 51.60 58.59 -2.50
C VAL J 842 51.89 57.26 -3.18
N PHE J 843 50.87 56.62 -3.69
CA PHE J 843 51.00 55.25 -4.18
C PHE J 843 50.60 55.17 -5.65
N ALA J 844 51.39 54.43 -6.43
CA ALA J 844 51.15 54.35 -7.86
C ALA J 844 49.95 53.46 -8.18
N ASN J 845 49.84 52.33 -7.51
CA ASN J 845 48.78 51.38 -7.77
C ASN J 845 48.25 50.88 -6.44
N PRO J 846 47.01 50.37 -6.42
CA PRO J 846 46.53 49.73 -5.19
C PRO J 846 47.42 48.61 -4.72
N ASP J 847 48.02 47.85 -5.64
CA ASP J 847 48.92 46.77 -5.24
C ASP J 847 50.09 47.32 -4.44
N GLU J 848 50.67 48.43 -4.88
CA GLU J 848 51.77 49.03 -4.13
C GLU J 848 51.31 49.49 -2.76
N ALA J 849 50.12 50.09 -2.68
CA ALA J 849 49.63 50.55 -1.38
C ALA J 849 49.45 49.40 -0.42
N LEU J 850 48.82 48.31 -0.88
CA LEU J 850 48.61 47.18 0.00
C LEU J 850 49.91 46.48 0.36
N LEU J 851 50.86 46.44 -0.58
CA LEU J 851 52.16 45.88 -0.27
C LEU J 851 52.85 46.68 0.82
N ALA J 852 52.79 48.01 0.73
CA ALA J 852 53.38 48.83 1.78
C ALA J 852 52.62 48.67 3.09
N VAL J 853 51.32 48.40 3.02
CA VAL J 853 50.56 48.09 4.23
C VAL J 853 51.09 46.83 4.87
N ALA J 854 51.39 45.81 4.06
CA ALA J 854 51.89 44.54 4.59
C ALA J 854 53.16 44.74 5.39
N HIS J 855 53.99 45.72 5.03
CA HIS J 855 55.19 46.03 5.77
C HIS J 855 54.93 46.90 6.99
N GLY J 856 53.68 46.99 7.44
CA GLY J 856 53.38 47.73 8.65
C GLY J 856 53.67 49.21 8.59
N ILE J 857 53.85 49.76 7.38
CA ILE J 857 54.13 51.18 7.25
C ILE J 857 52.91 51.99 7.63
N VAL J 858 51.75 51.61 7.12
CA VAL J 858 50.52 52.39 7.31
C VAL J 858 49.38 51.43 7.63
N ASP J 859 48.49 51.86 8.52
CA ASP J 859 47.32 51.08 8.88
C ASP J 859 46.25 51.22 7.81
N LEU J 860 45.33 50.25 7.80
CA LEU J 860 44.23 50.28 6.85
C LEU J 860 43.24 51.40 7.14
N GLN J 861 43.34 52.05 8.29
CA GLN J 861 42.43 53.12 8.68
C GLN J 861 43.04 54.50 8.46
N ASP J 862 44.13 54.58 7.70
CA ASP J 862 44.84 55.83 7.48
C ASP J 862 44.62 56.29 6.04
N VAL J 863 44.15 57.52 5.87
CA VAL J 863 43.93 58.03 4.52
C VAL J 863 45.26 58.42 3.89
N VAL J 864 45.36 58.23 2.58
CA VAL J 864 46.61 58.40 1.85
C VAL J 864 46.24 58.58 0.39
N THR J 865 47.17 59.15 -0.38
CA THR J 865 46.93 59.44 -1.78
C THR J 865 47.27 58.22 -2.62
N VAL J 866 46.29 57.77 -3.42
CA VAL J 866 46.44 56.57 -4.25
C VAL J 866 45.99 56.91 -5.66
N ARG J 867 46.75 56.47 -6.65
CA ARG J 867 46.41 56.69 -8.05
C ARG J 867 45.68 55.47 -8.57
N TYR J 868 44.35 55.57 -8.63
CA TYR J 868 43.52 54.49 -9.14
C TYR J 868 43.49 54.49 -10.67
N MET J 869 42.50 53.81 -11.24
CA MET J 869 42.47 53.58 -12.68
C MET J 869 42.67 54.85 -13.49
N GLY J 870 42.07 55.96 -13.04
CA GLY J 870 42.26 57.19 -13.77
C GLY J 870 42.45 58.42 -12.92
N LYS J 871 42.35 58.29 -11.61
CA LYS J 871 42.25 59.47 -10.75
C LYS J 871 43.13 59.30 -9.52
N ARG J 872 43.39 60.43 -8.87
CA ARG J 872 44.08 60.46 -7.59
C ARG J 872 43.06 60.64 -6.49
N LEU J 873 43.10 59.76 -5.49
CA LEU J 873 42.12 59.71 -4.43
C LEU J 873 42.81 59.82 -3.08
N GLU J 874 42.15 60.48 -2.14
CA GLU J 874 42.63 60.54 -0.77
C GLU J 874 41.79 59.56 0.04
N THR J 875 42.21 58.29 0.02
CA THR J 875 41.41 57.21 0.58
C THR J 875 42.28 56.36 1.49
N SER J 876 41.64 55.61 2.29
CA SER J 876 42.47 54.70 3.06
C SER J 876 42.77 53.45 2.24
N PRO J 877 43.88 52.77 2.52
CA PRO J 877 44.11 51.49 1.86
C PRO J 877 43.04 50.48 2.17
N GLY J 878 42.36 50.62 3.31
CA GLY J 878 41.25 49.72 3.59
C GLY J 878 40.11 49.89 2.60
N ARG J 879 39.74 51.13 2.30
CA ARG J 879 38.69 51.36 1.32
C ARG J 879 39.12 50.88 -0.07
N ILE J 880 40.39 51.09 -0.40
CA ILE J 880 40.91 50.60 -1.67
C ILE J 880 40.83 49.08 -1.73
N LEU J 881 41.16 48.42 -0.63
CA LEU J 881 41.07 46.97 -0.57
C LEU J 881 39.63 46.51 -0.71
N PHE J 882 38.70 47.24 -0.08
CA PHE J 882 37.29 46.91 -0.22
C PHE J 882 36.85 47.01 -1.68
N ALA J 883 37.25 48.10 -2.34
CA ALA J 883 36.93 48.26 -3.75
C ALA J 883 37.53 47.14 -4.58
N ARG J 884 38.77 46.77 -4.28
CA ARG J 884 39.42 45.69 -5.03
C ARG J 884 38.72 44.36 -4.79
N ILE J 885 38.26 44.13 -3.57
CA ILE J 885 37.51 42.91 -3.27
C ILE J 885 36.26 42.85 -4.12
N VAL J 886 35.52 43.96 -4.17
CA VAL J 886 34.30 43.99 -4.96
C VAL J 886 34.63 43.79 -6.44
N ALA J 887 35.69 44.43 -6.92
CA ALA J 887 36.04 44.35 -8.33
C ALA J 887 36.56 42.97 -8.72
N GLU J 888 37.17 42.24 -7.79
CA GLU J 888 37.68 40.91 -8.09
C GLU J 888 36.59 39.85 -8.00
N ALA J 889 35.66 40.01 -7.05
CA ALA J 889 34.54 39.07 -6.97
C ALA J 889 33.73 39.10 -8.26
N VAL J 890 33.65 40.25 -8.90
CA VAL J 890 33.03 40.38 -10.20
C VAL J 890 34.14 40.40 -11.24
N GLU J 891 33.75 40.35 -12.51
CA GLU J 891 34.74 40.32 -13.58
C GLU J 891 35.25 41.71 -13.92
N ASP J 892 34.35 42.59 -14.37
CA ASP J 892 34.74 43.94 -14.73
C ASP J 892 34.99 44.78 -13.47
N GLU J 893 35.84 45.79 -13.62
CA GLU J 893 36.17 46.69 -12.52
C GLU J 893 35.50 48.05 -12.66
N LYS J 894 35.26 48.51 -13.88
CA LYS J 894 34.56 49.79 -14.05
C LYS J 894 33.17 49.72 -13.45
N VAL J 895 32.46 48.62 -13.69
CA VAL J 895 31.14 48.43 -13.10
C VAL J 895 31.24 48.41 -11.58
N ALA J 896 32.23 47.69 -11.05
CA ALA J 896 32.39 47.64 -9.60
C ALA J 896 32.69 49.03 -9.03
N TRP J 897 33.54 49.79 -9.73
CA TRP J 897 33.84 51.13 -9.24
C TRP J 897 32.61 52.01 -9.25
N GLU J 898 31.77 51.88 -10.27
CA GLU J 898 30.61 52.75 -10.37
C GLU J 898 29.47 52.33 -9.46
N LEU J 899 29.49 51.10 -8.94
CA LEU J 899 28.39 50.65 -8.08
C LEU J 899 28.76 50.60 -6.61
N ILE J 900 29.80 51.33 -6.18
CA ILE J 900 30.14 51.43 -4.77
C ILE J 900 30.33 52.90 -4.40
N GLN J 901 30.36 53.15 -3.10
CA GLN J 901 30.60 54.48 -2.55
C GLN J 901 31.79 54.36 -1.61
N LEU J 902 32.98 54.65 -2.13
CA LEU J 902 34.21 54.46 -1.37
C LEU J 902 34.60 55.69 -0.54
N ASP J 903 33.65 56.55 -0.20
CA ASP J 903 33.95 57.74 0.59
C ASP J 903 33.39 57.69 2.00
N VAL J 904 32.73 56.60 2.39
CA VAL J 904 32.09 56.51 3.70
C VAL J 904 32.31 55.12 4.27
N PRO J 905 32.19 54.97 5.59
CA PRO J 905 32.25 53.65 6.19
C PRO J 905 31.16 52.75 5.67
N GLN J 906 31.46 51.45 5.55
CA GLN J 906 30.54 50.49 4.98
C GLN J 906 29.58 49.98 6.04
N GLU J 907 28.59 50.81 6.36
CA GLU J 907 27.54 50.43 7.29
C GLU J 907 26.59 49.46 6.61
N LYS J 908 25.76 48.77 7.41
CA LYS J 908 24.91 47.72 6.88
C LYS J 908 23.97 48.22 5.79
N ASN J 909 23.51 49.47 5.88
CA ASN J 909 22.67 50.00 4.82
C ASN J 909 23.45 50.10 3.51
N SER J 910 24.70 50.53 3.59
CA SER J 910 25.53 50.60 2.39
C SER J 910 25.73 49.22 1.79
N LEU J 911 25.96 48.22 2.64
CA LEU J 911 26.13 46.86 2.13
C LEU J 911 24.85 46.36 1.47
N LYS J 912 23.70 46.65 2.07
CA LYS J 912 22.44 46.22 1.49
C LYS J 912 22.23 46.86 0.13
N ASP J 913 22.49 48.16 0.03
CA ASP J 913 22.36 48.85 -1.26
C ASP J 913 23.33 48.27 -2.27
N LEU J 914 24.55 47.99 -1.85
CA LEU J 914 25.54 47.42 -2.74
C LEU J 914 25.08 46.07 -3.29
N VAL J 915 24.56 45.23 -2.41
CA VAL J 915 24.10 43.91 -2.84
C VAL J 915 22.93 44.05 -3.80
N TYR J 916 21.99 44.93 -3.49
CA TYR J 916 20.85 45.11 -4.37
C TYR J 916 21.28 45.62 -5.73
N GLN J 917 22.18 46.59 -5.77
CA GLN J 917 22.64 47.12 -7.05
C GLN J 917 23.36 46.06 -7.85
N ALA J 918 24.22 45.29 -7.19
CA ALA J 918 24.94 44.23 -7.89
C ALA J 918 23.98 43.20 -8.45
N PHE J 919 22.96 42.84 -7.69
CA PHE J 919 21.96 41.92 -8.21
C PHE J 919 21.24 42.50 -9.41
N LEU J 920 20.91 43.79 -9.35
CA LEU J 920 20.19 44.41 -10.46
C LEU J 920 21.04 44.45 -11.73
N ARG J 921 22.32 44.79 -11.60
CA ARG J 921 23.14 45.08 -12.77
C ARG J 921 23.99 43.91 -13.22
N LEU J 922 24.10 42.85 -12.43
CA LEU J 922 24.93 41.71 -12.81
C LEU J 922 24.15 40.41 -12.92
N GLY J 923 23.30 40.10 -11.94
CA GLY J 923 22.45 38.93 -12.02
C GLY J 923 22.62 38.02 -10.82
N MET J 924 22.49 36.72 -11.08
CA MET J 924 22.52 35.72 -10.01
C MET J 924 23.94 35.31 -9.65
N GLU J 925 24.68 34.75 -10.61
CA GLU J 925 25.97 34.15 -10.31
C GLU J 925 26.92 35.16 -9.70
N LYS J 926 27.02 36.33 -10.32
CA LYS J 926 27.98 37.32 -9.85
C LYS J 926 27.59 37.85 -8.47
N THR J 927 26.30 38.00 -8.21
CA THR J 927 25.89 38.43 -6.87
C THR J 927 26.27 37.40 -5.82
N ALA J 928 26.08 36.12 -6.12
CA ALA J 928 26.46 35.07 -5.17
C ALA J 928 27.96 35.08 -4.94
N ARG J 929 28.76 35.22 -6.00
CA ARG J 929 30.20 35.25 -5.82
C ARG J 929 30.63 36.47 -5.01
N LEU J 930 29.99 37.61 -5.25
CA LEU J 930 30.29 38.80 -4.46
C LEU J 930 29.98 38.58 -3.00
N LEU J 931 28.84 37.94 -2.70
CA LEU J 931 28.51 37.66 -1.31
C LEU J 931 29.53 36.73 -0.68
N ASP J 932 29.96 35.71 -1.41
CA ASP J 932 30.95 34.79 -0.87
C ASP J 932 32.25 35.51 -0.54
N ALA J 933 32.74 36.33 -1.48
CA ALA J 933 33.98 37.05 -1.22
C ALA J 933 33.83 38.01 -0.05
N LEU J 934 32.69 38.71 0.02
CA LEU J 934 32.47 39.61 1.13
C LEU J 934 32.48 38.88 2.45
N LYS J 935 31.81 37.72 2.52
CA LYS J 935 31.78 36.96 3.75
C LYS J 935 33.17 36.52 4.15
N TYR J 936 33.94 35.98 3.20
CA TYR J 936 35.26 35.48 3.52
C TYR J 936 36.17 36.59 4.04
N TYR J 937 36.21 37.71 3.32
CA TYR J 937 37.11 38.79 3.74
C TYR J 937 36.62 39.44 5.03
N GLY J 938 35.31 39.56 5.21
CA GLY J 938 34.81 40.08 6.47
C GLY J 938 35.21 39.22 7.64
N PHE J 939 35.10 37.90 7.49
CA PHE J 939 35.56 37.00 8.55
C PHE J 939 37.03 37.20 8.83
N THR J 940 37.87 37.20 7.79
CA THR J 940 39.30 37.28 8.01
C THR J 940 39.69 38.58 8.70
N PHE J 941 39.11 39.69 8.27
CA PHE J 941 39.51 40.97 8.84
C PHE J 941 38.87 41.21 10.20
N SER J 942 37.71 40.60 10.47
CA SER J 942 37.17 40.63 11.83
C SER J 942 38.07 39.86 12.78
N THR J 943 38.61 38.72 12.33
CA THR J 943 39.52 37.96 13.18
C THR J 943 40.79 38.75 13.45
N THR J 944 41.47 39.18 12.38
CA THR J 944 42.75 39.86 12.58
C THR J 944 42.59 41.23 13.21
N SER J 945 41.42 41.83 13.13
CA SER J 945 41.22 43.17 13.67
C SER J 945 41.09 43.18 15.17
N GLY J 946 40.53 42.12 15.77
CA GLY J 946 40.52 42.01 17.20
C GLY J 946 39.64 42.99 17.93
N ILE J 947 38.32 42.84 17.81
CA ILE J 947 37.37 43.65 18.54
C ILE J 947 36.88 42.83 19.74
N THR J 948 37.08 43.36 20.94
CA THR J 948 36.71 42.68 22.17
C THR J 948 35.94 43.65 23.07
N ILE J 949 35.18 43.07 23.99
CA ILE J 949 34.36 43.84 24.92
C ILE J 949 34.96 43.69 26.31
N GLY J 950 35.48 44.78 26.85
CA GLY J 950 35.95 44.80 28.22
C GLY J 950 35.04 45.64 29.08
N ILE J 951 35.11 45.47 30.39
CA ILE J 951 34.19 46.20 31.26
C ILE J 951 34.47 47.70 31.18
N ASP J 952 35.72 48.09 30.90
CA ASP J 952 36.05 49.49 30.75
C ASP J 952 35.56 50.06 29.43
N ASP J 953 35.19 49.21 28.47
CA ASP J 953 34.68 49.71 27.20
C ASP J 953 33.33 50.39 27.37
N ALA J 954 32.55 49.97 28.37
CA ALA J 954 31.27 50.62 28.67
C ALA J 954 31.54 51.88 29.48
N VAL J 955 32.04 52.90 28.78
CA VAL J 955 32.43 54.13 29.44
C VAL J 955 31.18 54.87 29.93
N ILE J 956 31.29 55.46 31.12
CA ILE J 956 30.20 56.24 31.70
C ILE J 956 30.59 57.71 31.59
N PRO J 957 29.89 58.51 30.78
CA PRO J 957 30.17 59.94 30.74
C PRO J 957 29.88 60.59 32.08
N GLU J 958 30.78 61.49 32.48
CA GLU J 958 30.61 62.21 33.73
C GLU J 958 29.52 63.26 33.66
N GLU J 959 29.23 63.79 32.47
CA GLU J 959 28.23 64.84 32.34
C GLU J 959 26.87 64.39 32.84
N LYS J 960 26.48 63.14 32.56
CA LYS J 960 25.20 62.66 33.03
C LYS J 960 25.06 62.86 34.53
N LYS J 961 26.17 62.74 35.26
CA LYS J 961 26.14 62.99 36.70
C LYS J 961 25.43 64.30 37.00
N GLN J 962 25.97 65.42 36.49
CA GLN J 962 25.34 66.69 36.80
C GLN J 962 23.93 66.75 36.25
N TYR J 963 23.69 66.12 35.08
CA TYR J 963 22.32 66.04 34.59
C TYR J 963 21.41 65.46 35.65
N LEU J 964 21.78 64.32 36.22
CA LEU J 964 20.97 63.73 37.29
C LEU J 964 20.70 64.75 38.37
N GLU J 965 21.75 65.44 38.82
CA GLU J 965 21.58 66.45 39.86
C GLU J 965 20.51 67.44 39.45
N GLU J 966 20.66 68.00 38.24
CA GLU J 966 19.65 68.94 37.75
C GLU J 966 18.28 68.31 37.80
N ALA J 967 18.14 67.11 37.21
CA ALA J 967 16.83 66.45 37.21
C ALA J 967 16.33 66.28 38.63
N ASP J 968 17.21 65.83 39.53
CA ASP J 968 16.80 65.67 40.92
C ASP J 968 16.27 66.98 41.46
N ARG J 969 17.01 68.07 41.24
CA ARG J 969 16.54 69.37 41.67
C ARG J 969 15.14 69.64 41.12
N LYS J 970 14.97 69.44 39.82
CA LYS J 970 13.66 69.65 39.21
C LYS J 970 12.61 68.82 39.92
N LEU J 971 12.91 67.54 40.15
CA LEU J 971 11.96 66.68 40.84
C LEU J 971 11.58 67.27 42.18
N LEU J 972 12.58 67.71 42.96
CA LEU J 972 12.29 68.33 44.24
C LEU J 972 11.31 69.47 44.07
N GLN J 973 11.58 70.35 43.11
CA GLN J 973 10.65 71.44 42.84
C GLN J 973 9.26 70.89 42.53
N ILE J 974 9.18 69.95 41.60
CA ILE J 974 7.88 69.37 41.29
C ILE J 974 7.26 68.78 42.55
N GLU J 975 8.09 68.12 43.36
CA GLU J 975 7.56 67.53 44.59
C GLU J 975 7.01 68.61 45.50
N GLN J 976 7.74 69.72 45.67
CA GLN J 976 7.17 70.78 46.49
C GLN J 976 5.99 71.42 45.80
N ALA J 977 6.00 71.42 44.46
CA ALA J 977 4.82 71.86 43.72
C ALA J 977 3.59 71.05 44.12
N TYR J 978 3.79 69.78 44.47
CA TYR J 978 2.67 68.98 44.95
C TYR J 978 2.33 69.32 46.39
N GLU J 979 3.34 69.58 47.22
CA GLU J 979 3.07 69.77 48.64
C GLU J 979 2.39 71.10 48.91
N MET J 980 2.39 71.99 47.94
CA MET J 980 1.58 73.21 48.00
C MET J 980 0.17 73.00 47.44
N GLY J 981 -0.15 71.78 47.00
CA GLY J 981 -1.48 71.47 46.54
C GLY J 981 -1.83 72.01 45.17
N PHE J 982 -0.86 72.50 44.42
CA PHE J 982 -1.15 73.06 43.11
C PHE J 982 -1.44 71.99 42.07
N LEU J 983 -1.08 70.74 42.36
CA LEU J 983 -1.17 69.67 41.38
C LEU J 983 -1.99 68.51 41.92
N THR J 984 -2.58 67.75 41.00
CA THR J 984 -3.25 66.52 41.34
C THR J 984 -2.25 65.36 41.31
N ASP J 985 -2.72 64.19 41.74
CA ASP J 985 -1.89 63.00 41.61
C ASP J 985 -1.61 62.71 40.15
N ARG J 986 -2.63 62.82 39.29
CA ARG J 986 -2.43 62.61 37.86
C ARG J 986 -1.48 63.65 37.29
N GLU J 987 -1.64 64.91 37.67
CA GLU J 987 -0.77 65.96 37.15
C GLU J 987 0.68 65.72 37.56
N ARG J 988 0.91 65.39 38.83
CA ARG J 988 2.27 65.13 39.29
C ARG J 988 2.85 63.92 38.58
N TYR J 989 2.05 62.87 38.41
CA TYR J 989 2.52 61.66 37.73
C TYR J 989 2.94 61.99 36.31
N ASP J 990 2.12 62.74 35.58
CA ASP J 990 2.44 63.08 34.21
C ASP J 990 3.68 63.98 34.13
N GLN J 991 3.80 64.94 35.05
CA GLN J 991 4.97 65.80 35.06
C GLN J 991 6.24 64.99 35.29
N ILE J 992 6.20 64.06 36.24
CA ILE J 992 7.37 63.24 36.54
C ILE J 992 7.74 62.39 35.35
N LEU J 993 6.73 61.77 34.72
CA LEU J 993 7.00 60.94 33.55
C LEU J 993 7.65 61.76 32.44
N GLN J 994 7.11 62.95 32.18
CA GLN J 994 7.67 63.80 31.14
C GLN J 994 9.12 64.19 31.45
N LEU J 995 9.37 64.58 32.70
CA LEU J 995 10.72 65.00 33.07
C LEU J 995 11.72 63.86 32.87
N TRP J 996 11.37 62.67 33.36
CA TRP J 996 12.32 61.57 33.26
C TRP J 996 12.51 61.13 31.82
N THR J 997 11.44 61.09 31.03
CA THR J 997 11.59 60.68 29.64
C THR J 997 12.35 61.70 28.82
N GLU J 998 12.35 62.97 29.24
CA GLU J 998 13.18 63.95 28.55
C GLU J 998 14.65 63.81 28.95
N THR J 999 14.92 63.67 30.25
CA THR J 999 16.30 63.59 30.69
C THR J 999 16.97 62.30 30.21
N THR J 1000 16.20 61.24 30.00
CA THR J 1000 16.78 60.02 29.44
C THR J 1000 17.35 60.27 28.04
N GLU J 1001 16.56 60.92 27.19
CA GLU J 1001 17.05 61.24 25.85
C GLU J 1001 18.23 62.18 25.90
N LYS J 1002 18.18 63.15 26.82
CA LYS J 1002 19.32 64.04 26.98
C LYS J 1002 20.58 63.25 27.30
N VAL J 1003 20.48 62.30 28.22
CA VAL J 1003 21.64 61.50 28.61
C VAL J 1003 22.14 60.66 27.44
N THR J 1004 21.23 60.05 26.70
CA THR J 1004 21.67 59.21 25.58
C THR J 1004 22.37 60.04 24.51
N GLN J 1005 21.83 61.22 24.19
CA GLN J 1005 22.51 62.10 23.25
C GLN J 1005 23.89 62.47 23.77
N ALA J 1006 24.00 62.74 25.07
CA ALA J 1006 25.30 63.05 25.65
C ALA J 1006 26.25 61.87 25.52
N VAL J 1007 25.74 60.66 25.68
CA VAL J 1007 26.58 59.47 25.60
C VAL J 1007 27.16 59.32 24.21
N PHE J 1008 26.31 59.43 23.19
CA PHE J 1008 26.86 59.35 21.83
C PHE J 1008 27.77 60.52 21.50
N LYS J 1009 27.49 61.71 22.03
CA LYS J 1009 28.41 62.82 21.81
C LYS J 1009 29.78 62.49 22.40
N ASN J 1010 29.80 61.93 23.61
CA ASN J 1010 31.05 61.49 24.22
C ASN J 1010 31.74 60.46 23.35
N PHE J 1011 30.99 59.47 22.86
CA PHE J 1011 31.61 58.40 22.09
C PHE J 1011 32.23 58.92 20.80
N GLU J 1012 31.51 59.77 20.07
CA GLU J 1012 32.05 60.29 18.83
C GLU J 1012 33.23 61.22 19.10
N GLU J 1013 33.17 61.99 20.18
CA GLU J 1013 34.23 62.94 20.47
C GLU J 1013 35.52 62.23 20.87
N ASN J 1014 35.42 61.25 21.76
CA ASN J 1014 36.62 60.74 22.43
C ASN J 1014 37.11 59.42 21.87
N TYR J 1015 36.25 58.41 21.77
CA TYR J 1015 36.67 57.05 21.49
C TYR J 1015 35.92 56.52 20.27
N PRO J 1016 36.31 56.96 19.07
CA PRO J 1016 35.61 56.48 17.87
C PRO J 1016 35.66 54.97 17.71
N PHE J 1017 36.77 54.35 18.07
CA PHE J 1017 36.92 52.90 17.94
C PHE J 1017 36.53 52.17 19.22
N ASN J 1018 35.39 52.49 19.75
CA ASN J 1018 34.97 51.70 20.90
C ASN J 1018 34.09 50.57 20.42
N PRO J 1019 34.32 49.34 20.89
CA PRO J 1019 33.55 48.21 20.36
C PRO J 1019 32.05 48.37 20.47
N LEU J 1020 31.56 48.94 21.57
CA LEU J 1020 30.12 49.19 21.68
C LEU J 1020 29.66 50.22 20.67
N TYR J 1021 30.36 51.36 20.62
CA TYR J 1021 29.99 52.41 19.66
C TYR J 1021 30.15 51.91 18.24
N VAL J 1022 31.20 51.12 17.99
CA VAL J 1022 31.41 50.58 16.65
C VAL J 1022 30.28 49.64 16.27
N MET J 1023 29.86 48.79 17.20
CA MET J 1023 28.76 47.86 16.91
C MET J 1023 27.46 48.60 16.70
N ALA J 1024 27.23 49.69 17.44
CA ALA J 1024 26.00 50.45 17.25
C ALA J 1024 26.00 51.20 15.93
N GLN J 1025 27.13 51.82 15.57
CA GLN J 1025 27.19 52.60 14.34
C GLN J 1025 26.98 51.72 13.12
N SER J 1026 27.71 50.62 13.04
CA SER J 1026 27.40 49.62 12.03
C SER J 1026 26.11 48.90 12.40
N GLY J 1027 25.69 48.00 11.54
CA GLY J 1027 24.48 47.25 11.81
C GLY J 1027 24.75 45.94 12.52
N ALA J 1028 25.92 45.83 13.16
CA ALA J 1028 26.32 44.56 13.74
C ALA J 1028 25.35 44.12 14.83
N ARG J 1029 25.33 44.82 15.96
CA ARG J 1029 24.43 44.50 17.06
C ARG J 1029 24.15 45.76 17.85
N GLY J 1030 23.10 45.71 18.66
CA GLY J 1030 22.82 46.75 19.61
C GLY J 1030 21.95 47.86 19.05
N ASN J 1031 21.34 48.60 19.96
CA ASN J 1031 20.53 49.77 19.66
C ASN J 1031 20.92 50.85 20.63
N PRO J 1032 20.64 52.12 20.31
CA PRO J 1032 20.94 53.20 21.26
C PRO J 1032 20.30 52.98 22.63
N GLN J 1033 19.10 52.38 22.68
CA GLN J 1033 18.50 52.08 23.96
C GLN J 1033 19.35 51.09 24.76
N GLN J 1034 19.82 50.03 24.10
CA GLN J 1034 20.63 49.04 24.79
C GLN J 1034 21.95 49.63 25.26
N ILE J 1035 22.59 50.46 24.43
CA ILE J 1035 23.83 51.09 24.83
C ILE J 1035 23.60 52.02 26.02
N ARG J 1036 22.49 52.76 26.01
CA ARG J 1036 22.17 53.60 27.14
C ARG J 1036 21.99 52.76 28.40
N GLN J 1037 21.33 51.61 28.28
CA GLN J 1037 21.18 50.74 29.42
C GLN J 1037 22.53 50.25 29.93
N LEU J 1038 23.45 49.96 29.02
CA LEU J 1038 24.76 49.46 29.41
C LEU J 1038 25.57 50.52 30.14
N CYS J 1039 25.63 51.74 29.58
CA CYS J 1039 26.50 52.77 30.10
C CYS J 1039 25.79 53.89 30.83
N GLY J 1040 24.56 54.22 30.46
CA GLY J 1040 23.88 55.37 31.03
C GLY J 1040 22.97 54.99 32.17
N LEU J 1041 21.67 54.88 31.89
CA LEU J 1041 20.71 54.44 32.88
C LEU J 1041 19.43 54.03 32.18
N ARG J 1042 18.83 52.94 32.64
CA ARG J 1042 17.54 52.48 32.11
C ARG J 1042 16.43 53.09 32.95
N GLY J 1043 16.16 54.37 32.68
CA GLY J 1043 15.30 55.16 33.54
C GLY J 1043 13.90 54.63 33.80
N LEU J 1044 13.05 54.68 32.79
CA LEU J 1044 11.62 54.40 32.98
C LEU J 1044 11.38 52.90 32.85
N MET J 1045 10.71 52.33 33.83
CA MET J 1045 10.47 50.90 33.85
C MET J 1045 8.98 50.64 34.05
N GLN J 1046 8.41 49.75 33.26
CA GLN J 1046 6.97 49.61 33.16
C GLN J 1046 6.39 48.76 34.30
N LYS J 1047 5.23 49.18 34.79
CA LYS J 1047 4.44 48.44 35.78
C LYS J 1047 3.63 47.34 35.10
N PRO J 1048 3.30 46.27 35.82
CA PRO J 1048 2.41 45.24 35.25
C PRO J 1048 1.07 45.79 34.79
N SER J 1049 0.58 46.86 35.41
CA SER J 1049 -0.68 47.45 34.98
C SER J 1049 -0.59 48.09 33.60
N GLY J 1050 0.61 48.24 33.05
CA GLY J 1050 0.84 48.87 31.76
C GLY J 1050 1.39 50.27 31.86
N GLU J 1051 1.30 50.90 33.02
CA GLU J 1051 1.83 52.23 33.23
C GLU J 1051 3.32 52.14 33.53
N THR J 1052 3.90 53.22 34.04
CA THR J 1052 5.32 53.28 34.34
C THR J 1052 5.52 53.80 35.76
N PHE J 1053 6.55 53.29 36.42
CA PHE J 1053 6.83 53.65 37.80
C PHE J 1053 7.24 55.11 37.93
N GLU J 1054 6.97 55.69 39.10
CA GLU J 1054 7.35 57.07 39.35
C GLU J 1054 8.86 57.22 39.52
N VAL J 1055 9.49 56.29 40.24
CA VAL J 1055 10.91 56.37 40.53
C VAL J 1055 11.65 55.60 39.43
N PRO J 1056 12.59 56.22 38.74
CA PRO J 1056 13.32 55.54 37.67
C PRO J 1056 14.51 54.76 38.22
N VAL J 1057 15.28 54.20 37.30
CA VAL J 1057 16.48 53.43 37.62
C VAL J 1057 17.68 54.32 37.34
N ARG J 1058 18.39 54.70 38.40
CA ARG J 1058 19.54 55.59 38.23
C ARG J 1058 20.77 54.87 37.70
N SER J 1059 20.97 53.61 38.09
CA SER J 1059 22.21 52.92 37.80
C SER J 1059 22.09 52.12 36.50
N SER J 1060 23.24 51.72 35.98
CA SER J 1060 23.34 50.95 34.74
C SER J 1060 24.15 49.69 35.00
N PHE J 1061 24.20 48.82 33.99
CA PHE J 1061 24.85 47.54 34.14
C PHE J 1061 26.37 47.66 34.24
N ARG J 1062 26.95 48.78 33.82
CA ARG J 1062 28.35 49.03 34.14
C ARG J 1062 28.54 49.10 35.65
N GLU J 1063 27.63 49.78 36.34
CA GLU J 1063 27.59 49.77 37.79
C GLU J 1063 26.74 48.59 38.24
N GLY J 1064 26.36 48.58 39.52
CA GLY J 1064 25.54 47.52 40.07
C GLY J 1064 24.16 48.05 40.43
N LEU J 1065 23.14 47.33 39.96
CA LEU J 1065 21.77 47.67 40.33
C LEU J 1065 21.51 47.33 41.79
N THR J 1066 20.65 48.12 42.43
CA THR J 1066 20.19 47.78 43.75
C THR J 1066 19.21 46.62 43.66
N VAL J 1067 19.08 45.87 44.76
CA VAL J 1067 18.16 44.74 44.80
C VAL J 1067 16.77 45.17 44.39
N LEU J 1068 16.32 46.32 44.92
CA LEU J 1068 14.97 46.79 44.65
C LEU J 1068 14.79 47.08 43.16
N GLU J 1069 15.79 47.70 42.54
CA GLU J 1069 15.69 48.00 41.11
C GLU J 1069 15.62 46.73 40.28
N TYR J 1070 16.40 45.72 40.65
CA TYR J 1070 16.35 44.46 39.92
C TYR J 1070 14.98 43.82 40.06
N PHE J 1071 14.42 43.85 41.27
CA PHE J 1071 13.08 43.31 41.45
C PHE J 1071 12.07 44.08 40.60
N ILE J 1072 12.26 45.39 40.47
CA ILE J 1072 11.38 46.19 39.63
C ILE J 1072 11.47 45.74 38.18
N SER J 1073 12.69 45.63 37.65
CA SER J 1073 12.86 45.25 36.26
C SER J 1073 12.38 43.84 35.96
N SER J 1074 12.31 43.00 36.99
CA SER J 1074 11.75 41.67 36.77
C SER J 1074 10.32 41.75 36.25
N HIS J 1075 9.58 42.80 36.61
CA HIS J 1075 8.24 42.99 36.07
C HIS J 1075 8.27 42.98 34.56
N GLY J 1076 9.12 43.83 33.98
CA GLY J 1076 9.19 43.90 32.53
C GLY J 1076 9.73 42.63 31.90
N ALA J 1077 10.69 41.98 32.57
CA ALA J 1077 11.20 40.72 32.03
C ALA J 1077 10.09 39.68 31.90
N ARG J 1078 9.30 39.53 32.97
CA ARG J 1078 8.20 38.57 32.93
C ARG J 1078 7.14 38.99 31.91
N LYS J 1079 6.87 40.29 31.81
CA LYS J 1079 5.92 40.77 30.82
C LYS J 1079 6.37 40.39 29.42
N GLY J 1080 7.65 40.60 29.11
CA GLY J 1080 8.15 40.22 27.81
C GLY J 1080 8.04 38.74 27.53
N GLY J 1081 8.38 37.91 28.52
CA GLY J 1081 8.28 36.48 28.33
C GLY J 1081 6.85 36.04 28.04
N ALA J 1082 5.90 36.49 28.85
CA ALA J 1082 4.52 36.11 28.65
C ALA J 1082 3.97 36.65 27.33
N ASP J 1083 4.33 37.89 27.00
CA ASP J 1083 3.86 38.47 25.75
C ASP J 1083 4.37 37.69 24.55
N THR J 1084 5.62 37.25 24.59
CA THR J 1084 6.07 36.34 23.54
C THR J 1084 5.20 35.10 23.51
N ALA J 1085 5.06 34.43 24.66
CA ALA J 1085 4.39 33.14 24.71
C ALA J 1085 2.94 33.20 24.26
N LEU J 1086 2.32 34.38 24.28
CA LEU J 1086 0.92 34.47 23.84
C LEU J 1086 0.74 35.17 22.49
N ARG J 1087 1.45 36.26 22.25
CA ARG J 1087 1.32 36.94 20.97
C ARG J 1087 1.81 36.06 19.83
N THR J 1088 2.77 35.16 20.07
CA THR J 1088 3.14 34.23 19.01
C THR J 1088 1.94 33.38 18.59
N ALA J 1089 1.20 32.91 19.58
CA ALA J 1089 -0.01 32.13 19.30
C ALA J 1089 -1.01 32.93 18.49
N ASP J 1090 -1.28 34.16 18.93
CA ASP J 1090 -2.26 34.99 18.24
C ASP J 1090 -1.84 35.26 16.79
N SER J 1091 -0.56 35.58 16.60
CA SER J 1091 -0.07 35.87 15.25
C SER J 1091 -0.15 34.65 14.36
N GLY J 1092 0.15 33.47 14.90
CA GLY J 1092 0.00 32.26 14.11
C GLY J 1092 -1.43 32.03 13.67
N TYR J 1093 -2.38 32.25 14.58
CA TYR J 1093 -3.79 32.13 14.19
C TYR J 1093 -4.12 33.11 13.08
N LEU J 1094 -3.65 34.34 13.19
CA LEU J 1094 -3.90 35.34 12.17
C LEU J 1094 -3.34 34.90 10.83
N THR J 1095 -2.12 34.38 10.82
CA THR J 1095 -1.50 33.93 9.58
C THR J 1095 -2.29 32.80 8.95
N ARG J 1096 -2.79 31.88 9.78
CA ARG J 1096 -3.61 30.80 9.23
C ARG J 1096 -4.87 31.34 8.58
N LYS J 1097 -5.52 32.30 9.23
CA LYS J 1097 -6.70 32.91 8.62
C LYS J 1097 -6.35 33.53 7.26
N LEU J 1098 -5.25 34.27 7.22
CA LEU J 1098 -4.83 34.90 5.97
C LEU J 1098 -4.62 33.87 4.87
N VAL J 1099 -3.83 32.84 5.19
CA VAL J 1099 -3.44 31.88 4.15
C VAL J 1099 -4.65 31.12 3.65
N ASP J 1100 -5.63 30.86 4.53
CA ASP J 1100 -6.86 30.28 4.02
C ASP J 1100 -7.57 31.25 3.09
N VAL J 1101 -7.73 32.50 3.51
CA VAL J 1101 -8.63 33.34 2.71
C VAL J 1101 -8.01 33.64 1.36
N THR J 1102 -6.68 33.50 1.24
CA THR J 1102 -5.99 33.89 0.02
C THR J 1102 -5.47 32.71 -0.82
N HIS J 1103 -5.76 31.47 -0.44
CA HIS J 1103 -5.04 30.40 -1.13
C HIS J 1103 -5.49 30.22 -2.57
N GLU J 1104 -6.59 30.84 -2.98
CA GLU J 1104 -7.11 30.59 -4.31
C GLU J 1104 -6.42 31.43 -5.37
N ILE J 1105 -5.69 32.47 -4.97
CA ILE J 1105 -5.20 33.46 -5.90
C ILE J 1105 -3.85 33.05 -6.44
N VAL J 1106 -3.79 32.70 -7.71
CA VAL J 1106 -2.54 32.44 -8.41
C VAL J 1106 -2.63 33.09 -9.78
N VAL J 1107 -1.50 33.60 -10.26
CA VAL J 1107 -1.50 34.37 -11.50
C VAL J 1107 -1.52 33.44 -12.70
N ARG J 1108 -2.72 33.04 -13.11
CA ARG J 1108 -2.94 32.39 -14.39
C ARG J 1108 -3.92 33.28 -15.14
N GLU J 1109 -3.50 33.74 -16.32
CA GLU J 1109 -4.04 35.01 -16.77
C GLU J 1109 -3.54 35.33 -18.17
N ALA J 1110 -4.35 36.09 -18.90
CA ALA J 1110 -3.89 37.03 -19.91
C ALA J 1110 -4.10 38.43 -19.36
N ASP J 1111 -3.42 39.41 -19.94
CA ASP J 1111 -3.56 40.77 -19.44
C ASP J 1111 -5.03 41.16 -19.49
N CYS J 1112 -5.65 41.28 -18.32
CA CYS J 1112 -7.07 41.58 -18.29
C CYS J 1112 -7.34 42.99 -18.81
N GLY J 1113 -8.45 43.14 -19.51
CA GLY J 1113 -8.78 44.41 -20.11
C GLY J 1113 -9.24 45.43 -19.09
N THR J 1114 -8.41 45.69 -18.09
CA THR J 1114 -8.77 46.59 -16.99
C THR J 1114 -8.47 48.01 -17.44
N THR J 1115 -9.52 48.75 -17.77
CA THR J 1115 -9.39 50.19 -17.97
C THR J 1115 -9.61 50.91 -16.65
N ASN J 1116 -8.90 50.46 -15.62
CA ASN J 1116 -9.06 50.96 -14.28
C ASN J 1116 -7.74 50.84 -13.55
N TYR J 1117 -7.63 51.56 -12.45
CA TYR J 1117 -6.35 51.70 -11.78
C TYR J 1117 -6.58 52.24 -10.38
N ILE J 1118 -5.48 52.54 -9.70
CA ILE J 1118 -5.53 53.24 -8.41
C ILE J 1118 -4.54 54.38 -8.46
N SER J 1119 -4.90 55.49 -7.84
CA SER J 1119 -4.05 56.67 -7.78
C SER J 1119 -3.33 56.69 -6.43
N VAL J 1120 -2.07 56.26 -6.44
CA VAL J 1120 -1.27 56.31 -5.21
C VAL J 1120 -0.90 57.76 -4.93
N PRO J 1121 -1.28 58.30 -3.78
CA PRO J 1121 -0.89 59.67 -3.46
C PRO J 1121 0.58 59.75 -3.11
N LEU J 1122 1.09 60.98 -3.10
CA LEU J 1122 2.45 61.24 -2.68
C LEU J 1122 2.53 62.19 -1.50
N PHE J 1123 1.41 62.71 -1.03
CA PHE J 1123 1.41 63.68 0.04
C PHE J 1123 0.48 63.23 1.15
N GLN J 1124 0.94 63.39 2.39
CA GLN J 1124 0.12 63.06 3.53
C GLN J 1124 -0.98 64.11 3.67
N PRO J 1125 -2.25 63.74 3.59
CA PRO J 1125 -3.31 64.75 3.65
C PRO J 1125 -3.31 65.55 4.94
N ASP J 1126 -2.89 64.94 6.05
CA ASP J 1126 -3.04 65.60 7.35
C ASP J 1126 -1.93 65.09 8.27
N GLU J 1127 -0.88 65.89 8.43
CA GLU J 1127 0.03 65.77 9.56
C GLU J 1127 -0.22 66.86 10.60
N VAL J 1128 -0.58 68.06 10.14
CA VAL J 1128 -1.20 69.07 10.96
C VAL J 1128 -2.67 69.12 10.55
N THR J 1129 -3.47 69.85 11.32
CA THR J 1129 -4.92 69.87 11.07
C THR J 1129 -5.24 70.23 9.62
N ARG J 1130 -4.44 71.13 9.03
CA ARG J 1130 -4.58 71.48 7.61
C ARG J 1130 -3.19 71.74 7.05
N SER J 1131 -2.64 70.75 6.36
CA SER J 1131 -1.30 70.84 5.79
C SER J 1131 -1.07 69.64 4.88
N LEU J 1132 -0.33 69.88 3.80
CA LEU J 1132 0.06 68.84 2.86
C LEU J 1132 1.58 68.77 2.80
N ARG J 1133 2.11 67.57 2.87
CA ARG J 1133 3.56 67.39 2.77
C ARG J 1133 3.84 66.02 2.14
N LEU J 1134 4.98 65.93 1.48
CA LEU J 1134 5.34 64.72 0.76
C LEU J 1134 5.47 63.54 1.72
N ARG J 1135 5.01 62.38 1.28
CA ARG J 1135 5.12 61.17 2.10
C ARG J 1135 6.57 60.74 2.20
N LYS J 1136 6.84 59.89 3.19
CA LYS J 1136 8.19 59.39 3.40
C LYS J 1136 8.64 58.53 2.23
N ARG J 1137 9.95 58.48 2.03
CA ARG J 1137 10.50 57.72 0.91
C ARG J 1137 10.16 56.25 1.04
N ALA J 1138 10.17 55.73 2.26
CA ALA J 1138 9.87 54.31 2.47
C ALA J 1138 8.45 53.99 2.04
N ASP J 1139 7.48 54.84 2.39
CA ASP J 1139 6.10 54.58 2.03
C ASP J 1139 5.92 54.61 0.52
N ILE J 1140 6.49 55.60 -0.15
CA ILE J 1140 6.35 55.70 -1.59
C ILE J 1140 7.00 54.50 -2.26
N GLU J 1141 8.17 54.08 -1.79
CA GLU J 1141 8.82 52.90 -2.35
C GLU J 1141 7.96 51.66 -2.16
N ALA J 1142 7.40 51.49 -0.96
CA ALA J 1142 6.59 50.31 -0.68
C ALA J 1142 5.23 50.36 -1.37
N GLY J 1143 4.82 51.52 -1.88
CA GLY J 1143 3.56 51.60 -2.59
C GLY J 1143 3.70 51.55 -4.10
N LEU J 1144 4.83 52.02 -4.62
CA LEU J 1144 5.01 52.16 -6.06
C LEU J 1144 5.98 51.16 -6.66
N TYR J 1145 7.00 50.73 -5.92
CA TYR J 1145 8.02 49.89 -6.53
C TYR J 1145 7.40 48.59 -7.05
N GLY J 1146 7.76 48.24 -8.27
CA GLY J 1146 7.24 47.03 -8.86
C GLY J 1146 5.83 47.13 -9.40
N ARG J 1147 5.24 48.31 -9.42
CA ARG J 1147 3.90 48.46 -9.97
C ARG J 1147 4.00 48.75 -11.47
N VAL J 1148 2.85 48.68 -12.14
CA VAL J 1148 2.76 48.89 -13.58
C VAL J 1148 1.99 50.18 -13.82
N LEU J 1149 2.52 51.01 -14.71
CA LEU J 1149 1.92 52.31 -14.98
C LEU J 1149 0.54 52.13 -15.58
N ALA J 1150 -0.45 52.81 -14.99
CA ALA J 1150 -1.81 52.77 -15.52
C ALA J 1150 -1.87 53.45 -16.87
N ARG J 1151 -1.34 54.66 -16.97
CA ARG J 1151 -1.33 55.42 -18.22
C ARG J 1151 -0.04 56.23 -18.29
N GLU J 1152 0.29 56.64 -19.51
CA GLU J 1152 1.54 57.35 -19.73
C GLU J 1152 1.60 58.62 -18.90
N VAL J 1153 2.78 58.88 -18.34
CA VAL J 1153 3.02 60.08 -17.54
C VAL J 1153 4.37 60.66 -17.91
N GLU J 1154 4.43 61.98 -18.05
CA GLU J 1154 5.67 62.70 -18.25
C GLU J 1154 5.73 63.83 -17.24
N VAL J 1155 6.77 63.82 -16.40
CA VAL J 1155 6.84 64.70 -15.25
C VAL J 1155 8.06 65.62 -15.29
N LEU J 1156 9.21 65.13 -15.76
CA LEU J 1156 10.44 65.91 -15.78
C LEU J 1156 11.15 65.76 -17.12
N GLY J 1157 10.41 66.00 -18.20
CA GLY J 1157 11.00 65.83 -19.52
C GLY J 1157 11.27 64.40 -19.89
N VAL J 1158 10.73 63.44 -19.14
CA VAL J 1158 10.93 62.03 -19.36
C VAL J 1158 9.57 61.38 -19.58
N ARG J 1159 9.44 60.64 -20.67
CA ARG J 1159 8.17 60.03 -21.02
C ARG J 1159 8.12 58.62 -20.44
N LEU J 1160 7.45 58.47 -19.31
CA LEU J 1160 7.19 57.15 -18.74
C LEU J 1160 6.03 56.54 -19.50
N GLU J 1161 6.34 55.66 -20.44
CA GLU J 1161 5.31 55.07 -21.29
C GLU J 1161 4.36 54.22 -20.46
N GLU J 1162 3.10 54.22 -20.87
CA GLU J 1162 2.10 53.42 -20.19
C GLU J 1162 2.45 51.95 -20.29
N GLY J 1163 2.33 51.23 -19.18
CA GLY J 1163 2.67 49.83 -19.14
C GLY J 1163 4.12 49.53 -18.85
N ARG J 1164 4.86 50.48 -18.30
CA ARG J 1164 6.26 50.30 -17.96
C ARG J 1164 6.38 50.02 -16.47
N TYR J 1165 7.03 48.90 -16.12
CA TYR J 1165 7.23 48.57 -14.73
C TYR J 1165 8.11 49.61 -14.06
N LEU J 1166 7.76 49.97 -12.83
CA LEU J 1166 8.48 51.00 -12.10
C LEU J 1166 9.60 50.36 -11.31
N SER J 1167 10.83 50.62 -11.72
CA SER J 1167 12.00 50.15 -10.99
C SER J 1167 12.32 51.14 -9.88
N MET J 1168 13.39 50.89 -9.12
CA MET J 1168 13.79 51.82 -8.08
C MET J 1168 14.15 53.18 -8.66
N ASP J 1169 14.82 53.19 -9.81
CA ASP J 1169 15.20 54.45 -10.43
C ASP J 1169 13.98 55.29 -10.77
N ASP J 1170 12.94 54.66 -11.33
CA ASP J 1170 11.73 55.40 -11.67
C ASP J 1170 11.08 55.98 -10.42
N VAL J 1171 11.05 55.20 -9.34
CA VAL J 1171 10.43 55.68 -8.11
C VAL J 1171 11.22 56.86 -7.54
N HIS J 1172 12.54 56.78 -7.57
CA HIS J 1172 13.34 57.89 -7.08
C HIS J 1172 13.15 59.13 -7.94
N LEU J 1173 13.06 58.95 -9.26
CA LEU J 1173 12.78 60.06 -10.15
C LEU J 1173 11.43 60.69 -9.84
N LEU J 1174 10.42 59.87 -9.61
CA LEU J 1174 9.10 60.38 -9.29
C LEU J 1174 9.10 61.14 -7.97
N ILE J 1175 9.82 60.62 -6.98
CA ILE J 1175 9.90 61.32 -5.70
C ILE J 1175 10.59 62.67 -5.87
N LYS J 1176 11.66 62.70 -6.65
CA LYS J 1176 12.35 63.97 -6.90
C LYS J 1176 11.43 64.96 -7.61
N ALA J 1177 10.68 64.46 -8.60
CA ALA J 1177 9.75 65.33 -9.33
C ALA J 1177 8.68 65.89 -8.41
N ALA J 1178 8.12 65.04 -7.55
CA ALA J 1178 7.12 65.52 -6.60
C ALA J 1178 7.73 66.53 -5.64
N GLU J 1179 8.99 66.34 -5.28
CA GLU J 1179 9.69 67.34 -4.47
C GLU J 1179 9.76 68.66 -5.21
N ALA J 1180 10.02 68.62 -6.51
CA ALA J 1180 9.97 69.83 -7.32
C ALA J 1180 8.55 70.38 -7.39
N GLY J 1181 7.55 69.51 -7.33
CA GLY J 1181 6.17 69.93 -7.23
C GLY J 1181 5.36 69.88 -8.51
N GLU J 1182 5.49 68.80 -9.26
CA GLU J 1182 4.82 68.67 -10.55
C GLU J 1182 3.59 67.77 -10.50
N ILE J 1183 3.67 66.61 -9.87
CA ILE J 1183 2.53 65.72 -9.74
C ILE J 1183 2.40 65.29 -8.28
N GLN J 1184 1.22 64.79 -7.93
CA GLN J 1184 0.94 64.43 -6.55
C GLN J 1184 0.42 63.00 -6.46
N GLU J 1185 -0.17 62.50 -7.53
CA GLU J 1185 -0.75 61.16 -7.54
C GLU J 1185 -0.28 60.41 -8.77
N VAL J 1186 0.04 59.13 -8.58
CA VAL J 1186 0.56 58.27 -9.64
C VAL J 1186 -0.50 57.24 -9.98
N PRO J 1187 -0.98 57.18 -11.22
CA PRO J 1187 -1.93 56.13 -11.62
C PRO J 1187 -1.20 54.84 -11.94
N VAL J 1188 -1.51 53.78 -11.19
CA VAL J 1188 -0.86 52.49 -11.36
C VAL J 1188 -1.90 51.38 -11.39
N ARG J 1189 -1.56 50.30 -12.07
CA ARG J 1189 -2.37 49.10 -11.99
C ARG J 1189 -2.24 48.48 -10.61
N SER J 1190 -3.21 47.64 -10.26
CA SER J 1190 -3.24 47.04 -8.94
C SER J 1190 -4.13 45.80 -8.98
N PRO J 1191 -3.93 44.85 -8.08
CA PRO J 1191 -4.89 43.75 -7.96
C PRO J 1191 -6.29 44.24 -7.62
N LEU J 1192 -6.41 45.36 -6.89
CA LEU J 1192 -7.71 45.82 -6.45
C LEU J 1192 -8.67 46.05 -7.60
N THR J 1193 -8.16 46.24 -8.82
CA THR J 1193 -9.00 46.47 -9.98
C THR J 1193 -8.87 45.38 -11.02
N CYS J 1194 -8.13 44.32 -10.74
CA CYS J 1194 -7.95 43.26 -11.73
C CYS J 1194 -9.27 42.58 -12.03
N GLN J 1195 -9.50 42.28 -13.31
CA GLN J 1195 -10.72 41.66 -13.76
C GLN J 1195 -10.56 40.17 -14.03
N THR J 1196 -9.45 39.58 -13.61
CA THR J 1196 -9.28 38.14 -13.77
C THR J 1196 -10.23 37.41 -12.83
N ARG J 1197 -10.81 36.31 -13.32
CA ARG J 1197 -11.84 35.61 -12.55
C ARG J 1197 -11.29 35.13 -11.22
N TYR J 1198 -10.30 34.23 -11.26
CA TYR J 1198 -9.66 33.69 -10.06
C TYR J 1198 -8.19 34.01 -10.17
N GLY J 1199 -7.73 34.96 -9.37
CA GLY J 1199 -6.36 35.39 -9.38
C GLY J 1199 -6.24 36.78 -9.94
N VAL J 1200 -5.02 37.17 -10.30
CA VAL J 1200 -4.76 38.49 -10.85
C VAL J 1200 -3.90 38.32 -12.10
N CYS J 1201 -3.96 39.32 -12.97
CA CYS J 1201 -3.16 39.24 -14.18
C CYS J 1201 -1.73 39.69 -13.90
N GLN J 1202 -0.83 39.38 -14.83
CA GLN J 1202 0.57 39.73 -14.64
C GLN J 1202 0.74 41.24 -14.51
N LYS J 1203 0.09 42.01 -15.39
CA LYS J 1203 0.21 43.46 -15.32
C LYS J 1203 -0.40 43.99 -14.04
N CYS J 1204 -1.64 43.60 -13.73
CA CYS J 1204 -2.29 44.11 -12.54
C CYS J 1204 -1.56 43.70 -11.27
N TYR J 1205 -0.81 42.59 -11.31
CA TYR J 1205 -0.07 42.20 -10.11
C TYR J 1205 1.17 43.06 -9.95
N GLY J 1206 2.12 42.95 -10.87
CA GLY J 1206 3.30 43.76 -10.78
C GLY J 1206 4.61 43.10 -11.13
N TYR J 1207 5.64 43.42 -10.35
CA TYR J 1207 7.03 43.24 -10.75
C TYR J 1207 7.93 42.67 -9.66
N ASP J 1208 7.54 42.75 -8.39
CA ASP J 1208 8.42 42.34 -7.30
C ASP J 1208 8.37 40.83 -7.11
N LEU J 1209 9.55 40.24 -6.97
CA LEU J 1209 9.67 38.82 -6.69
C LEU J 1209 10.97 38.63 -5.91
N SER J 1210 11.39 37.37 -5.79
CA SER J 1210 12.76 37.11 -5.41
C SER J 1210 13.73 37.71 -6.43
N MET J 1211 13.31 37.75 -7.70
CA MET J 1211 14.06 38.40 -8.75
C MET J 1211 13.69 39.88 -8.74
N ALA J 1212 14.08 40.59 -9.78
CA ALA J 1212 13.49 41.88 -10.09
C ALA J 1212 12.49 41.79 -11.23
N ARG J 1213 12.75 40.94 -12.21
CA ARG J 1213 11.96 40.86 -13.43
C ARG J 1213 10.47 40.70 -13.14
N PRO J 1214 9.61 41.04 -14.10
CA PRO J 1214 8.17 40.89 -13.89
C PRO J 1214 7.80 39.43 -13.64
N VAL J 1215 6.69 39.24 -12.94
CA VAL J 1215 6.34 37.93 -12.42
C VAL J 1215 6.09 36.93 -13.53
N SER J 1216 6.60 35.72 -13.35
CA SER J 1216 6.25 34.63 -14.23
C SER J 1216 4.81 34.21 -14.02
N ILE J 1217 4.14 33.86 -15.10
CA ILE J 1217 2.74 33.49 -15.02
C ILE J 1217 2.62 32.10 -14.40
N GLY J 1218 1.91 32.01 -13.29
CA GLY J 1218 1.62 30.72 -12.70
C GLY J 1218 2.14 30.49 -11.30
N GLU J 1219 2.52 31.54 -10.59
CA GLU J 1219 3.06 31.37 -9.25
C GLU J 1219 2.10 31.95 -8.21
N ALA J 1220 1.93 31.23 -7.12
CA ALA J 1220 0.89 31.52 -6.12
C ALA J 1220 1.22 32.82 -5.41
N VAL J 1221 0.52 33.89 -5.78
CA VAL J 1221 0.73 35.16 -5.09
C VAL J 1221 -0.03 35.21 -3.77
N GLY J 1222 -1.15 34.48 -3.67
CA GLY J 1222 -1.95 34.57 -2.45
C GLY J 1222 -1.21 34.03 -1.24
N ILE J 1223 -0.59 32.86 -1.37
CA ILE J 1223 0.07 32.25 -0.22
C ILE J 1223 1.28 33.06 0.20
N VAL J 1224 2.08 33.52 -0.76
CA VAL J 1224 3.23 34.33 -0.41
C VAL J 1224 2.79 35.65 0.19
N ALA J 1225 1.68 36.19 -0.29
CA ALA J 1225 1.13 37.41 0.30
C ALA J 1225 0.76 37.18 1.76
N ALA J 1226 0.06 36.09 2.04
CA ALA J 1226 -0.34 35.81 3.41
C ALA J 1226 0.87 35.60 4.30
N GLN J 1227 1.86 34.86 3.81
CA GLN J 1227 3.06 34.62 4.60
C GLN J 1227 3.81 35.92 4.86
N SER J 1228 3.87 36.81 3.87
CA SER J 1228 4.52 38.09 4.06
C SER J 1228 3.79 38.94 5.09
N ILE J 1229 2.46 38.88 5.09
CA ILE J 1229 1.71 39.60 6.10
C ILE J 1229 1.98 39.03 7.48
N GLY J 1230 1.99 37.71 7.61
CA GLY J 1230 2.05 37.09 8.92
C GLY J 1230 3.43 37.02 9.54
N GLU J 1231 4.47 36.98 8.71
CA GLU J 1231 5.81 36.77 9.25
C GLU J 1231 6.24 37.83 10.26
N PRO J 1232 6.10 39.13 9.99
CA PRO J 1232 6.51 40.13 11.00
C PRO J 1232 5.65 40.12 12.24
N GLY J 1233 4.47 39.49 12.19
CA GLY J 1233 3.59 39.52 13.35
C GLY J 1233 4.18 38.89 14.59
N THR J 1234 4.98 37.84 14.41
CA THR J 1234 5.63 37.19 15.54
C THR J 1234 6.62 38.11 16.25
N GLN J 1235 7.17 39.08 15.55
CA GLN J 1235 8.19 39.97 16.08
C GLN J 1235 7.63 41.37 16.29
N LEU J 1236 6.41 41.46 16.79
CA LEU J 1236 5.74 42.75 16.97
C LEU J 1236 5.44 43.02 18.44
N GLY J 1255 -0.89 46.67 19.36
CA GLY J 1255 -0.62 46.81 17.94
C GLY J 1255 -1.25 45.72 17.09
N LEU J 1256 -0.85 44.48 17.37
CA LEU J 1256 -1.40 43.36 16.62
C LEU J 1256 -2.92 43.24 16.73
N PRO J 1257 -3.56 43.41 17.88
CA PRO J 1257 -5.04 43.37 17.91
C PRO J 1257 -5.67 44.39 16.98
N ARG J 1258 -5.02 45.53 16.77
CA ARG J 1258 -5.49 46.47 15.76
C ARG J 1258 -5.49 45.84 14.38
N VAL J 1259 -4.42 45.12 14.05
CA VAL J 1259 -4.38 44.41 12.78
C VAL J 1259 -5.50 43.39 12.70
N ILE J 1260 -5.79 42.73 13.82
CA ILE J 1260 -6.86 41.75 13.85
C ILE J 1260 -8.20 42.42 13.54
N GLU J 1261 -8.50 43.50 14.24
CA GLU J 1261 -9.77 44.18 14.06
C GLU J 1261 -9.87 44.90 12.72
N LEU J 1262 -8.74 45.10 12.04
CA LEU J 1262 -8.78 45.65 10.69
C LEU J 1262 -8.98 44.57 9.64
N PHE J 1263 -8.28 43.44 9.77
CA PHE J 1263 -8.47 42.35 8.83
C PHE J 1263 -9.83 41.72 8.99
N GLU J 1264 -10.21 41.40 10.23
CA GLU J 1264 -11.56 40.96 10.53
C GLU J 1264 -12.39 42.23 10.70
N ALA J 1265 -13.22 42.54 9.71
CA ALA J 1265 -14.02 43.74 9.74
C ALA J 1265 -14.90 43.76 10.99
N ARG J 1266 -14.60 44.65 11.92
CA ARG J 1266 -15.27 44.70 13.20
C ARG J 1266 -15.72 46.13 13.49
N ARG J 1267 -16.38 46.30 14.63
CA ARG J 1267 -16.77 47.61 15.08
C ARG J 1267 -15.85 48.04 16.20
N PRO J 1268 -14.91 48.94 15.95
CA PRO J 1268 -14.02 49.39 17.03
C PRO J 1268 -14.80 50.05 18.14
N LYS J 1269 -14.34 49.83 19.38
CA LYS J 1269 -14.98 50.46 20.52
C LYS J 1269 -14.84 51.97 20.48
N ALA J 1270 -13.67 52.46 20.08
CA ALA J 1270 -13.44 53.90 19.93
C ALA J 1270 -13.79 54.35 18.51
N LYS J 1271 -15.05 54.15 18.16
CA LYS J 1271 -15.52 54.54 16.84
C LYS J 1271 -15.53 56.06 16.71
N ALA J 1272 -15.06 56.54 15.55
CA ALA J 1272 -15.05 57.96 15.26
C ALA J 1272 -16.29 58.32 14.45
N VAL J 1273 -16.95 59.41 14.83
CA VAL J 1273 -18.15 59.84 14.15
C VAL J 1273 -17.78 60.36 12.76
N ILE J 1274 -18.50 59.89 11.74
CA ILE J 1274 -18.22 60.24 10.36
C ILE J 1274 -19.49 60.81 9.73
N SER J 1275 -19.30 61.52 8.63
CA SER J 1275 -20.38 62.12 7.87
C SER J 1275 -20.68 61.29 6.63
N GLU J 1276 -21.92 61.37 6.16
CA GLU J 1276 -22.34 60.63 4.99
C GLU J 1276 -22.86 61.49 3.85
N ILE J 1277 -23.14 62.76 4.10
CA ILE J 1277 -23.73 63.64 3.11
C ILE J 1277 -22.93 64.93 3.04
N ASP J 1278 -22.76 65.46 1.83
CA ASP J 1278 -22.12 66.74 1.65
C ASP J 1278 -22.93 67.83 2.35
N GLY J 1279 -22.22 68.84 2.85
CA GLY J 1279 -22.89 69.93 3.53
C GLY J 1279 -21.89 70.78 4.28
N VAL J 1280 -22.41 71.58 5.20
CA VAL J 1280 -21.59 72.46 6.02
C VAL J 1280 -21.67 72.02 7.47
N VAL J 1281 -20.68 72.44 8.25
CA VAL J 1281 -20.57 72.06 9.65
C VAL J 1281 -21.13 73.17 10.52
N ARG J 1282 -22.06 72.83 11.40
CA ARG J 1282 -22.63 73.76 12.36
C ARG J 1282 -22.38 73.19 13.76
N ILE J 1283 -21.35 73.70 14.42
CA ILE J 1283 -20.99 73.22 15.75
C ILE J 1283 -21.81 74.00 16.78
N GLU J 1284 -22.51 73.29 17.64
CA GLU J 1284 -23.22 73.89 18.76
C GLU J 1284 -22.62 73.32 20.04
N GLU J 1285 -22.24 74.21 20.95
CA GLU J 1285 -21.44 73.88 22.13
C GLU J 1285 -22.32 73.63 23.34
N THR J 1286 -23.48 73.02 23.12
CA THR J 1286 -24.37 72.65 24.22
C THR J 1286 -23.62 71.84 25.26
N GLU J 1287 -23.76 72.24 26.52
CA GLU J 1287 -22.95 71.65 27.58
C GLU J 1287 -23.32 70.20 27.83
N GLU J 1288 -24.59 69.84 27.63
CA GLU J 1288 -25.00 68.45 27.83
C GLU J 1288 -24.24 67.52 26.90
N LYS J 1289 -24.25 67.82 25.60
CA LYS J 1289 -23.59 66.98 24.61
C LYS J 1289 -23.43 67.81 23.35
N LEU J 1290 -22.18 68.02 22.92
CA LEU J 1290 -21.92 68.94 21.82
C LEU J 1290 -22.61 68.45 20.55
N SER J 1291 -23.43 69.32 19.95
CA SER J 1291 -24.28 68.91 18.83
C SER J 1291 -23.70 69.49 17.55
N VAL J 1292 -23.18 68.61 16.69
CA VAL J 1292 -22.66 69.03 15.39
C VAL J 1292 -23.68 68.70 14.32
N PHE J 1293 -23.99 69.69 13.50
CA PHE J 1293 -25.03 69.57 12.49
C PHE J 1293 -24.40 69.60 11.11
N VAL J 1294 -24.60 68.53 10.35
CA VAL J 1294 -24.30 68.53 8.93
C VAL J 1294 -25.50 69.16 8.25
N GLU J 1295 -25.35 70.41 7.84
CA GLU J 1295 -26.44 71.17 7.25
C GLU J 1295 -26.40 71.03 5.74
N SER J 1296 -27.53 70.66 5.17
CA SER J 1296 -27.72 70.53 3.73
C SER J 1296 -28.85 71.46 3.30
N GLU J 1297 -29.12 71.47 2.00
CA GLU J 1297 -30.17 72.34 1.47
C GLU J 1297 -31.55 71.91 1.96
N GLY J 1298 -31.81 70.61 2.00
CA GLY J 1298 -33.13 70.13 2.35
C GLY J 1298 -33.22 69.37 3.66
N PHE J 1299 -32.10 69.23 4.37
CA PHE J 1299 -32.09 68.43 5.58
C PHE J 1299 -30.87 68.78 6.42
N SER J 1300 -30.94 68.43 7.69
CA SER J 1300 -29.83 68.62 8.62
C SER J 1300 -29.68 67.37 9.46
N LYS J 1301 -28.46 66.82 9.50
CA LYS J 1301 -28.15 65.68 10.33
C LYS J 1301 -27.51 66.16 11.62
N GLU J 1302 -27.91 65.55 12.74
CA GLU J 1302 -27.47 66.00 14.05
C GLU J 1302 -26.73 64.88 14.75
N TYR J 1303 -25.54 65.20 15.27
CA TYR J 1303 -24.67 64.23 15.90
C TYR J 1303 -24.31 64.75 17.28
N LYS J 1304 -24.40 63.88 18.29
CA LYS J 1304 -24.15 64.24 19.67
C LYS J 1304 -22.80 63.70 20.10
N LEU J 1305 -21.98 64.57 20.68
CA LEU J 1305 -20.61 64.26 21.04
C LEU J 1305 -20.45 64.38 22.54
N PRO J 1306 -20.11 63.30 23.25
CA PRO J 1306 -19.89 63.38 24.69
C PRO J 1306 -18.64 64.17 25.05
N LYS J 1307 -18.32 64.20 26.35
CA LYS J 1307 -17.14 64.94 26.80
C LYS J 1307 -15.86 64.35 26.22
N GLU J 1308 -15.76 63.03 26.18
CA GLU J 1308 -14.57 62.38 25.65
C GLU J 1308 -14.48 62.41 24.13
N ALA J 1309 -15.54 62.86 23.45
CA ALA J 1309 -15.54 62.90 21.98
C ALA J 1309 -14.73 64.11 21.53
N ARG J 1310 -13.42 63.89 21.41
CA ARG J 1310 -12.52 64.96 20.98
C ARG J 1310 -12.53 65.01 19.46
N LEU J 1311 -13.29 65.94 18.91
CA LEU J 1311 -13.41 66.09 17.47
C LEU J 1311 -12.16 66.76 16.90
N LEU J 1312 -12.16 66.94 15.57
CA LEU J 1312 -11.01 67.58 14.92
C LEU J 1312 -11.42 68.50 13.77
N VAL J 1313 -12.66 69.00 13.76
CA VAL J 1313 -13.11 69.90 12.71
C VAL J 1313 -13.53 71.23 13.32
N LYS J 1314 -13.48 72.27 12.50
CA LYS J 1314 -13.85 73.61 12.93
C LYS J 1314 -15.21 73.99 12.37
N ASP J 1315 -15.91 74.87 13.09
CA ASP J 1315 -17.25 75.25 12.70
C ASP J 1315 -17.25 75.99 11.37
N GLY J 1316 -18.25 75.71 10.54
CA GLY J 1316 -18.36 76.32 9.24
C GLY J 1316 -17.57 75.65 8.15
N ASP J 1317 -16.77 74.64 8.48
CA ASP J 1317 -16.03 73.90 7.47
C ASP J 1317 -16.97 73.09 6.59
N TYR J 1318 -16.66 73.03 5.31
CA TYR J 1318 -17.36 72.13 4.41
C TYR J 1318 -16.95 70.70 4.70
N VAL J 1319 -17.92 69.80 4.67
CA VAL J 1319 -17.70 68.39 4.98
C VAL J 1319 -18.34 67.55 3.89
N GLU J 1320 -17.68 66.45 3.53
CA GLU J 1320 -18.17 65.54 2.51
C GLU J 1320 -18.57 64.21 3.14
N ALA J 1321 -19.01 63.29 2.29
CA ALA J 1321 -19.35 61.95 2.75
C ALA J 1321 -18.09 61.20 3.18
N GLY J 1322 -18.23 60.44 4.27
CA GLY J 1322 -17.13 59.62 4.75
C GLY J 1322 -16.07 60.36 5.51
N GLN J 1323 -16.21 61.65 5.72
CA GLN J 1323 -15.19 62.40 6.44
C GLN J 1323 -15.32 62.13 7.94
N PRO J 1324 -14.24 61.72 8.60
CA PRO J 1324 -14.31 61.47 10.04
C PRO J 1324 -14.46 62.77 10.82
N LEU J 1325 -15.65 62.97 11.41
CA LEU J 1325 -15.88 64.22 12.13
C LEU J 1325 -15.12 64.25 13.45
N THR J 1326 -15.10 63.15 14.17
CA THR J 1326 -14.40 63.03 15.44
C THR J 1326 -13.14 62.19 15.27
N ARG J 1327 -12.33 62.15 16.33
CA ARG J 1327 -11.09 61.41 16.30
C ARG J 1327 -11.30 60.02 16.87
N GLY J 1328 -10.74 59.02 16.21
CA GLY J 1328 -10.89 57.65 16.64
C GLY J 1328 -10.89 56.73 15.43
N ALA J 1329 -11.07 55.45 15.71
CA ALA J 1329 -11.15 54.47 14.63
C ALA J 1329 -12.46 54.63 13.87
N ILE J 1330 -12.45 54.14 12.64
CA ILE J 1330 -13.58 54.26 11.73
C ILE J 1330 -14.11 52.87 11.42
N ASP J 1331 -15.41 52.67 11.62
CA ASP J 1331 -16.01 51.41 11.26
C ASP J 1331 -16.01 51.26 9.74
N PRO J 1332 -15.38 50.22 9.20
CA PRO J 1332 -15.35 50.07 7.74
C PRO J 1332 -16.72 49.90 7.11
N HIS J 1333 -17.68 49.32 7.84
CA HIS J 1333 -18.97 49.03 7.22
C HIS J 1333 -19.76 50.31 6.95
N GLN J 1334 -19.86 51.18 7.94
CA GLN J 1334 -20.55 52.45 7.70
C GLN J 1334 -19.79 53.30 6.70
N LEU J 1335 -18.46 53.18 6.67
CA LEU J 1335 -17.68 53.88 5.66
C LEU J 1335 -18.04 53.39 4.26
N LEU J 1336 -18.16 52.07 4.09
CA LEU J 1336 -18.58 51.53 2.80
C LEU J 1336 -19.97 51.99 2.44
N GLU J 1337 -20.87 52.02 3.42
CA GLU J 1337 -22.22 52.53 3.16
C GLU J 1337 -22.19 53.98 2.71
N ALA J 1338 -21.30 54.78 3.30
CA ALA J 1338 -21.26 56.20 2.98
C ALA J 1338 -20.48 56.46 1.69
N LYS J 1339 -19.21 56.09 1.66
CA LYS J 1339 -18.33 56.49 0.56
C LYS J 1339 -18.37 55.50 -0.61
N GLY J 1340 -17.96 54.26 -0.37
CA GLY J 1340 -17.95 53.26 -1.41
C GLY J 1340 -16.80 52.27 -1.28
N PRO J 1341 -16.69 51.38 -2.25
CA PRO J 1341 -15.69 50.30 -2.15
C PRO J 1341 -14.25 50.78 -2.21
N GLU J 1342 -13.93 51.63 -3.18
CA GLU J 1342 -12.56 52.07 -3.34
C GLU J 1342 -12.08 52.85 -2.12
N ALA J 1343 -12.95 53.69 -1.56
CA ALA J 1343 -12.54 54.46 -0.39
C ALA J 1343 -12.24 53.56 0.79
N VAL J 1344 -13.09 52.57 1.04
CA VAL J 1344 -12.83 51.69 2.18
C VAL J 1344 -11.61 50.83 1.93
N GLU J 1345 -11.37 50.42 0.67
CA GLU J 1345 -10.17 49.66 0.37
C GLU J 1345 -8.92 50.48 0.66
N ARG J 1346 -8.89 51.73 0.21
CA ARG J 1346 -7.76 52.59 0.48
C ARG J 1346 -7.57 52.78 1.98
N TYR J 1347 -8.67 52.99 2.70
CA TYR J 1347 -8.57 53.19 4.14
C TYR J 1347 -7.99 51.95 4.82
N LEU J 1348 -8.46 50.76 4.43
CA LEU J 1348 -7.95 49.54 5.02
C LEU J 1348 -6.47 49.36 4.75
N VAL J 1349 -6.06 49.58 3.50
CA VAL J 1349 -4.65 49.40 3.15
C VAL J 1349 -3.78 50.34 3.97
N GLU J 1350 -4.17 51.61 4.03
CA GLU J 1350 -3.36 52.59 4.76
C GLU J 1350 -3.33 52.27 6.25
N GLU J 1351 -4.48 51.91 6.82
CA GLU J 1351 -4.51 51.64 8.26
C GLU J 1351 -3.68 50.42 8.63
N ILE J 1352 -3.75 49.36 7.81
CA ILE J 1352 -2.92 48.20 8.07
C ILE J 1352 -1.45 48.55 7.94
N GLN J 1353 -1.10 49.34 6.93
CA GLN J 1353 0.30 49.72 6.75
C GLN J 1353 0.80 50.59 7.90
N LYS J 1354 -0.11 51.34 8.54
CA LYS J 1354 0.32 52.26 9.59
C LYS J 1354 1.02 51.52 10.73
N VAL J 1355 0.39 50.45 11.23
CA VAL J 1355 0.96 49.75 12.39
C VAL J 1355 2.23 49.02 12.00
N TYR J 1356 2.27 48.45 10.79
CA TYR J 1356 3.49 47.78 10.36
C TYR J 1356 4.65 48.74 10.27
N ARG J 1357 4.40 49.95 9.74
CA ARG J 1357 5.44 50.96 9.70
C ARG J 1357 5.85 51.38 11.10
N ALA J 1358 4.88 51.50 12.01
CA ALA J 1358 5.18 51.94 13.37
C ALA J 1358 6.15 51.00 14.06
N GLN J 1359 6.22 49.74 13.64
CA GLN J 1359 7.20 48.81 14.16
C GLN J 1359 8.46 48.75 13.32
N GLY J 1360 8.58 49.59 12.30
CA GLY J 1360 9.75 49.61 11.46
C GLY J 1360 9.79 48.54 10.39
N VAL J 1361 8.77 47.70 10.30
CA VAL J 1361 8.75 46.63 9.31
C VAL J 1361 8.51 47.22 7.93
N LYS J 1362 9.27 46.77 6.94
CA LYS J 1362 9.11 47.19 5.56
C LYS J 1362 8.34 46.11 4.82
N LEU J 1363 7.11 46.43 4.43
CA LEU J 1363 6.22 45.49 3.76
C LEU J 1363 5.56 46.17 2.58
N HIS J 1364 5.53 45.50 1.44
CA HIS J 1364 4.92 46.05 0.24
C HIS J 1364 3.40 45.94 0.33
N ASP J 1365 2.72 46.74 -0.50
CA ASP J 1365 1.27 46.82 -0.43
C ASP J 1365 0.56 45.88 -1.39
N LYS J 1366 1.28 45.20 -2.27
CA LYS J 1366 0.62 44.23 -3.14
C LYS J 1366 -0.12 43.19 -2.32
N HIS J 1367 0.51 42.71 -1.25
CA HIS J 1367 -0.08 41.63 -0.47
C HIS J 1367 -1.32 42.08 0.28
N ILE J 1368 -1.25 43.26 0.92
CA ILE J 1368 -2.43 43.78 1.59
C ILE J 1368 -3.54 44.01 0.59
N GLU J 1369 -3.21 44.51 -0.59
CA GLU J 1369 -4.23 44.70 -1.62
C GLU J 1369 -4.85 43.37 -2.02
N ILE J 1370 -4.03 42.32 -2.15
CA ILE J 1370 -4.55 41.02 -2.55
C ILE J 1370 -5.54 40.50 -1.51
N VAL J 1371 -5.15 40.55 -0.25
CA VAL J 1371 -6.04 40.03 0.77
C VAL J 1371 -7.29 40.89 0.90
N VAL J 1372 -7.17 42.20 0.71
CA VAL J 1372 -8.36 43.05 0.75
C VAL J 1372 -9.30 42.71 -0.39
N ARG J 1373 -8.75 42.50 -1.59
CA ARG J 1373 -9.61 42.13 -2.71
C ARG J 1373 -10.34 40.83 -2.44
N GLN J 1374 -9.65 39.84 -1.89
CA GLN J 1374 -10.33 38.61 -1.52
C GLN J 1374 -11.32 38.85 -0.38
N MET J 1375 -11.10 39.89 0.42
CA MET J 1375 -11.91 40.11 1.61
C MET J 1375 -13.28 40.68 1.27
N MET J 1376 -13.41 41.37 0.15
CA MET J 1376 -14.68 41.97 -0.24
C MET J 1376 -15.04 41.60 -1.68
N LYS J 1377 -14.94 40.32 -1.99
CA LYS J 1377 -15.36 39.78 -3.28
C LYS J 1377 -16.82 39.39 -3.31
N TYR J 1378 -17.63 39.86 -2.36
CA TYR J 1378 -19.00 39.42 -2.21
C TYR J 1378 -19.97 40.58 -2.34
N VAL J 1379 -21.10 40.33 -2.96
CA VAL J 1379 -22.14 41.33 -3.14
C VAL J 1379 -23.47 40.71 -2.76
N GLU J 1380 -24.38 41.55 -2.26
CA GLU J 1380 -25.72 41.13 -1.90
C GLU J 1380 -26.69 41.79 -2.87
N VAL J 1381 -27.46 40.98 -3.59
CA VAL J 1381 -28.33 41.53 -4.62
C VAL J 1381 -29.55 42.20 -3.98
N THR J 1382 -29.96 43.31 -4.58
CA THR J 1382 -31.12 44.07 -4.11
C THR J 1382 -32.30 43.99 -5.05
N ASP J 1383 -32.08 44.22 -6.34
CA ASP J 1383 -33.13 44.03 -7.33
C ASP J 1383 -33.07 42.58 -7.81
N PRO J 1384 -34.09 41.77 -7.57
CA PRO J 1384 -34.00 40.35 -7.93
C PRO J 1384 -33.89 40.15 -9.43
N GLY J 1385 -33.19 39.09 -9.78
CA GLY J 1385 -33.12 38.62 -11.15
C GLY J 1385 -33.85 37.30 -11.27
N ASP J 1386 -33.11 36.20 -11.16
CA ASP J 1386 -33.68 34.86 -11.14
C ASP J 1386 -33.45 34.16 -9.79
N SER J 1387 -33.23 34.93 -8.73
CA SER J 1387 -32.96 34.37 -7.41
C SER J 1387 -33.51 35.30 -6.35
N ARG J 1388 -33.37 34.90 -5.09
CA ARG J 1388 -33.81 35.74 -3.98
C ARG J 1388 -32.94 36.99 -3.89
N LEU J 1389 -33.41 37.95 -3.09
CA LEU J 1389 -32.69 39.22 -3.04
C LEU J 1389 -31.66 39.25 -1.90
N LEU J 1390 -32.11 39.13 -0.66
CA LEU J 1390 -31.21 39.39 0.47
C LEU J 1390 -30.26 38.21 0.69
N GLU J 1391 -29.49 37.91 -0.36
CA GLU J 1391 -28.49 36.87 -0.33
C GLU J 1391 -27.18 37.41 -0.89
N GLY J 1392 -26.07 37.02 -0.28
CA GLY J 1392 -24.78 37.53 -0.70
C GLY J 1392 -23.86 36.45 -1.22
N GLN J 1393 -23.32 36.65 -2.42
CA GLN J 1393 -22.36 35.70 -2.97
C GLN J 1393 -21.47 36.43 -3.98
N VAL J 1394 -20.74 35.65 -4.78
CA VAL J 1394 -19.53 36.14 -5.42
C VAL J 1394 -19.83 37.30 -6.36
N LEU J 1395 -19.00 38.34 -6.28
CA LEU J 1395 -19.13 39.48 -7.18
C LEU J 1395 -18.91 39.06 -8.62
N GLU J 1396 -17.92 38.19 -8.87
CA GLU J 1396 -17.64 37.77 -10.24
C GLU J 1396 -18.81 37.00 -10.82
N LYS J 1397 -19.42 36.12 -10.03
CA LYS J 1397 -20.55 35.35 -10.53
C LYS J 1397 -21.73 36.24 -10.88
N TRP J 1398 -21.99 37.25 -10.05
CA TRP J 1398 -23.06 38.19 -10.37
C TRP J 1398 -22.73 39.03 -11.59
N ASP J 1399 -21.45 39.37 -11.77
CA ASP J 1399 -21.05 40.06 -12.99
C ASP J 1399 -21.38 39.21 -14.22
N VAL J 1400 -21.02 37.92 -14.16
CA VAL J 1400 -21.27 37.03 -15.29
C VAL J 1400 -22.78 36.88 -15.51
N GLU J 1401 -23.54 36.76 -14.43
CA GLU J 1401 -24.98 36.60 -14.56
C GLU J 1401 -25.63 37.84 -15.16
N ALA J 1402 -25.19 39.03 -14.73
CA ALA J 1402 -25.70 40.25 -15.32
C ALA J 1402 -25.34 40.33 -16.79
N LEU J 1403 -24.11 39.94 -17.14
CA LEU J 1403 -23.71 39.96 -18.54
C LEU J 1403 -24.58 39.02 -19.37
N ASN J 1404 -24.87 37.83 -18.84
CA ASN J 1404 -25.74 36.89 -19.56
C ASN J 1404 -27.15 37.45 -19.69
N GLU J 1405 -27.68 38.03 -18.61
CA GLU J 1405 -29.06 38.47 -18.59
C GLU J 1405 -29.29 39.64 -19.54
N ARG J 1406 -28.43 40.65 -19.49
CA ARG J 1406 -28.70 41.87 -20.24
C ARG J 1406 -28.38 41.71 -21.72
N LEU J 1407 -27.16 41.29 -22.04
CA LEU J 1407 -26.68 41.28 -23.41
C LEU J 1407 -26.67 39.89 -24.03
N ILE J 1408 -26.08 38.91 -23.35
CA ILE J 1408 -25.94 37.57 -23.94
C ILE J 1408 -27.31 36.96 -24.19
N ALA J 1409 -28.22 37.08 -23.23
CA ALA J 1409 -29.59 36.63 -23.39
C ALA J 1409 -30.53 37.83 -23.41
N GLU J 1410 -31.73 37.61 -23.92
CA GLU J 1410 -32.74 38.64 -23.90
C GLU J 1410 -33.33 38.77 -22.50
N GLY J 1411 -33.85 39.95 -22.21
CA GLY J 1411 -34.44 40.20 -20.91
C GLY J 1411 -33.57 41.15 -20.10
N LYS J 1412 -33.95 42.42 -20.08
CA LYS J 1412 -33.14 43.44 -19.43
C LYS J 1412 -33.55 43.52 -17.96
N THR J 1413 -33.15 42.51 -17.21
CA THR J 1413 -33.41 42.46 -15.78
C THR J 1413 -32.13 42.86 -15.07
N PRO J 1414 -32.06 44.07 -14.50
CA PRO J 1414 -30.83 44.48 -13.80
C PRO J 1414 -30.76 43.83 -12.43
N VAL J 1415 -29.74 43.00 -12.24
CA VAL J 1415 -29.52 42.35 -10.94
C VAL J 1415 -28.72 43.34 -10.11
N ALA J 1416 -29.43 44.32 -9.54
CA ALA J 1416 -28.79 45.41 -8.82
C ALA J 1416 -28.36 44.90 -7.45
N TRP J 1417 -27.07 45.01 -7.17
CA TRP J 1417 -26.50 44.53 -5.92
C TRP J 1417 -25.92 45.70 -5.13
N LYS J 1418 -25.37 45.35 -3.97
CA LYS J 1418 -24.56 46.26 -3.19
C LYS J 1418 -23.31 45.49 -2.76
N PRO J 1419 -22.13 46.10 -2.85
CA PRO J 1419 -20.91 45.40 -2.44
C PRO J 1419 -20.87 45.25 -0.93
N LEU J 1420 -20.71 44.03 -0.46
CA LEU J 1420 -20.74 43.74 0.96
C LEU J 1420 -19.33 43.46 1.47
N LEU J 1421 -18.97 44.13 2.55
CA LEU J 1421 -17.69 43.91 3.22
C LEU J 1421 -17.91 43.05 4.45
N MET J 1422 -17.16 41.96 4.56
CA MET J 1422 -17.17 41.13 5.76
C MET J 1422 -15.74 40.84 6.16
N GLY J 1423 -15.58 40.47 7.42
CA GLY J 1423 -14.27 40.10 7.93
C GLY J 1423 -13.66 38.97 7.15
N VAL J 1424 -12.37 38.76 7.42
CA VAL J 1424 -11.62 37.72 6.72
C VAL J 1424 -12.19 36.35 7.02
N THR J 1425 -12.67 36.13 8.24
CA THR J 1425 -13.14 34.82 8.63
C THR J 1425 -14.38 34.41 7.84
N LYS J 1426 -15.36 35.31 7.73
CA LYS J 1426 -16.58 34.97 7.01
C LYS J 1426 -16.31 34.71 5.54
N SER J 1427 -15.45 35.52 4.93
CA SER J 1427 -15.08 35.30 3.54
C SER J 1427 -14.39 33.96 3.36
N ALA J 1428 -13.50 33.61 4.29
CA ALA J 1428 -12.83 32.31 4.22
C ALA J 1428 -13.83 31.18 4.34
N LEU J 1429 -14.81 31.32 5.23
CA LEU J 1429 -15.78 30.26 5.44
C LEU J 1429 -16.69 30.10 4.22
N SER J 1430 -17.42 31.15 3.86
CA SER J 1430 -18.36 31.10 2.75
C SER J 1430 -17.57 31.12 1.46
N THR J 1431 -17.28 29.94 0.93
CA THR J 1431 -16.59 29.81 -0.34
C THR J 1431 -17.31 28.78 -1.20
N LYS J 1432 -17.12 28.89 -2.52
CA LYS J 1432 -17.78 27.97 -3.41
C LYS J 1432 -17.31 26.54 -3.19
N SER J 1433 -16.02 26.36 -2.96
CA SER J 1433 -15.48 25.05 -2.63
C SER J 1433 -15.73 24.75 -1.15
N TRP J 1434 -16.16 23.53 -0.87
CA TRP J 1434 -16.45 23.14 0.50
C TRP J 1434 -15.29 22.43 1.19
N LEU J 1435 -14.34 21.90 0.42
CA LEU J 1435 -13.21 21.20 1.04
C LEU J 1435 -12.40 22.16 1.90
N SER J 1436 -12.04 23.33 1.37
CA SER J 1436 -11.26 24.28 2.14
C SER J 1436 -12.02 24.76 3.36
N ALA J 1437 -13.29 25.12 3.17
CA ALA J 1437 -14.08 25.63 4.29
C ALA J 1437 -14.22 24.58 5.39
N ALA J 1438 -14.45 23.33 4.99
CA ALA J 1438 -14.49 22.26 5.98
C ALA J 1438 -13.15 22.09 6.66
N SER J 1439 -12.06 22.25 5.91
CA SER J 1439 -10.73 22.10 6.48
C SER J 1439 -10.32 23.27 7.37
N PHE J 1440 -11.06 24.37 7.36
CA PHE J 1440 -10.54 25.57 8.00
C PHE J 1440 -10.98 25.73 9.46
N GLN J 1441 -12.28 25.95 9.67
CA GLN J 1441 -12.72 26.43 10.99
C GLN J 1441 -13.67 25.48 11.68
N ASN J 1442 -14.80 25.14 11.07
CA ASN J 1442 -15.83 24.35 11.73
C ASN J 1442 -16.35 23.35 10.72
N THR J 1443 -15.89 22.10 10.82
CA THR J 1443 -16.26 21.10 9.84
C THR J 1443 -17.73 20.74 9.93
N THR J 1444 -18.32 20.81 11.12
CA THR J 1444 -19.69 20.37 11.30
C THR J 1444 -20.66 21.19 10.46
N HIS J 1445 -20.71 22.50 10.71
CA HIS J 1445 -21.67 23.34 10.01
C HIS J 1445 -21.39 23.36 8.51
N VAL J 1446 -20.11 23.44 8.13
CA VAL J 1446 -19.76 23.50 6.72
C VAL J 1446 -20.20 22.22 6.01
N LEU J 1447 -19.91 21.07 6.61
CA LEU J 1447 -20.29 19.80 6.00
C LEU J 1447 -21.79 19.66 5.94
N THR J 1448 -22.50 20.09 6.98
CA THR J 1448 -23.95 20.03 6.95
C THR J 1448 -24.50 20.85 5.79
N GLU J 1449 -24.03 22.10 5.67
CA GLU J 1449 -24.51 22.95 4.59
C GLU J 1449 -24.20 22.35 3.23
N ALA J 1450 -22.98 21.83 3.06
CA ALA J 1450 -22.60 21.27 1.78
C ALA J 1450 -23.28 19.94 1.51
N ALA J 1451 -23.85 19.30 2.53
CA ALA J 1451 -24.58 18.07 2.34
C ALA J 1451 -26.06 18.29 2.07
N ILE J 1452 -26.62 19.40 2.55
CA ILE J 1452 -28.00 19.73 2.21
C ILE J 1452 -28.17 19.79 0.71
N ALA J 1453 -27.28 20.53 0.04
CA ALA J 1453 -27.28 20.63 -1.41
C ALA J 1453 -25.97 20.07 -1.93
N GLY J 1454 -26.06 19.18 -2.92
CA GLY J 1454 -24.88 18.55 -3.46
C GLY J 1454 -23.90 19.55 -4.02
N LYS J 1455 -22.80 19.76 -3.31
CA LYS J 1455 -21.79 20.75 -3.68
C LYS J 1455 -20.69 20.05 -4.46
N LYS J 1456 -20.77 20.12 -5.78
CA LYS J 1456 -19.70 19.57 -6.60
C LYS J 1456 -18.48 20.47 -6.51
N ASP J 1457 -17.57 20.15 -5.60
CA ASP J 1457 -16.39 20.98 -5.39
C ASP J 1457 -15.45 20.90 -6.58
N GLU J 1458 -15.25 22.03 -7.25
CA GLU J 1458 -14.30 22.10 -8.34
C GLU J 1458 -12.89 22.21 -7.77
N LEU J 1459 -11.95 21.50 -8.39
CA LEU J 1459 -10.59 21.41 -7.87
C LEU J 1459 -9.74 22.60 -8.30
N ILE J 1460 -10.24 23.79 -7.98
CA ILE J 1460 -9.48 25.02 -8.11
C ILE J 1460 -9.11 25.49 -6.71
N GLY J 1461 -8.01 26.22 -6.61
CA GLY J 1461 -7.49 26.55 -5.31
C GLY J 1461 -6.55 25.45 -4.84
N LEU J 1462 -5.49 25.82 -4.14
CA LEU J 1462 -4.43 24.86 -3.86
C LEU J 1462 -4.81 23.90 -2.74
N LYS J 1463 -5.62 24.36 -1.78
CA LYS J 1463 -5.90 23.53 -0.62
C LYS J 1463 -6.61 22.24 -1.01
N GLU J 1464 -7.57 22.32 -1.94
CA GLU J 1464 -8.27 21.12 -2.36
C GLU J 1464 -7.34 20.12 -3.02
N ASN J 1465 -6.48 20.60 -3.93
CA ASN J 1465 -5.57 19.70 -4.61
C ASN J 1465 -4.56 19.09 -3.66
N VAL J 1466 -4.18 19.83 -2.62
CA VAL J 1466 -3.34 19.24 -1.58
C VAL J 1466 -4.11 18.17 -0.82
N ILE J 1467 -5.37 18.45 -0.48
CA ILE J 1467 -6.18 17.49 0.27
C ILE J 1467 -6.29 16.18 -0.49
N LEU J 1468 -6.68 16.25 -1.76
CA LEU J 1468 -6.81 15.03 -2.54
C LEU J 1468 -5.46 14.46 -2.92
N GLY J 1469 -4.40 15.25 -2.80
CA GLY J 1469 -3.06 14.79 -3.15
C GLY J 1469 -2.70 14.89 -4.60
N ARG J 1470 -3.53 15.53 -5.41
CA ARG J 1470 -3.25 15.65 -6.84
C ARG J 1470 -2.31 16.83 -7.07
N LEU J 1471 -1.95 17.04 -8.35
CA LEU J 1471 -0.98 18.06 -8.70
C LEU J 1471 -1.56 19.46 -8.50
N ILE J 1472 -0.76 20.34 -7.94
CA ILE J 1472 -1.21 21.70 -7.61
C ILE J 1472 -1.49 22.45 -8.91
N PRO J 1473 -2.59 23.21 -9.00
CA PRO J 1473 -2.78 24.07 -10.17
C PRO J 1473 -1.69 25.13 -10.34
N ALA J 1474 -1.16 25.66 -9.24
CA ALA J 1474 -0.17 26.72 -9.29
C ALA J 1474 1.20 26.16 -9.66
N GLY J 1475 2.21 27.04 -9.66
CA GLY J 1475 3.59 26.61 -9.84
C GLY J 1475 3.79 25.89 -11.16
N THR J 1476 4.44 24.74 -11.10
CA THR J 1476 4.65 23.96 -12.32
C THR J 1476 3.33 23.38 -12.85
N GLY J 1477 2.29 23.35 -12.03
CA GLY J 1477 1.05 22.81 -12.55
C GLY J 1477 0.21 23.72 -13.39
N SER J 1478 0.58 24.99 -13.51
CA SER J 1478 -0.20 25.92 -14.31
C SER J 1478 -0.23 25.51 -15.77
N ASP J 1479 -1.42 25.57 -16.36
CA ASP J 1479 -1.61 25.10 -17.73
C ASP J 1479 -0.72 25.83 -18.72
N PHE J 1480 -0.37 27.08 -18.41
CA PHE J 1480 0.49 27.84 -19.33
C PHE J 1480 1.83 27.16 -19.52
N VAL J 1481 2.30 26.42 -18.52
CA VAL J 1481 3.59 25.75 -18.59
C VAL J 1481 3.45 24.29 -18.18
N ARG J 1482 2.22 23.83 -17.99
CA ARG J 1482 2.01 22.47 -17.49
C ARG J 1482 2.61 21.43 -18.43
N PHE J 1483 2.41 21.60 -19.72
CA PHE J 1483 2.97 20.68 -20.71
C PHE J 1483 3.75 21.49 -21.74
N THR J 1484 4.99 21.09 -21.96
CA THR J 1484 5.88 21.82 -22.87
C THR J 1484 6.72 20.77 -23.58
N GLN J 1485 6.36 20.48 -24.83
CA GLN J 1485 7.06 19.47 -25.60
C GLN J 1485 8.54 19.84 -25.74
N VAL J 1486 9.42 18.86 -25.53
CA VAL J 1486 10.85 19.06 -25.60
C VAL J 1486 11.43 18.09 -26.61
N VAL J 1487 12.21 18.59 -27.55
CA VAL J 1487 12.85 17.76 -28.56
C VAL J 1487 14.17 18.41 -28.95
N ASP J 1488 15.15 17.57 -29.28
CA ASP J 1488 16.45 18.06 -29.70
C ASP J 1488 16.42 18.53 -31.16
N GLN J 1489 17.48 19.24 -31.54
CA GLN J 1489 17.51 19.87 -32.85
C GLN J 1489 17.55 18.84 -33.98
N LYS J 1490 18.26 17.73 -33.80
CA LYS J 1490 18.36 16.76 -34.87
C LYS J 1490 17.03 16.05 -35.10
N THR J 1491 16.36 15.64 -34.03
CA THR J 1491 15.02 15.08 -34.18
C THR J 1491 14.04 16.15 -34.64
N LEU J 1492 14.30 17.41 -34.28
CA LEU J 1492 13.50 18.50 -34.84
C LEU J 1492 13.65 18.56 -36.35
N LYS J 1493 14.88 18.42 -36.85
CA LYS J 1493 15.09 18.45 -38.28
C LYS J 1493 14.47 17.23 -38.95
N ALA J 1494 14.51 16.08 -38.28
CA ALA J 1494 13.86 14.89 -38.81
C ALA J 1494 12.34 15.10 -38.91
N ILE J 1495 11.72 15.61 -37.85
CA ILE J 1495 10.28 15.80 -37.85
C ILE J 1495 9.88 16.90 -38.83
N GLU J 1496 10.71 17.94 -38.98
CA GLU J 1496 10.38 19.01 -39.90
C GLU J 1496 10.62 18.59 -41.35
N GLU J 1497 11.58 17.69 -41.57
CA GLU J 1497 11.73 17.07 -42.88
C GLU J 1497 10.51 16.23 -43.22
N ALA J 1498 9.98 15.51 -42.22
CA ALA J 1498 8.71 14.83 -42.39
C ALA J 1498 7.59 15.81 -42.69
N ARG J 1499 7.67 17.01 -42.12
CA ARG J 1499 6.66 18.03 -42.40
C ARG J 1499 6.73 18.54 -43.83
N LYS J 1500 7.94 18.82 -44.33
CA LYS J 1500 8.03 19.36 -45.68
C LYS J 1500 7.73 18.28 -46.72
N GLU J 1501 8.11 17.04 -46.47
CA GLU J 1501 7.68 15.97 -47.37
C GLU J 1501 6.22 15.59 -47.15
N ALA J 1502 5.63 16.01 -46.03
CA ALA J 1502 4.20 15.80 -45.83
C ALA J 1502 3.39 16.52 -46.89
N VAL J 1503 3.85 17.70 -47.31
CA VAL J 1503 3.36 18.33 -48.53
C VAL J 1503 4.00 17.55 -49.68
N GLU J 1504 3.26 16.58 -50.21
CA GLU J 1504 3.80 15.69 -51.22
C GLU J 1504 3.98 16.43 -52.54
N ALA J 1505 4.81 15.85 -53.40
CA ALA J 1505 5.13 16.42 -54.71
C ALA J 1505 5.64 17.85 -54.59
N ALA K 2 27.72 26.48 -9.28
CA ALA K 2 26.41 26.55 -9.91
C ALA K 2 26.38 25.76 -11.21
N GLU K 3 25.88 26.38 -12.26
CA GLU K 3 25.73 25.76 -13.57
C GLU K 3 26.19 26.75 -14.63
N PRO K 4 26.53 26.26 -15.83
CA PRO K 4 27.05 27.18 -16.86
C PRO K 4 26.02 28.23 -17.25
N GLY K 5 26.31 29.48 -16.90
CA GLY K 5 25.54 30.63 -17.34
C GLY K 5 24.05 30.58 -17.10
N ILE K 6 23.63 30.60 -15.84
CA ILE K 6 22.20 30.67 -15.54
C ILE K 6 21.60 31.97 -16.04
N ASP K 7 22.37 33.06 -16.00
CA ASP K 7 21.88 34.32 -16.54
C ASP K 7 21.52 34.18 -18.01
N LYS K 8 22.36 33.49 -18.77
CA LYS K 8 22.03 33.21 -20.17
C LYS K 8 20.77 32.36 -20.27
N LEU K 9 20.59 31.42 -19.35
CA LEU K 9 19.37 30.61 -19.36
C LEU K 9 18.13 31.48 -19.18
N PHE K 10 18.14 32.36 -18.18
CA PHE K 10 16.98 33.18 -17.91
C PHE K 10 16.73 34.18 -19.03
N GLY K 11 17.81 34.68 -19.65
CA GLY K 11 17.63 35.63 -20.74
C GLY K 11 16.91 35.02 -21.93
N MET K 12 17.14 33.73 -22.19
CA MET K 12 16.64 33.09 -23.40
C MET K 12 15.27 32.45 -23.22
N VAL K 13 14.62 32.62 -22.07
CA VAL K 13 13.22 32.25 -21.88
C VAL K 13 12.48 33.41 -21.24
N ASP K 14 11.17 33.43 -21.48
CA ASP K 14 10.34 34.51 -20.94
C ASP K 14 10.12 34.34 -19.44
N SER K 15 9.78 33.13 -19.01
CA SER K 15 9.40 32.86 -17.63
C SER K 15 10.14 31.61 -17.14
N LYS K 16 10.49 31.60 -15.86
CA LYS K 16 11.37 30.54 -15.37
C LYS K 16 10.72 29.18 -15.40
N TYR K 17 9.41 29.10 -15.14
CA TYR K 17 8.76 27.80 -15.08
C TYR K 17 8.80 27.08 -16.42
N ARG K 18 8.79 27.85 -17.50
CA ARG K 18 9.04 27.25 -18.81
C ARG K 18 10.42 26.63 -18.84
N LEU K 19 11.42 27.32 -18.29
CA LEU K 19 12.77 26.79 -18.27
C LEU K 19 12.83 25.49 -17.49
N THR K 20 12.19 25.44 -16.33
CA THR K 20 12.22 24.24 -15.50
C THR K 20 11.56 23.07 -16.21
N VAL K 21 10.39 23.30 -16.80
CA VAL K 21 9.71 22.19 -17.45
C VAL K 21 10.51 21.72 -18.65
N VAL K 22 11.13 22.64 -19.39
CA VAL K 22 11.95 22.23 -20.54
C VAL K 22 13.11 21.37 -20.09
N VAL K 23 13.85 21.83 -19.08
CA VAL K 23 15.04 21.09 -18.67
C VAL K 23 14.66 19.72 -18.13
N ALA K 24 13.58 19.66 -17.35
CA ALA K 24 13.20 18.38 -16.77
C ALA K 24 12.63 17.42 -17.80
N LYS K 25 11.85 17.91 -18.77
CA LYS K 25 11.39 17.02 -19.82
C LYS K 25 12.56 16.50 -20.64
N ARG K 26 13.56 17.34 -20.89
CA ARG K 26 14.78 16.83 -21.53
C ARG K 26 15.44 15.75 -20.68
N ALA K 27 15.47 15.95 -19.36
CA ALA K 27 16.07 14.95 -18.49
C ALA K 27 15.32 13.62 -18.58
N GLN K 28 13.99 13.68 -18.58
CA GLN K 28 13.19 12.47 -18.68
C GLN K 28 13.41 11.77 -20.01
N GLN K 29 13.52 12.55 -21.09
CA GLN K 29 13.82 11.96 -22.39
C GLN K 29 15.18 11.27 -22.36
N LEU K 30 16.17 11.90 -21.76
CA LEU K 30 17.49 11.30 -21.64
C LEU K 30 17.43 10.00 -20.86
N LEU K 31 16.67 9.98 -19.77
CA LEU K 31 16.56 8.75 -18.98
C LEU K 31 15.88 7.65 -19.78
N ARG K 32 14.77 7.95 -20.43
CA ARG K 32 14.02 6.89 -21.11
C ARG K 32 14.79 6.33 -22.29
N HIS K 33 15.30 7.20 -23.16
CA HIS K 33 16.08 6.70 -24.28
C HIS K 33 17.47 6.22 -23.87
N GLY K 34 17.89 6.46 -22.64
CA GLY K 34 19.29 6.35 -22.29
C GLY K 34 20.06 7.54 -22.80
N PHE K 35 21.30 7.65 -22.38
CA PHE K 35 22.08 8.84 -22.73
C PHE K 35 22.63 8.80 -24.14
N LYS K 36 22.12 7.91 -24.99
CA LYS K 36 22.55 7.91 -26.39
C LYS K 36 21.93 9.06 -27.16
N ASN K 37 20.73 9.52 -26.76
CA ASN K 37 20.05 10.56 -27.51
C ASN K 37 20.49 11.95 -27.06
N THR K 38 21.79 12.18 -26.98
CA THR K 38 22.33 13.47 -26.63
C THR K 38 22.81 14.19 -27.89
N VAL K 39 22.89 15.51 -27.79
CA VAL K 39 23.33 16.33 -28.91
C VAL K 39 24.56 17.16 -28.55
N LEU K 40 25.41 16.65 -27.66
CA LEU K 40 26.72 17.21 -27.37
C LEU K 40 27.77 16.11 -27.28
N GLU K 41 27.50 14.97 -27.91
CA GLU K 41 28.29 13.76 -27.65
C GLU K 41 29.77 13.87 -28.01
N PRO K 42 30.17 14.40 -29.19
CA PRO K 42 31.50 14.03 -29.72
C PRO K 42 32.67 14.39 -28.82
N GLU K 43 32.80 15.67 -28.47
CA GLU K 43 33.96 16.16 -27.74
C GLU K 43 33.63 16.65 -26.35
N GLU K 44 32.75 17.64 -26.22
CA GLU K 44 32.46 18.25 -24.94
C GLU K 44 31.40 17.42 -24.22
N ARG K 45 31.85 16.58 -23.30
CA ARG K 45 31.00 15.79 -22.43
C ARG K 45 31.39 16.09 -21.00
N PRO K 46 30.44 16.05 -20.07
CA PRO K 46 30.80 16.24 -18.66
C PRO K 46 31.73 15.14 -18.17
N LYS K 47 32.56 15.46 -17.19
CA LYS K 47 33.61 14.57 -16.70
C LYS K 47 33.66 14.58 -15.17
N MET K 48 33.75 13.39 -14.58
CA MET K 48 34.01 13.25 -13.15
C MET K 48 35.50 13.44 -12.86
N GLN K 49 35.83 13.38 -11.57
CA GLN K 49 37.20 13.62 -11.11
C GLN K 49 38.02 12.34 -11.03
N THR K 50 37.55 11.36 -10.25
CA THR K 50 38.28 10.11 -10.10
C THR K 50 38.38 9.38 -11.43
N LEU K 51 37.30 9.38 -12.21
CA LEU K 51 37.27 8.75 -13.51
C LEU K 51 36.44 9.64 -14.43
N GLU K 52 36.03 9.10 -15.58
CA GLU K 52 35.21 9.83 -16.54
C GLU K 52 33.74 9.47 -16.42
N GLY K 53 33.24 9.33 -15.19
CA GLY K 53 31.89 8.85 -14.96
C GLY K 53 30.79 9.72 -15.51
N LEU K 54 31.04 11.02 -15.65
CA LEU K 54 29.97 11.85 -16.24
C LEU K 54 29.78 11.61 -17.70
N PHE K 55 30.40 10.60 -18.32
CA PHE K 55 30.00 10.24 -19.68
C PHE K 55 28.65 9.54 -19.70
N ASP K 56 28.34 8.73 -18.67
CA ASP K 56 27.09 7.97 -18.76
C ASP K 56 25.92 8.61 -18.04
N ASP K 57 25.92 8.65 -16.70
CA ASP K 57 24.74 9.16 -16.00
C ASP K 57 24.90 9.46 -14.52
N PRO K 58 25.75 10.38 -14.11
CA PRO K 58 25.76 10.75 -12.69
C PRO K 58 24.65 11.71 -12.31
N ASN K 59 24.27 12.61 -13.24
CA ASN K 59 23.21 13.58 -12.95
C ASN K 59 22.63 14.05 -14.27
N ALA K 60 21.37 13.72 -14.52
CA ALA K 60 20.75 14.06 -15.79
C ALA K 60 20.37 15.53 -15.89
N VAL K 61 20.05 16.19 -14.77
CA VAL K 61 19.64 17.58 -14.83
C VAL K 61 20.77 18.46 -15.36
N THR K 62 21.98 18.25 -14.84
CA THR K 62 23.12 19.00 -15.35
C THR K 62 23.39 18.67 -16.81
N TRP K 63 23.20 17.41 -17.19
CA TRP K 63 23.29 17.04 -18.60
C TRP K 63 22.36 17.87 -19.46
N ALA K 64 21.09 17.97 -19.05
CA ALA K 64 20.13 18.72 -19.84
C ALA K 64 20.49 20.19 -19.90
N MET K 65 20.90 20.77 -18.77
CA MET K 65 21.24 22.19 -18.77
C MET K 65 22.47 22.47 -19.62
N LYS K 66 23.48 21.60 -19.55
CA LYS K 66 24.64 21.75 -20.41
C LYS K 66 24.24 21.61 -21.88
N GLU K 67 23.25 20.75 -22.15
CA GLU K 67 22.73 20.65 -23.51
C GLU K 67 22.10 21.96 -23.96
N LEU K 68 21.31 22.58 -23.08
CA LEU K 68 20.48 23.70 -23.50
C LEU K 68 21.31 24.93 -23.82
N LEU K 69 22.50 25.06 -23.22
CA LEU K 69 23.35 26.20 -23.52
C LEU K 69 23.77 26.24 -24.98
N THR K 70 23.74 25.10 -25.66
CA THR K 70 23.98 25.08 -27.09
C THR K 70 22.70 25.46 -27.82
N GLY K 71 22.81 25.66 -29.13
CA GLY K 71 21.66 25.90 -29.97
C GLY K 71 20.99 24.64 -30.49
N ARG K 72 21.33 23.48 -29.94
CA ARG K 72 20.79 22.23 -30.42
C ARG K 72 19.46 21.86 -29.79
N LEU K 73 18.91 22.72 -28.92
CA LEU K 73 17.65 22.46 -28.25
C LEU K 73 16.62 23.51 -28.67
N VAL K 74 15.44 23.05 -29.03
CA VAL K 74 14.33 23.92 -29.40
C VAL K 74 13.10 23.47 -28.61
N PHE K 75 12.38 24.44 -28.08
CA PHE K 75 11.21 24.14 -27.25
C PHE K 75 10.09 25.09 -27.62
N GLY K 76 8.87 24.62 -27.48
CA GLY K 76 7.71 25.44 -27.82
C GLY K 76 6.47 24.88 -27.20
N GLU K 77 5.44 25.72 -27.17
CA GLU K 77 4.15 25.29 -26.60
C GLU K 77 3.55 24.16 -27.42
N ASN K 78 3.55 24.29 -28.74
CA ASN K 78 3.08 23.22 -29.62
C ASN K 78 3.89 23.28 -30.91
N LEU K 79 4.98 22.51 -30.94
CA LEU K 79 5.82 22.37 -32.12
C LEU K 79 5.63 21.02 -32.80
N VAL K 80 5.19 20.01 -32.05
CA VAL K 80 4.92 18.69 -32.61
C VAL K 80 3.52 18.29 -32.17
N PRO K 81 2.83 17.48 -32.97
CA PRO K 81 1.59 16.87 -32.47
C PRO K 81 1.81 16.22 -31.12
N GLU K 82 1.25 16.83 -30.09
CA GLU K 82 1.56 16.49 -28.71
C GLU K 82 1.05 15.11 -28.32
N ASP K 83 -0.13 14.73 -28.84
CA ASP K 83 -0.78 13.51 -28.39
C ASP K 83 0.08 12.28 -28.64
N ARG K 84 0.70 12.21 -29.82
CA ARG K 84 1.54 11.07 -30.18
C ARG K 84 2.66 10.89 -29.17
N LEU K 85 3.43 11.95 -28.92
CA LEU K 85 4.55 11.87 -27.99
C LEU K 85 4.09 11.57 -26.57
N GLN K 86 3.03 12.24 -26.11
CA GLN K 86 2.64 12.08 -24.71
C GLN K 86 2.00 10.73 -24.46
N LYS K 87 1.54 10.04 -25.51
CA LYS K 87 1.03 8.70 -25.29
C LYS K 87 2.00 7.60 -25.71
N GLU K 88 3.14 7.94 -26.29
CA GLU K 88 4.21 6.95 -26.39
C GLU K 88 5.23 7.06 -25.26
N MET K 89 5.26 8.20 -24.56
CA MET K 89 6.28 8.42 -23.53
C MET K 89 6.15 7.45 -22.38
N GLU K 90 4.93 7.20 -21.92
CA GLU K 90 4.70 6.53 -20.64
C GLU K 90 4.75 5.01 -20.70
N ARG K 91 4.87 4.41 -21.89
CA ARG K 91 4.82 2.97 -22.02
C ARG K 91 6.17 2.37 -22.41
N LEU K 92 7.26 2.93 -21.90
CA LEU K 92 8.59 2.41 -22.17
C LEU K 92 9.60 3.02 -21.18
PB ADP O . 13.77 -43.56 -17.79
O1B ADP O . 13.70 -44.81 -18.63
O2B ADP O . 12.53 -42.69 -17.83
O3B ADP O . 14.26 -43.77 -16.38
PA ADP O . 16.23 -42.08 -17.97
O1A ADP O . 17.28 -42.37 -19.02
O2A ADP O . 16.46 -42.50 -16.55
O3A ADP O . 14.85 -42.66 -18.56
O5' ADP O . 15.94 -40.50 -17.98
C5' ADP O . 16.64 -39.65 -18.88
C4' ADP O . 17.67 -38.84 -18.11
O4' ADP O . 17.21 -38.48 -16.81
C3' ADP O . 18.92 -39.66 -17.89
O3' ADP O . 19.94 -39.29 -18.84
C2' ADP O . 19.39 -39.33 -16.50
O2' ADP O . 20.64 -38.65 -16.54
C1' ADP O . 18.33 -38.40 -15.92
N9 ADP O . 17.97 -38.87 -14.55
C8 ADP O . 16.73 -39.04 -14.08
N7 ADP O . 16.73 -39.49 -12.81
C5 ADP O . 18.01 -39.59 -12.43
C6 ADP O . 18.73 -40.00 -11.19
N6 ADP O . 18.05 -40.39 -10.09
N1 ADP O . 20.08 -39.96 -11.20
C2 ADP O . 20.76 -39.58 -12.30
N3 ADP O . 20.18 -39.19 -13.44
C4 ADP O . 18.83 -39.17 -13.58
MG MG P . 15.23 -44.48 -19.91
BE BEF Q . 12.76 -42.90 -19.20
F1 BEF Q . 13.83 -43.14 -20.27
F2 BEF Q . 12.96 -41.56 -18.40
F3 BEF Q . 11.37 -42.82 -19.87
PB ADP R . 7.82 -23.30 -38.12
O1B ADP R . 6.85 -23.72 -39.19
O2B ADP R . 7.20 -22.52 -36.98
O3B ADP R . 8.75 -24.40 -37.65
PA ADP R . 10.25 -22.42 -39.37
O1A ADP R . 10.20 -22.52 -40.87
O2A ADP R . 10.97 -23.47 -38.56
O3A ADP R . 8.75 -22.20 -38.84
O5' ADP R . 10.88 -21.01 -38.97
C5' ADP R . 10.29 -20.34 -37.87
C4' ADP R . 10.38 -18.84 -38.09
O4' ADP R . 11.05 -18.24 -36.99
C3' ADP R . 11.17 -18.53 -39.34
O3' ADP R . 10.29 -18.00 -40.34
C2' ADP R . 12.19 -17.48 -38.95
O2' ADP R . 11.90 -16.25 -39.59
C1' ADP R . 12.05 -17.32 -37.45
N9 ADP R . 13.32 -17.67 -36.81
C8 ADP R . 13.89 -18.90 -36.81
N7 ADP R . 15.05 -18.90 -36.10
C5 ADP R . 15.24 -17.65 -35.64
C6 ADP R . 16.27 -16.94 -34.85
N6 ADP R . 17.35 -17.60 -34.39
N1 ADP R . 16.08 -15.63 -34.60
C2 ADP R . 15.01 -14.96 -35.07
N3 ADP R . 14.04 -15.53 -35.80
C4 ADP R . 14.10 -16.85 -36.11
BE BEF S . 8.70 -23.77 -42.39
F1 BEF S . 8.80 -22.24 -42.43
F2 BEF S . 7.59 -24.25 -41.41
F3 BEF S . 10.02 -24.38 -41.89
MG MG T . 9.73 -20.34 -40.30
PB ADP U . -17.17 -12.68 -42.29
O1B ADP U . -16.09 -12.12 -43.19
O2B ADP U . -18.48 -12.91 -42.98
O3B ADP U . -16.69 -13.81 -41.42
PA ADP U . -17.08 -10.01 -41.84
O1A ADP U . -17.69 -9.89 -43.20
O2A ADP U . -15.61 -9.79 -41.62
O3A ADP U . -17.48 -11.46 -41.29
O5' ADP U . -17.85 -8.97 -40.92
C5' ADP U . -18.01 -7.69 -41.50
C4' ADP U . -18.95 -6.91 -40.62
O4' ADP U . -18.22 -6.41 -39.48
C3' ADP U . -19.49 -5.69 -41.33
O3' ADP U . -20.79 -5.97 -41.84
C2' ADP U . -19.55 -4.63 -40.25
O2' ADP U . -20.78 -4.70 -39.54
C1' ADP U . -18.45 -5.01 -39.29
N9 ADP U . -17.19 -4.32 -39.65
C8 ADP U . -16.17 -4.94 -40.24
N7 ADP U . -15.13 -4.11 -40.47
C5 ADP U . -15.48 -2.90 -40.00
C6 ADP U . -14.83 -1.57 -39.91
N6 ADP U . -13.58 -1.37 -40.39
N1 ADP U . -15.53 -0.56 -39.35
C2 ADP U . -16.77 -0.77 -38.88
N3 ADP U . -17.42 -1.94 -38.92
C4 ADP U . -16.85 -3.04 -39.45
MG MG V . -17.91 -11.51 -44.37
BE BEF W . -19.50 -14.71 -44.00
F1 BEF W . -19.92 -13.39 -44.65
F2 BEF W . -19.66 -14.67 -42.45
F3 BEF W . -18.01 -14.99 -44.30
PB ADP X . -37.29 -19.48 -25.67
O1B ADP X . -38.54 -19.64 -26.49
O2B ADP X . -36.69 -20.78 -25.22
O3B ADP X . -36.30 -18.49 -26.23
PA ADP X . -39.24 -18.06 -24.32
O1A ADP X . -39.30 -17.13 -25.50
O2A ADP X . -40.33 -19.08 -24.14
O3A ADP X . -37.82 -18.80 -24.31
O5' ADP X . -39.20 -17.15 -23.00
C5' ADP X . -40.28 -16.25 -22.81
C4' ADP X . -40.48 -16.01 -21.33
O4' ADP X . -39.74 -14.88 -20.88
C3' ADP X . -41.94 -15.71 -21.08
O3' ADP X . -42.53 -16.79 -20.34
C2' ADP X . -41.97 -14.45 -20.25
O2' ADP X . -42.59 -14.71 -18.99
C1' ADP X . -40.52 -14.02 -20.04
N9 ADP X . -40.28 -12.61 -20.44
C8 ADP X . -39.05 -12.14 -20.74
N7 ADP X . -39.08 -10.83 -21.07
C5 ADP X . -40.36 -10.44 -20.99
C6 ADP X . -41.07 -9.15 -21.21
N6 ADP X . -40.40 -8.03 -21.59
N1 ADP X . -42.40 -9.13 -21.01
C2 ADP X . -43.07 -10.23 -20.63
N3 ADP X . -42.48 -11.42 -20.41
C4 ADP X . -41.14 -11.60 -20.56
MG MG Y . -40.60 -19.52 -26.48
BE BEF Z . -39.19 -21.73 -24.30
F1 BEF Z . -40.09 -20.89 -25.22
F2 BEF Z . -38.46 -20.88 -23.21
F3 BEF Z . -38.12 -22.45 -25.15
PB ADP AA . -33.95 -38.43 -4.94
O1B ADP AA . -34.52 -37.49 -5.97
O2B ADP AA . -34.44 -39.85 -5.06
O3B ADP AA . -32.45 -38.30 -4.79
PA ADP AA . -35.62 -38.63 -2.68
O1A ADP AA . -36.98 -38.22 -3.17
O2A ADP AA . -35.23 -40.07 -2.55
O3A ADP AA . -34.52 -37.85 -3.55
O5' ADP AA . -35.38 -37.96 -1.24
C5' ADP AA . -34.25 -38.33 -0.48
C4' ADP AA . -34.50 -38.18 1.01
O4' ADP AA . -34.59 -36.81 1.44
C3' ADP AA . -35.83 -38.82 1.39
O3' ADP AA . -35.63 -40.15 1.83
C2' ADP AA . -36.35 -37.95 2.52
O2' ADP AA . -36.33 -38.68 3.73
C1' ADP AA . -35.41 -36.75 2.61
N9 ADP AA . -36.19 -35.49 2.66
C8 ADP AA . -35.88 -34.38 1.97
N7 ADP AA . -36.75 -33.37 2.21
C5 ADP AA . -37.66 -33.84 3.09
C6 ADP AA . -38.87 -33.30 3.77
N6 ADP AA . -39.29 -32.04 3.56
N1 ADP AA . -39.53 -34.12 4.62
C2 ADP AA . -39.12 -35.38 4.85
N3 ADP AA . -38.04 -35.93 4.26
C4 ADP AA . -37.29 -35.23 3.39
MG MG BA . -36.22 -40.55 -4.58
BE BEF CA . -32.87 -40.88 -6.76
F1 BEF CA . -32.64 -41.53 -5.39
F2 BEF CA . -34.39 -40.67 -7.08
F3 BEF CA . -32.31 -41.79 -7.88
PB ADP DA . -9.19 -50.60 -1.08
O1B ADP DA . -9.14 -51.65 -2.15
O2B ADP DA . -8.73 -49.22 -1.49
O3B ADP DA . -10.46 -50.60 -0.27
PA ADP DA . -8.36 -51.94 1.29
O1A ADP DA . -8.33 -53.39 0.88
O2A ADP DA . -9.52 -51.37 2.07
O3A ADP DA . -8.07 -51.08 -0.03
O5' ADP DA . -7.00 -51.62 2.07
C5' ADP DA . -5.77 -51.88 1.40
C4' ADP DA . -4.64 -51.61 2.36
O4' ADP DA . -4.80 -50.32 2.94
C3' ADP DA . -4.66 -52.63 3.49
O3' ADP DA . -3.45 -53.39 3.46
C2' ADP DA . -4.73 -51.82 4.77
O2' ADP DA . -3.66 -52.20 5.64
C1' ADP DA . -4.55 -50.37 4.35
N9 ADP DA . -5.50 -49.44 5.04
C8 ADP DA . -6.08 -48.40 4.44
N7 ADP DA . -6.86 -47.72 5.30
C5 ADP DA . -6.78 -48.31 6.50
C6 ADP DA . -7.36 -48.09 7.85
N6 ADP DA . -8.20 -47.05 8.10
N1 ADP DA . -7.01 -48.94 8.84
C2 ADP DA . -6.17 -49.97 8.60
N3 ADP DA . -5.60 -50.23 7.41
C4 ADP DA . -5.86 -49.45 6.33
MG MG EA . -8.57 -53.21 -1.04
BE BEF FA . -8.07 -51.60 -4.33
F1 BEF FA . -7.22 -51.85 -3.08
F2 BEF FA . -9.56 -52.02 -4.13
F3 BEF FA . -7.53 -52.43 -5.52
ZN ZN GA . -11.43 -21.89 1.03
ZN ZN HA . -5.58 42.66 -14.15
MG MG IA . 17.98 29.25 18.51
#